data_8WT1
#
_entry.id   8WT1
#
_cell.length_a   194.123
_cell.length_b   75.443
_cell.length_c   219.740
_cell.angle_alpha   90.000
_cell.angle_beta   93.270
_cell.angle_gamma   90.000
#
_symmetry.space_group_name_H-M   'P 1 21 1'
#
loop_
_entity.id
_entity.type
_entity.pdbx_description
1 polymer 'S9 family peptidase'
2 non-polymer 'SULFATE ION'
3 non-polymer 'SODIUM ION'
4 non-polymer GLYCEROL
5 non-polymer ALANINE
6 non-polymer 'CITRATE ANION'
7 water water
#
_entity_poly.entity_id   1
_entity_poly.type   'polypeptide(L)'
_entity_poly.pdbx_seq_one_letter_code
;MASWSHPQFEKGSSHHHHHHSSGSGGGGGENLYFQGTDLLRLRSVRDPHYAPDGTRAVFVEKSIDEEKQYRSHLWIWAAD
GSVRQWTFGRWRDMKPRFSPRGEIIAFLSDRSGRTQLWLLPANGGEARQLTFFKNGVRDYVWSPDGTFLITLTTLGDDET
IEDREEPEKVEVKRADLKPRVVERLYYKSDASGFLDGKRAVLTRIDVLSGKSEALTGREEEIGSFAISPNGRTLAFVANR
NEDPDTTFTRDIVLLDLESKAETNLTNGCGTFASLAWSPDGTKLAAIGHDLAYLGATLHRLYVFEPERGTKRVLTADWDV
HLGDAMVGDTHADAKGPGPIWASDGSGLYVTASERGRVNLYFVSLAGPIVPVIEGNFHLYGLAIHPSEQQAIAAISSPTS
VGDLYAVSLADGTKTRLTRANEALENEVVFADAEPFTYRSADGLEIQGWIMKPPELDEGEKAPLVVEIHGGPHAMYGFTF
FHELQLLASSGYAVLFTNPRGSHGYGQSFVNAVRGDYGGMDYEDIMAGVDAAISKFDFIDKERLGVTGGSYGGFMTNWIV
GHTDRFKAAVTQRSISNWLSFSGVSDIGYFFTKWEVGCDVWEDAERLWHHSPLKYVKHMRTPLLILHSERDYRCPIEQAE
QLFVALKQLGRETKLVRFPDANHDLSRTGNPALRLERLRHIVDWFDRYLKG
;
_entity_poly.pdbx_strand_id   A,B,C,D,E,F,G,H
#
# COMPACT_ATOMS: atom_id res chain seq x y z
N LEU A 32 58.80 -7.11 53.77
CA LEU A 32 58.17 -8.41 53.56
C LEU A 32 59.02 -9.26 52.63
N TYR A 33 58.97 -10.57 52.81
CA TYR A 33 59.79 -11.49 52.05
C TYR A 33 58.93 -12.61 51.49
N PHE A 34 59.55 -13.43 50.63
CA PHE A 34 58.77 -14.41 49.87
C PHE A 34 58.20 -15.51 50.76
N GLN A 35 56.94 -15.86 50.50
CA GLN A 35 56.26 -16.97 51.14
C GLN A 35 55.91 -18.02 50.10
N GLY A 36 55.68 -19.25 50.57
CA GLY A 36 55.21 -20.28 49.65
C GLY A 36 53.97 -19.85 48.90
N THR A 37 53.01 -19.25 49.62
CA THR A 37 51.75 -18.85 49.00
C THR A 37 51.91 -17.76 47.96
N ASP A 38 53.09 -17.14 47.83
CA ASP A 38 53.24 -16.14 46.78
C ASP A 38 53.13 -16.75 45.38
N LEU A 39 53.36 -18.06 45.24
CA LEU A 39 53.17 -18.65 43.91
C LEU A 39 51.74 -18.46 43.41
N LEU A 40 50.77 -18.35 44.33
CA LEU A 40 49.38 -18.12 43.90
C LEU A 40 49.20 -16.74 43.29
N ARG A 41 50.00 -15.75 43.74
CA ARG A 41 49.88 -14.38 43.25
C ARG A 41 50.61 -14.14 41.93
N LEU A 42 51.52 -15.04 41.55
CA LEU A 42 52.36 -14.84 40.37
C LEU A 42 51.52 -14.84 39.10
N ARG A 43 51.87 -13.95 38.18
CA ARG A 43 51.22 -13.86 36.88
C ARG A 43 52.31 -13.87 35.83
N SER A 44 52.11 -14.68 34.79
CA SER A 44 53.14 -14.94 33.79
C SER A 44 52.65 -14.39 32.44
N VAL A 45 53.19 -13.24 32.03
CA VAL A 45 52.88 -12.71 30.70
C VAL A 45 53.78 -13.39 29.68
N ARG A 46 53.23 -13.67 28.49
CA ARG A 46 53.90 -14.60 27.60
C ARG A 46 53.33 -14.44 26.20
N ASP A 47 54.09 -14.92 25.22
CA ASP A 47 53.57 -15.19 23.89
C ASP A 47 53.00 -13.95 23.22
N PRO A 48 53.78 -12.88 23.04
CA PRO A 48 53.25 -11.71 22.34
C PRO A 48 53.25 -11.94 20.83
N HIS A 49 52.29 -11.30 20.15
CA HIS A 49 52.21 -11.27 18.69
C HIS A 49 51.67 -9.93 18.23
N TYR A 50 52.37 -9.30 17.28
CA TYR A 50 51.97 -8.04 16.71
C TYR A 50 50.75 -8.19 15.81
N ALA A 51 49.81 -7.24 15.89
CA ALA A 51 48.89 -7.03 14.80
C ALA A 51 49.69 -6.69 13.54
N PRO A 52 49.15 -6.94 12.34
CA PRO A 52 49.97 -6.71 11.12
C PRO A 52 50.34 -5.24 10.90
N ASP A 53 49.64 -4.29 11.49
CA ASP A 53 50.04 -2.90 11.32
C ASP A 53 51.06 -2.47 12.35
N GLY A 54 51.48 -3.35 13.25
CA GLY A 54 52.60 -3.08 14.14
C GLY A 54 52.33 -2.09 15.26
N THR A 55 51.10 -1.60 15.38
CA THR A 55 50.75 -0.65 16.42
C THR A 55 50.30 -1.32 17.71
N ARG A 56 50.11 -2.63 17.69
CA ARG A 56 49.62 -3.29 18.90
C ARG A 56 49.99 -4.76 18.87
N ALA A 57 49.97 -5.37 20.06
CA ALA A 57 50.32 -6.77 20.19
C ALA A 57 49.36 -7.44 21.17
N VAL A 58 48.92 -8.63 20.84
CA VAL A 58 48.16 -9.45 21.76
C VAL A 58 49.14 -10.37 22.50
N PHE A 59 48.85 -10.66 23.76
CA PHE A 59 49.65 -11.63 24.49
C PHE A 59 48.74 -12.39 25.47
N VAL A 60 49.37 -13.21 26.30
CA VAL A 60 48.65 -14.06 27.25
C VAL A 60 49.17 -13.78 28.64
N GLU A 61 48.27 -13.82 29.62
CA GLU A 61 48.61 -13.74 31.03
C GLU A 61 48.03 -14.97 31.72
N LYS A 62 48.91 -15.81 32.26
CA LYS A 62 48.50 -16.96 33.04
C LYS A 62 48.59 -16.62 34.51
N SER A 63 47.59 -17.04 35.27
CA SER A 63 47.47 -16.70 36.67
C SER A 63 46.82 -17.87 37.40
N ILE A 64 46.74 -17.76 38.72
CA ILE A 64 46.00 -18.70 39.55
C ILE A 64 44.94 -17.88 40.29
N ASP A 65 43.70 -18.34 40.24
CA ASP A 65 42.59 -17.58 40.80
C ASP A 65 42.36 -17.94 42.27
N GLU A 66 41.26 -17.42 42.84
CA GLU A 66 40.97 -17.58 44.26
C GLU A 66 40.61 -19.03 44.60
N GLU A 67 40.16 -19.79 43.61
CA GLU A 67 39.92 -21.23 43.77
C GLU A 67 41.20 -22.06 43.67
N LYS A 68 42.37 -21.43 43.56
CA LYS A 68 43.63 -22.13 43.30
C LYS A 68 43.56 -22.93 41.99
N GLN A 69 42.85 -22.40 41.01
CA GLN A 69 42.86 -22.95 39.66
C GLN A 69 43.63 -22.03 38.71
N TYR A 70 44.24 -22.64 37.69
CA TYR A 70 44.95 -21.89 36.66
C TYR A 70 43.98 -21.25 35.70
N ARG A 71 44.19 -19.97 35.41
CA ARG A 71 43.47 -19.28 34.35
C ARG A 71 44.47 -18.65 33.40
N SER A 72 44.03 -18.41 32.16
CA SER A 72 44.83 -17.58 31.28
C SER A 72 43.94 -16.88 30.28
N HIS A 73 44.25 -15.61 30.05
CA HIS A 73 43.43 -14.67 29.32
C HIS A 73 44.27 -13.89 28.33
N LEU A 74 43.63 -13.45 27.25
CA LEU A 74 44.27 -12.61 26.24
C LEU A 74 44.35 -11.17 26.71
N TRP A 75 45.49 -10.54 26.48
CA TRP A 75 45.64 -9.10 26.71
C TRP A 75 46.20 -8.45 25.47
N ILE A 76 46.04 -7.13 25.39
CA ILE A 76 46.53 -6.34 24.26
C ILE A 76 47.33 -5.18 24.81
N TRP A 77 48.53 -5.01 24.29
CA TRP A 77 49.30 -3.79 24.48
C TRP A 77 49.26 -3.02 23.17
N ALA A 78 49.13 -1.70 23.28
CA ALA A 78 49.12 -0.85 22.10
C ALA A 78 50.18 0.24 22.25
N ALA A 79 50.61 0.77 21.11
CA ALA A 79 51.68 1.78 21.07
C ALA A 79 51.33 3.07 21.80
N ASP A 80 50.08 3.27 22.20
CA ASP A 80 49.72 4.38 23.08
C ASP A 80 50.00 4.06 24.55
N GLY A 81 50.58 2.90 24.84
CA GLY A 81 50.94 2.55 26.19
C GLY A 81 49.91 1.74 26.93
N SER A 82 48.65 1.71 26.47
CA SER A 82 47.61 1.00 27.23
C SER A 82 47.85 -0.50 27.23
N VAL A 83 47.57 -1.12 28.38
CA VAL A 83 47.57 -2.57 28.56
C VAL A 83 46.17 -2.99 29.00
N ARG A 84 45.47 -3.74 28.16
CA ARG A 84 44.03 -4.01 28.30
C ARG A 84 43.74 -5.51 28.29
N GLN A 85 42.91 -5.98 29.22
CA GLN A 85 42.49 -7.38 29.23
C GLN A 85 41.32 -7.60 28.27
N TRP A 86 41.41 -8.64 27.45
CA TRP A 86 40.43 -8.88 26.41
C TRP A 86 39.56 -10.12 26.60
N THR A 87 40.02 -11.15 27.34
CA THR A 87 39.13 -12.24 27.76
C THR A 87 39.14 -12.36 29.28
N PHE A 88 38.08 -12.98 29.84
CA PHE A 88 37.84 -12.87 31.29
C PHE A 88 37.37 -14.13 32.01
N GLY A 89 36.89 -15.18 31.34
CA GLY A 89 36.15 -16.24 32.01
C GLY A 89 36.99 -17.25 32.79
N ARG A 90 36.30 -18.15 33.48
CA ARG A 90 36.95 -19.20 34.27
C ARG A 90 37.46 -20.30 33.35
N TRP A 91 38.55 -20.00 32.65
CA TRP A 91 39.12 -20.96 31.71
C TRP A 91 40.54 -20.54 31.36
N ARG A 92 41.07 -21.14 30.30
CA ARG A 92 42.38 -20.80 29.77
C ARG A 92 42.28 -20.49 28.29
N ASP A 93 42.65 -19.28 27.92
CA ASP A 93 42.90 -18.88 26.55
C ASP A 93 44.40 -18.80 26.28
N MET A 94 44.81 -19.22 25.10
CA MET A 94 46.23 -19.18 24.80
C MET A 94 46.46 -19.13 23.30
N LYS A 95 47.74 -18.93 22.94
CA LYS A 95 48.19 -18.95 21.55
C LYS A 95 47.39 -18.00 20.65
N PRO A 96 47.28 -16.73 21.01
CA PRO A 96 46.58 -15.79 20.13
C PRO A 96 47.43 -15.44 18.92
N ARG A 97 46.79 -15.32 17.76
CA ARG A 97 47.52 -14.85 16.57
C ARG A 97 46.58 -14.04 15.67
N PHE A 98 47.00 -12.82 15.34
CA PHE A 98 46.25 -11.99 14.41
C PHE A 98 46.24 -12.65 13.04
N SER A 99 45.09 -12.56 12.35
CA SER A 99 44.99 -12.96 10.95
C SER A 99 45.88 -12.06 10.08
N PRO A 100 46.20 -12.52 8.86
CA PRO A 100 47.09 -11.71 8.00
C PRO A 100 46.61 -10.29 7.78
N ARG A 101 45.31 -10.07 7.59
CA ARG A 101 44.76 -8.72 7.47
C ARG A 101 44.52 -8.06 8.82
N GLY A 102 44.54 -8.82 9.91
CA GLY A 102 44.47 -8.23 11.24
C GLY A 102 43.08 -7.95 11.75
N GLU A 103 42.03 -8.41 11.06
CA GLU A 103 40.67 -8.18 11.51
C GLU A 103 40.20 -9.21 12.52
N ILE A 104 40.92 -10.33 12.68
CA ILE A 104 40.53 -11.40 13.59
C ILE A 104 41.74 -11.85 14.40
N ILE A 105 41.50 -12.17 15.67
CA ILE A 105 42.49 -12.76 16.55
C ILE A 105 42.06 -14.20 16.79
N ALA A 106 42.70 -15.14 16.09
CA ALA A 106 42.48 -16.54 16.41
C ALA A 106 43.16 -16.88 17.73
N PHE A 107 42.62 -17.86 18.44
CA PHE A 107 43.22 -18.30 19.70
C PHE A 107 42.60 -19.61 20.12
N LEU A 108 43.34 -20.33 20.97
CA LEU A 108 42.89 -21.59 21.53
C LEU A 108 42.32 -21.35 22.92
N SER A 109 41.22 -22.03 23.21
CA SER A 109 40.56 -21.92 24.50
C SER A 109 40.03 -23.29 24.87
N ASP A 110 40.05 -23.60 26.16
CA ASP A 110 39.42 -24.81 26.67
C ASP A 110 38.05 -24.55 27.27
N ARG A 111 37.46 -23.36 27.03
CA ARG A 111 36.25 -23.00 27.75
C ARG A 111 35.09 -23.91 27.42
N SER A 112 35.11 -24.57 26.26
CA SER A 112 34.07 -25.52 25.91
C SER A 112 34.21 -26.85 26.64
N GLY A 113 35.31 -27.08 27.37
CA GLY A 113 35.63 -28.37 27.95
C GLY A 113 36.68 -29.15 27.19
N ARG A 114 36.91 -28.83 25.91
CA ARG A 114 38.08 -29.28 25.16
C ARG A 114 38.81 -28.03 24.65
N THR A 115 40.11 -28.12 24.43
CA THR A 115 40.80 -27.02 23.78
C THR A 115 40.32 -26.90 22.33
N GLN A 116 39.74 -25.76 21.96
CA GLN A 116 39.30 -25.57 20.59
C GLN A 116 39.76 -24.23 20.05
N LEU A 117 39.70 -24.11 18.74
CA LEU A 117 40.01 -22.86 18.06
C LEU A 117 38.81 -21.91 18.12
N TRP A 118 39.02 -20.75 18.72
CA TRP A 118 38.05 -19.68 18.84
C TRP A 118 38.57 -18.48 18.05
N LEU A 119 37.63 -17.65 17.57
CA LEU A 119 37.95 -16.46 16.79
C LEU A 119 37.42 -15.23 17.53
N LEU A 120 38.28 -14.24 17.76
CA LEU A 120 37.84 -13.02 18.40
C LEU A 120 37.96 -11.84 17.45
N PRO A 121 36.89 -11.08 17.19
CA PRO A 121 37.03 -9.91 16.32
C PRO A 121 38.12 -8.98 16.85
N ALA A 122 38.91 -8.42 15.93
CA ALA A 122 40.02 -7.59 16.36
C ALA A 122 39.56 -6.22 16.83
N ASN A 123 38.35 -5.79 16.46
CA ASN A 123 37.90 -4.43 16.68
C ASN A 123 36.50 -4.34 17.28
N GLY A 124 35.95 -5.44 17.81
CA GLY A 124 34.66 -5.31 18.47
C GLY A 124 33.80 -6.55 18.39
N GLY A 125 33.36 -7.04 19.53
CA GLY A 125 32.57 -8.26 19.54
C GLY A 125 33.22 -9.41 20.30
N GLU A 126 32.40 -10.34 20.78
CA GLU A 126 32.85 -11.46 21.58
C GLU A 126 33.40 -12.58 20.67
N ALA A 127 34.06 -13.55 21.28
CA ALA A 127 34.67 -14.62 20.48
C ALA A 127 33.61 -15.64 20.13
N ARG A 128 33.82 -16.33 19.00
CA ARG A 128 32.96 -17.44 18.64
C ARG A 128 33.82 -18.69 18.42
N GLN A 129 33.24 -19.84 18.74
CA GLN A 129 33.95 -21.11 18.67
C GLN A 129 33.96 -21.57 17.23
N LEU A 130 35.14 -21.94 16.73
CA LEU A 130 35.25 -22.33 15.33
C LEU A 130 35.27 -23.84 15.13
N THR A 131 35.92 -24.57 16.04
CA THR A 131 36.07 -26.01 15.94
C THR A 131 35.35 -26.71 17.09
N PHE A 132 34.95 -27.94 16.84
CA PHE A 132 34.22 -28.73 17.84
C PHE A 132 34.71 -30.17 17.87
N PHE A 133 35.98 -30.40 17.55
CA PHE A 133 36.55 -31.74 17.55
C PHE A 133 36.31 -32.43 18.88
N LYS A 134 35.94 -33.70 18.82
CA LYS A 134 35.82 -34.50 20.04
C LYS A 134 37.12 -34.50 20.83
N ASN A 135 38.25 -34.52 20.14
CA ASN A 135 39.56 -34.59 20.78
C ASN A 135 40.25 -33.24 20.86
N GLY A 136 39.57 -32.16 20.48
CA GLY A 136 40.13 -30.84 20.61
C GLY A 136 41.19 -30.53 19.56
N VAL A 137 41.83 -29.40 19.77
CA VAL A 137 42.84 -28.86 18.84
C VAL A 137 44.13 -28.69 19.60
N ARG A 138 45.24 -29.18 19.03
CA ARG A 138 46.51 -29.00 19.72
C ARG A 138 47.24 -27.74 19.25
N ASP A 139 47.09 -27.36 17.99
CA ASP A 139 47.82 -26.25 17.41
C ASP A 139 47.10 -25.80 16.16
N TYR A 140 47.45 -24.60 15.67
CA TYR A 140 46.80 -24.09 14.46
C TYR A 140 47.72 -23.07 13.79
N VAL A 141 47.51 -22.88 12.48
CA VAL A 141 48.08 -21.72 11.78
C VAL A 141 46.99 -21.09 10.92
N TRP A 142 47.21 -19.81 10.61
CA TRP A 142 46.37 -19.05 9.71
C TRP A 142 46.69 -19.34 8.26
N SER A 143 45.67 -19.41 7.41
CA SER A 143 45.99 -19.34 5.99
C SER A 143 46.52 -17.95 5.67
N PRO A 144 47.46 -17.84 4.72
CA PRO A 144 47.94 -16.50 4.36
C PRO A 144 46.81 -15.60 3.83
N ASP A 145 45.79 -16.15 3.18
CA ASP A 145 44.69 -15.31 2.68
C ASP A 145 43.57 -15.09 3.70
N GLY A 146 43.71 -15.60 4.93
CA GLY A 146 42.79 -15.32 6.01
C GLY A 146 41.45 -16.05 5.95
N THR A 147 41.22 -16.88 4.94
CA THR A 147 39.91 -17.51 4.75
C THR A 147 39.79 -18.86 5.42
N PHE A 148 40.90 -19.47 5.82
CA PHE A 148 40.82 -20.71 6.57
C PHE A 148 41.96 -20.76 7.57
N LEU A 149 41.87 -21.71 8.49
CA LEU A 149 42.97 -22.01 9.38
C LEU A 149 43.22 -23.50 9.32
N ILE A 150 44.47 -23.90 9.58
CA ILE A 150 44.81 -25.32 9.66
C ILE A 150 45.03 -25.67 11.12
N THR A 151 44.27 -26.66 11.61
CA THR A 151 44.32 -27.13 12.98
C THR A 151 44.83 -28.56 13.03
N LEU A 152 45.49 -28.88 14.14
CA LEU A 152 45.95 -30.23 14.41
C LEU A 152 45.03 -30.88 15.46
N THR A 153 44.39 -31.98 15.07
CA THR A 153 43.59 -32.79 15.99
C THR A 153 44.13 -34.22 15.93
N THR A 154 43.68 -35.06 16.87
CA THR A 154 44.01 -36.47 16.89
C THR A 154 42.74 -37.29 16.83
N LEU A 155 42.85 -38.52 16.28
CA LEU A 155 41.74 -39.42 16.03
C LEU A 155 42.12 -40.87 16.32
N GLY A 156 41.28 -41.57 17.08
CA GLY A 156 41.31 -43.02 17.08
C GLY A 156 40.97 -43.55 15.70
N ASP A 157 41.22 -44.85 15.51
CA ASP A 157 41.02 -45.44 14.19
C ASP A 157 39.55 -45.49 13.81
N ASP A 158 38.65 -45.55 14.80
CA ASP A 158 37.21 -45.56 14.54
C ASP A 158 36.60 -44.17 14.54
N GLU A 159 37.41 -43.14 14.76
CA GLU A 159 36.91 -41.77 14.77
C GLU A 159 37.19 -41.10 13.43
N THR A 160 36.43 -40.04 13.16
CA THR A 160 36.62 -39.22 11.98
C THR A 160 36.63 -37.77 12.42
N ILE A 161 37.10 -36.88 11.55
CA ILE A 161 37.08 -35.47 11.87
C ILE A 161 35.67 -34.95 12.10
N GLU A 162 34.64 -35.69 11.70
CA GLU A 162 33.27 -35.27 11.96
C GLU A 162 32.82 -35.50 13.40
N ASP A 163 33.53 -36.35 14.16
CA ASP A 163 33.13 -36.58 15.55
C ASP A 163 33.36 -35.33 16.38
N ARG A 164 32.37 -34.96 17.19
CA ARG A 164 32.37 -33.69 17.89
C ARG A 164 32.54 -33.86 19.39
N GLU A 165 32.91 -32.78 20.06
CA GLU A 165 33.04 -32.83 21.50
C GLU A 165 31.69 -33.17 22.13
N GLU A 166 31.68 -34.14 23.03
CA GLU A 166 30.47 -34.54 23.76
C GLU A 166 30.75 -34.30 25.25
N PRO A 167 30.53 -33.07 25.75
CA PRO A 167 30.60 -32.82 27.19
C PRO A 167 29.27 -33.16 27.88
N LEU A 177 35.01 -55.04 32.89
CA LEU A 177 35.81 -54.01 32.25
C LEU A 177 36.51 -54.55 31.01
N LYS A 178 37.39 -53.74 30.40
CA LYS A 178 38.17 -54.20 29.26
C LYS A 178 39.64 -54.27 29.65
N PRO A 179 40.31 -55.41 29.51
CA PRO A 179 41.76 -55.44 29.63
C PRO A 179 42.42 -54.60 28.56
N ARG A 180 43.56 -54.00 28.90
CA ARG A 180 44.28 -53.11 27.99
C ARG A 180 45.42 -53.88 27.35
N VAL A 181 45.36 -54.05 26.04
CA VAL A 181 46.36 -54.81 25.30
C VAL A 181 47.43 -53.86 24.79
N VAL A 182 48.68 -54.11 25.16
CA VAL A 182 49.82 -53.23 24.84
C VAL A 182 50.76 -53.97 23.91
N GLU A 183 51.09 -53.35 22.77
CA GLU A 183 51.88 -54.00 21.73
C GLU A 183 53.05 -53.14 21.21
N ARG A 184 53.40 -52.04 21.86
CA ARG A 184 54.47 -51.18 21.40
C ARG A 184 55.23 -50.64 22.60
N LEU A 185 56.44 -50.14 22.34
CA LEU A 185 57.30 -49.60 23.39
C LEU A 185 56.76 -48.31 23.99
N TYR A 186 56.37 -47.36 23.16
CA TYR A 186 55.91 -46.08 23.67
C TYR A 186 54.39 -46.19 23.82
N TYR A 187 53.94 -46.66 24.98
CA TYR A 187 52.53 -46.94 25.17
C TYR A 187 51.93 -46.07 26.25
N LYS A 188 52.68 -45.13 26.79
CA LYS A 188 52.20 -44.26 27.86
C LYS A 188 53.08 -43.02 27.87
N SER A 189 52.55 -41.96 28.47
CA SER A 189 53.28 -40.72 28.53
C SER A 189 53.02 -40.10 29.89
N ASP A 190 54.00 -39.35 30.37
CA ASP A 190 53.80 -38.59 31.60
C ASP A 190 52.70 -37.53 31.43
N ALA A 191 52.59 -36.97 30.23
CA ALA A 191 51.63 -35.91 29.98
C ALA A 191 50.20 -36.42 30.03
N SER A 192 49.96 -37.65 29.53
CA SER A 192 48.58 -38.08 29.34
C SER A 192 48.33 -39.55 29.71
N GLY A 193 49.17 -40.16 30.54
CA GLY A 193 48.91 -41.51 31.01
C GLY A 193 49.01 -42.50 29.86
N PHE A 194 48.30 -43.62 30.00
CA PHE A 194 48.21 -44.62 28.94
C PHE A 194 47.77 -43.97 27.65
N LEU A 195 48.51 -44.23 26.57
CA LEU A 195 48.15 -43.65 25.28
C LEU A 195 47.24 -44.58 24.49
N ASP A 196 46.29 -43.99 23.77
CA ASP A 196 45.31 -44.82 23.07
C ASP A 196 45.69 -45.03 21.62
N GLY A 197 46.81 -44.47 21.18
CA GLY A 197 47.22 -44.65 19.81
C GLY A 197 46.45 -43.80 18.83
N LYS A 198 45.98 -42.63 19.25
CA LYS A 198 45.33 -41.74 18.31
C LYS A 198 46.36 -41.17 17.33
N ARG A 199 45.94 -41.03 16.09
CA ARG A 199 46.79 -40.50 15.05
C ARG A 199 46.45 -39.03 14.80
N ALA A 200 47.45 -38.28 14.36
CA ALA A 200 47.31 -36.84 14.19
C ALA A 200 46.88 -36.51 12.77
N VAL A 201 45.98 -35.54 12.64
CA VAL A 201 45.50 -35.08 11.35
C VAL A 201 45.55 -33.57 11.34
N LEU A 202 46.01 -33.00 10.24
CA LEU A 202 45.93 -31.56 10.02
C LEU A 202 44.72 -31.31 9.13
N THR A 203 43.81 -30.45 9.59
CA THR A 203 42.57 -30.19 8.87
C THR A 203 42.43 -28.70 8.58
N ARG A 204 41.97 -28.40 7.37
CA ARG A 204 41.59 -27.04 6.99
C ARG A 204 40.19 -26.72 7.52
N ILE A 205 40.07 -25.55 8.15
CA ILE A 205 38.85 -25.07 8.79
C ILE A 205 38.46 -23.76 8.14
N ASP A 206 37.36 -23.74 7.39
CA ASP A 206 36.92 -22.50 6.79
C ASP A 206 36.51 -21.50 7.89
N VAL A 207 36.94 -20.23 7.76
CA VAL A 207 36.65 -19.27 8.82
C VAL A 207 35.15 -19.01 8.91
N LEU A 208 34.50 -18.82 7.78
CA LEU A 208 33.09 -18.44 7.82
C LEU A 208 32.23 -19.62 8.26
N SER A 209 32.27 -20.71 7.50
CA SER A 209 31.41 -21.84 7.79
C SER A 209 31.90 -22.70 8.95
N GLY A 210 33.21 -22.74 9.22
CA GLY A 210 33.71 -23.78 10.09
C GLY A 210 33.78 -25.15 9.45
N LYS A 211 33.42 -25.27 8.18
CA LYS A 211 33.56 -26.53 7.47
C LYS A 211 35.02 -27.00 7.48
N SER A 212 35.22 -28.25 7.86
CA SER A 212 36.54 -28.83 8.01
C SER A 212 36.82 -29.82 6.87
N GLU A 213 38.11 -30.01 6.59
CA GLU A 213 38.52 -30.99 5.58
C GLU A 213 39.91 -31.51 5.94
N ALA A 214 40.06 -32.84 6.04
CA ALA A 214 41.38 -33.38 6.35
C ALA A 214 42.35 -33.09 5.21
N LEU A 215 43.53 -32.56 5.56
CA LEU A 215 44.59 -32.31 4.58
C LEU A 215 45.56 -33.47 4.50
N THR A 216 46.00 -33.97 5.65
CA THR A 216 46.89 -35.13 5.73
C THR A 216 46.06 -36.38 5.95
N GLY A 217 46.74 -37.53 5.94
CA GLY A 217 46.18 -38.74 6.45
C GLY A 217 46.34 -38.79 7.97
N ARG A 218 46.06 -39.96 8.53
CA ARG A 218 46.31 -40.18 9.95
C ARG A 218 47.82 -40.39 10.14
N GLU A 219 48.49 -39.40 10.70
CA GLU A 219 49.94 -39.48 10.91
C GLU A 219 50.27 -40.10 12.25
N GLU A 220 51.32 -40.91 12.26
CA GLU A 220 51.79 -41.45 13.52
C GLU A 220 52.09 -40.33 14.50
N GLU A 221 52.65 -39.22 14.01
CA GLU A 221 52.91 -38.09 14.88
C GLU A 221 53.15 -36.86 14.02
N ILE A 222 52.64 -35.71 14.47
CA ILE A 222 52.84 -34.43 13.79
C ILE A 222 53.39 -33.42 14.79
N GLY A 223 54.48 -32.75 14.42
CA GLY A 223 55.07 -31.73 15.28
C GLY A 223 54.79 -30.33 14.76
N SER A 224 55.85 -29.61 14.42
CA SER A 224 55.70 -28.26 13.89
C SER A 224 54.99 -28.29 12.54
N PHE A 225 54.31 -27.21 12.21
CA PHE A 225 53.79 -27.13 10.85
C PHE A 225 53.58 -25.68 10.44
N ALA A 226 53.67 -25.44 9.13
CA ALA A 226 53.65 -24.07 8.62
C ALA A 226 53.16 -24.06 7.18
N ILE A 227 52.37 -23.06 6.86
CA ILE A 227 51.83 -22.85 5.51
C ILE A 227 52.65 -21.77 4.84
N SER A 228 53.10 -22.03 3.62
CA SER A 228 53.91 -21.08 2.87
C SER A 228 53.13 -19.82 2.53
N PRO A 229 53.80 -18.67 2.37
CA PRO A 229 53.07 -17.39 2.16
C PRO A 229 52.22 -17.33 0.88
N ASN A 230 52.44 -18.18 -0.12
CA ASN A 230 51.58 -18.15 -1.29
C ASN A 230 50.42 -19.13 -1.18
N GLY A 231 50.33 -19.82 -0.05
CA GLY A 231 49.25 -20.73 0.25
C GLY A 231 49.35 -22.08 -0.43
N ARG A 232 50.40 -22.34 -1.22
CA ARG A 232 50.44 -23.56 -2.03
C ARG A 232 50.93 -24.78 -1.27
N THR A 233 51.73 -24.60 -0.20
CA THR A 233 52.46 -25.70 0.42
C THR A 233 52.31 -25.65 1.93
N LEU A 234 52.01 -26.81 2.52
CA LEU A 234 51.99 -27.01 3.96
C LEU A 234 53.22 -27.84 4.35
N ALA A 235 54.08 -27.29 5.22
CA ALA A 235 55.21 -28.04 5.79
C ALA A 235 54.84 -28.54 7.19
N PHE A 236 55.17 -29.80 7.50
CA PHE A 236 54.89 -30.32 8.83
C PHE A 236 55.92 -31.39 9.15
N VAL A 237 56.25 -31.53 10.44
CA VAL A 237 57.21 -32.54 10.89
C VAL A 237 56.45 -33.80 11.29
N ALA A 238 56.85 -34.93 10.70
CA ALA A 238 56.19 -36.23 10.87
C ALA A 238 57.18 -37.29 11.31
N ASN A 239 56.66 -38.35 11.94
CA ASN A 239 57.45 -39.56 12.17
C ASN A 239 57.15 -40.52 11.03
N ARG A 240 58.06 -40.61 10.07
CA ARG A 240 57.85 -41.48 8.90
C ARG A 240 58.71 -42.74 8.97
N ASN A 241 59.11 -43.17 10.16
CA ASN A 241 59.96 -44.35 10.32
C ASN A 241 59.09 -45.62 10.42
N GLU A 242 59.64 -46.73 9.94
CA GLU A 242 58.90 -47.99 9.98
C GLU A 242 58.62 -48.41 11.42
N ASP A 243 59.62 -48.32 12.28
CA ASP A 243 59.38 -48.51 13.70
C ASP A 243 59.39 -47.17 14.39
N PRO A 244 58.22 -46.54 14.57
CA PRO A 244 58.20 -45.16 15.07
C PRO A 244 58.75 -44.98 16.48
N ASP A 245 58.59 -45.95 17.38
CA ASP A 245 59.00 -45.72 18.75
C ASP A 245 60.51 -45.75 18.95
N THR A 246 61.25 -46.46 18.10
CA THR A 246 62.68 -46.71 18.31
C THR A 246 63.59 -45.95 17.36
N THR A 247 63.03 -45.18 16.44
CA THR A 247 63.81 -44.38 15.50
C THR A 247 63.42 -42.93 15.71
N PHE A 248 64.42 -42.06 15.84
CA PHE A 248 64.18 -40.73 16.37
C PHE A 248 64.44 -39.62 15.38
N THR A 249 64.82 -39.94 14.16
CA THR A 249 64.77 -38.91 13.13
C THR A 249 63.31 -38.53 12.88
N ARG A 250 63.10 -37.28 12.51
CA ARG A 250 61.78 -36.76 12.22
C ARG A 250 61.86 -35.98 10.91
N ASP A 251 60.95 -36.26 9.99
CA ASP A 251 61.05 -35.69 8.65
C ASP A 251 60.17 -34.44 8.48
N ILE A 252 60.67 -33.48 7.73
CA ILE A 252 59.83 -32.40 7.23
C ILE A 252 59.13 -32.90 5.98
N VAL A 253 57.80 -32.98 6.01
CA VAL A 253 56.99 -33.38 4.86
C VAL A 253 56.41 -32.12 4.24
N LEU A 254 56.45 -32.03 2.91
CA LEU A 254 55.80 -30.93 2.20
C LEU A 254 54.55 -31.45 1.51
N LEU A 255 53.43 -30.74 1.69
CA LEU A 255 52.14 -31.16 1.14
C LEU A 255 51.59 -30.03 0.28
N ASP A 256 51.31 -30.33 -0.98
CA ASP A 256 50.64 -29.38 -1.86
C ASP A 256 49.17 -29.27 -1.45
N LEU A 257 48.73 -28.07 -1.07
CA LEU A 257 47.39 -27.93 -0.53
C LEU A 257 46.32 -28.22 -1.58
N GLU A 258 46.62 -27.96 -2.85
CA GLU A 258 45.62 -28.24 -3.87
C GLU A 258 45.42 -29.75 -4.01
N SER A 259 46.49 -30.47 -4.33
CA SER A 259 46.43 -31.90 -4.67
C SER A 259 46.50 -32.83 -3.46
N LYS A 260 46.95 -32.33 -2.31
CA LYS A 260 47.33 -33.13 -1.14
C LYS A 260 48.51 -34.08 -1.41
N ALA A 261 49.18 -33.95 -2.54
CA ALA A 261 50.38 -34.75 -2.79
C ALA A 261 51.47 -34.34 -1.80
N GLU A 262 52.26 -35.33 -1.34
CA GLU A 262 53.31 -35.10 -0.35
C GLU A 262 54.68 -35.46 -0.86
N THR A 263 55.69 -34.74 -0.36
CA THR A 263 57.10 -35.01 -0.60
C THR A 263 57.88 -34.96 0.72
N ASN A 264 58.82 -35.90 0.88
CA ASN A 264 59.70 -35.92 2.03
C ASN A 264 60.91 -35.03 1.76
N LEU A 265 61.01 -33.93 2.51
CA LEU A 265 62.07 -32.96 2.29
C LEU A 265 63.41 -33.39 2.88
N THR A 266 63.42 -34.18 3.95
CA THR A 266 64.66 -34.42 4.69
C THR A 266 65.18 -35.85 4.59
N ASN A 267 64.29 -36.82 4.43
CA ASN A 267 64.65 -38.21 4.21
C ASN A 267 65.60 -38.75 5.27
N GLY A 268 65.25 -38.53 6.52
CA GLY A 268 66.02 -39.13 7.59
C GLY A 268 67.26 -38.39 8.05
N CYS A 269 67.54 -37.20 7.52
CA CYS A 269 68.79 -36.52 7.87
C CYS A 269 68.81 -35.92 9.29
N GLY A 270 67.75 -36.02 10.10
CA GLY A 270 67.79 -35.40 11.41
C GLY A 270 66.41 -35.35 12.08
N THR A 271 66.21 -34.35 12.92
CA THR A 271 64.94 -34.10 13.55
C THR A 271 64.77 -32.59 13.61
N PHE A 272 63.52 -32.13 13.57
CA PHE A 272 63.28 -30.73 13.27
C PHE A 272 62.08 -30.20 14.03
N ALA A 273 62.09 -28.90 14.27
CA ALA A 273 61.02 -28.22 14.97
C ALA A 273 61.02 -26.76 14.53
N SER A 274 59.96 -26.05 14.89
CA SER A 274 59.88 -24.59 14.69
C SER A 274 60.03 -24.17 13.22
N LEU A 275 59.27 -24.81 12.33
CA LEU A 275 59.34 -24.47 10.91
C LEU A 275 58.92 -23.02 10.67
N ALA A 276 59.63 -22.35 9.75
CA ALA A 276 59.23 -21.00 9.38
C ALA A 276 59.61 -20.75 7.92
N TRP A 277 58.64 -20.40 7.09
CA TRP A 277 58.89 -20.07 5.70
C TRP A 277 59.46 -18.65 5.60
N SER A 278 60.38 -18.44 4.64
CA SER A 278 60.83 -17.09 4.33
C SER A 278 59.69 -16.25 3.76
N PRO A 279 59.76 -14.90 3.89
CA PRO A 279 58.71 -14.04 3.31
C PRO A 279 58.41 -14.33 1.85
N ASP A 280 59.41 -14.63 1.02
CA ASP A 280 59.15 -14.93 -0.39
C ASP A 280 58.89 -16.41 -0.64
N GLY A 281 58.83 -17.24 0.40
CA GLY A 281 58.43 -18.62 0.24
C GLY A 281 59.44 -19.54 -0.39
N THR A 282 60.63 -19.04 -0.76
CA THR A 282 61.63 -19.88 -1.40
C THR A 282 62.45 -20.70 -0.40
N LYS A 283 62.42 -20.33 0.87
CA LYS A 283 63.21 -21.02 1.87
C LYS A 283 62.35 -21.36 3.08
N LEU A 284 62.71 -22.47 3.74
CA LEU A 284 62.07 -22.96 4.95
C LEU A 284 63.11 -23.08 6.05
N ALA A 285 62.95 -22.30 7.10
CA ALA A 285 63.82 -22.42 8.26
C ALA A 285 63.26 -23.43 9.27
N ALA A 286 64.17 -24.01 10.06
CA ALA A 286 63.81 -24.97 11.09
C ALA A 286 64.90 -24.97 12.14
N ILE A 287 64.52 -25.37 13.34
CA ILE A 287 65.46 -25.67 14.42
C ILE A 287 65.65 -27.17 14.40
N GLY A 288 66.89 -27.63 14.28
CA GLY A 288 67.12 -29.05 14.10
C GLY A 288 68.53 -29.46 14.46
N HIS A 289 68.80 -30.76 14.28
CA HIS A 289 70.10 -31.37 14.52
C HIS A 289 70.06 -32.78 13.95
N ASP A 290 71.22 -33.45 13.93
CA ASP A 290 71.35 -34.80 13.38
C ASP A 290 71.59 -35.87 14.44
N LEU A 291 71.33 -35.59 15.71
CA LEU A 291 71.40 -36.62 16.76
C LEU A 291 72.80 -37.21 16.96
N ALA A 292 73.85 -36.55 16.49
CA ALA A 292 75.21 -37.09 16.67
C ALA A 292 75.58 -37.27 18.15
N TYR A 293 74.99 -36.48 19.04
CA TYR A 293 75.19 -36.62 20.47
C TYR A 293 73.88 -36.93 21.20
N LEU A 294 72.94 -37.55 20.48
CA LEU A 294 71.62 -38.00 21.00
C LEU A 294 70.98 -36.81 21.71
N GLY A 295 70.47 -36.96 22.94
CA GLY A 295 69.78 -35.89 23.64
C GLY A 295 70.64 -34.68 23.96
N ALA A 296 71.96 -34.81 23.88
CA ALA A 296 72.88 -33.71 24.12
C ALA A 296 73.21 -32.91 22.85
N THR A 297 72.70 -33.28 21.70
CA THR A 297 73.06 -32.57 20.47
C THR A 297 72.56 -31.12 20.49
N LEU A 298 73.46 -30.19 20.18
CA LEU A 298 73.09 -28.79 20.08
C LEU A 298 72.01 -28.60 19.03
N HIS A 299 71.04 -27.74 19.31
CA HIS A 299 70.05 -27.39 18.32
C HIS A 299 70.60 -26.27 17.46
N ARG A 300 70.46 -26.42 16.15
CA ARG A 300 71.06 -25.49 15.19
C ARG A 300 69.98 -24.93 14.26
N LEU A 301 70.31 -23.86 13.57
CA LEU A 301 69.40 -23.30 12.56
C LEU A 301 69.64 -23.98 11.22
N TYR A 302 68.60 -24.61 10.67
CA TYR A 302 68.65 -25.09 9.30
C TYR A 302 67.85 -24.14 8.41
N VAL A 303 68.32 -23.96 7.18
CA VAL A 303 67.54 -23.29 6.15
C VAL A 303 67.55 -24.17 4.92
N PHE A 304 66.36 -24.63 4.51
CA PHE A 304 66.16 -25.42 3.30
C PHE A 304 65.71 -24.51 2.17
N GLU A 305 66.04 -24.91 0.94
CA GLU A 305 65.50 -24.32 -0.29
C GLU A 305 64.83 -25.48 -1.00
N PRO A 306 63.55 -25.73 -0.73
CA PRO A 306 62.88 -26.93 -1.27
C PRO A 306 62.99 -27.09 -2.78
N GLU A 307 62.75 -26.03 -3.55
CA GLU A 307 62.76 -26.17 -5.00
C GLU A 307 64.15 -26.53 -5.54
N ARG A 308 65.21 -25.96 -4.97
CA ARG A 308 66.59 -26.34 -5.31
C ARG A 308 67.05 -27.61 -4.63
N GLY A 309 66.28 -28.14 -3.66
CA GLY A 309 66.68 -29.37 -3.00
C GLY A 309 67.95 -29.26 -2.17
N THR A 310 68.26 -28.07 -1.67
CA THR A 310 69.49 -27.80 -0.93
C THR A 310 69.18 -27.35 0.49
N LYS A 311 70.21 -27.39 1.34
CA LYS A 311 70.05 -26.91 2.71
C LYS A 311 71.38 -26.44 3.24
N ARG A 312 71.31 -25.52 4.20
CA ARG A 312 72.45 -25.01 4.96
C ARG A 312 72.15 -25.14 6.45
N VAL A 313 73.14 -25.60 7.22
CA VAL A 313 73.07 -25.52 8.67
C VAL A 313 73.85 -24.26 9.04
N LEU A 314 73.13 -23.15 9.23
CA LEU A 314 73.78 -21.85 9.31
C LEU A 314 74.49 -21.60 10.64
N THR A 315 74.19 -22.37 11.67
CA THR A 315 74.95 -22.20 12.91
C THR A 315 75.84 -23.40 13.19
N ALA A 316 76.15 -24.18 12.15
CA ALA A 316 76.94 -25.39 12.33
C ALA A 316 78.30 -25.12 13.00
N ASP A 317 78.89 -23.96 12.75
CA ASP A 317 80.19 -23.64 13.33
C ASP A 317 80.08 -22.70 14.50
N TRP A 318 78.91 -22.51 15.05
CA TRP A 318 78.70 -21.67 16.22
C TRP A 318 78.35 -22.60 17.38
N ASP A 319 79.26 -22.71 18.35
CA ASP A 319 79.13 -23.71 19.41
C ASP A 319 78.16 -23.23 20.48
N VAL A 320 76.93 -22.87 20.08
CA VAL A 320 75.91 -22.38 20.99
C VAL A 320 74.61 -23.12 20.70
N HIS A 321 73.92 -23.53 21.77
CA HIS A 321 72.61 -24.16 21.70
C HIS A 321 71.52 -23.13 21.40
N LEU A 322 70.81 -23.34 20.31
CA LEU A 322 69.70 -22.49 19.95
C LEU A 322 68.45 -22.93 20.70
N GLY A 323 67.61 -21.97 21.05
CA GLY A 323 66.44 -22.23 21.86
C GLY A 323 66.68 -21.85 23.31
N ASP A 324 65.76 -22.32 24.15
CA ASP A 324 65.65 -21.91 25.56
C ASP A 324 65.85 -23.13 26.45
N ALA A 325 67.03 -23.27 27.03
CA ALA A 325 67.25 -24.40 27.93
C ALA A 325 67.08 -24.00 29.39
N MET A 326 66.53 -22.82 29.68
CA MET A 326 66.55 -22.31 31.05
C MET A 326 65.68 -23.12 32.00
N VAL A 327 66.15 -23.25 33.25
CA VAL A 327 65.43 -23.96 34.31
C VAL A 327 64.70 -22.95 35.19
N GLY A 328 63.39 -23.13 35.33
CA GLY A 328 62.64 -22.26 36.21
C GLY A 328 61.32 -22.91 36.57
N ASP A 329 60.61 -22.27 37.51
CA ASP A 329 59.33 -22.81 37.96
C ASP A 329 58.18 -21.89 37.63
N THR A 330 58.45 -20.86 36.84
CA THR A 330 57.48 -19.93 36.31
C THR A 330 57.78 -19.82 34.82
N HIS A 331 56.76 -19.46 34.04
CA HIS A 331 56.81 -19.39 32.57
C HIS A 331 57.10 -20.75 31.93
N ALA A 332 56.93 -21.84 32.69
CA ALA A 332 57.35 -23.17 32.23
C ALA A 332 56.73 -23.55 30.88
N ASP A 333 55.42 -23.34 30.72
CA ASP A 333 54.70 -23.73 29.51
C ASP A 333 54.44 -22.55 28.56
N ALA A 334 55.20 -21.46 28.69
CA ALA A 334 55.05 -20.30 27.81
C ALA A 334 55.67 -20.59 26.45
N LYS A 335 54.93 -20.29 25.38
CA LYS A 335 55.35 -20.58 24.02
C LYS A 335 56.50 -19.67 23.58
N GLY A 336 57.66 -20.27 23.33
CA GLY A 336 58.84 -19.57 22.83
C GLY A 336 58.69 -19.16 21.37
N PRO A 337 59.59 -18.30 20.88
CA PRO A 337 59.36 -17.69 19.55
C PRO A 337 59.61 -18.62 18.38
N GLY A 338 60.66 -19.43 18.38
CA GLY A 338 61.09 -20.07 17.16
C GLY A 338 61.82 -19.05 16.30
N PRO A 339 62.50 -19.47 15.24
CA PRO A 339 63.28 -18.51 14.44
C PRO A 339 62.37 -17.63 13.61
N ILE A 340 62.68 -16.34 13.58
CA ILE A 340 61.86 -15.33 12.91
C ILE A 340 62.68 -14.70 11.79
N TRP A 341 62.13 -14.72 10.58
CA TRP A 341 62.80 -14.15 9.43
C TRP A 341 62.80 -12.63 9.50
N ALA A 342 63.93 -12.01 9.13
CA ALA A 342 63.91 -10.59 8.82
C ALA A 342 62.93 -10.34 7.69
N SER A 343 62.24 -9.21 7.72
CA SER A 343 61.27 -8.94 6.66
C SER A 343 61.90 -8.93 5.29
N ASP A 344 63.17 -8.51 5.18
CA ASP A 344 63.79 -8.54 3.86
C ASP A 344 64.26 -9.94 3.47
N GLY A 345 64.16 -10.93 4.35
CA GLY A 345 64.59 -12.27 4.00
C GLY A 345 66.08 -12.53 4.11
N SER A 346 66.85 -11.62 4.68
CA SER A 346 68.30 -11.75 4.67
C SER A 346 68.84 -12.66 5.78
N GLY A 347 67.99 -13.23 6.62
CA GLY A 347 68.45 -14.00 7.76
C GLY A 347 67.37 -14.11 8.81
N LEU A 348 67.75 -14.68 9.96
CA LEU A 348 66.79 -15.09 10.95
C LEU A 348 67.19 -14.64 12.35
N TYR A 349 66.19 -14.24 13.13
CA TYR A 349 66.38 -13.93 14.55
C TYR A 349 66.18 -15.21 15.34
N VAL A 350 67.18 -15.59 16.14
CA VAL A 350 67.12 -16.83 16.91
C VAL A 350 67.49 -16.52 18.35
N THR A 351 66.79 -17.15 19.28
CA THR A 351 67.20 -17.17 20.67
C THR A 351 68.26 -18.24 20.88
N ALA A 352 69.09 -18.05 21.91
CA ALA A 352 70.13 -19.03 22.21
C ALA A 352 70.37 -19.05 23.70
N SER A 353 70.83 -20.19 24.19
CA SER A 353 71.08 -20.38 25.61
C SER A 353 72.59 -20.40 25.85
N GLU A 354 73.10 -19.43 26.59
CA GLU A 354 74.55 -19.39 26.81
C GLU A 354 74.85 -18.79 28.17
N ARG A 355 75.62 -19.52 28.97
CA ARG A 355 76.16 -19.04 30.23
C ARG A 355 75.08 -18.42 31.14
N GLY A 356 73.97 -19.15 31.31
CA GLY A 356 72.87 -18.69 32.14
C GLY A 356 71.90 -17.74 31.48
N ARG A 357 72.12 -17.38 30.21
CA ARG A 357 71.33 -16.39 29.51
C ARG A 357 70.57 -17.02 28.35
N VAL A 358 69.37 -16.50 28.11
CA VAL A 358 68.62 -16.76 26.88
C VAL A 358 68.47 -15.41 26.21
N ASN A 359 69.18 -15.22 25.12
CA ASN A 359 69.40 -13.93 24.49
C ASN A 359 69.05 -14.09 23.02
N LEU A 360 68.95 -12.97 22.30
CA LEU A 360 68.52 -12.97 20.90
C LEU A 360 69.68 -12.60 19.98
N TYR A 361 69.77 -13.31 18.86
CA TYR A 361 70.84 -13.13 17.89
C TYR A 361 70.22 -13.09 16.51
N PHE A 362 71.02 -12.65 15.54
CA PHE A 362 70.63 -12.62 14.14
C PHE A 362 71.63 -13.43 13.34
N VAL A 363 71.12 -14.34 12.53
CA VAL A 363 71.95 -15.22 11.70
C VAL A 363 71.66 -14.83 10.26
N SER A 364 72.65 -14.24 9.60
CA SER A 364 72.48 -13.86 8.23
C SER A 364 72.63 -15.10 7.36
N LEU A 365 71.84 -15.15 6.29
CA LEU A 365 72.07 -16.17 5.28
C LEU A 365 73.47 -16.04 4.68
N ALA A 366 74.07 -14.86 4.76
CA ALA A 366 75.41 -14.64 4.23
C ALA A 366 76.50 -15.07 5.19
N GLY A 367 76.16 -15.47 6.42
CA GLY A 367 77.13 -16.09 7.30
C GLY A 367 77.24 -15.51 8.70
N PRO A 368 77.50 -14.20 8.82
CA PRO A 368 77.71 -13.61 10.16
C PRO A 368 76.55 -13.82 11.12
N ILE A 369 76.91 -13.90 12.39
CA ILE A 369 76.00 -14.03 13.51
C ILE A 369 76.33 -12.90 14.47
N VAL A 370 75.35 -12.07 14.79
CA VAL A 370 75.58 -10.94 15.70
C VAL A 370 74.53 -10.95 16.81
N PRO A 371 74.85 -10.44 18.00
CA PRO A 371 73.83 -10.36 19.05
C PRO A 371 72.83 -9.27 18.72
N VAL A 372 71.63 -9.41 19.28
CA VAL A 372 70.58 -8.42 19.04
C VAL A 372 70.06 -7.92 20.38
N ILE A 373 69.73 -8.84 21.29
CA ILE A 373 69.18 -8.52 22.61
C ILE A 373 70.00 -9.29 23.64
N GLU A 374 70.76 -8.58 24.46
CA GLU A 374 71.79 -9.21 25.30
C GLU A 374 71.68 -8.73 26.73
N GLY A 375 71.87 -9.64 27.67
CA GLY A 375 71.94 -9.28 29.07
C GLY A 375 71.69 -10.47 29.96
N ASN A 376 71.81 -10.20 31.26
CA ASN A 376 71.74 -11.29 32.25
C ASN A 376 70.28 -11.58 32.59
N PHE A 377 69.61 -12.25 31.67
CA PHE A 377 68.17 -12.43 31.80
C PHE A 377 67.70 -13.52 30.84
N HIS A 378 66.40 -13.83 30.94
CA HIS A 378 65.77 -14.94 30.25
C HIS A 378 64.74 -14.34 29.28
N LEU A 379 65.05 -14.38 28.00
CA LEU A 379 64.12 -13.95 26.96
C LEU A 379 63.25 -15.16 26.63
N TYR A 380 62.01 -15.18 27.17
CA TYR A 380 61.16 -16.36 27.07
C TYR A 380 59.95 -16.14 26.15
N GLY A 381 59.84 -14.98 25.54
CA GLY A 381 58.83 -14.75 24.53
C GLY A 381 59.26 -13.56 23.70
N LEU A 382 58.84 -13.55 22.44
CA LEU A 382 59.32 -12.53 21.53
C LEU A 382 58.41 -12.43 20.33
N ALA A 383 58.14 -11.19 19.92
CA ALA A 383 57.51 -10.86 18.67
C ALA A 383 58.32 -9.75 18.02
N ILE A 384 58.49 -9.84 16.70
CA ILE A 384 59.26 -8.85 15.95
C ILE A 384 58.33 -8.08 15.04
N HIS A 385 58.41 -6.74 15.11
CA HIS A 385 57.57 -5.82 14.36
C HIS A 385 57.51 -6.24 12.89
N PRO A 386 56.33 -6.17 12.24
CA PRO A 386 56.23 -6.71 10.87
C PRO A 386 56.97 -5.89 9.80
N SER A 387 57.43 -4.69 10.10
CA SER A 387 58.09 -3.90 9.06
C SER A 387 59.25 -3.08 9.55
N GLU A 388 59.39 -2.85 10.84
CA GLU A 388 60.39 -1.95 11.39
C GLU A 388 61.32 -2.74 12.31
N GLN A 389 62.39 -2.07 12.75
CA GLN A 389 63.43 -2.69 13.56
C GLN A 389 63.09 -2.60 15.05
N GLN A 390 61.96 -3.20 15.42
CA GLN A 390 61.52 -3.19 16.81
C GLN A 390 60.98 -4.56 17.17
N ALA A 391 61.05 -4.88 18.45
CA ALA A 391 60.58 -6.16 18.94
C ALA A 391 59.88 -5.96 20.26
N ILE A 392 59.04 -6.94 20.60
CA ILE A 392 58.42 -7.01 21.92
C ILE A 392 58.93 -8.26 22.60
N ALA A 393 59.62 -8.08 23.72
CA ALA A 393 60.24 -9.20 24.42
C ALA A 393 59.59 -9.41 25.76
N ALA A 394 59.35 -10.68 26.10
CA ALA A 394 58.98 -11.07 27.45
C ALA A 394 60.26 -11.52 28.14
N ILE A 395 60.63 -10.85 29.24
CA ILE A 395 61.93 -11.04 29.86
C ILE A 395 61.77 -11.31 31.35
N SER A 396 62.40 -12.39 31.83
CA SER A 396 62.48 -12.70 33.25
C SER A 396 63.92 -12.53 33.70
N SER A 397 64.10 -12.23 34.99
CA SER A 397 65.42 -12.24 35.59
C SER A 397 65.25 -12.71 37.02
N PRO A 398 66.35 -12.97 37.75
CA PRO A 398 66.18 -13.46 39.12
C PRO A 398 65.36 -12.53 40.00
N THR A 399 65.36 -11.21 39.74
CA THR A 399 64.65 -10.27 40.60
C THR A 399 63.42 -9.68 39.94
N SER A 400 63.06 -10.15 38.74
CA SER A 400 61.85 -9.71 38.07
C SER A 400 61.12 -10.94 37.55
N VAL A 401 59.89 -11.14 38.03
CA VAL A 401 59.11 -12.31 37.64
C VAL A 401 59.07 -12.44 36.12
N GLY A 402 58.62 -11.38 35.44
CA GLY A 402 58.54 -11.40 33.99
C GLY A 402 57.61 -10.35 33.44
N ASP A 403 58.10 -9.53 32.53
CA ASP A 403 57.26 -8.52 31.89
C ASP A 403 57.64 -8.38 30.43
N LEU A 404 56.86 -7.55 29.73
CA LEU A 404 57.04 -7.25 28.32
C LEU A 404 57.81 -5.96 28.16
N TYR A 405 58.62 -5.90 27.12
CA TYR A 405 59.50 -4.76 26.89
C TYR A 405 59.50 -4.40 25.41
N ALA A 406 59.42 -3.11 25.11
CA ALA A 406 59.72 -2.67 23.75
C ALA A 406 61.22 -2.73 23.59
N VAL A 407 61.71 -3.48 22.61
CA VAL A 407 63.16 -3.54 22.38
C VAL A 407 63.49 -3.00 21.01
N SER A 408 64.54 -2.18 20.95
CA SER A 408 65.06 -1.70 19.68
C SER A 408 65.96 -2.76 19.07
N LEU A 409 65.67 -3.18 17.84
CA LEU A 409 66.55 -4.14 17.18
C LEU A 409 67.83 -3.48 16.68
N ALA A 410 67.91 -2.16 16.70
CA ALA A 410 69.09 -1.48 16.21
C ALA A 410 70.21 -1.51 17.26
N ASP A 411 69.87 -1.31 18.54
CA ASP A 411 70.87 -1.23 19.60
C ASP A 411 70.55 -2.07 20.83
N GLY A 412 69.39 -2.69 20.92
CA GLY A 412 69.08 -3.57 22.02
C GLY A 412 68.56 -2.90 23.28
N THR A 413 68.33 -1.59 23.24
CA THR A 413 67.80 -0.91 24.43
C THR A 413 66.28 -1.10 24.50
N LYS A 414 65.79 -1.14 25.73
CA LYS A 414 64.47 -1.66 26.00
C LYS A 414 63.71 -0.71 26.91
N THR A 415 62.39 -0.68 26.73
CA THR A 415 61.47 0.10 27.55
C THR A 415 60.42 -0.83 28.14
N ARG A 416 60.17 -0.71 29.43
CA ARG A 416 59.19 -1.55 30.08
C ARG A 416 57.80 -1.26 29.54
N LEU A 417 57.06 -2.31 29.17
CA LEU A 417 55.68 -2.16 28.69
C LEU A 417 54.63 -2.62 29.69
N THR A 418 54.88 -3.71 30.41
CA THR A 418 53.92 -4.20 31.40
C THR A 418 54.53 -4.15 32.78
N ARG A 419 53.65 -4.28 33.77
CA ARG A 419 54.07 -4.47 35.16
C ARG A 419 53.02 -5.39 35.77
N ALA A 420 53.08 -6.67 35.42
CA ALA A 420 52.05 -7.62 35.79
C ALA A 420 52.19 -8.12 37.22
N ASN A 421 53.31 -7.85 37.90
CA ASN A 421 53.52 -8.32 39.26
C ASN A 421 53.82 -7.16 40.20
N GLU A 422 53.28 -5.99 39.85
CA GLU A 422 53.67 -4.73 40.48
C GLU A 422 53.51 -4.76 42.00
N ALA A 423 52.32 -5.14 42.48
CA ALA A 423 52.11 -5.21 43.93
C ALA A 423 53.14 -6.12 44.58
N LEU A 424 53.27 -7.35 44.06
CA LEU A 424 54.24 -8.29 44.61
C LEU A 424 55.66 -7.74 44.56
N GLU A 425 56.06 -7.15 43.43
CA GLU A 425 57.42 -6.65 43.33
C GLU A 425 57.63 -5.40 44.18
N ASN A 426 56.56 -4.64 44.42
CA ASN A 426 56.62 -3.47 45.31
C ASN A 426 56.74 -3.87 46.77
N GLU A 427 56.26 -5.06 47.13
CA GLU A 427 56.11 -5.43 48.54
C GLU A 427 57.11 -6.45 49.04
N VAL A 428 57.58 -7.38 48.21
CA VAL A 428 58.44 -8.47 48.65
C VAL A 428 59.86 -8.18 48.15
N VAL A 429 60.84 -8.49 49.00
CA VAL A 429 62.25 -8.33 48.63
C VAL A 429 62.71 -9.58 47.88
N PHE A 430 63.21 -9.39 46.67
CA PHE A 430 63.75 -10.47 45.87
C PHE A 430 65.26 -10.61 46.16
N ALA A 431 65.73 -11.85 46.27
CA ALA A 431 67.16 -12.09 46.40
C ALA A 431 67.75 -12.28 45.02
N ASP A 432 68.85 -11.58 44.73
CA ASP A 432 69.44 -11.73 43.41
C ASP A 432 70.34 -12.96 43.39
N ALA A 433 70.62 -13.42 42.16
CA ALA A 433 71.51 -14.56 41.93
C ALA A 433 72.85 -14.02 41.42
N GLU A 434 73.88 -14.12 42.26
CA GLU A 434 75.19 -13.62 41.90
C GLU A 434 75.97 -14.72 41.21
N PRO A 435 76.38 -14.54 39.97
CA PRO A 435 77.14 -15.60 39.27
C PRO A 435 78.59 -15.63 39.70
N PHE A 436 79.19 -16.80 39.55
CA PHE A 436 80.62 -16.97 39.79
C PHE A 436 81.07 -18.19 39.03
N THR A 437 82.40 -18.33 38.90
CA THR A 437 82.98 -19.48 38.23
C THR A 437 84.00 -20.13 39.14
N TYR A 438 84.29 -21.39 38.87
CA TYR A 438 85.20 -22.13 39.71
C TYR A 438 85.70 -23.32 38.92
N ARG A 439 86.77 -23.91 39.38
CA ARG A 439 87.39 -25.00 38.66
C ARG A 439 87.02 -26.31 39.35
N SER A 440 86.72 -27.32 38.55
CA SER A 440 86.42 -28.64 39.07
C SER A 440 87.71 -29.43 39.26
N ALA A 441 87.57 -30.66 39.76
CA ALA A 441 88.73 -31.48 40.13
C ALA A 441 89.71 -31.65 38.99
N ASP A 442 89.26 -31.57 37.74
CA ASP A 442 90.17 -31.72 36.62
C ASP A 442 90.48 -30.38 35.96
N GLY A 443 90.24 -29.28 36.66
CA GLY A 443 90.51 -27.98 36.11
C GLY A 443 89.37 -27.38 35.29
N LEU A 444 88.38 -28.17 34.88
CA LEU A 444 87.33 -27.63 34.02
C LEU A 444 86.59 -26.51 34.73
N GLU A 445 86.45 -25.38 34.04
CA GLU A 445 85.70 -24.26 34.59
C GLU A 445 84.20 -24.55 34.57
N ILE A 446 83.55 -24.32 35.72
CA ILE A 446 82.11 -24.46 35.93
C ILE A 446 81.56 -23.12 36.35
N GLN A 447 80.33 -22.83 35.92
CA GLN A 447 79.60 -21.64 36.32
C GLN A 447 78.52 -22.01 37.34
N GLY A 448 78.38 -21.19 38.38
CA GLY A 448 77.34 -21.38 39.37
C GLY A 448 76.78 -20.04 39.78
N TRP A 449 75.79 -20.06 40.66
CA TRP A 449 75.19 -18.85 41.19
C TRP A 449 74.91 -19.05 42.66
N ILE A 450 74.97 -17.95 43.43
CA ILE A 450 74.65 -17.97 44.85
C ILE A 450 73.58 -16.95 45.16
N MET A 451 72.72 -17.28 46.13
CA MET A 451 71.69 -16.37 46.62
C MET A 451 71.83 -16.18 48.11
N LYS A 452 71.89 -14.94 48.54
CA LYS A 452 71.98 -14.63 49.94
C LYS A 452 70.58 -14.34 50.51
N PRO A 453 70.23 -14.86 51.67
CA PRO A 453 68.91 -14.54 52.26
C PRO A 453 68.78 -13.05 52.50
N PRO A 454 67.67 -12.44 52.09
CA PRO A 454 67.55 -10.98 52.20
C PRO A 454 67.63 -10.48 53.63
N GLU A 455 67.04 -11.19 54.58
CA GLU A 455 67.05 -10.80 55.99
C GLU A 455 68.42 -10.95 56.63
N LEU A 456 69.49 -11.25 55.90
CA LEU A 456 70.78 -11.57 56.50
C LEU A 456 71.68 -10.35 56.38
N ASP A 457 71.94 -9.69 57.52
CA ASP A 457 72.80 -8.53 57.54
C ASP A 457 74.26 -8.95 57.46
N GLU A 458 75.13 -8.01 57.10
CA GLU A 458 76.56 -8.31 56.98
C GLU A 458 77.08 -8.91 58.29
N GLY A 459 77.92 -9.93 58.16
CA GLY A 459 78.52 -10.57 59.31
C GLY A 459 77.90 -11.90 59.69
N GLU A 460 76.59 -12.02 59.57
CA GLU A 460 75.89 -13.25 59.95
C GLU A 460 76.05 -14.31 58.86
N LYS A 461 75.88 -15.57 59.26
CA LYS A 461 76.09 -16.74 58.39
C LYS A 461 74.80 -17.54 58.22
N ALA A 462 74.63 -18.14 57.05
CA ALA A 462 73.43 -18.93 56.78
C ALA A 462 73.79 -20.34 56.33
N PRO A 463 72.98 -21.33 56.70
CA PRO A 463 73.18 -22.68 56.15
C PRO A 463 72.93 -22.68 54.64
N LEU A 464 73.55 -23.63 53.96
CA LEU A 464 73.58 -23.64 52.50
C LEU A 464 72.73 -24.79 51.98
N VAL A 465 71.85 -24.49 51.02
CA VAL A 465 71.10 -25.50 50.29
C VAL A 465 71.61 -25.50 48.85
N VAL A 466 72.06 -26.65 48.39
CA VAL A 466 72.49 -26.83 47.00
C VAL A 466 71.31 -27.36 46.19
N GLU A 467 70.85 -26.59 45.21
CA GLU A 467 69.83 -27.05 44.27
C GLU A 467 70.53 -27.59 43.02
N ILE A 468 70.05 -28.73 42.53
CA ILE A 468 70.66 -29.38 41.37
C ILE A 468 69.57 -29.53 40.31
N HIS A 469 69.80 -28.94 39.12
CA HIS A 469 68.76 -28.96 38.12
C HIS A 469 68.69 -30.32 37.42
N GLY A 470 67.55 -30.57 36.76
CA GLY A 470 67.30 -31.81 36.08
C GLY A 470 67.78 -31.77 34.64
N GLY A 471 67.36 -32.78 33.89
CA GLY A 471 67.69 -32.85 32.49
C GLY A 471 68.40 -34.14 32.15
N PRO A 472 69.74 -34.16 32.24
CA PRO A 472 70.66 -33.13 32.76
C PRO A 472 70.96 -31.98 31.79
N HIS A 473 70.52 -32.03 30.53
CA HIS A 473 70.95 -31.07 29.52
C HIS A 473 70.03 -29.85 29.54
N ALA A 474 70.11 -29.13 30.64
CA ALA A 474 69.40 -27.88 30.85
C ALA A 474 70.35 -26.91 31.54
N MET A 475 69.85 -25.73 31.89
CA MET A 475 70.71 -24.62 32.26
C MET A 475 70.03 -23.80 33.34
N TYR A 476 70.65 -23.75 34.52
CA TYR A 476 70.31 -22.73 35.50
C TYR A 476 70.74 -21.37 34.96
N GLY A 477 70.13 -20.31 35.47
CA GLY A 477 70.58 -19.00 35.01
C GLY A 477 69.72 -17.85 35.50
N PHE A 478 69.73 -16.76 34.71
CA PHE A 478 69.12 -15.50 35.10
C PHE A 478 67.64 -15.54 34.73
N THR A 479 66.86 -16.19 35.60
CA THR A 479 65.41 -16.21 35.43
C THR A 479 64.80 -16.25 36.82
N PHE A 480 63.57 -15.76 36.93
CA PHE A 480 62.90 -15.78 38.21
C PHE A 480 62.58 -17.21 38.61
N PHE A 481 62.83 -17.53 39.87
CA PHE A 481 62.69 -18.90 40.35
C PHE A 481 62.04 -18.80 41.73
N HIS A 482 60.73 -19.06 41.78
CA HIS A 482 60.03 -18.88 43.05
C HIS A 482 60.59 -19.78 44.13
N GLU A 483 60.86 -21.05 43.81
CA GLU A 483 61.41 -21.96 44.82
C GLU A 483 62.69 -21.40 45.44
N LEU A 484 63.56 -20.81 44.62
CA LEU A 484 64.85 -20.36 45.14
C LEU A 484 64.69 -19.15 46.07
N GLN A 485 63.84 -18.20 45.67
CA GLN A 485 63.48 -17.09 46.56
C GLN A 485 62.96 -17.61 47.90
N LEU A 486 62.01 -18.55 47.87
CA LEU A 486 61.45 -19.09 49.11
C LEU A 486 62.54 -19.68 50.00
N LEU A 487 63.53 -20.37 49.40
CA LEU A 487 64.63 -20.89 50.19
C LEU A 487 65.45 -19.77 50.81
N ALA A 488 65.83 -18.79 49.98
CA ALA A 488 66.49 -17.60 50.48
C ALA A 488 65.65 -16.94 51.56
N SER A 489 64.39 -16.65 51.23
CA SER A 489 63.47 -16.06 52.20
C SER A 489 63.44 -16.86 53.48
N SER A 490 63.55 -18.19 53.39
CA SER A 490 63.51 -19.04 54.57
C SER A 490 64.84 -19.10 55.32
N GLY A 491 65.81 -18.28 54.93
CA GLY A 491 67.07 -18.20 55.66
C GLY A 491 68.17 -19.12 55.17
N TYR A 492 68.10 -19.56 53.91
CA TYR A 492 69.12 -20.42 53.36
C TYR A 492 69.85 -19.66 52.25
N ALA A 493 71.18 -19.70 52.30
CA ALA A 493 71.97 -19.39 51.12
C ALA A 493 71.73 -20.50 50.10
N VAL A 494 71.62 -20.12 48.83
CA VAL A 494 71.23 -21.08 47.81
C VAL A 494 72.31 -21.11 46.75
N LEU A 495 72.85 -22.30 46.51
CA LEU A 495 73.85 -22.53 45.48
C LEU A 495 73.19 -23.32 44.36
N PHE A 496 73.34 -22.85 43.13
CA PHE A 496 72.89 -23.64 42.01
C PHE A 496 73.87 -23.45 40.87
N THR A 497 74.26 -24.55 40.23
CA THR A 497 75.36 -24.54 39.28
C THR A 497 74.99 -25.36 38.06
N ASN A 498 75.82 -25.25 37.02
CA ASN A 498 75.65 -25.98 35.78
C ASN A 498 76.84 -26.92 35.60
N PRO A 499 76.82 -28.08 36.23
CA PRO A 499 77.89 -29.06 36.01
C PRO A 499 77.94 -29.51 34.54
N ARG A 500 79.06 -30.11 34.16
CA ARG A 500 79.14 -30.71 32.83
C ARG A 500 77.98 -31.69 32.64
N GLY A 501 77.38 -31.62 31.45
CA GLY A 501 76.06 -32.15 31.18
C GLY A 501 75.02 -31.06 30.98
N SER A 502 75.22 -29.92 31.62
CA SER A 502 74.33 -28.79 31.42
C SER A 502 74.49 -28.24 30.01
N HIS A 503 73.39 -27.70 29.50
CA HIS A 503 73.46 -26.82 28.34
C HIS A 503 73.95 -25.47 28.77
N GLY A 504 74.40 -24.67 27.79
CA GLY A 504 74.82 -23.30 28.01
C GLY A 504 76.30 -23.04 27.77
N TYR A 505 77.07 -24.06 27.37
CA TYR A 505 78.53 -23.99 27.41
C TYR A 505 79.20 -24.76 26.28
N GLY A 506 78.46 -25.13 25.23
CA GLY A 506 79.06 -25.78 24.09
C GLY A 506 78.76 -27.27 24.04
N GLN A 507 79.02 -27.83 22.87
CA GLN A 507 78.67 -29.22 22.61
C GLN A 507 79.40 -30.17 23.55
N SER A 508 80.70 -29.94 23.76
CA SER A 508 81.51 -30.86 24.56
C SER A 508 81.05 -30.88 26.01
N PHE A 509 80.81 -29.71 26.59
CA PHE A 509 80.36 -29.60 27.98
C PHE A 509 79.00 -30.29 28.19
N VAL A 510 78.03 -30.08 27.28
CA VAL A 510 76.72 -30.69 27.49
C VAL A 510 76.81 -32.19 27.27
N ASN A 511 77.70 -32.62 26.38
CA ASN A 511 77.83 -34.04 26.11
C ASN A 511 78.59 -34.79 27.21
N ALA A 512 79.35 -34.08 28.05
CA ALA A 512 80.34 -34.75 28.90
C ALA A 512 79.73 -35.71 29.91
N VAL A 513 78.46 -35.52 30.28
CA VAL A 513 77.86 -36.40 31.26
C VAL A 513 77.55 -37.77 30.68
N ARG A 514 77.35 -37.90 29.38
CA ARG A 514 76.83 -39.16 28.86
C ARG A 514 77.86 -40.24 29.09
N GLY A 515 77.41 -41.36 29.64
CA GLY A 515 78.34 -42.44 29.95
C GLY A 515 79.16 -42.20 31.18
N ASP A 516 78.87 -41.15 31.95
CA ASP A 516 79.66 -40.81 33.13
C ASP A 516 78.76 -40.30 34.25
N TYR A 517 77.61 -40.96 34.48
CA TYR A 517 76.68 -40.50 35.52
C TYR A 517 77.28 -40.74 36.89
N GLY A 518 77.28 -39.70 37.72
CA GLY A 518 77.86 -39.80 39.01
C GLY A 518 79.38 -39.74 39.02
N GLY A 519 79.99 -39.49 37.87
CA GLY A 519 81.43 -39.30 37.82
C GLY A 519 81.78 -37.84 37.91
N MET A 520 82.20 -37.23 36.80
CA MET A 520 82.64 -35.84 36.86
C MET A 520 81.50 -34.86 37.09
N ASP A 521 80.26 -35.21 36.72
CA ASP A 521 79.13 -34.33 37.06
C ASP A 521 79.03 -34.16 38.57
N TYR A 522 79.16 -35.26 39.32
CA TYR A 522 79.17 -35.21 40.78
C TYR A 522 80.34 -34.40 41.31
N GLU A 523 81.54 -34.56 40.71
CA GLU A 523 82.73 -33.79 41.10
C GLU A 523 82.52 -32.30 40.90
N ASP A 524 81.99 -31.92 39.74
CA ASP A 524 81.62 -30.54 39.50
C ASP A 524 80.76 -29.96 40.62
N ILE A 525 79.75 -30.70 41.06
CA ILE A 525 78.84 -30.13 42.05
C ILE A 525 79.56 -29.99 43.39
N MET A 526 80.30 -31.02 43.80
CA MET A 526 81.06 -30.95 45.04
C MET A 526 82.07 -29.80 45.01
N ALA A 527 82.75 -29.61 43.87
CA ALA A 527 83.67 -28.49 43.74
C ALA A 527 82.95 -27.16 43.81
N GLY A 528 81.69 -27.12 43.36
CA GLY A 528 80.90 -25.91 43.52
C GLY A 528 80.59 -25.60 44.96
N VAL A 529 80.32 -26.63 45.75
CA VAL A 529 80.05 -26.42 47.17
C VAL A 529 81.30 -25.87 47.86
N ASP A 530 82.46 -26.50 47.65
CA ASP A 530 83.70 -26.01 48.22
C ASP A 530 83.98 -24.58 47.78
N ALA A 531 83.83 -24.30 46.49
CA ALA A 531 84.11 -22.97 45.98
C ALA A 531 83.20 -21.92 46.61
N ALA A 532 81.91 -22.24 46.73
CA ALA A 532 80.98 -21.29 47.34
C ALA A 532 81.36 -21.00 48.78
N ILE A 533 81.71 -22.04 49.54
CA ILE A 533 82.11 -21.83 50.93
C ILE A 533 83.32 -20.93 50.97
N SER A 534 84.27 -21.15 50.05
CA SER A 534 85.48 -20.35 50.05
C SER A 534 85.22 -18.90 49.66
N LYS A 535 84.32 -18.65 48.71
CA LYS A 535 84.15 -17.29 48.22
C LYS A 535 83.13 -16.46 49.00
N PHE A 536 82.14 -17.09 49.65
CA PHE A 536 81.00 -16.36 50.20
C PHE A 536 80.94 -16.56 51.72
N ASP A 537 81.40 -15.55 52.46
CA ASP A 537 81.56 -15.67 53.90
C ASP A 537 80.23 -15.84 54.62
N PHE A 538 79.11 -15.54 53.97
CA PHE A 538 77.83 -15.71 54.65
C PHE A 538 77.35 -17.14 54.66
N ILE A 539 78.07 -18.07 54.03
CA ILE A 539 77.73 -19.49 54.07
C ILE A 539 78.29 -20.10 55.35
N ASP A 540 77.43 -20.78 56.11
CA ASP A 540 77.85 -21.55 57.28
C ASP A 540 78.27 -22.94 56.81
N LYS A 541 79.58 -23.14 56.65
CA LYS A 541 80.13 -24.37 56.11
C LYS A 541 79.79 -25.61 56.93
N GLU A 542 79.25 -25.47 58.13
CA GLU A 542 78.90 -26.63 58.94
C GLU A 542 77.48 -27.12 58.72
N ARG A 543 76.68 -26.44 57.90
CA ARG A 543 75.27 -26.78 57.74
C ARG A 543 74.95 -26.74 56.25
N LEU A 544 75.04 -27.90 55.61
CA LEU A 544 74.89 -28.01 54.16
C LEU A 544 73.76 -28.97 53.84
N GLY A 545 72.87 -28.54 52.94
CA GLY A 545 71.80 -29.39 52.46
C GLY A 545 71.80 -29.42 50.95
N VAL A 546 71.16 -30.44 50.39
CA VAL A 546 71.10 -30.62 48.95
C VAL A 546 69.71 -31.10 48.54
N THR A 547 69.23 -30.64 47.38
CA THR A 547 67.97 -31.10 46.83
C THR A 547 68.00 -31.01 45.30
N GLY A 548 67.17 -31.83 44.66
CA GLY A 548 67.06 -31.82 43.22
C GLY A 548 66.05 -32.84 42.74
N GLY A 549 65.63 -32.65 41.49
CA GLY A 549 64.56 -33.42 40.92
C GLY A 549 64.98 -34.08 39.62
N SER A 550 64.45 -35.28 39.41
CA SER A 550 64.69 -36.03 38.18
C SER A 550 66.19 -36.34 38.11
N TYR A 551 66.89 -35.78 37.13
CA TYR A 551 68.34 -35.95 37.11
C TYR A 551 68.97 -35.43 38.40
N GLY A 552 68.46 -34.33 38.93
CA GLY A 552 69.02 -33.80 40.17
C GLY A 552 68.65 -34.59 41.40
N GLY A 553 67.57 -35.37 41.30
CA GLY A 553 67.20 -36.33 42.30
C GLY A 553 68.05 -37.58 42.22
N PHE A 554 68.36 -38.04 41.01
CA PHE A 554 69.40 -39.06 40.87
C PHE A 554 70.70 -38.58 41.53
N MET A 555 71.09 -37.33 41.25
CA MET A 555 72.32 -36.79 41.81
C MET A 555 72.23 -36.63 43.31
N THR A 556 71.07 -36.20 43.82
CA THR A 556 70.91 -36.13 45.26
C THR A 556 71.11 -37.50 45.89
N ASN A 557 70.50 -38.52 45.29
CA ASN A 557 70.64 -39.88 45.79
C ASN A 557 72.08 -40.35 45.67
N TRP A 558 72.72 -40.03 44.55
CA TRP A 558 74.14 -40.37 44.37
C TRP A 558 75.00 -39.70 45.44
N ILE A 559 74.84 -38.40 45.61
CA ILE A 559 75.60 -37.64 46.59
C ILE A 559 75.53 -38.27 47.98
N VAL A 560 74.32 -38.60 48.46
CA VAL A 560 74.26 -39.04 49.85
C VAL A 560 74.80 -40.45 50.01
N GLY A 561 74.90 -41.21 48.92
CA GLY A 561 75.57 -42.48 48.99
C GLY A 561 77.06 -42.41 48.76
N HIS A 562 77.60 -41.23 48.44
CA HIS A 562 79.02 -41.08 48.24
C HIS A 562 79.69 -40.10 49.19
N THR A 563 78.91 -39.33 49.96
CA THR A 563 79.50 -38.40 50.91
C THR A 563 78.53 -38.14 52.06
N ASP A 564 79.11 -37.86 53.23
CA ASP A 564 78.33 -37.54 54.40
C ASP A 564 78.41 -36.05 54.75
N ARG A 565 78.93 -35.22 53.84
CA ARG A 565 79.07 -33.79 54.09
C ARG A 565 77.73 -33.10 54.42
N PHE A 566 76.61 -33.60 53.88
CA PHE A 566 75.33 -32.90 53.98
C PHE A 566 74.55 -33.41 55.18
N LYS A 567 73.99 -32.47 55.96
CA LYS A 567 73.13 -32.81 57.09
C LYS A 567 71.67 -33.02 56.69
N ALA A 568 71.25 -32.58 55.52
CA ALA A 568 69.88 -32.84 55.08
C ALA A 568 69.85 -32.95 53.57
N ALA A 569 68.93 -33.77 53.07
CA ALA A 569 68.78 -33.99 51.63
C ALA A 569 67.32 -34.22 51.32
N VAL A 570 66.86 -33.66 50.21
CA VAL A 570 65.49 -33.82 49.74
C VAL A 570 65.61 -34.26 48.30
N THR A 571 65.20 -35.48 48.00
CA THR A 571 65.25 -35.95 46.62
C THR A 571 63.84 -35.97 46.06
N GLN A 572 63.72 -35.55 44.81
CA GLN A 572 62.41 -35.34 44.18
C GLN A 572 62.34 -36.08 42.86
N ARG A 573 61.15 -36.63 42.57
CA ARG A 573 60.81 -37.26 41.30
C ARG A 573 62.06 -37.94 40.73
N SER A 574 62.69 -38.74 41.57
CA SER A 574 64.09 -39.08 41.41
C SER A 574 64.28 -40.46 40.80
N ILE A 575 65.54 -40.84 40.67
CA ILE A 575 65.94 -42.12 40.11
C ILE A 575 66.91 -42.79 41.06
N SER A 576 66.65 -44.07 41.37
CA SER A 576 67.54 -44.85 42.23
C SER A 576 68.05 -46.12 41.58
N ASN A 577 67.39 -46.62 40.53
CA ASN A 577 67.67 -47.95 39.98
C ASN A 577 67.52 -47.88 38.47
N TRP A 578 68.65 -47.79 37.76
CA TRP A 578 68.60 -47.63 36.31
C TRP A 578 68.07 -48.86 35.60
N LEU A 579 68.20 -50.02 36.23
CA LEU A 579 67.69 -51.26 35.65
C LEU A 579 66.18 -51.20 35.50
N SER A 580 65.47 -50.97 36.61
CA SER A 580 64.01 -50.92 36.49
C SER A 580 63.55 -49.66 35.74
N PHE A 581 64.28 -48.54 35.86
CA PHE A 581 63.92 -47.31 35.13
C PHE A 581 63.77 -47.60 33.64
N SER A 582 64.70 -48.37 33.08
CA SER A 582 64.67 -48.68 31.65
C SER A 582 63.34 -49.27 31.23
N GLY A 583 62.74 -50.08 32.09
CA GLY A 583 61.58 -50.83 31.69
C GLY A 583 60.26 -50.18 32.07
N VAL A 584 60.27 -49.19 32.97
CA VAL A 584 59.05 -48.63 33.53
C VAL A 584 58.85 -47.16 33.14
N SER A 585 59.92 -46.38 33.07
CA SER A 585 59.78 -45.00 32.61
C SER A 585 59.20 -44.95 31.20
N ASP A 586 58.36 -43.93 30.93
CA ASP A 586 57.82 -43.75 29.59
C ASP A 586 58.89 -43.65 28.51
N ILE A 587 60.08 -43.16 28.85
CA ILE A 587 61.17 -43.05 27.89
C ILE A 587 62.36 -43.94 28.26
N GLY A 588 62.19 -44.83 29.24
CA GLY A 588 63.29 -45.63 29.72
C GLY A 588 63.92 -46.50 28.64
N TYR A 589 63.12 -46.90 27.64
CA TYR A 589 63.61 -47.82 26.62
C TYR A 589 64.62 -47.16 25.67
N PHE A 590 64.85 -45.85 25.81
CA PHE A 590 65.97 -45.23 25.13
C PHE A 590 66.78 -44.28 25.98
N PHE A 591 66.20 -43.64 27.00
CA PHE A 591 66.94 -42.68 27.82
C PHE A 591 68.18 -43.32 28.44
N THR A 592 67.99 -44.43 29.16
CA THR A 592 69.12 -45.08 29.86
C THR A 592 70.28 -45.33 28.89
N LYS A 593 69.99 -45.96 27.75
CA LYS A 593 71.03 -46.18 26.74
C LYS A 593 71.68 -44.86 26.35
N TRP A 594 70.87 -43.86 25.99
CA TRP A 594 71.39 -42.58 25.52
C TRP A 594 72.25 -41.89 26.57
N GLU A 595 71.86 -41.98 27.85
CA GLU A 595 72.46 -41.16 28.88
C GLU A 595 73.46 -41.93 29.74
N VAL A 596 72.98 -43.00 30.41
CA VAL A 596 73.82 -43.78 31.32
C VAL A 596 74.81 -44.62 30.53
N GLY A 597 74.39 -45.12 29.36
CA GLY A 597 75.32 -45.60 28.37
C GLY A 597 74.99 -46.94 27.76
N CYS A 598 74.07 -47.69 28.38
CA CYS A 598 73.80 -49.03 27.92
C CYS A 598 72.40 -49.44 28.34
N ASP A 599 71.88 -50.45 27.67
CA ASP A 599 70.65 -51.11 28.08
C ASP A 599 70.96 -52.26 29.04
N VAL A 600 69.90 -52.73 29.72
CA VAL A 600 70.08 -53.67 30.82
C VAL A 600 70.59 -55.01 30.31
N TRP A 601 70.23 -55.40 29.10
CA TRP A 601 70.73 -56.64 28.53
C TRP A 601 72.09 -56.46 27.87
N GLU A 602 72.66 -55.26 27.92
CA GLU A 602 73.99 -54.97 27.43
C GLU A 602 75.01 -55.02 28.56
N ASP A 603 74.72 -54.32 29.65
CA ASP A 603 75.69 -54.20 30.72
C ASP A 603 74.96 -53.86 32.00
N ALA A 604 74.27 -54.86 32.57
CA ALA A 604 73.45 -54.61 33.76
C ALA A 604 74.31 -54.11 34.90
N GLU A 605 75.54 -54.62 35.03
CA GLU A 605 76.39 -54.21 36.14
C GLU A 605 76.85 -52.76 36.00
N ARG A 606 77.01 -52.26 34.77
CA ARG A 606 77.26 -50.84 34.61
C ARG A 606 76.07 -50.03 35.09
N LEU A 607 74.86 -50.39 34.65
CA LEU A 607 73.67 -49.73 35.17
C LEU A 607 73.63 -49.80 36.69
N TRP A 608 73.96 -50.96 37.27
CA TRP A 608 73.94 -51.07 38.71
C TRP A 608 75.01 -50.20 39.35
N HIS A 609 76.22 -50.18 38.77
CA HIS A 609 77.28 -49.36 39.33
C HIS A 609 76.88 -47.89 39.37
N HIS A 610 76.09 -47.43 38.40
CA HIS A 610 75.64 -46.05 38.37
C HIS A 610 74.26 -45.86 39.00
N SER A 611 73.72 -46.91 39.68
CA SER A 611 72.43 -46.76 40.34
C SER A 611 72.64 -46.30 41.77
N PRO A 612 72.01 -45.21 42.21
CA PRO A 612 72.24 -44.77 43.60
C PRO A 612 71.88 -45.81 44.65
N LEU A 613 70.92 -46.70 44.35
CA LEU A 613 70.50 -47.72 45.31
C LEU A 613 71.66 -48.62 45.74
N LYS A 614 72.59 -48.90 44.82
CA LYS A 614 73.74 -49.75 45.10
C LYS A 614 74.56 -49.27 46.31
N TYR A 615 74.49 -47.98 46.63
CA TYR A 615 75.31 -47.41 47.70
C TYR A 615 74.50 -47.06 48.94
N VAL A 616 73.32 -47.68 49.10
CA VAL A 616 72.40 -47.30 50.17
C VAL A 616 73.03 -47.53 51.54
N LYS A 617 73.88 -48.56 51.67
CA LYS A 617 74.53 -48.80 52.96
C LYS A 617 75.38 -47.64 53.40
N HIS A 618 75.84 -46.79 52.47
CA HIS A 618 76.67 -45.65 52.79
C HIS A 618 75.88 -44.44 53.29
N MET A 619 74.55 -44.46 53.16
CA MET A 619 73.75 -43.26 53.31
C MET A 619 73.49 -42.96 54.78
N ARG A 620 73.89 -41.76 55.21
CA ARG A 620 73.77 -41.31 56.59
C ARG A 620 73.24 -39.88 56.67
N THR A 621 72.58 -39.43 55.63
CA THR A 621 71.96 -38.13 55.62
C THR A 621 70.46 -38.33 55.67
N PRO A 622 69.75 -37.64 56.57
CA PRO A 622 68.28 -37.72 56.57
C PRO A 622 67.74 -37.34 55.20
N LEU A 623 67.09 -38.29 54.53
CA LEU A 623 66.66 -38.15 53.15
C LEU A 623 65.14 -38.13 53.09
N LEU A 624 64.58 -36.98 52.72
CA LEU A 624 63.17 -36.91 52.38
C LEU A 624 63.03 -37.28 50.92
N ILE A 625 62.10 -38.19 50.63
CA ILE A 625 61.85 -38.64 49.27
C ILE A 625 60.48 -38.11 48.86
N LEU A 626 60.45 -37.26 47.83
CA LEU A 626 59.23 -36.70 47.29
C LEU A 626 59.01 -37.27 45.90
N HIS A 627 57.79 -37.74 45.63
CA HIS A 627 57.45 -38.39 44.38
C HIS A 627 55.94 -38.32 44.19
N SER A 628 55.51 -38.33 42.93
CA SER A 628 54.09 -38.28 42.57
C SER A 628 53.65 -39.64 42.04
N GLU A 629 52.40 -40.00 42.33
CA GLU A 629 51.90 -41.30 41.92
C GLU A 629 51.80 -41.44 40.42
N ARG A 630 51.54 -40.35 39.70
CA ARG A 630 51.33 -40.45 38.25
C ARG A 630 52.48 -39.81 37.46
N ASP A 631 53.64 -39.68 38.10
CA ASP A 631 54.87 -39.42 37.38
C ASP A 631 55.23 -40.66 36.58
N TYR A 632 55.19 -40.58 35.25
CA TYR A 632 55.62 -41.73 34.46
C TYR A 632 56.93 -41.45 33.74
N ARG A 633 57.47 -40.24 33.90
CA ARG A 633 58.84 -39.98 33.51
C ARG A 633 59.79 -40.68 34.46
N CYS A 634 59.63 -40.43 35.75
CA CYS A 634 60.37 -41.13 36.80
C CYS A 634 59.31 -41.87 37.61
N PRO A 635 59.15 -43.17 37.40
CA PRO A 635 58.06 -43.90 38.07
C PRO A 635 58.31 -44.01 39.56
N ILE A 636 57.21 -44.09 40.32
CA ILE A 636 57.32 -44.05 41.77
C ILE A 636 58.00 -45.29 42.34
N GLU A 637 58.09 -46.38 41.58
CA GLU A 637 58.89 -47.52 42.00
C GLU A 637 60.34 -47.12 42.27
N GLN A 638 60.84 -46.08 41.60
CA GLN A 638 62.18 -45.57 41.90
C GLN A 638 62.27 -45.08 43.34
N ALA A 639 61.27 -44.30 43.77
CA ALA A 639 61.28 -43.78 45.14
C ALA A 639 61.06 -44.89 46.14
N GLU A 640 60.19 -45.85 45.81
CA GLU A 640 59.85 -46.91 46.76
C GLU A 640 61.05 -47.82 47.07
N GLN A 641 61.85 -48.16 46.05
CA GLN A 641 63.01 -49.02 46.29
C GLN A 641 64.02 -48.36 47.23
N LEU A 642 64.27 -47.06 47.04
CA LEU A 642 65.20 -46.37 47.91
C LEU A 642 64.65 -46.27 49.31
N PHE A 643 63.36 -45.91 49.42
CA PHE A 643 62.72 -45.85 50.74
C PHE A 643 62.83 -47.17 51.47
N VAL A 644 62.50 -48.28 50.79
CA VAL A 644 62.47 -49.59 51.46
C VAL A 644 63.87 -49.96 51.96
N ALA A 645 64.88 -49.82 51.10
CA ALA A 645 66.25 -50.20 51.48
C ALA A 645 66.75 -49.36 52.65
N LEU A 646 66.47 -48.05 52.64
CA LEU A 646 66.88 -47.21 53.76
C LEU A 646 66.17 -47.65 55.05
N LYS A 647 64.86 -47.93 54.95
CA LYS A 647 64.14 -48.40 56.13
C LYS A 647 64.66 -49.75 56.60
N GLN A 648 64.93 -50.66 55.66
CA GLN A 648 65.49 -51.97 56.05
C GLN A 648 66.77 -51.81 56.85
N LEU A 649 67.54 -50.76 56.56
CA LEU A 649 68.84 -50.54 57.18
C LEU A 649 68.79 -49.51 58.29
N GLY A 650 67.58 -49.09 58.69
CA GLY A 650 67.39 -48.22 59.83
C GLY A 650 67.86 -46.80 59.64
N ARG A 651 67.88 -46.29 58.42
CA ARG A 651 68.29 -44.92 58.18
C ARG A 651 67.10 -43.95 58.29
N GLU A 652 67.42 -42.68 58.41
CA GLU A 652 66.41 -41.65 58.59
C GLU A 652 65.85 -41.27 57.23
N THR A 653 64.58 -41.62 56.98
CA THR A 653 63.98 -41.35 55.69
C THR A 653 62.47 -41.28 55.87
N LYS A 654 61.84 -40.49 55.01
CA LYS A 654 60.39 -40.41 54.93
C LYS A 654 60.03 -40.34 53.46
N LEU A 655 58.89 -40.91 53.10
CA LEU A 655 58.44 -40.95 51.72
C LEU A 655 57.11 -40.22 51.65
N VAL A 656 57.03 -39.22 50.78
CA VAL A 656 55.83 -38.42 50.60
C VAL A 656 55.36 -38.60 49.16
N ARG A 657 54.14 -39.14 49.00
CA ARG A 657 53.58 -39.48 47.70
C ARG A 657 52.48 -38.48 47.34
N PHE A 658 52.62 -37.84 46.19
CA PHE A 658 51.66 -36.83 45.79
C PHE A 658 50.60 -37.46 44.90
N PRO A 659 49.32 -37.40 45.28
CA PRO A 659 48.28 -38.06 44.48
C PRO A 659 48.00 -37.26 43.22
N ASP A 660 47.74 -37.98 42.14
CA ASP A 660 47.23 -37.46 40.86
C ASP A 660 48.19 -36.51 40.16
N ALA A 661 49.34 -36.20 40.73
CA ALA A 661 50.31 -35.34 40.07
C ALA A 661 51.21 -36.16 39.16
N ASN A 662 51.81 -35.47 38.17
CA ASN A 662 52.84 -36.11 37.36
C ASN A 662 54.21 -35.44 37.53
N HIS A 663 55.14 -35.73 36.60
CA HIS A 663 56.52 -35.21 36.68
C HIS A 663 56.57 -33.68 36.76
N ASP A 664 55.65 -32.99 36.09
CA ASP A 664 55.70 -31.53 36.00
C ASP A 664 54.99 -30.83 37.15
N LEU A 665 54.72 -31.55 38.23
CA LEU A 665 53.94 -31.00 39.33
C LEU A 665 54.48 -29.65 39.79
N SER A 666 55.80 -29.55 39.99
CA SER A 666 56.40 -28.37 40.58
C SER A 666 56.29 -27.13 39.69
N ARG A 667 55.94 -27.27 38.41
CA ARG A 667 55.78 -26.13 37.52
C ARG A 667 54.34 -25.86 37.12
N THR A 668 53.59 -26.90 36.68
CA THR A 668 52.24 -26.74 36.16
C THR A 668 51.21 -27.60 36.89
N GLY A 669 51.55 -28.12 38.08
CA GLY A 669 50.65 -29.00 38.78
C GLY A 669 49.68 -28.26 39.68
N ASN A 670 48.74 -29.02 40.26
CA ASN A 670 47.76 -28.56 41.25
C ASN A 670 48.39 -27.56 42.22
N PRO A 671 47.95 -26.30 42.22
CA PRO A 671 48.62 -25.30 43.06
C PRO A 671 48.68 -25.68 44.53
N ALA A 672 47.64 -26.31 45.07
CA ALA A 672 47.68 -26.72 46.48
C ALA A 672 48.77 -27.76 46.71
N LEU A 673 48.94 -28.68 45.76
CA LEU A 673 50.03 -29.64 45.88
C LEU A 673 51.38 -28.98 45.68
N ARG A 674 51.47 -27.93 44.85
CA ARG A 674 52.75 -27.23 44.72
C ARG A 674 53.15 -26.61 46.04
N LEU A 675 52.18 -26.07 46.76
CA LEU A 675 52.47 -25.50 48.08
C LEU A 675 52.88 -26.58 49.06
N GLU A 676 52.22 -27.74 49.01
CA GLU A 676 52.58 -28.83 49.90
C GLU A 676 54.01 -29.29 49.64
N ARG A 677 54.42 -29.33 48.38
CA ARG A 677 55.76 -29.80 48.04
C ARG A 677 56.82 -28.82 48.52
N LEU A 678 56.62 -27.52 48.26
CA LEU A 678 57.50 -26.50 48.81
C LEU A 678 57.50 -26.57 50.34
N ARG A 679 56.33 -26.83 50.93
CA ARG A 679 56.24 -26.88 52.38
C ARG A 679 57.11 -28.00 52.95
N HIS A 680 57.05 -29.19 52.32
CA HIS A 680 57.80 -30.33 52.82
C HIS A 680 59.31 -30.17 52.64
N ILE A 681 59.73 -29.49 51.57
CA ILE A 681 61.16 -29.25 51.35
C ILE A 681 61.72 -28.34 52.44
N VAL A 682 61.08 -27.18 52.65
CA VAL A 682 61.55 -26.24 53.68
C VAL A 682 61.49 -26.86 55.07
N ASP A 683 60.39 -27.57 55.39
CA ASP A 683 60.28 -28.19 56.72
C ASP A 683 61.42 -29.17 56.98
N TRP A 684 61.88 -29.89 55.95
CA TRP A 684 62.92 -30.88 56.14
C TRP A 684 64.26 -30.20 56.44
N PHE A 685 64.57 -29.16 55.68
CA PHE A 685 65.77 -28.39 55.97
C PHE A 685 65.66 -27.67 57.31
N ASP A 686 64.48 -27.12 57.63
CA ASP A 686 64.32 -26.48 58.93
C ASP A 686 64.62 -27.46 60.07
N ARG A 687 64.23 -28.73 59.90
CA ARG A 687 64.39 -29.70 60.98
C ARG A 687 65.85 -30.11 61.19
N TYR A 688 66.64 -30.19 60.12
CA TYR A 688 67.98 -30.75 60.20
C TYR A 688 69.10 -29.74 59.92
N LEU A 689 68.78 -28.57 59.36
CA LEU A 689 69.77 -27.57 59.02
C LEU A 689 69.80 -26.38 59.98
N LYS A 690 68.72 -26.13 60.70
CA LYS A 690 68.66 -25.02 61.65
C LYS A 690 68.34 -25.54 63.05
N LEU B 32 4.05 -36.05 80.72
CA LEU B 32 2.92 -36.70 81.38
C LEU B 32 1.59 -36.38 80.68
N TYR B 33 1.65 -35.45 79.73
CA TYR B 33 0.49 -35.08 78.92
C TYR B 33 0.85 -35.16 77.45
N PHE B 34 -0.16 -35.42 76.62
CA PHE B 34 0.09 -35.60 75.20
C PHE B 34 0.73 -34.36 74.59
N GLN B 35 1.67 -34.58 73.69
CA GLN B 35 2.17 -33.51 72.84
C GLN B 35 2.00 -33.94 71.38
N GLY B 36 2.17 -32.96 70.48
CA GLY B 36 2.14 -33.28 69.06
C GLY B 36 3.17 -34.34 68.66
N THR B 37 4.42 -34.17 69.10
CA THR B 37 5.46 -35.11 68.70
C THR B 37 5.18 -36.54 69.15
N ASP B 38 4.25 -36.74 70.08
CA ASP B 38 3.86 -38.11 70.43
C ASP B 38 3.34 -38.90 69.24
N LEU B 39 2.83 -38.24 68.19
CA LEU B 39 2.40 -39.01 67.03
C LEU B 39 3.55 -39.81 66.45
N LEU B 40 4.80 -39.32 66.55
CA LEU B 40 5.93 -40.11 66.05
C LEU B 40 6.12 -41.38 66.85
N ARG B 41 5.67 -41.41 68.12
CA ARG B 41 5.83 -42.59 68.96
C ARG B 41 4.79 -43.69 68.68
N LEU B 42 3.69 -43.33 68.03
CA LEU B 42 2.56 -44.24 67.92
C LEU B 42 2.90 -45.46 67.07
N ARG B 43 2.49 -46.63 67.54
CA ARG B 43 2.60 -47.87 66.79
C ARG B 43 1.21 -48.46 66.61
N SER B 44 0.87 -48.83 65.40
CA SER B 44 -0.45 -49.35 65.07
C SER B 44 -0.32 -50.84 64.78
N VAL B 45 -0.77 -51.69 65.71
CA VAL B 45 -0.81 -53.13 65.42
C VAL B 45 -2.14 -53.44 64.75
N ARG B 46 -2.11 -54.30 63.73
CA ARG B 46 -3.19 -54.39 62.76
C ARG B 46 -3.14 -55.74 62.07
N ASP B 47 -4.24 -56.07 61.39
CA ASP B 47 -4.27 -57.12 60.37
C ASP B 47 -3.78 -58.50 60.83
N PRO B 48 -4.38 -59.06 61.89
CA PRO B 48 -3.96 -60.39 62.34
C PRO B 48 -4.47 -61.50 61.44
N HIS B 49 -3.68 -62.59 61.36
CA HIS B 49 -4.13 -63.74 60.59
C HIS B 49 -3.62 -65.01 61.24
N TYR B 50 -4.54 -65.96 61.51
CA TYR B 50 -4.12 -67.20 62.16
C TYR B 50 -3.36 -68.06 61.19
N ALA B 51 -2.35 -68.77 61.71
CA ALA B 51 -1.83 -69.92 60.99
C ALA B 51 -2.92 -71.00 60.90
N PRO B 52 -2.92 -71.79 59.84
CA PRO B 52 -4.03 -72.74 59.63
C PRO B 52 -4.18 -73.77 60.74
N ASP B 53 -3.15 -74.04 61.53
CA ASP B 53 -3.34 -74.93 62.67
C ASP B 53 -3.86 -74.20 63.90
N GLY B 54 -4.09 -72.89 63.82
CA GLY B 54 -4.65 -72.14 64.92
C GLY B 54 -3.71 -71.90 66.08
N THR B 55 -2.48 -72.38 66.02
CA THR B 55 -1.59 -72.30 67.17
C THR B 55 -0.86 -70.98 67.25
N ARG B 56 -0.80 -70.22 66.16
CA ARG B 56 -0.12 -68.93 66.22
C ARG B 56 -0.71 -68.02 65.14
N ALA B 57 -0.29 -66.76 65.17
CA ALA B 57 -0.87 -65.79 64.25
C ALA B 57 0.16 -64.75 63.87
N VAL B 58 0.05 -64.27 62.66
CA VAL B 58 0.93 -63.22 62.16
C VAL B 58 0.16 -61.90 62.14
N PHE B 59 0.85 -60.79 62.39
CA PHE B 59 0.20 -59.48 62.25
C PHE B 59 1.23 -58.45 61.79
N VAL B 60 0.78 -57.20 61.69
CA VAL B 60 1.58 -56.09 61.17
C VAL B 60 1.65 -55.02 62.26
N GLU B 61 2.80 -54.37 62.37
CA GLU B 61 2.95 -53.19 63.19
C GLU B 61 3.50 -52.09 62.31
N LYS B 62 2.74 -51.00 62.20
CA LYS B 62 3.15 -49.81 61.46
C LYS B 62 3.67 -48.78 62.46
N SER B 63 4.72 -48.05 62.08
CA SER B 63 5.37 -47.11 62.99
C SER B 63 6.04 -46.01 62.18
N ILE B 64 6.60 -45.05 62.91
CA ILE B 64 7.40 -43.98 62.34
C ILE B 64 8.79 -44.06 62.98
N ASP B 65 9.81 -44.11 62.13
CA ASP B 65 11.17 -44.23 62.62
C ASP B 65 11.76 -42.84 62.89
N GLU B 66 13.02 -42.82 63.33
CA GLU B 66 13.66 -41.58 63.74
C GLU B 66 13.97 -40.66 62.55
N GLU B 67 13.89 -41.17 61.33
CA GLU B 67 13.94 -40.33 60.14
C GLU B 67 12.57 -39.75 59.80
N LYS B 68 11.60 -39.93 60.70
CA LYS B 68 10.22 -39.48 60.50
C LYS B 68 9.63 -40.11 59.23
N GLN B 69 9.87 -41.40 59.07
CA GLN B 69 9.37 -42.16 57.93
C GLN B 69 8.56 -43.34 58.43
N TYR B 70 7.54 -43.69 57.64
CA TYR B 70 6.66 -44.81 57.93
C TYR B 70 7.37 -46.12 57.62
N ARG B 71 7.37 -47.03 58.59
CA ARG B 71 7.76 -48.41 58.38
C ARG B 71 6.64 -49.30 58.87
N SER B 72 6.57 -50.51 58.30
CA SER B 72 5.71 -51.53 58.89
C SER B 72 6.41 -52.87 58.76
N HIS B 73 6.26 -53.70 59.78
CA HIS B 73 6.95 -54.96 59.85
C HIS B 73 6.01 -56.07 60.32
N LEU B 74 6.40 -57.31 60.04
CA LEU B 74 5.60 -58.47 60.41
C LEU B 74 5.99 -58.99 61.79
N TRP B 75 4.99 -59.47 62.52
CA TRP B 75 5.15 -59.96 63.87
C TRP B 75 4.37 -61.26 64.00
N ILE B 76 4.82 -62.13 64.92
CA ILE B 76 4.18 -63.41 65.18
C ILE B 76 3.77 -63.47 66.64
N TRP B 77 2.51 -63.82 66.90
CA TRP B 77 2.06 -64.24 68.22
C TRP B 77 2.00 -65.76 68.23
N ALA B 78 2.69 -66.38 69.20
CA ALA B 78 3.13 -67.77 69.07
C ALA B 78 2.57 -68.70 70.14
N ALA B 79 1.46 -68.34 70.79
CA ALA B 79 0.71 -69.21 71.71
C ALA B 79 1.41 -69.44 73.04
N ASP B 80 2.73 -69.51 73.05
CA ASP B 80 3.41 -69.41 74.34
C ASP B 80 3.28 -68.01 74.92
N GLY B 81 2.56 -67.12 74.24
CA GLY B 81 2.39 -65.76 74.68
C GLY B 81 3.40 -64.79 74.12
N SER B 82 4.45 -65.29 73.46
CA SER B 82 5.47 -64.39 72.95
C SER B 82 4.98 -63.68 71.69
N VAL B 83 5.32 -62.40 71.58
CA VAL B 83 5.17 -61.64 70.35
C VAL B 83 6.58 -61.22 69.93
N ARG B 84 6.97 -61.58 68.72
CA ARG B 84 8.33 -61.35 68.26
C ARG B 84 8.30 -60.77 66.86
N GLN B 85 9.18 -59.81 66.62
CA GLN B 85 9.29 -59.20 65.31
C GLN B 85 9.94 -60.16 64.32
N TRP B 86 9.38 -60.21 63.11
CA TRP B 86 9.82 -61.15 62.10
C TRP B 86 10.38 -60.47 60.86
N THR B 87 10.16 -59.16 60.67
CA THR B 87 10.83 -58.39 59.61
C THR B 87 11.27 -57.05 60.20
N PHE B 88 12.25 -56.42 59.54
CA PHE B 88 13.07 -55.43 60.24
C PHE B 88 13.47 -54.20 59.43
N GLY B 89 13.50 -54.23 58.10
CA GLY B 89 14.19 -53.20 57.33
C GLY B 89 13.47 -51.86 57.22
N ARG B 90 14.13 -50.95 56.52
CA ARG B 90 13.62 -49.60 56.31
C ARG B 90 12.66 -49.62 55.12
N TRP B 91 11.51 -50.25 55.31
CA TRP B 91 10.54 -50.43 54.23
C TRP B 91 9.17 -50.68 54.85
N ARG B 92 8.20 -51.06 54.01
CA ARG B 92 6.86 -51.38 54.49
C ARG B 92 6.49 -52.80 54.10
N ASP B 93 6.28 -53.66 55.10
CA ASP B 93 5.65 -54.96 54.90
C ASP B 93 4.17 -54.89 55.30
N MET B 94 3.31 -55.50 54.48
CA MET B 94 1.85 -55.41 54.64
C MET B 94 1.22 -56.74 54.31
N LYS B 95 -0.03 -56.90 54.75
CA LYS B 95 -0.91 -57.98 54.32
C LYS B 95 -0.30 -59.39 54.39
N PRO B 96 0.14 -59.82 55.55
CA PRO B 96 0.62 -61.21 55.71
C PRO B 96 -0.51 -62.23 55.69
N ARG B 97 -0.30 -63.35 54.99
CA ARG B 97 -1.26 -64.45 55.01
C ARG B 97 -0.53 -65.78 54.92
N PHE B 98 -0.77 -66.68 55.88
CA PHE B 98 -0.23 -68.04 55.82
C PHE B 98 -0.80 -68.80 54.62
N SER B 99 0.02 -69.65 54.00
CA SER B 99 -0.49 -70.55 52.99
C SER B 99 -1.46 -71.57 53.61
N PRO B 100 -2.31 -72.20 52.80
CA PRO B 100 -3.25 -73.17 53.38
C PRO B 100 -2.57 -74.28 54.16
N ARG B 101 -1.32 -74.60 53.84
CA ARG B 101 -0.56 -75.60 54.58
C ARG B 101 0.20 -75.04 55.78
N GLY B 102 0.31 -73.71 55.93
CA GLY B 102 1.03 -73.13 57.04
C GLY B 102 2.54 -73.09 56.95
N GLU B 103 3.14 -73.50 55.84
CA GLU B 103 4.60 -73.51 55.78
C GLU B 103 5.18 -72.18 55.27
N ILE B 104 4.39 -71.36 54.59
CA ILE B 104 4.84 -70.09 54.03
C ILE B 104 3.92 -68.98 54.50
N ILE B 105 4.50 -67.82 54.80
CA ILE B 105 3.77 -66.59 55.04
C ILE B 105 3.98 -65.70 53.82
N ALA B 106 2.92 -65.52 53.02
CA ALA B 106 3.03 -64.52 51.97
C ALA B 106 2.81 -63.13 52.58
N PHE B 107 3.34 -62.12 51.89
CA PHE B 107 3.09 -60.73 52.27
C PHE B 107 3.49 -59.80 51.13
N LEU B 108 3.01 -58.57 51.22
CA LEU B 108 3.37 -57.51 50.29
C LEU B 108 4.43 -56.63 50.93
N SER B 109 5.40 -56.20 50.12
CA SER B 109 6.49 -55.37 50.60
C SER B 109 6.88 -54.40 49.49
N ASP B 110 7.16 -53.17 49.86
CA ASP B 110 7.74 -52.20 48.94
C ASP B 110 9.27 -52.18 48.97
N ARG B 111 9.91 -53.17 49.62
CA ARG B 111 11.35 -53.11 49.79
C ARG B 111 12.10 -53.08 48.47
N SER B 112 11.52 -53.66 47.42
CA SER B 112 12.16 -53.66 46.10
C SER B 112 12.12 -52.31 45.43
N GLY B 113 11.38 -51.34 45.96
CA GLY B 113 11.11 -50.08 45.30
C GLY B 113 9.67 -49.93 44.84
N ARG B 114 9.02 -51.03 44.50
CA ARG B 114 7.56 -51.05 44.32
C ARG B 114 6.99 -52.16 45.20
N THR B 115 5.70 -52.06 45.50
CA THR B 115 5.05 -53.09 46.30
C THR B 115 5.01 -54.40 45.51
N GLN B 116 5.51 -55.47 46.11
CA GLN B 116 5.52 -56.77 45.44
C GLN B 116 5.15 -57.85 46.43
N LEU B 117 4.80 -59.01 45.88
CA LEU B 117 4.55 -60.20 46.69
C LEU B 117 5.87 -60.88 47.03
N TRP B 118 6.09 -61.10 48.31
CA TRP B 118 7.21 -61.85 48.85
C TRP B 118 6.68 -63.06 49.62
N LEU B 119 7.59 -63.99 49.91
CA LEU B 119 7.27 -65.21 50.64
C LEU B 119 8.28 -65.37 51.76
N LEU B 120 7.78 -65.50 52.97
CA LEU B 120 8.61 -65.72 54.14
C LEU B 120 8.37 -67.14 54.63
N PRO B 121 9.41 -67.97 54.79
CA PRO B 121 9.18 -69.32 55.35
C PRO B 121 8.63 -69.20 56.76
N ALA B 122 7.65 -70.03 57.06
CA ALA B 122 7.01 -69.93 58.37
C ALA B 122 7.84 -70.54 59.48
N ASN B 123 8.93 -71.26 59.15
CA ASN B 123 9.72 -71.95 60.16
C ASN B 123 11.22 -71.75 60.02
N GLY B 124 11.68 -70.79 59.23
CA GLY B 124 13.11 -70.54 59.18
C GLY B 124 13.59 -70.12 57.81
N GLY B 125 14.39 -69.05 57.76
CA GLY B 125 14.87 -68.49 56.51
C GLY B 125 14.29 -67.10 56.26
N GLU B 126 14.97 -66.35 55.41
CA GLU B 126 14.50 -65.00 55.11
C GLU B 126 13.52 -65.05 53.95
N ALA B 127 12.93 -63.90 53.66
CA ALA B 127 11.93 -63.78 52.62
C ALA B 127 12.59 -63.71 51.24
N ARG B 128 11.94 -64.31 50.24
CA ARG B 128 12.36 -64.19 48.86
C ARG B 128 11.30 -63.48 48.05
N GLN B 129 11.73 -62.66 47.09
CA GLN B 129 10.80 -61.94 46.24
C GLN B 129 10.14 -62.89 45.26
N LEU B 130 8.83 -62.75 45.08
CA LEU B 130 8.09 -63.61 44.16
C LEU B 130 7.69 -62.90 42.88
N THR B 131 7.21 -61.65 42.97
CA THR B 131 6.75 -60.92 41.81
C THR B 131 7.70 -59.79 41.48
N PHE B 132 7.80 -59.46 40.18
CA PHE B 132 8.67 -58.38 39.73
C PHE B 132 7.95 -57.45 38.73
N PHE B 133 6.62 -57.35 38.85
CA PHE B 133 5.82 -56.53 37.94
C PHE B 133 6.32 -55.09 37.89
N LYS B 134 6.33 -54.54 36.67
CA LYS B 134 6.69 -53.13 36.48
C LYS B 134 5.85 -52.21 37.36
N ASN B 135 4.55 -52.48 37.45
CA ASN B 135 3.65 -51.62 38.23
C ASN B 135 3.30 -52.21 39.58
N GLY B 136 4.01 -53.25 40.03
CA GLY B 136 3.80 -53.84 41.34
C GLY B 136 2.46 -54.57 41.50
N VAL B 137 2.19 -54.97 42.74
CA VAL B 137 1.01 -55.74 43.11
C VAL B 137 0.12 -54.90 44.03
N ARG B 138 -1.19 -54.88 43.75
CA ARG B 138 -2.12 -54.19 44.63
C ARG B 138 -2.65 -55.11 45.74
N ASP B 139 -2.80 -56.40 45.46
CA ASP B 139 -3.49 -57.31 46.36
C ASP B 139 -3.24 -58.73 45.86
N TYR B 140 -3.55 -59.71 46.72
CA TYR B 140 -3.29 -61.09 46.35
C TYR B 140 -4.12 -62.01 47.22
N VAL B 141 -4.34 -63.23 46.74
CA VAL B 141 -4.88 -64.28 47.59
C VAL B 141 -4.10 -65.56 47.32
N TRP B 142 -4.07 -66.42 48.33
CA TRP B 142 -3.52 -67.76 48.16
C TRP B 142 -4.47 -68.65 47.37
N SER B 143 -3.88 -69.54 46.57
CA SER B 143 -4.69 -70.63 46.04
C SER B 143 -4.92 -71.67 47.13
N PRO B 144 -6.10 -72.31 47.13
CA PRO B 144 -6.39 -73.28 48.20
C PRO B 144 -5.41 -74.44 48.25
N ASP B 145 -4.84 -74.86 47.13
CA ASP B 145 -3.83 -75.92 47.22
C ASP B 145 -2.45 -75.40 47.57
N GLY B 146 -2.25 -74.09 47.59
CA GLY B 146 -0.96 -73.52 47.95
C GLY B 146 0.09 -73.51 46.87
N THR B 147 -0.22 -74.02 45.67
CA THR B 147 0.81 -74.06 44.64
C THR B 147 0.97 -72.74 43.93
N PHE B 148 0.00 -71.83 44.07
CA PHE B 148 0.11 -70.54 43.41
C PHE B 148 -0.61 -69.48 44.23
N LEU B 149 -0.44 -68.23 43.80
CA LEU B 149 -1.13 -67.09 44.37
C LEU B 149 -1.70 -66.27 43.21
N ILE B 150 -2.82 -65.59 43.46
CA ILE B 150 -3.42 -64.72 42.46
C ILE B 150 -3.11 -63.30 42.88
N THR B 151 -2.45 -62.54 42.00
CA THR B 151 -2.05 -61.16 42.26
C THR B 151 -2.77 -60.21 41.30
N LEU B 152 -3.04 -59.01 41.79
CA LEU B 152 -3.65 -57.94 41.01
C LEU B 152 -2.58 -56.93 40.60
N THR B 153 -2.37 -56.77 39.30
CA THR B 153 -1.48 -55.73 38.80
C THR B 153 -2.24 -54.90 37.77
N THR B 154 -1.56 -53.90 37.24
CA THR B 154 -2.13 -52.99 36.27
C THR B 154 -1.13 -52.77 35.15
N LEU B 155 -1.65 -52.53 33.95
CA LEU B 155 -0.83 -52.47 32.75
C LEU B 155 -1.33 -51.34 31.87
N GLY B 156 -0.40 -50.52 31.38
CA GLY B 156 -0.72 -49.64 30.28
C GLY B 156 -1.05 -50.45 29.04
N ASP B 157 -1.67 -49.80 28.06
CA ASP B 157 -2.02 -50.54 26.85
C ASP B 157 -0.79 -51.10 26.17
N ASP B 158 0.35 -50.43 26.31
CA ASP B 158 1.63 -50.79 25.72
C ASP B 158 2.43 -51.76 26.57
N GLU B 159 1.85 -52.29 27.65
CA GLU B 159 2.56 -53.11 28.62
C GLU B 159 1.99 -54.51 28.65
N THR B 160 2.77 -55.45 29.18
CA THR B 160 2.31 -56.82 29.39
C THR B 160 2.70 -57.27 30.80
N ILE B 161 2.24 -58.45 31.20
CA ILE B 161 2.56 -58.99 32.50
C ILE B 161 4.03 -59.42 32.54
N GLU B 162 4.73 -59.33 31.40
CA GLU B 162 6.14 -59.66 31.40
C GLU B 162 7.04 -58.47 31.72
N ASP B 163 6.60 -57.24 31.50
CA ASP B 163 7.41 -56.08 31.87
C ASP B 163 7.72 -56.12 33.36
N ARG B 164 8.95 -55.77 33.70
CA ARG B 164 9.38 -55.87 35.08
C ARG B 164 9.69 -54.50 35.64
N GLU B 165 9.76 -54.42 36.98
CA GLU B 165 10.16 -53.18 37.61
C GLU B 165 11.60 -52.86 37.20
N GLU B 166 11.93 -51.56 37.21
CA GLU B 166 13.22 -51.04 36.76
C GLU B 166 13.35 -49.60 37.25
N PRO B 167 14.49 -49.22 37.86
CA PRO B 167 14.71 -47.86 38.35
C PRO B 167 15.09 -46.87 37.24
N LEU B 177 8.78 -32.38 25.56
CA LEU B 177 7.66 -32.19 26.47
C LEU B 177 6.36 -32.29 25.70
N LYS B 178 5.39 -32.99 26.28
CA LYS B 178 4.17 -33.27 25.54
C LYS B 178 2.96 -32.96 26.42
N PRO B 179 1.96 -32.28 25.89
CA PRO B 179 0.74 -32.03 26.66
C PRO B 179 0.03 -33.32 27.06
N ARG B 180 -0.80 -33.22 28.09
CA ARG B 180 -1.64 -34.32 28.51
C ARG B 180 -3.03 -34.15 27.91
N VAL B 181 -3.49 -35.16 27.16
CA VAL B 181 -4.79 -35.16 26.50
C VAL B 181 -5.80 -35.91 27.37
N VAL B 182 -6.82 -35.21 27.82
CA VAL B 182 -7.79 -35.72 28.78
C VAL B 182 -9.14 -35.85 28.07
N GLU B 183 -9.70 -37.05 28.14
CA GLU B 183 -10.92 -37.38 27.40
C GLU B 183 -11.98 -38.08 28.26
N ARG B 184 -11.88 -37.95 29.58
CA ARG B 184 -12.79 -38.67 30.47
C ARG B 184 -12.92 -37.89 31.78
N LEU B 185 -14.02 -38.16 32.50
CA LEU B 185 -14.34 -37.41 33.70
C LEU B 185 -13.45 -37.78 34.88
N TYR B 186 -13.09 -39.05 34.99
CA TYR B 186 -12.28 -39.52 36.11
C TYR B 186 -10.84 -39.67 35.61
N TYR B 187 -10.13 -38.55 35.57
CA TYR B 187 -8.78 -38.50 35.02
C TYR B 187 -7.71 -38.26 36.07
N LYS B 188 -8.08 -38.09 37.33
CA LYS B 188 -7.13 -37.91 38.41
C LYS B 188 -7.73 -38.44 39.71
N SER B 189 -6.86 -38.75 40.66
CA SER B 189 -7.32 -39.16 41.96
C SER B 189 -6.49 -38.44 43.01
N ASP B 190 -7.11 -38.16 44.15
CA ASP B 190 -6.34 -37.64 45.26
C ASP B 190 -5.16 -38.54 45.62
N ALA B 191 -5.32 -39.86 45.49
CA ALA B 191 -4.27 -40.80 45.87
C ALA B 191 -3.10 -40.77 44.91
N SER B 192 -3.37 -40.72 43.60
CA SER B 192 -2.32 -40.85 42.60
C SER B 192 -2.05 -39.58 41.81
N GLY B 193 -2.89 -38.56 41.91
CA GLY B 193 -2.75 -37.45 40.99
C GLY B 193 -3.29 -37.85 39.62
N PHE B 194 -2.67 -37.33 38.57
CA PHE B 194 -3.13 -37.66 37.23
C PHE B 194 -3.05 -39.15 36.96
N LEU B 195 -4.12 -39.70 36.42
CA LEU B 195 -4.21 -41.10 36.10
C LEU B 195 -3.86 -41.34 34.65
N ASP B 196 -3.11 -42.41 34.40
CA ASP B 196 -2.75 -42.85 33.06
C ASP B 196 -3.71 -43.90 32.53
N GLY B 197 -4.67 -44.34 33.33
CA GLY B 197 -5.67 -45.26 32.84
C GLY B 197 -5.15 -46.66 32.57
N LYS B 198 -4.18 -47.13 33.35
CA LYS B 198 -3.83 -48.55 33.28
C LYS B 198 -5.05 -49.37 33.64
N ARG B 199 -5.18 -50.52 33.00
CA ARG B 199 -6.25 -51.47 33.28
C ARG B 199 -5.73 -52.54 34.24
N ALA B 200 -6.67 -53.24 34.88
CA ALA B 200 -6.31 -54.17 35.94
C ALA B 200 -6.28 -55.59 35.40
N VAL B 201 -5.30 -56.35 35.86
CA VAL B 201 -5.16 -57.75 35.44
C VAL B 201 -4.89 -58.60 36.66
N LEU B 202 -5.65 -59.69 36.81
CA LEU B 202 -5.38 -60.68 37.84
C LEU B 202 -4.58 -61.81 37.23
N THR B 203 -3.41 -62.08 37.81
CA THR B 203 -2.47 -63.07 37.28
C THR B 203 -2.19 -64.15 38.30
N ARG B 204 -2.11 -65.39 37.83
CA ARG B 204 -1.71 -66.52 38.65
C ARG B 204 -0.19 -66.61 38.70
N ILE B 205 0.36 -66.72 39.90
CA ILE B 205 1.80 -66.70 40.12
C ILE B 205 2.21 -68.02 40.76
N ASP B 206 3.02 -68.80 40.04
CA ASP B 206 3.44 -70.09 40.56
C ASP B 206 4.37 -69.89 41.75
N VAL B 207 4.10 -70.62 42.84
CA VAL B 207 4.73 -70.31 44.13
C VAL B 207 6.22 -70.67 44.13
N LEU B 208 6.61 -71.73 43.40
CA LEU B 208 8.03 -72.10 43.34
C LEU B 208 8.78 -71.36 42.24
N SER B 209 8.20 -71.24 41.04
CA SER B 209 8.92 -70.69 39.89
C SER B 209 8.69 -69.19 39.69
N GLY B 210 7.64 -68.62 40.26
CA GLY B 210 7.33 -67.25 39.96
C GLY B 210 6.80 -66.99 38.57
N LYS B 211 6.56 -68.05 37.79
CA LYS B 211 6.02 -67.86 36.46
C LYS B 211 4.60 -67.30 36.56
N SER B 212 4.30 -66.34 35.68
CA SER B 212 3.07 -65.57 35.74
C SER B 212 2.20 -65.87 34.52
N GLU B 213 0.89 -65.95 34.74
CA GLU B 213 -0.05 -66.18 33.66
C GLU B 213 -1.28 -65.34 33.92
N ALA B 214 -1.65 -64.50 32.95
CA ALA B 214 -2.84 -63.67 33.08
C ALA B 214 -4.08 -64.55 33.15
N LEU B 215 -5.04 -64.16 34.00
CA LEU B 215 -6.30 -64.88 34.15
C LEU B 215 -7.48 -64.10 33.60
N THR B 216 -7.59 -62.83 33.97
CA THR B 216 -8.57 -61.92 33.42
C THR B 216 -8.04 -61.29 32.15
N GLY B 217 -8.93 -60.59 31.44
CA GLY B 217 -8.54 -59.62 30.45
C GLY B 217 -8.02 -58.37 31.14
N ARG B 218 -7.89 -57.31 30.35
CA ARG B 218 -7.46 -56.01 30.87
C ARG B 218 -8.68 -55.23 31.34
N GLU B 219 -8.97 -55.32 32.64
CA GLU B 219 -10.21 -54.80 33.18
C GLU B 219 -10.12 -53.31 33.44
N GLU B 220 -11.24 -52.62 33.19
CA GLU B 220 -11.31 -51.20 33.52
C GLU B 220 -11.03 -50.95 35.00
N GLU B 221 -11.44 -51.89 35.85
CA GLU B 221 -11.29 -51.78 37.30
C GLU B 221 -11.64 -53.12 37.93
N ILE B 222 -10.77 -53.59 38.82
CA ILE B 222 -10.98 -54.82 39.56
C ILE B 222 -10.98 -54.46 41.03
N GLY B 223 -12.05 -54.83 41.74
CA GLY B 223 -12.07 -54.62 43.17
C GLY B 223 -11.71 -55.86 43.98
N SER B 224 -12.58 -56.26 44.91
CA SER B 224 -12.36 -57.46 45.70
C SER B 224 -12.30 -58.68 44.80
N PHE B 225 -11.49 -59.66 45.19
CA PHE B 225 -11.53 -60.94 44.50
C PHE B 225 -11.29 -62.07 45.49
N ALA B 226 -11.89 -63.24 45.20
CA ALA B 226 -11.70 -64.40 46.05
C ALA B 226 -11.85 -65.68 45.21
N ILE B 227 -11.11 -66.71 45.60
CA ILE B 227 -11.09 -67.98 44.89
C ILE B 227 -11.86 -69.02 45.72
N SER B 228 -12.63 -69.85 45.02
CA SER B 228 -13.49 -70.82 45.69
C SER B 228 -12.64 -71.91 46.36
N PRO B 229 -13.13 -72.51 47.44
CA PRO B 229 -12.32 -73.51 48.15
C PRO B 229 -11.85 -74.66 47.26
N ASN B 230 -12.62 -75.07 46.27
CA ASN B 230 -12.15 -76.14 45.39
C ASN B 230 -11.17 -75.65 44.33
N GLY B 231 -10.85 -74.36 44.31
CA GLY B 231 -9.86 -73.84 43.39
C GLY B 231 -10.33 -73.67 41.96
N ARG B 232 -11.59 -73.93 41.66
CA ARG B 232 -11.99 -73.88 40.26
C ARG B 232 -12.46 -72.50 39.81
N THR B 233 -12.99 -71.67 40.70
CA THR B 233 -13.69 -70.45 40.30
C THR B 233 -13.11 -69.23 41.00
N LEU B 234 -12.77 -68.20 40.22
CA LEU B 234 -12.34 -66.91 40.73
C LEU B 234 -13.46 -65.89 40.59
N ALA B 235 -13.87 -65.29 41.71
CA ALA B 235 -14.84 -64.19 41.71
C ALA B 235 -14.12 -62.87 41.91
N PHE B 236 -14.48 -61.86 41.13
CA PHE B 236 -13.88 -60.55 41.29
C PHE B 236 -14.91 -59.48 40.94
N VAL B 237 -14.78 -58.31 41.56
CA VAL B 237 -15.64 -57.18 41.27
C VAL B 237 -15.03 -56.39 40.11
N ALA B 238 -15.86 -56.01 39.14
CA ALA B 238 -15.38 -55.30 37.97
C ALA B 238 -16.36 -54.20 37.59
N ASN B 239 -15.83 -53.18 36.90
CA ASN B 239 -16.69 -52.15 36.32
C ASN B 239 -16.91 -52.55 34.86
N ARG B 240 -18.08 -53.10 34.58
CA ARG B 240 -18.45 -53.57 33.24
C ARG B 240 -19.38 -52.59 32.53
N ASN B 241 -19.48 -51.38 33.02
CA ASN B 241 -20.37 -50.41 32.37
C ASN B 241 -19.72 -49.82 31.13
N GLU B 242 -20.55 -49.40 30.18
CA GLU B 242 -20.02 -48.84 28.95
C GLU B 242 -19.44 -47.45 29.18
N ASP B 243 -20.02 -46.67 30.09
CA ASP B 243 -19.47 -45.38 30.52
C ASP B 243 -18.98 -45.54 31.96
N PRO B 244 -17.77 -46.05 32.17
CA PRO B 244 -17.40 -46.51 33.52
C PRO B 244 -17.36 -45.41 34.55
N ASP B 245 -17.04 -44.17 34.17
CA ASP B 245 -16.87 -43.11 35.16
C ASP B 245 -18.20 -42.54 35.65
N THR B 246 -19.29 -42.75 34.92
CA THR B 246 -20.56 -42.16 35.32
C THR B 246 -21.58 -43.19 35.79
N THR B 247 -21.26 -44.48 35.77
CA THR B 247 -22.16 -45.52 36.24
C THR B 247 -21.52 -46.22 37.43
N PHE B 248 -22.24 -46.35 38.53
CA PHE B 248 -21.62 -46.75 39.78
C PHE B 248 -22.01 -48.14 40.24
N THR B 249 -22.77 -48.88 39.45
CA THR B 249 -22.89 -50.30 39.73
C THR B 249 -21.56 -50.99 39.43
N ARG B 250 -21.29 -52.05 40.19
CA ARG B 250 -20.12 -52.89 40.01
C ARG B 250 -20.59 -54.33 40.01
N ASP B 251 -20.11 -55.13 39.06
CA ASP B 251 -20.57 -56.52 38.90
C ASP B 251 -19.62 -57.53 39.53
N ILE B 252 -20.20 -58.57 40.13
CA ILE B 252 -19.41 -59.73 40.52
C ILE B 252 -19.29 -60.64 39.30
N VAL B 253 -18.07 -60.86 38.83
CA VAL B 253 -17.81 -61.75 37.72
C VAL B 253 -17.27 -63.06 38.28
N LEU B 254 -17.78 -64.18 37.78
CA LEU B 254 -17.23 -65.49 38.12
C LEU B 254 -16.41 -65.98 36.95
N LEU B 255 -15.16 -66.35 37.19
CA LEU B 255 -14.25 -66.79 36.15
C LEU B 255 -13.85 -68.23 36.42
N ASP B 256 -14.29 -69.13 35.53
CA ASP B 256 -13.84 -70.52 35.57
C ASP B 256 -12.34 -70.57 35.30
N LEU B 257 -11.57 -71.03 36.29
CA LEU B 257 -10.11 -70.93 36.17
C LEU B 257 -9.60 -71.74 35.00
N GLU B 258 -10.19 -72.90 34.74
CA GLU B 258 -9.68 -73.78 33.70
C GLU B 258 -9.98 -73.25 32.30
N SER B 259 -11.25 -72.87 32.04
CA SER B 259 -11.65 -72.46 30.71
C SER B 259 -11.46 -70.98 30.44
N LYS B 260 -11.34 -70.16 31.49
CA LYS B 260 -11.30 -68.69 31.45
C LYS B 260 -12.67 -68.11 31.10
N ALA B 261 -13.71 -68.95 30.94
CA ALA B 261 -15.05 -68.43 30.74
C ALA B 261 -15.54 -67.65 31.96
N GLU B 262 -16.35 -66.64 31.69
CA GLU B 262 -16.82 -65.73 32.71
C GLU B 262 -18.33 -65.65 32.67
N THR B 263 -18.94 -65.54 33.83
CA THR B 263 -20.36 -65.25 33.93
C THR B 263 -20.54 -64.07 34.86
N ASN B 264 -21.44 -63.17 34.48
CA ASN B 264 -21.77 -61.99 35.27
C ASN B 264 -22.85 -62.39 36.28
N LEU B 265 -22.49 -62.41 37.55
CA LEU B 265 -23.38 -62.89 38.60
C LEU B 265 -24.47 -61.89 38.98
N THR B 266 -24.25 -60.59 38.73
CA THR B 266 -25.06 -59.52 39.30
C THR B 266 -25.75 -58.62 38.27
N ASN B 267 -25.24 -58.50 37.05
CA ASN B 267 -25.91 -57.77 35.96
C ASN B 267 -26.52 -56.45 36.43
N GLY B 268 -25.71 -55.67 37.13
CA GLY B 268 -26.07 -54.29 37.40
C GLY B 268 -26.97 -54.06 38.60
N CYS B 269 -27.16 -55.05 39.46
CA CYS B 269 -28.11 -54.90 40.57
C CYS B 269 -27.53 -54.14 41.76
N GLY B 270 -26.30 -53.67 41.68
CA GLY B 270 -25.78 -52.84 42.76
C GLY B 270 -24.27 -52.74 42.67
N THR B 271 -23.64 -52.54 43.83
CA THR B 271 -22.18 -52.52 43.89
C THR B 271 -21.73 -53.34 45.09
N PHE B 272 -20.52 -53.91 45.00
CA PHE B 272 -20.13 -55.02 45.86
C PHE B 272 -18.64 -54.98 46.19
N ALA B 273 -18.29 -55.54 47.35
CA ALA B 273 -16.91 -55.61 47.82
C ALA B 273 -16.81 -56.77 48.80
N SER B 274 -15.58 -57.06 49.23
CA SER B 274 -15.32 -58.03 50.30
C SER B 274 -15.95 -59.40 50.01
N LEU B 275 -15.53 -60.01 48.90
CA LEU B 275 -16.09 -61.31 48.55
C LEU B 275 -15.56 -62.40 49.48
N ALA B 276 -16.40 -63.39 49.76
CA ALA B 276 -16.02 -64.50 50.64
C ALA B 276 -16.87 -65.73 50.32
N TRP B 277 -16.22 -66.80 49.86
CA TRP B 277 -16.90 -68.02 49.49
C TRP B 277 -17.27 -68.83 50.72
N SER B 278 -18.42 -69.52 50.68
CA SER B 278 -18.75 -70.38 51.82
C SER B 278 -17.77 -71.55 51.88
N PRO B 279 -17.62 -72.19 53.05
CA PRO B 279 -16.71 -73.35 53.12
C PRO B 279 -17.01 -74.45 52.10
N ASP B 280 -18.28 -74.74 51.83
CA ASP B 280 -18.58 -75.77 50.83
C ASP B 280 -18.60 -75.24 49.41
N GLY B 281 -18.30 -73.95 49.21
CA GLY B 281 -18.19 -73.40 47.88
C GLY B 281 -19.50 -73.13 47.17
N THR B 282 -20.64 -73.46 47.77
CA THR B 282 -21.90 -73.30 47.06
C THR B 282 -22.46 -71.90 47.14
N LYS B 283 -21.92 -71.06 48.02
CA LYS B 283 -22.43 -69.72 48.25
C LYS B 283 -21.29 -68.70 48.19
N LEU B 284 -21.62 -67.49 47.73
CA LEU B 284 -20.67 -66.38 47.68
C LEU B 284 -21.27 -65.22 48.46
N ALA B 285 -20.59 -64.78 49.53
CA ALA B 285 -21.05 -63.64 50.30
C ALA B 285 -20.30 -62.38 49.84
N ALA B 286 -20.93 -61.23 50.08
CA ALA B 286 -20.31 -59.95 49.74
C ALA B 286 -20.95 -58.85 50.57
N ILE B 287 -20.23 -57.75 50.71
CA ILE B 287 -20.81 -56.53 51.25
C ILE B 287 -21.22 -55.64 50.09
N GLY B 288 -22.47 -55.18 50.10
CA GLY B 288 -22.95 -54.38 48.99
C GLY B 288 -24.24 -53.66 49.31
N HIS B 289 -24.76 -52.98 48.28
CA HIS B 289 -26.00 -52.20 48.37
C HIS B 289 -26.44 -51.90 46.95
N ASP B 290 -27.64 -51.34 46.82
CA ASP B 290 -28.22 -51.07 45.51
C ASP B 290 -28.19 -49.60 45.11
N LEU B 291 -27.51 -48.73 45.87
CA LEU B 291 -27.40 -47.31 45.57
C LEU B 291 -28.70 -46.53 45.75
N ALA B 292 -29.75 -47.12 46.36
CA ALA B 292 -31.02 -46.42 46.53
C ALA B 292 -30.85 -45.05 47.18
N TYR B 293 -29.85 -44.91 48.07
CA TYR B 293 -29.57 -43.64 48.73
C TYR B 293 -28.17 -43.09 48.38
N LEU B 294 -27.64 -43.47 47.22
CA LEU B 294 -26.35 -42.98 46.69
C LEU B 294 -25.27 -43.26 47.72
N GLY B 295 -24.42 -42.28 48.05
CA GLY B 295 -23.31 -42.48 48.97
C GLY B 295 -23.74 -42.68 50.41
N ALA B 296 -25.02 -42.44 50.72
CA ALA B 296 -25.52 -42.65 52.07
C ALA B 296 -26.13 -44.04 52.25
N THR B 297 -26.11 -44.88 51.22
CA THR B 297 -26.76 -46.18 51.31
C THR B 297 -26.03 -47.09 52.32
N LEU B 298 -26.81 -47.77 53.17
CA LEU B 298 -26.21 -48.71 54.10
C LEU B 298 -25.53 -49.84 53.35
N HIS B 299 -24.36 -50.24 53.82
CA HIS B 299 -23.76 -51.44 53.27
C HIS B 299 -24.35 -52.64 54.00
N ARG B 300 -24.68 -53.69 53.22
CA ARG B 300 -25.39 -54.85 53.73
C ARG B 300 -24.68 -56.13 53.32
N LEU B 301 -25.05 -57.22 53.99
CA LEU B 301 -24.48 -58.52 53.68
C LEU B 301 -25.38 -59.22 52.66
N TYR B 302 -24.80 -59.65 51.55
CA TYR B 302 -25.47 -60.38 50.49
C TYR B 302 -24.93 -61.80 50.47
N VAL B 303 -25.77 -62.78 50.17
CA VAL B 303 -25.24 -64.09 49.83
C VAL B 303 -25.82 -64.48 48.49
N PHE B 304 -24.94 -64.97 47.62
CA PHE B 304 -25.28 -65.47 46.30
C PHE B 304 -25.14 -66.98 46.31
N GLU B 305 -26.05 -67.66 45.61
CA GLU B 305 -25.91 -69.09 45.34
C GLU B 305 -25.79 -69.24 43.83
N PRO B 306 -24.58 -69.21 43.30
CA PRO B 306 -24.40 -69.18 41.84
C PRO B 306 -25.12 -70.31 41.12
N GLU B 307 -25.11 -71.53 41.68
CA GLU B 307 -25.69 -72.68 40.97
C GLU B 307 -27.20 -72.60 40.90
N ARG B 308 -27.86 -72.02 41.89
CA ARG B 308 -29.29 -71.79 41.80
C ARG B 308 -29.64 -70.43 41.21
N GLY B 309 -28.64 -69.60 40.90
CA GLY B 309 -28.91 -68.29 40.33
C GLY B 309 -29.71 -67.36 41.21
N THR B 310 -29.70 -67.57 42.52
CA THR B 310 -30.43 -66.75 43.49
C THR B 310 -29.48 -65.92 44.35
N LYS B 311 -30.06 -64.90 44.98
CA LYS B 311 -29.33 -64.04 45.91
C LYS B 311 -30.30 -63.61 46.99
N ARG B 312 -29.77 -63.27 48.15
CA ARG B 312 -30.56 -62.76 49.26
C ARG B 312 -29.71 -61.76 50.04
N VAL B 313 -30.34 -60.68 50.51
CA VAL B 313 -29.69 -59.71 51.37
C VAL B 313 -29.93 -60.14 52.82
N LEU B 314 -28.90 -60.65 53.51
CA LEU B 314 -29.06 -61.23 54.84
C LEU B 314 -29.29 -60.20 55.94
N THR B 315 -29.00 -58.92 55.70
CA THR B 315 -29.24 -57.89 56.71
C THR B 315 -30.22 -56.84 56.20
N ALA B 316 -31.11 -57.23 55.28
CA ALA B 316 -32.10 -56.31 54.74
C ALA B 316 -32.95 -55.65 55.82
N ASP B 317 -33.20 -56.32 56.93
CA ASP B 317 -34.09 -55.77 57.93
C ASP B 317 -33.32 -55.36 59.18
N TRP B 318 -32.02 -55.18 59.05
CA TRP B 318 -31.16 -54.72 60.13
C TRP B 318 -30.67 -53.33 59.75
N ASP B 319 -31.15 -52.30 60.47
CA ASP B 319 -30.89 -50.91 60.14
C ASP B 319 -29.52 -50.49 60.66
N VAL B 320 -28.49 -51.26 60.33
CA VAL B 320 -27.13 -50.96 60.76
C VAL B 320 -26.21 -51.09 59.56
N HIS B 321 -25.28 -50.15 59.43
CA HIS B 321 -24.28 -50.14 58.36
C HIS B 321 -23.18 -51.18 58.63
N LEU B 322 -22.96 -52.11 57.69
CA LEU B 322 -21.86 -53.07 57.86
C LEU B 322 -20.53 -52.42 57.51
N GLY B 323 -19.47 -52.84 58.18
CA GLY B 323 -18.18 -52.20 57.96
C GLY B 323 -17.82 -51.20 59.05
N ASP B 324 -16.78 -50.41 58.74
CA ASP B 324 -16.13 -49.54 59.70
C ASP B 324 -16.16 -48.11 59.18
N ALA B 325 -17.04 -47.28 59.74
CA ALA B 325 -17.18 -45.88 59.35
C ALA B 325 -16.50 -44.95 60.35
N MET B 326 -15.75 -45.51 61.29
CA MET B 326 -15.15 -44.73 62.36
C MET B 326 -14.13 -43.70 61.84
N VAL B 327 -14.16 -42.53 62.48
CA VAL B 327 -13.25 -41.44 62.23
C VAL B 327 -12.14 -41.52 63.27
N GLY B 328 -10.89 -41.59 62.78
CA GLY B 328 -9.71 -41.52 63.62
C GLY B 328 -8.54 -41.04 62.79
N ASP B 329 -7.40 -40.83 63.45
CA ASP B 329 -6.18 -40.44 62.76
C ASP B 329 -5.08 -41.48 62.94
N THR B 330 -5.42 -42.61 63.54
CA THR B 330 -4.55 -43.76 63.75
C THR B 330 -5.28 -44.99 63.24
N HIS B 331 -4.52 -45.93 62.71
CA HIS B 331 -5.05 -47.13 62.06
C HIS B 331 -5.82 -46.80 60.78
N ALA B 332 -5.53 -45.68 60.12
CA ALA B 332 -6.34 -45.29 58.96
C ALA B 332 -6.24 -46.31 57.82
N ASP B 333 -5.04 -46.85 57.56
CA ASP B 333 -4.92 -47.78 56.44
C ASP B 333 -4.89 -49.23 56.89
N ALA B 334 -5.43 -49.53 58.07
CA ALA B 334 -5.40 -50.90 58.58
C ALA B 334 -6.49 -51.74 57.90
N LYS B 335 -6.12 -52.90 57.36
CA LYS B 335 -7.05 -53.72 56.60
C LYS B 335 -8.12 -54.32 57.51
N GLY B 336 -9.38 -54.02 57.24
CA GLY B 336 -10.48 -54.63 57.95
C GLY B 336 -10.69 -56.08 57.54
N PRO B 337 -11.43 -56.83 58.35
CA PRO B 337 -11.48 -58.30 58.14
C PRO B 337 -12.24 -58.75 56.90
N GLY B 338 -13.38 -58.15 56.57
CA GLY B 338 -14.28 -58.75 55.60
C GLY B 338 -15.08 -59.91 56.23
N PRO B 339 -16.23 -60.27 55.63
CA PRO B 339 -17.12 -61.23 56.32
C PRO B 339 -16.49 -62.61 56.33
N ILE B 340 -16.66 -63.29 57.46
CA ILE B 340 -16.05 -64.60 57.69
C ILE B 340 -17.17 -65.61 57.92
N TRP B 341 -17.24 -66.63 57.07
CA TRP B 341 -18.26 -67.66 57.21
C TRP B 341 -17.97 -68.50 58.45
N ALA B 342 -19.02 -68.92 59.14
CA ALA B 342 -18.87 -69.96 60.15
C ALA B 342 -18.43 -71.24 59.47
N SER B 343 -17.57 -72.03 60.17
CA SER B 343 -17.17 -73.34 59.65
C SER B 343 -18.33 -74.14 59.11
N ASP B 344 -19.43 -74.19 59.86
CA ASP B 344 -20.58 -75.01 59.45
C ASP B 344 -21.44 -74.34 58.39
N GLY B 345 -21.17 -73.08 58.06
CA GLY B 345 -21.91 -72.40 57.00
C GLY B 345 -23.22 -71.78 57.41
N SER B 346 -23.56 -71.79 58.71
CA SER B 346 -24.87 -71.33 59.18
C SER B 346 -24.99 -69.82 59.29
N GLY B 347 -23.96 -69.07 58.90
CA GLY B 347 -23.99 -67.63 59.04
C GLY B 347 -22.58 -67.09 58.93
N LEU B 348 -22.50 -65.78 59.09
CA LEU B 348 -21.24 -65.07 58.89
C LEU B 348 -21.02 -64.05 60.00
N TYR B 349 -19.75 -63.85 60.32
CA TYR B 349 -19.33 -62.84 61.26
C TYR B 349 -18.96 -61.59 60.48
N VAL B 350 -19.51 -60.44 60.88
CA VAL B 350 -19.31 -59.18 60.16
C VAL B 350 -19.09 -58.06 61.17
N THR B 351 -18.20 -57.15 60.83
CA THR B 351 -18.13 -55.92 61.63
C THR B 351 -19.20 -54.95 61.15
N ALA B 352 -19.58 -54.03 62.02
CA ALA B 352 -20.65 -53.09 61.69
C ALA B 352 -20.50 -51.89 62.61
N SER B 353 -21.03 -50.76 62.15
CA SER B 353 -20.81 -49.47 62.80
C SER B 353 -22.13 -48.98 63.35
N GLU B 354 -22.18 -48.74 64.66
CA GLU B 354 -23.40 -48.21 65.27
C GLU B 354 -23.05 -47.47 66.55
N ARG B 355 -23.56 -46.26 66.69
CA ARG B 355 -23.52 -45.51 67.93
C ARG B 355 -22.10 -45.36 68.46
N GLY B 356 -21.20 -45.01 67.56
CA GLY B 356 -19.82 -44.80 67.93
C GLY B 356 -18.99 -46.04 68.12
N ARG B 357 -19.55 -47.24 67.91
CA ARG B 357 -18.87 -48.50 68.10
C ARG B 357 -18.62 -49.17 66.76
N VAL B 358 -17.50 -49.89 66.65
CA VAL B 358 -17.32 -50.85 65.58
C VAL B 358 -17.13 -52.20 66.25
N ASN B 359 -18.14 -53.06 66.11
CA ASN B 359 -18.21 -54.31 66.85
C ASN B 359 -18.37 -55.45 65.87
N LEU B 360 -18.24 -56.68 66.39
CA LEU B 360 -18.36 -57.86 65.58
C LEU B 360 -19.72 -58.51 65.84
N TYR B 361 -20.41 -58.89 64.77
CA TYR B 361 -21.73 -59.51 64.87
C TYR B 361 -21.72 -60.82 64.10
N PHE B 362 -22.63 -61.72 64.49
CA PHE B 362 -22.91 -62.94 63.73
C PHE B 362 -24.27 -62.80 63.09
N VAL B 363 -24.34 -62.92 61.78
CA VAL B 363 -25.59 -62.89 61.05
C VAL B 363 -25.91 -64.34 60.66
N SER B 364 -26.94 -64.91 61.27
CA SER B 364 -27.33 -66.25 60.86
C SER B 364 -28.07 -66.17 59.54
N LEU B 365 -28.01 -67.27 58.78
CA LEU B 365 -28.77 -67.34 57.54
C LEU B 365 -30.26 -67.20 57.80
N ALA B 366 -30.75 -67.67 58.95
CA ALA B 366 -32.18 -67.57 59.20
C ALA B 366 -32.64 -66.16 59.53
N GLY B 367 -31.74 -65.21 59.79
CA GLY B 367 -32.19 -63.87 60.11
C GLY B 367 -31.65 -63.24 61.39
N PRO B 368 -31.64 -63.96 62.51
CA PRO B 368 -31.19 -63.36 63.77
C PRO B 368 -29.73 -62.92 63.69
N ILE B 369 -29.43 -61.80 64.35
CA ILE B 369 -28.08 -61.22 64.37
C ILE B 369 -27.69 -60.92 65.81
N VAL B 370 -26.53 -61.43 66.24
CA VAL B 370 -26.00 -61.25 67.59
C VAL B 370 -24.73 -60.41 67.57
N PRO B 371 -24.53 -59.46 68.48
CA PRO B 371 -23.16 -59.00 68.75
C PRO B 371 -22.35 -60.13 69.39
N VAL B 372 -21.15 -60.36 68.88
CA VAL B 372 -20.28 -61.36 69.47
C VAL B 372 -18.97 -60.80 70.04
N ILE B 373 -18.52 -59.63 69.59
CA ILE B 373 -17.46 -58.87 70.29
C ILE B 373 -17.99 -57.44 70.34
N GLU B 374 -18.55 -57.04 71.49
CA GLU B 374 -19.18 -55.72 71.60
C GLU B 374 -18.58 -54.97 72.76
N GLY B 375 -18.81 -53.67 72.75
CA GLY B 375 -18.17 -52.78 73.70
C GLY B 375 -17.96 -51.41 73.09
N ASN B 376 -17.66 -50.44 73.95
CA ASN B 376 -17.44 -49.07 73.53
C ASN B 376 -16.02 -48.96 73.00
N PHE B 377 -15.80 -49.57 71.84
CA PHE B 377 -14.47 -49.55 71.24
C PHE B 377 -14.59 -49.68 69.72
N HIS B 378 -13.43 -49.69 69.08
CA HIS B 378 -13.25 -49.75 67.65
C HIS B 378 -12.55 -51.07 67.34
N LEU B 379 -13.28 -52.00 66.77
CA LEU B 379 -12.69 -53.25 66.30
C LEU B 379 -12.14 -52.99 64.91
N TYR B 380 -10.83 -52.71 64.81
CA TYR B 380 -10.29 -52.32 63.51
C TYR B 380 -9.52 -53.43 62.83
N GLY B 381 -9.51 -54.62 63.41
CA GLY B 381 -8.86 -55.77 62.78
C GLY B 381 -9.35 -57.05 63.42
N LEU B 382 -9.28 -58.18 62.71
CA LEU B 382 -9.92 -59.39 63.22
C LEU B 382 -9.40 -60.63 62.51
N ALA B 383 -9.11 -61.66 63.29
CA ALA B 383 -8.96 -63.00 62.77
C ALA B 383 -9.80 -63.92 63.62
N ILE B 384 -10.40 -64.94 63.01
CA ILE B 384 -11.19 -65.94 63.73
C ILE B 384 -10.49 -67.28 63.62
N HIS B 385 -10.37 -67.95 64.76
CA HIS B 385 -9.66 -69.22 64.86
C HIS B 385 -10.25 -70.24 63.89
N PRO B 386 -9.44 -71.12 63.28
CA PRO B 386 -9.99 -72.06 62.31
C PRO B 386 -11.03 -73.01 62.89
N SER B 387 -10.81 -73.53 64.09
CA SER B 387 -11.67 -74.58 64.61
C SER B 387 -12.40 -74.23 65.89
N GLU B 388 -12.09 -73.10 66.51
CA GLU B 388 -12.66 -72.77 67.80
C GLU B 388 -13.44 -71.47 67.77
N GLN B 389 -14.15 -71.24 68.87
CA GLN B 389 -14.85 -69.98 69.12
C GLN B 389 -13.91 -69.02 69.86
N GLN B 390 -12.77 -68.77 69.20
CA GLN B 390 -11.82 -67.77 69.65
C GLN B 390 -11.48 -66.86 68.48
N ALA B 391 -11.04 -65.65 68.81
CA ALA B 391 -10.67 -64.67 67.81
C ALA B 391 -9.51 -63.84 68.34
N ILE B 392 -8.83 -63.19 67.42
CA ILE B 392 -7.83 -62.18 67.75
C ILE B 392 -8.37 -60.86 67.25
N ALA B 393 -8.51 -59.91 68.16
CA ALA B 393 -9.14 -58.63 67.86
C ALA B 393 -8.14 -57.50 68.07
N ALA B 394 -8.00 -56.66 67.04
CA ALA B 394 -7.28 -55.40 67.18
C ALA B 394 -8.29 -54.34 67.61
N ILE B 395 -8.10 -53.78 68.79
CA ILE B 395 -9.11 -52.96 69.43
C ILE B 395 -8.48 -51.65 69.89
N SER B 396 -9.10 -50.54 69.51
CA SER B 396 -8.72 -49.21 69.95
C SER B 396 -9.89 -48.60 70.71
N SER B 397 -9.57 -47.71 71.63
CA SER B 397 -10.58 -46.99 72.41
C SER B 397 -9.99 -45.63 72.71
N PRO B 398 -10.79 -44.69 73.22
CA PRO B 398 -10.26 -43.34 73.43
C PRO B 398 -9.03 -43.28 74.32
N THR B 399 -8.87 -44.22 75.27
CA THR B 399 -7.70 -44.24 76.14
C THR B 399 -6.73 -45.38 75.84
N SER B 400 -6.86 -46.02 74.69
CA SER B 400 -5.96 -47.11 74.30
C SER B 400 -5.64 -46.96 72.83
N VAL B 401 -4.38 -46.68 72.50
CA VAL B 401 -4.00 -46.51 71.10
C VAL B 401 -4.49 -47.69 70.28
N GLY B 402 -4.08 -48.91 70.67
CA GLY B 402 -4.58 -50.11 70.03
C GLY B 402 -3.72 -51.34 70.25
N ASP B 403 -4.35 -52.48 70.49
CA ASP B 403 -3.60 -53.70 70.76
C ASP B 403 -4.41 -54.91 70.34
N LEU B 404 -3.72 -56.04 70.24
CA LEU B 404 -4.36 -57.31 69.95
C LEU B 404 -4.87 -57.98 71.22
N TYR B 405 -6.03 -58.60 71.11
CA TYR B 405 -6.73 -59.30 72.18
C TYR B 405 -7.21 -60.63 71.66
N ALA B 406 -7.05 -61.66 72.49
CA ALA B 406 -7.66 -62.96 72.27
C ALA B 406 -9.05 -62.92 72.88
N VAL B 407 -10.06 -63.20 72.07
CA VAL B 407 -11.45 -63.03 72.47
C VAL B 407 -12.14 -64.38 72.41
N SER B 408 -12.78 -64.76 73.51
CA SER B 408 -13.65 -65.93 73.50
C SER B 408 -14.97 -65.52 72.89
N LEU B 409 -15.37 -66.18 71.80
CA LEU B 409 -16.63 -65.80 71.17
C LEU B 409 -17.84 -66.27 71.97
N ALA B 410 -17.69 -67.34 72.75
CA ALA B 410 -18.81 -67.81 73.56
C ALA B 410 -19.28 -66.75 74.55
N ASP B 411 -18.35 -66.00 75.17
CA ASP B 411 -18.76 -65.00 76.16
C ASP B 411 -18.19 -63.60 75.94
N GLY B 412 -17.28 -63.40 75.01
CA GLY B 412 -16.75 -62.07 74.74
C GLY B 412 -15.72 -61.55 75.73
N THR B 413 -15.19 -62.41 76.60
CA THR B 413 -14.09 -62.00 77.47
C THR B 413 -12.76 -62.01 76.73
N LYS B 414 -11.90 -61.06 77.06
CA LYS B 414 -10.71 -60.76 76.27
C LYS B 414 -9.45 -60.96 77.09
N THR B 415 -8.41 -61.38 76.40
CA THR B 415 -7.06 -61.43 76.97
C THR B 415 -6.14 -60.59 76.09
N ARG B 416 -5.48 -59.61 76.70
CA ARG B 416 -4.50 -58.79 76.00
C ARG B 416 -3.30 -59.64 75.55
N LEU B 417 -2.95 -59.53 74.27
CA LEU B 417 -1.81 -60.24 73.72
C LEU B 417 -0.63 -59.35 73.41
N THR B 418 -0.87 -58.07 73.13
CA THR B 418 0.20 -57.13 72.82
C THR B 418 0.06 -55.91 73.71
N ARG B 419 1.14 -55.15 73.77
CA ARG B 419 1.17 -53.89 74.44
C ARG B 419 2.18 -53.05 73.66
N ALA B 420 1.76 -52.62 72.48
CA ALA B 420 2.63 -51.96 71.51
C ALA B 420 2.87 -50.49 71.81
N ASN B 421 2.16 -49.92 72.77
CA ASN B 421 2.34 -48.51 73.15
C ASN B 421 2.57 -48.43 74.65
N GLU B 422 3.29 -49.42 75.19
CA GLU B 422 3.41 -49.57 76.63
C GLU B 422 4.05 -48.34 77.25
N ALA B 423 5.17 -47.88 76.70
CA ALA B 423 5.86 -46.72 77.25
C ALA B 423 4.94 -45.51 77.28
N LEU B 424 4.37 -45.14 76.13
CA LEU B 424 3.53 -43.95 76.08
C LEU B 424 2.32 -44.07 76.99
N GLU B 425 1.66 -45.23 77.00
CA GLU B 425 0.49 -45.41 77.84
C GLU B 425 0.83 -45.42 79.32
N ASN B 426 2.08 -45.71 79.68
CA ASN B 426 2.45 -45.66 81.09
C ASN B 426 2.82 -44.26 81.54
N GLU B 427 3.38 -43.42 80.66
CA GLU B 427 3.81 -42.08 81.04
C GLU B 427 2.77 -40.99 80.76
N VAL B 428 1.94 -41.13 79.73
CA VAL B 428 1.08 -40.02 79.31
C VAL B 428 -0.35 -40.28 79.78
N VAL B 429 -0.98 -39.27 80.37
CA VAL B 429 -2.36 -39.38 80.83
C VAL B 429 -3.29 -39.13 79.65
N PHE B 430 -4.19 -40.09 79.39
CA PHE B 430 -5.16 -39.98 78.29
C PHE B 430 -6.46 -39.39 78.79
N ALA B 431 -7.08 -38.54 78.00
CA ALA B 431 -8.44 -38.09 78.31
C ALA B 431 -9.46 -39.06 77.71
N ASP B 432 -10.40 -39.52 78.54
CA ASP B 432 -11.48 -40.33 78.00
C ASP B 432 -12.48 -39.46 77.23
N ALA B 433 -13.19 -40.10 76.30
CA ALA B 433 -14.30 -39.47 75.58
C ALA B 433 -15.60 -39.94 76.24
N GLU B 434 -16.35 -39.00 76.81
CA GLU B 434 -17.58 -39.30 77.53
C GLU B 434 -18.79 -39.09 76.63
N PRO B 435 -19.58 -40.12 76.36
CA PRO B 435 -20.72 -39.95 75.44
C PRO B 435 -21.95 -39.35 76.10
N PHE B 436 -22.74 -38.64 75.30
CA PHE B 436 -24.02 -38.12 75.74
C PHE B 436 -24.95 -38.01 74.55
N THR B 437 -26.20 -37.74 74.82
CA THR B 437 -27.21 -37.53 73.80
C THR B 437 -27.94 -36.23 74.09
N TYR B 438 -28.48 -35.65 73.03
CA TYR B 438 -29.22 -34.41 73.13
C TYR B 438 -30.17 -34.31 71.96
N ARG B 439 -31.14 -33.43 72.09
CA ARG B 439 -32.17 -33.28 71.09
C ARG B 439 -31.88 -32.08 70.22
N SER B 440 -32.12 -32.24 68.93
CA SER B 440 -31.87 -31.14 68.02
C SER B 440 -33.08 -30.21 68.02
N ALA B 441 -33.00 -29.17 67.18
CA ALA B 441 -34.05 -28.17 67.10
C ALA B 441 -35.42 -28.78 66.79
N ASP B 442 -35.46 -29.87 66.02
CA ASP B 442 -36.70 -30.54 65.64
C ASP B 442 -36.95 -31.78 66.50
N GLY B 443 -36.24 -31.94 67.61
CA GLY B 443 -36.46 -33.06 68.51
C GLY B 443 -35.59 -34.27 68.25
N LEU B 444 -34.98 -34.39 67.07
CA LEU B 444 -34.22 -35.58 66.75
C LEU B 444 -33.06 -35.74 67.72
N GLU B 445 -32.88 -36.97 68.19
CA GLU B 445 -31.84 -37.30 69.15
C GLU B 445 -30.48 -37.45 68.46
N ILE B 446 -29.47 -36.78 69.00
CA ILE B 446 -28.11 -36.78 68.44
C ILE B 446 -27.15 -37.28 69.51
N GLN B 447 -26.15 -38.06 69.11
CA GLN B 447 -25.12 -38.53 70.03
C GLN B 447 -23.83 -37.73 69.86
N GLY B 448 -23.19 -37.40 70.99
CA GLY B 448 -21.91 -36.70 70.97
C GLY B 448 -20.98 -37.22 72.06
N TRP B 449 -19.77 -36.71 72.06
CA TRP B 449 -18.81 -37.05 73.09
C TRP B 449 -18.14 -35.77 73.54
N ILE B 450 -17.77 -35.73 74.83
CA ILE B 450 -17.01 -34.61 75.38
C ILE B 450 -15.73 -35.16 75.97
N MET B 451 -14.67 -34.37 75.84
CA MET B 451 -13.36 -34.67 76.38
C MET B 451 -12.95 -33.52 77.28
N LYS B 452 -12.46 -33.82 78.47
CA LYS B 452 -12.04 -32.72 79.31
C LYS B 452 -10.53 -32.74 79.46
N PRO B 453 -9.87 -31.59 79.40
CA PRO B 453 -8.42 -31.54 79.62
C PRO B 453 -8.03 -32.30 80.87
N PRO B 454 -7.11 -33.26 80.75
CA PRO B 454 -6.76 -34.08 81.92
C PRO B 454 -6.21 -33.29 83.08
N GLU B 455 -5.47 -32.20 82.83
CA GLU B 455 -4.91 -31.43 83.93
C GLU B 455 -5.91 -30.46 84.56
N LEU B 456 -7.18 -30.52 84.16
CA LEU B 456 -8.18 -29.60 84.70
C LEU B 456 -8.58 -30.05 86.11
N ASP B 457 -8.62 -29.11 87.04
CA ASP B 457 -9.02 -29.38 88.42
C ASP B 457 -10.48 -28.99 88.64
N GLU B 458 -10.98 -29.34 89.82
CA GLU B 458 -12.43 -29.42 90.05
C GLU B 458 -13.15 -28.15 89.60
N GLY B 459 -12.74 -27.00 90.12
CA GLY B 459 -13.47 -25.79 89.82
C GLY B 459 -13.21 -25.20 88.45
N GLU B 460 -12.09 -25.56 87.82
CA GLU B 460 -11.62 -24.84 86.64
C GLU B 460 -12.48 -25.13 85.41
N LYS B 461 -12.42 -24.19 84.47
CA LYS B 461 -13.13 -24.30 83.20
C LYS B 461 -12.12 -24.16 82.06
N ALA B 462 -12.45 -24.74 80.91
CA ALA B 462 -11.56 -24.63 79.78
C ALA B 462 -12.34 -24.20 78.56
N PRO B 463 -11.72 -23.49 77.63
CA PRO B 463 -12.41 -23.17 76.38
C PRO B 463 -12.73 -24.45 75.61
N LEU B 464 -13.84 -24.42 74.87
CA LEU B 464 -14.34 -25.55 74.11
C LEU B 464 -13.96 -25.44 72.64
N VAL B 465 -13.41 -26.51 72.10
CA VAL B 465 -13.24 -26.68 70.65
C VAL B 465 -14.22 -27.76 70.18
N VAL B 466 -15.03 -27.40 69.20
CA VAL B 466 -15.92 -28.35 68.52
C VAL B 466 -15.19 -28.90 67.31
N GLU B 467 -15.02 -30.22 67.26
CA GLU B 467 -14.51 -30.90 66.07
C GLU B 467 -15.66 -31.51 65.28
N ILE B 468 -15.60 -31.38 63.96
CA ILE B 468 -16.66 -31.81 63.05
C ILE B 468 -16.04 -32.77 62.05
N HIS B 469 -16.57 -34.00 61.99
CA HIS B 469 -15.95 -34.97 61.11
C HIS B 469 -16.38 -34.75 59.67
N GLY B 470 -15.60 -35.32 58.75
CA GLY B 470 -15.91 -35.25 57.34
C GLY B 470 -16.81 -36.38 56.90
N GLY B 471 -16.80 -36.62 55.60
CA GLY B 471 -17.69 -37.60 55.03
C GLY B 471 -18.65 -36.92 54.09
N PRO B 472 -19.84 -36.53 54.58
CA PRO B 472 -20.36 -36.57 55.96
C PRO B 472 -20.77 -37.95 56.47
N HIS B 473 -20.81 -38.99 55.64
CA HIS B 473 -21.32 -40.29 56.07
C HIS B 473 -20.21 -41.10 56.75
N ALA B 474 -19.75 -40.59 57.88
CA ALA B 474 -18.73 -41.21 58.74
C ALA B 474 -19.20 -41.07 60.17
N MET B 475 -18.42 -41.59 61.13
CA MET B 475 -18.93 -41.75 62.48
C MET B 475 -17.82 -41.46 63.49
N TYR B 476 -17.96 -40.39 64.27
CA TYR B 476 -17.13 -40.27 65.47
C TYR B 476 -17.47 -41.39 66.45
N GLY B 477 -16.53 -41.78 67.29
CA GLY B 477 -16.81 -42.85 68.22
C GLY B 477 -15.69 -43.12 69.19
N PHE B 478 -15.76 -44.31 69.79
CA PHE B 478 -14.78 -44.78 70.77
C PHE B 478 -13.56 -45.37 70.05
N THR B 479 -12.66 -44.50 69.63
CA THR B 479 -11.38 -44.91 69.06
C THR B 479 -10.31 -43.95 69.53
N PHE B 480 -9.05 -44.38 69.45
CA PHE B 480 -7.94 -43.48 69.79
C PHE B 480 -7.79 -42.41 68.72
N PHE B 481 -7.60 -41.17 69.15
CA PHE B 481 -7.57 -40.02 68.24
C PHE B 481 -6.50 -39.07 68.77
N HIS B 482 -5.31 -39.15 68.19
CA HIS B 482 -4.18 -38.36 68.68
C HIS B 482 -4.52 -36.88 68.75
N GLU B 483 -5.12 -36.34 67.68
CA GLU B 483 -5.39 -34.91 67.63
C GLU B 483 -6.33 -34.47 68.75
N LEU B 484 -7.36 -35.27 69.05
CA LEU B 484 -8.26 -34.91 70.13
C LEU B 484 -7.57 -34.94 71.48
N GLN B 485 -6.63 -35.87 71.68
CA GLN B 485 -5.85 -35.87 72.91
C GLN B 485 -4.94 -34.65 72.98
N LEU B 486 -4.45 -34.18 71.85
CA LEU B 486 -3.56 -33.02 71.88
C LEU B 486 -4.33 -31.77 72.27
N LEU B 487 -5.54 -31.61 71.75
CA LEU B 487 -6.38 -30.48 72.13
C LEU B 487 -6.73 -30.50 73.61
N ALA B 488 -7.09 -31.68 74.13
CA ALA B 488 -7.35 -31.82 75.55
C ALA B 488 -6.11 -31.51 76.37
N SER B 489 -4.97 -32.08 75.98
CA SER B 489 -3.70 -31.83 76.65
C SER B 489 -3.30 -30.36 76.58
N SER B 490 -3.79 -29.63 75.58
CA SER B 490 -3.51 -28.21 75.43
C SER B 490 -4.46 -27.32 76.21
N GLY B 491 -5.32 -27.90 77.04
CA GLY B 491 -6.29 -27.13 77.79
C GLY B 491 -7.58 -26.79 77.09
N TYR B 492 -8.01 -27.58 76.11
CA TYR B 492 -9.32 -27.37 75.49
C TYR B 492 -10.25 -28.52 75.83
N ALA B 493 -11.47 -28.19 76.23
CA ALA B 493 -12.54 -29.17 76.18
C ALA B 493 -12.85 -29.46 74.73
N VAL B 494 -13.13 -30.72 74.42
CA VAL B 494 -13.30 -31.15 73.03
C VAL B 494 -14.67 -31.77 72.90
N LEU B 495 -15.51 -31.17 72.06
CA LEU B 495 -16.80 -31.75 71.71
C LEU B 495 -16.74 -32.27 70.29
N PHE B 496 -17.24 -33.50 70.08
CA PHE B 496 -17.38 -34.07 68.75
C PHE B 496 -18.67 -34.89 68.68
N THR B 497 -19.39 -34.75 67.58
CA THR B 497 -20.76 -35.28 67.49
C THR B 497 -20.99 -35.96 66.16
N ASN B 498 -22.11 -36.71 66.12
CA ASN B 498 -22.55 -37.31 64.87
C ASN B 498 -23.85 -36.68 64.47
N PRO B 499 -23.80 -35.55 63.79
CA PRO B 499 -25.02 -34.92 63.30
C PRO B 499 -25.67 -35.81 62.26
N ARG B 500 -26.93 -35.53 61.95
CA ARG B 500 -27.57 -36.29 60.88
C ARG B 500 -26.77 -36.10 59.58
N GLY B 501 -26.67 -37.19 58.81
CA GLY B 501 -25.65 -37.36 57.81
C GLY B 501 -24.56 -38.34 58.22
N SER B 502 -24.28 -38.43 59.51
CA SER B 502 -23.34 -39.42 60.03
C SER B 502 -23.87 -40.83 59.84
N HIS B 503 -22.93 -41.77 59.69
CA HIS B 503 -23.27 -43.17 59.87
C HIS B 503 -23.30 -43.49 61.35
N GLY B 504 -23.91 -44.63 61.67
CA GLY B 504 -23.94 -45.15 63.02
C GLY B 504 -25.34 -45.22 63.60
N TYR B 505 -26.36 -44.67 62.90
CA TYR B 505 -27.67 -44.47 63.49
C TYR B 505 -28.81 -44.82 62.54
N GLY B 506 -28.57 -45.61 61.52
CA GLY B 506 -29.63 -46.09 60.66
C GLY B 506 -29.73 -45.31 59.34
N GLN B 507 -30.45 -45.92 58.41
CA GLN B 507 -30.50 -45.42 57.04
C GLN B 507 -31.10 -44.03 56.96
N SER B 508 -32.16 -43.75 57.72
CA SER B 508 -32.74 -42.42 57.66
C SER B 508 -31.79 -41.35 58.17
N PHE B 509 -31.09 -41.62 59.28
CA PHE B 509 -30.22 -40.62 59.88
C PHE B 509 -29.07 -40.26 58.94
N VAL B 510 -28.49 -41.25 58.27
CA VAL B 510 -27.33 -40.99 57.43
C VAL B 510 -27.74 -40.30 56.12
N ASN B 511 -28.96 -40.57 55.63
CA ASN B 511 -29.43 -39.98 54.39
C ASN B 511 -29.91 -38.55 54.58
N ALA B 512 -30.23 -38.15 55.81
CA ALA B 512 -30.99 -36.92 56.06
C ALA B 512 -30.27 -35.67 55.58
N VAL B 513 -28.93 -35.70 55.48
CA VAL B 513 -28.19 -34.50 55.12
C VAL B 513 -28.28 -34.20 53.64
N ARG B 514 -28.56 -35.22 52.81
CA ARG B 514 -28.50 -35.06 51.36
C ARG B 514 -29.57 -34.10 50.92
N GLY B 515 -29.17 -33.12 50.10
CA GLY B 515 -30.07 -32.08 49.70
C GLY B 515 -30.38 -31.06 50.78
N ASP B 516 -29.74 -31.15 51.94
CA ASP B 516 -30.00 -30.21 53.01
C ASP B 516 -28.70 -29.76 53.68
N TYR B 517 -27.68 -29.45 52.87
CA TYR B 517 -26.37 -29.08 53.41
C TYR B 517 -26.42 -27.74 54.11
N GLY B 518 -25.96 -27.69 55.36
CA GLY B 518 -26.09 -26.47 56.12
C GLY B 518 -27.49 -26.24 56.67
N GLY B 519 -28.41 -27.18 56.47
CA GLY B 519 -29.73 -27.16 57.11
C GLY B 519 -29.69 -27.78 58.50
N MET B 520 -30.32 -28.96 58.65
CA MET B 520 -30.47 -29.54 59.97
C MET B 520 -29.15 -30.06 60.52
N ASP B 521 -28.19 -30.37 59.64
CA ASP B 521 -26.89 -30.82 60.08
C ASP B 521 -26.20 -29.72 60.89
N TYR B 522 -26.25 -28.49 60.38
CA TYR B 522 -25.76 -27.32 61.11
C TYR B 522 -26.49 -27.14 62.44
N GLU B 523 -27.81 -27.32 62.43
CA GLU B 523 -28.59 -27.26 63.66
C GLU B 523 -28.15 -28.32 64.66
N ASP B 524 -27.92 -29.54 64.19
CA ASP B 524 -27.49 -30.59 65.09
C ASP B 524 -26.22 -30.19 65.81
N ILE B 525 -25.25 -29.63 65.08
CA ILE B 525 -23.96 -29.27 65.68
C ILE B 525 -24.12 -28.15 66.70
N MET B 526 -24.88 -27.11 66.32
CA MET B 526 -25.14 -26.00 67.24
C MET B 526 -25.93 -26.47 68.47
N ALA B 527 -26.93 -27.34 68.27
CA ALA B 527 -27.62 -27.90 69.43
C ALA B 527 -26.64 -28.66 70.32
N GLY B 528 -25.62 -29.28 69.71
CA GLY B 528 -24.61 -29.97 70.47
C GLY B 528 -23.76 -29.04 71.30
N VAL B 529 -23.38 -27.88 70.73
CA VAL B 529 -22.60 -26.91 71.49
C VAL B 529 -23.39 -26.45 72.71
N ASP B 530 -24.69 -26.14 72.49
CA ASP B 530 -25.58 -25.71 73.56
C ASP B 530 -25.71 -26.78 74.64
N ALA B 531 -26.07 -28.01 74.22
CA ALA B 531 -26.23 -29.08 75.19
C ALA B 531 -24.95 -29.32 75.97
N ALA B 532 -23.80 -29.35 75.27
CA ALA B 532 -22.53 -29.53 75.95
C ALA B 532 -22.30 -28.44 76.99
N ILE B 533 -22.56 -27.18 76.61
CA ILE B 533 -22.45 -26.07 77.55
C ILE B 533 -23.33 -26.32 78.77
N SER B 534 -24.55 -26.78 78.54
CA SER B 534 -25.49 -27.01 79.63
C SER B 534 -25.03 -28.15 80.54
N LYS B 535 -24.62 -29.27 79.94
CA LYS B 535 -24.39 -30.48 80.71
C LYS B 535 -23.03 -30.53 81.41
N PHE B 536 -22.02 -29.81 80.94
CA PHE B 536 -20.66 -30.04 81.43
C PHE B 536 -20.08 -28.73 81.97
N ASP B 537 -19.92 -28.69 83.31
CA ASP B 537 -19.52 -27.46 83.99
C ASP B 537 -18.09 -27.05 83.65
N PHE B 538 -17.25 -28.00 83.25
CA PHE B 538 -15.85 -27.65 82.97
C PHE B 538 -15.66 -26.89 81.66
N ILE B 539 -16.73 -26.66 80.90
CA ILE B 539 -16.65 -25.89 79.66
C ILE B 539 -16.77 -24.40 79.97
N ASP B 540 -15.83 -23.62 79.47
CA ASP B 540 -15.89 -22.17 79.56
C ASP B 540 -16.75 -21.66 78.40
N LYS B 541 -18.03 -21.36 78.69
CA LYS B 541 -18.96 -21.01 77.64
C LYS B 541 -18.61 -19.72 76.92
N GLU B 542 -17.68 -18.93 77.43
CA GLU B 542 -17.29 -17.68 76.79
C GLU B 542 -16.20 -17.82 75.75
N ARG B 543 -15.59 -19.00 75.61
CA ARG B 543 -14.50 -19.20 74.65
C ARG B 543 -14.79 -20.49 73.86
N LEU B 544 -15.42 -20.34 72.69
CA LEU B 544 -15.75 -21.46 71.81
C LEU B 544 -14.96 -21.36 70.51
N GLY B 545 -14.39 -22.50 70.09
CA GLY B 545 -13.79 -22.64 68.78
C GLY B 545 -14.45 -23.76 67.98
N VAL B 546 -14.19 -23.76 66.68
CA VAL B 546 -14.73 -24.79 65.80
C VAL B 546 -13.67 -25.16 64.74
N THR B 547 -13.54 -26.45 64.47
CA THR B 547 -12.65 -26.88 63.41
C THR B 547 -13.17 -28.17 62.79
N GLY B 548 -12.84 -28.37 61.54
CA GLY B 548 -13.19 -29.59 60.85
C GLY B 548 -12.57 -29.59 59.47
N GLY B 549 -12.49 -30.79 58.89
CA GLY B 549 -11.90 -30.98 57.58
C GLY B 549 -12.92 -31.53 56.60
N SER B 550 -12.77 -31.16 55.33
CA SER B 550 -13.55 -31.68 54.20
C SER B 550 -15.00 -31.26 54.38
N TYR B 551 -15.95 -32.19 54.49
CA TYR B 551 -17.30 -31.79 54.87
C TYR B 551 -17.27 -31.02 56.18
N GLY B 552 -16.42 -31.43 57.12
CA GLY B 552 -16.28 -30.70 58.36
C GLY B 552 -15.70 -29.32 58.14
N GLY B 553 -14.96 -29.15 57.04
CA GLY B 553 -14.44 -27.86 56.62
C GLY B 553 -15.51 -27.01 55.97
N PHE B 554 -16.26 -27.58 55.03
CA PHE B 554 -17.47 -26.93 54.56
C PHE B 554 -18.31 -26.46 55.73
N MET B 555 -18.42 -27.28 56.78
CA MET B 555 -19.33 -26.94 57.86
C MET B 555 -18.75 -25.85 58.76
N THR B 556 -17.42 -25.90 59.02
CA THR B 556 -16.78 -24.80 59.74
C THR B 556 -17.00 -23.49 58.97
N ASN B 557 -16.74 -23.51 57.66
CA ASN B 557 -16.99 -22.33 56.85
C ASN B 557 -18.45 -21.91 56.93
N TRP B 558 -19.36 -22.86 56.80
CA TRP B 558 -20.78 -22.56 56.95
C TRP B 558 -21.05 -21.88 58.29
N ILE B 559 -20.45 -22.41 59.35
CA ILE B 559 -20.81 -21.96 60.70
C ILE B 559 -20.43 -20.50 60.90
N VAL B 560 -19.17 -20.13 60.58
CA VAL B 560 -18.73 -18.75 60.80
C VAL B 560 -19.45 -17.76 59.91
N GLY B 561 -20.02 -18.22 58.78
CA GLY B 561 -20.90 -17.39 57.97
C GLY B 561 -22.35 -17.32 58.45
N HIS B 562 -22.76 -18.13 59.42
CA HIS B 562 -24.12 -18.07 59.93
C HIS B 562 -24.24 -17.74 61.41
N THR B 563 -23.13 -17.68 62.14
CA THR B 563 -23.19 -17.31 63.54
C THR B 563 -21.86 -16.71 63.95
N ASP B 564 -21.89 -15.91 65.01
CA ASP B 564 -20.67 -15.26 65.51
C ASP B 564 -20.29 -15.73 66.90
N ARG B 565 -20.87 -16.81 67.39
CA ARG B 565 -20.61 -17.24 68.76
C ARG B 565 -19.18 -17.75 68.94
N PHE B 566 -18.55 -18.24 67.88
CA PHE B 566 -17.20 -18.77 68.00
C PHE B 566 -16.18 -17.64 67.93
N LYS B 567 -15.22 -17.66 68.83
CA LYS B 567 -14.16 -16.68 68.79
C LYS B 567 -12.99 -17.11 67.91
N ALA B 568 -13.01 -18.34 67.41
CA ALA B 568 -11.91 -18.82 66.59
C ALA B 568 -12.40 -20.00 65.76
N ALA B 569 -11.90 -20.10 64.52
CA ALA B 569 -12.24 -21.23 63.68
C ALA B 569 -11.04 -21.61 62.85
N VAL B 570 -10.87 -22.91 62.67
CA VAL B 570 -9.84 -23.46 61.79
C VAL B 570 -10.55 -24.36 60.79
N THR B 571 -10.50 -24.00 59.52
CA THR B 571 -11.09 -24.83 58.48
C THR B 571 -9.98 -25.55 57.75
N GLN B 572 -10.24 -26.81 57.35
CA GLN B 572 -9.22 -27.72 56.86
C GLN B 572 -9.71 -28.41 55.61
N ARG B 573 -8.81 -28.56 54.62
CA ARG B 573 -9.11 -29.24 53.35
C ARG B 573 -10.59 -29.05 53.01
N SER B 574 -11.03 -27.79 52.94
CA SER B 574 -12.43 -27.42 53.05
C SER B 574 -13.06 -27.15 51.70
N ILE B 575 -14.36 -26.86 51.75
CA ILE B 575 -15.18 -26.48 50.61
C ILE B 575 -15.76 -25.11 50.89
N SER B 576 -15.72 -24.22 49.90
CA SER B 576 -16.40 -22.94 49.98
C SER B 576 -17.35 -22.65 48.83
N ASN B 577 -17.22 -23.32 47.68
CA ASN B 577 -17.95 -22.94 46.48
C ASN B 577 -18.31 -24.21 45.71
N TRP B 578 -19.57 -24.65 45.84
CA TRP B 578 -19.98 -25.93 45.25
C TRP B 578 -19.95 -25.89 43.73
N LEU B 579 -20.10 -24.71 43.15
CA LEU B 579 -20.07 -24.60 41.69
C LEU B 579 -18.68 -24.92 41.15
N SER B 580 -17.62 -24.40 41.77
CA SER B 580 -16.31 -24.79 41.27
C SER B 580 -15.95 -26.19 41.72
N PHE B 581 -16.45 -26.61 42.88
CA PHE B 581 -16.14 -27.95 43.38
C PHE B 581 -16.48 -29.01 42.34
N SER B 582 -17.66 -28.90 41.71
CA SER B 582 -18.14 -29.98 40.85
C SER B 582 -17.18 -30.21 39.71
N GLY B 583 -16.56 -29.15 39.21
CA GLY B 583 -15.72 -29.23 38.04
C GLY B 583 -14.25 -29.52 38.31
N VAL B 584 -13.80 -29.40 39.57
CA VAL B 584 -12.37 -29.46 39.89
C VAL B 584 -12.03 -30.65 40.79
N SER B 585 -12.84 -30.95 41.81
CA SER B 585 -12.60 -32.12 42.65
C SER B 585 -12.52 -33.40 41.80
N ASP B 586 -11.67 -34.35 42.23
CA ASP B 586 -11.61 -35.61 41.49
C ASP B 586 -12.95 -36.37 41.49
N ILE B 587 -13.85 -36.09 42.41
CA ILE B 587 -15.16 -36.74 42.43
C ILE B 587 -16.29 -35.71 42.28
N GLY B 588 -15.97 -34.49 41.87
CA GLY B 588 -16.99 -33.45 41.88
C GLY B 588 -18.10 -33.71 40.90
N TYR B 589 -17.81 -34.47 39.84
CA TYR B 589 -18.85 -34.71 38.86
C TYR B 589 -19.94 -35.65 39.36
N PHE B 590 -19.85 -36.21 40.57
CA PHE B 590 -21.03 -36.90 41.10
C PHE B 590 -21.31 -36.51 42.53
N PHE B 591 -20.28 -36.11 43.29
CA PHE B 591 -20.48 -35.81 44.71
C PHE B 591 -21.46 -34.66 44.92
N THR B 592 -21.30 -33.56 44.18
CA THR B 592 -22.18 -32.42 44.39
C THR B 592 -23.63 -32.79 44.13
N LYS B 593 -23.85 -33.48 43.00
CA LYS B 593 -25.20 -33.95 42.67
C LYS B 593 -25.70 -34.93 43.72
N TRP B 594 -24.86 -35.92 44.08
CA TRP B 594 -25.26 -36.94 45.04
C TRP B 594 -25.60 -36.33 46.38
N GLU B 595 -24.84 -35.32 46.81
CA GLU B 595 -24.89 -34.84 48.19
C GLU B 595 -25.57 -33.49 48.36
N VAL B 596 -25.17 -32.48 47.58
CA VAL B 596 -25.84 -31.19 47.67
C VAL B 596 -27.21 -31.24 47.00
N GLY B 597 -27.33 -32.03 45.94
CA GLY B 597 -28.63 -32.26 45.32
C GLY B 597 -28.74 -32.05 43.82
N CYS B 598 -27.74 -31.44 43.17
CA CYS B 598 -27.88 -31.04 41.78
C CYS B 598 -26.52 -30.66 41.21
N ASP B 599 -26.44 -30.65 39.88
CA ASP B 599 -25.28 -30.13 39.18
C ASP B 599 -25.46 -28.63 38.87
N VAL B 600 -24.36 -27.99 38.46
CA VAL B 600 -24.38 -26.55 38.25
C VAL B 600 -25.33 -26.18 37.13
N TRP B 601 -25.44 -27.01 36.11
CA TRP B 601 -26.35 -26.72 35.01
C TRP B 601 -27.80 -27.11 35.31
N GLU B 602 -28.05 -27.73 36.46
CA GLU B 602 -29.43 -27.97 36.87
C GLU B 602 -29.92 -26.84 37.76
N ASP B 603 -29.17 -26.51 38.79
CA ASP B 603 -29.65 -25.49 39.71
C ASP B 603 -28.46 -24.82 40.38
N ALA B 604 -27.87 -23.85 39.67
CA ALA B 604 -26.65 -23.21 40.15
C ALA B 604 -26.93 -22.35 41.38
N GLU B 605 -28.09 -21.70 41.43
CA GLU B 605 -28.45 -20.89 42.60
C GLU B 605 -28.63 -21.77 43.85
N ARG B 606 -29.07 -23.00 43.67
CA ARG B 606 -29.12 -23.88 44.83
C ARG B 606 -27.70 -24.22 45.30
N LEU B 607 -26.80 -24.51 44.37
CA LEU B 607 -25.41 -24.74 44.79
C LEU B 607 -24.84 -23.51 45.49
N TRP B 608 -25.12 -22.32 44.94
CA TRP B 608 -24.62 -21.09 45.55
C TRP B 608 -25.20 -20.92 46.95
N HIS B 609 -26.51 -21.15 47.10
CA HIS B 609 -27.16 -20.99 48.40
C HIS B 609 -26.49 -21.84 49.47
N HIS B 610 -26.01 -23.02 49.12
CA HIS B 610 -25.34 -23.89 50.07
C HIS B 610 -23.82 -23.72 50.08
N SER B 611 -23.29 -22.81 49.31
CA SER B 611 -21.85 -22.54 49.30
C SER B 611 -21.50 -21.57 50.42
N PRO B 612 -20.54 -21.90 51.27
CA PRO B 612 -20.21 -20.99 52.37
C PRO B 612 -19.68 -19.64 51.91
N LEU B 613 -19.12 -19.57 50.70
CA LEU B 613 -18.62 -18.31 50.17
C LEU B 613 -19.72 -17.26 50.08
N LYS B 614 -20.96 -17.70 49.81
CA LYS B 614 -22.10 -16.79 49.67
C LYS B 614 -22.26 -15.89 50.89
N TYR B 615 -21.85 -16.36 52.05
CA TYR B 615 -22.11 -15.70 53.33
C TYR B 615 -20.85 -15.04 53.89
N VAL B 616 -19.86 -14.79 53.04
CA VAL B 616 -18.58 -14.26 53.50
C VAL B 616 -18.74 -12.88 54.17
N LYS B 617 -19.78 -12.12 53.80
CA LYS B 617 -19.94 -10.80 54.41
C LYS B 617 -20.31 -10.91 55.89
N HIS B 618 -20.92 -12.01 56.30
CA HIS B 618 -21.28 -12.22 57.72
C HIS B 618 -20.10 -12.67 58.56
N MET B 619 -18.99 -13.01 57.92
CA MET B 619 -17.91 -13.73 58.57
C MET B 619 -17.12 -12.77 59.46
N ARG B 620 -17.18 -13.00 60.78
CA ARG B 620 -16.45 -12.17 61.73
C ARG B 620 -15.57 -12.99 62.65
N THR B 621 -15.40 -14.23 62.41
CA THR B 621 -14.56 -15.05 63.28
C THR B 621 -13.19 -15.22 62.65
N PRO B 622 -12.08 -15.03 63.40
CA PRO B 622 -10.75 -15.29 62.83
C PRO B 622 -10.66 -16.72 62.28
N LEU B 623 -10.37 -16.82 60.98
CA LEU B 623 -10.48 -18.06 60.25
C LEU B 623 -9.11 -18.44 59.71
N LEU B 624 -8.50 -19.46 60.29
CA LEU B 624 -7.29 -20.03 59.72
C LEU B 624 -7.68 -21.07 58.69
N ILE B 625 -7.17 -20.93 57.47
CA ILE B 625 -7.50 -21.84 56.39
C ILE B 625 -6.29 -22.74 56.12
N LEU B 626 -6.44 -24.02 56.40
CA LEU B 626 -5.39 -25.01 56.15
C LEU B 626 -5.75 -25.81 54.91
N HIS B 627 -4.79 -25.99 54.01
CA HIS B 627 -5.07 -26.72 52.78
C HIS B 627 -3.75 -27.19 52.19
N SER B 628 -3.81 -28.33 51.49
CA SER B 628 -2.63 -28.95 50.87
C SER B 628 -2.65 -28.76 49.36
N GLU B 629 -1.46 -28.58 48.77
CA GLU B 629 -1.35 -28.21 47.37
C GLU B 629 -1.86 -29.31 46.46
N ARG B 630 -1.65 -30.57 46.84
CA ARG B 630 -1.99 -31.69 45.99
C ARG B 630 -3.19 -32.44 46.55
N ASP B 631 -4.04 -31.77 47.32
CA ASP B 631 -5.34 -32.33 47.66
C ASP B 631 -6.24 -32.14 46.46
N TYR B 632 -6.57 -33.24 45.77
CA TYR B 632 -7.52 -33.18 44.66
C TYR B 632 -8.92 -33.66 45.04
N ARG B 633 -9.13 -34.11 46.29
CA ARG B 633 -10.50 -34.37 46.72
C ARG B 633 -11.23 -33.06 46.96
N CYS B 634 -10.62 -32.19 47.76
CA CYS B 634 -11.04 -30.81 47.92
C CYS B 634 -9.95 -29.92 47.34
N PRO B 635 -10.10 -29.39 46.14
CA PRO B 635 -9.01 -28.62 45.50
C PRO B 635 -8.70 -27.34 46.25
N ILE B 636 -7.44 -26.91 46.17
CA ILE B 636 -7.00 -25.77 46.96
C ILE B 636 -7.70 -24.47 46.53
N GLU B 637 -8.25 -24.42 45.31
CA GLU B 637 -8.98 -23.23 44.89
C GLU B 637 -10.16 -22.92 45.81
N GLN B 638 -10.74 -23.94 46.45
CA GLN B 638 -11.79 -23.70 47.44
C GLN B 638 -11.30 -22.82 48.58
N ALA B 639 -10.10 -23.11 49.09
CA ALA B 639 -9.55 -22.30 50.15
C ALA B 639 -9.17 -20.92 49.63
N GLU B 640 -8.64 -20.87 48.40
CA GLU B 640 -8.17 -19.60 47.83
C GLU B 640 -9.31 -18.61 47.64
N GLN B 641 -10.46 -19.08 47.16
CA GLN B 641 -11.62 -18.21 47.01
C GLN B 641 -12.06 -17.62 48.34
N LEU B 642 -12.10 -18.45 49.38
CA LEU B 642 -12.57 -17.96 50.66
C LEU B 642 -11.55 -17.02 51.28
N PHE B 643 -10.26 -17.34 51.13
CA PHE B 643 -9.22 -16.46 51.65
C PHE B 643 -9.31 -15.08 51.00
N VAL B 644 -9.45 -15.04 49.69
CA VAL B 644 -9.46 -13.78 48.95
C VAL B 644 -10.67 -12.93 49.36
N ALA B 645 -11.87 -13.53 49.39
CA ALA B 645 -13.06 -12.77 49.76
C ALA B 645 -12.93 -12.17 51.14
N LEU B 646 -12.39 -12.94 52.10
CA LEU B 646 -12.19 -12.44 53.44
C LEU B 646 -11.18 -11.30 53.47
N LYS B 647 -10.07 -11.45 52.74
CA LYS B 647 -9.07 -10.38 52.72
C LYS B 647 -9.62 -9.13 52.05
N GLN B 648 -10.31 -9.30 50.92
CA GLN B 648 -10.97 -8.16 50.27
C GLN B 648 -11.85 -7.39 51.25
N LEU B 649 -12.53 -8.09 52.14
CA LEU B 649 -13.45 -7.46 53.07
C LEU B 649 -12.80 -7.12 54.38
N GLY B 650 -11.47 -7.19 54.44
CA GLY B 650 -10.75 -6.81 55.63
C GLY B 650 -11.03 -7.68 56.83
N ARG B 651 -11.33 -8.96 56.65
CA ARG B 651 -11.57 -9.84 57.79
C ARG B 651 -10.29 -10.54 58.21
N GLU B 652 -10.29 -11.05 59.44
CA GLU B 652 -9.09 -11.71 59.97
C GLU B 652 -9.01 -13.13 59.42
N THR B 653 -7.92 -13.44 58.71
CA THR B 653 -7.75 -14.76 58.12
C THR B 653 -6.29 -14.94 57.68
N LYS B 654 -5.82 -16.20 57.70
CA LYS B 654 -4.53 -16.55 57.16
C LYS B 654 -4.70 -17.82 56.33
N LEU B 655 -3.87 -17.98 55.31
CA LEU B 655 -3.90 -19.17 54.46
C LEU B 655 -2.59 -19.93 54.63
N VAL B 656 -2.67 -21.16 55.10
CA VAL B 656 -1.48 -21.98 55.29
C VAL B 656 -1.56 -23.17 54.34
N ARG B 657 -0.56 -23.26 53.45
CA ARG B 657 -0.59 -24.16 52.30
C ARG B 657 0.50 -25.22 52.42
N PHE B 658 0.10 -26.49 52.41
CA PHE B 658 1.04 -27.58 52.64
C PHE B 658 1.51 -28.18 51.32
N PRO B 659 2.83 -28.21 51.08
CA PRO B 659 3.34 -28.68 49.79
C PRO B 659 3.29 -30.19 49.69
N ASP B 660 3.02 -30.67 48.47
CA ASP B 660 3.13 -32.08 48.12
C ASP B 660 2.16 -33.00 48.86
N ALA B 661 1.35 -32.46 49.77
CA ALA B 661 0.45 -33.29 50.56
C ALA B 661 -0.90 -33.41 49.85
N ASN B 662 -1.61 -34.51 50.10
CA ASN B 662 -2.96 -34.65 49.55
C ASN B 662 -3.97 -34.67 50.69
N HIS B 663 -5.21 -35.11 50.39
CA HIS B 663 -6.32 -34.97 51.32
C HIS B 663 -6.10 -35.75 52.61
N ASP B 664 -5.33 -36.83 52.56
CA ASP B 664 -5.14 -37.69 53.72
C ASP B 664 -3.96 -37.29 54.58
N LEU B 665 -3.45 -36.07 54.42
CA LEU B 665 -2.25 -35.63 55.15
C LEU B 665 -2.33 -35.91 56.65
N SER B 666 -3.46 -35.55 57.28
CA SER B 666 -3.59 -35.66 58.73
C SER B 666 -3.54 -37.08 59.22
N ARG B 667 -3.65 -38.06 58.33
CA ARG B 667 -3.66 -39.46 58.76
C ARG B 667 -2.42 -40.21 58.32
N THR B 668 -2.02 -40.04 57.06
CA THR B 668 -0.95 -40.84 56.50
C THR B 668 0.05 -40.01 55.73
N GLY B 669 0.04 -38.69 55.87
CA GLY B 669 0.98 -37.87 55.14
C GLY B 669 2.29 -37.77 55.88
N ASN B 670 3.18 -36.97 55.32
CA ASN B 670 4.50 -36.63 55.82
C ASN B 670 4.42 -36.27 57.30
N PRO B 671 5.03 -37.07 58.18
CA PRO B 671 4.91 -36.80 59.62
C PRO B 671 5.36 -35.40 60.03
N ALA B 672 6.45 -34.86 59.45
CA ALA B 672 6.82 -33.50 59.77
C ALA B 672 5.68 -32.52 59.43
N LEU B 673 5.02 -32.73 58.30
CA LEU B 673 3.89 -31.86 57.96
C LEU B 673 2.70 -32.11 58.87
N ARG B 674 2.47 -33.38 59.25
CA ARG B 674 1.44 -33.67 60.25
C ARG B 674 1.70 -32.91 61.54
N LEU B 675 2.97 -32.84 61.94
CA LEU B 675 3.33 -32.06 63.12
C LEU B 675 2.96 -30.60 62.93
N GLU B 676 3.30 -30.04 61.77
CA GLU B 676 3.06 -28.62 61.50
C GLU B 676 1.57 -28.31 61.47
N ARG B 677 0.77 -29.19 60.86
CA ARG B 677 -0.67 -28.95 60.85
C ARG B 677 -1.23 -28.92 62.27
N LEU B 678 -0.77 -29.84 63.13
CA LEU B 678 -1.22 -29.84 64.51
C LEU B 678 -0.78 -28.57 65.24
N ARG B 679 0.45 -28.12 65.00
CA ARG B 679 0.89 -26.88 65.64
C ARG B 679 0.04 -25.70 65.17
N HIS B 680 -0.22 -25.61 63.87
CA HIS B 680 -0.97 -24.46 63.35
C HIS B 680 -2.39 -24.43 63.92
N ILE B 681 -3.00 -25.59 64.17
CA ILE B 681 -4.34 -25.64 64.73
C ILE B 681 -4.33 -25.18 66.18
N VAL B 682 -3.44 -25.75 66.99
CA VAL B 682 -3.39 -25.40 68.40
C VAL B 682 -3.00 -23.94 68.58
N ASP B 683 -2.06 -23.44 67.76
CA ASP B 683 -1.60 -22.07 67.91
C ASP B 683 -2.72 -21.06 67.61
N TRP B 684 -3.56 -21.35 66.62
CA TRP B 684 -4.68 -20.47 66.32
C TRP B 684 -5.65 -20.40 67.50
N PHE B 685 -5.98 -21.54 68.09
CA PHE B 685 -6.88 -21.48 69.23
C PHE B 685 -6.20 -20.83 70.43
N ASP B 686 -4.92 -21.12 70.65
CA ASP B 686 -4.19 -20.42 71.71
C ASP B 686 -4.25 -18.91 71.53
N ARG B 687 -4.14 -18.44 70.29
CA ARG B 687 -4.13 -17.02 70.02
C ARG B 687 -5.49 -16.39 70.35
N TYR B 688 -6.59 -17.00 69.91
CA TYR B 688 -7.90 -16.37 69.99
C TYR B 688 -8.82 -16.94 71.08
N LEU B 689 -8.43 -17.99 71.78
CA LEU B 689 -9.32 -18.58 72.77
C LEU B 689 -8.81 -18.49 74.20
N LYS B 690 -7.51 -18.29 74.40
CA LYS B 690 -6.93 -18.24 75.73
C LYS B 690 -6.53 -16.80 76.10
N LEU C 32 6.86 -22.26 -1.31
CA LEU C 32 6.55 -23.01 -0.10
C LEU C 32 5.47 -22.29 0.68
N TYR C 33 4.88 -22.97 1.66
CA TYR C 33 3.82 -22.38 2.45
C TYR C 33 4.16 -22.53 3.93
N PHE C 34 3.59 -21.63 4.73
CA PHE C 34 3.95 -21.56 6.14
C PHE C 34 3.62 -22.86 6.85
N GLN C 35 4.58 -23.36 7.62
CA GLN C 35 4.39 -24.52 8.48
C GLN C 35 4.53 -24.08 9.94
N GLY C 36 3.96 -24.90 10.84
CA GLY C 36 4.14 -24.64 12.27
C GLY C 36 5.61 -24.56 12.66
N THR C 37 6.44 -25.45 12.12
CA THR C 37 7.87 -25.47 12.45
C THR C 37 8.59 -24.24 11.94
N ASP C 38 7.96 -23.39 11.13
CA ASP C 38 8.63 -22.17 10.72
C ASP C 38 8.79 -21.19 11.87
N LEU C 39 8.06 -21.39 12.99
CA LEU C 39 8.27 -20.51 14.13
C LEU C 39 9.68 -20.70 14.69
N LEU C 40 10.28 -21.87 14.48
CA LEU C 40 11.66 -22.10 14.91
C LEU C 40 12.68 -21.30 14.11
N ARG C 41 12.35 -20.87 12.89
CA ARG C 41 13.26 -20.08 12.07
C ARG C 41 13.10 -18.58 12.30
N LEU C 42 11.98 -18.17 12.87
CA LEU C 42 11.72 -16.75 13.04
C LEU C 42 12.85 -16.10 13.85
N ARG C 43 13.25 -14.91 13.41
CA ARG C 43 14.22 -14.10 14.10
C ARG C 43 13.61 -12.72 14.30
N SER C 44 13.69 -12.21 15.53
CA SER C 44 13.06 -10.95 15.92
C SER C 44 14.16 -9.96 16.31
N VAL C 45 14.40 -8.99 15.42
CA VAL C 45 15.27 -7.87 15.74
C VAL C 45 14.47 -6.83 16.51
N ARG C 46 15.11 -6.17 17.47
CA ARG C 46 14.35 -5.36 18.42
C ARG C 46 15.31 -4.40 19.08
N ASP C 47 14.75 -3.39 19.73
CA ASP C 47 15.48 -2.62 20.73
C ASP C 47 16.77 -2.02 20.18
N PRO C 48 16.70 -1.16 19.16
CA PRO C 48 17.91 -0.47 18.71
C PRO C 48 18.25 0.75 19.55
N HIS C 49 19.56 1.02 19.66
CA HIS C 49 20.05 2.21 20.35
C HIS C 49 21.27 2.75 19.60
N TYR C 50 21.29 4.07 19.36
CA TYR C 50 22.42 4.70 18.67
C TYR C 50 23.65 4.77 19.56
N ALA C 51 24.81 4.57 18.94
CA ALA C 51 26.04 5.08 19.54
C ALA C 51 25.91 6.60 19.71
N PRO C 52 26.62 7.19 20.68
CA PRO C 52 26.46 8.64 20.89
C PRO C 52 26.88 9.49 19.68
N ASP C 53 27.79 9.00 18.83
CA ASP C 53 28.15 9.73 17.62
C ASP C 53 27.11 9.57 16.52
N GLY C 54 26.07 8.78 16.75
CA GLY C 54 25.02 8.61 15.76
C GLY C 54 25.41 7.85 14.52
N THR C 55 26.64 7.34 14.42
CA THR C 55 27.10 6.67 13.21
C THR C 55 26.85 5.17 13.21
N ARG C 56 26.52 4.57 14.36
CA ARG C 56 26.14 3.16 14.34
C ARG C 56 25.13 2.90 15.46
N ALA C 57 24.55 1.71 15.43
CA ALA C 57 23.55 1.35 16.42
C ALA C 57 23.73 -0.11 16.83
N VAL C 58 23.49 -0.38 18.10
CA VAL C 58 23.38 -1.73 18.61
C VAL C 58 21.90 -2.12 18.66
N PHE C 59 21.63 -3.40 18.41
CA PHE C 59 20.28 -3.92 18.58
C PHE C 59 20.38 -5.39 18.95
N VAL C 60 19.22 -6.01 19.20
CA VAL C 60 19.11 -7.38 19.71
C VAL C 60 18.42 -8.24 18.66
N GLU C 61 18.89 -9.48 18.52
CA GLU C 61 18.24 -10.46 17.66
C GLU C 61 17.88 -11.66 18.53
N LYS C 62 16.57 -11.93 18.69
CA LYS C 62 16.07 -13.09 19.44
C LYS C 62 15.73 -14.22 18.47
N SER C 63 16.19 -15.42 18.81
CA SER C 63 16.03 -16.56 17.92
C SER C 63 15.71 -17.82 18.73
N ILE C 64 15.45 -18.90 18.01
CA ILE C 64 15.35 -20.23 18.57
C ILE C 64 16.43 -21.09 17.92
N ASP C 65 17.23 -21.78 18.75
CA ASP C 65 18.40 -22.47 18.23
C ASP C 65 18.06 -23.92 17.90
N GLU C 66 19.09 -24.69 17.51
CA GLU C 66 18.87 -26.06 17.06
C GLU C 66 18.26 -26.94 18.14
N GLU C 67 18.54 -26.63 19.40
CA GLU C 67 18.01 -27.38 20.52
C GLU C 67 16.63 -26.86 20.93
N LYS C 68 15.98 -26.10 20.06
CA LYS C 68 14.66 -25.53 20.28
C LYS C 68 14.63 -24.68 21.55
N GLN C 69 15.72 -24.01 21.86
CA GLN C 69 15.79 -23.09 22.99
C GLN C 69 15.91 -21.66 22.48
N TYR C 70 15.39 -20.71 23.25
CA TYR C 70 15.52 -19.31 22.88
C TYR C 70 16.96 -18.83 23.07
N ARG C 71 17.40 -17.95 22.19
CA ARG C 71 18.63 -17.23 22.37
C ARG C 71 18.42 -15.80 21.88
N SER C 72 19.13 -14.85 22.50
CA SER C 72 19.20 -13.50 21.96
C SER C 72 20.63 -12.97 22.08
N HIS C 73 21.05 -12.26 21.03
CA HIS C 73 22.41 -11.77 20.91
C HIS C 73 22.40 -10.32 20.44
N LEU C 74 23.49 -9.64 20.70
CA LEU C 74 23.67 -8.27 20.25
C LEU C 74 24.21 -8.24 18.83
N TRP C 75 23.78 -7.25 18.08
CA TRP C 75 24.17 -7.05 16.70
C TRP C 75 24.44 -5.56 16.55
N ILE C 76 25.21 -5.21 15.52
CA ILE C 76 25.60 -3.82 15.28
C ILE C 76 25.26 -3.48 13.85
N TRP C 77 24.50 -2.38 13.68
CA TRP C 77 24.37 -1.76 12.37
C TRP C 77 25.44 -0.67 12.26
N ALA C 78 26.31 -0.77 11.27
CA ALA C 78 27.47 0.11 11.18
C ALA C 78 27.30 1.13 10.07
N ALA C 79 28.15 2.15 10.13
CA ALA C 79 28.01 3.26 9.19
C ALA C 79 28.05 2.78 7.76
N ASP C 80 28.86 1.76 7.46
CA ASP C 80 28.96 1.25 6.10
C ASP C 80 27.75 0.42 5.69
N GLY C 81 26.72 0.32 6.52
CA GLY C 81 25.56 -0.49 6.21
C GLY C 81 25.69 -1.95 6.56
N SER C 82 26.85 -2.38 7.06
CA SER C 82 27.02 -3.76 7.46
C SER C 82 26.27 -4.05 8.75
N VAL C 83 25.74 -5.26 8.85
CA VAL C 83 25.02 -5.73 10.02
C VAL C 83 25.74 -6.97 10.51
N ARG C 84 26.39 -6.86 11.68
CA ARG C 84 27.24 -7.93 12.18
C ARG C 84 26.86 -8.31 13.61
N GLN C 85 26.98 -9.61 13.89
CA GLN C 85 26.72 -10.16 15.21
C GLN C 85 27.91 -9.94 16.14
N TRP C 86 27.63 -9.57 17.40
CA TRP C 86 28.66 -9.23 18.38
C TRP C 86 28.64 -10.12 19.63
N THR C 87 27.57 -10.87 19.90
CA THR C 87 27.59 -11.88 20.96
C THR C 87 27.00 -13.18 20.42
N PHE C 88 27.36 -14.31 21.05
CA PHE C 88 27.24 -15.60 20.35
C PHE C 88 26.81 -16.79 21.19
N GLY C 89 26.89 -16.77 22.52
CA GLY C 89 26.66 -17.98 23.29
C GLY C 89 25.21 -18.48 23.38
N ARG C 90 25.08 -19.63 24.06
CA ARG C 90 23.83 -20.31 24.31
C ARG C 90 23.17 -19.67 25.54
N TRP C 91 22.69 -18.47 25.33
CA TRP C 91 22.14 -17.67 26.42
C TRP C 91 21.36 -16.50 25.81
N ARG C 92 20.93 -15.58 26.65
CA ARG C 92 20.15 -14.44 26.20
C ARG C 92 20.83 -13.15 26.62
N ASP C 93 21.19 -12.33 25.63
CA ASP C 93 21.63 -10.95 25.87
C ASP C 93 20.50 -10.00 25.49
N MET C 94 20.37 -8.91 26.26
CA MET C 94 19.20 -8.03 26.17
C MET C 94 19.60 -6.61 26.52
N LYS C 95 18.75 -5.67 26.10
CA LYS C 95 18.81 -4.29 26.55
C LYS C 95 20.21 -3.68 26.44
N PRO C 96 20.81 -3.66 25.25
CA PRO C 96 22.11 -3.01 25.07
C PRO C 96 21.97 -1.49 25.05
N ARG C 97 22.83 -0.80 25.81
CA ARG C 97 22.91 0.66 25.78
C ARG C 97 24.37 1.09 25.74
N PHE C 98 24.69 2.01 24.82
CA PHE C 98 26.01 2.61 24.79
C PHE C 98 26.21 3.54 25.98
N SER C 99 27.42 3.50 26.53
CA SER C 99 27.79 4.46 27.55
C SER C 99 27.76 5.89 26.97
N PRO C 100 27.66 6.90 27.84
CA PRO C 100 27.74 8.29 27.35
C PRO C 100 28.99 8.59 26.51
N ARG C 101 30.16 8.03 26.85
CA ARG C 101 31.33 8.24 25.98
C ARG C 101 31.23 7.47 24.68
N GLY C 102 30.45 6.39 24.65
CA GLY C 102 30.40 5.52 23.49
C GLY C 102 31.40 4.38 23.54
N GLU C 103 32.18 4.26 24.60
CA GLU C 103 33.25 3.27 24.66
C GLU C 103 32.80 1.91 25.19
N ILE C 104 31.62 1.81 25.78
CA ILE C 104 31.15 0.55 26.36
C ILE C 104 29.70 0.34 25.97
N ILE C 105 29.36 -0.89 25.58
CA ILE C 105 28.00 -1.32 25.39
C ILE C 105 27.62 -2.11 26.65
N ALA C 106 26.81 -1.50 27.51
CA ALA C 106 26.22 -2.21 28.63
C ALA C 106 25.08 -3.05 28.13
N PHE C 107 24.83 -4.17 28.80
CA PHE C 107 23.70 -5.01 28.44
C PHE C 107 23.41 -5.97 29.57
N LEU C 108 22.25 -6.60 29.48
CA LEU C 108 21.83 -7.63 30.43
C LEU C 108 21.98 -9.00 29.77
N SER C 109 22.38 -9.97 30.57
CA SER C 109 22.56 -11.32 30.06
C SER C 109 22.27 -12.30 31.18
N ASP C 110 21.74 -13.46 30.82
CA ASP C 110 21.50 -14.52 31.80
C ASP C 110 22.59 -15.60 31.73
N ARG C 111 23.72 -15.31 31.07
CA ARG C 111 24.71 -16.35 30.82
C ARG C 111 25.28 -16.92 32.13
N SER C 112 25.32 -16.13 33.20
CA SER C 112 25.85 -16.62 34.47
C SER C 112 24.88 -17.55 35.21
N GLY C 113 23.62 -17.61 34.81
CA GLY C 113 22.59 -18.32 35.53
C GLY C 113 21.53 -17.42 36.11
N ARG C 114 21.83 -16.14 36.28
CA ARG C 114 20.81 -15.14 36.54
C ARG C 114 21.02 -14.02 35.55
N THR C 115 20.00 -13.18 35.39
CA THR C 115 20.20 -12.02 34.55
C THR C 115 21.05 -11.01 35.32
N GLN C 116 22.16 -10.58 34.71
CA GLN C 116 23.03 -9.60 35.35
C GLN C 116 23.46 -8.58 34.32
N LEU C 117 24.07 -7.51 34.81
CA LEU C 117 24.61 -6.46 33.96
C LEU C 117 26.04 -6.83 33.55
N TRP C 118 26.29 -6.88 32.24
CA TRP C 118 27.61 -7.11 31.67
C TRP C 118 28.07 -5.88 30.89
N LEU C 119 29.37 -5.81 30.63
CA LEU C 119 29.98 -4.68 29.92
C LEU C 119 30.80 -5.21 28.77
N LEU C 120 30.41 -4.83 27.56
CA LEU C 120 31.14 -5.17 26.36
C LEU C 120 31.85 -3.92 25.85
N PRO C 121 33.17 -3.93 25.65
CA PRO C 121 33.84 -2.78 25.03
C PRO C 121 33.32 -2.54 23.63
N ALA C 122 33.21 -1.26 23.26
CA ALA C 122 32.73 -0.90 21.94
C ALA C 122 33.78 -1.07 20.84
N ASN C 123 35.06 -1.30 21.19
CA ASN C 123 36.12 -1.32 20.18
C ASN C 123 37.00 -2.56 20.27
N GLY C 124 36.54 -3.62 20.91
CA GLY C 124 37.37 -4.81 21.01
C GLY C 124 37.52 -5.44 22.38
N GLY C 125 37.33 -6.74 22.43
CA GLY C 125 37.37 -7.47 23.68
C GLY C 125 36.03 -8.07 24.03
N GLU C 126 36.08 -9.11 24.86
CA GLU C 126 34.87 -9.78 25.30
C GLU C 126 34.21 -9.01 26.44
N ALA C 127 33.01 -9.43 26.77
CA ALA C 127 32.25 -8.78 27.83
C ALA C 127 32.75 -9.26 29.19
N ARG C 128 32.67 -8.36 30.16
CA ARG C 128 32.96 -8.74 31.54
C ARG C 128 31.72 -8.52 32.40
N GLN C 129 31.58 -9.39 33.38
CA GLN C 129 30.41 -9.38 34.23
C GLN C 129 30.58 -8.29 35.29
N LEU C 130 29.59 -7.42 35.43
CA LEU C 130 29.68 -6.36 36.42
C LEU C 130 28.92 -6.65 37.71
N THR C 131 27.70 -7.18 37.62
CA THR C 131 26.90 -7.41 38.82
C THR C 131 26.79 -8.90 39.13
N PHE C 132 26.67 -9.19 40.42
CA PHE C 132 26.62 -10.54 40.94
C PHE C 132 25.50 -10.71 41.97
N PHE C 133 24.36 -10.04 41.79
CA PHE C 133 23.27 -10.15 42.77
C PHE C 133 22.70 -11.55 42.77
N LYS C 134 22.49 -12.09 43.97
CA LYS C 134 21.77 -13.35 44.12
C LYS C 134 20.49 -13.37 43.29
N ASN C 135 19.70 -12.31 43.35
CA ASN C 135 18.45 -12.22 42.60
C ASN C 135 18.60 -11.50 41.26
N GLY C 136 19.83 -11.30 40.79
CA GLY C 136 20.00 -10.69 39.48
C GLY C 136 19.48 -9.26 39.36
N VAL C 137 19.37 -8.83 38.10
CA VAL C 137 19.06 -7.45 37.75
C VAL C 137 17.89 -7.42 36.77
N ARG C 138 16.91 -6.58 37.05
CA ARG C 138 15.74 -6.42 36.19
C ARG C 138 15.94 -5.37 35.10
N ASP C 139 16.61 -4.27 35.43
CA ASP C 139 16.67 -3.10 34.57
C ASP C 139 17.88 -2.27 35.01
N TYR C 140 18.33 -1.37 34.14
CA TYR C 140 19.47 -0.52 34.49
C TYR C 140 19.48 0.74 33.63
N VAL C 141 20.10 1.80 34.15
CA VAL C 141 20.47 2.97 33.34
C VAL C 141 21.93 3.32 33.54
N TRP C 142 22.49 4.04 32.56
CA TRP C 142 23.83 4.63 32.68
C TRP C 142 23.76 5.93 33.47
N SER C 143 24.78 6.19 34.29
CA SER C 143 24.91 7.57 34.77
C SER C 143 25.30 8.43 33.59
N PRO C 144 24.92 9.71 33.59
CA PRO C 144 25.28 10.58 32.45
C PRO C 144 26.76 10.84 32.33
N ASP C 145 27.54 10.59 33.39
CA ASP C 145 28.99 10.75 33.30
C ASP C 145 29.70 9.45 33.01
N GLY C 146 28.96 8.36 32.88
CA GLY C 146 29.55 7.09 32.48
C GLY C 146 30.38 6.38 33.52
N THR C 147 30.50 6.91 34.74
CA THR C 147 31.30 6.25 35.75
C THR C 147 30.55 5.15 36.48
N PHE C 148 29.22 5.13 36.41
CA PHE C 148 28.44 4.11 37.08
C PHE C 148 27.14 3.88 36.36
N LEU C 149 26.49 2.79 36.73
CA LEU C 149 25.19 2.43 36.24
C LEU C 149 24.29 2.25 37.44
N ILE C 150 22.99 2.40 37.23
CA ILE C 150 22.01 2.21 38.28
C ILE C 150 21.21 0.98 37.89
N THR C 151 21.22 -0.03 38.77
CA THR C 151 20.55 -1.30 38.49
C THR C 151 19.42 -1.55 39.49
N LEU C 152 18.37 -2.19 39.00
CA LEU C 152 17.26 -2.62 39.85
C LEU C 152 17.46 -4.08 40.19
N THR C 153 17.52 -4.39 41.48
CA THR C 153 17.51 -5.75 41.98
C THR C 153 16.41 -5.88 43.02
N THR C 154 16.23 -7.08 43.55
CA THR C 154 15.27 -7.32 44.61
C THR C 154 15.93 -8.11 45.73
N LEU C 155 15.40 -7.94 46.95
CA LEU C 155 15.96 -8.54 48.15
C LEU C 155 14.85 -9.03 49.08
N GLY C 156 15.00 -10.26 49.57
CA GLY C 156 14.25 -10.67 50.75
C GLY C 156 14.65 -9.84 51.97
N ASP C 157 13.77 -9.83 52.98
CA ASP C 157 14.02 -9.00 54.15
C ASP C 157 15.30 -9.40 54.86
N ASP C 158 15.68 -10.67 54.77
CA ASP C 158 16.92 -11.18 55.33
C ASP C 158 18.10 -11.08 54.37
N GLU C 159 17.92 -10.47 53.20
CA GLU C 159 18.98 -10.39 52.21
C GLU C 159 19.47 -8.96 52.06
N THR C 160 20.69 -8.83 51.54
CA THR C 160 21.32 -7.54 51.32
C THR C 160 21.87 -7.48 49.90
N ILE C 161 22.25 -6.27 49.48
CA ILE C 161 22.87 -6.11 48.17
C ILE C 161 24.23 -6.79 48.09
N GLU C 162 24.77 -7.22 49.23
CA GLU C 162 26.02 -7.96 49.24
C GLU C 162 25.83 -9.44 48.97
N ASP C 163 24.60 -9.95 48.97
CA ASP C 163 24.35 -11.36 48.68
C ASP C 163 24.54 -11.63 47.19
N ARG C 164 25.24 -12.73 46.86
CA ARG C 164 25.72 -12.98 45.52
C ARG C 164 25.14 -14.26 44.96
N GLU C 165 25.02 -14.32 43.61
CA GLU C 165 24.43 -15.49 42.98
C GLU C 165 25.23 -16.73 43.34
N GLU C 166 24.54 -17.77 43.82
CA GLU C 166 25.12 -19.04 44.20
C GLU C 166 24.53 -20.11 43.29
N PRO C 167 25.05 -20.26 42.06
CA PRO C 167 24.55 -21.27 41.12
C PRO C 167 25.11 -22.68 41.41
N ASP C 176 11.04 -31.58 58.25
CA ASP C 176 11.78 -31.01 57.12
C ASP C 176 10.96 -29.98 56.30
N LEU C 177 9.89 -30.42 55.65
CA LEU C 177 9.13 -29.55 54.76
C LEU C 177 8.39 -28.47 55.53
N LYS C 178 8.10 -27.36 54.86
CA LYS C 178 7.54 -26.19 55.51
C LYS C 178 6.29 -25.73 54.77
N PRO C 179 5.17 -25.53 55.46
CA PRO C 179 4.02 -24.92 54.80
C PRO C 179 4.31 -23.46 54.49
N ARG C 180 3.63 -22.95 53.47
CA ARG C 180 3.75 -21.55 53.07
C ARG C 180 2.56 -20.79 53.65
N VAL C 181 2.84 -19.69 54.32
CA VAL C 181 1.83 -18.89 55.00
C VAL C 181 1.52 -17.68 54.13
N VAL C 182 0.25 -17.55 53.72
CA VAL C 182 -0.20 -16.47 52.84
C VAL C 182 -1.02 -15.48 53.66
N GLU C 183 -0.72 -14.20 53.51
CA GLU C 183 -1.33 -13.19 54.35
C GLU C 183 -1.68 -11.94 53.56
N ARG C 184 -1.64 -12.00 52.24
CA ARG C 184 -1.95 -10.84 51.41
C ARG C 184 -2.68 -11.30 50.15
N LEU C 185 -3.34 -10.33 49.50
CA LEU C 185 -4.15 -10.64 48.34
C LEU C 185 -3.29 -10.97 47.12
N TYR C 186 -2.17 -10.27 46.95
CA TYR C 186 -1.32 -10.47 45.78
C TYR C 186 -0.13 -11.31 46.23
N TYR C 187 -0.28 -12.65 46.16
CA TYR C 187 0.73 -13.58 46.68
C TYR C 187 1.36 -14.45 45.62
N LYS C 188 0.96 -14.31 44.36
CA LYS C 188 1.45 -15.14 43.27
C LYS C 188 1.31 -14.36 41.98
N SER C 189 2.07 -14.78 40.97
CA SER C 189 2.00 -14.14 39.67
C SER C 189 2.13 -15.23 38.61
N ASP C 190 1.55 -14.94 37.45
CA ASP C 190 1.73 -15.83 36.30
C ASP C 190 3.19 -15.88 35.89
N ALA C 191 3.89 -14.76 36.00
CA ALA C 191 5.27 -14.70 35.54
C ALA C 191 6.19 -15.58 36.39
N SER C 192 5.95 -15.65 37.71
CA SER C 192 6.91 -16.32 38.57
C SER C 192 6.29 -17.17 39.67
N GLY C 193 4.97 -17.38 39.66
CA GLY C 193 4.37 -18.32 40.60
C GLY C 193 4.26 -17.69 41.97
N PHE C 194 4.44 -18.50 43.00
CA PHE C 194 4.35 -18.00 44.36
C PHE C 194 5.40 -16.91 44.58
N LEU C 195 4.95 -15.78 45.09
CA LEU C 195 5.82 -14.68 45.41
C LEU C 195 6.34 -14.84 46.82
N ASP C 196 7.54 -14.30 47.06
CA ASP C 196 8.10 -14.22 48.40
C ASP C 196 8.04 -12.83 48.98
N GLY C 197 7.50 -11.88 48.23
CA GLY C 197 7.50 -10.49 48.66
C GLY C 197 8.87 -9.85 48.78
N LYS C 198 9.77 -10.12 47.85
CA LYS C 198 11.02 -9.37 47.86
C LYS C 198 10.73 -7.91 47.55
N ARG C 199 11.50 -7.04 48.17
CA ARG C 199 11.39 -5.62 47.92
C ARG C 199 12.43 -5.20 46.90
N ALA C 200 12.12 -4.11 46.18
CA ALA C 200 12.95 -3.65 45.07
C ALA C 200 13.90 -2.56 45.54
N VAL C 201 15.14 -2.62 45.03
CA VAL C 201 16.19 -1.71 45.44
C VAL C 201 16.91 -1.23 44.18
N LEU C 202 17.15 0.07 44.10
CA LEU C 202 17.97 0.63 43.03
C LEU C 202 19.36 0.81 43.60
N THR C 203 20.38 0.28 42.90
CA THR C 203 21.75 0.35 43.41
C THR C 203 22.65 1.04 42.40
N ARG C 204 23.59 1.82 42.92
CA ARG C 204 24.67 2.36 42.09
C ARG C 204 25.76 1.29 41.99
N ILE C 205 26.25 1.05 40.78
CA ILE C 205 27.34 0.10 40.53
C ILE C 205 28.49 0.83 39.85
N ASP C 206 29.65 0.84 40.48
CA ASP C 206 30.79 1.52 39.89
C ASP C 206 31.32 0.76 38.67
N VAL C 207 31.58 1.49 37.59
CA VAL C 207 31.82 0.85 36.29
C VAL C 207 33.10 0.02 36.32
N LEU C 208 34.12 0.47 37.04
CA LEU C 208 35.38 -0.27 37.11
C LEU C 208 35.33 -1.31 38.23
N SER C 209 35.15 -0.84 39.47
CA SER C 209 35.27 -1.71 40.64
C SER C 209 34.07 -2.61 40.86
N GLY C 210 32.91 -2.30 40.28
CA GLY C 210 31.73 -3.06 40.60
C GLY C 210 31.19 -2.84 42.00
N LYS C 211 31.81 -1.96 42.79
CA LYS C 211 31.29 -1.64 44.11
C LYS C 211 29.83 -1.19 44.01
N SER C 212 28.99 -1.73 44.90
CA SER C 212 27.55 -1.46 44.89
C SER C 212 27.13 -0.67 46.13
N GLU C 213 26.17 0.24 45.95
CA GLU C 213 25.66 1.05 47.04
C GLU C 213 24.17 1.28 46.82
N ALA C 214 23.35 0.91 47.81
CA ALA C 214 21.92 1.10 47.68
C ALA C 214 21.59 2.58 47.57
N LEU C 215 20.79 2.93 46.57
CA LEU C 215 20.32 4.30 46.42
C LEU C 215 18.94 4.53 47.02
N THR C 216 18.01 3.59 46.83
CA THR C 216 16.72 3.68 47.47
C THR C 216 16.72 2.83 48.73
N GLY C 217 15.68 2.99 49.53
CA GLY C 217 15.37 1.99 50.52
C GLY C 217 14.79 0.77 49.82
N ARG C 218 14.27 -0.15 50.64
CA ARG C 218 13.58 -1.33 50.14
C ARG C 218 12.15 -0.94 49.79
N GLU C 219 11.87 -0.84 48.49
CA GLU C 219 10.57 -0.38 47.99
C GLU C 219 9.64 -1.57 47.77
N GLU C 220 8.35 -1.35 48.04
CA GLU C 220 7.36 -2.40 47.78
C GLU C 220 7.33 -2.78 46.31
N GLU C 221 7.60 -1.81 45.44
CA GLU C 221 7.58 -1.99 44.00
C GLU C 221 8.25 -0.81 43.32
N ILE C 222 9.14 -1.07 42.38
CA ILE C 222 9.80 -0.01 41.61
C ILE C 222 9.51 -0.28 40.15
N GLY C 223 9.00 0.73 39.46
CA GLY C 223 8.76 0.58 38.03
C GLY C 223 9.87 1.23 37.23
N SER C 224 9.47 2.19 36.40
CA SER C 224 10.37 2.89 35.50
C SER C 224 11.29 3.83 36.28
N PHE C 225 12.53 3.99 35.80
CA PHE C 225 13.40 4.94 36.47
C PHE C 225 14.37 5.56 35.46
N ALA C 226 14.90 6.72 35.84
CA ALA C 226 15.63 7.56 34.89
C ALA C 226 16.37 8.63 35.70
N ILE C 227 17.63 8.88 35.35
CA ILE C 227 18.44 9.86 36.05
C ILE C 227 18.60 11.09 35.16
N SER C 228 18.55 12.27 35.77
CA SER C 228 18.59 13.53 35.04
C SER C 228 19.92 13.71 34.29
N PRO C 229 19.92 14.49 33.21
CA PRO C 229 21.15 14.65 32.41
C PRO C 229 22.31 15.23 33.17
N ASN C 230 22.06 15.99 34.24
CA ASN C 230 23.13 16.55 35.07
C ASN C 230 23.58 15.62 36.18
N GLY C 231 23.01 14.41 36.25
CA GLY C 231 23.42 13.42 37.23
C GLY C 231 22.95 13.67 38.64
N ARG C 232 22.13 14.69 38.87
CA ARG C 232 21.78 15.01 40.26
C ARG C 232 20.54 14.28 40.75
N THR C 233 19.63 13.88 39.86
CA THR C 233 18.33 13.42 40.32
C THR C 233 17.96 12.08 39.70
N LEU C 234 17.49 11.17 40.55
CA LEU C 234 16.97 9.89 40.11
C LEU C 234 15.46 9.86 40.30
N ALA C 235 14.73 9.71 39.20
CA ALA C 235 13.27 9.58 39.26
C ALA C 235 12.91 8.11 39.11
N PHE C 236 11.96 7.64 39.93
CA PHE C 236 11.48 6.28 39.78
C PHE C 236 10.01 6.19 40.17
N VAL C 237 9.33 5.20 39.62
CA VAL C 237 7.91 4.95 39.88
C VAL C 237 7.81 3.94 41.01
N ALA C 238 7.06 4.27 42.04
CA ALA C 238 6.97 3.42 43.22
C ALA C 238 5.53 3.21 43.64
N ASN C 239 5.26 2.07 44.28
CA ASN C 239 3.97 1.87 44.95
C ASN C 239 4.13 2.27 46.41
N ARG C 240 3.67 3.48 46.74
CA ARG C 240 3.77 4.00 48.10
C ARG C 240 2.45 3.91 48.87
N ASN C 241 1.49 3.11 48.40
CA ASN C 241 0.19 3.04 49.05
C ASN C 241 0.24 2.16 50.30
N GLU C 242 -0.64 2.45 51.26
CA GLU C 242 -0.64 1.71 52.52
C GLU C 242 -1.10 0.27 52.33
N ASP C 243 -2.00 0.04 51.38
CA ASP C 243 -2.39 -1.28 50.92
C ASP C 243 -1.90 -1.39 49.49
N PRO C 244 -0.70 -1.93 49.25
CA PRO C 244 -0.16 -1.88 47.89
C PRO C 244 -0.93 -2.75 46.92
N ASP C 245 -1.45 -3.89 47.39
CA ASP C 245 -2.12 -4.84 46.51
C ASP C 245 -3.47 -4.31 46.03
N THR C 246 -4.11 -3.43 46.80
CA THR C 246 -5.47 -3.01 46.44
C THR C 246 -5.58 -1.56 46.00
N THR C 247 -4.48 -0.84 45.89
CA THR C 247 -4.49 0.53 45.40
C THR C 247 -3.57 0.61 44.21
N PHE C 248 -4.02 1.27 43.16
CA PHE C 248 -3.38 1.13 41.87
C PHE C 248 -2.80 2.42 41.34
N THR C 249 -2.85 3.49 42.14
CA THR C 249 -2.04 4.64 41.79
C THR C 249 -0.56 4.32 42.00
N ARG C 250 0.28 4.97 41.22
CA ARG C 250 1.73 4.79 41.31
C ARG C 250 2.39 6.16 41.26
N ASP C 251 3.28 6.44 42.21
CA ASP C 251 3.88 7.76 42.34
C ASP C 251 5.24 7.83 41.68
N ILE C 252 5.52 8.99 41.06
CA ILE C 252 6.87 9.36 40.62
C ILE C 252 7.60 9.99 41.80
N VAL C 253 8.68 9.37 42.23
CA VAL C 253 9.49 9.84 43.36
C VAL C 253 10.80 10.37 42.81
N LEU C 254 11.21 11.53 43.29
CA LEU C 254 12.49 12.13 42.90
C LEU C 254 13.47 11.95 44.04
N LEU C 255 14.66 11.44 43.73
CA LEU C 255 15.69 11.22 44.72
C LEU C 255 16.88 12.12 44.38
N ASP C 256 17.16 13.08 45.25
CA ASP C 256 18.41 13.83 45.19
C ASP C 256 19.55 12.89 45.59
N LEU C 257 20.38 12.50 44.62
CA LEU C 257 21.46 11.55 44.91
C LEU C 257 22.41 12.10 45.98
N GLU C 258 22.82 13.36 45.85
CA GLU C 258 23.72 13.97 46.82
C GLU C 258 23.11 14.04 48.21
N SER C 259 21.91 14.62 48.33
CA SER C 259 21.30 14.82 49.64
C SER C 259 20.61 13.57 50.16
N LYS C 260 20.28 12.61 49.29
CA LYS C 260 19.57 11.39 49.62
C LYS C 260 18.12 11.65 50.04
N ALA C 261 17.59 12.84 49.77
CA ALA C 261 16.22 13.17 50.11
C ALA C 261 15.29 12.90 48.92
N GLU C 262 14.08 12.41 49.23
CA GLU C 262 13.08 12.06 48.23
C GLU C 262 11.87 12.97 48.34
N THR C 263 11.34 13.37 47.19
CA THR C 263 10.11 14.16 47.15
C THR C 263 9.11 13.47 46.22
N ASN C 264 7.84 13.53 46.58
CA ASN C 264 6.78 12.85 45.84
C ASN C 264 6.19 13.81 44.84
N LEU C 265 6.34 13.48 43.55
CA LEU C 265 5.96 14.40 42.49
C LEU C 265 4.46 14.34 42.17
N THR C 266 3.81 13.21 42.43
CA THR C 266 2.45 12.99 41.95
C THR C 266 1.41 12.87 43.05
N ASN C 267 1.78 12.33 44.20
CA ASN C 267 0.92 12.28 45.38
C ASN C 267 -0.46 11.70 45.05
N GLY C 268 -0.45 10.59 44.31
CA GLY C 268 -1.65 9.83 44.07
C GLY C 268 -2.50 10.28 42.89
N CYS C 269 -1.98 11.11 42.00
CA CYS C 269 -2.80 11.60 40.90
C CYS C 269 -2.92 10.61 39.74
N GLY C 270 -2.30 9.44 39.82
CA GLY C 270 -2.43 8.53 38.69
C GLY C 270 -1.42 7.39 38.80
N THR C 271 -1.08 6.84 37.63
CA THR C 271 -0.04 5.84 37.51
C THR C 271 0.78 6.21 36.28
N PHE C 272 2.07 5.86 36.31
CA PHE C 272 2.99 6.33 35.27
C PHE C 272 4.02 5.27 34.94
N ALA C 273 4.59 5.41 33.74
CA ALA C 273 5.62 4.52 33.23
C ALA C 273 6.52 5.32 32.30
N SER C 274 7.55 4.66 31.77
CA SER C 274 8.43 5.19 30.71
C SER C 274 8.88 6.63 30.97
N LEU C 275 9.55 6.84 32.10
CA LEU C 275 10.02 8.18 32.42
C LEU C 275 11.17 8.60 31.51
N ALA C 276 11.23 9.90 31.20
CA ALA C 276 12.29 10.41 30.34
C ALA C 276 12.50 11.88 30.66
N TRP C 277 13.74 12.21 31.06
CA TRP C 277 14.13 13.59 31.32
C TRP C 277 14.37 14.33 30.00
N SER C 278 14.02 15.62 29.99
CA SER C 278 14.32 16.46 28.85
C SER C 278 15.82 16.75 28.76
N PRO C 279 16.34 17.07 27.55
CA PRO C 279 17.76 17.41 27.43
C PRO C 279 18.25 18.42 28.45
N ASP C 280 17.47 19.44 28.73
CA ASP C 280 17.94 20.48 29.65
C ASP C 280 17.66 20.14 31.11
N GLY C 281 17.01 19.00 31.37
CA GLY C 281 16.81 18.55 32.73
C GLY C 281 15.72 19.26 33.51
N THR C 282 14.96 20.15 32.88
CA THR C 282 13.94 20.92 33.58
C THR C 282 12.55 20.28 33.49
N LYS C 283 12.38 19.29 32.62
CA LYS C 283 11.12 18.60 32.44
C LYS C 283 11.33 17.10 32.49
N LEU C 284 10.30 16.39 32.97
CA LEU C 284 10.28 14.93 33.03
C LEU C 284 9.00 14.47 32.36
N ALA C 285 9.13 13.63 31.34
CA ALA C 285 8.01 13.05 30.61
C ALA C 285 7.72 11.66 31.15
N ALA C 286 6.44 11.27 31.08
CA ALA C 286 5.97 9.98 31.54
C ALA C 286 4.76 9.59 30.72
N ILE C 287 4.59 8.30 30.49
CA ILE C 287 3.30 7.80 30.00
C ILE C 287 2.44 7.50 31.22
N GLY C 288 1.22 8.03 31.23
CA GLY C 288 0.40 7.81 32.39
C GLY C 288 -1.05 8.12 32.14
N HIS C 289 -1.83 8.01 33.22
CA HIS C 289 -3.28 8.21 33.19
C HIS C 289 -3.77 8.20 34.63
N ASP C 290 -5.06 8.51 34.79
CA ASP C 290 -5.65 8.72 36.09
C ASP C 290 -6.63 7.63 36.50
N LEU C 291 -6.66 6.50 35.79
CA LEU C 291 -7.48 5.36 36.19
C LEU C 291 -8.98 5.67 36.18
N ALA C 292 -9.39 6.74 35.50
CA ALA C 292 -10.82 7.06 35.45
C ALA C 292 -11.64 5.97 34.79
N TYR C 293 -11.04 5.15 33.91
CA TYR C 293 -11.71 3.99 33.35
C TYR C 293 -11.01 2.68 33.68
N LEU C 294 -10.31 2.65 34.82
CA LEU C 294 -9.58 1.47 35.31
C LEU C 294 -8.66 0.99 34.19
N GLY C 295 -8.65 -0.30 33.85
CA GLY C 295 -7.73 -0.79 32.84
C GLY C 295 -8.06 -0.35 31.44
N ALA C 296 -9.21 0.29 31.24
CA ALA C 296 -9.56 0.80 29.93
C ALA C 296 -9.01 2.19 29.66
N THR C 297 -8.45 2.86 30.69
CA THR C 297 -8.05 4.25 30.57
C THR C 297 -6.95 4.44 29.53
N LEU C 298 -7.15 5.43 28.66
CA LEU C 298 -6.15 5.75 27.64
C LEU C 298 -4.86 6.21 28.30
N HIS C 299 -3.73 5.77 27.76
CA HIS C 299 -2.44 6.22 28.26
C HIS C 299 -2.03 7.50 27.53
N ARG C 300 -1.69 8.53 28.30
CA ARG C 300 -1.42 9.85 27.75
C ARG C 300 0.02 10.27 28.04
N LEU C 301 0.47 11.32 27.34
CA LEU C 301 1.80 11.87 27.57
C LEU C 301 1.72 12.96 28.63
N TYR C 302 2.38 12.73 29.75
CA TYR C 302 2.52 13.71 30.81
C TYR C 302 3.88 14.39 30.68
N VAL C 303 3.94 15.67 31.04
CA VAL C 303 5.23 16.35 31.18
C VAL C 303 5.17 17.14 32.48
N PHE C 304 6.07 16.84 33.41
CA PHE C 304 6.16 17.53 34.69
C PHE C 304 7.31 18.54 34.64
N GLU C 305 7.17 19.60 35.44
CA GLU C 305 8.26 20.54 35.72
C GLU C 305 8.55 20.44 37.21
N PRO C 306 9.47 19.57 37.62
CA PRO C 306 9.74 19.39 39.05
C PRO C 306 10.04 20.68 39.79
N GLU C 307 10.84 21.56 39.18
CA GLU C 307 11.21 22.81 39.85
C GLU C 307 9.99 23.69 40.09
N ARG C 308 9.06 23.73 39.14
CA ARG C 308 7.85 24.54 39.28
C ARG C 308 6.69 23.79 39.94
N GLY C 309 6.83 22.48 40.20
CA GLY C 309 5.76 21.72 40.81
C GLY C 309 4.50 21.55 39.96
N THR C 310 4.60 21.70 38.64
CA THR C 310 3.42 21.65 37.78
C THR C 310 3.53 20.48 36.81
N LYS C 311 2.38 20.09 36.26
CA LYS C 311 2.28 19.01 35.28
C LYS C 311 1.29 19.41 34.21
N ARG C 312 1.46 18.83 33.02
CA ARG C 312 0.56 19.03 31.88
C ARG C 312 0.34 17.69 31.20
N VAL C 313 -0.90 17.40 30.84
CA VAL C 313 -1.21 16.22 30.05
C VAL C 313 -1.28 16.66 28.59
N LEU C 314 -0.20 16.41 27.86
CA LEU C 314 -0.06 17.02 26.53
C LEU C 314 -1.11 16.49 25.57
N THR C 315 -1.48 15.20 25.69
CA THR C 315 -2.43 14.59 24.77
C THR C 315 -3.81 14.42 25.41
N ALA C 316 -4.11 15.25 26.41
CA ALA C 316 -5.41 15.22 27.07
C ALA C 316 -6.55 15.46 26.10
N ASP C 317 -6.30 16.12 24.99
CA ASP C 317 -7.34 16.41 24.02
C ASP C 317 -7.10 15.70 22.70
N TRP C 318 -6.37 14.60 22.74
CA TRP C 318 -6.16 13.73 21.58
C TRP C 318 -6.68 12.34 21.97
N ASP C 319 -7.74 11.87 21.31
CA ASP C 319 -8.43 10.64 21.71
C ASP C 319 -7.71 9.43 21.10
N VAL C 320 -6.45 9.28 21.51
CA VAL C 320 -5.58 8.23 20.96
C VAL C 320 -4.78 7.65 22.11
N HIS C 321 -4.71 6.33 22.16
CA HIS C 321 -3.98 5.58 23.18
C HIS C 321 -2.49 5.58 22.83
N LEU C 322 -1.66 6.13 23.72
CA LEU C 322 -0.22 6.10 23.46
C LEU C 322 0.36 4.74 23.81
N GLY C 323 1.37 4.34 23.07
CA GLY C 323 1.99 3.06 23.31
C GLY C 323 1.50 2.02 22.34
N ASP C 324 1.83 0.77 22.65
CA ASP C 324 1.69 -0.34 21.72
C ASP C 324 0.70 -1.32 22.36
N ALA C 325 -0.52 -1.35 21.83
CA ALA C 325 -1.51 -2.32 22.23
C ALA C 325 -1.58 -3.51 21.26
N MET C 326 -0.65 -3.61 20.32
CA MET C 326 -0.82 -4.55 19.23
C MET C 326 -0.73 -6.00 19.69
N VAL C 327 -1.54 -6.86 19.08
CA VAL C 327 -1.57 -8.28 19.38
C VAL C 327 -0.80 -9.02 18.31
N GLY C 328 0.23 -9.75 18.72
CA GLY C 328 0.99 -10.60 17.82
C GLY C 328 1.64 -11.68 18.65
N ASP C 329 2.29 -12.63 17.96
CA ASP C 329 2.95 -13.74 18.64
C ASP C 329 4.44 -13.75 18.38
N THR C 330 4.99 -12.66 17.85
CA THR C 330 6.40 -12.46 17.51
C THR C 330 6.72 -11.05 18.00
N HIS C 331 7.91 -10.87 18.56
CA HIS C 331 8.35 -9.63 19.20
C HIS C 331 7.61 -9.31 20.49
N ALA C 332 6.84 -10.25 21.05
CA ALA C 332 5.98 -9.91 22.18
C ALA C 332 6.77 -9.41 23.40
N ASP C 333 7.97 -9.92 23.63
CA ASP C 333 8.77 -9.43 24.74
C ASP C 333 9.75 -8.33 24.31
N ALA C 334 9.58 -7.75 23.13
CA ALA C 334 10.55 -6.76 22.68
C ALA C 334 10.38 -5.45 23.42
N LYS C 335 11.50 -4.83 23.79
CA LYS C 335 11.53 -3.60 24.57
C LYS C 335 11.06 -2.45 23.69
N GLY C 336 9.85 -1.98 23.93
CA GLY C 336 9.33 -0.89 23.16
C GLY C 336 9.97 0.39 23.61
N PRO C 337 9.89 1.44 22.79
CA PRO C 337 10.42 2.73 23.21
C PRO C 337 9.35 3.52 23.96
N GLY C 338 9.76 4.13 25.06
CA GLY C 338 8.93 5.14 25.67
C GLY C 338 8.97 6.40 24.84
N PRO C 339 8.47 7.50 25.39
CA PRO C 339 8.62 8.80 24.73
C PRO C 339 10.10 9.19 24.65
N ILE C 340 10.50 9.74 23.51
CA ILE C 340 11.86 10.19 23.32
C ILE C 340 11.82 11.69 23.04
N TRP C 341 12.55 12.47 23.85
CA TRP C 341 12.62 13.90 23.63
C TRP C 341 13.35 14.19 22.31
N ALA C 342 12.92 15.26 21.66
CA ALA C 342 13.68 15.82 20.56
C ALA C 342 14.88 16.57 21.12
N SER C 343 15.99 16.55 20.37
CA SER C 343 17.23 17.07 20.92
C SER C 343 17.09 18.52 21.37
N ASP C 344 16.19 19.29 20.75
CA ASP C 344 15.97 20.67 21.15
C ASP C 344 14.95 20.82 22.27
N GLY C 345 14.48 19.72 22.85
CA GLY C 345 13.54 19.79 23.96
C GLY C 345 12.17 20.34 23.62
N SER C 346 11.80 20.39 22.34
CA SER C 346 10.56 21.05 21.94
C SER C 346 9.34 20.14 21.99
N GLY C 347 9.54 18.85 22.22
CA GLY C 347 8.45 17.90 22.25
C GLY C 347 9.00 16.48 22.22
N LEU C 348 8.08 15.53 22.12
CA LEU C 348 8.39 14.11 22.31
C LEU C 348 7.84 13.27 21.15
N TYR C 349 8.69 12.42 20.62
CA TYR C 349 8.25 11.37 19.72
C TYR C 349 7.60 10.28 20.53
N VAL C 350 6.37 9.93 20.18
CA VAL C 350 5.65 8.87 20.86
C VAL C 350 5.04 7.94 19.83
N THR C 351 4.96 6.67 20.19
CA THR C 351 4.20 5.72 19.41
C THR C 351 2.76 5.75 19.88
N ALA C 352 1.87 5.33 18.99
CA ALA C 352 0.45 5.35 19.31
C ALA C 352 -0.22 4.20 18.58
N SER C 353 -1.32 3.71 19.16
CA SER C 353 -2.07 2.58 18.64
C SER C 353 -3.40 3.10 18.09
N GLU C 354 -3.53 3.12 16.76
CA GLU C 354 -4.81 3.52 16.18
C GLU C 354 -5.12 2.69 14.94
N ARG C 355 -6.33 2.14 14.92
CA ARG C 355 -6.92 1.52 13.73
C ARG C 355 -6.04 0.39 13.17
N GLY C 356 -5.47 -0.39 14.07
CA GLY C 356 -4.64 -1.52 13.68
C GLY C 356 -3.19 -1.19 13.40
N ARG C 357 -2.80 0.08 13.50
CA ARG C 357 -1.44 0.50 13.29
C ARG C 357 -0.84 0.96 14.63
N VAL C 358 0.45 0.71 14.79
CA VAL C 358 1.27 1.39 15.79
C VAL C 358 2.25 2.26 15.02
N ASN C 359 2.07 3.56 15.10
CA ASN C 359 2.81 4.52 14.30
C ASN C 359 3.46 5.55 15.22
N LEU C 360 4.37 6.35 14.66
CA LEU C 360 5.10 7.36 15.40
C LEU C 360 4.53 8.75 15.14
N TYR C 361 4.43 9.53 16.21
CA TYR C 361 3.86 10.87 16.19
C TYR C 361 4.79 11.75 17.00
N PHE C 362 4.71 13.06 16.75
CA PHE C 362 5.50 14.01 17.52
C PHE C 362 4.54 14.94 18.22
N VAL C 363 4.62 14.98 19.54
CA VAL C 363 3.79 15.83 20.39
C VAL C 363 4.69 16.97 20.84
N SER C 364 4.50 18.14 20.24
CA SER C 364 5.25 19.32 20.65
C SER C 364 4.72 19.85 21.97
N LEU C 365 5.63 20.44 22.77
CA LEU C 365 5.19 21.11 24.01
C LEU C 365 4.28 22.29 23.73
N ALA C 366 4.34 22.85 22.52
CA ALA C 366 3.59 24.06 22.19
C ALA C 366 2.17 23.76 21.78
N GLY C 367 1.86 22.52 21.43
CA GLY C 367 0.53 22.19 21.01
C GLY C 367 0.40 21.21 19.87
N PRO C 368 1.17 21.38 18.78
CA PRO C 368 0.95 20.53 17.61
C PRO C 368 1.23 19.06 17.89
N ILE C 369 0.41 18.21 17.29
CA ILE C 369 0.59 16.77 17.27
C ILE C 369 0.58 16.36 15.81
N VAL C 370 1.69 15.81 15.33
CA VAL C 370 1.84 15.54 13.91
C VAL C 370 2.34 14.11 13.73
N PRO C 371 1.88 13.41 12.70
CA PRO C 371 2.49 12.11 12.36
C PRO C 371 3.89 12.30 11.80
N VAL C 372 4.76 11.31 12.04
CA VAL C 372 6.09 11.37 11.44
C VAL C 372 6.40 10.07 10.71
N ILE C 373 6.04 8.92 11.29
CA ILE C 373 6.19 7.62 10.65
C ILE C 373 4.82 6.97 10.64
N GLU C 374 4.18 6.92 9.47
CA GLU C 374 2.82 6.42 9.34
C GLU C 374 2.78 5.27 8.33
N GLY C 375 1.82 4.38 8.52
CA GLY C 375 1.61 3.31 7.56
C GLY C 375 0.98 2.10 8.24
N ASN C 376 0.58 1.16 7.40
CA ASN C 376 -0.11 -0.06 7.85
C ASN C 376 0.91 -1.06 8.38
N PHE C 377 1.50 -0.71 9.52
CA PHE C 377 2.53 -1.57 10.06
C PHE C 377 2.60 -1.38 11.56
N HIS C 378 3.49 -2.16 12.18
CA HIS C 378 3.69 -2.18 13.62
C HIS C 378 5.11 -1.67 13.87
N LEU C 379 5.20 -0.47 14.45
CA LEU C 379 6.48 0.07 14.88
C LEU C 379 6.71 -0.39 16.31
N TYR C 380 7.61 -1.36 16.50
CA TYR C 380 7.81 -1.99 17.81
C TYR C 380 9.20 -1.77 18.39
N GLY C 381 10.02 -0.93 17.77
CA GLY C 381 11.32 -0.57 18.31
C GLY C 381 11.80 0.71 17.67
N LEU C 382 12.44 1.59 18.43
CA LEU C 382 12.77 2.90 17.89
C LEU C 382 13.99 3.49 18.59
N ALA C 383 14.95 3.96 17.79
CA ALA C 383 16.06 4.76 18.30
C ALA C 383 16.10 6.04 17.48
N ILE C 384 16.27 7.19 18.13
CA ILE C 384 16.31 8.47 17.43
C ILE C 384 17.72 9.05 17.46
N HIS C 385 18.19 9.48 16.30
CA HIS C 385 19.56 9.99 16.13
C HIS C 385 19.82 11.11 17.13
N PRO C 386 21.02 11.16 17.74
CA PRO C 386 21.31 12.24 18.70
C PRO C 386 21.17 13.65 18.14
N SER C 387 21.42 13.85 16.86
CA SER C 387 21.35 15.21 16.31
C SER C 387 20.47 15.32 15.07
N GLU C 388 20.47 14.32 14.21
CA GLU C 388 19.85 14.44 12.90
C GLU C 388 18.35 14.15 12.97
N GLN C 389 17.66 14.52 11.90
CA GLN C 389 16.26 14.21 11.72
C GLN C 389 16.12 12.79 11.17
N GLN C 390 16.64 11.84 11.94
CA GLN C 390 16.80 10.46 11.48
C GLN C 390 16.48 9.53 12.65
N ALA C 391 15.99 8.35 12.31
CA ALA C 391 15.67 7.36 13.33
C ALA C 391 15.96 5.98 12.78
N ILE C 392 16.14 5.04 13.70
CA ILE C 392 16.11 3.62 13.36
C ILE C 392 14.85 3.03 13.97
N ALA C 393 14.07 2.34 13.15
CA ALA C 393 12.77 1.83 13.56
C ALA C 393 12.70 0.35 13.25
N ALA C 394 12.25 -0.44 14.23
CA ALA C 394 11.88 -1.83 14.00
C ALA C 394 10.41 -1.87 13.64
N ILE C 395 10.10 -2.43 12.48
CA ILE C 395 8.75 -2.39 11.92
C ILE C 395 8.37 -3.78 11.48
N SER C 396 7.18 -4.23 11.86
CA SER C 396 6.62 -5.48 11.41
C SER C 396 5.31 -5.20 10.68
N SER C 397 4.99 -6.07 9.72
CA SER C 397 3.71 -5.97 9.03
C SER C 397 3.16 -7.37 8.78
N PRO C 398 1.92 -7.52 8.29
CA PRO C 398 1.40 -8.88 8.09
C PRO C 398 2.24 -9.73 7.14
N THR C 399 2.95 -9.13 6.19
CA THR C 399 3.76 -9.93 5.27
C THR C 399 5.25 -9.72 5.47
N SER C 400 5.65 -9.19 6.63
CA SER C 400 7.06 -8.96 6.90
C SER C 400 7.28 -9.21 8.39
N VAL C 401 8.05 -10.25 8.73
CA VAL C 401 8.27 -10.62 10.13
C VAL C 401 8.69 -9.40 10.94
N GLY C 402 9.83 -8.80 10.59
CA GLY C 402 10.32 -7.66 11.34
C GLY C 402 11.73 -7.27 10.91
N ASP C 403 11.98 -5.98 10.74
CA ASP C 403 13.31 -5.53 10.32
C ASP C 403 13.51 -4.08 10.73
N LEU C 404 14.77 -3.67 10.71
CA LEU C 404 15.16 -2.30 11.01
C LEU C 404 15.16 -1.46 9.75
N TYR C 405 14.74 -0.19 9.90
CA TYR C 405 14.66 0.76 8.79
C TYR C 405 15.21 2.11 9.24
N ALA C 406 15.98 2.77 8.38
CA ALA C 406 16.33 4.16 8.62
C ALA C 406 15.16 5.04 8.20
N VAL C 407 14.73 5.93 9.09
CA VAL C 407 13.53 6.72 8.85
C VAL C 407 13.89 8.20 8.85
N SER C 408 13.45 8.91 7.80
CA SER C 408 13.56 10.37 7.74
C SER C 408 12.50 10.97 8.64
N LEU C 409 12.94 11.64 9.73
CA LEU C 409 11.97 12.22 10.65
C LEU C 409 11.16 13.33 9.99
N ALA C 410 11.76 14.04 9.02
CA ALA C 410 11.12 15.19 8.39
C ALA C 410 10.20 14.82 7.21
N ASP C 411 10.45 13.71 6.51
CA ASP C 411 9.63 13.39 5.35
C ASP C 411 8.85 12.10 5.45
N GLY C 412 9.07 11.29 6.48
CA GLY C 412 8.22 10.12 6.74
C GLY C 412 8.40 8.95 5.80
N THR C 413 9.59 8.80 5.22
CA THR C 413 10.01 7.75 4.32
C THR C 413 11.04 6.90 5.04
N LYS C 414 11.24 5.65 4.59
CA LYS C 414 12.16 4.75 5.25
C LYS C 414 12.93 3.92 4.24
N THR C 415 14.10 3.44 4.66
CA THR C 415 14.95 2.56 3.88
C THR C 415 15.38 1.37 4.72
N ARG C 416 15.33 0.17 4.13
CA ARG C 416 15.61 -1.06 4.85
C ARG C 416 17.07 -1.12 5.28
N LEU C 417 17.31 -1.43 6.56
CA LEU C 417 18.65 -1.66 7.08
C LEU C 417 19.00 -3.14 7.23
N THR C 418 18.03 -3.98 7.64
CA THR C 418 18.26 -5.39 7.90
C THR C 418 17.31 -6.25 7.08
N ARG C 419 17.68 -7.51 6.91
CA ARG C 419 16.82 -8.51 6.27
C ARG C 419 17.00 -9.81 7.07
N ALA C 420 16.55 -9.77 8.32
CA ALA C 420 16.80 -10.81 9.32
C ALA C 420 16.05 -12.10 9.06
N ASN C 421 15.09 -12.12 8.14
CA ASN C 421 14.32 -13.32 7.84
C ASN C 421 14.31 -13.59 6.34
N GLU C 422 15.48 -13.43 5.71
CA GLU C 422 15.56 -13.34 4.25
C GLU C 422 15.21 -14.65 3.58
N ALA C 423 15.82 -15.76 4.02
CA ALA C 423 15.48 -17.05 3.41
C ALA C 423 14.00 -17.35 3.56
N LEU C 424 13.47 -17.17 4.77
CA LEU C 424 12.06 -17.43 4.99
C LEU C 424 11.19 -16.57 4.08
N GLU C 425 11.48 -15.28 4.01
CA GLU C 425 10.66 -14.39 3.19
C GLU C 425 10.89 -14.64 1.71
N ASN C 426 12.06 -15.13 1.33
CA ASN C 426 12.29 -15.47 -0.07
C ASN C 426 11.66 -16.79 -0.48
N GLU C 427 11.38 -17.69 0.46
CA GLU C 427 10.88 -19.02 0.14
C GLU C 427 9.39 -19.19 0.36
N VAL C 428 8.81 -18.55 1.37
CA VAL C 428 7.47 -18.88 1.82
C VAL C 428 6.53 -17.71 1.53
N VAL C 429 5.37 -18.04 0.98
CA VAL C 429 4.35 -17.05 0.66
C VAL C 429 3.66 -16.61 1.94
N PHE C 430 3.53 -15.29 2.13
CA PHE C 430 2.78 -14.72 3.24
C PHE C 430 1.42 -14.26 2.74
N ALA C 431 0.36 -14.60 3.47
CA ALA C 431 -0.95 -14.01 3.23
C ALA C 431 -0.99 -12.60 3.82
N ASP C 432 -1.59 -11.67 3.09
CA ASP C 432 -1.76 -10.34 3.64
C ASP C 432 -3.08 -10.25 4.37
N ALA C 433 -3.18 -9.25 5.22
CA ALA C 433 -4.40 -9.04 6.02
C ALA C 433 -5.11 -7.82 5.46
N GLU C 434 -6.26 -8.03 4.80
CA GLU C 434 -6.98 -6.92 4.18
C GLU C 434 -7.99 -6.33 5.15
N PRO C 435 -7.89 -5.06 5.49
CA PRO C 435 -8.83 -4.48 6.44
C PRO C 435 -10.16 -4.18 5.79
N PHE C 436 -11.21 -4.29 6.60
CA PHE C 436 -12.54 -3.85 6.22
C PHE C 436 -13.24 -3.32 7.47
N THR C 437 -14.33 -2.60 7.25
CA THR C 437 -15.17 -2.12 8.34
C THR C 437 -16.59 -2.61 8.15
N TYR C 438 -17.31 -2.71 9.26
CA TYR C 438 -18.71 -3.08 9.24
C TYR C 438 -19.39 -2.42 10.41
N ARG C 439 -20.72 -2.40 10.36
CA ARG C 439 -21.55 -1.84 11.40
C ARG C 439 -22.10 -2.96 12.28
N SER C 440 -22.09 -2.75 13.58
CA SER C 440 -22.64 -3.78 14.45
C SER C 440 -24.16 -3.63 14.56
N ALA C 441 -24.78 -4.43 15.44
CA ALA C 441 -26.23 -4.45 15.54
C ALA C 441 -26.81 -3.14 16.04
N ASP C 442 -25.98 -2.26 16.59
CA ASP C 442 -26.45 -0.94 17.02
C ASP C 442 -25.92 0.16 16.12
N GLY C 443 -25.42 -0.18 14.94
CA GLY C 443 -24.83 0.76 14.01
C GLY C 443 -23.37 1.09 14.22
N LEU C 444 -22.79 0.72 15.36
CA LEU C 444 -21.40 1.09 15.64
C LEU C 444 -20.46 0.48 14.60
N GLU C 445 -19.61 1.32 14.01
CA GLU C 445 -18.64 0.81 13.04
C GLU C 445 -17.51 0.07 13.74
N ILE C 446 -17.21 -1.13 13.23
CA ILE C 446 -16.18 -2.02 13.74
C ILE C 446 -15.15 -2.23 12.65
N GLN C 447 -13.89 -2.45 13.04
CA GLN C 447 -12.84 -2.75 12.07
C GLN C 447 -12.44 -4.22 12.19
N GLY C 448 -12.22 -4.85 11.04
CA GLY C 448 -11.74 -6.21 11.01
C GLY C 448 -10.75 -6.39 9.88
N TRP C 449 -10.17 -7.58 9.82
CA TRP C 449 -9.23 -7.95 8.77
C TRP C 449 -9.54 -9.36 8.35
N ILE C 450 -9.25 -9.66 7.08
CA ILE C 450 -9.41 -10.99 6.53
C ILE C 450 -8.12 -11.39 5.83
N MET C 451 -7.77 -12.67 5.93
CA MET C 451 -6.66 -13.26 5.20
C MET C 451 -7.17 -14.43 4.36
N LYS C 452 -6.71 -14.48 3.11
CA LYS C 452 -7.17 -15.60 2.30
C LYS C 452 -6.06 -16.65 2.17
N PRO C 453 -6.44 -17.93 2.24
CA PRO C 453 -5.48 -19.00 1.92
C PRO C 453 -4.81 -18.74 0.58
N PRO C 454 -3.47 -18.66 0.55
CA PRO C 454 -2.77 -18.39 -0.71
C PRO C 454 -2.80 -19.55 -1.70
N GLU C 455 -3.38 -20.69 -1.35
CA GLU C 455 -3.56 -21.79 -2.29
C GLU C 455 -4.95 -21.82 -2.91
N LEU C 456 -5.80 -20.85 -2.59
CA LEU C 456 -7.16 -20.83 -3.12
C LEU C 456 -7.16 -20.22 -4.51
N ASP C 457 -7.54 -21.00 -5.51
CA ASP C 457 -7.76 -20.47 -6.85
C ASP C 457 -9.24 -20.09 -7.01
N GLU C 458 -9.48 -19.15 -7.93
CA GLU C 458 -10.80 -18.52 -8.05
C GLU C 458 -11.91 -19.56 -8.17
N GLY C 459 -13.12 -19.16 -7.74
CA GLY C 459 -14.22 -20.08 -7.67
C GLY C 459 -14.19 -21.00 -6.47
N GLU C 460 -13.07 -21.11 -5.76
CA GLU C 460 -13.02 -21.94 -4.57
C GLU C 460 -13.41 -21.14 -3.33
N LYS C 461 -13.87 -21.87 -2.32
CA LYS C 461 -14.26 -21.30 -1.05
C LYS C 461 -13.50 -22.01 0.05
N ALA C 462 -13.07 -21.25 1.04
CA ALA C 462 -12.37 -21.86 2.15
C ALA C 462 -13.22 -21.76 3.41
N PRO C 463 -13.06 -22.69 4.35
CA PRO C 463 -13.74 -22.52 5.64
C PRO C 463 -13.09 -21.36 6.39
N LEU C 464 -13.86 -20.74 7.28
CA LEU C 464 -13.45 -19.52 7.95
C LEU C 464 -13.14 -19.81 9.41
N VAL C 465 -11.98 -19.35 9.87
CA VAL C 465 -11.65 -19.37 11.28
C VAL C 465 -11.69 -17.94 11.79
N VAL C 466 -12.48 -17.70 12.83
CA VAL C 466 -12.54 -16.42 13.51
C VAL C 466 -11.58 -16.46 14.69
N GLU C 467 -10.62 -15.55 14.70
CA GLU C 467 -9.70 -15.41 15.82
C GLU C 467 -10.13 -14.21 16.65
N ILE C 468 -10.20 -14.38 17.97
CA ILE C 468 -10.64 -13.33 18.87
C ILE C 468 -9.49 -13.01 19.83
N HIS C 469 -9.13 -11.72 19.94
CA HIS C 469 -7.94 -11.39 20.71
C HIS C 469 -8.27 -11.19 22.18
N GLY C 470 -7.24 -11.33 23.01
CA GLY C 470 -7.39 -11.22 24.44
C GLY C 470 -7.45 -9.78 24.91
N GLY C 471 -7.30 -9.61 26.21
CA GLY C 471 -7.21 -8.31 26.81
C GLY C 471 -8.27 -8.08 27.88
N PRO C 472 -9.45 -7.56 27.46
CA PRO C 472 -9.88 -7.24 26.08
C PRO C 472 -9.26 -5.97 25.49
N HIS C 473 -8.61 -5.12 26.28
CA HIS C 473 -8.16 -3.81 25.81
C HIS C 473 -6.82 -3.93 25.09
N ALA C 474 -6.84 -4.74 24.04
CA ALA C 474 -5.71 -4.93 23.14
C ALA C 474 -6.20 -4.64 21.71
N MET C 475 -5.33 -4.83 20.71
CA MET C 475 -5.66 -4.37 19.36
C MET C 475 -5.04 -5.32 18.33
N TYR C 476 -5.88 -6.06 17.60
CA TYR C 476 -5.36 -6.74 16.42
C TYR C 476 -4.94 -5.71 15.39
N GLY C 477 -4.07 -6.11 14.48
CA GLY C 477 -3.77 -5.21 13.37
C GLY C 477 -2.64 -5.63 12.48
N PHE C 478 -1.91 -4.61 12.00
CA PHE C 478 -0.92 -4.72 10.93
C PHE C 478 0.43 -5.10 11.52
N THR C 479 0.54 -6.34 11.98
CA THR C 479 1.80 -6.88 12.47
C THR C 479 1.92 -8.34 12.04
N PHE C 480 3.13 -8.89 12.10
CA PHE C 480 3.29 -10.28 11.65
C PHE C 480 2.78 -11.24 12.70
N PHE C 481 2.02 -12.25 12.26
CA PHE C 481 1.33 -13.18 13.16
C PHE C 481 1.48 -14.58 12.60
N HIS C 482 2.40 -15.36 13.18
CA HIS C 482 2.69 -16.69 12.63
C HIS C 482 1.47 -17.61 12.69
N GLU C 483 0.78 -17.65 13.83
CA GLU C 483 -0.46 -18.43 13.94
C GLU C 483 -1.41 -18.14 12.78
N LEU C 484 -1.64 -16.85 12.51
CA LEU C 484 -2.57 -16.47 11.44
C LEU C 484 -2.06 -16.96 10.08
N GLN C 485 -0.76 -16.86 9.84
CA GLN C 485 -0.18 -17.40 8.61
C GLN C 485 -0.43 -18.90 8.53
N LEU C 486 -0.17 -19.63 9.63
CA LEU C 486 -0.34 -21.08 9.64
C LEU C 486 -1.77 -21.46 9.29
N LEU C 487 -2.76 -20.73 9.84
CA LEU C 487 -4.14 -21.04 9.51
C LEU C 487 -4.44 -20.77 8.04
N ALA C 488 -3.96 -19.65 7.51
CA ALA C 488 -4.17 -19.36 6.10
C ALA C 488 -3.52 -20.42 5.23
N SER C 489 -2.26 -20.77 5.53
CA SER C 489 -1.55 -21.78 4.75
C SER C 489 -2.22 -23.16 4.87
N SER C 490 -2.89 -23.43 5.98
CA SER C 490 -3.59 -24.71 6.15
C SER C 490 -4.95 -24.73 5.44
N GLY C 491 -5.30 -23.68 4.71
CA GLY C 491 -6.51 -23.63 3.94
C GLY C 491 -7.71 -23.01 4.60
N TYR C 492 -7.52 -22.09 5.55
CA TYR C 492 -8.63 -21.40 6.21
C TYR C 492 -8.56 -19.93 5.89
N ALA C 493 -9.70 -19.35 5.53
CA ALA C 493 -9.81 -17.90 5.65
C ALA C 493 -9.82 -17.54 7.13
N VAL C 494 -9.12 -16.46 7.47
CA VAL C 494 -8.94 -16.03 8.85
C VAL C 494 -9.57 -14.64 9.00
N LEU C 495 -10.56 -14.54 9.91
CA LEU C 495 -11.16 -13.28 10.30
C LEU C 495 -10.67 -12.90 11.69
N PHE C 496 -10.25 -11.65 11.85
CA PHE C 496 -9.91 -11.13 13.17
C PHE C 496 -10.30 -9.67 13.23
N THR C 497 -10.91 -9.29 14.34
CA THR C 497 -11.59 -8.01 14.45
C THR C 497 -11.23 -7.34 15.77
N ASN C 498 -11.60 -6.06 15.89
CA ASN C 498 -11.45 -5.29 17.12
C ASN C 498 -12.84 -4.92 17.63
N PRO C 499 -13.51 -5.82 18.35
CA PRO C 499 -14.82 -5.47 18.90
C PRO C 499 -14.68 -4.38 19.95
N ARG C 500 -15.80 -3.72 20.26
CA ARG C 500 -15.74 -2.68 21.29
C ARG C 500 -15.17 -3.27 22.56
N GLY C 501 -14.39 -2.48 23.27
CA GLY C 501 -13.50 -3.00 24.28
C GLY C 501 -12.05 -3.08 23.85
N SER C 502 -11.81 -3.15 22.54
CA SER C 502 -10.46 -3.09 22.00
C SER C 502 -9.88 -1.69 22.15
N HIS C 503 -8.54 -1.62 22.18
CA HIS C 503 -7.84 -0.37 21.94
C HIS C 503 -7.71 -0.12 20.44
N GLY C 504 -7.45 1.13 20.09
CA GLY C 504 -7.27 1.55 18.72
C GLY C 504 -8.30 2.54 18.20
N TYR C 505 -9.37 2.81 18.98
CA TYR C 505 -10.51 3.54 18.47
C TYR C 505 -11.00 4.57 19.47
N GLY C 506 -10.23 4.82 20.53
CA GLY C 506 -10.48 5.91 21.45
C GLY C 506 -11.15 5.46 22.74
N GLN C 507 -11.32 6.43 23.64
CA GLN C 507 -11.66 6.12 25.02
C GLN C 507 -13.01 5.46 25.15
N SER C 508 -13.99 5.95 24.39
CA SER C 508 -15.34 5.40 24.50
C SER C 508 -15.35 3.94 24.06
N PHE C 509 -14.73 3.64 22.92
CA PHE C 509 -14.74 2.28 22.37
C PHE C 509 -14.04 1.27 23.28
N VAL C 510 -12.87 1.61 23.81
CA VAL C 510 -12.14 0.64 24.62
C VAL C 510 -12.87 0.39 25.93
N ASN C 511 -13.60 1.40 26.44
CA ASN C 511 -14.30 1.30 27.71
C ASN C 511 -15.62 0.55 27.58
N ALA C 512 -16.14 0.41 26.36
CA ALA C 512 -17.54 0.01 26.17
C ALA C 512 -17.82 -1.37 26.75
N VAL C 513 -16.81 -2.24 26.80
CA VAL C 513 -17.05 -3.62 27.21
C VAL C 513 -17.21 -3.76 28.71
N ARG C 514 -16.74 -2.79 29.49
CA ARG C 514 -16.79 -2.94 30.94
C ARG C 514 -18.24 -2.93 31.43
N GLY C 515 -18.58 -3.97 32.19
CA GLY C 515 -19.93 -4.19 32.65
C GLY C 515 -20.83 -4.88 31.66
N ASP C 516 -20.35 -5.16 30.45
CA ASP C 516 -21.18 -5.67 29.36
C ASP C 516 -20.50 -6.87 28.72
N TYR C 517 -19.87 -7.67 29.55
CA TYR C 517 -19.16 -8.84 29.07
C TYR C 517 -20.12 -9.83 28.40
N GLY C 518 -19.89 -10.09 27.13
CA GLY C 518 -20.75 -10.99 26.40
C GLY C 518 -22.01 -10.35 25.85
N GLY C 519 -22.11 -9.02 25.91
CA GLY C 519 -23.23 -8.32 25.33
C GLY C 519 -22.89 -7.82 23.94
N MET C 520 -22.64 -6.51 23.82
CA MET C 520 -22.34 -5.94 22.51
C MET C 520 -20.97 -6.40 21.96
N ASP C 521 -19.97 -6.64 22.84
CA ASP C 521 -18.72 -7.22 22.34
C ASP C 521 -19.00 -8.46 21.52
N TYR C 522 -19.94 -9.30 21.99
CA TYR C 522 -20.25 -10.55 21.31
C TYR C 522 -21.02 -10.29 20.01
N GLU C 523 -21.89 -9.30 20.02
CA GLU C 523 -22.56 -8.86 18.80
C GLU C 523 -21.58 -8.29 17.78
N ASP C 524 -20.63 -7.47 18.23
CA ASP C 524 -19.62 -6.97 17.29
C ASP C 524 -18.94 -8.10 16.52
N ILE C 525 -18.57 -9.18 17.22
CA ILE C 525 -17.85 -10.29 16.57
C ILE C 525 -18.76 -11.03 15.61
N MET C 526 -19.99 -11.36 16.05
CA MET C 526 -20.91 -12.05 15.16
C MET C 526 -21.32 -11.18 13.98
N ALA C 527 -21.47 -9.87 14.17
CA ALA C 527 -21.66 -8.98 13.02
C ALA C 527 -20.50 -9.10 12.02
N GLY C 528 -19.28 -9.28 12.53
CA GLY C 528 -18.13 -9.42 11.63
C GLY C 528 -18.16 -10.71 10.83
N VAL C 529 -18.54 -11.80 11.48
CA VAL C 529 -18.72 -13.07 10.77
C VAL C 529 -19.64 -12.85 9.58
N ASP C 530 -20.85 -12.34 9.84
CA ASP C 530 -21.83 -12.05 8.80
C ASP C 530 -21.27 -11.07 7.77
N ALA C 531 -20.60 -10.01 8.24
CA ALA C 531 -20.07 -9.02 7.29
C ALA C 531 -18.97 -9.61 6.42
N ALA C 532 -18.09 -10.45 6.98
CA ALA C 532 -17.05 -11.06 6.16
C ALA C 532 -17.64 -12.03 5.14
N ILE C 533 -18.65 -12.79 5.55
CA ILE C 533 -19.34 -13.71 4.65
C ILE C 533 -19.90 -12.95 3.46
N SER C 534 -20.57 -11.82 3.71
CA SER C 534 -21.15 -11.04 2.62
C SER C 534 -20.08 -10.33 1.78
N LYS C 535 -18.93 -9.99 2.36
CA LYS C 535 -17.98 -9.17 1.60
C LYS C 535 -16.92 -9.96 0.86
N PHE C 536 -16.65 -11.20 1.23
CA PHE C 536 -15.56 -11.96 0.65
C PHE C 536 -16.12 -13.32 0.24
N ASP C 537 -16.28 -13.52 -1.07
CA ASP C 537 -16.93 -14.74 -1.54
C ASP C 537 -16.10 -16.00 -1.32
N PHE C 538 -14.77 -15.87 -1.12
CA PHE C 538 -13.94 -17.06 -0.89
C PHE C 538 -14.19 -17.71 0.46
N ILE C 539 -15.04 -17.12 1.30
CA ILE C 539 -15.42 -17.73 2.56
C ILE C 539 -16.55 -18.72 2.31
N ASP C 540 -16.45 -19.88 2.92
CA ASP C 540 -17.49 -20.90 2.88
C ASP C 540 -18.40 -20.67 4.08
N LYS C 541 -19.59 -20.12 3.85
CA LYS C 541 -20.49 -19.76 4.93
C LYS C 541 -20.95 -20.94 5.75
N GLU C 542 -20.81 -22.16 5.22
CA GLU C 542 -21.31 -23.31 5.95
C GLU C 542 -20.27 -23.93 6.86
N ARG C 543 -19.01 -23.48 6.76
CA ARG C 543 -17.89 -24.05 7.51
C ARG C 543 -17.15 -22.94 8.27
N LEU C 544 -17.64 -22.65 9.49
CA LEU C 544 -17.13 -21.59 10.33
C LEU C 544 -16.53 -22.17 11.62
N GLY C 545 -15.37 -21.64 12.00
CA GLY C 545 -14.79 -21.95 13.29
C GLY C 545 -14.42 -20.69 14.05
N VAL C 546 -14.17 -20.86 15.34
CA VAL C 546 -13.86 -19.75 16.24
C VAL C 546 -12.81 -20.23 17.24
N THR C 547 -11.84 -19.37 17.53
CA THR C 547 -10.84 -19.64 18.55
C THR C 547 -10.36 -18.33 19.18
N GLY C 548 -9.85 -18.43 20.41
CA GLY C 548 -9.40 -17.25 21.11
C GLY C 548 -8.87 -17.58 22.49
N GLY C 549 -7.97 -16.76 23.03
CA GLY C 549 -7.37 -17.05 24.33
C GLY C 549 -7.67 -15.95 25.31
N SER C 550 -7.77 -16.32 26.59
CA SER C 550 -7.95 -15.38 27.70
C SER C 550 -9.34 -14.73 27.63
N TYR C 551 -9.43 -13.41 27.62
CA TYR C 551 -10.71 -12.79 27.23
C TYR C 551 -11.25 -13.43 25.95
N GLY C 552 -10.41 -13.57 24.94
CA GLY C 552 -10.83 -14.28 23.74
C GLY C 552 -11.27 -15.69 24.01
N GLY C 553 -10.77 -16.29 25.11
CA GLY C 553 -11.20 -17.61 25.50
C GLY C 553 -12.54 -17.56 26.21
N PHE C 554 -12.73 -16.57 27.09
CA PHE C 554 -14.05 -16.27 27.61
C PHE C 554 -15.04 -16.08 26.47
N MET C 555 -14.62 -15.34 25.44
CA MET C 555 -15.57 -15.02 24.37
C MET C 555 -15.81 -16.25 23.48
N THR C 556 -14.79 -17.08 23.25
CA THR C 556 -15.04 -18.34 22.54
C THR C 556 -16.06 -19.21 23.30
N ASN C 557 -15.87 -19.35 24.63
CA ASN C 557 -16.81 -20.14 25.43
C ASN C 557 -18.21 -19.53 25.41
N TRP C 558 -18.29 -18.21 25.60
CA TRP C 558 -19.55 -17.48 25.50
C TRP C 558 -20.24 -17.75 24.17
N ILE C 559 -19.48 -17.70 23.08
CA ILE C 559 -20.07 -17.84 21.75
C ILE C 559 -20.77 -19.19 21.61
N VAL C 560 -20.06 -20.28 21.91
CA VAL C 560 -20.64 -21.60 21.66
C VAL C 560 -21.81 -21.88 22.59
N GLY C 561 -21.94 -21.14 23.68
CA GLY C 561 -23.12 -21.28 24.51
C GLY C 561 -24.29 -20.42 24.10
N HIS C 562 -24.08 -19.57 23.08
CA HIS C 562 -25.09 -18.63 22.63
C HIS C 562 -25.44 -18.78 21.16
N THR C 563 -24.59 -19.37 20.34
CA THR C 563 -24.97 -19.66 18.98
C THR C 563 -24.46 -21.03 18.61
N ASP C 564 -25.17 -21.69 17.68
CA ASP C 564 -24.76 -22.94 17.08
C ASP C 564 -24.20 -22.75 15.67
N ARG C 565 -23.86 -21.51 15.29
CA ARG C 565 -23.38 -21.21 13.95
C ARG C 565 -22.03 -21.85 13.62
N PHE C 566 -21.22 -22.17 14.62
CA PHE C 566 -19.88 -22.67 14.38
C PHE C 566 -19.82 -24.19 14.43
N LYS C 567 -19.05 -24.78 13.50
CA LYS C 567 -18.86 -26.21 13.44
C LYS C 567 -17.72 -26.70 14.32
N ALA C 568 -16.87 -25.81 14.80
CA ALA C 568 -15.73 -26.18 15.61
C ALA C 568 -15.30 -24.97 16.42
N ALA C 569 -14.88 -25.20 17.65
CA ALA C 569 -14.38 -24.12 18.48
C ALA C 569 -13.16 -24.62 19.25
N VAL C 570 -12.16 -23.74 19.40
CA VAL C 570 -10.95 -24.01 20.19
C VAL C 570 -10.79 -22.87 21.19
N THR C 571 -10.95 -23.16 22.48
CA THR C 571 -10.77 -22.15 23.51
C THR C 571 -9.43 -22.37 24.20
N GLN C 572 -8.76 -21.26 24.53
CA GLN C 572 -7.41 -21.30 25.06
C GLN C 572 -7.30 -20.42 26.29
N ARG C 573 -6.53 -20.90 27.27
CA ARG C 573 -6.21 -20.15 28.49
C ARG C 573 -7.41 -19.33 28.91
N SER C 574 -8.56 -20.00 29.00
CA SER C 574 -9.84 -19.31 28.88
C SER C 574 -10.47 -19.12 30.24
N ILE C 575 -11.65 -18.49 30.23
CA ILE C 575 -12.43 -18.35 31.45
C ILE C 575 -13.81 -18.92 31.21
N SER C 576 -14.36 -19.57 32.23
CA SER C 576 -15.71 -20.10 32.16
C SER C 576 -16.57 -19.77 33.37
N ASN C 577 -15.98 -19.38 34.51
CA ASN C 577 -16.73 -19.15 35.74
C ASN C 577 -16.14 -17.94 36.47
N TRP C 578 -16.83 -16.79 36.39
CA TRP C 578 -16.26 -15.57 36.97
C TRP C 578 -16.17 -15.65 38.48
N LEU C 579 -17.07 -16.41 39.11
CA LEU C 579 -17.06 -16.52 40.57
C LEU C 579 -15.76 -17.15 41.06
N SER C 580 -15.40 -18.33 40.53
CA SER C 580 -14.10 -18.87 40.92
C SER C 580 -12.94 -18.02 40.41
N PHE C 581 -13.08 -17.36 39.26
CA PHE C 581 -11.96 -16.60 38.71
C PHE C 581 -11.47 -15.56 39.71
N SER C 582 -12.39 -14.85 40.34
CA SER C 582 -12.02 -13.79 41.29
C SER C 582 -11.12 -14.30 42.39
N GLY C 583 -11.40 -15.49 42.93
CA GLY C 583 -10.64 -16.00 44.04
C GLY C 583 -9.39 -16.77 43.70
N VAL C 584 -9.18 -17.15 42.44
CA VAL C 584 -8.06 -18.01 42.08
C VAL C 584 -7.05 -17.29 41.19
N SER C 585 -7.48 -16.53 40.19
CA SER C 585 -6.56 -15.80 39.31
C SER C 585 -5.63 -14.89 40.10
N ASP C 586 -4.38 -14.73 39.61
CA ASP C 586 -3.44 -13.86 40.30
C ASP C 586 -3.91 -12.40 40.35
N ILE C 587 -4.76 -11.99 39.43
CA ILE C 587 -5.37 -10.67 39.48
C ILE C 587 -6.88 -10.73 39.71
N GLY C 588 -7.40 -11.90 40.10
CA GLY C 588 -8.84 -12.07 40.20
C GLY C 588 -9.50 -11.05 41.10
N TYR C 589 -8.84 -10.69 42.19
CA TYR C 589 -9.42 -9.85 43.23
C TYR C 589 -9.63 -8.39 42.81
N PHE C 590 -9.18 -7.97 41.62
CA PHE C 590 -9.57 -6.66 41.12
C PHE C 590 -10.07 -6.75 39.68
N PHE C 591 -9.55 -7.70 38.91
CA PHE C 591 -9.93 -7.76 37.51
C PHE C 591 -11.45 -7.90 37.35
N THR C 592 -12.03 -8.92 37.97
CA THR C 592 -13.47 -9.16 37.81
C THR C 592 -14.28 -7.90 38.08
N LYS C 593 -14.06 -7.27 39.24
CA LYS C 593 -14.72 -6.01 39.58
C LYS C 593 -14.51 -4.98 38.48
N TRP C 594 -13.26 -4.80 38.09
CA TRP C 594 -12.91 -3.81 37.09
C TRP C 594 -13.62 -4.03 35.76
N GLU C 595 -13.69 -5.28 35.31
CA GLU C 595 -14.10 -5.63 33.95
C GLU C 595 -15.53 -6.15 33.88
N VAL C 596 -15.87 -7.15 34.69
CA VAL C 596 -17.21 -7.72 34.63
C VAL C 596 -18.20 -6.82 35.35
N GLY C 597 -17.79 -6.21 36.46
CA GLY C 597 -18.61 -5.17 37.06
C GLY C 597 -18.72 -5.23 38.56
N CYS C 598 -18.41 -6.38 39.16
CA CYS C 598 -18.65 -6.53 40.59
C CYS C 598 -17.83 -7.69 41.11
N ASP C 599 -17.71 -7.72 42.42
CA ASP C 599 -17.15 -8.88 43.10
C ASP C 599 -18.25 -9.86 43.50
N VAL C 600 -17.81 -11.02 43.96
CA VAL C 600 -18.71 -12.14 44.20
C VAL C 600 -19.66 -11.83 45.34
N TRP C 601 -19.19 -11.14 46.36
CA TRP C 601 -20.00 -10.79 47.50
C TRP C 601 -20.82 -9.51 47.27
N GLU C 602 -20.78 -8.95 46.07
CA GLU C 602 -21.59 -7.81 45.67
C GLU C 602 -22.82 -8.21 44.87
N ASP C 603 -22.60 -9.04 43.83
CA ASP C 603 -23.61 -9.46 42.87
C ASP C 603 -23.21 -10.79 42.26
N ALA C 604 -23.31 -11.87 43.05
CA ALA C 604 -22.94 -13.19 42.56
C ALA C 604 -23.69 -13.57 41.30
N GLU C 605 -24.99 -13.26 41.24
CA GLU C 605 -25.81 -13.72 40.12
C GLU C 605 -25.44 -13.01 38.83
N ARG C 606 -24.98 -11.76 38.91
CA ARG C 606 -24.46 -11.09 37.72
C ARG C 606 -23.17 -11.75 37.23
N LEU C 607 -22.24 -12.01 38.14
CA LEU C 607 -21.05 -12.79 37.79
C LEU C 607 -21.44 -14.11 37.12
N TRP C 608 -22.38 -14.84 37.72
CA TRP C 608 -22.80 -16.11 37.16
C TRP C 608 -23.45 -15.93 35.79
N HIS C 609 -24.27 -14.88 35.64
CA HIS C 609 -24.96 -14.65 34.37
C HIS C 609 -23.98 -14.34 33.25
N HIS C 610 -22.86 -13.69 33.57
CA HIS C 610 -21.83 -13.43 32.57
C HIS C 610 -20.80 -14.55 32.48
N SER C 611 -21.01 -15.70 33.13
CA SER C 611 -20.06 -16.80 33.08
C SER C 611 -20.45 -17.78 31.97
N PRO C 612 -19.57 -18.06 31.02
CA PRO C 612 -19.91 -19.03 29.97
C PRO C 612 -20.42 -20.37 30.50
N LEU C 613 -19.94 -20.82 31.66
CA LEU C 613 -20.35 -22.12 32.20
C LEU C 613 -21.86 -22.21 32.37
N LYS C 614 -22.52 -21.07 32.65
CA LYS C 614 -23.97 -21.07 32.84
C LYS C 614 -24.71 -21.60 31.62
N TYR C 615 -24.12 -21.47 30.44
CA TYR C 615 -24.81 -21.78 29.19
C TYR C 615 -24.37 -23.09 28.61
N VAL C 616 -23.77 -23.96 29.44
CA VAL C 616 -23.16 -25.18 28.93
C VAL C 616 -24.21 -26.11 28.33
N LYS C 617 -25.47 -26.05 28.80
CA LYS C 617 -26.52 -26.89 28.23
C LYS C 617 -26.74 -26.60 26.76
N HIS C 618 -26.58 -25.34 26.33
CA HIS C 618 -26.76 -24.96 24.94
C HIS C 618 -25.59 -25.35 24.04
N MET C 619 -24.46 -25.77 24.59
CA MET C 619 -23.26 -25.93 23.77
C MET C 619 -23.35 -27.24 22.97
N ARG C 620 -23.36 -27.12 21.64
CA ARG C 620 -23.41 -28.28 20.74
C ARG C 620 -22.41 -28.11 19.60
N THR C 621 -21.28 -27.49 19.89
CA THR C 621 -20.18 -27.34 18.95
C THR C 621 -18.96 -28.04 19.52
N PRO C 622 -18.35 -28.98 18.80
CA PRO C 622 -17.11 -29.60 19.32
C PRO C 622 -16.14 -28.55 19.84
N LEU C 623 -15.77 -28.64 21.11
CA LEU C 623 -14.97 -27.61 21.76
C LEU C 623 -13.69 -28.23 22.31
N LEU C 624 -12.57 -27.90 21.67
CA LEU C 624 -11.25 -28.22 22.19
C LEU C 624 -10.83 -27.18 23.23
N ILE C 625 -10.42 -27.64 24.42
CA ILE C 625 -10.07 -26.77 25.53
C ILE C 625 -8.56 -26.90 25.77
N LEU C 626 -7.81 -25.83 25.51
CA LEU C 626 -6.36 -25.77 25.69
C LEU C 626 -6.07 -24.93 26.93
N HIS C 627 -5.18 -25.42 27.78
CA HIS C 627 -4.86 -24.70 29.00
C HIS C 627 -3.52 -25.20 29.55
N SER C 628 -2.82 -24.36 30.31
CA SER C 628 -1.52 -24.73 30.87
C SER C 628 -1.62 -24.89 32.39
N GLU C 629 -0.85 -25.84 32.91
CA GLU C 629 -0.89 -26.17 34.34
C GLU C 629 -0.50 -24.99 35.21
N ARG C 630 0.51 -24.23 34.81
CA ARG C 630 1.01 -23.12 35.63
C ARG C 630 0.51 -21.77 35.12
N ASP C 631 -0.64 -21.75 34.49
CA ASP C 631 -1.24 -20.49 34.10
C ASP C 631 -1.98 -19.98 35.31
N TYR C 632 -1.45 -18.94 35.92
CA TYR C 632 -2.07 -18.36 37.11
C TYR C 632 -2.80 -17.06 36.80
N ARG C 633 -2.74 -16.58 35.55
CA ARG C 633 -3.65 -15.51 35.14
C ARG C 633 -5.06 -16.04 34.91
N CYS C 634 -5.20 -17.07 34.08
CA CYS C 634 -6.45 -17.82 33.98
C CYS C 634 -6.21 -19.21 34.56
N PRO C 635 -6.63 -19.48 35.79
CA PRO C 635 -6.31 -20.78 36.42
C PRO C 635 -6.89 -21.95 35.63
N ILE C 636 -6.19 -23.08 35.69
CA ILE C 636 -6.66 -24.22 34.91
C ILE C 636 -8.00 -24.76 35.44
N GLU C 637 -8.38 -24.45 36.69
CA GLU C 637 -9.72 -24.81 37.13
C GLU C 637 -10.81 -24.19 36.27
N GLN C 638 -10.49 -23.13 35.51
CA GLN C 638 -11.49 -22.56 34.59
C GLN C 638 -11.80 -23.52 33.45
N ALA C 639 -10.76 -24.21 32.96
CA ALA C 639 -10.88 -25.16 31.86
C ALA C 639 -11.49 -26.47 32.33
N GLU C 640 -11.14 -26.89 33.55
CA GLU C 640 -11.66 -28.14 34.09
C GLU C 640 -13.17 -28.07 34.30
N GLN C 641 -13.67 -26.96 34.83
CA GLN C 641 -15.09 -26.83 35.08
C GLN C 641 -15.91 -27.00 33.82
N LEU C 642 -15.46 -26.35 32.73
CA LEU C 642 -16.18 -26.37 31.48
C LEU C 642 -16.08 -27.73 30.82
N PHE C 643 -14.88 -28.33 30.90
CA PHE C 643 -14.69 -29.65 30.33
C PHE C 643 -15.52 -30.69 31.07
N VAL C 644 -15.65 -30.57 32.39
CA VAL C 644 -16.42 -31.56 33.14
C VAL C 644 -17.92 -31.46 32.84
N ALA C 645 -18.45 -30.23 32.83
CA ALA C 645 -19.86 -30.04 32.53
C ALA C 645 -20.20 -30.52 31.11
N LEU C 646 -19.30 -30.29 30.15
CA LEU C 646 -19.58 -30.75 28.80
C LEU C 646 -19.57 -32.27 28.74
N LYS C 647 -18.56 -32.89 29.37
CA LYS C 647 -18.51 -34.35 29.43
C LYS C 647 -19.73 -34.91 30.17
N GLN C 648 -20.14 -34.26 31.27
CA GLN C 648 -21.35 -34.66 31.99
C GLN C 648 -22.56 -34.68 31.07
N LEU C 649 -22.65 -33.71 30.16
CA LEU C 649 -23.79 -33.57 29.27
C LEU C 649 -23.62 -34.30 27.96
N GLY C 650 -22.57 -35.12 27.84
CA GLY C 650 -22.37 -35.92 26.65
C GLY C 650 -21.93 -35.14 25.43
N ARG C 651 -21.34 -33.97 25.61
CA ARG C 651 -20.96 -33.14 24.48
C ARG C 651 -19.54 -33.45 24.02
N GLU C 652 -19.26 -33.05 22.79
CA GLU C 652 -17.96 -33.30 22.19
C GLU C 652 -16.95 -32.30 22.73
N THR C 653 -15.95 -32.78 23.46
CA THR C 653 -14.96 -31.88 24.01
C THR C 653 -13.74 -32.69 24.39
N LYS C 654 -12.62 -31.99 24.47
CA LYS C 654 -11.35 -32.62 24.77
C LYS C 654 -10.48 -31.59 25.47
N LEU C 655 -9.73 -32.01 26.48
CA LEU C 655 -8.95 -31.08 27.28
C LEU C 655 -7.47 -31.41 27.11
N VAL C 656 -6.70 -30.46 26.59
CA VAL C 656 -5.25 -30.61 26.46
C VAL C 656 -4.58 -29.71 27.50
N ARG C 657 -3.77 -30.31 28.37
CA ARG C 657 -3.10 -29.64 29.48
C ARG C 657 -1.61 -29.56 29.17
N PHE C 658 -1.08 -28.33 29.06
CA PHE C 658 0.34 -28.16 28.73
C PHE C 658 1.18 -28.07 30.01
N PRO C 659 2.18 -28.93 30.18
CA PRO C 659 2.92 -28.95 31.45
C PRO C 659 3.88 -27.77 31.55
N ASP C 660 4.02 -27.27 32.79
CA ASP C 660 5.02 -26.28 33.19
C ASP C 660 4.90 -24.92 32.50
N ALA C 661 3.95 -24.77 31.58
CA ALA C 661 3.83 -23.51 30.89
C ALA C 661 2.89 -22.56 31.64
N ASN C 662 2.94 -21.28 31.28
CA ASN C 662 2.07 -20.29 31.86
C ASN C 662 1.26 -19.62 30.75
N HIS C 663 0.62 -18.51 31.12
CA HIS C 663 -0.32 -17.82 30.24
C HIS C 663 0.32 -17.36 28.92
N ASP C 664 1.62 -17.12 28.93
CA ASP C 664 2.33 -16.57 27.77
C ASP C 664 2.89 -17.64 26.85
N LEU C 665 2.58 -18.91 27.09
CA LEU C 665 3.05 -20.02 26.27
C LEU C 665 3.11 -19.71 24.77
N SER C 666 2.03 -19.16 24.20
CA SER C 666 1.94 -19.02 22.76
C SER C 666 2.91 -17.96 22.23
N ARG C 667 3.43 -17.10 23.09
CA ARG C 667 4.38 -16.07 22.70
C ARG C 667 5.82 -16.40 23.10
N THR C 668 6.05 -16.81 24.34
CA THR C 668 7.40 -16.94 24.87
C THR C 668 7.66 -18.25 25.60
N GLY C 669 6.74 -19.22 25.53
CA GLY C 669 6.92 -20.49 26.22
C GLY C 669 7.75 -21.48 25.42
N ASN C 670 7.91 -22.67 26.00
CA ASN C 670 8.72 -23.72 25.42
C ASN C 670 8.39 -23.96 23.95
N PRO C 671 9.36 -23.79 23.04
CA PRO C 671 9.03 -23.87 21.60
C PRO C 671 8.42 -25.17 21.16
N ALA C 672 8.81 -26.29 21.77
CA ALA C 672 8.20 -27.55 21.40
C ALA C 672 6.72 -27.57 21.77
N LEU C 673 6.38 -26.94 22.90
CA LEU C 673 4.97 -26.86 23.29
C LEU C 673 4.24 -25.84 22.45
N ARG C 674 4.92 -24.80 21.94
CA ARG C 674 4.26 -23.91 20.99
C ARG C 674 3.86 -24.67 19.73
N LEU C 675 4.74 -25.55 19.27
CA LEU C 675 4.41 -26.40 18.14
C LEU C 675 3.20 -27.27 18.43
N GLU C 676 3.19 -27.91 19.60
CA GLU C 676 2.07 -28.78 19.94
C GLU C 676 0.77 -27.98 20.03
N ARG C 677 0.79 -26.81 20.66
CA ARG C 677 -0.41 -25.99 20.73
C ARG C 677 -0.95 -25.69 19.33
N LEU C 678 -0.07 -25.28 18.40
CA LEU C 678 -0.52 -24.97 17.05
C LEU C 678 -1.09 -26.19 16.36
N ARG C 679 -0.49 -27.37 16.58
CA ARG C 679 -0.95 -28.56 15.88
C ARG C 679 -2.32 -29.00 16.38
N HIS C 680 -2.56 -28.88 17.69
CA HIS C 680 -3.87 -29.23 18.22
C HIS C 680 -4.94 -28.27 17.69
N ILE C 681 -4.60 -26.99 17.59
CA ILE C 681 -5.54 -26.04 16.99
C ILE C 681 -5.89 -26.47 15.57
N VAL C 682 -4.86 -26.62 14.72
CA VAL C 682 -5.11 -26.91 13.31
C VAL C 682 -5.81 -28.25 13.14
N ASP C 683 -5.42 -29.25 13.94
CA ASP C 683 -6.01 -30.56 13.74
C ASP C 683 -7.50 -30.57 14.07
N TRP C 684 -7.90 -29.75 15.05
CA TRP C 684 -9.30 -29.73 15.48
C TRP C 684 -10.17 -29.14 14.38
N PHE C 685 -9.72 -28.04 13.77
CA PHE C 685 -10.49 -27.47 12.67
C PHE C 685 -10.47 -28.40 11.46
N ASP C 686 -9.30 -29.00 11.18
CA ASP C 686 -9.23 -30.01 10.13
C ASP C 686 -10.26 -31.10 10.32
N ARG C 687 -10.37 -31.63 11.55
CA ARG C 687 -11.31 -32.71 11.81
C ARG C 687 -12.75 -32.26 11.56
N TYR C 688 -13.11 -31.06 12.02
CA TYR C 688 -14.50 -30.66 12.10
C TYR C 688 -14.92 -29.58 11.13
N LEU C 689 -14.00 -28.88 10.49
CA LEU C 689 -14.35 -27.93 9.44
C LEU C 689 -14.16 -28.50 8.04
N LYS C 690 -13.22 -29.40 7.86
CA LYS C 690 -12.92 -29.97 6.57
C LYS C 690 -13.53 -31.36 6.43
N LEU D 32 -60.58 50.39 -16.19
CA LEU D 32 -61.79 49.98 -15.49
C LEU D 32 -62.70 49.17 -16.41
N TYR D 33 -62.47 49.29 -17.71
CA TYR D 33 -63.21 48.54 -18.71
C TYR D 33 -62.21 47.88 -19.66
N PHE D 34 -62.72 46.96 -20.49
CA PHE D 34 -61.86 46.14 -21.33
C PHE D 34 -61.28 46.94 -22.51
N GLN D 35 -59.97 46.80 -22.72
CA GLN D 35 -59.28 47.34 -23.88
C GLN D 35 -58.74 46.21 -24.76
N GLY D 36 -58.36 46.59 -25.98
CA GLY D 36 -57.70 45.63 -26.85
C GLY D 36 -56.44 45.06 -26.23
N THR D 37 -55.67 45.91 -25.52
CA THR D 37 -54.38 45.51 -24.98
C THR D 37 -54.52 44.57 -23.80
N ASP D 38 -55.71 44.44 -23.22
CA ASP D 38 -55.90 43.44 -22.18
C ASP D 38 -55.65 42.02 -22.69
N LEU D 39 -55.74 41.78 -24.00
CA LEU D 39 -55.37 40.46 -24.51
C LEU D 39 -53.92 40.14 -24.22
N LEU D 40 -53.06 41.16 -24.18
CA LEU D 40 -51.66 40.90 -23.87
C LEU D 40 -51.47 40.36 -22.46
N ARG D 41 -52.40 40.59 -21.55
CA ARG D 41 -52.17 40.13 -20.20
C ARG D 41 -53.04 38.95 -19.79
N LEU D 42 -53.88 38.43 -20.69
CA LEU D 42 -54.59 37.17 -20.41
C LEU D 42 -53.59 36.06 -20.20
N ARG D 43 -53.83 35.23 -19.18
CA ARG D 43 -53.09 34.01 -18.92
C ARG D 43 -54.09 32.87 -18.88
N SER D 44 -53.76 31.77 -19.55
CA SER D 44 -54.66 30.67 -19.79
C SER D 44 -54.09 29.42 -19.11
N VAL D 45 -54.74 28.99 -18.01
CA VAL D 45 -54.32 27.79 -17.28
C VAL D 45 -55.04 26.60 -17.87
N ARG D 46 -54.32 25.49 -18.07
CA ARG D 46 -54.85 24.46 -18.95
C ARG D 46 -54.15 23.14 -18.68
N ASP D 47 -54.76 22.06 -19.18
CA ASP D 47 -54.14 20.75 -19.32
C ASP D 47 -53.64 20.19 -17.98
N PRO D 48 -54.48 20.12 -16.95
CA PRO D 48 -54.01 19.59 -15.66
C PRO D 48 -53.88 18.08 -15.69
N HIS D 49 -52.91 17.57 -14.92
CA HIS D 49 -52.69 16.13 -14.76
C HIS D 49 -52.28 15.85 -13.31
N TYR D 50 -52.97 14.91 -12.67
CA TYR D 50 -52.63 14.50 -11.31
C TYR D 50 -51.30 13.75 -11.27
N ALA D 51 -50.49 14.02 -10.25
CA ALA D 51 -49.47 13.06 -9.88
C ALA D 51 -50.15 11.75 -9.46
N PRO D 52 -49.48 10.60 -9.63
CA PRO D 52 -50.13 9.32 -9.30
C PRO D 52 -50.59 9.21 -7.86
N ASP D 53 -50.03 9.97 -6.92
CA ASP D 53 -50.49 9.91 -5.54
C ASP D 53 -51.68 10.82 -5.28
N GLY D 54 -52.23 11.45 -6.31
CA GLY D 54 -53.43 12.26 -6.18
C GLY D 54 -53.31 13.52 -5.35
N THR D 55 -52.14 13.83 -4.78
CA THR D 55 -52.01 14.96 -3.88
C THR D 55 -51.54 16.24 -4.57
N ARG D 56 -51.25 16.19 -5.86
CA ARG D 56 -50.90 17.42 -6.55
C ARG D 56 -51.16 17.23 -8.04
N ALA D 57 -51.08 18.34 -8.77
CA ALA D 57 -51.37 18.29 -10.19
C ALA D 57 -50.45 19.28 -10.90
N VAL D 58 -49.87 18.85 -12.00
CA VAL D 58 -49.14 19.75 -12.88
C VAL D 58 -50.09 20.29 -13.93
N PHE D 59 -49.90 21.54 -14.33
CA PHE D 59 -50.68 22.13 -15.42
C PHE D 59 -49.81 23.13 -16.17
N VAL D 60 -50.39 23.74 -17.19
CA VAL D 60 -49.68 24.68 -18.04
C VAL D 60 -50.31 26.05 -17.90
N GLU D 61 -49.48 27.09 -17.96
CA GLU D 61 -49.97 28.45 -18.06
C GLU D 61 -49.40 29.06 -19.33
N LYS D 62 -50.28 29.45 -20.25
CA LYS D 62 -49.86 30.14 -21.47
C LYS D 62 -50.09 31.63 -21.31
N SER D 63 -49.13 32.42 -21.77
CA SER D 63 -49.18 33.87 -21.60
C SER D 63 -48.49 34.55 -22.79
N ILE D 64 -48.53 35.87 -22.78
CA ILE D 64 -47.78 36.71 -23.71
C ILE D 64 -46.87 37.61 -22.88
N ASP D 65 -45.60 37.72 -23.29
CA ASP D 65 -44.59 38.38 -22.48
C ASP D 65 -44.37 39.82 -22.93
N GLU D 66 -43.37 40.48 -22.32
CA GLU D 66 -43.13 41.90 -22.59
C GLU D 66 -42.85 42.14 -24.06
N GLU D 67 -42.16 41.21 -24.71
CA GLU D 67 -41.86 41.35 -26.12
C GLU D 67 -43.02 40.90 -27.04
N LYS D 68 -44.25 40.75 -26.50
CA LYS D 68 -45.41 40.34 -27.30
C LYS D 68 -45.19 38.98 -27.97
N GLN D 69 -44.68 38.01 -27.20
CA GLN D 69 -44.47 36.66 -27.68
C GLN D 69 -45.12 35.66 -26.74
N TYR D 70 -45.69 34.60 -27.31
CA TYR D 70 -46.31 33.58 -26.46
C TYR D 70 -45.24 32.80 -25.72
N ARG D 71 -45.51 32.51 -24.45
CA ARG D 71 -44.74 31.58 -23.67
C ARG D 71 -45.72 30.69 -22.93
N SER D 72 -45.24 29.51 -22.53
CA SER D 72 -46.01 28.65 -21.65
C SER D 72 -45.05 27.86 -20.75
N HIS D 73 -45.44 27.72 -19.50
CA HIS D 73 -44.62 27.10 -18.48
C HIS D 73 -45.48 26.15 -17.66
N LEU D 74 -44.80 25.19 -17.02
CA LEU D 74 -45.45 24.21 -16.16
C LEU D 74 -45.60 24.77 -14.76
N TRP D 75 -46.77 24.56 -14.18
CA TRP D 75 -47.01 24.87 -12.78
C TRP D 75 -47.46 23.62 -12.04
N ILE D 76 -47.42 23.72 -10.72
CA ILE D 76 -47.90 22.67 -9.83
C ILE D 76 -48.89 23.29 -8.86
N TRP D 77 -50.03 22.66 -8.71
CA TRP D 77 -50.90 22.88 -7.57
C TRP D 77 -50.81 21.66 -6.67
N ALA D 78 -50.76 21.88 -5.37
CA ALA D 78 -50.73 20.79 -4.41
C ALA D 78 -51.83 20.97 -3.38
N ALA D 79 -52.16 19.87 -2.70
CA ALA D 79 -53.29 19.81 -1.77
C ALA D 79 -53.19 20.82 -0.63
N ASP D 80 -52.00 21.38 -0.38
CA ASP D 80 -51.89 22.40 0.66
C ASP D 80 -52.30 23.79 0.19
N GLY D 81 -52.71 23.92 -1.07
CA GLY D 81 -53.16 25.18 -1.62
C GLY D 81 -52.09 25.95 -2.36
N SER D 82 -50.83 25.50 -2.34
CA SER D 82 -49.79 26.23 -3.03
C SER D 82 -49.87 26.00 -4.53
N VAL D 83 -49.56 27.05 -5.29
CA VAL D 83 -49.48 27.00 -6.75
C VAL D 83 -48.15 27.63 -7.11
N ARG D 84 -47.25 26.83 -7.68
CA ARG D 84 -45.87 27.27 -7.88
C ARG D 84 -45.46 27.02 -9.32
N GLN D 85 -44.78 28.00 -9.93
CA GLN D 85 -44.22 27.80 -11.26
C GLN D 85 -43.01 26.88 -11.20
N TRP D 86 -42.86 25.99 -12.20
CA TRP D 86 -41.76 25.04 -12.22
C TRP D 86 -40.88 25.11 -13.46
N THR D 87 -41.32 25.78 -14.53
CA THR D 87 -40.43 26.12 -15.63
C THR D 87 -40.57 27.59 -15.96
N PHE D 88 -39.53 28.10 -16.62
CA PHE D 88 -39.29 29.53 -16.75
C PHE D 88 -38.68 29.77 -18.13
N GLY D 89 -38.68 31.02 -18.56
CA GLY D 89 -37.82 31.37 -19.68
C GLY D 89 -38.58 31.54 -20.98
N ARG D 90 -37.79 31.79 -22.03
CA ARG D 90 -38.28 32.33 -23.29
C ARG D 90 -38.62 31.20 -24.26
N TRP D 91 -39.64 30.44 -23.88
CA TRP D 91 -40.06 29.33 -24.71
C TRP D 91 -41.46 28.88 -24.29
N ARG D 92 -41.93 27.79 -24.89
CA ARG D 92 -43.21 27.19 -24.56
C ARG D 92 -42.97 25.75 -24.08
N ASP D 93 -43.43 25.44 -22.87
CA ASP D 93 -43.56 24.07 -22.42
C ASP D 93 -45.04 23.69 -22.43
N MET D 94 -45.35 22.43 -22.75
CA MET D 94 -46.75 22.02 -22.79
C MET D 94 -46.84 20.51 -22.63
N LYS D 95 -48.09 20.06 -22.46
CA LYS D 95 -48.44 18.64 -22.34
C LYS D 95 -47.62 17.88 -21.29
N PRO D 96 -47.65 18.30 -20.04
CA PRO D 96 -46.94 17.56 -18.99
C PRO D 96 -47.68 16.30 -18.57
N ARG D 97 -46.92 15.26 -18.25
CA ARG D 97 -47.53 14.02 -17.77
C ARG D 97 -46.58 13.33 -16.81
N PHE D 98 -47.06 13.01 -15.61
CA PHE D 98 -46.26 12.22 -14.69
C PHE D 98 -46.05 10.82 -15.25
N SER D 99 -44.86 10.26 -14.99
CA SER D 99 -44.67 8.84 -15.21
C SER D 99 -45.59 8.03 -14.30
N PRO D 100 -45.89 6.78 -14.65
CA PRO D 100 -46.79 5.98 -13.80
C PRO D 100 -46.37 5.93 -12.33
N ARG D 101 -45.08 5.80 -12.03
CA ARG D 101 -44.68 5.80 -10.62
C ARG D 101 -44.54 7.22 -10.04
N GLY D 102 -44.54 8.25 -10.86
CA GLY D 102 -44.66 9.62 -10.39
C GLY D 102 -43.35 10.34 -10.09
N GLU D 103 -42.20 9.79 -10.48
CA GLU D 103 -40.91 10.41 -10.21
C GLU D 103 -40.49 11.40 -11.29
N ILE D 104 -41.07 11.32 -12.48
CA ILE D 104 -40.68 12.15 -13.61
C ILE D 104 -41.92 12.81 -14.19
N ILE D 105 -41.81 14.10 -14.52
CA ILE D 105 -42.80 14.81 -15.33
C ILE D 105 -42.23 14.95 -16.73
N ALA D 106 -42.67 14.11 -17.65
CA ALA D 106 -42.40 14.32 -19.07
C ALA D 106 -43.16 15.53 -19.58
N PHE D 107 -42.65 16.14 -20.65
CA PHE D 107 -43.31 17.29 -21.26
C PHE D 107 -42.60 17.63 -22.56
N LEU D 108 -43.36 18.30 -23.43
CA LEU D 108 -42.85 18.82 -24.68
C LEU D 108 -42.45 20.26 -24.51
N SER D 109 -41.32 20.62 -25.10
CA SER D 109 -40.82 21.99 -25.05
C SER D 109 -40.23 22.33 -26.41
N ASP D 110 -40.34 23.59 -26.82
CA ASP D 110 -39.61 24.04 -28.00
C ASP D 110 -38.32 24.79 -27.65
N ARG D 111 -37.76 24.58 -26.45
CA ARG D 111 -36.60 25.39 -26.06
C ARG D 111 -35.39 25.12 -26.93
N SER D 112 -35.18 23.86 -27.36
CA SER D 112 -34.10 23.58 -28.29
C SER D 112 -34.29 24.23 -29.66
N GLY D 113 -35.45 24.76 -29.98
CA GLY D 113 -35.73 25.31 -31.29
C GLY D 113 -36.60 24.43 -32.15
N ARG D 114 -36.81 23.19 -31.74
CA ARG D 114 -37.85 22.30 -32.24
C ARG D 114 -38.55 21.67 -31.04
N THR D 115 -39.86 21.38 -31.15
CA THR D 115 -40.53 20.69 -30.04
C THR D 115 -39.91 19.31 -29.81
N GLN D 116 -39.47 19.07 -28.59
CA GLN D 116 -38.88 17.80 -28.24
C GLN D 116 -39.43 17.34 -26.90
N LEU D 117 -39.25 16.06 -26.62
CA LEU D 117 -39.58 15.51 -25.31
C LEU D 117 -38.47 15.81 -24.31
N TRP D 118 -38.81 16.57 -23.28
CA TRP D 118 -37.94 16.82 -22.14
C TRP D 118 -38.47 16.05 -20.94
N LEU D 119 -37.58 15.82 -19.97
CA LEU D 119 -37.94 15.16 -18.71
C LEU D 119 -37.61 16.06 -17.53
N LEU D 120 -38.58 16.25 -16.65
CA LEU D 120 -38.36 17.03 -15.43
C LEU D 120 -38.47 16.11 -14.24
N PRO D 121 -37.47 16.06 -13.35
CA PRO D 121 -37.64 15.27 -12.12
C PRO D 121 -38.79 15.82 -11.30
N ALA D 122 -39.55 14.93 -10.67
CA ALA D 122 -40.71 15.40 -9.90
C ALA D 122 -40.33 15.94 -8.54
N ASN D 123 -39.16 15.57 -8.02
CA ASN D 123 -38.79 15.91 -6.65
C ASN D 123 -37.48 16.66 -6.54
N GLY D 124 -36.89 17.08 -7.66
CA GLY D 124 -35.67 17.87 -7.59
C GLY D 124 -34.76 17.74 -8.77
N GLY D 125 -34.43 18.86 -9.39
CA GLY D 125 -33.48 18.85 -10.49
C GLY D 125 -34.10 19.51 -11.70
N GLU D 126 -33.25 20.01 -12.58
CA GLU D 126 -33.70 20.68 -13.78
C GLU D 126 -34.08 19.64 -14.84
N ALA D 127 -34.68 20.13 -15.92
CA ALA D 127 -35.12 19.27 -17.01
C ALA D 127 -33.97 18.94 -17.95
N ARG D 128 -34.07 17.78 -18.60
CA ARG D 128 -33.09 17.42 -19.60
C ARG D 128 -33.78 16.97 -20.87
N GLN D 129 -33.16 17.30 -22.00
CA GLN D 129 -33.72 16.97 -23.30
C GLN D 129 -33.61 15.48 -23.53
N LEU D 130 -34.68 14.85 -24.00
CA LEU D 130 -34.65 13.40 -24.21
C LEU D 130 -34.62 13.00 -25.67
N THR D 131 -35.31 13.74 -26.54
CA THR D 131 -35.33 13.45 -27.97
C THR D 131 -34.67 14.59 -28.73
N PHE D 132 -34.12 14.25 -29.89
CA PHE D 132 -33.35 15.20 -30.71
C PHE D 132 -33.72 15.11 -32.19
N PHE D 133 -34.92 14.62 -32.49
CA PHE D 133 -35.35 14.40 -33.87
C PHE D 133 -35.19 15.65 -34.73
N LYS D 134 -34.71 15.45 -35.95
CA LYS D 134 -34.61 16.55 -36.90
C LYS D 134 -35.94 17.27 -37.05
N ASN D 135 -37.04 16.52 -37.05
CA ASN D 135 -38.36 17.11 -37.23
C ASN D 135 -39.18 17.16 -35.94
N GLY D 136 -38.54 16.99 -34.79
CA GLY D 136 -39.24 17.24 -33.54
C GLY D 136 -40.22 16.13 -33.20
N VAL D 137 -40.99 16.38 -32.14
CA VAL D 137 -41.96 15.44 -31.59
C VAL D 137 -43.31 16.15 -31.58
N ARG D 138 -44.35 15.45 -32.01
CA ARG D 138 -45.68 16.05 -31.97
C ARG D 138 -46.48 15.61 -30.75
N ASP D 139 -46.23 14.41 -30.24
CA ASP D 139 -47.04 13.83 -29.18
C ASP D 139 -46.26 12.69 -28.57
N TYR D 140 -46.66 12.28 -27.37
CA TYR D 140 -45.95 11.20 -26.69
C TYR D 140 -46.90 10.54 -25.70
N VAL D 141 -46.58 9.28 -25.34
CA VAL D 141 -47.17 8.65 -24.16
C VAL D 141 -46.06 8.02 -23.33
N TRP D 142 -46.34 7.83 -22.05
CA TRP D 142 -45.46 7.07 -21.16
C TRP D 142 -45.68 5.57 -21.34
N SER D 143 -44.59 4.81 -21.17
CA SER D 143 -44.86 3.38 -21.05
C SER D 143 -45.40 3.06 -19.66
N PRO D 144 -46.21 2.00 -19.53
CA PRO D 144 -46.71 1.62 -18.20
C PRO D 144 -45.61 1.32 -17.17
N ASP D 145 -44.49 0.71 -17.57
CA ASP D 145 -43.41 0.49 -16.61
C ASP D 145 -42.55 1.72 -16.42
N GLY D 146 -42.76 2.78 -17.19
CA GLY D 146 -41.96 3.97 -17.07
C GLY D 146 -40.56 3.88 -17.62
N THR D 147 -40.17 2.76 -18.23
CA THR D 147 -38.78 2.64 -18.72
C THR D 147 -38.59 3.20 -20.12
N PHE D 148 -39.66 3.69 -20.75
CA PHE D 148 -39.57 4.33 -22.04
C PHE D 148 -40.84 5.14 -22.28
N LEU D 149 -40.82 5.92 -23.35
CA LEU D 149 -41.98 6.67 -23.82
C LEU D 149 -42.11 6.43 -25.31
N ILE D 150 -43.33 6.59 -25.83
CA ILE D 150 -43.58 6.49 -27.26
C ILE D 150 -43.84 7.90 -27.78
N THR D 151 -43.03 8.33 -28.75
CA THR D 151 -43.15 9.65 -29.35
C THR D 151 -43.56 9.56 -30.81
N LEU D 152 -44.31 10.57 -31.26
CA LEU D 152 -44.68 10.73 -32.66
C LEU D 152 -43.75 11.76 -33.32
N THR D 153 -43.07 11.36 -34.38
CA THR D 153 -42.26 12.24 -35.21
C THR D 153 -42.57 11.94 -36.68
N THR D 154 -42.08 12.80 -37.57
CA THR D 154 -42.29 12.63 -39.00
C THR D 154 -40.96 12.67 -39.72
N LEU D 155 -40.84 11.86 -40.78
CA LEU D 155 -39.64 11.78 -41.61
C LEU D 155 -39.99 11.89 -43.08
N GLY D 156 -39.11 12.56 -43.84
CA GLY D 156 -39.10 12.38 -45.27
C GLY D 156 -38.61 11.01 -45.65
N ASP D 157 -38.88 10.62 -46.90
CA ASP D 157 -38.46 9.31 -47.37
C ASP D 157 -36.94 9.18 -47.43
N ASP D 158 -36.21 10.29 -47.40
CA ASP D 158 -34.76 10.30 -47.36
C ASP D 158 -34.22 10.54 -45.95
N GLU D 159 -35.08 10.56 -44.93
CA GLU D 159 -34.67 10.74 -43.55
C GLU D 159 -34.96 9.46 -42.76
N THR D 160 -34.28 9.32 -41.63
CA THR D 160 -34.51 8.25 -40.67
C THR D 160 -34.57 8.82 -39.26
N ILE D 161 -34.87 7.96 -38.29
CA ILE D 161 -34.97 8.44 -36.92
C ILE D 161 -33.62 8.81 -36.35
N GLU D 162 -32.51 8.37 -36.98
CA GLU D 162 -31.20 8.74 -36.46
C GLU D 162 -30.81 10.17 -36.83
N ASP D 163 -31.57 10.84 -37.70
CA ASP D 163 -31.30 12.23 -38.05
C ASP D 163 -31.74 13.16 -36.93
N ARG D 164 -30.89 14.13 -36.61
CA ARG D 164 -31.07 14.98 -35.44
C ARG D 164 -31.42 16.41 -35.84
N GLU D 165 -31.94 17.18 -34.88
CA GLU D 165 -32.18 18.60 -35.11
C GLU D 165 -30.85 19.30 -35.36
N GLU D 166 -30.88 20.30 -36.25
CA GLU D 166 -29.68 21.05 -36.62
C GLU D 166 -30.03 22.54 -36.59
N PRO D 167 -29.86 23.21 -35.44
CA PRO D 167 -30.18 24.64 -35.29
C PRO D 167 -29.14 25.54 -35.98
N LEU D 177 -32.66 27.38 -57.58
CA LEU D 177 -33.94 27.08 -56.93
C LEU D 177 -34.61 25.89 -57.59
N LYS D 178 -35.49 25.22 -56.85
CA LYS D 178 -36.14 24.04 -57.36
C LYS D 178 -37.63 24.30 -57.51
N PRO D 179 -38.20 24.00 -58.68
CA PRO D 179 -39.66 24.04 -58.81
C PRO D 179 -40.30 22.95 -57.98
N ARG D 180 -41.51 23.22 -57.51
CA ARG D 180 -42.23 22.28 -56.67
C ARG D 180 -43.24 21.50 -57.52
N VAL D 181 -43.15 20.18 -57.46
CA VAL D 181 -43.97 19.28 -58.27
C VAL D 181 -45.07 18.76 -57.37
N VAL D 182 -46.32 19.08 -57.70
CA VAL D 182 -47.46 18.77 -56.87
C VAL D 182 -48.28 17.71 -57.60
N GLU D 183 -48.54 16.60 -56.92
CA GLU D 183 -49.16 15.43 -57.54
C GLU D 183 -50.33 14.89 -56.74
N ARG D 184 -50.80 15.60 -55.71
CA ARG D 184 -51.87 15.13 -54.85
C ARG D 184 -52.81 16.29 -54.52
N LEU D 185 -54.01 15.95 -54.03
CA LEU D 185 -55.01 16.96 -53.71
C LEU D 185 -54.65 17.70 -52.42
N TYR D 186 -54.25 16.97 -51.39
CA TYR D 186 -53.87 17.59 -50.14
C TYR D 186 -52.39 17.89 -50.17
N TYR D 187 -52.00 19.02 -50.74
CA TYR D 187 -50.59 19.35 -50.81
C TYR D 187 -50.20 20.54 -49.92
N LYS D 188 -51.13 21.06 -49.13
CA LYS D 188 -50.84 22.22 -48.31
C LYS D 188 -51.83 22.28 -47.17
N SER D 189 -51.45 22.99 -46.11
CA SER D 189 -52.32 23.12 -44.95
C SER D 189 -52.23 24.56 -44.45
N ASP D 190 -53.28 24.97 -43.72
CA ASP D 190 -53.21 26.29 -43.11
C ASP D 190 -52.16 26.33 -42.00
N ALA D 191 -51.95 25.19 -41.33
CA ALA D 191 -51.06 25.17 -40.17
C ALA D 191 -49.60 25.29 -40.59
N SER D 192 -49.21 24.65 -41.71
CA SER D 192 -47.80 24.60 -42.06
C SER D 192 -47.50 24.87 -43.54
N GLY D 193 -48.41 25.51 -44.28
CA GLY D 193 -48.15 25.83 -45.68
C GLY D 193 -47.98 24.58 -46.51
N PHE D 194 -47.15 24.68 -47.55
CA PHE D 194 -46.90 23.53 -48.42
C PHE D 194 -46.44 22.33 -47.61
N LEU D 195 -47.00 21.17 -47.92
CA LEU D 195 -46.56 19.96 -47.25
C LEU D 195 -45.51 19.26 -48.10
N ASP D 196 -44.58 18.61 -47.42
CA ASP D 196 -43.52 17.86 -48.08
C ASP D 196 -43.86 16.38 -48.17
N GLY D 197 -44.95 15.95 -47.56
CA GLY D 197 -45.30 14.55 -47.63
C GLY D 197 -44.49 13.68 -46.71
N LYS D 198 -44.02 14.23 -45.60
CA LYS D 198 -43.36 13.40 -44.61
C LYS D 198 -44.36 12.40 -44.03
N ARG D 199 -43.85 11.22 -43.69
CA ARG D 199 -44.66 10.18 -43.07
C ARG D 199 -44.42 10.14 -41.57
N ALA D 200 -45.44 9.68 -40.85
CA ALA D 200 -45.42 9.59 -39.40
C ALA D 200 -44.84 8.27 -38.95
N VAL D 201 -44.19 8.32 -37.79
CA VAL D 201 -43.51 7.18 -37.17
C VAL D 201 -43.64 7.36 -35.67
N LEU D 202 -44.02 6.28 -34.98
CA LEU D 202 -44.00 6.22 -33.53
C LEU D 202 -42.73 5.49 -33.13
N THR D 203 -42.00 6.07 -32.20
CA THR D 203 -40.70 5.55 -31.79
C THR D 203 -40.71 5.36 -30.29
N ARG D 204 -40.14 4.24 -29.86
CA ARG D 204 -39.87 4.02 -28.45
C ARG D 204 -38.57 4.75 -28.08
N ILE D 205 -38.62 5.56 -27.01
CA ILE D 205 -37.46 6.31 -26.53
C ILE D 205 -37.18 5.82 -25.11
N ASP D 206 -36.03 5.19 -24.92
CA ASP D 206 -35.68 4.69 -23.60
C ASP D 206 -35.33 5.87 -22.68
N VAL D 207 -35.79 5.82 -21.41
CA VAL D 207 -35.63 6.99 -20.55
C VAL D 207 -34.16 7.23 -20.23
N LEU D 208 -33.42 6.17 -19.92
CA LEU D 208 -32.02 6.32 -19.53
C LEU D 208 -31.16 6.65 -20.74
N SER D 209 -31.06 5.72 -21.69
CA SER D 209 -30.17 5.87 -22.83
C SER D 209 -30.66 6.88 -23.86
N GLY D 210 -31.96 7.23 -23.84
CA GLY D 210 -32.52 8.09 -24.87
C GLY D 210 -32.48 7.44 -26.25
N LYS D 211 -32.02 6.19 -26.30
CA LYS D 211 -31.94 5.44 -27.54
C LYS D 211 -33.34 5.24 -28.15
N SER D 212 -33.45 5.50 -29.44
CA SER D 212 -34.72 5.47 -30.15
C SER D 212 -34.86 4.20 -30.97
N GLU D 213 -36.12 3.83 -31.22
CA GLU D 213 -36.44 2.60 -31.94
C GLU D 213 -37.81 2.79 -32.58
N ALA D 214 -37.87 2.79 -33.91
CA ALA D 214 -39.14 2.91 -34.58
C ALA D 214 -40.04 1.72 -34.23
N LEU D 215 -41.31 1.99 -33.97
CA LEU D 215 -42.27 0.94 -33.68
C LEU D 215 -43.18 0.64 -34.85
N THR D 216 -43.69 1.69 -35.50
CA THR D 216 -44.48 1.58 -36.71
C THR D 216 -43.61 1.73 -37.94
N GLY D 217 -44.18 1.42 -39.09
CA GLY D 217 -43.53 1.81 -40.33
C GLY D 217 -43.73 3.29 -40.59
N ARG D 218 -43.57 3.70 -41.84
CA ARG D 218 -43.79 5.09 -42.23
C ARG D 218 -45.26 5.26 -42.63
N GLU D 219 -46.08 5.77 -41.71
CA GLU D 219 -47.52 5.89 -41.93
C GLU D 219 -47.86 7.17 -42.65
N GLU D 220 -48.85 7.08 -43.54
CA GLU D 220 -49.34 8.27 -44.20
C GLU D 220 -49.77 9.33 -43.17
N GLU D 221 -50.41 8.88 -42.10
CA GLU D 221 -50.89 9.80 -41.07
C GLU D 221 -51.16 8.96 -39.82
N ILE D 222 -50.80 9.51 -38.67
CA ILE D 222 -51.03 8.87 -37.37
C ILE D 222 -51.70 9.89 -36.47
N GLY D 223 -52.85 9.52 -35.89
CA GLY D 223 -53.53 10.42 -34.98
C GLY D 223 -53.31 10.00 -33.54
N SER D 224 -54.41 9.79 -32.82
CA SER D 224 -54.37 9.36 -31.43
C SER D 224 -53.59 8.06 -31.29
N PHE D 225 -52.98 7.87 -30.12
CA PHE D 225 -52.33 6.61 -29.82
C PHE D 225 -52.23 6.43 -28.32
N ALA D 226 -52.17 5.17 -27.89
CA ALA D 226 -52.32 4.80 -26.49
C ALA D 226 -51.75 3.40 -26.30
N ILE D 227 -51.03 3.19 -25.22
CA ILE D 227 -50.38 1.90 -24.97
C ILE D 227 -51.18 1.19 -23.90
N SER D 228 -51.39 -0.12 -24.06
CA SER D 228 -52.20 -0.87 -23.11
C SER D 228 -51.50 -0.89 -21.75
N PRO D 229 -52.25 -1.06 -20.66
CA PRO D 229 -51.62 -0.98 -19.33
C PRO D 229 -50.72 -2.16 -18.99
N ASN D 230 -50.70 -3.23 -19.79
CA ASN D 230 -49.71 -4.29 -19.60
C ASN D 230 -48.50 -4.14 -20.50
N GLY D 231 -48.37 -3.02 -21.20
CA GLY D 231 -47.26 -2.80 -22.12
C GLY D 231 -47.28 -3.60 -23.40
N ARG D 232 -48.23 -4.53 -23.58
CA ARG D 232 -48.12 -5.45 -24.71
C ARG D 232 -48.51 -4.82 -26.03
N THR D 233 -49.41 -3.82 -26.02
CA THR D 233 -50.09 -3.40 -27.24
C THR D 233 -50.09 -1.88 -27.38
N LEU D 234 -49.75 -1.42 -28.57
CA LEU D 234 -49.82 -0.02 -28.94
C LEU D 234 -50.99 0.17 -29.93
N ALA D 235 -52.00 0.93 -29.52
CA ALA D 235 -53.13 1.26 -30.40
C ALA D 235 -52.95 2.65 -30.98
N PHE D 236 -53.11 2.81 -32.29
CA PHE D 236 -52.99 4.13 -32.89
C PHE D 236 -53.95 4.29 -34.07
N VAL D 237 -54.20 5.54 -34.45
CA VAL D 237 -55.15 5.87 -35.50
C VAL D 237 -54.39 6.20 -36.77
N ALA D 238 -54.65 5.45 -37.85
CA ALA D 238 -53.93 5.58 -39.11
C ALA D 238 -54.89 5.84 -40.26
N ASN D 239 -54.40 6.52 -41.29
CA ASN D 239 -55.10 6.63 -42.56
C ASN D 239 -54.56 5.52 -43.45
N ARG D 240 -55.33 4.45 -43.61
CA ARG D 240 -54.89 3.28 -44.36
C ARG D 240 -55.62 3.14 -45.70
N ASN D 241 -56.10 4.24 -46.25
CA ASN D 241 -56.82 4.21 -47.51
C ASN D 241 -55.86 4.33 -48.68
N GLU D 242 -56.22 3.68 -49.80
CA GLU D 242 -55.34 3.72 -50.96
C GLU D 242 -55.23 5.12 -51.52
N ASP D 243 -56.34 5.87 -51.55
CA ASP D 243 -56.37 7.27 -51.91
C ASP D 243 -56.58 8.04 -50.61
N PRO D 244 -55.51 8.38 -49.89
CA PRO D 244 -55.68 8.87 -48.52
C PRO D 244 -56.21 10.29 -48.44
N ASP D 245 -56.05 11.09 -49.49
CA ASP D 245 -56.57 12.45 -49.45
C ASP D 245 -58.09 12.51 -49.66
N THR D 246 -58.66 11.57 -50.41
CA THR D 246 -60.08 11.61 -50.75
C THR D 246 -60.94 10.66 -49.93
N THR D 247 -60.35 9.79 -49.12
CA THR D 247 -61.08 8.91 -48.23
C THR D 247 -60.89 9.37 -46.78
N PHE D 248 -61.99 9.42 -46.02
CA PHE D 248 -61.93 10.13 -44.75
C PHE D 248 -62.14 9.22 -43.55
N THR D 249 -62.23 7.92 -43.76
CA THR D 249 -62.18 7.01 -42.62
C THR D 249 -60.76 6.82 -42.14
N ARG D 250 -60.64 6.51 -40.86
CA ARG D 250 -59.37 6.38 -40.16
C ARG D 250 -59.47 5.16 -39.26
N ASP D 251 -58.54 4.22 -39.42
CA ASP D 251 -58.64 2.97 -38.70
C ASP D 251 -57.83 3.01 -37.42
N ILE D 252 -58.34 2.33 -36.40
CA ILE D 252 -57.56 1.99 -35.22
C ILE D 252 -56.71 0.77 -35.56
N VAL D 253 -55.39 0.92 -35.53
CA VAL D 253 -54.45 -0.19 -35.74
C VAL D 253 -53.90 -0.63 -34.37
N LEU D 254 -53.89 -1.93 -34.13
CA LEU D 254 -53.32 -2.51 -32.92
C LEU D 254 -51.96 -3.13 -33.26
N LEU D 255 -50.90 -2.58 -32.67
CA LEU D 255 -49.53 -3.05 -32.93
C LEU D 255 -49.01 -3.80 -31.71
N ASP D 256 -48.60 -5.05 -31.93
CA ASP D 256 -47.95 -5.82 -30.87
C ASP D 256 -46.55 -5.25 -30.63
N LEU D 257 -46.28 -4.80 -29.40
CA LEU D 257 -44.98 -4.20 -29.10
C LEU D 257 -43.83 -5.16 -29.34
N GLU D 258 -44.01 -6.43 -29.02
CA GLU D 258 -42.97 -7.43 -29.22
C GLU D 258 -42.74 -7.69 -30.71
N SER D 259 -43.76 -8.21 -31.39
CA SER D 259 -43.61 -8.71 -32.75
C SER D 259 -43.70 -7.63 -33.81
N LYS D 260 -44.16 -6.41 -33.48
CA LYS D 260 -44.48 -5.35 -34.43
C LYS D 260 -45.55 -5.76 -35.44
N ALA D 261 -46.31 -6.83 -35.16
CA ALA D 261 -47.38 -7.27 -36.05
C ALA D 261 -48.64 -6.43 -35.82
N GLU D 262 -49.14 -5.80 -36.89
CA GLU D 262 -50.27 -4.89 -36.84
C GLU D 262 -51.54 -5.57 -37.35
N THR D 263 -52.67 -5.17 -36.77
CA THR D 263 -53.97 -5.67 -37.18
C THR D 263 -54.96 -4.52 -37.18
N ASN D 264 -55.80 -4.46 -38.22
CA ASN D 264 -56.79 -3.40 -38.37
C ASN D 264 -58.05 -3.73 -37.57
N LEU D 265 -58.33 -2.92 -36.55
CA LEU D 265 -59.44 -3.19 -35.64
C LEU D 265 -60.80 -2.72 -36.13
N THR D 266 -60.84 -1.78 -37.09
CA THR D 266 -62.08 -1.14 -37.50
C THR D 266 -62.42 -1.33 -38.96
N ASN D 267 -61.43 -1.58 -39.82
CA ASN D 267 -61.62 -1.91 -41.22
C ASN D 267 -62.63 -0.99 -41.90
N GLY D 268 -62.48 0.30 -41.66
CA GLY D 268 -63.18 1.29 -42.44
C GLY D 268 -64.58 1.63 -41.96
N CYS D 269 -64.92 1.29 -40.74
CA CYS D 269 -66.24 1.55 -40.20
C CYS D 269 -66.40 2.96 -39.65
N GLY D 270 -65.43 3.86 -39.82
CA GLY D 270 -65.59 5.22 -39.30
C GLY D 270 -64.26 5.96 -39.17
N THR D 271 -64.20 6.86 -38.20
CA THR D 271 -62.98 7.61 -37.91
C THR D 271 -62.95 7.86 -36.41
N PHE D 272 -61.75 8.00 -35.84
CA PHE D 272 -61.64 7.89 -34.40
C PHE D 272 -60.50 8.75 -33.88
N ALA D 273 -60.56 9.04 -32.59
CA ALA D 273 -59.58 9.86 -31.90
C ALA D 273 -59.75 9.59 -30.41
N SER D 274 -58.82 10.11 -29.62
CA SER D 274 -58.92 10.09 -28.15
C SER D 274 -58.98 8.67 -27.58
N LEU D 275 -58.04 7.82 -28.00
CA LEU D 275 -58.00 6.44 -27.53
C LEU D 275 -57.71 6.38 -26.04
N ALA D 276 -58.35 5.43 -25.37
CA ALA D 276 -58.09 5.22 -23.95
C ALA D 276 -58.33 3.75 -23.63
N TRP D 277 -57.30 3.08 -23.10
CA TRP D 277 -57.43 1.68 -22.69
C TRP D 277 -58.10 1.64 -21.33
N SER D 278 -58.97 0.65 -21.14
CA SER D 278 -59.58 0.44 -19.85
C SER D 278 -58.51 -0.02 -18.86
N PRO D 279 -58.73 0.22 -17.55
CA PRO D 279 -57.73 -0.23 -16.57
C PRO D 279 -57.28 -1.65 -16.77
N ASP D 280 -58.20 -2.59 -16.98
CA ASP D 280 -57.81 -3.99 -17.10
C ASP D 280 -57.32 -4.38 -18.48
N GLY D 281 -57.24 -3.46 -19.42
CA GLY D 281 -56.69 -3.77 -20.74
C GLY D 281 -57.61 -4.49 -21.69
N THR D 282 -58.82 -4.86 -21.27
CA THR D 282 -59.72 -5.61 -22.14
C THR D 282 -60.53 -4.72 -23.08
N LYS D 283 -60.63 -3.43 -22.78
CA LYS D 283 -61.42 -2.53 -23.61
C LYS D 283 -60.61 -1.30 -24.00
N LEU D 284 -60.93 -0.78 -25.18
CA LEU D 284 -60.30 0.41 -25.75
C LEU D 284 -61.41 1.39 -26.09
N ALA D 285 -61.45 2.52 -25.41
CA ALA D 285 -62.46 3.55 -25.68
C ALA D 285 -61.93 4.52 -26.73
N ALA D 286 -62.86 5.26 -27.34
CA ALA D 286 -62.51 6.22 -28.38
C ALA D 286 -63.70 7.15 -28.63
N ILE D 287 -63.40 8.34 -29.12
CA ILE D 287 -64.41 9.25 -29.64
C ILE D 287 -64.40 9.11 -31.15
N GLY D 288 -65.56 8.82 -31.72
CA GLY D 288 -65.60 8.57 -33.15
C GLY D 288 -67.01 8.64 -33.68
N HIS D 289 -67.15 8.33 -34.96
CA HIS D 289 -68.45 8.31 -35.63
C HIS D 289 -68.24 7.66 -37.00
N ASP D 290 -69.33 7.57 -37.76
CA ASP D 290 -69.30 6.88 -39.04
C ASP D 290 -69.49 7.79 -40.23
N LEU D 291 -69.31 9.10 -40.07
CA LEU D 291 -69.43 10.05 -41.19
C LEU D 291 -70.81 10.03 -41.86
N ALA D 292 -71.84 9.49 -41.20
CA ALA D 292 -73.19 9.50 -41.77
C ALA D 292 -73.59 10.89 -42.25
N TYR D 293 -73.18 11.93 -41.51
CA TYR D 293 -73.52 13.30 -41.86
C TYR D 293 -72.27 14.14 -42.12
N LEU D 294 -71.23 13.49 -42.66
CA LEU D 294 -69.92 14.07 -43.02
C LEU D 294 -69.42 14.89 -41.83
N GLY D 295 -69.05 16.16 -42.02
CA GLY D 295 -68.49 16.95 -40.93
C GLY D 295 -69.48 17.37 -39.87
N ALA D 296 -70.78 17.13 -40.08
CA ALA D 296 -71.78 17.41 -39.06
C ALA D 296 -72.11 16.20 -38.19
N THR D 297 -71.52 15.05 -38.45
CA THR D 297 -71.84 13.87 -37.66
C THR D 297 -71.47 14.07 -36.20
N LEU D 298 -72.39 13.70 -35.29
CA LEU D 298 -72.11 13.78 -33.87
C LEU D 298 -70.92 12.89 -33.51
N HIS D 299 -70.07 13.38 -32.58
CA HIS D 299 -69.00 12.56 -32.03
C HIS D 299 -69.57 11.77 -30.86
N ARG D 300 -69.33 10.48 -30.88
CA ARG D 300 -69.92 9.54 -29.94
C ARG D 300 -68.83 8.78 -29.22
N LEU D 301 -69.21 8.14 -28.11
CA LEU D 301 -68.29 7.30 -27.34
C LEU D 301 -68.39 5.86 -27.83
N TYR D 302 -67.35 5.39 -28.50
CA TYR D 302 -67.20 3.96 -28.81
C TYR D 302 -66.37 3.27 -27.75
N VAL D 303 -66.73 2.02 -27.44
CA VAL D 303 -65.86 1.13 -26.64
C VAL D 303 -65.67 -0.16 -27.41
N PHE D 304 -64.40 -0.50 -27.65
CA PHE D 304 -64.02 -1.71 -28.36
C PHE D 304 -63.54 -2.78 -27.39
N GLU D 305 -63.75 -4.03 -27.79
CA GLU D 305 -63.18 -5.18 -27.09
C GLU D 305 -62.42 -5.99 -28.14
N PRO D 306 -61.11 -5.77 -28.27
CA PRO D 306 -60.37 -6.48 -29.32
C PRO D 306 -60.31 -7.98 -29.12
N GLU D 307 -60.32 -8.46 -27.87
CA GLU D 307 -60.30 -9.90 -27.67
C GLU D 307 -61.60 -10.54 -28.16
N ARG D 308 -62.75 -10.04 -27.71
CA ARG D 308 -64.01 -10.55 -28.24
C ARG D 308 -64.30 -10.04 -29.65
N GLY D 309 -63.47 -9.17 -30.21
CA GLY D 309 -63.68 -8.62 -31.54
C GLY D 309 -64.89 -7.72 -31.69
N THR D 310 -65.49 -7.26 -30.59
CA THR D 310 -66.72 -6.50 -30.62
C THR D 310 -66.45 -4.99 -30.51
N LYS D 311 -67.53 -4.22 -30.67
CA LYS D 311 -67.56 -2.79 -30.41
C LYS D 311 -68.98 -2.40 -30.07
N ARG D 312 -69.13 -1.33 -29.27
CA ARG D 312 -70.43 -0.83 -28.84
C ARG D 312 -70.40 0.69 -28.78
N VAL D 313 -71.36 1.34 -29.44
CA VAL D 313 -71.45 2.79 -29.47
C VAL D 313 -72.34 3.21 -28.32
N LEU D 314 -71.71 3.55 -27.19
CA LEU D 314 -72.43 3.71 -25.93
C LEU D 314 -73.30 4.94 -25.88
N THR D 315 -73.09 5.93 -26.74
CA THR D 315 -73.96 7.10 -26.72
C THR D 315 -74.76 7.20 -28.00
N ALA D 316 -75.00 6.08 -28.66
CA ALA D 316 -75.69 6.09 -29.94
C ALA D 316 -77.11 6.62 -29.82
N ASP D 317 -77.74 6.44 -28.66
CA ASP D 317 -79.08 6.96 -28.49
C ASP D 317 -79.07 8.24 -27.67
N TRP D 318 -77.92 8.84 -27.46
CA TRP D 318 -77.81 10.14 -26.77
C TRP D 318 -77.52 11.20 -27.83
N ASP D 319 -78.52 12.04 -28.13
CA ASP D 319 -78.45 13.03 -29.22
C ASP D 319 -77.60 14.23 -28.81
N VAL D 320 -76.35 13.96 -28.41
CA VAL D 320 -75.47 15.00 -27.91
C VAL D 320 -74.06 14.79 -28.50
N HIS D 321 -73.42 15.91 -28.84
CA HIS D 321 -72.06 15.93 -29.36
C HIS D 321 -71.06 15.80 -28.21
N LEU D 322 -70.28 14.72 -28.23
CA LEU D 322 -69.17 14.58 -27.29
C LEU D 322 -67.97 15.41 -27.75
N GLY D 323 -67.26 15.98 -26.80
CA GLY D 323 -66.17 16.86 -27.10
C GLY D 323 -66.53 18.32 -26.87
N ASP D 324 -65.66 19.19 -27.39
CA ASP D 324 -65.64 20.61 -27.08
C ASP D 324 -65.88 21.38 -28.38
N ALA D 325 -67.08 21.88 -28.58
CA ALA D 325 -67.35 22.64 -29.78
C ALA D 325 -67.37 24.12 -29.50
N MET D 326 -67.00 24.52 -28.28
CA MET D 326 -67.10 25.92 -27.87
C MET D 326 -66.32 26.84 -28.80
N VAL D 327 -66.87 28.04 -29.02
CA VAL D 327 -66.17 29.07 -29.78
C VAL D 327 -65.62 30.09 -28.82
N GLY D 328 -64.32 30.37 -28.91
CA GLY D 328 -63.73 31.41 -28.09
C GLY D 328 -62.40 31.84 -28.67
N ASP D 329 -61.83 32.87 -28.06
CA ASP D 329 -60.53 33.37 -28.51
C ASP D 329 -59.43 33.24 -27.46
N THR D 330 -59.60 32.39 -26.44
CA THR D 330 -58.62 32.51 -25.36
C THR D 330 -57.89 31.22 -24.98
N HIS D 331 -58.59 30.08 -24.95
CA HIS D 331 -57.97 28.79 -24.64
C HIS D 331 -57.94 27.85 -25.85
N ALA D 332 -57.80 28.42 -27.04
CA ALA D 332 -58.12 27.67 -28.27
C ALA D 332 -57.22 26.46 -28.48
N ASP D 333 -55.96 26.52 -28.03
CA ASP D 333 -55.05 25.39 -28.21
C ASP D 333 -54.88 24.58 -26.94
N ALA D 334 -55.74 24.80 -25.93
CA ALA D 334 -55.67 24.03 -24.71
C ALA D 334 -56.07 22.58 -24.97
N LYS D 335 -55.23 21.64 -24.55
CA LYS D 335 -55.52 20.21 -24.73
C LYS D 335 -56.70 19.80 -23.84
N GLY D 336 -57.87 19.58 -24.45
CA GLY D 336 -59.02 19.01 -23.76
C GLY D 336 -58.80 17.53 -23.45
N PRO D 337 -59.61 16.98 -22.55
CA PRO D 337 -59.41 15.56 -22.22
C PRO D 337 -60.24 14.67 -23.12
N GLY D 338 -59.66 13.53 -23.48
CA GLY D 338 -60.43 12.47 -24.09
C GLY D 338 -61.25 11.78 -23.01
N PRO D 339 -61.91 10.68 -23.38
CA PRO D 339 -62.65 9.91 -22.37
C PRO D 339 -61.71 9.36 -21.33
N ILE D 340 -62.13 9.42 -20.08
CA ILE D 340 -61.34 8.93 -18.96
C ILE D 340 -62.12 7.83 -18.26
N TRP D 341 -61.47 6.69 -18.06
CA TRP D 341 -62.13 5.55 -17.43
C TRP D 341 -62.23 5.75 -15.93
N ALA D 342 -63.36 5.33 -15.36
CA ALA D 342 -63.42 5.13 -13.93
C ALA D 342 -62.38 4.10 -13.52
N SER D 343 -61.78 4.32 -12.34
CA SER D 343 -60.73 3.41 -11.91
C SER D 343 -61.23 1.98 -11.83
N ASP D 344 -62.51 1.78 -11.49
CA ASP D 344 -63.08 0.45 -11.46
C ASP D 344 -63.51 -0.07 -12.83
N GLY D 345 -63.27 0.69 -13.90
CA GLY D 345 -63.67 0.25 -15.23
C GLY D 345 -65.16 0.17 -15.49
N SER D 346 -65.99 0.79 -14.66
CA SER D 346 -67.44 0.71 -14.85
C SER D 346 -67.99 1.70 -15.88
N GLY D 347 -67.19 2.65 -16.36
CA GLY D 347 -67.68 3.61 -17.33
C GLY D 347 -66.65 4.66 -17.64
N LEU D 348 -67.08 5.68 -18.41
CA LEU D 348 -66.16 6.72 -18.86
C LEU D 348 -66.69 8.11 -18.58
N TYR D 349 -65.77 9.01 -18.23
CA TYR D 349 -66.11 10.41 -18.03
C TYR D 349 -65.84 11.13 -19.35
N VAL D 350 -66.87 11.75 -19.91
CA VAL D 350 -66.81 12.36 -21.23
C VAL D 350 -67.32 13.79 -21.11
N THR D 351 -66.65 14.70 -21.81
CA THR D 351 -67.19 16.04 -21.95
C THR D 351 -68.18 16.07 -23.09
N ALA D 352 -69.11 17.02 -23.03
CA ALA D 352 -70.09 17.12 -24.09
C ALA D 352 -70.50 18.59 -24.24
N SER D 353 -70.83 18.97 -25.47
CA SER D 353 -71.24 20.33 -25.79
C SER D 353 -72.74 20.38 -26.03
N GLU D 354 -73.45 21.12 -25.19
CA GLU D 354 -74.90 21.22 -25.40
C GLU D 354 -75.35 22.59 -24.93
N ARG D 355 -76.09 23.28 -25.81
CA ARG D 355 -76.79 24.50 -25.45
C ARG D 355 -75.84 25.52 -24.82
N GLY D 356 -74.72 25.75 -25.48
CA GLY D 356 -73.74 26.71 -25.02
C GLY D 356 -72.85 26.27 -23.87
N ARG D 357 -72.97 25.02 -23.41
CA ARG D 357 -72.21 24.51 -22.27
C ARG D 357 -71.28 23.38 -22.71
N VAL D 358 -70.10 23.34 -22.10
CA VAL D 358 -69.25 22.16 -22.17
C VAL D 358 -69.15 21.63 -20.75
N ASN D 359 -69.74 20.46 -20.54
CA ASN D 359 -69.94 19.90 -19.22
C ASN D 359 -69.47 18.46 -19.23
N LEU D 360 -69.35 17.90 -18.03
CA LEU D 360 -68.80 16.56 -17.85
C LEU D 360 -69.91 15.59 -17.45
N TYR D 361 -69.88 14.42 -18.10
CA TYR D 361 -70.88 13.40 -17.88
C TYR D 361 -70.17 12.08 -17.67
N PHE D 362 -70.89 11.13 -17.08
CA PHE D 362 -70.41 9.78 -16.92
C PHE D 362 -71.27 8.86 -17.77
N VAL D 363 -70.64 8.06 -18.61
CA VAL D 363 -71.33 7.07 -19.42
C VAL D 363 -70.96 5.72 -18.85
N SER D 364 -71.93 5.09 -18.19
CA SER D 364 -71.75 3.80 -17.56
C SER D 364 -71.75 2.70 -18.61
N LEU D 365 -70.87 1.71 -18.43
CA LEU D 365 -70.95 0.50 -19.26
C LEU D 365 -72.32 -0.18 -19.12
N ALA D 366 -73.00 0.06 -17.99
CA ALA D 366 -74.27 -0.57 -17.69
C ALA D 366 -75.45 0.14 -18.32
N GLY D 367 -75.27 1.35 -18.89
CA GLY D 367 -76.35 2.03 -19.54
C GLY D 367 -76.51 3.50 -19.22
N PRO D 368 -76.74 3.81 -17.94
CA PRO D 368 -77.02 5.20 -17.57
C PRO D 368 -75.94 6.18 -18.01
N ILE D 369 -76.41 7.34 -18.46
CA ILE D 369 -75.60 8.52 -18.72
C ILE D 369 -76.04 9.58 -17.73
N VAL D 370 -75.14 10.03 -16.87
CA VAL D 370 -75.51 10.97 -15.82
C VAL D 370 -74.58 12.17 -15.87
N PRO D 371 -75.04 13.37 -15.52
CA PRO D 371 -74.15 14.52 -15.42
C PRO D 371 -73.32 14.45 -14.14
N VAL D 372 -72.14 15.07 -14.18
CA VAL D 372 -71.27 15.05 -13.01
C VAL D 372 -70.76 16.45 -12.68
N ILE D 373 -70.37 17.21 -13.70
CA ILE D 373 -70.03 18.63 -13.54
C ILE D 373 -70.89 19.39 -14.54
N GLU D 374 -71.96 20.04 -14.07
CA GLU D 374 -72.79 20.82 -14.97
C GLU D 374 -72.88 22.27 -14.50
N GLY D 375 -73.15 23.15 -15.46
CA GLY D 375 -73.30 24.55 -15.17
C GLY D 375 -73.11 25.35 -16.44
N ASN D 376 -73.38 26.65 -16.33
CA ASN D 376 -73.32 27.53 -17.49
C ASN D 376 -71.90 28.04 -17.67
N PHE D 377 -71.04 27.14 -18.17
CA PHE D 377 -69.61 27.44 -18.26
C PHE D 377 -68.97 26.46 -19.25
N HIS D 378 -67.65 26.63 -19.44
CA HIS D 378 -66.86 25.92 -20.44
C HIS D 378 -65.81 25.07 -19.72
N LEU D 379 -66.01 23.76 -19.71
CA LEU D 379 -65.05 22.84 -19.10
C LEU D 379 -64.03 22.52 -20.17
N TYR D 380 -62.91 23.26 -20.16
CA TYR D 380 -61.92 23.19 -21.22
C TYR D 380 -60.65 22.44 -20.81
N GLY D 381 -60.61 21.90 -19.60
CA GLY D 381 -59.54 21.02 -19.20
C GLY D 381 -59.98 20.25 -17.98
N LEU D 382 -59.44 19.04 -17.83
CA LEU D 382 -59.95 18.14 -16.80
C LEU D 382 -58.91 17.10 -16.42
N ALA D 383 -58.75 16.88 -15.12
CA ALA D 383 -57.99 15.77 -14.58
C ALA D 383 -58.84 15.06 -13.52
N ILE D 384 -58.80 13.74 -13.49
CA ILE D 384 -59.62 12.97 -12.55
C ILE D 384 -58.69 12.23 -11.60
N HIS D 385 -59.01 12.30 -10.32
CA HIS D 385 -58.20 11.69 -9.28
C HIS D 385 -57.93 10.22 -9.60
N PRO D 386 -56.70 9.73 -9.36
CA PRO D 386 -56.36 8.35 -9.78
C PRO D 386 -57.13 7.27 -9.03
N SER D 387 -57.70 7.58 -7.88
CA SER D 387 -58.43 6.57 -7.13
C SER D 387 -59.72 7.13 -6.56
N GLU D 388 -59.68 8.37 -6.06
CA GLU D 388 -60.82 8.95 -5.38
C GLU D 388 -61.82 9.57 -6.37
N GLN D 389 -62.96 9.99 -5.83
CA GLN D 389 -64.01 10.66 -6.62
C GLN D 389 -63.80 12.17 -6.55
N GLN D 390 -62.68 12.60 -7.16
CA GLN D 390 -62.31 14.01 -7.18
C GLN D 390 -61.77 14.36 -8.56
N ALA D 391 -61.80 15.65 -8.88
CA ALA D 391 -61.39 16.09 -10.20
C ALA D 391 -60.83 17.51 -10.12
N ILE D 392 -59.98 17.82 -11.09
CA ILE D 392 -59.44 19.15 -11.31
C ILE D 392 -59.97 19.63 -12.63
N ALA D 393 -60.75 20.72 -12.59
CA ALA D 393 -61.41 21.22 -13.77
C ALA D 393 -60.84 22.58 -14.12
N ALA D 394 -60.48 22.77 -15.39
CA ALA D 394 -60.24 24.11 -15.90
C ALA D 394 -61.55 24.61 -16.49
N ILE D 395 -62.03 25.74 -16.00
CA ILE D 395 -63.38 26.22 -16.32
C ILE D 395 -63.30 27.69 -16.68
N SER D 396 -63.92 28.05 -17.80
CA SER D 396 -64.09 29.42 -18.22
C SER D 396 -65.58 29.74 -18.32
N SER D 397 -65.91 31.03 -18.25
CA SER D 397 -67.28 31.50 -18.33
C SER D 397 -67.24 32.93 -18.85
N PRO D 398 -68.37 33.47 -19.32
CA PRO D 398 -68.31 34.81 -19.92
C PRO D 398 -67.63 35.84 -19.03
N THR D 399 -67.74 35.68 -17.71
CA THR D 399 -67.22 36.65 -16.75
C THR D 399 -65.96 36.19 -16.03
N SER D 400 -65.40 35.02 -16.40
CA SER D 400 -64.18 34.51 -15.79
C SER D 400 -63.28 33.97 -16.90
N VAL D 401 -62.05 34.48 -16.98
CA VAL D 401 -61.17 34.09 -18.08
C VAL D 401 -60.91 32.59 -18.06
N GLY D 402 -60.49 32.06 -16.92
CA GLY D 402 -60.33 30.63 -16.77
C GLY D 402 -59.42 30.29 -15.61
N ASP D 403 -59.82 29.32 -14.81
CA ASP D 403 -59.06 28.95 -13.64
C ASP D 403 -59.34 27.49 -13.34
N LEU D 404 -58.48 26.90 -12.52
CA LEU D 404 -58.60 25.52 -12.08
C LEU D 404 -59.50 25.44 -10.85
N TYR D 405 -60.26 24.35 -10.76
CA TYR D 405 -61.20 24.15 -9.66
C TYR D 405 -61.09 22.70 -9.22
N ALA D 406 -61.10 22.48 -7.90
CA ALA D 406 -61.24 21.14 -7.37
C ALA D 406 -62.72 20.79 -7.35
N VAL D 407 -63.09 19.69 -8.00
CA VAL D 407 -64.48 19.34 -8.17
C VAL D 407 -64.72 17.99 -7.54
N SER D 408 -65.68 17.93 -6.63
CA SER D 408 -66.15 16.64 -6.12
C SER D 408 -67.01 15.99 -7.18
N LEU D 409 -66.62 14.79 -7.63
CA LEU D 409 -67.47 14.06 -8.56
C LEU D 409 -68.72 13.48 -7.89
N ALA D 410 -68.92 13.75 -6.61
CA ALA D 410 -70.06 13.21 -5.88
C ALA D 410 -71.26 14.14 -5.95
N ASP D 411 -71.06 15.43 -5.64
CA ASP D 411 -72.13 16.41 -5.68
C ASP D 411 -71.82 17.58 -6.61
N GLY D 412 -70.77 17.48 -7.43
CA GLY D 412 -70.41 18.52 -8.38
C GLY D 412 -69.91 19.82 -7.78
N THR D 413 -69.71 19.83 -6.46
CA THR D 413 -69.27 21.05 -5.78
C THR D 413 -67.82 21.40 -6.13
N LYS D 414 -67.53 22.69 -6.16
CA LYS D 414 -66.29 23.23 -6.70
C LYS D 414 -65.62 24.14 -5.68
N THR D 415 -64.30 24.06 -5.61
CA THR D 415 -63.52 25.05 -4.87
C THR D 415 -62.39 25.58 -5.75
N ARG D 416 -62.24 26.90 -5.78
CA ARG D 416 -61.30 27.51 -6.69
C ARG D 416 -59.87 27.28 -6.20
N LEU D 417 -59.00 26.89 -7.13
CA LEU D 417 -57.60 26.57 -6.85
C LEU D 417 -56.62 27.63 -7.34
N THR D 418 -56.82 28.19 -8.53
CA THR D 418 -55.94 29.22 -9.07
C THR D 418 -56.74 30.51 -9.24
N ARG D 419 -56.02 31.62 -9.31
CA ARG D 419 -56.60 32.89 -9.71
C ARG D 419 -55.60 33.53 -10.67
N ALA D 420 -55.45 32.91 -11.84
CA ALA D 420 -54.36 33.26 -12.74
C ALA D 420 -54.55 34.60 -13.41
N ASN D 421 -55.74 35.17 -13.38
CA ASN D 421 -55.97 36.47 -14.00
C ASN D 421 -56.48 37.46 -12.98
N GLU D 422 -55.91 37.41 -11.76
CA GLU D 422 -56.56 38.05 -10.62
C GLU D 422 -56.57 39.57 -10.74
N ALA D 423 -55.45 40.17 -11.15
CA ALA D 423 -55.39 41.61 -11.26
C ALA D 423 -56.43 42.12 -12.25
N LEU D 424 -56.43 41.56 -13.46
CA LEU D 424 -57.36 41.99 -14.49
C LEU D 424 -58.79 41.90 -13.99
N GLU D 425 -59.15 40.77 -13.38
CA GLU D 425 -60.54 40.58 -12.98
C GLU D 425 -60.92 41.45 -11.80
N ASN D 426 -59.93 41.97 -11.05
CA ASN D 426 -60.23 42.89 -9.96
C ASN D 426 -60.40 44.32 -10.42
N GLU D 427 -59.99 44.65 -11.65
CA GLU D 427 -60.00 46.03 -12.15
C GLU D 427 -61.03 46.28 -13.24
N VAL D 428 -61.19 45.38 -14.19
CA VAL D 428 -62.05 45.58 -15.35
C VAL D 428 -63.38 44.90 -15.08
N VAL D 429 -64.46 45.59 -15.43
CA VAL D 429 -65.79 45.00 -15.34
C VAL D 429 -66.03 44.13 -16.57
N PHE D 430 -66.58 42.94 -16.34
CA PHE D 430 -66.88 42.00 -17.41
C PHE D 430 -68.36 42.12 -17.76
N ALA D 431 -68.68 42.19 -19.05
CA ALA D 431 -70.06 42.11 -19.47
C ALA D 431 -70.48 40.66 -19.51
N ASP D 432 -71.61 40.34 -18.90
CA ASP D 432 -72.09 38.98 -18.91
C ASP D 432 -72.85 38.72 -20.21
N ALA D 433 -73.00 37.44 -20.53
CA ALA D 433 -73.73 36.98 -21.72
C ALA D 433 -75.06 36.41 -21.25
N GLU D 434 -76.16 37.10 -21.59
CA GLU D 434 -77.50 36.67 -21.20
C GLU D 434 -78.08 35.76 -22.27
N PRO D 435 -78.49 34.54 -21.93
CA PRO D 435 -79.03 33.62 -22.95
C PRO D 435 -80.52 33.84 -23.14
N PHE D 436 -80.98 33.52 -24.35
CA PHE D 436 -82.40 33.61 -24.66
C PHE D 436 -82.67 32.73 -25.86
N THR D 437 -83.95 32.37 -26.02
CA THR D 437 -84.40 31.55 -27.13
C THR D 437 -85.41 32.34 -27.95
N TYR D 438 -85.55 31.96 -29.21
CA TYR D 438 -86.47 32.61 -30.12
C TYR D 438 -86.78 31.65 -31.25
N ARG D 439 -87.90 31.86 -31.92
CA ARG D 439 -88.31 30.99 -32.99
C ARG D 439 -87.91 31.60 -34.33
N SER D 440 -87.38 30.75 -35.22
CA SER D 440 -87.06 31.23 -36.56
C SER D 440 -88.32 31.29 -37.41
N ALA D 441 -88.14 31.70 -38.67
CA ALA D 441 -89.28 31.93 -39.55
C ALA D 441 -90.09 30.66 -39.79
N ASP D 442 -89.48 29.48 -39.67
CA ASP D 442 -90.22 28.23 -39.80
C ASP D 442 -90.60 27.66 -38.45
N GLY D 443 -90.54 28.47 -37.40
CA GLY D 443 -90.88 28.02 -36.07
C GLY D 443 -89.76 27.35 -35.28
N LEU D 444 -88.65 26.97 -35.93
CA LEU D 444 -87.59 26.23 -35.22
C LEU D 444 -87.01 27.07 -34.11
N GLU D 445 -86.87 26.49 -32.92
CA GLU D 445 -86.27 27.24 -31.83
C GLU D 445 -84.77 27.40 -32.02
N ILE D 446 -84.28 28.60 -31.73
CA ILE D 446 -82.86 28.92 -31.77
C ILE D 446 -82.48 29.55 -30.44
N GLN D 447 -81.24 29.34 -30.02
CA GLN D 447 -80.72 29.96 -28.82
C GLN D 447 -79.69 31.02 -29.18
N GLY D 448 -79.66 32.11 -28.41
CA GLY D 448 -78.66 33.15 -28.57
C GLY D 448 -78.30 33.75 -27.23
N TRP D 449 -77.38 34.70 -27.29
CA TRP D 449 -76.90 35.44 -26.13
C TRP D 449 -76.80 36.91 -26.48
N ILE D 450 -77.05 37.74 -25.47
CA ILE D 450 -76.92 39.18 -25.60
C ILE D 450 -76.00 39.67 -24.51
N MET D 451 -75.11 40.59 -24.86
CA MET D 451 -74.28 41.30 -23.88
C MET D 451 -74.56 42.79 -23.99
N LYS D 452 -74.79 43.42 -22.84
CA LYS D 452 -74.98 44.85 -22.83
C LYS D 452 -73.69 45.54 -22.40
N PRO D 453 -73.35 46.69 -22.97
CA PRO D 453 -72.11 47.38 -22.57
C PRO D 453 -72.12 47.63 -21.07
N PRO D 454 -70.97 47.40 -20.40
CA PRO D 454 -70.92 47.60 -18.95
C PRO D 454 -71.19 49.02 -18.53
N GLU D 455 -70.93 49.98 -19.42
CA GLU D 455 -71.06 51.40 -19.12
C GLU D 455 -72.41 51.98 -19.58
N LEU D 456 -73.45 51.17 -19.74
CA LEU D 456 -74.75 51.65 -20.21
C LEU D 456 -75.77 51.57 -19.07
N ASP D 457 -76.10 52.73 -18.48
CA ASP D 457 -77.00 52.79 -17.34
C ASP D 457 -78.45 52.75 -17.78
N GLU D 458 -79.27 51.95 -17.09
CA GLU D 458 -80.67 51.69 -17.45
C GLU D 458 -81.48 52.96 -17.68
N GLU D 460 -81.48 54.02 -21.72
CA GLU D 460 -80.36 54.33 -22.62
C GLU D 460 -80.16 53.24 -23.68
N LYS D 461 -79.75 53.64 -24.89
CA LYS D 461 -79.71 52.77 -26.05
C LYS D 461 -78.28 52.64 -26.57
N ALA D 462 -77.94 51.46 -27.09
CA ALA D 462 -76.62 51.25 -27.66
C ALA D 462 -76.73 50.53 -29.00
N PRO D 463 -75.84 50.83 -29.95
CA PRO D 463 -75.89 50.13 -31.24
C PRO D 463 -75.53 48.66 -31.07
N LEU D 464 -76.13 47.83 -31.92
CA LEU D 464 -75.99 46.38 -31.85
C LEU D 464 -74.97 45.90 -32.87
N VAL D 465 -74.10 44.99 -32.44
CA VAL D 465 -73.20 44.28 -33.35
C VAL D 465 -73.51 42.80 -33.25
N VAL D 466 -73.83 42.18 -34.38
CA VAL D 466 -74.10 40.76 -34.44
C VAL D 466 -72.81 40.03 -34.79
N GLU D 467 -72.41 39.09 -33.93
CA GLU D 467 -71.27 38.20 -34.16
C GLU D 467 -71.80 36.86 -34.66
N ILE D 468 -71.18 36.32 -35.71
CA ILE D 468 -71.58 35.05 -36.29
C ILE D 468 -70.39 34.10 -36.24
N HIS D 469 -70.58 32.92 -35.64
CA HIS D 469 -69.41 32.07 -35.48
C HIS D 469 -69.16 31.25 -36.74
N GLY D 470 -67.91 30.80 -36.88
CA GLY D 470 -67.49 29.99 -38.00
C GLY D 470 -67.84 28.52 -37.82
N GLY D 471 -67.28 27.71 -38.68
CA GLY D 471 -67.51 26.28 -38.64
C GLY D 471 -68.06 25.78 -39.96
N PRO D 472 -69.39 25.74 -40.09
CA PRO D 472 -70.42 26.24 -39.18
C PRO D 472 -70.73 25.35 -37.99
N HIS D 473 -70.21 24.12 -37.93
CA HIS D 473 -70.61 23.15 -36.90
C HIS D 473 -69.82 23.37 -35.59
N ALA D 474 -69.99 24.55 -35.02
CA ALA D 474 -69.40 24.93 -33.75
C ALA D 474 -70.48 25.55 -32.89
N MET D 475 -70.12 26.04 -31.71
CA MET D 475 -71.14 26.43 -30.74
C MET D 475 -70.66 27.62 -29.94
N TYR D 476 -71.29 28.79 -30.13
CA TYR D 476 -71.14 29.85 -29.15
C TYR D 476 -71.66 29.38 -27.80
N GLY D 477 -71.18 30.00 -26.73
CA GLY D 477 -71.65 29.59 -25.43
C GLY D 477 -71.10 30.34 -24.24
N PHE D 478 -71.08 29.66 -23.08
CA PHE D 478 -70.67 30.27 -21.82
C PHE D 478 -69.16 30.12 -21.66
N THR D 479 -68.42 30.95 -22.37
CA THR D 479 -66.97 30.94 -22.23
C THR D 479 -66.45 32.37 -22.32
N PHE D 480 -65.24 32.59 -21.83
CA PHE D 480 -64.69 33.93 -21.87
C PHE D 480 -64.31 34.28 -23.30
N PHE D 481 -64.70 35.45 -23.74
CA PHE D 481 -64.47 35.84 -25.13
C PHE D 481 -63.98 37.29 -25.11
N HIS D 482 -62.67 37.48 -25.29
CA HIS D 482 -62.08 38.81 -25.21
C HIS D 482 -62.68 39.76 -26.23
N GLU D 483 -62.77 39.31 -27.49
CA GLU D 483 -63.33 40.16 -28.54
C GLU D 483 -64.71 40.67 -28.16
N LEU D 484 -65.57 39.79 -27.66
CA LEU D 484 -66.92 40.21 -27.30
C LEU D 484 -66.89 41.19 -26.14
N GLN D 485 -65.97 41.00 -25.19
CA GLN D 485 -65.86 41.96 -24.10
C GLN D 485 -65.38 43.31 -24.60
N LEU D 486 -64.45 43.31 -25.57
CA LEU D 486 -63.99 44.56 -26.17
C LEU D 486 -65.12 45.25 -26.91
N LEU D 487 -65.88 44.49 -27.70
CA LEU D 487 -67.03 45.09 -28.38
C LEU D 487 -67.99 45.71 -27.38
N ALA D 488 -68.31 44.99 -26.31
CA ALA D 488 -69.25 45.49 -25.30
C ALA D 488 -68.71 46.74 -24.63
N SER D 489 -67.44 46.70 -24.21
CA SER D 489 -66.85 47.83 -23.53
C SER D 489 -66.67 49.01 -24.45
N SER D 490 -66.65 48.80 -25.75
CA SER D 490 -66.56 49.92 -26.69
C SER D 490 -67.91 50.56 -26.99
N GLY D 491 -68.98 50.12 -26.31
CA GLY D 491 -70.28 50.76 -26.41
C GLY D 491 -71.34 50.02 -27.21
N TYR D 492 -71.08 48.79 -27.63
CA TYR D 492 -72.01 48.04 -28.47
C TYR D 492 -72.59 46.89 -27.70
N ALA D 493 -73.92 46.78 -27.71
CA ALA D 493 -74.55 45.51 -27.37
C ALA D 493 -74.05 44.46 -28.34
N VAL D 494 -73.90 43.24 -27.87
CA VAL D 494 -73.35 42.17 -28.70
C VAL D 494 -74.36 41.04 -28.71
N LEU D 495 -74.72 40.59 -29.90
CA LEU D 495 -75.61 39.46 -30.09
C LEU D 495 -74.82 38.35 -30.76
N PHE D 496 -74.94 37.13 -30.24
CA PHE D 496 -74.30 35.99 -30.87
C PHE D 496 -75.17 34.79 -30.63
N THR D 497 -75.46 34.06 -31.72
CA THR D 497 -76.44 33.00 -31.70
C THR D 497 -75.85 31.74 -32.32
N ASN D 498 -76.53 30.64 -32.10
CA ASN D 498 -76.22 29.37 -32.73
C ASN D 498 -77.31 28.99 -33.73
N PRO D 499 -77.28 29.55 -34.94
CA PRO D 499 -78.24 29.14 -35.97
C PRO D 499 -78.13 27.65 -36.26
N ARG D 500 -79.11 27.12 -36.99
CA ARG D 500 -79.04 25.72 -37.41
C ARG D 500 -77.80 25.51 -38.25
N GLY D 501 -77.11 24.39 -38.01
CA GLY D 501 -75.76 24.19 -38.45
C GLY D 501 -74.76 24.16 -37.30
N SER D 502 -75.03 24.95 -36.25
CA SER D 502 -74.26 24.88 -35.03
C SER D 502 -74.37 23.50 -34.38
N HIS D 503 -73.31 23.11 -33.67
CA HIS D 503 -73.41 22.04 -32.70
C HIS D 503 -74.05 22.55 -31.42
N GLY D 504 -74.45 21.62 -30.57
CA GLY D 504 -75.00 21.92 -29.26
C GLY D 504 -76.47 21.58 -29.09
N TYR D 505 -77.14 21.11 -30.15
CA TYR D 505 -78.59 20.96 -30.16
C TYR D 505 -79.04 19.72 -30.92
N GLY D 506 -78.14 18.80 -31.20
CA GLY D 506 -78.49 17.49 -31.70
C GLY D 506 -78.10 17.31 -33.15
N GLN D 507 -78.29 16.08 -33.63
CA GLN D 507 -77.82 15.74 -34.96
C GLN D 507 -78.56 16.53 -36.03
N SER D 508 -79.87 16.68 -35.87
CA SER D 508 -80.66 17.33 -36.91
C SER D 508 -80.29 18.80 -37.04
N PHE D 509 -80.17 19.49 -35.90
CA PHE D 509 -79.85 20.92 -35.89
C PHE D 509 -78.50 21.19 -36.53
N VAL D 510 -77.51 20.31 -36.29
CA VAL D 510 -76.19 20.57 -36.83
C VAL D 510 -76.12 20.17 -38.29
N ASN D 511 -76.89 19.16 -38.70
CA ASN D 511 -76.87 18.80 -40.11
C ASN D 511 -77.65 19.78 -40.98
N ALA D 512 -78.56 20.57 -40.39
CA ALA D 512 -79.58 21.26 -41.18
C ALA D 512 -78.99 22.27 -42.17
N VAL D 513 -77.81 22.81 -41.89
CA VAL D 513 -77.26 23.82 -42.78
C VAL D 513 -76.78 23.22 -44.10
N ARG D 514 -76.46 21.93 -44.14
CA ARG D 514 -75.78 21.35 -45.29
C ARG D 514 -76.70 21.30 -46.50
N GLY D 515 -76.19 21.76 -47.64
CA GLY D 515 -77.03 21.89 -48.80
C GLY D 515 -77.97 23.07 -48.76
N ASP D 516 -77.88 23.91 -47.73
CA ASP D 516 -78.77 25.05 -47.59
C ASP D 516 -78.01 26.28 -47.14
N TYR D 517 -76.83 26.52 -47.72
CA TYR D 517 -76.01 27.66 -47.32
C TYR D 517 -76.69 28.96 -47.71
N GLY D 518 -76.86 29.84 -46.73
CA GLY D 518 -77.50 31.10 -47.00
C GLY D 518 -79.01 31.03 -47.02
N GLY D 519 -79.59 29.92 -46.59
CA GLY D 519 -81.02 29.70 -46.55
C GLY D 519 -81.55 29.85 -45.14
N MET D 520 -81.93 28.75 -44.47
CA MET D 520 -82.55 28.91 -43.16
C MET D 520 -81.53 29.40 -42.11
N ASP D 521 -80.24 29.07 -42.27
CA ASP D 521 -79.21 29.62 -41.39
C ASP D 521 -79.26 31.15 -41.36
N TYR D 522 -79.34 31.77 -42.53
CA TYR D 522 -79.47 33.22 -42.64
C TYR D 522 -80.78 33.73 -42.00
N GLU D 523 -81.90 33.03 -42.25
CA GLU D 523 -83.16 33.34 -41.57
C GLU D 523 -83.01 33.24 -40.05
N ASP D 524 -82.37 32.16 -39.58
CA ASP D 524 -82.10 32.02 -38.15
C ASP D 524 -81.42 33.27 -37.60
N ILE D 525 -80.40 33.76 -38.29
CA ILE D 525 -79.66 34.90 -37.77
C ILE D 525 -80.51 36.15 -37.78
N MET D 526 -81.23 36.37 -38.89
CA MET D 526 -82.09 37.56 -38.96
C MET D 526 -83.23 37.47 -37.96
N ALA D 527 -83.78 36.27 -37.76
CA ALA D 527 -84.78 36.10 -36.72
C ALA D 527 -84.23 36.51 -35.36
N GLY D 528 -82.96 36.17 -35.09
CA GLY D 528 -82.37 36.56 -33.83
C GLY D 528 -82.10 38.04 -33.71
N VAL D 529 -81.81 38.69 -34.83
CA VAL D 529 -81.69 40.15 -34.77
C VAL D 529 -83.05 40.74 -34.43
N ASP D 530 -84.10 40.31 -35.13
CA ASP D 530 -85.45 40.79 -34.82
C ASP D 530 -85.81 40.49 -33.37
N ALA D 531 -85.56 39.26 -32.93
CA ALA D 531 -86.01 38.88 -31.59
C ALA D 531 -85.23 39.63 -30.52
N ALA D 532 -83.94 39.88 -30.76
CA ALA D 532 -83.15 40.61 -29.77
C ALA D 532 -83.63 42.05 -29.65
N ILE D 533 -83.82 42.72 -30.77
CA ILE D 533 -84.36 44.08 -30.77
C ILE D 533 -85.67 44.12 -30.00
N SER D 534 -86.53 43.14 -30.20
CA SER D 534 -87.83 43.15 -29.52
C SER D 534 -87.68 42.85 -28.03
N LYS D 535 -86.75 41.96 -27.65
CA LYS D 535 -86.60 41.57 -26.25
C LYS D 535 -85.79 42.55 -25.41
N PHE D 536 -84.80 43.21 -25.97
CA PHE D 536 -83.84 43.97 -25.17
C PHE D 536 -83.94 45.43 -25.57
N ASP D 537 -84.61 46.21 -24.72
CA ASP D 537 -84.82 47.60 -25.12
C ASP D 537 -83.56 48.45 -25.02
N PHE D 538 -82.44 47.93 -24.52
CA PHE D 538 -81.22 48.70 -24.57
C PHE D 538 -80.53 48.63 -25.94
N ILE D 539 -81.10 47.91 -26.89
CA ILE D 539 -80.58 47.87 -28.25
C ILE D 539 -81.21 49.00 -29.05
N ASP D 540 -80.37 49.82 -29.66
CA ASP D 540 -80.83 50.84 -30.61
C ASP D 540 -81.13 50.13 -31.92
N LYS D 541 -82.41 49.95 -32.22
CA LYS D 541 -82.82 49.24 -33.43
C LYS D 541 -82.40 49.96 -34.70
N GLU D 542 -81.92 51.20 -34.63
CA GLU D 542 -81.59 51.99 -35.82
C GLU D 542 -80.13 51.88 -36.22
N ARG D 543 -79.28 51.25 -35.40
CA ARG D 543 -77.84 51.16 -35.68
C ARG D 543 -77.39 49.72 -35.47
N LEU D 544 -77.34 48.95 -36.56
CA LEU D 544 -77.06 47.52 -36.52
C LEU D 544 -75.78 47.24 -37.30
N GLY D 545 -74.88 46.48 -36.68
CA GLY D 545 -73.69 45.99 -37.35
C GLY D 545 -73.60 44.48 -37.35
N VAL D 546 -72.80 43.90 -38.24
CA VAL D 546 -72.63 42.46 -38.33
C VAL D 546 -71.14 42.17 -38.59
N THR D 547 -70.62 41.14 -37.93
CA THR D 547 -69.25 40.70 -38.22
C THR D 547 -69.14 39.19 -38.01
N GLY D 548 -68.30 38.56 -38.83
CA GLY D 548 -68.08 37.13 -38.69
C GLY D 548 -66.85 36.68 -39.46
N GLY D 549 -66.27 35.58 -38.99
CA GLY D 549 -65.11 34.99 -39.63
C GLY D 549 -65.41 33.65 -40.26
N SER D 550 -64.77 33.38 -41.40
CA SER D 550 -64.81 32.08 -42.07
C SER D 550 -66.25 31.79 -42.47
N TYR D 551 -66.89 30.74 -41.96
CA TYR D 551 -68.32 30.57 -42.24
C TYR D 551 -69.10 31.82 -41.83
N GLY D 552 -68.68 32.46 -40.74
CA GLY D 552 -69.33 33.69 -40.32
C GLY D 552 -68.99 34.85 -41.20
N GLY D 553 -67.90 34.74 -41.96
CA GLY D 553 -67.52 35.70 -42.97
C GLY D 553 -68.28 35.48 -44.26
N PHE D 554 -68.47 34.21 -44.64
CA PHE D 554 -69.42 33.90 -45.70
C PHE D 554 -70.80 34.45 -45.34
N MET D 555 -71.25 34.25 -44.11
CA MET D 555 -72.59 34.71 -43.72
C MET D 555 -72.67 36.23 -43.69
N THR D 556 -71.59 36.89 -43.27
CA THR D 556 -71.56 38.35 -43.34
C THR D 556 -71.72 38.83 -44.77
N ASN D 557 -71.03 38.16 -45.71
CA ASN D 557 -71.07 38.60 -47.10
C ASN D 557 -72.43 38.33 -47.73
N TRP D 558 -72.99 37.16 -47.42
CA TRP D 558 -74.36 36.84 -47.80
C TRP D 558 -75.33 37.89 -47.30
N ILE D 559 -75.27 38.21 -46.00
CA ILE D 559 -76.21 39.14 -45.38
C ILE D 559 -76.24 40.45 -46.15
N VAL D 560 -75.06 41.07 -46.36
CA VAL D 560 -75.09 42.41 -46.92
C VAL D 560 -75.53 42.41 -48.38
N GLY D 561 -75.49 41.24 -49.03
CA GLY D 561 -76.04 41.09 -50.37
C GLY D 561 -77.51 40.77 -50.40
N HIS D 562 -78.10 40.51 -49.25
CA HIS D 562 -79.50 40.12 -49.15
C HIS D 562 -80.32 41.04 -48.27
N THR D 563 -79.71 42.04 -47.62
CA THR D 563 -80.46 42.96 -46.77
C THR D 563 -79.62 44.20 -46.51
N ASP D 564 -80.29 45.35 -46.45
CA ASP D 564 -79.64 46.63 -46.22
C ASP D 564 -79.82 47.11 -44.78
N ARG D 565 -80.29 46.25 -43.88
CA ARG D 565 -80.59 46.68 -42.51
C ARG D 565 -79.35 47.05 -41.72
N PHE D 566 -78.17 46.62 -42.13
CA PHE D 566 -76.98 46.89 -41.32
C PHE D 566 -76.30 48.15 -41.83
N LYS D 567 -75.97 49.05 -40.92
CA LYS D 567 -75.22 50.24 -41.28
C LYS D 567 -73.73 49.95 -41.43
N ALA D 568 -73.29 48.76 -41.06
CA ALA D 568 -71.87 48.47 -41.07
C ALA D 568 -71.64 46.97 -41.00
N ALA D 569 -70.68 46.47 -41.77
CA ALA D 569 -70.30 45.06 -41.71
C ALA D 569 -68.78 44.95 -41.72
N VAL D 570 -68.28 43.94 -41.01
CA VAL D 570 -66.87 43.60 -41.05
C VAL D 570 -66.79 42.11 -41.37
N THR D 571 -66.25 41.76 -42.52
CA THR D 571 -66.12 40.35 -42.88
C THR D 571 -64.67 39.92 -42.70
N GLN D 572 -64.47 38.78 -42.06
CA GLN D 572 -63.14 38.32 -41.72
C GLN D 572 -62.87 36.95 -42.32
N ARG D 573 -61.64 36.75 -42.79
CA ARG D 573 -61.15 35.46 -43.27
C ARG D 573 -62.26 34.67 -43.98
N SER D 574 -62.87 35.30 -44.97
CA SER D 574 -64.21 34.91 -45.41
C SER D 574 -64.19 34.20 -46.75
N ILE D 575 -65.40 33.88 -47.23
CA ILE D 575 -65.62 33.23 -48.52
C ILE D 575 -66.59 34.09 -49.32
N SER D 576 -66.28 34.33 -50.59
CA SER D 576 -67.20 35.01 -51.50
C SER D 576 -67.58 34.20 -52.72
N ASN D 577 -66.83 33.15 -53.06
CA ASN D 577 -66.98 32.48 -54.36
C ASN D 577 -66.65 30.99 -54.15
N TRP D 578 -67.71 30.16 -54.03
CA TRP D 578 -67.52 28.74 -53.79
C TRP D 578 -66.83 28.03 -54.94
N LEU D 579 -66.87 28.59 -56.13
CA LEU D 579 -66.21 27.95 -57.26
C LEU D 579 -64.69 28.03 -57.11
N SER D 580 -64.16 29.22 -56.86
CA SER D 580 -62.73 29.29 -56.64
C SER D 580 -62.33 28.65 -55.31
N PHE D 581 -63.26 28.61 -54.33
CA PHE D 581 -62.93 28.04 -53.02
C PHE D 581 -62.54 26.57 -53.13
N SER D 582 -63.30 25.79 -53.91
CA SER D 582 -63.02 24.37 -53.99
C SER D 582 -61.64 24.11 -54.55
N GLY D 583 -61.15 24.99 -55.42
CA GLY D 583 -59.93 24.71 -56.12
C GLY D 583 -58.70 25.20 -55.40
N VAL D 584 -58.87 26.09 -54.42
CA VAL D 584 -57.78 26.85 -53.84
C VAL D 584 -57.62 26.59 -52.34
N SER D 585 -58.73 26.49 -51.60
CA SER D 585 -58.63 26.19 -50.18
C SER D 585 -57.94 24.84 -49.96
N ASP D 586 -57.24 24.72 -48.83
CA ASP D 586 -56.54 23.48 -48.55
C ASP D 586 -57.50 22.31 -48.37
N ILE D 587 -58.74 22.58 -47.95
CA ILE D 587 -59.74 21.54 -47.82
C ILE D 587 -60.85 21.69 -48.86
N GLY D 588 -60.67 22.63 -49.80
CA GLY D 588 -61.72 22.94 -50.77
C GLY D 588 -62.19 21.73 -51.56
N TYR D 589 -61.28 20.80 -51.86
CA TYR D 589 -61.64 19.66 -52.70
C TYR D 589 -62.60 18.68 -52.02
N PHE D 590 -62.97 18.90 -50.75
CA PHE D 590 -64.09 18.16 -50.19
C PHE D 590 -65.03 19.02 -49.36
N PHE D 591 -64.63 20.19 -48.86
CA PHE D 591 -65.53 20.97 -48.03
C PHE D 591 -66.75 21.44 -48.83
N THR D 592 -66.51 22.04 -50.00
CA THR D 592 -67.63 22.54 -50.80
C THR D 592 -68.65 21.44 -51.02
N LYS D 593 -68.20 20.28 -51.46
CA LYS D 593 -69.13 19.17 -51.68
C LYS D 593 -69.86 18.83 -50.39
N TRP D 594 -69.11 18.66 -49.29
CA TRP D 594 -69.69 18.19 -48.04
C TRP D 594 -70.70 19.16 -47.46
N GLU D 595 -70.49 20.47 -47.68
CA GLU D 595 -71.23 21.51 -46.98
C GLU D 595 -72.16 22.27 -47.94
N VAL D 596 -71.64 22.85 -49.01
CA VAL D 596 -72.55 23.55 -49.91
C VAL D 596 -73.41 22.55 -50.69
N GLY D 597 -72.84 21.38 -51.02
CA GLY D 597 -73.62 20.26 -51.51
C GLY D 597 -73.13 19.64 -52.80
N CYS D 598 -72.17 20.28 -53.46
CA CYS D 598 -71.75 19.80 -54.78
C CYS D 598 -70.41 20.40 -55.14
N ASP D 599 -69.77 19.78 -56.14
CA ASP D 599 -68.50 20.22 -56.70
C ASP D 599 -68.74 21.04 -57.95
N VAL D 600 -67.70 21.75 -58.37
CA VAL D 600 -67.90 22.77 -59.40
C VAL D 600 -68.28 22.12 -60.72
N TRP D 601 -67.86 20.89 -60.95
CA TRP D 601 -68.16 20.18 -62.18
C TRP D 601 -69.44 19.37 -62.07
N GLU D 602 -70.08 19.37 -60.90
CA GLU D 602 -71.41 18.80 -60.73
C GLU D 602 -72.48 19.84 -60.93
N ASP D 603 -72.31 21.02 -60.34
CA ASP D 603 -73.37 22.01 -60.38
C ASP D 603 -72.81 23.39 -60.06
N ALA D 604 -72.12 23.98 -61.03
CA ALA D 604 -71.47 25.26 -60.79
C ALA D 604 -72.49 26.34 -60.53
N GLU D 605 -73.68 26.24 -61.14
CA GLU D 605 -74.68 27.27 -60.94
C GLU D 605 -75.24 27.22 -59.53
N ARG D 606 -75.33 26.02 -58.94
CA ARG D 606 -75.67 25.93 -57.52
C ARG D 606 -74.61 26.60 -56.66
N LEU D 607 -73.32 26.29 -56.90
CA LEU D 607 -72.25 26.94 -56.16
C LEU D 607 -72.32 28.46 -56.29
N TRP D 608 -72.63 28.94 -57.49
CA TRP D 608 -72.69 30.39 -57.71
C TRP D 608 -73.90 30.98 -56.99
N HIS D 609 -75.04 30.30 -57.08
CA HIS D 609 -76.23 30.80 -56.41
C HIS D 609 -75.98 30.99 -54.91
N HIS D 610 -75.18 30.10 -54.34
CA HIS D 610 -74.83 30.16 -52.92
C HIS D 610 -73.54 30.93 -52.67
N SER D 611 -73.02 31.64 -53.67
CA SER D 611 -71.80 32.41 -53.47
C SER D 611 -72.16 33.85 -53.16
N PRO D 612 -71.68 34.42 -52.07
CA PRO D 612 -72.03 35.82 -51.78
C PRO D 612 -71.70 36.79 -52.89
N LEU D 613 -70.65 36.54 -53.68
CA LEU D 613 -70.23 37.48 -54.72
C LEU D 613 -71.31 37.68 -55.77
N LYS D 614 -72.12 36.66 -56.03
CA LYS D 614 -73.23 36.73 -56.97
C LYS D 614 -74.14 37.93 -56.70
N TYR D 615 -74.23 38.39 -55.45
CA TYR D 615 -75.20 39.40 -55.06
C TYR D 615 -74.55 40.75 -54.77
N VAL D 616 -73.32 40.96 -55.25
CA VAL D 616 -72.57 42.15 -54.94
C VAL D 616 -73.27 43.42 -55.43
N LYS D 617 -74.01 43.33 -56.55
CA LYS D 617 -74.78 44.49 -56.99
C LYS D 617 -75.75 44.98 -55.93
N HIS D 618 -76.23 44.08 -55.07
CA HIS D 618 -77.18 44.47 -54.03
C HIS D 618 -76.51 45.13 -52.84
N MET D 619 -75.19 45.11 -52.76
CA MET D 619 -74.48 45.41 -51.53
C MET D 619 -74.39 46.91 -51.32
N ARG D 620 -74.98 47.40 -50.23
CA ARG D 620 -74.98 48.83 -49.96
C ARG D 620 -74.73 49.12 -48.49
N THR D 621 -73.98 48.25 -47.83
CA THR D 621 -73.53 48.40 -46.46
C THR D 621 -72.01 48.54 -46.49
N PRO D 622 -71.41 49.52 -45.83
CA PRO D 622 -69.94 49.62 -45.84
C PRO D 622 -69.31 48.36 -45.28
N LEU D 623 -68.47 47.72 -46.11
CA LEU D 623 -67.88 46.42 -45.82
C LEU D 623 -66.38 46.54 -45.64
N LEU D 624 -65.90 46.31 -44.43
CA LEU D 624 -64.47 46.13 -44.20
C LEU D 624 -64.13 44.66 -44.40
N ILE D 625 -63.11 44.40 -45.21
CA ILE D 625 -62.70 43.03 -45.51
C ILE D 625 -61.34 42.80 -44.87
N LEU D 626 -61.30 41.88 -43.91
CA LEU D 626 -60.08 41.53 -43.18
C LEU D 626 -59.65 40.13 -43.58
N HIS D 627 -58.37 39.97 -43.91
CA HIS D 627 -57.84 38.71 -44.42
C HIS D 627 -56.34 38.65 -44.26
N SER D 628 -55.81 37.43 -44.11
CA SER D 628 -54.39 37.22 -43.92
C SER D 628 -53.78 36.56 -45.14
N GLU D 629 -52.53 36.92 -45.42
CA GLU D 629 -51.86 36.48 -46.64
C GLU D 629 -51.68 34.97 -46.66
N ARG D 630 -51.42 34.35 -45.50
CA ARG D 630 -51.07 32.94 -45.43
C ARG D 630 -52.21 32.10 -44.87
N ASP D 631 -53.43 32.64 -44.85
CA ASP D 631 -54.62 31.86 -44.62
C ASP D 631 -54.84 30.93 -45.80
N TYR D 632 -54.64 29.64 -45.61
CA TYR D 632 -54.91 28.68 -46.67
C TYR D 632 -56.20 27.90 -46.44
N ARG D 633 -56.87 28.12 -45.31
CA ARG D 633 -58.22 27.59 -45.13
C ARG D 633 -59.20 28.35 -46.00
N CYS D 634 -59.29 29.66 -45.81
CA CYS D 634 -59.97 30.54 -46.73
C CYS D 634 -58.93 31.40 -47.44
N PRO D 635 -58.64 31.15 -48.71
CA PRO D 635 -57.54 31.86 -49.36
C PRO D 635 -57.92 33.28 -49.65
N ILE D 636 -56.92 34.15 -49.69
CA ILE D 636 -57.16 35.59 -49.79
C ILE D 636 -57.79 35.99 -51.12
N GLU D 637 -57.72 35.14 -52.15
CA GLU D 637 -58.45 35.42 -53.39
C GLU D 637 -59.95 35.59 -53.13
N GLN D 638 -60.47 34.97 -52.07
CA GLN D 638 -61.87 35.17 -51.69
C GLN D 638 -62.12 36.62 -51.30
N ALA D 639 -61.24 37.19 -50.46
CA ALA D 639 -61.35 38.59 -50.08
C ALA D 639 -61.16 39.50 -51.29
N GLU D 640 -60.18 39.18 -52.14
CA GLU D 640 -59.82 40.06 -53.25
C GLU D 640 -60.97 40.19 -54.25
N GLN D 641 -61.61 39.05 -54.59
CA GLN D 641 -62.73 39.07 -55.53
C GLN D 641 -63.84 40.00 -55.08
N LEU D 642 -64.19 39.95 -53.81
CA LEU D 642 -65.29 40.76 -53.31
C LEU D 642 -64.90 42.23 -53.23
N PHE D 643 -63.66 42.49 -52.81
CA PHE D 643 -63.14 43.84 -52.80
C PHE D 643 -63.17 44.47 -54.18
N VAL D 644 -62.66 43.75 -55.19
CA VAL D 644 -62.60 44.30 -56.53
C VAL D 644 -63.98 44.63 -57.03
N ALA D 645 -64.94 43.73 -56.79
CA ALA D 645 -66.28 43.93 -57.32
C ALA D 645 -66.94 45.11 -56.65
N LEU D 646 -66.73 45.27 -55.34
CA LEU D 646 -67.34 46.42 -54.66
C LEU D 646 -66.67 47.73 -55.10
N LYS D 647 -65.34 47.69 -55.33
CA LYS D 647 -64.67 48.89 -55.82
C LYS D 647 -65.14 49.24 -57.23
N GLN D 648 -65.28 48.23 -58.09
CA GLN D 648 -65.78 48.43 -59.46
C GLN D 648 -67.14 49.10 -59.46
N LEU D 649 -68.04 48.66 -58.58
CA LEU D 649 -69.38 49.22 -58.47
C LEU D 649 -69.43 50.48 -57.59
N GLY D 650 -68.30 50.98 -57.12
CA GLY D 650 -68.28 52.22 -56.38
C GLY D 650 -68.84 52.12 -54.99
N ARG D 651 -68.80 50.93 -54.40
CA ARG D 651 -69.35 50.73 -53.08
C ARG D 651 -68.28 50.99 -52.02
N GLU D 652 -68.73 51.28 -50.81
CA GLU D 652 -67.82 51.58 -49.72
C GLU D 652 -67.21 50.27 -49.20
N THR D 653 -65.90 50.13 -49.34
CA THR D 653 -65.19 48.94 -48.89
C THR D 653 -63.72 49.28 -48.72
N LYS D 654 -63.05 48.51 -47.87
CA LYS D 654 -61.64 48.66 -47.57
C LYS D 654 -61.11 47.25 -47.32
N LEU D 655 -59.91 46.97 -47.81
CA LEU D 655 -59.32 45.63 -47.69
C LEU D 655 -58.06 45.73 -46.84
N VAL D 656 -58.03 44.99 -45.73
CA VAL D 656 -56.90 44.99 -44.81
C VAL D 656 -56.25 43.61 -44.87
N ARG D 657 -54.97 43.58 -45.27
CA ARG D 657 -54.22 42.34 -45.47
C ARG D 657 -53.18 42.18 -44.37
N PHE D 658 -53.27 41.06 -43.64
CA PHE D 658 -52.37 40.80 -42.52
C PHE D 658 -51.21 39.92 -42.95
N PRO D 659 -49.97 40.42 -42.84
CA PRO D 659 -48.84 39.66 -43.35
C PRO D 659 -48.56 38.46 -42.47
N ASP D 660 -48.17 37.35 -43.09
CA ASP D 660 -47.55 36.21 -42.43
C ASP D 660 -48.47 35.49 -41.45
N ALA D 661 -49.75 35.81 -41.44
CA ALA D 661 -50.71 35.19 -40.53
C ALA D 661 -51.50 34.12 -41.28
N ASN D 662 -52.05 33.18 -40.53
CA ASN D 662 -52.94 32.20 -41.16
C ASN D 662 -54.33 32.33 -40.59
N HIS D 663 -55.17 31.31 -40.84
CA HIS D 663 -56.58 31.37 -40.47
C HIS D 663 -56.79 31.55 -38.99
N ASP D 664 -55.84 31.12 -38.17
CA ASP D 664 -56.01 31.12 -36.72
C ASP D 664 -55.51 32.38 -36.06
N LEU D 665 -55.29 33.45 -36.83
CA LEU D 665 -54.66 34.67 -36.33
C LEU D 665 -55.32 35.15 -35.05
N SER D 666 -56.66 35.22 -35.05
CA SER D 666 -57.40 35.85 -33.96
C SER D 666 -57.32 35.07 -32.67
N ARG D 667 -56.77 33.85 -32.69
CA ARG D 667 -56.66 33.01 -31.52
C ARG D 667 -55.22 32.79 -31.09
N THR D 668 -54.36 32.30 -31.99
CA THR D 668 -52.97 32.01 -31.65
C THR D 668 -51.98 32.75 -32.55
N GLY D 669 -52.39 33.85 -33.18
CA GLY D 669 -51.53 34.56 -34.09
C GLY D 669 -50.67 35.59 -33.37
N ASN D 670 -49.80 36.23 -34.17
CA ASN D 670 -48.94 37.30 -33.71
C ASN D 670 -49.73 38.30 -32.86
N PRO D 671 -49.39 38.45 -31.58
CA PRO D 671 -50.22 39.31 -30.72
C PRO D 671 -50.34 40.74 -31.21
N ALA D 672 -49.28 41.30 -31.81
CA ALA D 672 -49.40 42.66 -32.34
C ALA D 672 -50.44 42.75 -33.46
N LEU D 673 -50.55 41.70 -34.27
CA LEU D 673 -51.55 41.70 -35.34
C LEU D 673 -52.94 41.45 -34.78
N ARG D 674 -53.04 40.61 -33.76
CA ARG D 674 -54.32 40.44 -33.07
C ARG D 674 -54.84 41.78 -32.58
N LEU D 675 -53.95 42.62 -32.03
CA LEU D 675 -54.38 43.94 -31.58
C LEU D 675 -54.89 44.77 -32.76
N GLU D 676 -54.14 44.75 -33.86
CA GLU D 676 -54.52 45.47 -35.07
C GLU D 676 -55.86 44.96 -35.61
N ARG D 677 -56.02 43.64 -35.69
CA ARG D 677 -57.29 43.11 -36.16
C ARG D 677 -58.44 43.63 -35.29
N LEU D 678 -58.27 43.63 -33.98
CA LEU D 678 -59.34 44.11 -33.11
C LEU D 678 -59.58 45.60 -33.28
N ARG D 679 -58.51 46.38 -33.43
CA ARG D 679 -58.69 47.83 -33.57
C ARG D 679 -59.40 48.18 -34.87
N HIS D 680 -59.11 47.44 -35.96
CA HIS D 680 -59.76 47.76 -37.23
C HIS D 680 -61.24 47.46 -37.17
N ILE D 681 -61.62 46.37 -36.49
CA ILE D 681 -63.02 46.02 -36.32
C ILE D 681 -63.76 47.14 -35.59
N VAL D 682 -63.29 47.51 -34.40
CA VAL D 682 -64.05 48.47 -33.61
C VAL D 682 -64.05 49.83 -34.29
N ASP D 683 -62.94 50.20 -34.95
CA ASP D 683 -62.89 51.45 -35.70
C ASP D 683 -63.94 51.49 -36.80
N TRP D 684 -64.04 50.40 -37.56
CA TRP D 684 -65.05 50.34 -38.61
C TRP D 684 -66.46 50.59 -38.05
N PHE D 685 -66.79 49.94 -36.93
CA PHE D 685 -68.11 50.18 -36.35
C PHE D 685 -68.23 51.58 -35.77
N ASP D 686 -67.13 52.12 -35.21
CA ASP D 686 -67.18 53.49 -34.69
C ASP D 686 -67.49 54.50 -35.81
N ARG D 687 -66.90 54.30 -36.98
CA ARG D 687 -67.04 55.28 -38.05
C ARG D 687 -68.43 55.23 -38.69
N TYR D 688 -69.15 54.12 -38.56
CA TYR D 688 -70.43 53.95 -39.21
C TYR D 688 -71.60 53.68 -38.28
N LEU D 689 -71.35 53.26 -37.04
CA LEU D 689 -72.44 52.95 -36.11
C LEU D 689 -72.62 53.96 -34.99
N LYS D 690 -71.58 54.72 -34.64
CA LYS D 690 -71.65 55.68 -33.55
C LYS D 690 -71.92 57.10 -34.05
N LEU E 32 -5.37 81.35 -41.34
CA LEU E 32 -5.60 80.12 -40.59
C LEU E 32 -4.29 79.42 -40.40
N TYR E 33 -4.28 78.33 -39.62
CA TYR E 33 -3.04 77.62 -39.32
C TYR E 33 -3.30 76.13 -39.33
N PHE E 34 -2.20 75.36 -39.36
CA PHE E 34 -2.29 73.92 -39.52
C PHE E 34 -2.93 73.29 -38.29
N GLN E 35 -3.76 72.28 -38.51
CA GLN E 35 -4.33 71.48 -37.44
C GLN E 35 -4.14 70.01 -37.76
N GLY E 36 -4.29 69.19 -36.72
CA GLY E 36 -4.20 67.75 -36.92
C GLY E 36 -5.14 67.23 -38.00
N THR E 37 -6.39 67.71 -38.01
CA THR E 37 -7.36 67.20 -38.98
C THR E 37 -6.99 67.52 -40.41
N ASP E 38 -6.17 68.56 -40.63
CA ASP E 38 -5.65 68.84 -41.97
C ASP E 38 -5.00 67.64 -42.62
N LEU E 39 -4.53 66.65 -41.84
CA LEU E 39 -3.99 65.45 -42.47
C LEU E 39 -5.07 64.72 -43.28
N LEU E 40 -6.33 64.87 -42.91
CA LEU E 40 -7.38 64.26 -43.71
C LEU E 40 -7.52 64.91 -45.09
N ARG E 41 -7.10 66.15 -45.23
CA ARG E 41 -7.25 66.85 -46.50
C ARG E 41 -6.09 66.61 -47.45
N LEU E 42 -4.94 66.18 -46.95
CA LEU E 42 -3.75 66.08 -47.80
C LEU E 42 -3.98 65.11 -48.94
N ARG E 43 -3.55 65.49 -50.13
CA ARG E 43 -3.60 64.61 -51.29
C ARG E 43 -2.19 64.45 -51.81
N SER E 44 -1.82 63.23 -52.12
CA SER E 44 -0.44 62.90 -52.50
C SER E 44 -0.45 62.49 -53.97
N VAL E 45 0.07 63.35 -54.84
CA VAL E 45 0.20 62.98 -56.24
C VAL E 45 1.57 62.33 -56.45
N ARG E 46 1.61 61.21 -57.15
CA ARG E 46 2.85 60.48 -57.22
C ARG E 46 2.88 59.61 -58.47
N ASP E 47 4.04 58.99 -58.68
CA ASP E 47 4.26 57.91 -59.63
C ASP E 47 3.85 58.29 -61.05
N PRO E 48 4.42 59.34 -61.65
CA PRO E 48 4.04 59.69 -63.03
C PRO E 48 4.65 58.72 -64.03
N HIS E 49 3.93 58.48 -65.13
CA HIS E 49 4.46 57.66 -66.22
C HIS E 49 3.99 58.25 -67.55
N TYR E 50 4.95 58.56 -68.44
CA TYR E 50 4.57 59.08 -69.75
C TYR E 50 3.95 57.98 -70.60
N ALA E 51 3.00 58.36 -71.45
CA ALA E 51 2.62 57.48 -72.54
C ALA E 51 3.73 57.47 -73.59
N PRO E 52 3.94 56.33 -74.27
CA PRO E 52 5.12 56.20 -75.14
C PRO E 52 5.22 57.26 -76.24
N ASP E 53 4.12 57.90 -76.61
CA ASP E 53 4.22 58.99 -77.58
C ASP E 53 4.63 60.31 -76.95
N GLY E 54 4.85 60.33 -75.64
CA GLY E 54 5.28 61.55 -74.96
C GLY E 54 4.24 62.64 -74.81
N THR E 55 3.04 62.48 -75.39
CA THR E 55 2.06 63.56 -75.39
C THR E 55 1.23 63.62 -74.11
N ARG E 56 1.26 62.60 -73.27
CA ARG E 56 0.49 62.65 -72.03
C ARG E 56 1.09 61.67 -71.04
N ALA E 57 0.59 61.74 -69.80
CA ALA E 57 1.11 60.91 -68.73
C ALA E 57 0.00 60.49 -67.77
N VAL E 58 0.17 59.32 -67.18
CA VAL E 58 -0.73 58.84 -66.12
C VAL E 58 -0.02 58.97 -64.78
N PHE E 59 -0.77 59.36 -63.75
CA PHE E 59 -0.21 59.39 -62.39
C PHE E 59 -1.28 58.96 -61.39
N VAL E 60 -0.89 58.93 -60.11
CA VAL E 60 -1.71 58.41 -59.02
C VAL E 60 -1.89 59.54 -58.01
N GLU E 61 -3.09 59.62 -57.43
CA GLU E 61 -3.37 60.56 -56.36
C GLU E 61 -3.97 59.79 -55.19
N LYS E 62 -3.30 59.85 -54.04
CA LYS E 62 -3.72 59.12 -52.85
C LYS E 62 -4.32 60.12 -51.88
N SER E 63 -5.46 59.74 -51.29
CA SER E 63 -6.20 60.66 -50.44
C SER E 63 -6.80 59.89 -49.28
N ILE E 64 -7.44 60.63 -48.37
CA ILE E 64 -8.31 60.08 -47.33
C ILE E 64 -9.72 60.59 -47.56
N ASP E 65 -10.69 59.68 -47.59
CA ASP E 65 -12.07 60.06 -47.88
C ASP E 65 -12.83 60.41 -46.59
N GLU E 66 -14.12 60.73 -46.76
CA GLU E 66 -14.95 61.15 -45.63
C GLU E 66 -15.14 60.06 -44.59
N GLU E 67 -15.01 58.80 -44.96
CA GLU E 67 -15.03 57.71 -43.99
C GLU E 67 -13.64 57.47 -43.36
N LYS E 68 -12.74 58.46 -43.48
CA LYS E 68 -11.40 58.42 -42.88
C LYS E 68 -10.63 57.18 -43.33
N GLN E 69 -10.85 56.79 -44.58
CA GLN E 69 -10.14 55.68 -45.19
C GLN E 69 -9.34 56.13 -46.41
N TYR E 70 -8.23 55.41 -46.65
CA TYR E 70 -7.34 55.72 -47.76
C TYR E 70 -7.93 55.27 -49.09
N ARG E 71 -7.83 56.14 -50.09
CA ARG E 71 -8.14 55.81 -51.47
C ARG E 71 -7.01 56.31 -52.36
N SER E 72 -6.83 55.67 -53.50
CA SER E 72 -5.91 56.17 -54.52
C SER E 72 -6.52 55.92 -55.88
N HIS E 73 -6.37 56.90 -56.78
CA HIS E 73 -7.01 56.86 -58.08
C HIS E 73 -6.04 57.28 -59.18
N LEU E 74 -6.30 56.80 -60.39
CA LEU E 74 -5.50 57.17 -61.54
C LEU E 74 -5.95 58.51 -62.11
N TRP E 75 -4.99 59.31 -62.55
CA TRP E 75 -5.20 60.62 -63.14
C TRP E 75 -4.38 60.73 -64.41
N ILE E 76 -4.84 61.57 -65.34
CA ILE E 76 -4.17 61.80 -66.62
C ILE E 76 -3.82 63.28 -66.74
N TRP E 77 -2.58 63.56 -67.10
CA TRP E 77 -2.20 64.89 -67.58
C TRP E 77 -2.16 64.79 -69.11
N ALA E 78 -3.03 65.55 -69.77
CA ALA E 78 -3.02 65.58 -71.23
C ALA E 78 -2.16 66.76 -71.69
N ALA E 79 -1.73 66.71 -72.96
CA ALA E 79 -0.83 67.75 -73.47
C ALA E 79 -1.54 69.10 -73.52
N ASP E 80 -2.85 69.10 -73.74
CA ASP E 80 -3.62 70.34 -73.70
C ASP E 80 -3.51 71.01 -72.34
N GLY E 81 -2.79 70.37 -71.41
CA GLY E 81 -2.58 70.89 -70.09
C GLY E 81 -3.66 70.54 -69.09
N SER E 82 -4.66 69.75 -69.48
CA SER E 82 -5.69 69.39 -68.52
C SER E 82 -5.23 68.22 -67.67
N VAL E 83 -5.80 68.14 -66.48
CA VAL E 83 -5.55 67.06 -65.54
C VAL E 83 -6.92 66.59 -65.08
N ARG E 84 -7.22 65.31 -65.27
CA ARG E 84 -8.55 64.80 -65.01
C ARG E 84 -8.47 63.42 -64.37
N GLN E 85 -9.33 63.19 -63.38
CA GLN E 85 -9.40 61.89 -62.74
C GLN E 85 -9.96 60.85 -63.69
N TRP E 86 -9.39 59.65 -63.65
CA TRP E 86 -9.80 58.56 -64.54
C TRP E 86 -10.32 57.32 -63.80
N THR E 87 -10.08 57.16 -62.49
CA THR E 87 -10.73 56.13 -61.67
C THR E 87 -11.31 56.79 -60.42
N PHE E 88 -12.29 56.13 -59.79
CA PHE E 88 -13.16 56.86 -58.88
C PHE E 88 -13.60 56.14 -57.61
N GLY E 89 -13.55 54.81 -57.53
CA GLY E 89 -14.27 54.09 -56.49
C GLY E 89 -13.63 54.12 -55.11
N ARG E 90 -14.30 53.42 -54.18
CA ARG E 90 -13.82 53.25 -52.81
C ARG E 90 -12.80 52.10 -52.81
N TRP E 91 -11.59 52.41 -53.26
CA TRP E 91 -10.56 51.39 -53.38
C TRP E 91 -9.24 52.10 -53.66
N ARG E 92 -8.17 51.32 -53.84
CA ARG E 92 -6.86 51.89 -54.13
C ARG E 92 -6.37 51.40 -55.49
N ASP E 93 -6.09 52.34 -56.39
CA ASP E 93 -5.43 52.10 -57.65
C ASP E 93 -3.99 52.61 -57.56
N MET E 94 -3.04 51.82 -58.06
CA MET E 94 -1.63 52.16 -57.95
C MET E 94 -0.89 51.69 -59.18
N LYS E 95 0.35 52.18 -59.31
CA LYS E 95 1.32 51.66 -60.26
C LYS E 95 0.81 51.59 -61.71
N PRO E 96 0.31 52.69 -62.25
CA PRO E 96 -0.11 52.68 -63.65
C PRO E 96 1.08 52.71 -64.60
N ARG E 97 0.98 51.96 -65.70
CA ARG E 97 2.00 51.92 -66.74
C ARG E 97 1.32 51.74 -68.09
N PHE E 98 1.57 52.66 -69.02
CA PHE E 98 1.13 52.47 -70.40
C PHE E 98 1.85 51.26 -71.01
N SER E 99 1.13 50.53 -71.88
CA SER E 99 1.77 49.45 -72.63
C SER E 99 2.74 50.04 -73.67
N PRO E 100 3.68 49.23 -74.18
CA PRO E 100 4.61 49.77 -75.18
C PRO E 100 3.93 50.41 -76.37
N ARG E 101 2.78 49.89 -76.78
CA ARG E 101 2.06 50.49 -77.90
C ARG E 101 1.26 51.72 -77.49
N GLY E 102 0.78 51.79 -76.24
CA GLY E 102 0.11 52.97 -75.74
C GLY E 102 -1.42 52.89 -75.66
N GLU E 103 -2.04 51.77 -76.03
CA GLU E 103 -3.50 51.70 -76.04
C GLU E 103 -4.09 51.19 -74.73
N ILE E 104 -3.26 50.63 -73.85
CA ILE E 104 -3.70 50.05 -72.59
C ILE E 104 -2.88 50.68 -71.46
N ILE E 105 -3.56 51.06 -70.39
CA ILE E 105 -2.91 51.45 -69.14
C ILE E 105 -3.13 50.30 -68.17
N ALA E 106 -2.06 49.58 -67.86
CA ALA E 106 -2.11 48.60 -66.79
C ALA E 106 -1.99 49.30 -65.45
N PHE E 107 -2.59 48.70 -64.42
CA PHE E 107 -2.41 49.19 -63.05
C PHE E 107 -2.79 48.08 -62.09
N LEU E 108 -2.43 48.31 -60.82
CA LEU E 108 -2.78 47.42 -59.71
C LEU E 108 -3.90 48.07 -58.90
N SER E 109 -4.88 47.27 -58.48
CA SER E 109 -6.00 47.75 -57.69
C SER E 109 -6.40 46.69 -56.69
N ASP E 110 -6.87 47.12 -55.51
CA ASP E 110 -7.45 46.20 -54.54
C ASP E 110 -8.99 46.16 -54.61
N ARG E 111 -9.57 46.66 -55.71
CA ARG E 111 -11.02 46.77 -55.75
C ARG E 111 -11.72 45.40 -55.67
N SER E 112 -11.05 44.32 -56.07
CA SER E 112 -11.62 42.99 -55.95
C SER E 112 -11.50 42.39 -54.56
N GLY E 113 -10.91 43.10 -53.60
CA GLY E 113 -10.58 42.56 -52.29
C GLY E 113 -9.14 42.09 -52.14
N ARG E 114 -8.46 41.83 -53.26
CA ARG E 114 -7.04 41.55 -53.27
C ARG E 114 -6.41 42.39 -54.38
N THR E 115 -5.16 42.81 -54.17
CA THR E 115 -4.47 43.57 -55.21
C THR E 115 -4.29 42.71 -56.44
N GLN E 116 -4.80 43.19 -57.57
CA GLN E 116 -4.65 42.43 -58.80
C GLN E 116 -4.26 43.39 -59.91
N LEU E 117 -3.81 42.82 -61.02
CA LEU E 117 -3.53 43.57 -62.23
C LEU E 117 -4.84 43.85 -62.99
N TRP E 118 -5.08 45.12 -63.29
CA TRP E 118 -6.22 45.54 -64.10
C TRP E 118 -5.70 46.25 -65.34
N LEU E 119 -6.56 46.33 -66.35
CA LEU E 119 -6.22 46.98 -67.62
C LEU E 119 -7.28 48.02 -67.92
N LEU E 120 -6.85 49.27 -68.05
CA LEU E 120 -7.71 50.35 -68.44
C LEU E 120 -7.44 50.73 -69.89
N PRO E 121 -8.47 50.83 -70.73
CA PRO E 121 -8.25 51.28 -72.11
C PRO E 121 -7.74 52.72 -72.12
N ALA E 122 -6.78 52.99 -73.00
CA ALA E 122 -6.17 54.31 -73.02
C ALA E 122 -7.07 55.37 -73.62
N ASN E 123 -8.08 54.98 -74.42
CA ASN E 123 -8.84 55.94 -75.21
C ASN E 123 -10.34 55.78 -75.07
N GLY E 124 -10.81 55.12 -74.02
CA GLY E 124 -12.23 54.96 -73.81
C GLY E 124 -12.62 53.59 -73.33
N GLY E 125 -13.41 53.54 -72.27
CA GLY E 125 -13.85 52.29 -71.68
C GLY E 125 -13.37 52.15 -70.24
N GLU E 126 -13.97 51.20 -69.56
CA GLU E 126 -13.66 51.00 -68.15
C GLU E 126 -12.63 49.91 -68.02
N ALA E 127 -12.11 49.77 -66.81
CA ALA E 127 -11.05 48.80 -66.59
C ALA E 127 -11.64 47.40 -66.48
N ARG E 128 -10.87 46.42 -66.91
CA ARG E 128 -11.22 45.02 -66.71
C ARG E 128 -10.14 44.34 -65.90
N GLN E 129 -10.57 43.48 -64.99
CA GLN E 129 -9.65 42.74 -64.16
C GLN E 129 -8.92 41.70 -64.98
N LEU E 130 -7.61 41.56 -64.75
CA LEU E 130 -6.81 40.65 -65.56
C LEU E 130 -6.29 39.44 -64.81
N THR E 131 -5.85 39.60 -63.56
CA THR E 131 -5.37 38.50 -62.74
C THR E 131 -6.36 38.20 -61.63
N PHE E 132 -6.43 36.94 -61.22
CA PHE E 132 -7.34 36.55 -60.13
C PHE E 132 -6.64 35.71 -59.08
N PHE E 133 -5.33 35.93 -58.89
CA PHE E 133 -4.52 35.11 -58.00
C PHE E 133 -5.11 35.06 -56.60
N LYS E 134 -5.00 33.89 -55.96
CA LYS E 134 -5.48 33.74 -54.59
C LYS E 134 -4.79 34.72 -53.64
N ASN E 135 -3.51 34.95 -53.83
CA ASN E 135 -2.76 35.84 -52.96
C ASN E 135 -2.47 37.19 -53.61
N GLY E 136 -3.09 37.48 -54.75
CA GLY E 136 -2.94 38.79 -55.37
C GLY E 136 -1.58 38.97 -56.03
N VAL E 137 -1.37 40.18 -56.54
CA VAL E 137 -0.18 40.52 -57.30
C VAL E 137 0.58 41.59 -56.54
N ARG E 138 1.89 41.41 -56.43
CA ARG E 138 2.77 42.35 -55.73
C ARG E 138 3.30 43.43 -56.66
N ASP E 139 3.61 43.08 -57.90
CA ASP E 139 4.33 43.96 -58.80
C ASP E 139 4.17 43.40 -60.20
N TYR E 140 4.42 44.23 -61.21
CA TYR E 140 4.29 43.75 -62.58
C TYR E 140 5.15 44.60 -63.49
N VAL E 141 5.47 44.03 -64.66
CA VAL E 141 6.06 44.78 -65.77
C VAL E 141 5.35 44.36 -67.06
N TRP E 142 5.35 45.27 -68.03
CA TRP E 142 4.85 44.96 -69.37
C TRP E 142 5.89 44.19 -70.17
N SER E 143 5.44 43.24 -70.98
CA SER E 143 6.29 42.71 -72.04
C SER E 143 6.57 43.78 -73.09
N PRO E 144 7.78 43.80 -73.67
CA PRO E 144 8.08 44.81 -74.69
C PRO E 144 7.12 44.78 -75.87
N ASP E 145 6.58 43.63 -76.24
CA ASP E 145 5.70 43.59 -77.40
C ASP E 145 4.25 43.88 -77.05
N GLY E 146 3.94 44.04 -75.77
CA GLY E 146 2.60 44.40 -75.35
C GLY E 146 1.63 43.24 -75.24
N THR E 147 2.04 42.03 -75.61
CA THR E 147 1.11 40.90 -75.63
C THR E 147 0.93 40.26 -74.27
N PHE E 148 1.82 40.51 -73.33
CA PHE E 148 1.65 39.95 -72.00
C PHE E 148 2.26 40.88 -70.97
N LEU E 149 2.10 40.50 -69.71
CA LEU E 149 2.71 41.16 -68.58
C LEU E 149 3.30 40.07 -67.69
N ILE E 150 4.30 40.44 -66.90
CA ILE E 150 4.84 39.54 -65.90
C ILE E 150 4.40 40.05 -64.54
N THR E 151 3.79 39.19 -63.74
CA THR E 151 3.29 39.54 -62.42
C THR E 151 4.00 38.72 -61.35
N LEU E 152 4.11 39.31 -60.16
CA LEU E 152 4.72 38.67 -59.01
C LEU E 152 3.62 38.29 -58.03
N THR E 153 3.43 36.99 -57.81
CA THR E 153 2.52 36.51 -56.78
C THR E 153 3.27 35.57 -55.86
N THR E 154 2.60 35.13 -54.80
CA THR E 154 3.19 34.21 -53.84
C THR E 154 2.27 33.00 -53.66
N LEU E 155 2.88 31.87 -53.33
CA LEU E 155 2.22 30.58 -53.31
C LEU E 155 2.61 29.84 -52.05
N GLY E 156 1.62 29.40 -51.28
CA GLY E 156 1.88 28.36 -50.32
C GLY E 156 2.42 27.11 -50.99
N ASP E 157 3.07 26.25 -50.21
CA ASP E 157 3.58 25.01 -50.81
C ASP E 157 2.45 24.14 -51.33
N ASP E 158 1.26 24.26 -50.74
CA ASP E 158 0.07 23.55 -51.16
C ASP E 158 -0.77 24.34 -52.16
N GLU E 159 -0.20 25.37 -52.80
CA GLU E 159 -0.95 26.19 -53.73
C GLU E 159 -0.25 26.20 -55.09
N THR E 160 -1.00 26.63 -56.11
CA THR E 160 -0.47 26.77 -57.46
C THR E 160 -1.03 28.05 -58.06
N ILE E 161 -0.42 28.50 -59.16
CA ILE E 161 -0.86 29.70 -59.85
C ILE E 161 -2.32 29.64 -60.27
N GLU E 162 -2.96 28.48 -60.18
CA GLU E 162 -4.34 28.35 -60.62
C GLU E 162 -5.34 28.63 -59.52
N ASP E 163 -4.92 28.55 -58.25
CA ASP E 163 -5.83 28.89 -57.16
C ASP E 163 -6.18 30.38 -57.22
N ARG E 164 -7.47 30.69 -57.17
CA ARG E 164 -7.95 32.05 -57.39
C ARG E 164 -8.41 32.70 -56.09
N GLU E 165 -8.63 34.00 -56.14
CA GLU E 165 -9.08 34.72 -54.95
C GLU E 165 -10.52 34.34 -54.63
N GLU E 166 -10.78 34.01 -53.37
CA GLU E 166 -12.10 33.65 -52.89
C GLU E 166 -12.51 34.57 -51.75
N PRO E 167 -13.81 34.89 -51.63
CA PRO E 167 -14.29 35.83 -50.60
C PRO E 167 -14.60 35.17 -49.26
N LEU E 177 -8.62 24.42 -32.77
CA LEU E 177 -7.48 25.34 -32.79
C LEU E 177 -6.15 24.56 -32.84
N LYS E 178 -5.14 25.16 -33.49
CA LYS E 178 -3.86 24.49 -33.70
C LYS E 178 -2.70 25.43 -33.43
N PRO E 179 -1.66 24.96 -32.75
CA PRO E 179 -0.50 25.82 -32.48
C PRO E 179 0.27 26.13 -33.75
N ARG E 180 1.11 27.15 -33.64
CA ARG E 180 1.97 27.55 -34.75
C ARG E 180 3.40 27.13 -34.47
N VAL E 181 3.99 26.36 -35.38
CA VAL E 181 5.30 25.79 -35.18
C VAL E 181 6.32 26.65 -35.93
N VAL E 182 7.22 27.26 -35.18
CA VAL E 182 8.18 28.22 -35.70
C VAL E 182 9.54 27.56 -35.73
N GLU E 183 10.17 27.56 -36.90
CA GLU E 183 11.42 26.85 -37.11
C GLU E 183 12.51 27.71 -37.74
N ARG E 184 12.29 29.02 -37.90
CA ARG E 184 13.26 29.90 -38.55
C ARG E 184 13.30 31.24 -37.85
N LEU E 185 14.36 32.00 -38.14
CA LEU E 185 14.57 33.27 -37.47
C LEU E 185 13.59 34.34 -37.97
N TYR E 186 13.33 34.36 -39.28
CA TYR E 186 12.48 35.40 -39.84
C TYR E 186 11.09 34.82 -40.02
N TYR E 187 10.30 34.84 -38.94
CA TYR E 187 8.99 34.22 -38.91
C TYR E 187 7.85 35.24 -38.80
N LYS E 188 8.17 36.53 -38.66
CA LYS E 188 7.15 37.57 -38.67
C LYS E 188 7.73 38.85 -39.24
N SER E 189 6.84 39.77 -39.57
CA SER E 189 7.22 41.06 -40.15
C SER E 189 6.29 42.12 -39.57
N ASP E 190 6.79 43.35 -39.50
CA ASP E 190 5.92 44.43 -39.08
C ASP E 190 4.75 44.62 -40.05
N ALA E 191 4.96 44.30 -41.32
CA ALA E 191 3.97 44.62 -42.34
C ALA E 191 2.79 43.66 -42.29
N SER E 192 3.04 42.38 -42.01
CA SER E 192 1.98 41.39 -42.16
C SER E 192 1.84 40.48 -40.95
N GLY E 193 2.60 40.70 -39.88
CA GLY E 193 2.49 39.82 -38.73
C GLY E 193 3.20 38.52 -38.99
N PHE E 194 2.65 37.44 -38.45
CA PHE E 194 3.27 36.15 -38.64
C PHE E 194 3.25 35.76 -40.11
N LEU E 195 4.36 35.16 -40.56
CA LEU E 195 4.54 34.82 -41.96
C LEU E 195 4.35 33.32 -42.15
N ASP E 196 3.62 32.97 -43.21
CA ASP E 196 3.41 31.58 -43.59
C ASP E 196 4.47 31.06 -44.52
N GLY E 197 5.42 31.90 -44.90
CA GLY E 197 6.53 31.44 -45.73
C GLY E 197 6.16 31.09 -47.15
N LYS E 198 5.19 31.78 -47.73
CA LYS E 198 4.91 31.57 -49.14
C LYS E 198 6.15 31.90 -49.96
N ARG E 199 6.30 31.22 -51.09
CA ARG E 199 7.38 31.50 -52.02
C ARG E 199 6.86 32.35 -53.18
N ALA E 200 7.77 33.07 -53.80
CA ALA E 200 7.42 34.04 -54.82
C ALA E 200 7.57 33.41 -56.20
N VAL E 201 6.63 33.73 -57.09
CA VAL E 201 6.61 33.18 -58.44
C VAL E 201 6.32 34.32 -59.43
N LEU E 202 7.15 34.46 -60.46
CA LEU E 202 6.88 35.41 -61.53
C LEU E 202 6.12 34.71 -62.65
N THR E 203 4.94 35.22 -63.01
CA THR E 203 4.08 34.56 -63.99
C THR E 203 3.80 35.46 -65.18
N ARG E 204 3.89 34.87 -66.37
CA ARG E 204 3.46 35.55 -67.58
C ARG E 204 1.93 35.54 -67.65
N ILE E 205 1.35 36.69 -67.98
CA ILE E 205 -0.10 36.89 -68.04
C ILE E 205 -0.45 37.41 -69.42
N ASP E 206 -1.20 36.61 -70.19
CA ASP E 206 -1.55 37.02 -71.54
C ASP E 206 -2.54 38.19 -71.52
N VAL E 207 -2.26 39.23 -72.31
CA VAL E 207 -3.02 40.48 -72.25
C VAL E 207 -4.49 40.26 -72.58
N LEU E 208 -4.79 39.45 -73.58
CA LEU E 208 -6.16 39.26 -74.06
C LEU E 208 -6.89 38.16 -73.31
N SER E 209 -6.25 36.99 -73.14
CA SER E 209 -6.92 35.84 -72.55
C SER E 209 -6.78 35.76 -71.04
N GLY E 210 -5.83 36.48 -70.44
CA GLY E 210 -5.55 36.28 -69.03
C GLY E 210 -4.93 34.94 -68.70
N LYS E 211 -4.53 34.17 -69.71
CA LYS E 211 -3.87 32.89 -69.48
C LYS E 211 -2.57 33.11 -68.75
N SER E 212 -2.40 32.42 -67.62
CA SER E 212 -1.26 32.61 -66.75
C SER E 212 -0.31 31.42 -66.85
N GLU E 213 0.98 31.69 -66.76
CA GLU E 213 1.98 30.63 -66.80
C GLU E 213 3.19 31.03 -65.97
N ALA E 214 3.60 30.14 -65.08
CA ALA E 214 4.75 30.39 -64.22
C ALA E 214 6.03 30.46 -65.03
N LEU E 215 6.87 31.45 -64.71
CA LEU E 215 8.16 31.65 -65.36
C LEU E 215 9.34 31.26 -64.49
N THR E 216 9.32 31.61 -63.21
CA THR E 216 10.36 31.17 -62.29
C THR E 216 9.88 29.90 -61.59
N GLY E 217 10.78 29.30 -60.82
CA GLY E 217 10.36 28.35 -59.82
C GLY E 217 9.76 29.08 -58.62
N ARG E 218 9.56 28.33 -57.55
CA ARG E 218 9.03 28.86 -56.30
C ARG E 218 10.21 29.41 -55.50
N GLU E 219 10.46 30.70 -55.66
CA GLU E 219 11.62 31.35 -55.10
C GLU E 219 11.40 31.72 -53.64
N GLU E 220 12.48 31.62 -52.86
CA GLU E 220 12.43 32.06 -51.46
C GLU E 220 12.02 33.52 -51.35
N GLU E 221 12.56 34.37 -52.21
CA GLU E 221 12.21 35.78 -52.22
C GLU E 221 12.57 36.34 -53.57
N ILE E 222 11.68 37.15 -54.15
CA ILE E 222 11.97 37.83 -55.40
C ILE E 222 11.86 39.33 -55.16
N GLY E 223 12.91 40.06 -55.53
CA GLY E 223 12.85 41.52 -55.48
C GLY E 223 12.51 42.17 -56.80
N SER E 224 13.36 43.10 -57.23
CA SER E 224 13.16 43.79 -58.49
C SER E 224 13.23 42.81 -59.65
N PHE E 225 12.48 43.11 -60.71
CA PHE E 225 12.63 42.34 -61.92
C PHE E 225 12.40 43.23 -63.13
N ALA E 226 13.02 42.87 -64.26
CA ALA E 226 12.91 43.66 -65.49
C ALA E 226 13.18 42.78 -66.70
N ILE E 227 12.45 43.04 -67.77
CA ILE E 227 12.54 42.26 -68.99
C ILE E 227 13.34 43.05 -70.02
N SER E 228 14.22 42.36 -70.75
CA SER E 228 15.09 43.03 -71.70
C SER E 228 14.27 43.59 -72.86
N PRO E 229 14.78 44.64 -73.54
CA PRO E 229 13.97 45.26 -74.61
C PRO E 229 13.59 44.30 -75.72
N ASN E 230 14.41 43.29 -76.00
CA ASN E 230 14.07 42.33 -77.04
C ASN E 230 13.04 41.31 -76.58
N GLY E 231 12.84 41.16 -75.29
CA GLY E 231 11.84 40.23 -74.79
C GLY E 231 12.38 38.85 -74.46
N ARG E 232 13.68 38.60 -74.64
CA ARG E 232 14.19 37.24 -74.45
C ARG E 232 14.56 36.95 -72.99
N THR E 233 14.99 37.95 -72.23
CA THR E 233 15.63 37.70 -70.95
C THR E 233 14.94 38.47 -69.83
N LEU E 234 14.63 37.77 -68.75
CA LEU E 234 14.03 38.32 -67.54
C LEU E 234 15.06 38.32 -66.42
N ALA E 235 15.41 39.50 -65.92
CA ALA E 235 16.29 39.61 -64.76
C ALA E 235 15.44 39.80 -63.51
N PHE E 236 15.83 39.13 -62.44
CA PHE E 236 15.13 39.31 -61.18
C PHE E 236 16.10 39.11 -60.02
N VAL E 237 15.85 39.80 -58.93
CA VAL E 237 16.67 39.66 -57.73
C VAL E 237 16.05 38.58 -56.85
N ALA E 238 16.89 37.66 -56.37
CA ALA E 238 16.41 36.56 -55.55
C ALA E 238 17.37 36.32 -54.38
N ASN E 239 16.84 35.70 -53.33
CA ASN E 239 17.65 35.20 -52.22
C ASN E 239 17.97 33.74 -52.50
N ARG E 240 19.17 33.50 -53.04
CA ARG E 240 19.63 32.16 -53.35
C ARG E 240 20.54 31.58 -52.26
N ASN E 241 20.51 32.15 -51.07
CA ASN E 241 21.38 31.66 -50.02
C ASN E 241 20.80 30.43 -49.33
N GLU E 242 21.68 29.52 -48.91
CA GLU E 242 21.27 28.30 -48.23
C GLU E 242 20.60 28.62 -46.91
N ASP E 243 21.06 29.67 -46.23
CA ASP E 243 20.44 30.17 -45.02
C ASP E 243 19.80 31.53 -45.32
N PRO E 244 18.58 31.55 -45.89
CA PRO E 244 18.06 32.83 -46.41
C PRO E 244 17.89 33.89 -45.35
N ASP E 245 17.61 33.53 -44.11
CA ASP E 245 17.32 34.53 -43.09
C ASP E 245 18.56 35.19 -42.50
N THR E 246 19.71 34.51 -42.56
CA THR E 246 20.93 35.02 -41.95
C THR E 246 21.99 35.47 -42.96
N THR E 247 21.74 35.34 -44.25
CA THR E 247 22.70 35.81 -45.27
C THR E 247 22.03 36.92 -46.07
N PHE E 248 22.74 38.02 -46.30
CA PHE E 248 22.05 39.21 -46.81
C PHE E 248 22.49 39.61 -48.21
N THR E 249 23.26 38.79 -48.87
CA THR E 249 23.48 39.00 -50.29
C THR E 249 22.24 38.56 -51.06
N ARG E 250 21.99 39.25 -52.16
CA ARG E 250 20.90 38.93 -53.07
C ARG E 250 21.47 38.88 -54.47
N ASP E 251 21.07 37.87 -55.24
CA ASP E 251 21.65 37.67 -56.56
C ASP E 251 20.73 38.20 -57.65
N ILE E 252 21.33 38.81 -58.67
CA ILE E 252 20.60 39.05 -59.92
C ILE E 252 20.64 37.75 -60.72
N VAL E 253 19.46 37.23 -61.05
CA VAL E 253 19.32 36.01 -61.84
C VAL E 253 18.78 36.38 -63.21
N LEU E 254 19.41 35.86 -64.26
CA LEU E 254 18.97 36.06 -65.64
C LEU E 254 18.24 34.82 -66.13
N LEU E 255 16.98 34.96 -66.49
CA LEU E 255 16.17 33.84 -66.97
C LEU E 255 15.89 34.05 -68.46
N ASP E 256 16.40 33.16 -69.30
CA ASP E 256 16.04 33.20 -70.71
C ASP E 256 14.59 32.75 -70.86
N LEU E 257 13.72 33.67 -71.33
CA LEU E 257 12.28 33.43 -71.32
C LEU E 257 11.91 32.23 -72.18
N GLU E 258 12.55 32.08 -73.35
CA GLU E 258 12.30 30.92 -74.19
C GLU E 258 12.72 29.63 -73.49
N SER E 259 14.01 29.49 -73.18
CA SER E 259 14.51 28.21 -72.68
C SER E 259 14.20 27.94 -71.21
N LYS E 260 13.82 28.96 -70.45
CA LYS E 260 13.71 28.90 -68.99
C LYS E 260 15.04 28.59 -68.31
N ALA E 261 16.15 28.67 -69.03
CA ALA E 261 17.47 28.53 -68.40
C ALA E 261 17.81 29.79 -67.61
N GLU E 262 18.53 29.59 -66.50
CA GLU E 262 18.85 30.66 -65.57
C GLU E 262 20.35 30.76 -65.39
N THR E 263 20.87 31.96 -65.44
CA THR E 263 22.25 32.18 -65.04
C THR E 263 22.26 33.19 -63.89
N ASN E 264 23.21 32.99 -62.98
CA ASN E 264 23.40 33.84 -61.82
C ASN E 264 24.50 34.83 -62.17
N LEU E 265 24.13 36.12 -62.22
CA LEU E 265 25.00 37.17 -62.73
C LEU E 265 26.01 37.66 -61.69
N THR E 266 25.74 37.44 -60.41
CA THR E 266 26.43 38.11 -59.33
C THR E 266 27.13 37.16 -58.37
N ASN E 267 26.66 35.92 -58.24
CA ASN E 267 27.31 34.88 -57.45
C ASN E 267 27.81 35.41 -56.11
N GLY E 268 26.90 36.09 -55.40
CA GLY E 268 27.16 36.45 -54.03
C GLY E 268 27.91 37.73 -53.82
N CYS E 269 28.12 38.54 -54.85
CA CYS E 269 28.97 39.71 -54.67
C CYS E 269 28.27 40.89 -53.98
N GLY E 270 26.98 40.85 -53.72
CA GLY E 270 26.36 41.97 -53.02
C GLY E 270 24.85 41.83 -52.89
N THR E 271 24.17 42.96 -52.86
CA THR E 271 22.72 42.96 -52.88
C THR E 271 22.24 44.10 -53.78
N PHE E 272 21.06 43.91 -54.39
CA PHE E 272 20.69 44.68 -55.58
C PHE E 272 19.19 44.89 -55.65
N ALA E 273 18.79 45.96 -56.34
CA ALA E 273 17.40 46.34 -56.54
C ALA E 273 17.35 47.23 -57.77
N SER E 274 16.13 47.60 -58.18
CA SER E 274 15.93 48.56 -59.27
C SER E 274 16.69 48.18 -60.54
N LEU E 275 16.40 46.99 -61.05
CA LEU E 275 17.00 46.54 -62.32
C LEU E 275 16.46 47.36 -63.49
N ALA E 276 17.31 47.58 -64.50
CA ALA E 276 16.92 48.38 -65.66
C ALA E 276 17.84 48.06 -66.83
N TRP E 277 17.28 47.45 -67.88
CA TRP E 277 18.06 47.09 -69.06
C TRP E 277 18.39 48.33 -69.89
N SER E 278 19.55 48.30 -70.55
CA SER E 278 19.91 49.41 -71.41
C SER E 278 19.03 49.37 -72.65
N PRO E 279 18.86 50.51 -73.34
CA PRO E 279 18.03 50.51 -74.55
C PRO E 279 18.45 49.45 -75.57
N ASP E 280 19.75 49.21 -75.77
CA ASP E 280 20.20 48.16 -76.68
C ASP E 280 20.26 46.78 -76.04
N GLY E 281 19.84 46.63 -74.78
CA GLY E 281 19.77 45.34 -74.15
C GLY E 281 21.09 44.67 -73.82
N THR E 282 22.23 45.32 -74.05
CA THR E 282 23.52 44.70 -73.81
C THR E 282 24.04 44.96 -72.40
N LYS E 283 23.42 45.88 -71.66
CA LYS E 283 23.80 46.19 -70.28
C LYS E 283 22.59 46.15 -69.36
N LEU E 284 22.83 45.83 -68.10
CA LEU E 284 21.79 45.80 -67.07
C LEU E 284 22.26 46.61 -65.88
N ALA E 285 21.53 47.66 -65.56
CA ALA E 285 21.85 48.52 -64.43
C ALA E 285 21.09 48.08 -63.18
N ALA E 286 21.63 48.46 -62.02
CA ALA E 286 21.01 48.12 -60.76
C ALA E 286 21.55 49.07 -59.70
N ILE E 287 20.75 49.33 -58.68
CA ILE E 287 21.22 49.97 -57.46
C ILE E 287 21.63 48.88 -56.49
N GLY E 288 22.88 48.92 -56.02
CA GLY E 288 23.34 47.93 -55.08
C GLY E 288 24.55 48.37 -54.29
N HIS E 289 25.13 47.39 -53.59
CA HIS E 289 26.26 47.64 -52.70
C HIS E 289 26.77 46.27 -52.23
N ASP E 290 27.92 46.29 -51.55
CA ASP E 290 28.55 45.06 -51.10
C ASP E 290 28.47 44.84 -49.59
N LEU E 291 27.62 45.56 -48.87
CA LEU E 291 27.46 45.36 -47.43
C LEU E 291 28.74 45.56 -46.63
N ALA E 292 29.73 46.29 -47.17
CA ALA E 292 30.95 46.58 -46.41
C ALA E 292 30.66 47.35 -45.13
N TYR E 293 29.59 48.14 -45.09
CA TYR E 293 29.17 48.85 -43.88
C TYR E 293 27.79 48.38 -43.41
N LEU E 294 27.41 47.17 -43.80
CA LEU E 294 26.13 46.53 -43.42
C LEU E 294 25.00 47.49 -43.80
N GLY E 295 24.08 47.80 -42.89
CA GLY E 295 22.94 48.68 -43.21
C GLY E 295 23.31 50.12 -43.52
N ALA E 296 24.55 50.52 -43.19
CA ALA E 296 25.03 51.88 -43.45
C ALA E 296 25.68 52.02 -44.82
N THR E 297 25.81 50.94 -45.58
CA THR E 297 26.51 50.99 -46.85
C THR E 297 25.76 51.84 -47.87
N LEU E 298 26.46 52.80 -48.49
CA LEU E 298 25.85 53.62 -49.53
C LEU E 298 25.32 52.76 -50.67
N HIS E 299 24.13 53.10 -51.17
CA HIS E 299 23.66 52.43 -52.37
C HIS E 299 24.26 53.09 -53.60
N ARG E 300 24.72 52.29 -54.55
CA ARG E 300 25.48 52.78 -55.69
C ARG E 300 24.86 52.28 -56.99
N LEU E 301 25.33 52.84 -58.10
CA LEU E 301 24.86 52.43 -59.43
C LEU E 301 25.86 51.43 -60.01
N TYR E 302 25.40 50.21 -60.27
CA TYR E 302 26.16 49.17 -60.95
C TYR E 302 25.68 49.07 -62.40
N VAL E 303 26.58 48.73 -63.29
CA VAL E 303 26.18 48.27 -64.62
C VAL E 303 26.81 46.93 -64.86
N PHE E 304 26.02 46.01 -65.41
CA PHE E 304 26.50 44.69 -65.80
C PHE E 304 26.47 44.59 -67.31
N GLU E 305 27.46 43.88 -67.87
CA GLU E 305 27.52 43.56 -69.30
C GLU E 305 27.49 42.03 -69.36
N PRO E 306 26.29 41.43 -69.40
CA PRO E 306 26.19 39.99 -69.18
C PRO E 306 26.93 39.13 -70.21
N GLU E 307 27.03 39.58 -71.46
CA GLU E 307 27.74 38.81 -72.48
C GLU E 307 29.23 38.75 -72.17
N ARG E 308 29.85 39.91 -71.95
CA ARG E 308 31.26 39.97 -71.60
C ARG E 308 31.51 39.53 -70.17
N GLY E 309 30.47 39.23 -69.39
CA GLY E 309 30.63 38.80 -68.01
C GLY E 309 31.34 39.79 -67.10
N THR E 310 31.21 41.09 -67.37
CA THR E 310 31.84 42.10 -66.54
C THR E 310 30.79 42.94 -65.82
N LYS E 311 31.26 43.68 -64.82
CA LYS E 311 30.44 44.63 -64.09
C LYS E 311 31.29 45.82 -63.69
N ARG E 312 30.63 46.95 -63.51
CA ARG E 312 31.31 48.15 -63.05
C ARG E 312 30.39 48.91 -62.11
N VAL E 313 30.97 49.47 -61.06
CA VAL E 313 30.27 50.37 -60.15
C VAL E 313 30.49 51.79 -60.67
N LEU E 314 29.43 52.42 -61.16
CA LEU E 314 29.56 53.68 -61.88
C LEU E 314 29.68 54.87 -60.96
N THR E 315 29.28 54.73 -59.70
CA THR E 315 29.38 55.82 -58.72
C THR E 315 30.35 55.46 -57.59
N ALA E 316 31.28 54.54 -57.84
CA ALA E 316 32.23 54.12 -56.82
C ALA E 316 32.97 55.29 -56.20
N ASP E 317 33.23 56.33 -56.98
CA ASP E 317 34.01 57.48 -56.52
C ASP E 317 33.14 58.67 -56.16
N TRP E 318 31.83 58.47 -56.06
CA TRP E 318 30.88 59.52 -55.70
C TRP E 318 30.33 59.17 -54.31
N ASP E 319 30.72 59.95 -53.31
CA ASP E 319 30.41 59.67 -51.91
C ASP E 319 28.99 60.09 -51.58
N VAL E 320 28.03 59.64 -52.38
CA VAL E 320 26.63 60.05 -52.25
C VAL E 320 25.77 58.80 -52.30
N HIS E 321 24.77 58.73 -51.42
CA HIS E 321 23.82 57.63 -51.37
C HIS E 321 22.75 57.82 -52.45
N LEU E 322 22.63 56.84 -53.35
CA LEU E 322 21.60 56.87 -54.37
C LEU E 322 20.25 56.44 -53.79
N GLY E 323 19.18 56.97 -54.35
CA GLY E 323 17.85 56.68 -53.83
C GLY E 323 17.38 57.75 -52.85
N ASP E 324 16.28 57.44 -52.17
CA ASP E 324 15.52 58.43 -51.42
C ASP E 324 15.55 58.07 -49.93
N ALA E 325 16.37 58.77 -49.15
CA ALA E 325 16.47 58.49 -47.73
C ALA E 325 15.67 59.47 -46.89
N MET E 326 14.85 60.30 -47.54
CA MET E 326 14.15 61.41 -46.89
C MET E 326 13.16 60.92 -45.84
N VAL E 327 13.08 61.66 -44.71
CA VAL E 327 12.09 61.41 -43.65
C VAL E 327 10.93 62.37 -43.85
N GLY E 328 9.72 61.83 -43.87
CA GLY E 328 8.50 62.60 -44.02
C GLY E 328 7.35 61.72 -43.59
N ASP E 329 6.17 62.32 -43.51
CA ASP E 329 4.95 61.61 -43.10
C ASP E 329 3.86 61.70 -44.17
N THR E 330 4.22 62.23 -45.32
CA THR E 330 3.43 62.27 -46.53
C THR E 330 4.31 61.71 -47.66
N HIS E 331 3.68 61.03 -48.62
CA HIS E 331 4.29 60.37 -49.77
C HIS E 331 5.07 59.12 -49.39
N ALA E 332 4.84 58.58 -48.20
CA ALA E 332 5.71 57.53 -47.67
C ALA E 332 5.69 56.27 -48.55
N ASP E 333 4.53 55.90 -49.11
CA ASP E 333 4.48 54.72 -49.96
C ASP E 333 4.55 55.07 -51.44
N ALA E 334 4.94 56.29 -51.77
CA ALA E 334 5.00 56.69 -53.18
C ALA E 334 6.21 56.04 -53.86
N LYS E 335 5.96 55.43 -55.03
CA LYS E 335 6.99 54.67 -55.72
C LYS E 335 8.00 55.59 -56.42
N GLY E 336 9.27 55.46 -56.06
CA GLY E 336 10.34 56.18 -56.71
C GLY E 336 10.67 55.62 -58.09
N PRO E 337 11.42 56.41 -58.87
CA PRO E 337 11.63 56.05 -60.28
C PRO E 337 12.51 54.82 -60.53
N GLY E 338 13.62 54.66 -59.82
CA GLY E 338 14.65 53.74 -60.28
C GLY E 338 15.47 54.33 -61.43
N PRO E 339 16.63 53.71 -61.75
CA PRO E 339 17.55 54.33 -62.73
C PRO E 339 16.96 54.30 -64.12
N ILE E 340 17.13 55.41 -64.84
CA ILE E 340 16.61 55.55 -66.19
C ILE E 340 17.78 55.82 -67.14
N TRP E 341 17.97 54.92 -68.10
CA TRP E 341 19.01 55.06 -69.10
C TRP E 341 18.70 56.22 -70.05
N ALA E 342 19.74 56.94 -70.46
CA ALA E 342 19.57 57.84 -71.59
C ALA E 342 19.27 57.03 -72.83
N SER E 343 18.46 57.60 -73.73
CA SER E 343 18.14 56.92 -74.99
C SER E 343 19.41 56.45 -75.70
N ASP E 344 20.45 57.28 -75.73
CA ASP E 344 21.65 56.87 -76.45
C ASP E 344 22.59 55.99 -75.63
N GLY E 345 22.21 55.63 -74.39
CA GLY E 345 22.99 54.68 -73.63
C GLY E 345 24.26 55.22 -73.00
N SER E 346 24.51 56.53 -73.05
CA SER E 346 25.74 57.13 -72.52
C SER E 346 25.71 57.35 -71.01
N GLY E 347 24.63 56.99 -70.34
CA GLY E 347 24.58 57.08 -68.90
C GLY E 347 23.16 56.94 -68.43
N LEU E 348 22.97 57.22 -67.13
CA LEU E 348 21.68 56.99 -66.48
C LEU E 348 21.37 58.16 -65.57
N TYR E 349 20.08 58.46 -65.48
CA TYR E 349 19.57 59.43 -64.53
C TYR E 349 19.17 58.68 -63.27
N VAL E 350 19.61 59.16 -62.11
CA VAL E 350 19.33 58.51 -60.83
C VAL E 350 19.03 59.59 -59.80
N THR E 351 18.13 59.26 -58.88
CA THR E 351 17.91 60.11 -57.73
C THR E 351 18.92 59.77 -56.65
N ALA E 352 19.20 60.74 -55.79
CA ALA E 352 20.21 60.54 -54.77
C ALA E 352 19.91 61.53 -53.65
N SER E 353 20.39 61.20 -52.46
CA SER E 353 20.02 61.91 -51.25
C SER E 353 21.26 62.57 -50.69
N GLU E 354 21.22 63.89 -50.55
CA GLU E 354 22.41 64.64 -50.18
C GLU E 354 21.97 65.90 -49.47
N ARG E 355 22.39 66.06 -48.22
CA ARG E 355 22.27 67.33 -47.50
C ARG E 355 20.82 67.80 -47.43
N GLY E 356 19.93 66.89 -47.07
CA GLY E 356 18.53 67.25 -46.95
C GLY E 356 17.76 67.26 -48.25
N ARG E 357 18.39 66.95 -49.37
CA ARG E 357 17.78 67.04 -50.69
C ARG E 357 17.66 65.66 -51.31
N VAL E 358 16.63 65.49 -52.12
CA VAL E 358 16.56 64.33 -53.01
C VAL E 358 16.36 64.92 -54.40
N ASN E 359 17.41 64.82 -55.22
CA ASN E 359 17.49 65.48 -56.52
C ASN E 359 17.80 64.43 -57.58
N LEU E 360 17.75 64.84 -58.84
CA LEU E 360 18.01 63.94 -59.93
C LEU E 360 19.37 64.24 -60.55
N TYR E 361 20.18 63.19 -60.76
CA TYR E 361 21.51 63.33 -61.33
C TYR E 361 21.62 62.49 -62.59
N PHE E 362 22.52 62.90 -63.49
CA PHE E 362 22.97 62.06 -64.61
C PHE E 362 24.33 61.47 -64.30
N VAL E 363 24.46 60.16 -64.37
CA VAL E 363 25.75 59.49 -64.21
C VAL E 363 26.22 59.04 -65.58
N SER E 364 27.24 59.70 -66.11
CA SER E 364 27.80 59.25 -67.37
C SER E 364 28.62 58.00 -67.16
N LEU E 365 28.65 57.16 -68.19
CA LEU E 365 29.52 56.00 -68.19
C LEU E 365 30.98 56.38 -68.01
N ALA E 366 31.37 57.58 -68.45
CA ALA E 366 32.76 57.96 -68.32
C ALA E 366 33.15 58.33 -66.90
N GLY E 367 32.19 58.61 -66.02
CA GLY E 367 32.55 59.02 -64.68
C GLY E 367 31.88 60.28 -64.14
N PRO E 368 31.85 61.37 -64.92
CA PRO E 368 31.29 62.61 -64.39
C PRO E 368 29.81 62.49 -64.09
N ILE E 369 29.37 63.19 -63.05
CA ILE E 369 27.99 63.11 -62.58
C ILE E 369 27.40 64.52 -62.49
N VAL E 370 26.26 64.73 -63.12
CA VAL E 370 25.61 66.03 -63.27
C VAL E 370 24.35 66.05 -62.40
N PRO E 371 24.15 67.05 -61.55
CA PRO E 371 22.78 67.32 -61.08
C PRO E 371 21.94 67.88 -62.23
N VAL E 372 20.73 67.34 -62.44
CA VAL E 372 19.92 67.84 -63.54
C VAL E 372 18.55 68.35 -63.10
N ILE E 373 18.02 67.85 -61.99
CA ILE E 373 16.87 68.45 -61.35
C ILE E 373 17.29 68.61 -59.91
N GLU E 374 17.70 69.80 -59.54
CA GLU E 374 18.34 70.01 -58.26
C GLU E 374 17.72 71.20 -57.56
N GLY E 375 17.76 71.16 -56.25
CA GLY E 375 17.17 72.24 -55.46
C GLY E 375 16.81 71.75 -54.07
N ASN E 376 16.39 72.71 -53.24
CA ASN E 376 16.09 72.43 -51.83
C ASN E 376 14.67 71.85 -51.75
N PHE E 377 14.55 70.64 -52.29
CA PHE E 377 13.26 69.96 -52.30
C PHE E 377 13.48 68.45 -52.32
N HIS E 378 12.36 67.72 -52.26
CA HIS E 378 12.25 66.27 -52.24
C HIS E 378 11.66 65.83 -53.57
N LEU E 379 12.49 65.24 -54.42
CA LEU E 379 12.02 64.66 -55.67
C LEU E 379 11.57 63.24 -55.37
N TYR E 380 10.26 63.05 -55.20
CA TYR E 380 9.77 61.74 -54.74
C TYR E 380 9.08 60.97 -55.86
N GLY E 381 9.12 61.49 -57.08
CA GLY E 381 8.59 60.79 -58.22
C GLY E 381 9.08 61.42 -59.50
N LEU E 382 9.13 60.63 -60.57
CA LEU E 382 9.79 61.10 -61.77
C LEU E 382 9.48 60.19 -62.95
N ALA E 383 9.22 60.81 -64.10
CA ALA E 383 9.21 60.14 -65.38
C ALA E 383 9.95 61.02 -66.37
N ILE E 384 10.60 60.40 -67.36
CA ILE E 384 11.41 61.14 -68.31
C ILE E 384 10.83 60.93 -69.70
N HIS E 385 10.63 62.03 -70.43
CA HIS E 385 10.06 62.00 -71.77
C HIS E 385 10.79 60.96 -72.63
N PRO E 386 10.07 60.25 -73.53
CA PRO E 386 10.73 59.25 -74.37
C PRO E 386 11.78 59.81 -75.31
N SER E 387 11.61 61.02 -75.81
CA SER E 387 12.55 61.50 -76.83
C SER E 387 13.10 62.88 -76.52
N GLU E 388 12.34 63.70 -75.81
CA GLU E 388 12.80 65.04 -75.47
C GLU E 388 13.64 65.02 -74.19
N GLN E 389 14.24 66.17 -73.89
CA GLN E 389 14.89 66.41 -72.61
C GLN E 389 13.91 67.10 -71.67
N GLN E 390 12.81 66.41 -71.43
CA GLN E 390 11.78 66.87 -70.54
C GLN E 390 11.47 65.75 -69.56
N ALA E 391 11.01 66.14 -68.38
CA ALA E 391 10.68 65.18 -67.34
C ALA E 391 9.43 65.67 -66.63
N ILE E 392 8.73 64.73 -66.00
CA ILE E 392 7.66 65.03 -65.06
C ILE E 392 8.19 64.68 -63.67
N ALA E 393 8.25 65.68 -62.80
CA ALA E 393 8.79 65.57 -61.46
C ALA E 393 7.68 65.78 -60.44
N ALA E 394 7.53 64.82 -59.53
CA ALA E 394 6.73 65.02 -58.32
C ALA E 394 7.67 65.56 -57.25
N ILE E 395 7.37 66.77 -56.76
CA ILE E 395 8.29 67.50 -55.91
C ILE E 395 7.54 68.01 -54.70
N SER E 396 8.09 67.74 -53.52
CA SER E 396 7.56 68.24 -52.27
C SER E 396 8.62 69.10 -51.62
N SER E 397 8.19 70.04 -50.78
CA SER E 397 9.13 70.90 -50.08
C SER E 397 8.48 71.33 -48.77
N PRO E 398 9.25 71.91 -47.85
CA PRO E 398 8.67 72.22 -46.53
C PRO E 398 7.37 73.03 -46.59
N THR E 399 7.18 73.88 -47.60
CA THR E 399 6.01 74.74 -47.71
C THR E 399 5.06 74.34 -48.85
N SER E 400 5.24 73.14 -49.42
CA SER E 400 4.40 72.69 -50.53
C SER E 400 4.22 71.18 -50.41
N VAL E 401 2.98 70.73 -50.20
CA VAL E 401 2.72 69.32 -49.94
C VAL E 401 3.38 68.45 -51.01
N GLY E 402 3.12 68.78 -52.27
CA GLY E 402 3.63 67.98 -53.37
C GLY E 402 2.76 68.12 -54.60
N ASP E 403 3.40 68.28 -55.76
CA ASP E 403 2.68 68.40 -57.03
C ASP E 403 3.61 67.96 -58.15
N LEU E 404 3.02 67.76 -59.33
CA LEU E 404 3.78 67.43 -60.53
C LEU E 404 4.21 68.70 -61.25
N TYR E 405 5.45 68.68 -61.76
CA TYR E 405 6.04 69.78 -62.52
C TYR E 405 6.65 69.22 -63.79
N ALA E 406 6.45 69.93 -64.90
CA ALA E 406 7.20 69.67 -66.11
C ALA E 406 8.55 70.37 -66.01
N VAL E 407 9.63 69.61 -66.20
CA VAL E 407 10.97 70.12 -66.02
C VAL E 407 11.75 69.92 -67.31
N SER E 408 12.32 71.01 -67.83
CA SER E 408 13.29 70.89 -68.91
C SER E 408 14.61 70.40 -68.34
N LEU E 409 15.13 69.32 -68.91
CA LEU E 409 16.39 68.79 -68.42
C LEU E 409 17.58 69.67 -68.82
N ALA E 410 17.44 70.45 -69.90
CA ALA E 410 18.50 71.36 -70.33
C ALA E 410 18.88 72.35 -69.24
N ASP E 411 17.89 73.02 -68.64
CA ASP E 411 18.21 74.07 -67.68
C ASP E 411 17.48 73.98 -66.36
N GLY E 412 16.72 72.90 -66.12
CA GLY E 412 16.08 72.71 -64.83
C GLY E 412 14.86 73.57 -64.59
N THR E 413 14.44 74.40 -65.55
CA THR E 413 13.24 75.19 -65.33
C THR E 413 11.99 74.32 -65.29
N LYS E 414 11.06 74.67 -64.41
CA LYS E 414 9.92 73.86 -64.04
C LYS E 414 8.63 74.63 -64.32
N THR E 415 7.63 73.90 -64.78
CA THR E 415 6.28 74.39 -65.00
C THR E 415 5.31 73.54 -64.18
N ARG E 416 4.55 74.17 -63.31
CA ARG E 416 3.61 73.41 -62.49
C ARG E 416 2.50 72.79 -63.36
N LEU E 417 2.26 71.50 -63.15
CA LEU E 417 1.22 70.75 -63.83
C LEU E 417 0.01 70.49 -62.95
N THR E 418 0.20 70.25 -61.66
CA THR E 418 -0.90 70.00 -60.76
C THR E 418 -0.90 71.00 -59.61
N ARG E 419 -2.05 71.11 -58.96
CA ARG E 419 -2.23 71.87 -57.73
C ARG E 419 -3.21 71.06 -56.88
N ALA E 420 -2.72 69.94 -56.34
CA ALA E 420 -3.52 68.95 -55.64
C ALA E 420 -3.94 69.37 -54.23
N ASN E 421 -3.32 70.40 -53.66
CA ASN E 421 -3.66 70.86 -52.31
C ASN E 421 -3.99 72.34 -52.34
N GLU E 422 -4.75 72.72 -53.37
CA GLU E 422 -4.97 74.13 -53.68
C GLU E 422 -5.61 74.87 -52.53
N ALA E 423 -6.74 74.35 -52.03
CA ALA E 423 -7.47 75.07 -50.99
C ALA E 423 -6.64 75.16 -49.72
N LEU E 424 -6.09 74.03 -49.27
CA LEU E 424 -5.24 74.03 -48.09
C LEU E 424 -4.09 75.02 -48.25
N GLU E 425 -3.39 74.98 -49.38
CA GLU E 425 -2.23 75.86 -49.54
C GLU E 425 -2.64 77.31 -49.79
N ASN E 426 -3.91 77.58 -50.04
CA ASN E 426 -4.41 78.96 -50.10
C ASN E 426 -4.85 79.46 -48.73
N GLU E 427 -5.33 78.57 -47.88
CA GLU E 427 -5.91 78.97 -46.61
C GLU E 427 -4.90 78.95 -45.46
N VAL E 428 -4.06 77.94 -45.40
CA VAL E 428 -3.18 77.74 -44.25
C VAL E 428 -1.79 78.26 -44.57
N VAL E 429 -1.18 78.96 -43.62
CA VAL E 429 0.21 79.42 -43.77
C VAL E 429 1.14 78.30 -43.32
N PHE E 430 2.13 78.00 -44.15
CA PHE E 430 3.11 76.96 -43.86
C PHE E 430 4.35 77.61 -43.26
N ALA E 431 4.91 76.98 -42.23
CA ALA E 431 6.20 77.42 -41.71
C ALA E 431 7.30 76.79 -42.55
N ASP E 432 8.21 77.62 -43.06
CA ASP E 432 9.37 77.11 -43.79
C ASP E 432 10.39 76.52 -42.82
N ALA E 433 11.31 75.73 -43.36
CA ALA E 433 12.40 75.12 -42.59
C ALA E 433 13.70 75.78 -43.02
N GLU E 434 14.29 76.56 -42.13
CA GLU E 434 15.52 77.28 -42.44
C GLU E 434 16.72 76.39 -42.11
N PRO E 435 17.58 76.05 -43.08
CA PRO E 435 18.70 75.16 -42.79
C PRO E 435 19.87 75.89 -42.16
N PHE E 436 20.63 75.17 -41.35
CA PHE E 436 21.83 75.72 -40.75
C PHE E 436 22.79 74.58 -40.44
N THR E 437 24.03 74.96 -40.15
CA THR E 437 25.03 73.99 -39.75
C THR E 437 25.66 74.43 -38.44
N TYR E 438 26.23 73.47 -37.74
CA TYR E 438 26.92 73.71 -36.47
C TYR E 438 27.95 72.63 -36.26
N ARG E 439 28.87 72.89 -35.34
CA ARG E 439 29.95 71.96 -35.02
C ARG E 439 29.59 71.14 -33.78
N SER E 440 29.91 69.84 -33.84
CA SER E 440 29.68 69.00 -32.68
C SER E 440 30.84 69.16 -31.70
N ALA E 441 30.76 68.41 -30.59
CA ALA E 441 31.78 68.51 -29.55
C ALA E 441 33.16 68.12 -30.04
N ASP E 442 33.25 67.27 -31.06
CA ASP E 442 34.54 66.88 -31.62
C ASP E 442 34.89 67.66 -32.89
N GLY E 443 34.14 68.73 -33.20
CA GLY E 443 34.42 69.53 -34.37
C GLY E 443 33.67 69.16 -35.65
N LEU E 444 32.95 68.04 -35.67
CA LEU E 444 32.34 67.59 -36.91
C LEU E 444 31.12 68.44 -37.24
N GLU E 445 31.05 68.95 -38.47
CA GLU E 445 29.93 69.78 -38.87
C GLU E 445 28.66 68.96 -39.05
N ILE E 446 27.57 69.40 -38.40
CA ILE E 446 26.26 68.78 -38.51
C ILE E 446 25.30 69.78 -39.15
N GLN E 447 24.38 69.28 -39.98
CA GLN E 447 23.32 70.08 -40.56
C GLN E 447 22.00 69.88 -39.80
N GLY E 448 21.24 70.96 -39.63
CA GLY E 448 19.92 70.86 -39.07
C GLY E 448 19.00 71.92 -39.64
N TRP E 449 17.74 71.89 -39.23
CA TRP E 449 16.75 72.83 -39.70
C TRP E 449 15.95 73.36 -38.52
N ILE E 450 15.45 74.59 -38.65
CA ILE E 450 14.60 75.19 -37.64
C ILE E 450 13.33 75.73 -38.30
N MET E 451 12.20 75.55 -37.62
CA MET E 451 10.90 76.07 -38.02
C MET E 451 10.39 76.98 -36.91
N LYS E 452 9.93 78.17 -37.27
CA LYS E 452 9.37 79.12 -36.32
C LYS E 452 7.85 79.09 -36.40
N PRO E 453 7.13 79.12 -35.29
CA PRO E 453 5.66 79.17 -35.36
C PRO E 453 5.23 80.38 -36.17
N PRO E 454 4.31 80.20 -37.11
CA PRO E 454 3.88 81.36 -37.92
C PRO E 454 3.41 82.55 -37.09
N GLU E 455 2.55 82.30 -36.10
CA GLU E 455 1.87 83.39 -35.36
C GLU E 455 2.79 84.13 -34.40
N LEU E 456 4.08 83.82 -34.34
CA LEU E 456 4.96 84.42 -33.34
C LEU E 456 5.30 85.85 -33.74
N ASP E 457 5.15 86.78 -32.79
CA ASP E 457 5.43 88.19 -33.02
C ASP E 457 6.93 88.44 -33.08
N GLU E 458 7.28 89.69 -33.44
CA GLU E 458 8.66 90.04 -33.77
C GLU E 458 9.60 89.99 -32.57
N GLY E 459 9.07 89.99 -31.36
CA GLY E 459 9.96 89.93 -30.22
C GLY E 459 9.78 88.68 -29.37
N GLU E 460 8.81 87.85 -29.73
CA GLU E 460 8.36 86.78 -28.84
C GLU E 460 9.32 85.59 -28.86
N LYS E 461 9.09 84.67 -27.94
CA LYS E 461 9.85 83.43 -27.86
C LYS E 461 8.88 82.26 -27.74
N ALA E 462 9.26 81.14 -28.35
CA ALA E 462 8.44 79.95 -28.26
C ALA E 462 9.28 78.82 -27.68
N PRO E 463 8.65 77.89 -26.95
CA PRO E 463 9.39 76.71 -26.48
C PRO E 463 9.88 75.88 -27.66
N LEU E 464 11.01 75.21 -27.48
CA LEU E 464 11.63 74.44 -28.55
C LEU E 464 11.28 72.97 -28.41
N VAL E 465 10.93 72.35 -29.53
CA VAL E 465 10.74 70.90 -29.60
C VAL E 465 11.77 70.37 -30.59
N VAL E 466 12.63 69.48 -30.12
CA VAL E 466 13.57 68.75 -30.96
C VAL E 466 12.90 67.48 -31.46
N GLU E 467 12.89 67.30 -32.76
CA GLU E 467 12.47 66.05 -33.38
C GLU E 467 13.72 65.28 -33.81
N ILE E 468 13.68 63.96 -33.64
CA ILE E 468 14.81 63.07 -33.88
C ILE E 468 14.34 61.96 -34.82
N HIS E 469 14.99 61.85 -35.99
CA HIS E 469 14.51 60.91 -36.99
C HIS E 469 15.00 59.49 -36.69
N GLY E 470 14.32 58.53 -37.32
CA GLY E 470 14.62 57.13 -37.14
C GLY E 470 15.66 56.64 -38.13
N GLY E 471 15.71 55.32 -38.28
CA GLY E 471 16.70 54.68 -39.10
C GLY E 471 17.70 53.86 -38.29
N PRO E 472 18.84 54.47 -37.92
CA PRO E 472 19.20 55.90 -38.00
C PRO E 472 19.63 56.36 -39.38
N HIS E 473 19.84 55.45 -40.33
CA HIS E 473 20.39 55.81 -41.65
C HIS E 473 19.27 56.32 -42.55
N ALA E 474 18.73 57.48 -42.18
CA ALA E 474 17.77 58.23 -42.99
C ALA E 474 18.15 59.69 -42.85
N MET E 475 17.33 60.57 -43.43
CA MET E 475 17.73 61.96 -43.65
C MET E 475 16.52 62.88 -43.49
N TYR E 476 16.55 63.75 -42.49
CA TYR E 476 15.67 64.91 -42.52
C TYR E 476 16.05 65.83 -43.68
N GLY E 477 15.09 66.64 -44.13
CA GLY E 477 15.39 67.60 -45.16
C GLY E 477 14.21 68.41 -45.65
N PHE E 478 14.36 68.85 -46.91
CA PHE E 478 13.40 69.76 -47.56
C PHE E 478 12.23 68.95 -48.11
N THR E 479 11.28 68.64 -47.24
CA THR E 479 10.08 67.93 -47.66
C THR E 479 8.93 68.37 -46.77
N PHE E 480 7.71 68.14 -47.24
CA PHE E 480 6.54 68.53 -46.46
C PHE E 480 6.31 67.55 -45.31
N PHE E 481 6.07 68.09 -44.12
CA PHE E 481 6.00 67.27 -42.92
C PHE E 481 4.84 67.81 -42.08
N HIS E 482 3.68 67.14 -42.16
CA HIS E 482 2.48 67.66 -41.49
C HIS E 482 2.68 67.78 -39.99
N GLU E 483 3.24 66.74 -39.35
CA GLU E 483 3.47 66.77 -37.92
C GLU E 483 4.35 67.95 -37.51
N LEU E 484 5.40 68.26 -38.29
CA LEU E 484 6.21 69.43 -37.96
C LEU E 484 5.44 70.73 -38.13
N GLN E 485 4.68 70.86 -39.22
CA GLN E 485 3.77 72.00 -39.36
C GLN E 485 2.85 72.11 -38.16
N LEU E 486 2.31 70.99 -37.71
CA LEU E 486 1.36 70.99 -36.59
C LEU E 486 2.00 71.57 -35.34
N LEU E 487 3.27 71.21 -35.09
CA LEU E 487 3.96 71.69 -33.90
C LEU E 487 4.24 73.17 -34.01
N ALA E 488 4.67 73.63 -35.18
CA ALA E 488 4.86 75.06 -35.40
C ALA E 488 3.55 75.79 -35.18
N SER E 489 2.49 75.35 -35.88
CA SER E 489 1.19 75.96 -35.73
C SER E 489 0.73 75.96 -34.27
N SER E 490 1.13 74.94 -33.51
CA SER E 490 0.78 74.82 -32.10
C SER E 490 1.66 75.68 -31.19
N GLY E 491 2.55 76.49 -31.73
CA GLY E 491 3.33 77.40 -30.93
C GLY E 491 4.73 76.95 -30.58
N TYR E 492 5.24 75.90 -31.21
CA TYR E 492 6.57 75.38 -30.90
C TYR E 492 7.54 75.69 -32.03
N ALA E 493 8.67 76.27 -31.67
CA ALA E 493 9.84 76.18 -32.53
C ALA E 493 10.20 74.72 -32.68
N VAL E 494 10.64 74.33 -33.88
CA VAL E 494 10.88 72.94 -34.18
C VAL E 494 12.29 72.81 -34.72
N LEU E 495 13.11 72.00 -34.07
CA LEU E 495 14.47 71.73 -34.51
C LEU E 495 14.57 70.27 -34.94
N PHE E 496 15.27 70.02 -36.05
CA PHE E 496 15.47 68.64 -36.49
C PHE E 496 16.76 68.58 -37.28
N THR E 497 17.55 67.57 -36.97
CA THR E 497 18.94 67.49 -37.42
C THR E 497 19.24 66.11 -38.00
N ASN E 498 20.35 66.05 -38.73
CA ASN E 498 20.93 64.81 -39.17
C ASN E 498 22.25 64.59 -38.43
N PRO E 499 22.21 64.02 -37.22
CA PRO E 499 23.44 63.62 -36.54
C PRO E 499 24.12 62.53 -37.34
N ARG E 500 25.40 62.28 -37.01
CA ARG E 500 26.09 61.17 -37.65
C ARG E 500 25.32 59.88 -37.39
N GLY E 501 25.34 58.99 -38.38
CA GLY E 501 24.34 57.95 -38.48
C GLY E 501 23.38 58.20 -39.63
N SER E 502 23.00 59.47 -39.80
CA SER E 502 22.12 59.89 -40.89
C SER E 502 22.76 59.66 -42.26
N HIS E 503 21.91 59.37 -43.24
CA HIS E 503 22.32 59.51 -44.62
C HIS E 503 22.29 60.98 -45.00
N GLY E 504 22.90 61.26 -46.14
CA GLY E 504 22.93 62.58 -46.73
C GLY E 504 24.31 63.20 -46.78
N TYR E 505 25.33 62.55 -46.20
CA TYR E 505 26.61 63.23 -45.99
C TYR E 505 27.81 62.34 -46.24
N GLY E 506 27.65 61.22 -46.95
CA GLY E 506 28.76 60.36 -47.29
C GLY E 506 28.89 59.13 -46.38
N GLN E 507 29.70 58.19 -46.87
CA GLN E 507 29.85 56.89 -46.23
C GLN E 507 30.33 57.01 -44.79
N SER E 508 31.33 57.86 -44.53
CA SER E 508 31.87 57.92 -43.17
C SER E 508 30.81 58.41 -42.18
N PHE E 509 30.08 59.47 -42.54
CA PHE E 509 29.10 60.07 -41.64
C PHE E 509 27.95 59.10 -41.31
N VAL E 510 27.50 58.30 -42.29
CA VAL E 510 26.35 57.44 -42.04
C VAL E 510 26.79 56.21 -41.25
N ASN E 511 28.05 55.79 -41.40
CA ASN E 511 28.57 54.63 -40.70
C ASN E 511 28.91 54.93 -39.24
N ALA E 512 29.09 56.20 -38.90
CA ALA E 512 29.79 56.55 -37.65
C ALA E 512 28.98 56.22 -36.40
N VAL E 513 27.67 56.07 -36.51
CA VAL E 513 26.85 55.75 -35.36
C VAL E 513 27.03 54.30 -34.94
N ARG E 514 27.43 53.43 -35.87
CA ARG E 514 27.47 52.00 -35.60
C ARG E 514 28.55 51.68 -34.57
N GLY E 515 28.17 50.92 -33.54
CA GLY E 515 29.04 50.66 -32.41
C GLY E 515 29.15 51.79 -31.44
N ASP E 516 28.38 52.85 -31.60
CA ASP E 516 28.50 54.02 -30.76
C ASP E 516 27.13 54.62 -30.47
N TYR E 517 26.13 53.75 -30.27
CA TYR E 517 24.79 54.23 -29.95
C TYR E 517 24.77 55.00 -28.64
N GLY E 518 24.24 56.22 -28.68
CA GLY E 518 24.26 57.10 -27.54
C GLY E 518 25.56 57.82 -27.29
N GLY E 519 26.53 57.71 -28.20
CA GLY E 519 27.82 58.33 -28.03
C GLY E 519 27.88 59.67 -28.72
N MET E 520 28.56 59.72 -29.88
CA MET E 520 28.69 60.99 -30.62
C MET E 520 27.37 61.38 -31.28
N ASP E 521 26.47 60.42 -31.51
CA ASP E 521 25.19 60.77 -32.10
C ASP E 521 24.38 61.63 -31.14
N TYR E 522 24.32 61.22 -29.88
CA TYR E 522 23.68 62.02 -28.83
C TYR E 522 24.35 63.38 -28.66
N GLU E 523 25.68 63.44 -28.76
CA GLU E 523 26.38 64.72 -28.72
C GLU E 523 25.94 65.63 -29.87
N ASP E 524 25.83 65.07 -31.07
CA ASP E 524 25.42 65.87 -32.23
C ASP E 524 24.09 66.57 -31.96
N ILE E 525 23.15 65.87 -31.33
CA ILE E 525 21.82 66.41 -31.10
C ILE E 525 21.85 67.47 -30.01
N MET E 526 22.55 67.20 -28.91
CA MET E 526 22.75 68.21 -27.86
C MET E 526 23.46 69.45 -28.41
N ALA E 527 24.47 69.26 -29.25
CA ALA E 527 25.11 70.42 -29.85
C ALA E 527 24.13 71.14 -30.77
N GLY E 528 23.25 70.40 -31.44
CA GLY E 528 22.20 71.05 -32.20
C GLY E 528 21.31 71.92 -31.35
N VAL E 529 20.92 71.41 -30.16
CA VAL E 529 20.04 72.19 -29.30
C VAL E 529 20.74 73.46 -28.86
N ASP E 530 22.02 73.36 -28.46
CA ASP E 530 22.77 74.54 -28.04
C ASP E 530 22.91 75.53 -29.18
N ALA E 531 23.20 75.01 -30.38
CA ALA E 531 23.42 75.89 -31.53
C ALA E 531 22.16 76.63 -31.92
N ALA E 532 21.02 75.92 -32.03
CA ALA E 532 19.76 76.58 -32.35
C ALA E 532 19.42 77.65 -31.32
N ILE E 533 19.68 77.37 -30.04
CA ILE E 533 19.43 78.36 -29.01
C ILE E 533 20.30 79.60 -29.22
N SER E 534 21.56 79.40 -29.62
CA SER E 534 22.47 80.53 -29.80
C SER E 534 22.29 81.25 -31.13
N LYS E 535 21.57 80.66 -32.10
CA LYS E 535 21.44 81.25 -33.43
C LYS E 535 20.08 81.87 -33.69
N PHE E 536 19.04 81.41 -33.00
CA PHE E 536 17.67 81.81 -33.33
C PHE E 536 17.04 82.39 -32.08
N ASP E 537 16.87 83.72 -32.09
CA ASP E 537 16.36 84.45 -30.93
C ASP E 537 14.96 84.01 -30.54
N PHE E 538 14.13 83.61 -31.52
CA PHE E 538 12.74 83.32 -31.18
C PHE E 538 12.58 82.05 -30.34
N ILE E 539 13.68 81.35 -29.99
CA ILE E 539 13.59 80.16 -29.13
C ILE E 539 13.67 80.59 -27.67
N ASP E 540 12.79 79.99 -26.86
CA ASP E 540 12.78 80.16 -25.40
C ASP E 540 13.59 79.01 -24.82
N LYS E 541 14.87 79.28 -24.51
CA LYS E 541 15.79 78.24 -24.08
C LYS E 541 15.39 77.56 -22.77
N GLU E 542 14.39 78.08 -22.06
CA GLU E 542 13.98 77.55 -20.78
C GLU E 542 12.93 76.47 -20.89
N ARG E 543 12.37 76.23 -22.08
CA ARG E 543 11.22 75.33 -22.25
C ARG E 543 11.48 74.43 -23.45
N LEU E 544 12.21 73.34 -23.21
CA LEU E 544 12.66 72.44 -24.25
C LEU E 544 11.97 71.09 -24.14
N GLY E 545 11.50 70.57 -25.28
CA GLY E 545 10.96 69.24 -25.38
C GLY E 545 11.74 68.45 -26.42
N VAL E 546 11.52 67.13 -26.43
CA VAL E 546 12.22 66.26 -27.37
C VAL E 546 11.31 65.09 -27.71
N THR E 547 11.39 64.61 -28.96
CA THR E 547 10.51 63.55 -29.41
C THR E 547 11.14 62.82 -30.61
N GLY E 548 10.83 61.54 -30.73
CA GLY E 548 11.30 60.78 -31.88
C GLY E 548 10.80 59.35 -31.78
N GLY E 549 10.77 58.70 -32.94
CA GLY E 549 10.32 57.33 -33.07
C GLY E 549 11.45 56.38 -33.47
N SER E 550 11.32 55.12 -33.03
CA SER E 550 12.21 54.02 -33.43
C SER E 550 13.62 54.34 -32.95
N TYR E 551 14.61 54.46 -33.83
CA TYR E 551 15.92 54.93 -33.37
C TYR E 551 15.78 56.27 -32.66
N GLY E 552 14.88 57.14 -33.16
CA GLY E 552 14.68 58.42 -32.50
C GLY E 552 14.00 58.29 -31.16
N GLY E 553 13.28 57.19 -30.96
CA GLY E 553 12.70 56.88 -29.67
C GLY E 553 13.72 56.30 -28.71
N PHE E 554 14.59 55.42 -29.23
CA PHE E 554 15.79 55.09 -28.47
C PHE E 554 16.49 56.35 -27.98
N MET E 555 16.68 57.32 -28.89
CA MET E 555 17.49 58.50 -28.54
C MET E 555 16.76 59.37 -27.54
N THR E 556 15.45 59.57 -27.71
CA THR E 556 14.65 60.27 -26.71
C THR E 556 14.84 59.64 -25.34
N ASN E 557 14.71 58.31 -25.28
CA ASN E 557 14.92 57.59 -24.03
C ASN E 557 16.34 57.78 -23.51
N TRP E 558 17.33 57.65 -24.40
CA TRP E 558 18.71 57.88 -24.00
C TRP E 558 18.90 59.26 -23.40
N ILE E 559 18.23 60.26 -23.99
CA ILE E 559 18.48 61.65 -23.63
C ILE E 559 17.96 61.95 -22.23
N VAL E 560 16.74 61.54 -21.91
CA VAL E 560 16.17 61.82 -20.61
C VAL E 560 16.87 61.06 -19.48
N GLY E 561 17.68 60.06 -19.82
CA GLY E 561 18.45 59.36 -18.80
C GLY E 561 19.86 59.89 -18.70
N HIS E 562 20.23 60.80 -19.60
CA HIS E 562 21.57 61.38 -19.59
C HIS E 562 21.58 62.90 -19.40
N THR E 563 20.44 63.58 -19.52
CA THR E 563 20.38 65.02 -19.23
C THR E 563 18.99 65.35 -18.70
N ASP E 564 18.90 66.45 -17.94
CA ASP E 564 17.61 66.92 -17.42
C ASP E 564 17.17 68.23 -18.04
N ARG E 565 17.78 68.63 -19.16
CA ARG E 565 17.51 69.92 -19.76
C ARG E 565 16.08 70.05 -20.30
N PHE E 566 15.47 68.94 -20.72
CA PHE E 566 14.14 68.98 -21.30
C PHE E 566 13.09 68.89 -20.22
N LYS E 567 12.02 69.66 -20.37
CA LYS E 567 10.92 69.67 -19.42
C LYS E 567 9.79 68.74 -19.82
N ALA E 568 9.91 68.09 -20.98
CA ALA E 568 8.92 67.18 -21.51
C ALA E 568 9.55 66.37 -22.62
N ALA E 569 9.24 65.08 -22.65
CA ALA E 569 9.69 64.22 -23.74
C ALA E 569 8.56 63.29 -24.14
N VAL E 570 8.52 62.99 -25.43
CA VAL E 570 7.58 62.02 -25.98
C VAL E 570 8.40 61.01 -26.77
N THR E 571 8.36 59.76 -26.33
CA THR E 571 9.03 58.69 -27.01
C THR E 571 7.99 57.83 -27.72
N GLN E 572 8.34 57.40 -28.93
CA GLN E 572 7.42 56.77 -29.86
C GLN E 572 8.07 55.53 -30.42
N ARG E 573 7.24 54.50 -30.62
CA ARG E 573 7.62 53.20 -31.17
C ARG E 573 9.07 52.90 -30.87
N SER E 574 9.45 52.85 -29.59
CA SER E 574 10.83 53.09 -29.20
C SER E 574 11.53 51.82 -28.72
N ILE E 575 12.82 51.98 -28.41
CA ILE E 575 13.67 50.93 -27.87
C ILE E 575 14.15 51.40 -26.52
N SER E 576 14.15 50.49 -25.54
CA SER E 576 14.72 50.78 -24.22
C SER E 576 15.67 49.71 -23.72
N ASN E 577 15.66 48.51 -24.30
CA ASN E 577 16.43 47.38 -23.80
C ASN E 577 16.88 46.58 -25.01
N TRP E 578 18.16 46.72 -25.39
CA TRP E 578 18.66 46.05 -26.60
C TRP E 578 18.71 44.55 -26.43
N LEU E 579 18.88 44.06 -25.19
CA LEU E 579 18.94 42.61 -24.97
C LEU E 579 17.64 41.94 -25.40
N SER E 580 16.50 42.48 -24.97
CA SER E 580 15.22 41.87 -25.39
C SER E 580 14.91 42.22 -26.85
N PHE E 581 15.32 43.40 -27.31
CA PHE E 581 15.09 43.75 -28.71
C PHE E 581 15.57 42.66 -29.65
N SER E 582 16.77 42.09 -29.40
CA SER E 582 17.39 41.17 -30.35
C SER E 582 16.52 39.96 -30.59
N GLY E 583 15.91 39.44 -29.53
CA GLY E 583 15.12 38.24 -29.63
C GLY E 583 13.66 38.44 -29.99
N VAL E 584 13.15 39.68 -29.99
CA VAL E 584 11.73 39.95 -30.15
C VAL E 584 11.42 40.73 -31.42
N SER E 585 12.24 41.72 -31.78
CA SER E 585 11.98 42.48 -33.00
C SER E 585 12.02 41.54 -34.20
N ASP E 586 11.20 41.83 -35.23
CA ASP E 586 11.27 40.99 -36.44
C ASP E 586 12.65 41.02 -37.09
N ILE E 587 13.45 42.07 -36.86
CA ILE E 587 14.80 42.14 -37.42
C ILE E 587 15.87 42.13 -36.34
N GLY E 588 15.50 41.78 -35.11
CA GLY E 588 16.43 41.90 -34.00
C GLY E 588 17.61 40.94 -34.10
N TYR E 589 17.42 39.83 -34.81
CA TYR E 589 18.50 38.86 -34.86
C TYR E 589 19.67 39.31 -35.72
N PHE E 590 19.55 40.43 -36.44
CA PHE E 590 20.74 40.97 -37.12
C PHE E 590 20.94 42.46 -36.87
N PHE E 591 19.86 43.19 -36.59
CA PHE E 591 19.96 44.64 -36.41
C PHE E 591 20.83 45.00 -35.21
N THR E 592 20.60 44.36 -34.05
CA THR E 592 21.40 44.69 -32.89
C THR E 592 22.88 44.51 -33.17
N LYS E 593 23.26 43.35 -33.73
CA LYS E 593 24.66 43.11 -34.05
C LYS E 593 25.17 44.10 -35.09
N TRP E 594 24.35 44.38 -36.12
CA TRP E 594 24.75 45.30 -37.18
C TRP E 594 24.97 46.71 -36.66
N GLU E 595 24.12 47.15 -35.74
CA GLU E 595 24.04 48.56 -35.37
C GLU E 595 24.65 48.85 -34.01
N VAL E 596 24.18 48.19 -32.96
CA VAL E 596 24.73 48.43 -31.63
C VAL E 596 26.13 47.85 -31.50
N GLY E 597 26.38 46.71 -32.14
CA GLY E 597 27.73 46.19 -32.23
C GLY E 597 27.87 44.72 -31.90
N CYS E 598 26.90 44.12 -31.22
CA CYS E 598 27.11 42.75 -30.79
C CYS E 598 25.79 42.08 -30.51
N ASP E 599 25.83 40.75 -30.45
CA ASP E 599 24.68 39.98 -30.01
C ASP E 599 24.72 39.75 -28.50
N VAL E 600 23.60 39.25 -27.96
CA VAL E 600 23.48 39.20 -26.52
C VAL E 600 24.42 38.16 -25.92
N TRP E 601 24.71 37.09 -26.66
CA TRP E 601 25.68 36.11 -26.20
C TRP E 601 27.13 36.51 -26.51
N GLU E 602 27.38 37.61 -27.22
CA GLU E 602 28.75 38.06 -27.36
C GLU E 602 29.13 39.07 -26.26
N ASP E 603 28.26 40.05 -26.02
CA ASP E 603 28.61 41.14 -25.12
C ASP E 603 27.35 41.79 -24.55
N ALA E 604 26.69 41.08 -23.63
CA ALA E 604 25.42 41.52 -23.10
C ALA E 604 25.57 42.81 -22.30
N GLU E 605 26.73 43.00 -21.65
CA GLU E 605 26.95 44.20 -20.87
C GLU E 605 27.14 45.43 -21.76
N ARG E 606 27.71 45.24 -22.95
CA ARG E 606 27.71 46.33 -23.92
C ARG E 606 26.29 46.69 -24.37
N LEU E 607 25.49 45.68 -24.74
CA LEU E 607 24.09 45.95 -25.06
C LEU E 607 23.39 46.66 -23.91
N TRP E 608 23.72 46.26 -22.67
CA TRP E 608 23.05 46.85 -21.52
C TRP E 608 23.50 48.29 -21.35
N HIS E 609 24.80 48.54 -21.51
CA HIS E 609 25.33 49.88 -21.38
C HIS E 609 24.67 50.87 -22.34
N HIS E 610 24.28 50.42 -23.52
CA HIS E 610 23.64 51.27 -24.50
C HIS E 610 22.12 51.16 -24.47
N SER E 611 21.56 50.45 -23.49
CA SER E 611 20.10 50.43 -23.36
C SER E 611 19.65 51.61 -22.51
N PRO E 612 18.68 52.39 -22.97
CA PRO E 612 18.20 53.50 -22.15
C PRO E 612 17.68 53.05 -20.79
N LEU E 613 17.15 51.82 -20.71
CA LEU E 613 16.60 51.34 -19.45
C LEU E 613 17.62 51.37 -18.31
N LYS E 614 18.90 51.14 -18.62
CA LYS E 614 19.96 51.15 -17.61
C LYS E 614 19.99 52.43 -16.80
N TYR E 615 19.56 53.54 -17.41
CA TYR E 615 19.70 54.87 -16.82
C TYR E 615 18.38 55.40 -16.25
N VAL E 616 17.39 54.52 -16.05
CA VAL E 616 16.04 54.93 -15.67
C VAL E 616 16.04 55.72 -14.36
N LYS E 617 17.04 55.50 -13.50
CA LYS E 617 17.11 56.24 -12.24
C LYS E 617 17.43 57.73 -12.45
N HIS E 618 18.13 58.07 -13.53
CA HIS E 618 18.45 59.47 -13.80
C HIS E 618 17.26 60.22 -14.40
N MET E 619 16.20 59.52 -14.72
CA MET E 619 15.14 60.05 -15.59
C MET E 619 14.22 60.94 -14.77
N ARG E 620 14.30 62.26 -14.99
CA ARG E 620 13.48 63.24 -14.28
C ARG E 620 12.67 64.12 -15.23
N THR E 621 12.44 63.67 -16.46
CA THR E 621 11.63 64.44 -17.39
C THR E 621 10.30 63.71 -17.60
N PRO E 622 9.16 64.40 -17.56
CA PRO E 622 7.89 63.70 -17.82
C PRO E 622 7.90 63.09 -19.21
N LEU E 623 7.71 61.78 -19.27
CA LEU E 623 7.92 61.00 -20.49
C LEU E 623 6.62 60.32 -20.90
N LEU E 624 6.03 60.78 -21.99
CA LEU E 624 4.91 60.10 -22.63
C LEU E 624 5.46 58.96 -23.48
N ILE E 625 4.90 57.77 -23.35
CA ILE E 625 5.36 56.62 -24.11
C ILE E 625 4.24 56.21 -25.04
N LEU E 626 4.47 56.37 -26.35
CA LEU E 626 3.50 56.04 -27.40
C LEU E 626 3.99 54.79 -28.12
N HIS E 627 3.11 53.84 -28.34
CA HIS E 627 3.53 52.56 -28.89
C HIS E 627 2.29 51.81 -29.36
N SER E 628 2.46 51.02 -30.43
CA SER E 628 1.36 50.26 -31.02
C SER E 628 1.48 48.78 -30.70
N GLU E 629 0.31 48.14 -30.51
CA GLU E 629 0.26 46.76 -30.06
C GLU E 629 0.86 45.81 -31.06
N ARG E 630 0.71 46.10 -32.36
CA ARG E 630 1.17 45.23 -33.43
C ARG E 630 2.42 45.79 -34.11
N ASP E 631 3.15 46.67 -33.45
CA ASP E 631 4.48 47.01 -33.94
C ASP E 631 5.41 45.84 -33.65
N TYR E 632 5.83 45.13 -34.69
CA TYR E 632 6.80 44.05 -34.55
C TYR E 632 8.20 44.46 -34.97
N ARG E 633 8.38 45.70 -35.45
CA ARG E 633 9.73 46.20 -35.67
C ARG E 633 10.36 46.59 -34.34
N CYS E 634 9.67 47.45 -33.59
CA CYS E 634 9.99 47.74 -32.19
C CYS E 634 8.87 47.20 -31.33
N PRO E 635 9.06 46.07 -30.68
CA PRO E 635 7.93 45.42 -29.99
C PRO E 635 7.54 46.21 -28.75
N ILE E 636 6.25 46.12 -28.41
CA ILE E 636 5.71 46.92 -27.33
C ILE E 636 6.31 46.55 -25.97
N GLU E 637 6.91 45.36 -25.85
CA GLU E 637 7.65 45.07 -24.61
C GLU E 637 8.71 46.14 -24.36
N GLN E 638 9.25 46.76 -25.41
CA GLN E 638 10.23 47.81 -25.21
C GLN E 638 9.65 48.98 -24.43
N ALA E 639 8.45 49.41 -24.83
CA ALA E 639 7.74 50.47 -24.13
C ALA E 639 7.31 50.04 -22.73
N GLU E 640 6.87 48.80 -22.57
CA GLU E 640 6.33 48.35 -21.29
C GLU E 640 7.42 48.31 -20.22
N GLN E 641 8.64 47.94 -20.60
CA GLN E 641 9.74 47.87 -19.63
C GLN E 641 10.07 49.25 -19.08
N LEU E 642 10.14 50.25 -19.94
CA LEU E 642 10.57 51.57 -19.48
C LEU E 642 9.47 52.26 -18.67
N PHE E 643 8.21 52.10 -19.09
CA PHE E 643 7.08 52.57 -18.30
C PHE E 643 7.07 51.94 -16.90
N VAL E 644 7.28 50.63 -16.83
CA VAL E 644 7.22 49.94 -15.54
C VAL E 644 8.29 50.49 -14.59
N ALA E 645 9.53 50.62 -15.09
CA ALA E 645 10.62 51.04 -14.20
C ALA E 645 10.41 52.48 -13.73
N LEU E 646 10.00 53.34 -14.65
CA LEU E 646 9.65 54.71 -14.25
C LEU E 646 8.55 54.71 -13.19
N LYS E 647 7.50 53.90 -13.38
CA LYS E 647 6.43 53.83 -12.39
C LYS E 647 6.93 53.30 -11.06
N GLN E 648 7.73 52.22 -11.06
CA GLN E 648 8.31 51.74 -9.82
C GLN E 648 9.07 52.85 -9.09
N LEU E 649 9.81 53.68 -9.84
CA LEU E 649 10.60 54.74 -9.24
C LEU E 649 9.80 55.99 -9.02
N GLY E 650 8.49 55.93 -9.20
CA GLY E 650 7.65 57.08 -9.00
C GLY E 650 7.93 58.26 -9.90
N ARG E 651 8.38 58.04 -11.13
CA ARG E 651 8.56 59.17 -12.02
C ARG E 651 7.29 59.44 -12.84
N GLU E 652 7.27 60.58 -13.51
CA GLU E 652 6.09 61.06 -14.23
C GLU E 652 6.11 60.46 -15.63
N THR E 653 5.18 59.53 -15.90
CA THR E 653 5.14 58.83 -17.17
C THR E 653 3.73 58.38 -17.43
N LYS E 654 3.45 58.15 -18.71
CA LYS E 654 2.15 57.67 -19.15
C LYS E 654 2.39 56.78 -20.37
N LEU E 655 1.60 55.72 -20.49
CA LEU E 655 1.73 54.76 -21.58
C LEU E 655 0.45 54.78 -22.41
N VAL E 656 0.60 55.06 -23.70
CA VAL E 656 -0.54 55.11 -24.61
C VAL E 656 -0.33 54.03 -25.68
N ARG E 657 -1.23 53.05 -25.71
CA ARG E 657 -1.11 51.86 -26.53
C ARG E 657 -2.10 51.91 -27.69
N PHE E 658 -1.60 51.96 -28.93
CA PHE E 658 -2.47 52.10 -30.09
C PHE E 658 -2.85 50.72 -30.60
N PRO E 659 -4.14 50.39 -30.68
CA PRO E 659 -4.55 49.05 -31.05
C PRO E 659 -4.48 48.83 -32.55
N ASP E 660 -4.15 47.58 -32.90
CA ASP E 660 -4.12 47.12 -34.29
C ASP E 660 -3.08 47.78 -35.19
N ALA E 661 -2.37 48.80 -34.72
CA ALA E 661 -1.42 49.54 -35.55
C ALA E 661 -0.07 48.85 -35.55
N ASN E 662 0.71 49.09 -36.61
CA ASN E 662 2.11 48.63 -36.61
C ASN E 662 3.03 49.84 -36.67
N HIS E 663 4.32 49.57 -36.97
CA HIS E 663 5.37 50.57 -36.83
C HIS E 663 5.13 51.78 -37.72
N ASP E 664 4.41 51.60 -38.82
CA ASP E 664 4.21 52.67 -39.81
C ASP E 664 2.99 53.50 -39.55
N LEU E 665 2.41 53.39 -38.35
CA LEU E 665 1.18 54.10 -38.02
C LEU E 665 1.24 55.57 -38.44
N SER E 666 2.27 56.29 -38.00
CA SER E 666 2.33 57.73 -38.18
C SER E 666 2.34 58.15 -39.63
N ARG E 667 2.60 57.24 -40.56
CA ARG E 667 2.69 57.58 -41.97
C ARG E 667 1.50 57.06 -42.75
N THR E 668 1.14 55.80 -42.56
CA THR E 668 0.11 55.15 -43.35
C THR E 668 -0.88 54.39 -42.48
N GLY E 669 -0.91 54.67 -41.17
CA GLY E 669 -1.84 53.98 -40.29
C GLY E 669 -3.25 54.52 -40.39
N ASN E 670 -4.15 53.88 -39.64
CA ASN E 670 -5.54 54.27 -39.45
C ASN E 670 -5.61 55.77 -39.21
N PRO E 671 -6.27 56.54 -40.08
CA PRO E 671 -6.25 57.99 -39.94
C PRO E 671 -6.75 58.50 -38.60
N ALA E 672 -7.81 57.91 -38.05
CA ALA E 672 -8.28 58.32 -36.73
C ALA E 672 -7.20 58.11 -35.66
N LEU E 673 -6.51 56.96 -35.69
CA LEU E 673 -5.41 56.77 -34.76
C LEU E 673 -4.25 57.72 -35.04
N ARG E 674 -4.04 58.06 -36.32
CA ARG E 674 -3.01 59.04 -36.64
C ARG E 674 -3.32 60.39 -36.00
N LEU E 675 -4.60 60.75 -35.97
CA LEU E 675 -5.02 61.97 -35.29
C LEU E 675 -4.76 61.85 -33.79
N GLU E 676 -5.11 60.71 -33.20
CA GLU E 676 -4.91 60.52 -31.77
C GLU E 676 -3.44 60.61 -31.41
N ARG E 677 -2.58 59.96 -32.19
CA ARG E 677 -1.14 60.06 -31.93
C ARG E 677 -0.69 61.52 -31.91
N LEU E 678 -1.09 62.30 -32.91
CA LEU E 678 -0.69 63.71 -32.97
C LEU E 678 -1.30 64.50 -31.81
N ARG E 679 -2.54 64.21 -31.42
CA ARG E 679 -3.14 64.89 -30.28
C ARG E 679 -2.35 64.65 -29.00
N HIS E 680 -1.94 63.39 -28.76
CA HIS E 680 -1.20 63.10 -27.54
C HIS E 680 0.14 63.82 -27.53
N ILE E 681 0.83 63.86 -28.66
CA ILE E 681 2.12 64.55 -28.68
C ILE E 681 1.93 66.01 -28.33
N VAL E 682 1.00 66.69 -29.01
CA VAL E 682 0.81 68.12 -28.73
C VAL E 682 0.33 68.34 -27.30
N ASP E 683 -0.59 67.52 -26.83
CA ASP E 683 -1.12 67.72 -25.48
C ASP E 683 -0.01 67.62 -24.44
N TRP E 684 0.89 66.66 -24.60
CA TRP E 684 1.97 66.48 -23.62
C TRP E 684 2.88 67.69 -23.57
N PHE E 685 3.28 68.21 -24.73
CA PHE E 685 4.10 69.41 -24.74
C PHE E 685 3.34 70.62 -24.24
N ASP E 686 2.05 70.69 -24.54
CA ASP E 686 1.22 71.76 -23.97
C ASP E 686 1.24 71.70 -22.45
N ARG E 687 1.13 70.49 -21.88
CA ARG E 687 1.04 70.37 -20.43
C ARG E 687 2.32 70.81 -19.73
N TYR E 688 3.50 70.43 -20.26
CA TYR E 688 4.76 70.66 -19.58
C TYR E 688 5.69 71.68 -20.23
N LEU E 689 5.27 72.34 -21.32
CA LEU E 689 6.08 73.40 -21.94
C LEU E 689 5.35 74.73 -21.97
N LYS E 690 4.17 74.83 -21.37
CA LYS E 690 3.38 76.05 -21.41
C LYS E 690 2.75 76.36 -20.06
N LEU F 32 -5.12 -1.88 -20.75
CA LEU F 32 -5.16 -0.56 -21.37
C LEU F 32 -4.36 0.47 -20.56
N TYR F 33 -3.83 1.46 -21.25
CA TYR F 33 -2.92 2.43 -20.65
C TYR F 33 -3.32 3.84 -21.05
N PHE F 34 -2.85 4.80 -20.25
CA PHE F 34 -3.32 6.17 -20.36
C PHE F 34 -2.94 6.77 -21.72
N GLN F 35 -3.83 7.58 -22.25
CA GLN F 35 -3.62 8.31 -23.50
C GLN F 35 -3.88 9.77 -23.25
N GLY F 36 -3.40 10.61 -24.17
CA GLY F 36 -3.70 12.03 -24.10
C GLY F 36 -5.19 12.30 -24.12
N THR F 37 -5.90 11.63 -25.03
CA THR F 37 -7.34 11.82 -25.19
C THR F 37 -8.12 11.48 -23.92
N ASP F 38 -7.58 10.63 -23.04
CA ASP F 38 -8.26 10.33 -21.79
C ASP F 38 -8.54 11.60 -20.98
N LEU F 39 -7.80 12.68 -21.20
CA LEU F 39 -8.15 13.90 -20.48
C LEU F 39 -9.55 14.37 -20.84
N LEU F 40 -10.06 14.00 -22.02
CA LEU F 40 -11.42 14.39 -22.39
C LEU F 40 -12.46 13.60 -21.62
N ARG F 41 -12.09 12.46 -21.05
CA ARG F 41 -12.98 11.65 -20.22
C ARG F 41 -12.93 12.00 -18.74
N LEU F 42 -11.94 12.75 -18.28
CA LEU F 42 -11.83 12.95 -16.84
C LEU F 42 -13.00 13.80 -16.36
N ARG F 43 -13.53 13.46 -15.20
CA ARG F 43 -14.55 14.24 -14.53
C ARG F 43 -14.02 14.63 -13.16
N SER F 44 -14.26 15.88 -12.76
CA SER F 44 -13.75 16.36 -11.48
C SER F 44 -14.92 16.78 -10.62
N VAL F 45 -15.24 15.95 -9.61
CA VAL F 45 -16.22 16.29 -8.59
C VAL F 45 -15.54 17.11 -7.52
N ARG F 46 -16.24 18.13 -7.02
CA ARG F 46 -15.57 19.16 -6.23
C ARG F 46 -16.62 19.94 -5.46
N ASP F 47 -16.13 20.81 -4.57
CA ASP F 47 -16.94 21.81 -3.89
C ASP F 47 -18.24 21.26 -3.29
N PRO F 48 -18.17 20.29 -2.39
CA PRO F 48 -19.39 19.78 -1.76
C PRO F 48 -19.89 20.71 -0.64
N HIS F 49 -21.20 20.67 -0.42
CA HIS F 49 -21.83 21.47 0.62
C HIS F 49 -23.05 20.71 1.14
N TYR F 50 -23.21 20.69 2.47
CA TYR F 50 -24.29 19.95 3.12
C TYR F 50 -25.62 20.69 3.02
N ALA F 51 -26.69 19.91 2.86
CA ALA F 51 -28.01 20.41 3.25
C ALA F 51 -28.00 20.70 4.75
N PRO F 52 -28.78 21.68 5.20
CA PRO F 52 -28.76 22.04 6.64
C PRO F 52 -28.97 20.87 7.61
N ASP F 53 -29.63 19.79 7.20
CA ASP F 53 -29.87 18.66 8.08
C ASP F 53 -28.86 17.53 7.94
N GLY F 54 -27.84 17.70 7.10
CA GLY F 54 -26.77 16.72 7.01
C GLY F 54 -27.11 15.43 6.28
N THR F 55 -28.35 15.24 5.85
CA THR F 55 -28.75 14.02 5.14
C THR F 55 -28.41 14.03 3.65
N ARG F 56 -28.07 15.18 3.07
CA ARG F 56 -27.60 15.17 1.69
C ARG F 56 -26.72 16.39 1.42
N ALA F 57 -26.03 16.34 0.29
CA ALA F 57 -25.03 17.34 -0.06
C ALA F 57 -25.09 17.61 -1.55
N VAL F 58 -24.89 18.88 -1.93
CA VAL F 58 -24.77 19.26 -3.34
C VAL F 58 -23.30 19.45 -3.68
N PHE F 59 -22.92 19.03 -4.89
CA PHE F 59 -21.54 19.22 -5.31
C PHE F 59 -21.52 19.49 -6.81
N VAL F 60 -20.32 19.76 -7.33
CA VAL F 60 -20.15 20.18 -8.72
C VAL F 60 -19.32 19.12 -9.43
N GLU F 61 -19.68 18.84 -10.68
CA GLU F 61 -18.93 17.93 -11.53
C GLU F 61 -18.51 18.66 -12.80
N LYS F 62 -17.19 18.80 -13.02
CA LYS F 62 -16.65 19.49 -14.19
C LYS F 62 -16.17 18.47 -15.20
N SER F 63 -16.52 18.67 -16.48
CA SER F 63 -16.20 17.67 -17.49
C SER F 63 -15.94 18.35 -18.83
N ILE F 64 -15.62 17.54 -19.82
CA ILE F 64 -15.42 17.97 -21.20
C ILE F 64 -16.43 17.21 -22.06
N ASP F 65 -17.21 17.94 -22.85
CA ASP F 65 -18.27 17.31 -23.61
C ASP F 65 -17.78 16.84 -24.97
N GLU F 66 -18.69 16.25 -25.73
CA GLU F 66 -18.39 15.68 -27.05
C GLU F 66 -17.82 16.74 -28.00
N GLU F 67 -18.16 18.01 -27.78
CA GLU F 67 -17.61 19.10 -28.57
C GLU F 67 -16.26 19.58 -28.02
N LYS F 68 -15.67 18.84 -27.09
CA LYS F 68 -14.40 19.20 -26.46
C LYS F 68 -14.49 20.53 -25.71
N GLN F 69 -15.66 20.84 -25.17
CA GLN F 69 -15.86 22.05 -24.39
C GLN F 69 -16.10 21.69 -22.93
N TYR F 70 -15.87 22.66 -22.05
CA TYR F 70 -16.06 22.46 -20.62
C TYR F 70 -17.51 22.67 -20.21
N ARG F 71 -17.99 21.78 -19.36
CA ARG F 71 -19.28 21.93 -18.70
C ARG F 71 -19.12 21.62 -17.23
N SER F 72 -19.81 22.37 -16.38
CA SER F 72 -19.92 21.99 -14.98
C SER F 72 -21.40 22.02 -14.59
N HIS F 73 -21.82 21.02 -13.83
CA HIS F 73 -23.20 20.78 -13.46
C HIS F 73 -23.29 20.46 -11.97
N LEU F 74 -24.43 20.80 -11.37
CA LEU F 74 -24.65 20.47 -9.97
C LEU F 74 -25.15 19.04 -9.85
N TRP F 75 -24.77 18.40 -8.74
CA TRP F 75 -25.13 17.03 -8.43
C TRP F 75 -25.50 16.93 -6.96
N ILE F 76 -26.19 15.84 -6.62
CA ILE F 76 -26.70 15.61 -5.28
C ILE F 76 -26.33 14.19 -4.88
N TRP F 77 -25.57 14.07 -3.79
CA TRP F 77 -25.45 12.82 -3.05
C TRP F 77 -26.56 12.81 -2.01
N ALA F 78 -27.27 11.69 -1.89
CA ALA F 78 -28.39 11.64 -0.98
C ALA F 78 -28.21 10.57 0.08
N ALA F 79 -29.02 10.73 1.14
CA ALA F 79 -29.10 9.80 2.27
C ALA F 79 -29.04 8.34 1.84
N ASP F 80 -29.88 7.98 0.88
CA ASP F 80 -29.93 6.59 0.40
C ASP F 80 -28.71 6.20 -0.45
N GLY F 81 -27.67 7.02 -0.54
CA GLY F 81 -26.51 6.67 -1.33
C GLY F 81 -26.62 6.95 -2.82
N SER F 82 -27.75 7.48 -3.29
CA SER F 82 -27.88 7.80 -4.70
C SER F 82 -27.10 9.07 -5.04
N VAL F 83 -26.50 9.08 -6.23
CA VAL F 83 -25.79 10.24 -6.75
C VAL F 83 -26.45 10.62 -8.07
N ARG F 84 -27.00 11.83 -8.13
CA ARG F 84 -27.85 12.22 -9.25
C ARG F 84 -27.53 13.63 -9.73
N GLN F 85 -27.52 13.79 -11.04
CA GLN F 85 -27.27 15.08 -11.67
C GLN F 85 -28.52 15.98 -11.60
N TRP F 86 -28.32 17.24 -11.22
CA TRP F 86 -29.45 18.17 -11.09
C TRP F 86 -29.46 19.31 -12.11
N THR F 87 -28.33 19.64 -12.74
CA THR F 87 -28.32 20.56 -13.88
C THR F 87 -27.68 19.89 -15.10
N PHE F 88 -27.94 20.45 -16.30
CA PHE F 88 -27.75 19.63 -17.50
C PHE F 88 -27.22 20.33 -18.74
N GLY F 89 -27.33 21.65 -18.87
CA GLY F 89 -27.10 22.29 -20.14
C GLY F 89 -25.64 22.42 -20.56
N ARG F 90 -25.45 23.05 -21.73
CA ARG F 90 -24.12 23.32 -22.28
C ARG F 90 -23.64 24.64 -21.68
N TRP F 91 -23.19 24.58 -20.44
CA TRP F 91 -22.82 25.78 -19.70
C TRP F 91 -22.10 25.33 -18.44
N ARG F 92 -21.76 26.29 -17.58
CA ARG F 92 -21.06 26.00 -16.34
C ARG F 92 -21.86 26.50 -15.15
N ASP F 93 -22.19 25.56 -14.26
CA ASP F 93 -22.78 25.85 -12.96
C ASP F 93 -21.71 25.69 -11.88
N MET F 94 -21.71 26.62 -10.93
CA MET F 94 -20.61 26.73 -9.97
C MET F 94 -21.14 27.05 -8.58
N LYS F 95 -20.29 26.78 -7.59
CA LYS F 95 -20.40 27.25 -6.21
C LYS F 95 -21.84 27.14 -5.64
N PRO F 96 -22.38 25.92 -5.56
CA PRO F 96 -23.72 25.77 -4.99
C PRO F 96 -23.70 25.84 -3.47
N ARG F 97 -24.75 26.45 -2.91
CA ARG F 97 -24.91 26.55 -1.46
C ARG F 97 -26.39 26.47 -1.10
N PHE F 98 -26.74 25.51 -0.24
CA PHE F 98 -28.09 25.44 0.33
C PHE F 98 -28.39 26.69 1.13
N SER F 99 -29.64 27.17 1.05
CA SER F 99 -30.11 28.22 1.94
C SER F 99 -30.11 27.74 3.40
N PRO F 100 -30.14 28.66 4.36
CA PRO F 100 -30.22 28.24 5.77
C PRO F 100 -31.45 27.39 6.09
N ARG F 101 -32.60 27.59 5.42
CA ARG F 101 -33.74 26.69 5.62
C ARG F 101 -33.58 25.37 4.88
N GLY F 102 -32.74 25.31 3.86
CA GLY F 102 -32.55 24.09 3.11
C GLY F 102 -33.50 23.91 1.95
N GLU F 103 -34.33 24.90 1.65
CA GLU F 103 -35.31 24.75 0.59
C GLU F 103 -34.80 25.29 -0.75
N ILE F 104 -33.68 26.01 -0.78
CA ILE F 104 -33.17 26.59 -2.01
C ILE F 104 -31.68 26.26 -2.13
N ILE F 105 -31.25 25.95 -3.36
CA ILE F 105 -29.83 25.78 -3.69
C ILE F 105 -29.44 26.97 -4.56
N ALA F 106 -28.78 27.95 -3.95
CA ALA F 106 -28.17 29.02 -4.72
C ALA F 106 -26.99 28.45 -5.50
N PHE F 107 -26.69 29.06 -6.65
CA PHE F 107 -25.48 28.69 -7.39
C PHE F 107 -25.20 29.75 -8.44
N LEU F 108 -23.93 29.78 -8.86
CA LEU F 108 -23.48 30.61 -9.97
C LEU F 108 -23.51 29.81 -11.25
N SER F 109 -24.01 30.45 -12.32
CA SER F 109 -24.04 29.89 -13.66
C SER F 109 -23.68 30.96 -14.66
N ASP F 110 -23.07 30.55 -15.77
CA ASP F 110 -22.77 31.46 -16.87
C ASP F 110 -23.73 31.27 -18.04
N ARG F 111 -24.81 30.51 -17.85
CA ARG F 111 -25.71 30.14 -18.94
C ARG F 111 -26.35 31.35 -19.62
N SER F 112 -26.46 32.48 -18.93
CA SER F 112 -26.97 33.71 -19.53
C SER F 112 -25.92 34.49 -20.31
N GLY F 113 -24.68 33.98 -20.43
CA GLY F 113 -23.61 34.67 -21.10
C GLY F 113 -22.66 35.39 -20.16
N ARG F 114 -23.08 35.63 -18.93
CA ARG F 114 -22.19 36.09 -17.89
C ARG F 114 -22.55 35.32 -16.63
N THR F 115 -21.54 35.11 -15.77
CA THR F 115 -21.79 34.40 -14.52
C THR F 115 -22.79 35.18 -13.68
N GLN F 116 -23.85 34.51 -13.25
CA GLN F 116 -24.89 35.14 -12.46
C GLN F 116 -25.37 34.19 -11.38
N LEU F 117 -26.02 34.75 -10.37
CA LEU F 117 -26.60 33.94 -9.31
C LEU F 117 -27.95 33.39 -9.74
N TRP F 118 -28.13 32.08 -9.59
CA TRP F 118 -29.38 31.40 -9.91
C TRP F 118 -29.87 30.66 -8.68
N LEU F 119 -31.18 30.47 -8.60
CA LEU F 119 -31.83 29.77 -7.49
C LEU F 119 -32.51 28.52 -8.01
N LEU F 120 -32.15 27.38 -7.43
CA LEU F 120 -32.70 26.10 -7.81
C LEU F 120 -33.48 25.57 -6.62
N PRO F 121 -34.79 25.30 -6.77
CA PRO F 121 -35.54 24.70 -5.65
C PRO F 121 -34.93 23.37 -5.25
N ALA F 122 -34.83 23.15 -3.94
CA ALA F 122 -34.25 21.91 -3.42
C ALA F 122 -35.17 20.69 -3.54
N ASN F 123 -36.46 20.87 -3.91
CA ASN F 123 -37.39 19.74 -3.92
C ASN F 123 -38.26 19.68 -5.19
N GLY F 124 -37.85 20.32 -6.28
CA GLY F 124 -38.63 20.24 -7.51
C GLY F 124 -38.81 21.59 -8.17
N GLY F 125 -38.65 21.63 -9.48
CA GLY F 125 -38.74 22.91 -10.19
C GLY F 125 -37.42 23.25 -10.85
N GLU F 126 -37.46 24.04 -11.92
CA GLU F 126 -36.21 24.41 -12.57
C GLU F 126 -35.60 25.59 -11.85
N ALA F 127 -34.40 25.96 -12.26
CA ALA F 127 -33.75 27.09 -11.64
C ALA F 127 -34.26 28.38 -12.26
N ARG F 128 -34.34 29.44 -11.44
CA ARG F 128 -34.60 30.77 -11.95
C ARG F 128 -33.41 31.67 -11.68
N GLN F 129 -33.25 32.69 -12.51
CA GLN F 129 -32.09 33.55 -12.49
C GLN F 129 -32.40 34.74 -11.61
N LEU F 130 -31.46 35.09 -10.72
CA LEU F 130 -31.73 36.11 -9.72
C LEU F 130 -31.01 37.43 -9.98
N THR F 131 -29.77 37.39 -10.46
CA THR F 131 -29.00 38.59 -10.70
C THR F 131 -28.84 38.79 -12.20
N PHE F 132 -28.75 40.06 -12.59
CA PHE F 132 -28.67 40.43 -14.00
C PHE F 132 -27.59 41.47 -14.24
N PHE F 133 -26.56 41.48 -13.39
CA PHE F 133 -25.52 42.50 -13.47
C PHE F 133 -24.82 42.50 -14.83
N LYS F 134 -24.64 43.70 -15.38
CA LYS F 134 -23.88 43.86 -16.62
C LYS F 134 -22.55 43.09 -16.58
N ASN F 135 -21.81 43.22 -15.48
CA ASN F 135 -20.51 42.57 -15.35
C ASN F 135 -20.56 41.27 -14.56
N GLY F 136 -21.75 40.72 -14.32
CA GLY F 136 -21.86 39.44 -13.65
C GLY F 136 -21.59 39.47 -12.15
N VAL F 137 -21.51 38.26 -11.59
CA VAL F 137 -21.30 38.04 -10.15
C VAL F 137 -20.03 37.22 -9.97
N ARG F 138 -19.12 37.70 -9.12
CA ARG F 138 -17.90 36.94 -8.84
C ARG F 138 -18.10 35.91 -7.72
N ASP F 139 -18.86 36.29 -6.69
CA ASP F 139 -18.97 35.47 -5.49
C ASP F 139 -20.24 35.87 -4.77
N TYR F 140 -20.64 35.04 -3.80
CA TYR F 140 -21.85 35.35 -3.06
C TYR F 140 -21.87 34.57 -1.74
N VAL F 141 -22.62 35.10 -0.77
CA VAL F 141 -23.00 34.37 0.44
C VAL F 141 -24.50 34.54 0.72
N TRP F 142 -25.07 33.54 1.39
CA TRP F 142 -26.44 33.61 1.91
C TRP F 142 -26.51 34.45 3.17
N SER F 143 -27.59 35.22 3.29
CA SER F 143 -27.87 35.84 4.58
C SER F 143 -28.25 34.74 5.57
N PRO F 144 -27.85 34.86 6.83
CA PRO F 144 -28.16 33.82 7.82
C PRO F 144 -29.63 33.46 7.94
N ASP F 145 -30.52 34.38 7.58
CA ASP F 145 -31.96 34.15 7.73
C ASP F 145 -32.65 33.71 6.45
N GLY F 146 -31.95 33.73 5.31
CA GLY F 146 -32.48 33.18 4.08
C GLY F 146 -33.22 34.14 3.18
N THR F 147 -33.36 35.41 3.58
CA THR F 147 -34.21 36.37 2.86
C THR F 147 -33.46 37.14 1.78
N PHE F 148 -32.14 37.07 1.77
CA PHE F 148 -31.37 37.73 0.72
C PHE F 148 -30.02 37.06 0.63
N LEU F 149 -29.28 37.46 -0.39
CA LEU F 149 -27.90 37.04 -0.56
C LEU F 149 -27.07 38.29 -0.79
N ILE F 150 -25.78 38.18 -0.49
CA ILE F 150 -24.82 39.24 -0.73
C ILE F 150 -23.93 38.76 -1.85
N THR F 151 -23.92 39.51 -2.95
CA THR F 151 -23.17 39.15 -4.13
C THR F 151 -22.08 40.17 -4.38
N LEU F 152 -21.00 39.72 -5.03
CA LEU F 152 -19.90 40.59 -5.43
C LEU F 152 -19.97 40.81 -6.93
N THR F 153 -20.05 42.07 -7.34
CA THR F 153 -19.96 42.47 -8.73
C THR F 153 -18.99 43.64 -8.81
N THR F 154 -18.67 44.01 -10.04
CA THR F 154 -17.75 45.11 -10.29
C THR F 154 -18.36 46.11 -11.27
N LEU F 155 -17.95 47.37 -11.14
CA LEU F 155 -18.54 48.49 -11.85
C LEU F 155 -17.45 49.43 -12.33
N GLY F 156 -17.56 49.88 -13.58
CA GLY F 156 -16.85 51.08 -13.98
C GLY F 156 -17.43 52.31 -13.32
N ASP F 157 -16.62 53.36 -13.23
CA ASP F 157 -17.09 54.62 -12.65
C ASP F 157 -18.36 55.11 -13.34
N ASP F 158 -18.49 54.86 -14.64
CA ASP F 158 -19.65 55.27 -15.42
C ASP F 158 -20.82 54.30 -15.27
N GLU F 159 -20.68 53.25 -14.47
CA GLU F 159 -21.69 52.21 -14.33
C GLU F 159 -22.29 52.25 -12.94
N THR F 160 -23.46 51.63 -12.79
CA THR F 160 -24.13 51.51 -11.51
C THR F 160 -24.62 50.08 -11.33
N ILE F 161 -25.10 49.79 -10.12
CA ILE F 161 -25.67 48.47 -9.86
C ILE F 161 -26.94 48.21 -10.66
N GLU F 162 -27.52 49.25 -11.30
CA GLU F 162 -28.73 49.08 -12.09
C GLU F 162 -28.46 48.61 -13.52
N ASP F 163 -27.24 48.78 -14.03
CA ASP F 163 -26.93 48.32 -15.38
C ASP F 163 -27.02 46.79 -15.45
N ARG F 164 -27.62 46.29 -16.53
CA ARG F 164 -27.90 44.88 -16.71
C ARG F 164 -27.04 44.28 -17.79
N GLU F 165 -27.07 42.95 -17.88
CA GLU F 165 -26.30 42.23 -18.90
C GLU F 165 -26.97 42.36 -20.26
N GLU F 166 -26.14 42.59 -21.29
CA GLU F 166 -26.60 42.81 -22.66
C GLU F 166 -26.04 41.72 -23.56
N PRO F 167 -26.72 40.55 -23.66
CA PRO F 167 -26.30 39.45 -24.53
C PRO F 167 -26.44 39.78 -26.02
N LEU F 177 -10.04 51.71 -32.57
CA LEU F 177 -10.26 53.10 -32.98
C LEU F 177 -9.89 54.11 -31.89
N LYS F 178 -9.68 53.64 -30.65
CA LYS F 178 -9.26 54.52 -29.57
C LYS F 178 -8.04 53.92 -28.89
N PRO F 179 -7.00 54.70 -28.63
CA PRO F 179 -5.85 54.18 -27.87
C PRO F 179 -6.22 53.88 -26.42
N ARG F 180 -5.37 53.10 -25.77
CA ARG F 180 -5.51 52.83 -24.35
C ARG F 180 -4.45 53.61 -23.56
N VAL F 181 -4.89 54.32 -22.53
CA VAL F 181 -4.02 55.12 -21.69
C VAL F 181 -3.73 54.34 -20.41
N VAL F 182 -2.47 53.97 -20.18
CA VAL F 182 -2.13 53.16 -19.01
C VAL F 182 -1.41 54.06 -18.00
N GLU F 183 -1.87 54.04 -16.74
CA GLU F 183 -1.40 54.98 -15.75
C GLU F 183 -0.99 54.30 -14.46
N ARG F 184 -0.93 52.98 -14.43
CA ARG F 184 -0.63 52.26 -13.19
C ARG F 184 0.14 51.00 -13.53
N LEU F 185 0.80 50.43 -12.51
CA LEU F 185 1.66 49.27 -12.72
C LEU F 185 0.88 47.99 -12.98
N TYR F 186 -0.28 47.84 -12.35
CA TYR F 186 -1.07 46.63 -12.50
C TYR F 186 -2.21 46.94 -13.46
N TYR F 187 -1.90 46.85 -14.76
CA TYR F 187 -2.86 47.23 -15.79
C TYR F 187 -3.33 46.06 -16.64
N LYS F 188 -2.82 44.85 -16.39
CA LYS F 188 -3.28 43.67 -17.11
C LYS F 188 -3.13 42.46 -16.18
N SER F 189 -3.77 41.38 -16.57
CA SER F 189 -3.68 40.13 -15.84
C SER F 189 -3.67 39.00 -16.86
N ASP F 190 -3.01 37.90 -16.48
CA ASP F 190 -3.08 36.70 -17.32
C ASP F 190 -4.50 36.15 -17.35
N ALA F 191 -5.25 36.37 -16.28
CA ALA F 191 -6.62 35.84 -16.23
C ALA F 191 -7.52 36.58 -17.21
N SER F 192 -7.41 37.92 -17.29
CA SER F 192 -8.36 38.76 -18.01
C SER F 192 -7.75 39.54 -19.17
N GLY F 193 -6.43 39.63 -19.25
CA GLY F 193 -5.85 40.58 -20.18
C GLY F 193 -5.92 41.99 -19.63
N PHE F 194 -6.09 42.96 -20.53
CA PHE F 194 -6.09 44.35 -20.11
C PHE F 194 -7.24 44.62 -19.16
N LEU F 195 -6.95 45.41 -18.13
CA LEU F 195 -7.92 45.74 -17.10
C LEU F 195 -8.47 47.13 -17.35
N ASP F 196 -9.77 47.29 -17.11
CA ASP F 196 -10.37 48.62 -17.11
C ASP F 196 -10.37 49.24 -15.72
N GLY F 197 -9.88 48.51 -14.72
CA GLY F 197 -9.87 48.99 -13.35
C GLY F 197 -11.25 49.19 -12.78
N LYS F 198 -12.16 48.25 -13.00
CA LYS F 198 -13.46 48.33 -12.36
C LYS F 198 -13.32 48.17 -10.86
N ARG F 199 -14.22 48.78 -10.12
CA ARG F 199 -14.20 48.72 -8.67
C ARG F 199 -15.21 47.68 -8.22
N ALA F 200 -14.94 47.09 -7.06
CA ALA F 200 -15.75 46.01 -6.52
C ALA F 200 -16.79 46.58 -5.57
N VAL F 201 -17.97 45.97 -5.57
CA VAL F 201 -19.10 46.41 -4.76
C VAL F 201 -19.86 45.18 -4.29
N LEU F 202 -20.17 45.13 -3.01
CA LEU F 202 -20.98 44.06 -2.45
C LEU F 202 -22.42 44.55 -2.33
N THR F 203 -23.36 43.83 -2.92
CA THR F 203 -24.76 44.24 -2.98
C THR F 203 -25.65 43.19 -2.35
N ARG F 204 -26.61 43.65 -1.55
CA ARG F 204 -27.69 42.81 -1.08
C ARG F 204 -28.66 42.56 -2.22
N ILE F 205 -29.21 41.34 -2.28
CA ILE F 205 -30.16 40.97 -3.34
C ILE F 205 -31.28 40.14 -2.71
N ASP F 206 -32.50 40.64 -2.81
CA ASP F 206 -33.64 39.98 -2.15
C ASP F 206 -33.97 38.66 -2.81
N VAL F 207 -34.24 37.65 -1.98
CA VAL F 207 -34.42 36.30 -2.51
C VAL F 207 -35.68 36.19 -3.37
N LEU F 208 -36.73 36.95 -3.03
CA LEU F 208 -37.95 36.98 -3.84
C LEU F 208 -37.99 38.18 -4.78
N SER F 209 -37.75 39.38 -4.26
CA SER F 209 -37.85 40.57 -5.10
C SER F 209 -36.74 40.64 -6.14
N GLY F 210 -35.63 39.94 -5.93
CA GLY F 210 -34.45 40.20 -6.72
C GLY F 210 -33.95 41.63 -6.63
N LYS F 211 -34.57 42.47 -5.80
CA LYS F 211 -34.15 43.85 -5.63
C LYS F 211 -32.75 43.92 -5.04
N SER F 212 -31.92 44.77 -5.61
CA SER F 212 -30.51 44.86 -5.29
C SER F 212 -30.21 46.19 -4.62
N GLU F 213 -29.17 46.21 -3.78
CA GLU F 213 -28.84 47.41 -3.01
C GLU F 213 -27.36 47.36 -2.65
N ALA F 214 -26.64 48.43 -2.94
CA ALA F 214 -25.21 48.45 -2.61
C ALA F 214 -25.03 48.47 -1.10
N LEU F 215 -24.16 47.60 -0.61
CA LEU F 215 -23.79 47.59 0.79
C LEU F 215 -22.46 48.30 1.05
N THR F 216 -21.52 48.18 0.13
CA THR F 216 -20.26 48.88 0.24
C THR F 216 -20.18 49.99 -0.81
N GLY F 217 -19.14 50.80 -0.66
CA GLY F 217 -18.76 51.70 -1.70
C GLY F 217 -18.09 50.92 -2.82
N ARG F 218 -17.57 51.66 -3.79
CA ARG F 218 -16.80 51.12 -4.89
C ARG F 218 -15.38 50.86 -4.38
N GLU F 219 -15.10 49.63 -4.00
CA GLU F 219 -13.78 49.30 -3.48
C GLU F 219 -12.78 49.03 -4.61
N GLU F 220 -11.54 49.47 -4.40
CA GLU F 220 -10.49 49.10 -5.35
C GLU F 220 -10.35 47.59 -5.46
N GLU F 221 -10.53 46.86 -4.36
CA GLU F 221 -10.45 45.41 -4.44
C GLU F 221 -11.17 44.81 -3.25
N ILE F 222 -11.97 43.78 -3.49
CA ILE F 222 -12.68 43.04 -2.45
C ILE F 222 -12.29 41.58 -2.57
N GLY F 223 -11.83 41.00 -1.47
CA GLY F 223 -11.45 39.60 -1.47
C GLY F 223 -12.48 38.76 -0.75
N SER F 224 -12.07 38.03 0.28
CA SER F 224 -13.01 37.23 1.06
C SER F 224 -14.05 38.13 1.70
N PHE F 225 -15.27 37.61 1.84
CA PHE F 225 -16.26 38.32 2.63
C PHE F 225 -17.18 37.32 3.33
N ALA F 226 -17.72 37.73 4.48
CA ALA F 226 -18.52 36.86 5.32
C ALA F 226 -19.47 37.70 6.16
N ILE F 227 -20.72 37.24 6.30
CA ILE F 227 -21.71 37.95 7.12
C ILE F 227 -21.84 37.23 8.46
N SER F 228 -21.83 38.01 9.54
CA SER F 228 -21.95 37.47 10.90
C SER F 228 -23.25 36.67 11.06
N PRO F 229 -23.28 35.71 11.98
CA PRO F 229 -24.48 34.86 12.10
C PRO F 229 -25.74 35.63 12.49
N ASN F 230 -25.61 36.70 13.27
CA ASN F 230 -26.75 37.54 13.60
C ASN F 230 -27.13 38.52 12.48
N GLY F 231 -26.52 38.41 11.30
CA GLY F 231 -26.84 39.24 10.17
C GLY F 231 -26.47 40.70 10.33
N ARG F 232 -25.87 41.10 11.44
CA ARG F 232 -25.65 42.52 11.71
C ARG F 232 -24.38 43.08 11.06
N THR F 233 -23.40 42.24 10.75
CA THR F 233 -22.09 42.75 10.34
C THR F 233 -21.56 42.01 9.11
N LEU F 234 -21.07 42.78 8.14
CA LEU F 234 -20.42 42.27 6.95
C LEU F 234 -18.92 42.47 7.10
N ALA F 235 -18.17 41.37 7.11
CA ALA F 235 -16.71 41.41 7.06
C ALA F 235 -16.26 41.24 5.62
N PHE F 236 -15.28 42.02 5.19
CA PHE F 236 -14.70 41.76 3.88
C PHE F 236 -13.24 42.22 3.88
N VAL F 237 -12.45 41.59 3.00
CA VAL F 237 -11.05 41.93 2.80
C VAL F 237 -10.94 42.97 1.68
N ALA F 238 -10.30 44.10 1.98
CA ALA F 238 -10.20 45.18 1.00
C ALA F 238 -8.74 45.59 0.85
N ASN F 239 -8.45 46.24 -0.27
CA ASN F 239 -7.17 46.88 -0.49
C ASN F 239 -7.36 48.37 -0.26
N ARG F 240 -6.96 48.85 0.92
CA ARG F 240 -7.17 50.22 1.32
C ARG F 240 -5.91 51.09 1.23
N ASN F 241 -4.84 50.57 0.62
CA ASN F 241 -3.58 51.31 0.52
C ASN F 241 -3.66 52.43 -0.51
N GLU F 242 -2.98 53.54 -0.22
CA GLU F 242 -3.04 54.67 -1.15
C GLU F 242 -2.45 54.32 -2.51
N ASP F 243 -1.41 53.46 -2.54
CA ASP F 243 -0.83 52.89 -3.75
C ASP F 243 -1.22 51.42 -3.84
N PRO F 244 -2.37 51.09 -4.42
CA PRO F 244 -2.86 49.71 -4.33
C PRO F 244 -1.97 48.69 -5.03
N ASP F 245 -1.30 49.07 -6.11
CA ASP F 245 -0.55 48.10 -6.88
C ASP F 245 0.77 47.72 -6.22
N THR F 246 1.35 48.62 -5.44
CA THR F 246 2.68 48.42 -4.88
C THR F 246 2.66 48.08 -3.41
N THR F 247 1.48 47.95 -2.79
CA THR F 247 1.39 47.64 -1.37
C THR F 247 0.50 46.42 -1.22
N PHE F 248 1.01 45.40 -0.53
CA PHE F 248 0.43 44.07 -0.59
C PHE F 248 -0.19 43.63 0.73
N THR F 249 -0.29 44.54 1.70
CA THR F 249 -1.15 44.29 2.84
C THR F 249 -2.59 44.53 2.43
N ARG F 250 -3.50 43.74 2.99
CA ARG F 250 -4.94 43.84 2.74
C ARG F 250 -5.66 43.81 4.07
N ASP F 251 -6.64 44.68 4.24
CA ASP F 251 -7.27 44.82 5.56
C ASP F 251 -8.61 44.10 5.63
N ILE F 252 -8.95 43.65 6.83
CA ILE F 252 -10.29 43.17 7.12
C ILE F 252 -11.13 44.37 7.54
N VAL F 253 -12.17 44.65 6.77
CA VAL F 253 -13.06 45.77 7.04
C VAL F 253 -14.39 45.21 7.51
N LEU F 254 -14.91 45.75 8.61
CA LEU F 254 -16.19 45.36 9.15
C LEU F 254 -17.21 46.44 8.83
N LEU F 255 -18.31 46.06 8.20
CA LEU F 255 -19.40 46.98 7.91
C LEU F 255 -20.58 46.63 8.80
N ASP F 256 -21.03 47.61 9.58
CA ASP F 256 -22.30 47.52 10.31
C ASP F 256 -23.44 47.67 9.32
N LEU F 257 -24.21 46.60 9.09
CA LEU F 257 -25.23 46.64 8.05
C LEU F 257 -26.35 47.63 8.37
N GLU F 258 -26.57 47.97 9.64
CA GLU F 258 -27.57 48.97 10.00
C GLU F 258 -26.99 50.38 9.94
N SER F 259 -25.89 50.62 10.67
CA SER F 259 -25.31 51.96 10.74
C SER F 259 -24.60 52.39 9.46
N LYS F 260 -24.30 51.45 8.56
CA LYS F 260 -23.46 51.69 7.39
C LYS F 260 -22.06 52.15 7.78
N ALA F 261 -21.69 52.09 9.06
CA ALA F 261 -20.37 52.52 9.49
C ALA F 261 -19.38 51.35 9.42
N GLU F 262 -18.13 51.68 9.11
CA GLU F 262 -17.07 50.70 8.86
C GLU F 262 -16.01 50.76 9.96
N THR F 263 -15.31 49.64 10.13
CA THR F 263 -14.19 49.60 11.06
C THR F 263 -13.07 48.72 10.49
N ASN F 264 -11.84 49.20 10.60
CA ASN F 264 -10.66 48.52 10.08
C ASN F 264 -10.08 47.63 11.17
N LEU F 265 -10.24 46.31 11.02
CA LEU F 265 -9.80 45.37 12.06
C LEU F 265 -8.30 45.17 12.08
N THR F 266 -7.59 45.47 11.00
CA THR F 266 -6.22 45.02 10.84
C THR F 266 -5.22 46.15 10.69
N ASN F 267 -5.60 47.24 10.01
CA ASN F 267 -4.77 48.44 9.90
C ASN F 267 -3.38 48.11 9.37
N GLY F 268 -3.33 47.42 8.25
CA GLY F 268 -2.06 47.12 7.60
C GLY F 268 -1.19 46.14 8.34
N CYS F 269 -1.77 45.25 9.15
CA CYS F 269 -0.92 44.30 9.87
C CYS F 269 -0.61 43.05 9.04
N GLY F 270 -1.18 42.90 7.85
CA GLY F 270 -0.85 41.76 7.01
C GLY F 270 -1.81 41.66 5.84
N THR F 271 -2.04 40.43 5.39
CA THR F 271 -2.99 40.17 4.33
C THR F 271 -3.79 38.94 4.68
N PHE F 272 -5.04 38.89 4.22
CA PHE F 272 -6.00 37.95 4.80
C PHE F 272 -6.96 37.42 3.74
N ALA F 273 -7.39 36.18 3.94
CA ALA F 273 -8.36 35.53 3.09
C ALA F 273 -9.22 34.61 3.95
N SER F 274 -10.24 34.00 3.33
CA SER F 274 -11.06 32.92 3.90
C SER F 274 -11.66 33.29 5.27
N LEU F 275 -12.38 34.40 5.30
CA LEU F 275 -13.09 34.82 6.51
C LEU F 275 -14.15 33.80 6.93
N ALA F 276 -14.28 33.62 8.24
CA ALA F 276 -15.24 32.68 8.82
C ALA F 276 -15.58 33.14 10.23
N TRP F 277 -16.86 33.40 10.49
CA TRP F 277 -17.30 33.84 11.80
C TRP F 277 -17.51 32.65 12.71
N SER F 278 -17.20 32.82 13.99
CA SER F 278 -17.54 31.79 14.98
C SER F 278 -19.06 31.62 15.05
N PRO F 279 -19.56 30.41 15.39
CA PRO F 279 -21.02 30.23 15.57
C PRO F 279 -21.68 31.27 16.47
N ASP F 280 -21.05 31.69 17.57
CA ASP F 280 -21.65 32.71 18.43
C ASP F 280 -21.39 34.14 17.95
N GLY F 281 -20.55 34.32 16.93
CA GLY F 281 -20.38 35.62 16.31
C GLY F 281 -19.42 36.54 17.02
N THR F 282 -18.77 36.08 18.09
CA THR F 282 -17.86 36.92 18.85
C THR F 282 -16.42 36.87 18.34
N LYS F 283 -16.11 35.93 17.46
CA LYS F 283 -14.77 35.75 16.92
C LYS F 283 -14.88 35.63 15.41
N LEU F 284 -13.85 36.13 14.73
CA LEU F 284 -13.78 36.03 13.28
C LEU F 284 -12.43 35.44 12.92
N ALA F 285 -12.46 34.29 12.24
CA ALA F 285 -11.27 33.61 11.78
C ALA F 285 -10.94 34.01 10.34
N ALA F 286 -9.67 33.89 9.99
CA ALA F 286 -9.12 34.22 8.67
C ALA F 286 -7.84 33.43 8.45
N ILE F 287 -7.49 33.23 7.18
CA ILE F 287 -6.16 32.73 6.79
C ILE F 287 -5.32 33.91 6.35
N GLY F 288 -4.11 34.03 6.88
CA GLY F 288 -3.28 35.13 6.47
C GLY F 288 -1.88 35.04 7.02
N HIS F 289 -1.17 36.17 6.91
CA HIS F 289 0.24 36.27 7.28
C HIS F 289 0.67 37.72 7.19
N ASP F 290 1.90 37.99 7.62
CA ASP F 290 2.41 39.34 7.67
C ASP F 290 3.45 39.62 6.58
N LEU F 291 3.55 38.78 5.56
CA LEU F 291 4.49 38.98 4.45
C LEU F 291 5.96 39.03 4.89
N ALA F 292 6.31 38.45 6.03
CA ALA F 292 7.70 38.50 6.48
C ALA F 292 8.65 37.93 5.44
N TYR F 293 8.22 36.92 4.69
CA TYR F 293 9.03 36.32 3.63
C TYR F 293 8.40 36.51 2.26
N LEU F 294 7.67 37.61 2.07
CA LEU F 294 7.05 37.98 0.79
C LEU F 294 6.23 36.78 0.33
N GLY F 295 6.39 36.33 -0.92
CA GLY F 295 5.53 35.27 -1.44
C GLY F 295 5.76 33.93 -0.83
N ALA F 296 6.84 33.78 -0.05
CA ALA F 296 7.16 32.52 0.60
C ALA F 296 6.58 32.40 1.99
N THR F 297 5.95 33.45 2.52
CA THR F 297 5.43 33.44 3.88
C THR F 297 4.36 32.36 4.07
N LEU F 298 4.53 31.55 5.12
CA LEU F 298 3.54 30.53 5.46
C LEU F 298 2.18 31.15 5.72
N HIS F 299 1.14 30.51 5.21
CA HIS F 299 -0.21 30.95 5.55
C HIS F 299 -0.61 30.36 6.89
N ARG F 300 -1.13 31.21 7.77
CA ARG F 300 -1.43 30.85 9.15
C ARG F 300 -2.88 31.19 9.50
N LEU F 301 -3.37 30.60 10.60
CA LEU F 301 -4.74 30.78 11.06
C LEU F 301 -4.80 31.88 12.12
N TYR F 302 -5.53 32.94 11.81
CA TYR F 302 -5.75 34.08 12.69
C TYR F 302 -7.15 34.00 13.25
N VAL F 303 -7.32 34.45 14.47
CA VAL F 303 -8.66 34.67 15.01
C VAL F 303 -8.69 36.03 15.66
N PHE F 304 -9.69 36.83 15.31
CA PHE F 304 -9.91 38.16 15.88
C PHE F 304 -11.06 38.11 16.86
N GLU F 305 -10.96 38.88 17.94
CA GLU F 305 -12.08 39.15 18.83
C GLU F 305 -12.48 40.59 18.57
N PRO F 306 -13.40 40.84 17.64
CA PRO F 306 -13.60 42.23 17.20
C PRO F 306 -14.16 43.12 18.29
N GLU F 307 -15.01 42.59 19.16
CA GLU F 307 -15.52 43.39 20.28
C GLU F 307 -14.40 43.80 21.23
N ARG F 308 -13.37 42.95 21.39
CA ARG F 308 -12.26 43.27 22.28
C ARG F 308 -11.14 44.01 21.58
N GLY F 309 -11.04 43.94 20.25
CA GLY F 309 -9.96 44.59 19.54
C GLY F 309 -8.69 43.77 19.48
N THR F 310 -8.78 42.47 19.71
CA THR F 310 -7.63 41.60 19.85
C THR F 310 -7.57 40.59 18.72
N LYS F 311 -6.39 40.01 18.52
CA LYS F 311 -6.20 38.95 17.55
C LYS F 311 -5.12 38.00 18.04
N ARG F 312 -5.23 36.73 17.63
CA ARG F 312 -4.21 35.73 17.92
C ARG F 312 -3.88 35.00 16.64
N VAL F 313 -2.59 34.68 16.42
CA VAL F 313 -2.22 33.75 15.36
C VAL F 313 -2.18 32.36 16.00
N LEU F 314 -3.20 31.55 15.72
CA LEU F 314 -3.36 30.27 16.40
C LEU F 314 -2.29 29.25 16.00
N THR F 315 -1.70 29.35 14.80
CA THR F 315 -0.71 28.38 14.35
C THR F 315 0.69 29.00 14.23
N ALA F 316 1.01 30.01 15.06
CA ALA F 316 2.32 30.63 15.00
C ALA F 316 3.44 29.66 15.36
N ASP F 317 3.15 28.68 16.22
CA ASP F 317 4.14 27.71 16.67
C ASP F 317 4.04 26.39 15.92
N TRP F 318 3.37 26.40 14.76
CA TRP F 318 3.23 25.24 13.90
C TRP F 318 3.87 25.63 12.57
N ASP F 319 4.98 24.97 12.24
CA ASP F 319 5.74 25.36 11.06
C ASP F 319 5.17 24.66 9.82
N VAL F 320 3.91 24.99 9.53
CA VAL F 320 3.17 24.35 8.44
C VAL F 320 2.39 25.42 7.69
N HIS F 321 2.31 25.27 6.38
CA HIS F 321 1.58 26.17 5.47
C HIS F 321 0.12 25.74 5.43
N LEU F 322 -0.78 26.58 5.94
CA LEU F 322 -2.22 26.29 5.80
C LEU F 322 -2.67 26.55 4.37
N GLY F 323 -3.47 25.65 3.84
CA GLY F 323 -3.97 25.78 2.48
C GLY F 323 -3.53 24.61 1.61
N ASP F 324 -3.80 24.74 0.31
CA ASP F 324 -3.58 23.69 -0.67
C ASP F 324 -2.49 24.17 -1.64
N ALA F 325 -1.24 23.78 -1.37
CA ALA F 325 -0.17 24.11 -2.30
C ALA F 325 0.04 23.04 -3.37
N MET F 326 -0.84 22.03 -3.44
CA MET F 326 -0.59 20.91 -4.34
C MET F 326 -0.51 21.35 -5.78
N VAL F 327 0.33 20.65 -6.54
CA VAL F 327 0.50 20.84 -7.97
C VAL F 327 -0.22 19.69 -8.65
N GLY F 328 -1.07 20.01 -9.63
CA GLY F 328 -1.74 18.98 -10.39
C GLY F 328 -2.36 19.62 -11.62
N ASP F 329 -2.91 18.77 -12.50
CA ASP F 329 -3.54 19.27 -13.72
C ASP F 329 -5.02 18.92 -13.78
N THR F 330 -5.57 18.36 -12.71
CA THR F 330 -6.97 18.06 -12.57
C THR F 330 -7.41 18.72 -11.26
N HIS F 331 -8.66 19.18 -11.23
CA HIS F 331 -9.21 19.93 -10.08
C HIS F 331 -8.58 21.30 -9.89
N ALA F 332 -7.88 21.82 -10.90
CA ALA F 332 -7.07 23.02 -10.68
C ALA F 332 -7.92 24.19 -10.19
N ASP F 333 -9.11 24.38 -10.73
CA ASP F 333 -9.90 25.52 -10.32
C ASP F 333 -10.96 25.14 -9.27
N ALA F 334 -10.80 24.00 -8.60
CA ALA F 334 -11.79 23.56 -7.63
C ALA F 334 -11.67 24.37 -6.33
N LYS F 335 -12.81 24.82 -5.83
CA LYS F 335 -12.88 25.73 -4.68
C LYS F 335 -12.68 24.94 -3.38
N GLY F 336 -11.55 25.15 -2.71
CA GLY F 336 -11.28 24.50 -1.44
C GLY F 336 -11.98 25.20 -0.30
N PRO F 337 -12.01 24.55 0.85
CA PRO F 337 -12.69 25.13 2.01
C PRO F 337 -11.80 26.12 2.74
N GLY F 338 -12.42 27.14 3.30
CA GLY F 338 -11.75 27.96 4.28
C GLY F 338 -11.78 27.24 5.62
N PRO F 339 -11.31 27.90 6.68
CA PRO F 339 -11.40 27.29 8.01
C PRO F 339 -12.85 27.17 8.45
N ILE F 340 -13.17 26.07 9.15
CA ILE F 340 -14.53 25.79 9.59
C ILE F 340 -14.53 25.64 11.10
N TRP F 341 -15.27 26.51 11.77
CA TRP F 341 -15.42 26.43 13.22
C TRP F 341 -16.10 25.14 13.63
N ALA F 342 -15.76 24.64 14.82
CA ALA F 342 -16.60 23.69 15.53
C ALA F 342 -17.86 24.37 16.02
N SER F 343 -18.96 23.60 16.13
CA SER F 343 -20.23 24.18 16.59
C SER F 343 -20.08 24.86 17.94
N ASP F 344 -19.32 24.26 18.85
CA ASP F 344 -19.15 24.83 20.17
C ASP F 344 -18.13 25.97 20.21
N GLY F 345 -17.61 26.41 19.06
CA GLY F 345 -16.61 27.46 19.03
C GLY F 345 -15.24 27.11 19.58
N SER F 346 -14.91 25.83 19.78
CA SER F 346 -13.67 25.49 20.46
C SER F 346 -12.45 25.55 19.56
N GLY F 347 -12.63 25.52 18.25
CA GLY F 347 -11.51 25.64 17.35
C GLY F 347 -11.98 25.55 15.91
N LEU F 348 -11.02 25.36 15.02
CA LEU F 348 -11.29 25.38 13.58
C LEU F 348 -10.64 24.18 12.90
N TYR F 349 -11.38 23.57 11.97
CA TYR F 349 -10.75 22.63 11.06
C TYR F 349 -10.09 23.41 9.94
N VAL F 350 -8.84 23.08 9.63
CA VAL F 350 -8.09 23.74 8.57
C VAL F 350 -7.31 22.69 7.78
N THR F 351 -7.10 22.98 6.49
CA THR F 351 -6.27 22.14 5.63
C THR F 351 -4.82 22.64 5.66
N ALA F 352 -3.90 21.73 5.43
CA ALA F 352 -2.49 22.09 5.50
C ALA F 352 -1.72 21.28 4.47
N SER F 353 -0.69 21.89 3.88
CA SER F 353 0.16 21.20 2.91
C SER F 353 1.46 20.83 3.60
N GLU F 354 1.78 19.54 3.61
CA GLU F 354 3.05 19.13 4.18
C GLU F 354 3.43 17.78 3.61
N ARG F 355 4.72 17.61 3.24
CA ARG F 355 5.29 16.31 2.83
C ARG F 355 4.58 15.72 1.61
N GLY F 356 4.02 16.57 0.75
CA GLY F 356 3.29 16.06 -0.39
C GLY F 356 1.83 15.75 -0.10
N ARG F 357 1.35 16.03 1.11
CA ARG F 357 -0.04 15.80 1.49
C ARG F 357 -0.78 17.12 1.64
N VAL F 358 -2.08 17.07 1.37
CA VAL F 358 -3.01 18.11 1.80
C VAL F 358 -4.01 17.42 2.71
N ASN F 359 -3.93 17.71 4.00
CA ASN F 359 -4.66 16.97 5.01
C ASN F 359 -5.45 17.94 5.89
N LEU F 360 -6.31 17.41 6.75
CA LEU F 360 -7.11 18.25 7.63
C LEU F 360 -6.67 18.06 9.08
N TYR F 361 -6.55 19.19 9.78
CA TYR F 361 -6.20 19.27 11.18
C TYR F 361 -7.29 20.04 11.92
N PHE F 362 -7.34 19.87 13.23
CA PHE F 362 -8.18 20.71 14.07
C PHE F 362 -7.29 21.54 14.97
N VAL F 363 -7.44 22.85 14.88
CA VAL F 363 -6.72 23.82 15.69
C VAL F 363 -7.62 24.29 16.82
N SER F 364 -7.33 23.84 18.03
CA SER F 364 -8.14 24.24 19.17
C SER F 364 -7.72 25.65 19.59
N LEU F 365 -8.70 26.47 19.95
CA LEU F 365 -8.40 27.77 20.54
C LEU F 365 -7.49 27.64 21.76
N ALA F 366 -7.63 26.57 22.53
CA ALA F 366 -6.86 26.40 23.77
C ALA F 366 -5.38 26.09 23.49
N GLY F 367 -5.08 25.41 22.38
CA GLY F 367 -3.70 25.08 22.09
C GLY F 367 -3.45 23.88 21.17
N PRO F 368 -4.05 22.71 21.46
CA PRO F 368 -3.62 21.50 20.72
C PRO F 368 -4.08 21.50 19.28
N ILE F 369 -3.20 21.05 18.40
CA ILE F 369 -3.47 20.89 16.97
C ILE F 369 -3.37 19.41 16.66
N VAL F 370 -4.45 18.83 16.16
CA VAL F 370 -4.47 17.37 15.99
C VAL F 370 -4.85 17.01 14.56
N PRO F 371 -4.29 15.93 14.02
CA PRO F 371 -4.70 15.47 12.68
C PRO F 371 -6.13 14.94 12.70
N VAL F 372 -6.87 15.22 11.63
CA VAL F 372 -8.26 14.76 11.58
C VAL F 372 -8.48 13.86 10.37
N ILE F 373 -8.10 14.34 9.19
CA ILE F 373 -8.17 13.59 7.94
C ILE F 373 -6.77 13.56 7.36
N GLU F 374 -6.12 12.40 7.45
CA GLU F 374 -4.68 12.35 7.21
C GLU F 374 -4.30 11.13 6.38
N GLY F 375 -3.24 11.29 5.60
CA GLY F 375 -2.77 10.23 4.73
C GLY F 375 -2.19 10.75 3.43
N ASN F 376 -1.69 9.84 2.60
CA ASN F 376 -0.94 10.20 1.41
C ASN F 376 -1.91 10.55 0.27
N PHE F 377 -2.55 11.70 0.41
CA PHE F 377 -3.53 12.06 -0.59
C PHE F 377 -3.73 13.57 -0.56
N HIS F 378 -4.62 14.02 -1.43
CA HIS F 378 -4.89 15.43 -1.68
C HIS F 378 -6.34 15.69 -1.29
N LEU F 379 -6.54 16.40 -0.19
CA LEU F 379 -7.87 16.85 0.23
C LEU F 379 -8.15 18.17 -0.47
N TYR F 380 -8.88 18.10 -1.58
CA TYR F 380 -9.13 19.27 -2.43
C TYR F 380 -10.57 19.77 -2.37
N GLY F 381 -11.43 19.13 -1.59
CA GLY F 381 -12.77 19.64 -1.36
C GLY F 381 -13.30 19.17 -0.02
N LEU F 382 -14.07 20.01 0.68
CA LEU F 382 -14.50 19.65 2.03
C LEU F 382 -15.81 20.34 2.40
N ALA F 383 -16.71 19.55 2.99
CA ALA F 383 -17.93 20.06 3.59
C ALA F 383 -18.04 19.41 4.96
N ILE F 384 -18.32 20.20 5.99
CA ILE F 384 -18.41 19.72 7.35
C ILE F 384 -19.81 19.98 7.88
N HIS F 385 -20.36 18.99 8.58
CA HIS F 385 -21.60 19.16 9.31
C HIS F 385 -21.29 19.34 10.79
N SER F 387 -22.07 19.94 13.82
CA SER F 387 -22.77 19.43 14.99
C SER F 387 -22.57 17.93 15.16
N GLU F 388 -22.53 17.20 14.04
CA GLU F 388 -22.42 15.75 14.07
C GLU F 388 -21.01 15.26 13.74
N GLN F 389 -20.03 16.16 13.67
CA GLN F 389 -18.64 15.78 13.38
C GLN F 389 -18.56 14.83 12.19
N GLN F 390 -19.30 15.15 11.14
CA GLN F 390 -19.24 14.39 9.90
C GLN F 390 -18.89 15.35 8.77
N ALA F 391 -18.21 14.82 7.76
CA ALA F 391 -17.72 15.66 6.68
C ALA F 391 -17.77 14.88 5.39
N ILE F 392 -17.79 15.62 4.28
CA ILE F 392 -17.65 15.05 2.96
C ILE F 392 -16.37 15.62 2.36
N ALA F 393 -15.50 14.75 1.88
CA ALA F 393 -14.17 15.12 1.42
C ALA F 393 -14.00 14.74 -0.03
N ALA F 394 -13.60 15.70 -0.86
CA ALA F 394 -13.14 15.37 -2.19
C ALA F 394 -11.65 15.09 -2.09
N ILE F 395 -11.24 13.89 -2.47
CA ILE F 395 -9.90 13.41 -2.18
C ILE F 395 -9.33 12.80 -3.45
N SER F 396 -8.13 13.20 -3.83
CA SER F 396 -7.43 12.66 -4.98
C SER F 396 -6.14 11.98 -4.52
N SER F 397 -5.65 11.07 -5.34
CA SER F 397 -4.38 10.39 -5.10
C SER F 397 -3.79 10.02 -6.45
N PRO F 398 -2.50 9.67 -6.50
CA PRO F 398 -1.89 9.38 -7.81
C PRO F 398 -2.64 8.33 -8.64
N THR F 399 -3.30 7.37 -7.98
CA THR F 399 -4.04 6.32 -8.67
C THR F 399 -5.56 6.50 -8.56
N SER F 400 -6.04 7.65 -8.10
CA SER F 400 -7.48 7.92 -8.06
C SER F 400 -7.71 9.37 -8.48
N VAL F 401 -8.32 9.57 -9.65
CA VAL F 401 -8.59 10.90 -10.22
C VAL F 401 -9.15 11.82 -9.15
N GLY F 402 -10.29 11.42 -8.55
CA GLY F 402 -10.91 12.21 -7.50
C GLY F 402 -12.33 11.78 -7.23
N ASP F 403 -12.72 11.67 -5.97
CA ASP F 403 -14.06 11.20 -5.63
C ASP F 403 -14.43 11.72 -4.25
N LEU F 404 -15.72 11.65 -3.93
CA LEU F 404 -16.19 12.14 -2.65
C LEU F 404 -16.23 11.00 -1.63
N TYR F 405 -15.98 11.34 -0.37
CA TYR F 405 -15.97 10.37 0.71
C TYR F 405 -16.66 10.98 1.93
N ALA F 406 -17.52 10.19 2.55
CA ALA F 406 -18.00 10.54 3.88
C ALA F 406 -16.89 10.21 4.89
N VAL F 407 -16.61 11.13 5.79
CA VAL F 407 -15.51 10.98 6.72
C VAL F 407 -16.02 11.24 8.12
N SER F 408 -15.73 10.32 9.04
CA SER F 408 -15.93 10.61 10.46
C SER F 408 -14.80 11.52 10.91
N LEU F 409 -15.15 12.74 11.32
CA LEU F 409 -14.15 13.62 11.89
C LEU F 409 -13.60 13.05 13.18
N ALA F 410 -14.35 12.17 13.86
CA ALA F 410 -13.87 11.54 15.08
C ALA F 410 -12.86 10.43 14.80
N ASP F 411 -13.10 9.60 13.77
CA ASP F 411 -12.25 8.45 13.48
C ASP F 411 -11.25 8.64 12.36
N GLY F 412 -11.42 9.67 11.51
CA GLY F 412 -10.76 9.66 10.21
C GLY F 412 -11.22 8.58 9.26
N THR F 413 -12.21 7.76 9.64
CA THR F 413 -12.77 6.74 8.77
C THR F 413 -13.44 7.35 7.54
N LYS F 414 -13.02 6.93 6.35
CA LYS F 414 -13.57 7.43 5.09
C LYS F 414 -14.43 6.35 4.45
N THR F 415 -15.48 6.76 3.76
CA THR F 415 -16.33 5.85 3.02
C THR F 415 -16.61 6.46 1.64
N ARG F 416 -16.35 5.70 0.59
CA ARG F 416 -16.57 6.20 -0.77
C ARG F 416 -18.04 6.50 -1.03
N LEU F 417 -18.31 7.68 -1.58
CA LEU F 417 -19.64 8.13 -1.96
C LEU F 417 -19.85 8.19 -3.46
N THR F 418 -18.83 8.60 -4.23
CA THR F 418 -18.91 8.74 -5.68
C THR F 418 -17.88 7.84 -6.36
N ARG F 419 -18.17 7.45 -7.60
CA ARG F 419 -17.21 6.80 -8.49
C ARG F 419 -17.32 7.44 -9.88
N ALA F 420 -17.00 8.73 -9.93
CA ALA F 420 -17.23 9.55 -11.11
C ALA F 420 -16.29 9.22 -12.27
N ASN F 421 -15.22 8.47 -12.05
CA ASN F 421 -14.37 8.07 -13.16
C ASN F 421 -14.34 6.54 -13.26
N GLU F 422 -15.49 5.92 -13.01
CA GLU F 422 -15.55 4.47 -12.82
C GLU F 422 -15.03 3.71 -14.03
N ALA F 423 -15.53 4.05 -15.23
CA ALA F 423 -15.14 3.29 -16.41
C ALA F 423 -13.65 3.47 -16.71
N LEU F 424 -13.15 4.71 -16.61
CA LEU F 424 -11.74 4.94 -16.86
C LEU F 424 -10.88 4.17 -15.86
N GLU F 425 -11.18 4.33 -14.57
CA GLU F 425 -10.42 3.63 -13.55
C GLU F 425 -10.58 2.12 -13.63
N ASN F 426 -11.66 1.63 -14.25
CA ASN F 426 -11.79 0.19 -14.46
C ASN F 426 -11.02 -0.29 -15.67
N GLU F 427 -10.78 0.58 -16.64
CA GLU F 427 -10.16 0.14 -17.88
C GLU F 427 -8.67 0.41 -17.96
N VAL F 428 -8.13 1.35 -17.19
CA VAL F 428 -6.78 1.87 -17.40
C VAL F 428 -5.93 1.62 -16.16
N VAL F 429 -4.70 1.16 -16.37
CA VAL F 429 -3.73 1.00 -15.30
C VAL F 429 -3.15 2.36 -14.93
N PHE F 430 -3.16 2.69 -13.63
CA PHE F 430 -2.52 3.91 -13.11
C PHE F 430 -1.18 3.55 -12.51
N ALA F 431 -0.14 4.34 -12.81
CA ALA F 431 1.13 4.14 -12.14
C ALA F 431 1.11 4.88 -10.82
N ASP F 432 1.57 4.24 -9.76
CA ASP F 432 1.64 4.90 -8.46
C ASP F 432 2.90 5.76 -8.36
N ALA F 433 2.85 6.72 -7.43
CA ALA F 433 3.97 7.63 -7.17
C ALA F 433 4.63 7.20 -5.87
N GLU F 434 5.88 6.74 -5.97
CA GLU F 434 6.60 6.18 -4.83
C GLU F 434 7.46 7.26 -4.18
N PRO F 435 7.15 7.72 -2.97
CA PRO F 435 7.96 8.76 -2.35
C PRO F 435 9.33 8.20 -1.99
N PHE F 436 10.32 9.10 -1.96
CA PHE F 436 11.65 8.76 -1.50
C PHE F 436 12.35 10.06 -1.11
N THR F 437 13.42 9.94 -0.32
CA THR F 437 14.19 11.10 0.11
C THR F 437 15.66 10.93 -0.27
N TYR F 438 16.32 12.06 -0.45
CA TYR F 438 17.73 12.06 -0.80
C TYR F 438 18.35 13.34 -0.28
N ARG F 439 19.68 13.31 -0.17
CA ARG F 439 20.42 14.45 0.34
C ARG F 439 20.95 15.24 -0.84
N SER F 440 20.85 16.56 -0.72
CA SER F 440 21.34 17.47 -1.74
C SER F 440 22.85 17.65 -1.59
N ALA F 441 23.43 18.52 -2.42
CA ALA F 441 24.88 18.70 -2.39
C ALA F 441 25.37 19.21 -1.04
N ASP F 442 24.52 19.86 -0.24
CA ASP F 442 24.94 20.42 1.05
C ASP F 442 24.39 19.65 2.24
N GLY F 443 23.85 18.46 2.03
CA GLY F 443 23.25 17.67 3.08
C GLY F 443 21.72 17.77 3.20
N LEU F 444 21.11 18.83 2.71
CA LEU F 444 19.68 19.04 2.98
C LEU F 444 18.85 17.92 2.38
N GLU F 445 17.96 17.33 3.19
CA GLU F 445 17.16 16.20 2.71
C GLU F 445 16.02 16.74 1.83
N ILE F 446 15.83 16.11 0.67
CA ILE F 446 14.84 16.53 -0.31
C ILE F 446 13.92 15.34 -0.58
N GLN F 447 12.61 15.61 -0.69
CA GLN F 447 11.62 14.59 -0.99
C GLN F 447 11.30 14.61 -2.48
N GLY F 448 11.24 13.43 -3.08
CA GLY F 448 10.76 13.29 -4.43
C GLY F 448 9.90 12.04 -4.54
N TRP F 449 9.39 11.83 -5.76
CA TRP F 449 8.57 10.68 -6.12
C TRP F 449 9.05 10.14 -7.45
N ILE F 450 8.95 8.83 -7.61
CA ILE F 450 9.29 8.19 -8.87
C ILE F 450 8.05 7.43 -9.33
N MET F 451 7.86 7.38 -10.65
CA MET F 451 6.78 6.64 -11.27
C MET F 451 7.39 5.71 -12.30
N LYS F 452 7.06 4.42 -12.21
CA LYS F 452 7.56 3.37 -13.11
C LYS F 452 6.55 3.14 -14.23
N PRO F 453 6.98 3.04 -15.48
CA PRO F 453 6.03 2.80 -16.56
C PRO F 453 5.33 1.46 -16.38
N PRO F 454 4.00 1.45 -16.40
CA PRO F 454 3.26 0.22 -16.03
C PRO F 454 3.52 -0.96 -16.95
N GLU F 455 4.13 -0.76 -18.10
CA GLU F 455 4.39 -1.86 -19.04
C GLU F 455 5.85 -2.33 -19.04
N LEU F 456 6.68 -1.86 -18.12
CA LEU F 456 8.08 -2.27 -18.10
C LEU F 456 8.20 -3.62 -17.39
N ASP F 457 8.49 -4.67 -18.15
CA ASP F 457 8.76 -5.96 -17.52
C ASP F 457 10.07 -5.90 -16.76
N GLU F 458 10.27 -6.88 -15.87
CA GLU F 458 11.51 -6.93 -15.09
C GLU F 458 12.72 -7.04 -16.04
N GLY F 459 13.87 -6.57 -15.55
CA GLY F 459 15.06 -6.61 -16.38
C GLY F 459 15.04 -5.68 -17.58
N GLU F 460 14.11 -4.73 -17.62
CA GLU F 460 14.06 -3.72 -18.67
C GLU F 460 14.25 -2.35 -18.04
N LYS F 461 14.84 -1.43 -18.80
CA LYS F 461 15.06 -0.07 -18.32
C LYS F 461 14.32 0.92 -19.20
N ALA F 462 13.85 2.01 -18.60
CA ALA F 462 13.12 3.06 -19.31
C ALA F 462 13.86 4.39 -19.22
N PRO F 463 13.69 5.27 -20.21
CA PRO F 463 14.27 6.61 -20.09
C PRO F 463 13.53 7.41 -19.03
N LEU F 464 14.24 8.34 -18.40
CA LEU F 464 13.71 9.11 -17.28
C LEU F 464 13.36 10.51 -17.74
N VAL F 465 12.17 10.97 -17.37
CA VAL F 465 11.76 12.37 -17.53
C VAL F 465 11.65 12.99 -16.15
N VAL F 466 12.40 14.06 -15.94
CA VAL F 466 12.32 14.86 -14.72
C VAL F 466 11.31 15.99 -14.95
N GLU F 467 10.25 16.00 -14.17
CA GLU F 467 9.29 17.10 -14.20
C GLU F 467 9.58 18.06 -13.06
N ILE F 468 9.57 19.36 -13.36
CA ILE F 468 9.87 20.39 -12.38
C ILE F 468 8.63 21.27 -12.22
N HIS F 469 8.16 21.42 -10.99
CA HIS F 469 6.92 22.16 -10.79
C HIS F 469 7.19 23.66 -10.71
N GLY F 470 6.14 24.43 -10.99
CA GLY F 470 6.21 25.87 -10.99
C GLY F 470 6.11 26.45 -9.59
N GLY F 471 5.87 27.76 -9.55
CA GLY F 471 5.71 28.48 -8.32
C GLY F 471 6.72 29.59 -8.20
N PRO F 472 7.87 29.30 -7.55
CA PRO F 472 8.33 28.00 -7.05
C PRO F 472 7.70 27.51 -5.74
N HIS F 473 6.95 28.35 -5.01
CA HIS F 473 6.38 27.95 -3.71
C HIS F 473 5.10 27.14 -3.91
N ALA F 474 5.28 25.97 -4.52
CA ALA F 474 4.21 25.00 -4.66
C ALA F 474 4.73 23.64 -4.24
N MET F 475 3.87 22.61 -4.35
CA MET F 475 4.17 21.31 -3.77
C MET F 475 3.73 20.20 -4.71
N TYR F 476 4.69 19.46 -5.26
CA TYR F 476 4.34 18.17 -5.83
C TYR F 476 3.88 17.25 -4.71
N GLY F 477 3.08 16.26 -5.07
CA GLY F 477 2.70 15.27 -4.08
C GLY F 477 1.72 14.21 -4.52
N PHE F 478 0.92 13.73 -3.56
CA PHE F 478 -0.02 12.62 -3.76
C PHE F 478 -1.34 13.13 -4.33
N THR F 479 -1.35 13.41 -5.62
CA THR F 479 -2.57 13.80 -6.30
C THR F 479 -2.57 13.20 -7.69
N PHE F 480 -3.77 13.11 -8.28
CA PHE F 480 -3.83 12.60 -9.64
C PHE F 480 -3.25 13.64 -10.60
N PHE F 481 -2.53 13.14 -11.60
CA PHE F 481 -1.75 14.01 -12.49
C PHE F 481 -1.71 13.31 -13.84
N HIS F 482 -2.65 13.68 -14.73
CA HIS F 482 -2.81 13.01 -16.01
C HIS F 482 -1.54 13.11 -16.85
N GLU F 483 -0.92 14.30 -16.88
CA GLU F 483 0.33 14.45 -17.62
C GLU F 483 1.36 13.38 -17.20
N LEU F 484 1.56 13.22 -15.88
CA LEU F 484 2.54 12.24 -15.41
C LEU F 484 2.11 10.82 -15.77
N GLN F 485 0.81 10.52 -15.68
CA GLN F 485 0.32 9.23 -16.11
C GLN F 485 0.63 9.00 -17.58
N LEU F 486 0.36 10.00 -18.42
CA LEU F 486 0.61 9.88 -19.85
C LEU F 486 2.09 9.59 -20.13
N LEU F 487 3.00 10.26 -19.43
CA LEU F 487 4.43 9.99 -19.62
C LEU F 487 4.79 8.57 -19.19
N ALA F 488 4.28 8.14 -18.04
CA ALA F 488 4.59 6.78 -17.61
C ALA F 488 4.04 5.77 -18.60
N SER F 489 2.80 5.99 -19.06
CA SER F 489 2.17 5.08 -20.02
C SER F 489 2.87 5.10 -21.37
N SER F 490 3.50 6.22 -21.71
CA SER F 490 4.27 6.32 -22.95
C SER F 490 5.65 5.69 -22.84
N GLY F 491 6.03 5.15 -21.69
CA GLY F 491 7.27 4.40 -21.56
C GLY F 491 8.40 5.11 -20.83
N TYR F 492 8.12 6.19 -20.13
CA TYR F 492 9.14 6.94 -19.41
C TYR F 492 8.99 6.69 -17.93
N ALA F 493 10.10 6.53 -17.23
CA ALA F 493 10.04 6.77 -15.79
C ALA F 493 9.90 8.26 -15.57
N VAL F 494 9.22 8.63 -14.49
CA VAL F 494 8.95 10.02 -14.16
C VAL F 494 9.49 10.30 -12.76
N LEU F 495 10.36 11.31 -12.66
CA LEU F 495 10.86 11.80 -11.39
C LEU F 495 10.30 13.19 -11.17
N PHE F 496 9.73 13.43 -10.00
CA PHE F 496 9.30 14.78 -9.66
C PHE F 496 9.62 15.02 -8.20
N THR F 497 10.18 16.20 -7.89
CA THR F 497 10.70 16.47 -6.57
C THR F 497 10.26 17.82 -6.09
N ASN F 498 10.41 18.03 -4.77
CA ASN F 498 10.16 19.30 -4.14
C ASN F 498 11.49 19.89 -3.70
N PRO F 499 12.21 20.58 -4.59
CA PRO F 499 13.48 21.19 -4.20
C PRO F 499 13.22 22.32 -3.22
N ARG F 500 14.31 22.82 -2.61
CA ARG F 500 14.15 23.95 -1.71
C ARG F 500 13.52 25.12 -2.46
N GLY F 501 12.61 25.81 -1.80
CA GLY F 501 11.69 26.71 -2.44
C GLY F 501 10.28 26.15 -2.56
N SER F 502 10.14 24.83 -2.55
CA SER F 502 8.81 24.24 -2.53
C SER F 502 8.14 24.50 -1.20
N HIS F 503 6.80 24.55 -1.23
CA HIS F 503 6.02 24.45 -0.01
C HIS F 503 5.95 23.00 0.44
N GLY F 504 5.64 22.80 1.72
CA GLY F 504 5.44 21.45 2.26
C GLY F 504 6.38 21.04 3.38
N TYR F 505 7.38 21.86 3.74
CA TYR F 505 8.44 21.44 4.63
C TYR F 505 8.85 22.58 5.55
N GLY F 506 8.04 23.61 5.67
CA GLY F 506 8.27 24.65 6.66
C GLY F 506 8.85 25.91 6.04
N GLN F 507 8.97 26.92 6.90
CA GLN F 507 9.20 28.28 6.45
C GLN F 507 10.58 28.43 5.86
N SER F 508 11.59 27.86 6.52
CA SER F 508 12.96 27.96 6.01
C SER F 508 13.08 27.31 4.63
N PHE F 509 12.58 26.08 4.48
CA PHE F 509 12.70 25.37 3.20
C PHE F 509 12.03 26.13 2.07
N VAL F 510 10.85 26.71 2.31
CA VAL F 510 10.11 27.31 1.20
C VAL F 510 10.76 28.65 0.83
N ASN F 511 11.37 29.31 1.81
CA ASN F 511 12.01 30.59 1.60
C ASN F 511 13.38 30.49 0.96
N ALA F 512 13.98 29.29 0.97
CA ALA F 512 15.40 29.19 0.70
C ALA F 512 15.75 29.60 -0.73
N VAL F 513 14.82 29.45 -1.67
CA VAL F 513 15.12 29.72 -3.08
C VAL F 513 15.27 31.21 -3.36
N ARG F 514 14.70 32.06 -2.53
CA ARG F 514 14.69 33.48 -2.81
C ARG F 514 16.10 34.04 -2.80
N GLY F 515 16.45 34.79 -3.85
CA GLY F 515 17.79 35.32 -3.96
C GLY F 515 18.81 34.33 -4.45
N ASP F 516 18.41 33.09 -4.67
CA ASP F 516 19.32 32.01 -5.04
C ASP F 516 18.74 31.24 -6.22
N TYR F 517 18.16 31.95 -7.18
CA TYR F 517 17.55 31.31 -8.32
C TYR F 517 18.62 30.59 -9.16
N GLY F 518 18.46 29.27 -9.31
CA GLY F 518 19.45 28.49 -10.05
C GLY F 518 20.66 28.06 -9.24
N GLY F 519 20.73 28.41 -7.96
CA GLY F 519 21.79 27.93 -7.10
C GLY F 519 21.45 26.57 -6.51
N MET F 520 21.01 26.55 -5.26
CA MET F 520 20.80 25.28 -4.57
C MET F 520 19.51 24.58 -5.05
N ASP F 521 18.52 25.35 -5.55
CA ASP F 521 17.36 24.70 -6.17
C ASP F 521 17.78 23.82 -7.34
N TYR F 522 18.69 24.33 -8.19
CA TYR F 522 19.21 23.53 -9.29
C TYR F 522 19.96 22.31 -8.79
N GLU F 523 20.72 22.46 -7.71
CA GLU F 523 21.48 21.33 -7.16
C GLU F 523 20.56 20.27 -6.56
N ASP F 524 19.49 20.71 -5.87
CA ASP F 524 18.48 19.78 -5.38
C ASP F 524 17.93 18.91 -6.50
N ILE F 525 17.59 19.54 -7.63
CA ILE F 525 17.01 18.80 -8.75
C ILE F 525 18.02 17.82 -9.31
N MET F 526 19.28 18.24 -9.46
CA MET F 526 20.27 17.33 -10.01
C MET F 526 20.63 16.23 -9.03
N ALA F 527 20.73 16.55 -7.73
CA ALA F 527 20.95 15.49 -6.76
C ALA F 527 19.79 14.49 -6.79
N GLY F 528 18.58 14.97 -7.15
CA GLY F 528 17.46 14.05 -7.26
C GLY F 528 17.56 13.11 -8.44
N VAL F 529 17.99 13.63 -9.58
CA VAL F 529 18.26 12.76 -10.73
C VAL F 529 19.28 11.69 -10.34
N ASP F 530 20.43 12.12 -9.79
CA ASP F 530 21.46 11.16 -9.36
C ASP F 530 20.88 10.12 -8.41
N ALA F 531 20.12 10.58 -7.42
CA ALA F 531 19.55 9.66 -6.42
C ALA F 531 18.57 8.70 -7.04
N ALA F 532 17.72 9.19 -7.95
CA ALA F 532 16.72 8.30 -8.55
C ALA F 532 17.41 7.24 -9.40
N ILE F 533 18.46 7.64 -10.10
CA ILE F 533 19.21 6.67 -10.91
C ILE F 533 19.81 5.61 -10.00
N SER F 534 20.38 6.03 -8.87
CA SER F 534 21.06 5.09 -8.01
C SER F 534 20.07 4.15 -7.32
N LYS F 535 18.89 4.66 -6.95
CA LYS F 535 17.94 3.89 -6.17
C LYS F 535 17.06 3.00 -7.03
N PHE F 536 16.69 3.43 -8.23
CA PHE F 536 15.68 2.74 -9.03
C PHE F 536 16.34 2.20 -10.29
N ASP F 537 16.60 0.89 -10.31
CA ASP F 537 17.31 0.28 -11.42
C ASP F 537 16.51 0.19 -12.71
N PHE F 538 15.19 0.46 -12.68
CA PHE F 538 14.43 0.48 -13.93
C PHE F 538 14.69 1.74 -14.75
N ILE F 539 15.50 2.67 -14.26
CA ILE F 539 15.82 3.90 -14.98
C ILE F 539 17.06 3.65 -15.84
N ASP F 540 16.94 3.88 -17.15
CA ASP F 540 18.10 3.83 -18.03
C ASP F 540 18.85 5.15 -17.89
N LYS F 541 20.00 5.11 -17.21
CA LYS F 541 20.73 6.33 -16.90
C LYS F 541 21.27 7.00 -18.15
N GLU F 542 21.19 6.36 -19.30
CA GLU F 542 21.75 6.95 -20.50
C GLU F 542 20.80 7.91 -21.18
N ARG F 543 19.49 7.80 -20.90
CA ARG F 543 18.50 8.61 -21.60
C ARG F 543 17.70 9.40 -20.57
N LEU F 544 18.08 10.67 -20.39
CA LEU F 544 17.50 11.57 -19.42
C LEU F 544 16.86 12.74 -20.16
N GLY F 545 15.63 13.09 -19.74
CA GLY F 545 14.95 14.26 -20.25
C GLY F 545 14.45 15.12 -19.11
N VAL F 546 14.07 16.36 -19.44
CA VAL F 546 13.63 17.30 -18.41
C VAL F 546 12.54 18.21 -18.97
N THR F 547 11.55 18.52 -18.13
CA THR F 547 10.54 19.48 -18.54
C THR F 547 9.94 20.17 -17.32
N GLY F 548 9.41 21.37 -17.55
CA GLY F 548 8.74 22.10 -16.50
C GLY F 548 8.17 23.37 -17.10
N GLY F 549 7.27 23.99 -16.34
CA GLY F 549 6.65 25.22 -16.77
C GLY F 549 6.80 26.29 -15.71
N SER F 550 6.79 27.54 -16.18
CA SER F 550 6.83 28.75 -15.34
C SER F 550 8.18 28.71 -14.63
N TYR F 551 8.24 28.83 -13.31
CA TYR F 551 9.52 28.61 -12.63
C TYR F 551 10.16 27.31 -13.10
N GLY F 552 9.36 26.26 -13.26
CA GLY F 552 9.87 25.03 -13.82
C GLY F 552 10.41 25.18 -15.20
N GLY F 553 9.95 26.20 -15.93
CA GLY F 553 10.49 26.47 -17.25
C GLY F 553 11.79 27.25 -17.17
N PHE F 554 11.83 28.24 -16.28
CA PHE F 554 13.10 28.85 -15.93
C PHE F 554 14.14 27.78 -15.61
N MET F 555 13.77 26.85 -14.70
CA MET F 555 14.69 25.79 -14.25
C MET F 555 15.09 24.89 -15.41
N THR F 556 14.15 24.59 -16.31
CA THR F 556 14.51 23.74 -17.45
C THR F 556 15.51 24.46 -18.35
N ASN F 557 15.28 25.76 -18.59
CA ASN F 557 16.22 26.57 -19.37
C ASN F 557 17.57 26.70 -18.66
N TRP F 558 17.53 26.87 -17.35
CA TRP F 558 18.76 26.96 -16.56
C TRP F 558 19.55 25.66 -16.64
N ILE F 559 18.85 24.54 -16.51
CA ILE F 559 19.50 23.23 -16.53
C ILE F 559 20.25 23.03 -17.83
N VAL F 560 19.60 23.21 -18.99
CA VAL F 560 20.29 22.92 -20.24
C VAL F 560 21.44 23.88 -20.51
N GLY F 561 21.50 25.00 -19.81
CA GLY F 561 22.62 25.91 -19.93
C GLY F 561 23.77 25.61 -18.98
N HIS F 562 23.58 24.62 -18.11
CA HIS F 562 24.58 24.28 -17.11
C HIS F 562 24.99 22.82 -17.10
N THR F 563 24.29 21.95 -17.79
CA THR F 563 24.74 20.56 -17.90
C THR F 563 24.30 20.07 -19.26
N ASP F 564 25.03 19.09 -19.78
CA ASP F 564 24.67 18.39 -21.00
C ASP F 564 24.14 16.99 -20.74
N ARG F 565 23.82 16.67 -19.48
CA ARG F 565 23.42 15.30 -19.14
C ARG F 565 22.14 14.89 -19.84
N PHE F 566 21.24 15.85 -20.14
CA PHE F 566 19.92 15.53 -20.67
C PHE F 566 19.96 15.47 -22.21
N LYS F 567 19.29 14.46 -22.77
CA LYS F 567 19.26 14.29 -24.22
C LYS F 567 18.08 14.99 -24.88
N ALA F 568 17.14 15.49 -24.09
CA ALA F 568 16.00 16.23 -24.60
C ALA F 568 15.46 17.08 -23.48
N ALA F 569 14.98 18.26 -23.84
CA ALA F 569 14.34 19.14 -22.88
C ALA F 569 13.13 19.78 -23.55
N VAL F 570 12.08 19.98 -22.76
CA VAL F 570 10.88 20.69 -23.19
C VAL F 570 10.61 21.79 -22.17
N THR F 571 10.71 23.04 -22.60
CA THR F 571 10.45 24.13 -21.67
C THR F 571 9.08 24.71 -22.00
N GLN F 572 8.32 25.05 -20.98
CA GLN F 572 6.94 25.46 -21.17
C GLN F 572 6.71 26.75 -20.42
N ARG F 573 5.99 27.69 -21.04
CA ARG F 573 5.58 28.95 -20.39
C ARG F 573 6.69 29.51 -19.50
N SER F 574 7.88 29.57 -20.07
CA SER F 574 9.09 29.65 -19.26
C SER F 574 9.62 31.08 -19.16
N ILE F 575 10.74 31.21 -18.46
CA ILE F 575 11.42 32.48 -18.30
C ILE F 575 12.85 32.30 -18.79
N SER F 576 13.38 33.30 -19.48
CA SER F 576 14.74 33.23 -19.97
C SER F 576 15.51 34.50 -19.72
N ASN F 577 14.84 35.64 -19.53
CA ASN F 577 15.50 36.92 -19.37
C ASN F 577 14.82 37.70 -18.24
N TRP F 578 15.46 37.71 -17.06
CA TRP F 578 14.82 38.36 -15.92
C TRP F 578 14.68 39.86 -16.12
N LEU F 579 15.59 40.47 -16.87
CA LEU F 579 15.51 41.92 -17.05
C LEU F 579 14.21 42.30 -17.74
N SER F 580 13.89 41.65 -18.87
CA SER F 580 12.64 42.00 -19.53
C SER F 580 11.42 41.49 -18.75
N PHE F 581 11.59 40.42 -17.96
CA PHE F 581 10.46 39.86 -17.23
C PHE F 581 9.82 40.91 -16.33
N SER F 582 10.63 41.69 -15.62
CA SER F 582 10.08 42.62 -14.65
C SER F 582 9.20 43.66 -15.31
N GLY F 583 9.51 44.00 -16.56
CA GLY F 583 8.78 45.04 -17.25
C GLY F 583 7.59 44.56 -18.04
N VAL F 584 7.49 43.27 -18.34
CA VAL F 584 6.47 42.76 -19.24
C VAL F 584 5.46 41.85 -18.54
N SER F 585 5.90 40.96 -17.63
CA SER F 585 4.96 40.12 -16.88
C SER F 585 3.94 40.96 -16.14
N ASP F 586 2.76 40.38 -15.89
CA ASP F 586 1.71 41.13 -15.19
C ASP F 586 2.06 41.36 -13.73
N ILE F 587 2.93 40.53 -13.16
CA ILE F 587 3.43 40.71 -11.81
C ILE F 587 4.93 40.98 -11.82
N GLY F 588 5.47 41.37 -12.96
CA GLY F 588 6.90 41.52 -13.08
C GLY F 588 7.45 42.55 -12.12
N TYR F 589 6.69 43.63 -11.88
CA TYR F 589 7.18 44.77 -11.12
C TYR F 589 7.36 44.46 -9.63
N PHE F 590 7.02 43.27 -9.19
CA PHE F 590 7.36 42.89 -7.82
C PHE F 590 7.87 41.47 -7.70
N PHE F 591 7.53 40.58 -8.63
CA PHE F 591 7.97 39.20 -8.51
C PHE F 591 9.48 39.10 -8.58
N THR F 592 10.08 39.71 -9.62
CA THR F 592 11.53 39.64 -9.78
C THR F 592 12.23 40.05 -8.51
N LYS F 593 11.80 41.17 -7.91
CA LYS F 593 12.43 41.70 -6.71
C LYS F 593 12.21 40.75 -5.54
N TRP F 594 10.97 40.30 -5.35
CA TRP F 594 10.64 39.41 -4.24
C TRP F 594 11.45 38.11 -4.31
N GLU F 595 11.60 37.55 -5.51
CA GLU F 595 12.13 36.21 -5.71
C GLU F 595 13.58 36.20 -6.15
N VAL F 596 13.91 36.82 -7.28
CA VAL F 596 15.28 36.76 -7.77
C VAL F 596 16.20 37.57 -6.89
N GLY F 597 15.71 38.70 -6.36
CA GLY F 597 16.45 39.45 -5.37
C GLY F 597 16.47 40.96 -5.54
N CYS F 598 16.16 41.45 -6.73
CA CYS F 598 16.41 42.86 -7.01
C CYS F 598 15.68 43.25 -8.28
N ASP F 599 15.55 44.56 -8.48
CA ASP F 599 15.02 45.15 -9.70
C ASP F 599 16.14 45.57 -10.64
N VAL F 600 15.78 45.78 -11.92
CA VAL F 600 16.78 45.98 -12.96
C VAL F 600 17.63 47.19 -12.67
N TRP F 601 17.08 48.19 -12.00
CA TRP F 601 17.82 49.40 -11.68
C TRP F 601 18.61 49.30 -10.37
N GLU F 602 18.56 48.15 -9.67
CA GLU F 602 19.36 47.90 -8.46
C GLU F 602 20.62 47.11 -8.76
N ASP F 603 20.49 46.03 -9.56
CA ASP F 603 21.56 45.09 -9.79
C ASP F 603 21.30 44.31 -11.07
N ALA F 604 21.48 44.95 -12.24
CA ALA F 604 21.09 44.30 -13.49
C ALA F 604 22.01 43.12 -13.83
N GLU F 605 23.29 43.20 -13.48
CA GLU F 605 24.18 42.08 -13.73
C GLU F 605 23.76 40.85 -12.92
N ARG F 606 23.20 41.05 -11.73
CA ARG F 606 22.68 39.91 -10.98
C ARG F 606 21.50 39.28 -11.69
N LEU F 607 20.53 40.10 -12.12
CA LEU F 607 19.41 39.59 -12.89
C LEU F 607 19.90 38.88 -14.15
N TRP F 608 20.92 39.44 -14.81
CA TRP F 608 21.42 38.79 -16.02
C TRP F 608 22.08 37.47 -15.68
N HIS F 609 22.87 37.45 -14.60
CA HIS F 609 23.55 36.21 -14.20
C HIS F 609 22.53 35.12 -13.89
N HIS F 610 21.40 35.49 -13.32
CA HIS F 610 20.38 34.49 -13.01
C HIS F 610 19.43 34.22 -14.17
N SER F 611 19.70 34.78 -15.38
CA SER F 611 18.80 34.58 -16.52
C SER F 611 19.30 33.44 -17.38
N PRO F 612 18.49 32.43 -17.66
CA PRO F 612 18.97 31.30 -18.46
C PRO F 612 19.58 31.70 -19.78
N LEU F 613 19.07 32.77 -20.42
CA LEU F 613 19.57 33.23 -21.72
C LEU F 613 21.07 33.50 -21.71
N LYS F 614 21.62 33.90 -20.56
CA LYS F 614 23.05 34.21 -20.51
C LYS F 614 23.89 33.00 -20.87
N TYR F 615 23.34 31.80 -20.76
CA TYR F 615 24.09 30.56 -20.90
C TYR F 615 23.82 29.85 -22.21
N VAL F 616 23.25 30.57 -23.19
CA VAL F 616 22.78 29.93 -24.40
C VAL F 616 23.94 29.28 -25.17
N LYS F 617 25.17 29.81 -25.06
CA LYS F 617 26.28 29.19 -25.80
C LYS F 617 26.57 27.78 -25.30
N HIS F 618 26.29 27.50 -24.04
CA HIS F 618 26.47 26.17 -23.49
C HIS F 618 25.35 25.19 -23.85
N MET F 619 24.27 25.63 -24.49
CA MET F 619 23.12 24.75 -24.66
C MET F 619 23.33 23.82 -25.85
N ARG F 620 23.34 22.52 -25.58
CA ARG F 620 23.46 21.49 -26.59
C ARG F 620 22.29 20.53 -26.60
N THR F 621 21.46 20.56 -25.61
CA THR F 621 20.30 19.68 -25.58
C THR F 621 19.23 20.16 -26.54
N PRO F 622 18.67 19.29 -27.40
CA PRO F 622 17.47 19.67 -28.17
C PRO F 622 16.39 20.21 -27.25
N LEU F 623 15.98 21.46 -27.48
CA LEU F 623 15.06 22.15 -26.58
C LEU F 623 13.80 22.53 -27.34
N LEU F 624 12.68 21.89 -26.99
CA LEU F 624 11.37 22.34 -27.45
C LEU F 624 10.88 23.44 -26.52
N ILE F 625 10.46 24.57 -27.11
CA ILE F 625 9.95 25.73 -26.38
C ILE F 625 8.44 25.82 -26.64
N LEU F 626 7.63 25.57 -25.60
CA LEU F 626 6.18 25.71 -25.67
C LEU F 626 5.74 26.97 -24.94
N HIS F 627 4.84 27.74 -25.57
CA HIS F 627 4.43 29.01 -24.97
C HIS F 627 3.12 29.47 -25.58
N SER F 628 2.33 30.24 -24.83
CA SER F 628 1.02 30.69 -25.30
C SER F 628 1.00 32.19 -25.59
N GLU F 629 0.29 32.57 -26.66
CA GLU F 629 0.29 33.96 -27.13
C GLU F 629 -0.23 34.92 -26.07
N ARG F 630 -1.22 34.50 -25.29
CA ARG F 630 -1.86 35.38 -24.30
C ARG F 630 -1.47 34.98 -22.88
N ASP F 631 -0.31 34.34 -22.73
CA ASP F 631 0.26 34.17 -21.41
C ASP F 631 0.88 35.50 -21.02
N TYR F 632 0.24 36.16 -20.08
CA TYR F 632 0.75 37.42 -19.55
C TYR F 632 1.46 37.27 -18.21
N ARG F 633 1.41 36.09 -17.57
CA ARG F 633 2.26 35.83 -16.41
C ARG F 633 3.71 35.63 -16.84
N CYS F 634 3.94 34.73 -17.81
CA CYS F 634 5.24 34.65 -18.44
C CYS F 634 5.09 35.08 -19.90
N PRO F 635 5.44 36.31 -20.25
CA PRO F 635 5.17 36.80 -21.62
C PRO F 635 5.92 36.03 -22.68
N ILE F 636 5.31 35.87 -23.85
CA ILE F 636 5.94 35.07 -24.90
C ILE F 636 7.28 35.67 -25.37
N GLU F 637 7.58 36.93 -25.05
CA GLU F 637 8.91 37.44 -25.39
C GLU F 637 10.01 36.65 -24.68
N GLN F 638 9.66 35.96 -23.58
CA GLN F 638 10.65 35.13 -22.90
C GLN F 638 11.06 33.95 -23.78
N ALA F 639 10.11 33.39 -24.53
CA ALA F 639 10.36 32.22 -25.36
C ALA F 639 11.01 32.63 -26.68
N GLU F 640 10.58 33.77 -27.23
CA GLU F 640 11.18 34.27 -28.46
C GLU F 640 12.68 34.53 -28.30
N GLN F 641 13.07 35.18 -27.20
CA GLN F 641 14.47 35.51 -26.97
C GLN F 641 15.35 34.27 -26.94
N LEU F 642 14.87 33.21 -26.28
CA LEU F 642 15.68 32.00 -26.19
C LEU F 642 15.68 31.25 -27.52
N PHE F 643 14.54 31.18 -28.20
CA PHE F 643 14.49 30.54 -29.51
C PHE F 643 15.42 31.23 -30.50
N VAL F 644 15.41 32.57 -30.52
CA VAL F 644 16.25 33.31 -31.46
C VAL F 644 17.73 33.06 -31.18
N ALA F 645 18.17 33.25 -29.94
CA ALA F 645 19.60 33.07 -29.68
C ALA F 645 20.03 31.65 -30.04
N LEU F 646 19.14 30.67 -29.82
CA LEU F 646 19.47 29.27 -30.12
C LEU F 646 19.59 29.04 -31.62
N LYS F 647 18.63 29.55 -32.40
CA LYS F 647 18.72 29.44 -33.85
C LYS F 647 19.93 30.20 -34.39
N GLN F 648 20.24 31.36 -33.81
CA GLN F 648 21.43 32.10 -34.23
C GLN F 648 22.69 31.26 -34.06
N LEU F 649 22.71 30.43 -33.04
CA LEU F 649 23.90 29.66 -32.72
C LEU F 649 23.85 28.28 -33.33
N GLY F 650 22.84 28.02 -34.16
CA GLY F 650 22.69 26.76 -34.84
C GLY F 650 22.31 25.58 -33.96
N ARG F 651 21.62 25.83 -32.84
CA ARG F 651 21.28 24.74 -31.93
C ARG F 651 19.89 24.18 -32.25
N GLU F 652 19.62 22.99 -31.73
CA GLU F 652 18.38 22.31 -32.06
C GLU F 652 17.26 22.84 -31.18
N THR F 653 16.28 23.49 -31.79
CA THR F 653 15.17 24.05 -31.04
C THR F 653 14.01 24.28 -32.00
N LYS F 654 12.81 24.22 -31.45
CA LYS F 654 11.59 24.54 -32.16
C LYS F 654 10.72 25.33 -31.20
N LEU F 655 10.01 26.32 -31.71
CA LEU F 655 9.12 27.13 -30.89
C LEU F 655 7.68 26.82 -31.31
N VAL F 656 6.86 26.36 -30.35
CA VAL F 656 5.44 26.09 -30.57
C VAL F 656 4.63 27.13 -29.82
N ARG F 657 3.85 27.93 -30.56
CA ARG F 657 3.07 29.04 -30.02
C ARG F 657 1.60 28.63 -30.03
N PHE F 658 0.96 28.66 -28.86
CA PHE F 658 -0.45 28.28 -28.76
C PHE F 658 -1.34 29.51 -28.83
N PRO F 659 -2.26 29.57 -29.78
CA PRO F 659 -3.07 30.79 -29.95
C PRO F 659 -4.12 30.92 -28.88
N ASP F 660 -4.30 32.16 -28.40
CA ASP F 660 -5.43 32.58 -27.56
C ASP F 660 -5.38 31.98 -26.16
N ALA F 661 -4.40 31.16 -25.83
CA ALA F 661 -4.30 30.54 -24.52
C ALA F 661 -3.52 31.45 -23.59
N ASN F 662 -3.65 31.19 -22.30
CA ASN F 662 -2.89 31.92 -21.29
C ASN F 662 -2.05 30.93 -20.47
N HIS F 663 -1.50 31.43 -19.36
CA HIS F 663 -0.59 30.64 -18.51
C HIS F 663 -1.24 29.35 -18.01
N ASP F 664 -2.56 29.32 -17.88
CA ASP F 664 -3.24 28.17 -17.31
C ASP F 664 -3.67 27.13 -18.32
N LEU F 665 -3.26 27.29 -19.58
CA LEU F 665 -3.63 26.37 -20.67
C LEU F 665 -3.68 24.92 -20.21
N SER F 666 -2.60 24.43 -19.60
CA SER F 666 -2.49 23.00 -19.30
C SER F 666 -3.50 22.53 -18.25
N ARG F 667 -4.08 23.43 -17.47
CA ARG F 667 -5.06 23.01 -16.48
C ARG F 667 -6.50 23.32 -16.87
N THR F 668 -6.76 24.51 -17.44
CA THR F 668 -8.13 24.94 -17.69
C THR F 668 -8.29 25.54 -19.08
N GLY F 669 -7.31 25.35 -19.96
CA GLY F 669 -7.35 25.90 -21.30
C GLY F 669 -8.07 24.99 -22.28
N ASN F 670 -8.16 25.47 -23.52
CA ASN F 670 -8.91 24.80 -24.57
C ASN F 670 -8.50 23.33 -24.67
N PRO F 671 -9.44 22.39 -24.52
CA PRO F 671 -9.05 20.97 -24.51
C PRO F 671 -8.30 20.50 -25.74
N ALA F 672 -8.65 21.00 -26.92
CA ALA F 672 -7.92 20.57 -28.11
C ALA F 672 -6.48 21.04 -28.07
N LEU F 673 -6.23 22.22 -27.48
CA LEU F 673 -4.86 22.72 -27.30
C LEU F 673 -4.11 22.00 -26.18
N ARG F 674 -4.82 21.49 -25.17
CA ARG F 674 -4.16 20.69 -24.15
C ARG F 674 -3.70 19.36 -24.73
N LEU F 675 -4.48 18.80 -25.66
CA LEU F 675 -4.05 17.63 -26.38
C LEU F 675 -2.79 17.92 -27.17
N GLU F 676 -2.81 19.00 -27.95
CA GLU F 676 -1.66 19.36 -28.76
C GLU F 676 -0.43 19.51 -27.89
N ARG F 677 -0.58 20.21 -26.76
CA ARG F 677 0.56 20.45 -25.87
C ARG F 677 1.12 19.13 -25.35
N LEU F 678 0.23 18.22 -24.93
CA LEU F 678 0.68 16.92 -24.48
C LEU F 678 1.35 16.15 -25.60
N ARG F 679 0.78 16.22 -26.81
CA ARG F 679 1.39 15.50 -27.93
C ARG F 679 2.77 16.04 -28.25
N HIS F 680 2.95 17.36 -28.21
CA HIS F 680 4.24 17.92 -28.54
C HIS F 680 5.30 17.51 -27.51
N ILE F 681 4.89 17.41 -26.24
CA ILE F 681 5.83 16.98 -25.19
C ILE F 681 6.28 15.54 -25.45
N VAL F 682 5.32 14.62 -25.56
CA VAL F 682 5.68 13.21 -25.72
C VAL F 682 6.46 12.99 -27.01
N ASP F 683 6.09 13.71 -28.08
CA ASP F 683 6.74 13.47 -29.37
C ASP F 683 8.20 13.94 -29.35
N TRP F 684 8.50 15.00 -28.61
CA TRP F 684 9.88 15.48 -28.49
C TRP F 684 10.74 14.45 -27.77
N PHE F 685 10.26 13.94 -26.63
CA PHE F 685 11.00 12.91 -25.92
C PHE F 685 11.11 11.63 -26.75
N ASP F 686 10.04 11.27 -27.45
CA ASP F 686 10.11 10.11 -28.34
C ASP F 686 11.18 10.30 -29.40
N ARG F 687 11.24 11.49 -29.99
CA ARG F 687 12.23 11.77 -31.01
C ARG F 687 13.66 11.60 -30.46
N TYR F 688 13.92 12.11 -29.25
CA TYR F 688 15.28 12.16 -28.74
C TYR F 688 15.62 11.17 -27.63
N LEU F 689 14.65 10.43 -27.09
CA LEU F 689 14.93 9.48 -26.02
C LEU F 689 14.62 8.03 -26.37
N LYS F 690 13.89 7.77 -27.46
CA LYS F 690 13.50 6.41 -27.81
C LYS F 690 14.14 5.96 -29.12
N LEU G 32 -24.19 20.11 -81.69
CA LEU G 32 -24.53 20.23 -83.10
C LEU G 32 -26.01 20.61 -83.28
N TYR G 33 -26.82 20.38 -82.25
CA TYR G 33 -28.22 20.77 -82.27
C TYR G 33 -28.59 21.49 -81.00
N PHE G 34 -29.60 22.37 -81.11
CA PHE G 34 -29.96 23.26 -80.01
C PHE G 34 -30.29 22.49 -78.74
N GLN G 35 -29.74 22.96 -77.62
CA GLN G 35 -29.99 22.37 -76.31
C GLN G 35 -30.55 23.44 -75.39
N GLY G 36 -31.16 22.98 -74.28
CA GLY G 36 -31.71 23.90 -73.29
C GLY G 36 -30.67 24.88 -72.76
N THR G 37 -29.53 24.35 -72.29
CA THR G 37 -28.49 25.20 -71.74
C THR G 37 -27.97 26.24 -72.72
N ASP G 38 -28.15 25.99 -74.02
CA ASP G 38 -27.72 26.99 -75.01
C ASP G 38 -28.36 28.35 -74.77
N LEU G 39 -29.46 28.43 -74.00
CA LEU G 39 -29.98 29.76 -73.66
C LEU G 39 -28.98 30.53 -72.78
N LEU G 40 -28.14 29.82 -72.03
CA LEU G 40 -27.10 30.49 -71.24
C LEU G 40 -26.04 31.18 -72.09
N ARG G 41 -25.89 30.78 -73.34
CA ARG G 41 -24.89 31.38 -74.22
C ARG G 41 -25.46 32.50 -75.08
N LEU G 42 -26.78 32.64 -75.15
CA LEU G 42 -27.37 33.66 -76.01
C LEU G 42 -26.94 35.05 -75.59
N ARG G 43 -26.58 35.87 -76.57
CA ARG G 43 -26.17 37.24 -76.33
C ARG G 43 -27.06 38.15 -77.15
N SER G 44 -27.62 39.16 -76.50
CA SER G 44 -28.64 40.02 -77.10
C SER G 44 -28.08 41.42 -77.22
N VAL G 45 -27.74 41.83 -78.46
CA VAL G 45 -27.30 43.18 -78.75
C VAL G 45 -28.51 44.02 -79.13
N ARG G 46 -28.52 45.26 -78.66
CA ARG G 46 -29.74 46.02 -78.54
C ARG G 46 -29.41 47.50 -78.42
N ASP G 47 -30.41 48.31 -78.71
CA ASP G 47 -30.49 49.71 -78.30
C ASP G 47 -29.31 50.55 -78.75
N PRO G 48 -28.97 50.59 -80.04
CA PRO G 48 -27.84 51.43 -80.48
C PRO G 48 -28.18 52.92 -80.48
N HIS G 49 -27.14 53.72 -80.45
CA HIS G 49 -27.34 55.16 -80.46
C HIS G 49 -26.08 55.81 -81.01
N TYR G 50 -26.26 56.70 -82.00
CA TYR G 50 -25.15 57.33 -82.66
C TYR G 50 -24.53 58.42 -81.79
N ALA G 51 -23.20 58.50 -81.81
CA ALA G 51 -22.55 59.70 -81.33
C ALA G 51 -22.95 60.89 -82.22
N PRO G 52 -23.02 62.10 -81.65
CA PRO G 52 -23.56 63.24 -82.43
C PRO G 52 -22.82 63.49 -83.75
N ASP G 53 -21.64 62.91 -83.95
CA ASP G 53 -20.83 63.11 -85.14
C ASP G 53 -20.88 61.93 -86.11
N GLY G 54 -21.63 60.87 -85.77
CA GLY G 54 -21.94 59.81 -86.71
C GLY G 54 -20.86 58.79 -86.96
N THR G 55 -19.66 58.96 -86.42
CA THR G 55 -18.58 58.03 -86.71
C THR G 55 -18.59 56.80 -85.81
N ARG G 56 -19.49 56.77 -84.83
CA ARG G 56 -19.45 55.68 -83.86
C ARG G 56 -20.81 55.61 -83.18
N ALA G 57 -21.11 54.46 -82.61
CA ALA G 57 -22.35 54.30 -81.87
C ALA G 57 -22.14 53.33 -80.72
N VAL G 58 -22.82 53.60 -79.61
CA VAL G 58 -22.83 52.73 -78.45
C VAL G 58 -24.06 51.82 -78.53
N PHE G 59 -23.93 50.63 -77.98
CA PHE G 59 -25.05 49.73 -77.80
C PHE G 59 -24.80 48.86 -76.58
N VAL G 60 -25.81 48.05 -76.25
CA VAL G 60 -25.81 47.21 -75.05
C VAL G 60 -25.75 45.75 -75.51
N GLU G 61 -25.08 44.92 -74.72
CA GLU G 61 -25.16 43.48 -74.91
C GLU G 61 -25.60 42.83 -73.59
N LYS G 62 -26.74 42.12 -73.63
CA LYS G 62 -27.24 41.38 -72.48
C LYS G 62 -26.82 39.93 -72.61
N SER G 63 -26.42 39.33 -71.49
CA SER G 63 -25.93 37.96 -71.50
C SER G 63 -26.22 37.32 -70.15
N ILE G 64 -25.84 36.05 -70.04
CA ILE G 64 -25.89 35.31 -68.78
C ILE G 64 -24.49 34.77 -68.51
N ASP G 65 -23.97 35.03 -67.31
CA ASP G 65 -22.60 34.66 -67.00
C ASP G 65 -22.54 33.25 -66.43
N GLU G 66 -21.37 32.89 -65.90
CA GLU G 66 -21.11 31.53 -65.43
C GLU G 66 -21.86 31.21 -64.14
N GLU G 67 -22.19 32.22 -63.35
CA GLU G 67 -23.04 32.05 -62.17
C GLU G 67 -24.53 32.01 -62.51
N LYS G 68 -24.88 31.88 -63.80
CA LYS G 68 -26.26 31.83 -64.27
C LYS G 68 -27.03 33.10 -63.90
N GLN G 69 -26.37 34.25 -64.05
CA GLN G 69 -26.94 35.56 -63.73
C GLN G 69 -26.93 36.45 -64.95
N TYR G 70 -27.91 37.35 -65.02
CA TYR G 70 -28.00 38.29 -66.11
C TYR G 70 -26.96 39.39 -65.97
N ARG G 71 -26.24 39.67 -67.05
CA ARG G 71 -25.37 40.82 -67.14
C ARG G 71 -25.68 41.58 -68.42
N SER G 72 -25.47 42.89 -68.38
CA SER G 72 -25.49 43.68 -69.60
C SER G 72 -24.44 44.77 -69.54
N HIS G 73 -23.70 44.93 -70.64
CA HIS G 73 -22.57 45.85 -70.78
C HIS G 73 -22.71 46.70 -72.03
N LEU G 74 -22.04 47.85 -71.99
CA LEU G 74 -21.97 48.74 -73.14
C LEU G 74 -20.85 48.33 -74.07
N TRP G 75 -21.12 48.41 -75.37
CA TRP G 75 -20.14 48.19 -76.42
C TRP G 75 -20.17 49.37 -77.36
N ILE G 76 -19.09 49.54 -78.13
CA ILE G 76 -18.95 50.65 -79.08
C ILE G 76 -18.59 50.07 -80.44
N TRP G 77 -19.35 50.44 -81.46
CA TRP G 77 -18.98 50.21 -82.85
C TRP G 77 -18.32 51.49 -83.37
N ALA G 78 -17.08 51.38 -83.83
CA ALA G 78 -16.35 52.54 -84.34
C ALA G 78 -16.30 52.49 -85.86
N ALA G 79 -16.25 53.68 -86.48
CA ALA G 79 -16.23 53.79 -87.94
C ALA G 79 -15.15 52.93 -88.58
N ASP G 80 -14.04 52.69 -87.87
CA ASP G 80 -13.06 51.75 -88.41
C ASP G 80 -13.58 50.31 -88.43
N GLY G 81 -14.77 50.06 -87.90
CA GLY G 81 -15.34 48.73 -87.89
C GLY G 81 -15.06 47.93 -86.64
N SER G 82 -14.46 48.52 -85.61
CA SER G 82 -14.13 47.78 -84.41
C SER G 82 -15.37 47.68 -83.52
N VAL G 83 -15.61 46.50 -82.98
CA VAL G 83 -16.67 46.28 -82.01
C VAL G 83 -15.99 45.85 -80.72
N ARG G 84 -16.07 46.70 -79.69
CA ARG G 84 -15.28 46.53 -78.46
C ARG G 84 -16.15 46.79 -77.25
N GLN G 85 -15.99 45.93 -76.24
CA GLN G 85 -16.70 46.09 -74.97
C GLN G 85 -16.18 47.33 -74.23
N TRP G 86 -17.07 48.04 -73.53
CA TRP G 86 -16.67 49.20 -72.73
C TRP G 86 -17.01 49.14 -71.24
N THR G 87 -17.92 48.25 -70.80
CA THR G 87 -18.13 48.00 -69.37
C THR G 87 -18.05 46.49 -69.15
N PHE G 88 -17.73 46.09 -67.91
CA PHE G 88 -17.29 44.70 -67.69
C PHE G 88 -17.82 44.02 -66.44
N GLY G 89 -18.37 44.74 -65.45
CA GLY G 89 -18.60 44.15 -64.15
C GLY G 89 -19.89 43.33 -64.05
N ARG G 90 -19.95 42.55 -62.97
CA ARG G 90 -21.13 41.73 -62.65
C ARG G 90 -22.28 42.66 -62.27
N TRP G 91 -22.89 43.26 -63.29
CA TRP G 91 -24.05 44.11 -63.07
C TRP G 91 -24.78 44.26 -64.41
N ARG G 92 -25.73 45.18 -64.46
CA ARG G 92 -26.48 45.49 -65.68
C ARG G 92 -26.30 46.96 -66.02
N ASP G 93 -25.78 47.23 -67.20
CA ASP G 93 -25.76 48.58 -67.76
C ASP G 93 -26.73 48.63 -68.94
N MET G 94 -27.44 49.75 -69.08
CA MET G 94 -28.46 49.86 -70.12
C MET G 94 -28.67 51.32 -70.49
N LYS G 95 -29.53 51.52 -71.50
CA LYS G 95 -29.93 52.82 -72.03
C LYS G 95 -28.79 53.84 -72.17
N PRO G 96 -27.73 53.50 -72.92
CA PRO G 96 -26.67 54.48 -73.17
C PRO G 96 -27.08 55.50 -74.22
N ARG G 97 -26.76 56.77 -73.94
CA ARG G 97 -27.03 57.86 -74.87
C ARG G 97 -25.88 58.86 -74.82
N PHE G 98 -25.24 59.10 -75.96
CA PHE G 98 -24.21 60.13 -76.04
C PHE G 98 -24.78 61.50 -75.72
N SER G 99 -24.03 62.29 -74.98
CA SER G 99 -24.44 63.68 -74.80
C SER G 99 -24.46 64.40 -76.15
N PRO G 100 -25.28 65.44 -76.29
CA PRO G 100 -25.28 66.21 -77.55
C PRO G 100 -23.92 66.74 -77.94
N ARG G 101 -23.09 67.14 -76.97
CA ARG G 101 -21.73 67.56 -77.27
C ARG G 101 -20.83 66.39 -77.68
N GLY G 102 -21.17 65.15 -77.29
CA GLY G 102 -20.41 63.98 -77.69
C GLY G 102 -19.31 63.55 -76.74
N GLU G 103 -19.02 64.32 -75.70
CA GLU G 103 -17.92 63.95 -74.80
C GLU G 103 -18.32 62.94 -73.74
N ILE G 104 -19.61 62.64 -73.57
CA ILE G 104 -20.07 61.83 -72.44
C ILE G 104 -21.09 60.81 -72.93
N ILE G 105 -20.99 59.58 -72.41
CA ILE G 105 -22.03 58.56 -72.61
C ILE G 105 -22.78 58.42 -71.30
N ALA G 106 -24.02 58.86 -71.29
CA ALA G 106 -24.93 58.62 -70.17
C ALA G 106 -25.47 57.19 -70.23
N PHE G 107 -25.74 56.61 -69.08
CA PHE G 107 -26.36 55.30 -69.06
C PHE G 107 -26.95 55.02 -67.69
N LEU G 108 -27.79 54.00 -67.65
CA LEU G 108 -28.37 53.47 -66.42
C LEU G 108 -27.62 52.22 -66.00
N SER G 109 -27.34 52.12 -64.71
CA SER G 109 -26.68 50.93 -64.17
C SER G 109 -27.27 50.60 -62.81
N ASP G 110 -27.33 49.31 -62.49
CA ASP G 110 -27.75 48.85 -61.18
C ASP G 110 -26.55 48.50 -60.28
N ARG G 111 -25.34 48.89 -60.68
CA ARG G 111 -24.14 48.46 -59.96
C ARG G 111 -24.15 48.94 -58.51
N SER G 112 -24.84 50.05 -58.22
CA SER G 112 -24.96 50.57 -56.87
C SER G 112 -26.04 49.89 -56.03
N GLY G 113 -26.70 48.84 -56.54
CA GLY G 113 -27.82 48.23 -55.85
C GLY G 113 -29.19 48.75 -56.26
N ARG G 114 -29.24 49.92 -56.89
CA ARG G 114 -30.45 50.45 -57.50
C ARG G 114 -30.08 50.96 -58.89
N THR G 115 -31.05 50.99 -59.80
CA THR G 115 -30.75 51.58 -61.09
C THR G 115 -30.50 53.07 -60.92
N GLN G 116 -29.37 53.55 -61.43
CA GLN G 116 -29.05 54.96 -61.33
C GLN G 116 -28.38 55.43 -62.63
N LEU G 117 -28.42 56.74 -62.83
CA LEU G 117 -27.76 57.33 -63.99
C LEU G 117 -26.27 57.43 -63.73
N TRP G 118 -25.47 56.95 -64.68
CA TRP G 118 -24.01 57.06 -64.65
C TRP G 118 -23.50 57.78 -65.89
N LEU G 119 -22.27 58.29 -65.80
CA LEU G 119 -21.65 59.01 -66.91
C LEU G 119 -20.30 58.41 -67.20
N LEU G 120 -20.17 57.89 -68.39
CA LEU G 120 -18.92 57.36 -68.90
C LEU G 120 -18.29 58.37 -69.83
N PRO G 121 -17.01 58.76 -69.60
CA PRO G 121 -16.32 59.59 -70.59
C PRO G 121 -16.26 58.91 -71.94
N ALA G 122 -16.42 59.72 -73.00
CA ALA G 122 -16.42 59.16 -74.34
C ALA G 122 -15.03 58.89 -74.89
N ASN G 123 -13.97 59.41 -74.25
CA ASN G 123 -12.62 59.27 -74.79
C ASN G 123 -11.60 58.85 -73.73
N GLY G 124 -12.00 58.05 -72.75
CA GLY G 124 -11.00 57.55 -71.80
C GLY G 124 -11.38 57.88 -70.38
N GLY G 125 -11.27 56.86 -69.52
CA GLY G 125 -11.62 57.03 -68.12
C GLY G 125 -12.85 56.21 -67.75
N GLU G 126 -12.95 55.87 -66.45
CA GLU G 126 -14.05 55.04 -65.99
C GLU G 126 -15.30 55.88 -65.71
N ALA G 127 -16.43 55.21 -65.46
CA ALA G 127 -17.69 55.90 -65.31
C ALA G 127 -17.85 56.46 -63.90
N ARG G 128 -18.66 57.50 -63.78
CA ARG G 128 -18.94 58.17 -62.52
C ARG G 128 -20.45 58.11 -62.25
N GLN G 129 -20.82 57.88 -60.99
CA GLN G 129 -22.22 57.82 -60.63
C GLN G 129 -22.79 59.22 -60.50
N LEU G 130 -23.92 59.49 -61.17
CA LEU G 130 -24.49 60.83 -61.15
C LEU G 130 -25.68 60.96 -60.20
N THR G 131 -26.61 60.00 -60.21
CA THR G 131 -27.77 60.05 -59.33
C THR G 131 -27.61 59.09 -58.15
N PHE G 132 -28.22 59.45 -57.03
CA PHE G 132 -28.25 58.61 -55.84
C PHE G 132 -29.65 58.55 -55.26
N PHE G 133 -30.68 58.57 -56.10
CA PHE G 133 -32.07 58.60 -55.64
C PHE G 133 -32.39 57.38 -54.79
N LYS G 134 -33.05 57.62 -53.65
CA LYS G 134 -33.45 56.53 -52.76
C LYS G 134 -34.21 55.46 -53.53
N ASN G 135 -35.04 55.87 -54.49
CA ASN G 135 -35.82 54.94 -55.30
C ASN G 135 -35.24 54.75 -56.71
N GLY G 136 -34.04 55.25 -56.98
CA GLY G 136 -33.43 54.98 -58.27
C GLY G 136 -34.07 55.76 -59.40
N VAL G 137 -33.76 55.32 -60.64
CA VAL G 137 -34.18 56.02 -61.85
C VAL G 137 -34.82 55.01 -62.79
N ARG G 138 -35.97 55.37 -63.37
CA ARG G 138 -36.55 54.50 -64.39
C ARG G 138 -36.04 54.84 -65.78
N ASP G 139 -35.88 56.13 -66.06
CA ASP G 139 -35.59 56.58 -67.41
C ASP G 139 -35.00 57.98 -67.34
N TYR G 140 -34.43 58.40 -68.46
CA TYR G 140 -33.81 59.73 -68.53
C TYR G 140 -33.71 60.13 -69.98
N VAL G 141 -33.52 61.44 -70.19
CA VAL G 141 -33.12 61.99 -71.48
C VAL G 141 -32.03 63.03 -71.24
N TRP G 142 -31.28 63.31 -72.30
CA TRP G 142 -30.29 64.38 -72.28
C TRP G 142 -30.93 65.74 -72.51
N SER G 143 -30.41 66.75 -71.84
CA SER G 143 -30.79 68.10 -72.22
C SER G 143 -30.08 68.47 -73.52
N PRO G 144 -30.72 69.22 -74.40
CA PRO G 144 -30.09 69.51 -75.70
C PRO G 144 -28.77 70.24 -75.59
N ASP G 145 -28.57 71.07 -74.56
CA ASP G 145 -27.30 71.76 -74.39
C ASP G 145 -26.25 70.92 -73.68
N GLY G 146 -26.61 69.72 -73.21
CA GLY G 146 -25.66 68.79 -72.63
C GLY G 146 -25.28 69.06 -71.19
N THR G 147 -25.71 70.18 -70.61
CA THR G 147 -25.29 70.51 -69.26
C THR G 147 -26.08 69.79 -68.20
N PHE G 148 -27.27 69.27 -68.51
CA PHE G 148 -28.07 68.54 -67.53
C PHE G 148 -28.82 67.41 -68.21
N LEU G 149 -29.41 66.56 -67.38
CA LEU G 149 -30.28 65.49 -67.83
C LEU G 149 -31.58 65.61 -67.07
N ILE G 150 -32.60 64.93 -67.59
CA ILE G 150 -33.91 64.85 -66.93
C ILE G 150 -34.17 63.38 -66.65
N THR G 151 -34.25 63.04 -65.37
CA THR G 151 -34.42 61.66 -64.91
C THR G 151 -35.79 61.50 -64.25
N LEU G 152 -36.37 60.32 -64.43
CA LEU G 152 -37.65 59.99 -63.80
C LEU G 152 -37.37 59.13 -62.58
N THR G 153 -37.87 59.58 -61.43
CA THR G 153 -37.81 58.78 -60.22
C THR G 153 -39.22 58.72 -59.60
N THR G 154 -39.33 57.93 -58.55
CA THR G 154 -40.55 57.79 -57.78
C THR G 154 -40.35 58.41 -56.39
N LEU G 155 -41.46 58.82 -55.78
CA LEU G 155 -41.39 59.41 -54.45
C LEU G 155 -42.63 59.01 -53.64
N GLY G 156 -42.41 58.50 -52.44
CA GLY G 156 -43.49 58.36 -51.50
C GLY G 156 -43.88 59.71 -50.92
N ASP G 157 -45.10 59.77 -50.35
CA ASP G 157 -45.55 61.01 -49.72
C ASP G 157 -44.67 61.39 -48.53
N ASP G 158 -44.01 60.42 -47.90
CA ASP G 158 -43.04 60.68 -46.84
C ASP G 158 -41.61 60.76 -47.38
N GLU G 159 -41.43 61.11 -48.66
CA GLU G 159 -40.12 61.08 -49.30
C GLU G 159 -39.95 62.31 -50.18
N THR G 160 -38.70 62.67 -50.44
CA THR G 160 -38.40 63.81 -51.29
C THR G 160 -37.24 63.48 -52.22
N ILE G 161 -36.99 64.37 -53.18
CA ILE G 161 -35.92 64.15 -54.14
C ILE G 161 -34.54 64.26 -53.51
N GLU G 162 -34.44 64.69 -52.26
CA GLU G 162 -33.17 64.69 -51.56
C GLU G 162 -32.88 63.36 -50.86
N ASP G 163 -33.88 62.49 -50.72
CA ASP G 163 -33.66 61.22 -50.04
C ASP G 163 -32.80 60.31 -50.92
N ARG G 164 -31.68 59.84 -50.38
CA ARG G 164 -30.73 59.06 -51.15
C ARG G 164 -30.84 57.57 -50.83
N GLU G 165 -30.15 56.78 -51.64
CA GLU G 165 -30.15 55.33 -51.50
C GLU G 165 -29.26 54.89 -50.35
N GLU G 166 -29.69 53.83 -49.67
CA GLU G 166 -29.00 53.22 -48.53
C GLU G 166 -29.23 51.71 -48.60
N PRO G 167 -28.28 50.89 -48.10
CA PRO G 167 -28.34 49.42 -48.21
C PRO G 167 -29.59 48.78 -47.59
N LEU G 177 -45.92 42.36 -37.55
CA LEU G 177 -45.70 43.52 -38.41
C LEU G 177 -46.90 44.47 -38.39
N LYS G 178 -47.18 45.07 -39.54
CA LYS G 178 -48.31 45.99 -39.67
C LYS G 178 -49.09 45.61 -40.92
N PRO G 179 -50.42 45.52 -40.85
CA PRO G 179 -51.19 45.13 -42.03
C PRO G 179 -51.12 46.17 -43.14
N ARG G 180 -51.37 45.71 -44.35
CA ARG G 180 -51.42 46.54 -45.53
C ARG G 180 -52.88 46.88 -45.85
N VAL G 181 -53.20 48.16 -45.90
CA VAL G 181 -54.57 48.63 -46.08
C VAL G 181 -54.75 49.03 -47.55
N VAL G 182 -55.60 48.29 -48.27
CA VAL G 182 -55.78 48.46 -49.71
C VAL G 182 -57.10 49.22 -49.95
N GLU G 183 -57.00 50.36 -50.66
CA GLU G 183 -58.13 51.23 -50.91
C GLU G 183 -58.36 51.53 -52.39
N ARG G 184 -57.70 50.80 -53.30
CA ARG G 184 -57.87 51.02 -54.73
C ARG G 184 -57.80 49.70 -55.47
N LEU G 185 -58.21 49.75 -56.74
CA LEU G 185 -58.26 48.58 -57.60
C LEU G 185 -56.90 48.18 -58.13
N TYR G 186 -56.05 49.14 -58.51
CA TYR G 186 -54.71 48.82 -59.00
C TYR G 186 -53.73 48.92 -57.84
N TYR G 187 -53.59 47.84 -57.08
CA TYR G 187 -52.80 47.86 -55.85
C TYR G 187 -51.62 46.92 -55.89
N LYS G 188 -51.52 46.07 -56.90
CA LYS G 188 -50.36 45.23 -57.10
C LYS G 188 -50.02 45.24 -58.58
N SER G 189 -48.88 44.64 -58.90
CA SER G 189 -48.47 44.45 -60.28
C SER G 189 -47.62 43.20 -60.36
N ASP G 190 -47.68 42.53 -61.52
CA ASP G 190 -46.78 41.42 -61.76
C ASP G 190 -45.32 41.85 -61.67
N ALA G 191 -45.03 43.10 -62.00
CA ALA G 191 -43.64 43.54 -62.04
C ALA G 191 -43.07 43.77 -60.64
N SER G 192 -43.82 44.47 -59.77
CA SER G 192 -43.33 44.91 -58.48
C SER G 192 -43.96 44.21 -57.28
N GLY G 193 -44.96 43.35 -57.48
CA GLY G 193 -45.72 42.88 -56.33
C GLY G 193 -46.62 43.99 -55.81
N PHE G 194 -46.87 43.99 -54.50
CA PHE G 194 -47.69 45.02 -53.90
C PHE G 194 -47.09 46.39 -54.16
N LEU G 195 -47.91 47.31 -54.64
CA LEU G 195 -47.46 48.66 -54.91
C LEU G 195 -47.67 49.55 -53.69
N ASP G 196 -46.71 50.43 -53.44
CA ASP G 196 -46.83 51.37 -52.33
C ASP G 196 -47.47 52.69 -52.74
N GLY G 197 -47.75 52.87 -54.02
CA GLY G 197 -48.34 54.11 -54.48
C GLY G 197 -47.37 55.26 -54.57
N LYS G 198 -46.12 55.01 -54.92
CA LYS G 198 -45.19 56.11 -55.11
C LYS G 198 -45.60 56.93 -56.32
N ARG G 199 -45.29 58.21 -56.25
CA ARG G 199 -45.71 59.18 -57.24
C ARG G 199 -44.50 59.56 -58.09
N ALA G 200 -44.71 59.75 -59.40
CA ALA G 200 -43.60 59.93 -60.33
C ALA G 200 -43.19 61.39 -60.37
N VAL G 201 -41.88 61.63 -60.48
CA VAL G 201 -41.34 62.98 -60.48
C VAL G 201 -40.17 63.04 -61.46
N LEU G 202 -40.22 64.02 -62.36
CA LEU G 202 -39.15 64.26 -63.32
C LEU G 202 -38.23 65.33 -62.76
N THR G 203 -36.91 65.07 -62.81
CA THR G 203 -35.93 65.92 -62.12
C THR G 203 -34.80 66.33 -63.04
N ARG G 204 -34.47 67.61 -63.00
CA ARG G 204 -33.23 68.10 -63.59
C ARG G 204 -32.04 67.62 -62.77
N ILE G 205 -30.99 67.16 -63.45
CA ILE G 205 -29.73 66.80 -62.80
C ILE G 205 -28.60 67.47 -63.57
N ASP G 206 -27.97 68.48 -62.96
CA ASP G 206 -26.84 69.17 -63.58
C ASP G 206 -25.67 68.20 -63.76
N VAL G 207 -25.14 68.12 -64.99
CA VAL G 207 -24.22 67.04 -65.32
C VAL G 207 -22.91 67.20 -64.58
N LEU G 208 -22.46 68.44 -64.39
CA LEU G 208 -21.24 68.71 -63.62
C LEU G 208 -21.50 68.63 -62.12
N SER G 209 -22.56 69.29 -61.65
CA SER G 209 -22.84 69.37 -60.21
C SER G 209 -23.54 68.13 -59.67
N GLY G 210 -24.29 67.42 -60.50
CA GLY G 210 -25.16 66.41 -59.94
C GLY G 210 -26.25 66.94 -59.05
N LYS G 211 -26.44 68.26 -59.00
CA LYS G 211 -27.52 68.84 -58.22
C LYS G 211 -28.86 68.55 -58.88
N SER G 212 -29.87 68.23 -58.06
CA SER G 212 -31.16 67.79 -58.54
C SER G 212 -32.24 68.84 -58.26
N GLU G 213 -33.16 69.00 -59.22
CA GLU G 213 -34.25 69.96 -59.12
C GLU G 213 -35.52 69.31 -59.66
N ALA G 214 -36.62 69.44 -58.93
CA ALA G 214 -37.90 68.88 -59.34
C ALA G 214 -38.49 69.74 -60.44
N LEU G 215 -38.76 69.12 -61.60
CA LEU G 215 -39.34 69.84 -62.73
C LEU G 215 -40.86 69.68 -62.75
N THR G 216 -41.34 68.45 -62.65
CA THR G 216 -42.77 68.22 -62.54
C THR G 216 -43.20 68.29 -61.10
N GLY G 217 -44.50 68.43 -60.90
CA GLY G 217 -45.07 68.11 -59.63
C GLY G 217 -44.94 66.61 -59.39
N ARG G 218 -45.43 66.19 -58.24
CA ARG G 218 -45.58 64.78 -57.98
C ARG G 218 -46.77 64.24 -58.79
N GLU G 219 -46.52 63.31 -59.71
CA GLU G 219 -47.50 62.86 -60.69
C GLU G 219 -47.92 61.42 -60.45
N GLU G 220 -49.23 61.17 -60.60
CA GLU G 220 -49.77 59.84 -60.35
C GLU G 220 -49.14 58.78 -61.28
N GLU G 221 -48.86 59.15 -62.52
CA GLU G 221 -48.13 58.24 -63.39
C GLU G 221 -47.47 59.08 -64.47
N ILE G 222 -46.25 58.73 -64.83
CA ILE G 222 -45.51 59.40 -65.90
C ILE G 222 -45.01 58.33 -66.86
N GLY G 223 -45.36 58.47 -68.13
CA GLY G 223 -44.81 57.60 -69.16
C GLY G 223 -43.69 58.30 -69.92
N SER G 224 -43.80 58.31 -71.25
CA SER G 224 -42.79 58.89 -72.11
C SER G 224 -42.62 60.38 -71.84
N PHE G 225 -41.37 60.86 -71.98
CA PHE G 225 -41.10 62.29 -71.90
C PHE G 225 -39.95 62.66 -72.82
N ALA G 226 -39.92 63.95 -73.20
CA ALA G 226 -39.00 64.47 -74.21
C ALA G 226 -38.89 65.98 -74.04
N ILE G 227 -37.68 66.49 -74.21
CA ILE G 227 -37.43 67.91 -74.10
C ILE G 227 -37.30 68.48 -75.51
N SER G 228 -37.78 69.70 -75.68
CA SER G 228 -37.77 70.36 -76.98
C SER G 228 -36.33 70.74 -77.36
N PRO G 229 -36.02 70.78 -78.66
CA PRO G 229 -34.62 71.03 -79.06
C PRO G 229 -34.11 72.39 -78.63
N ASN G 230 -35.00 73.35 -78.37
CA ASN G 230 -34.59 74.62 -77.79
C ASN G 230 -34.55 74.58 -76.26
N GLY G 231 -34.83 73.43 -75.67
CA GLY G 231 -34.71 73.25 -74.24
C GLY G 231 -35.74 73.98 -73.42
N ARG G 232 -36.75 74.56 -74.06
CA ARG G 232 -37.70 75.43 -73.36
C ARG G 232 -38.89 74.69 -72.79
N THR G 233 -39.31 73.57 -73.41
CA THR G 233 -40.55 72.90 -73.05
C THR G 233 -40.31 71.42 -72.79
N LEU G 234 -40.89 70.90 -71.69
CA LEU G 234 -40.80 69.48 -71.37
C LEU G 234 -42.17 68.82 -71.54
N ALA G 235 -42.21 67.79 -72.39
CA ALA G 235 -43.44 67.06 -72.65
C ALA G 235 -43.40 65.72 -71.93
N PHE G 236 -44.48 65.38 -71.23
CA PHE G 236 -44.56 64.10 -70.57
C PHE G 236 -46.00 63.60 -70.58
N VAL G 237 -46.15 62.28 -70.68
CA VAL G 237 -47.43 61.60 -70.68
C VAL G 237 -47.83 61.31 -69.24
N ALA G 238 -49.04 61.71 -68.84
CA ALA G 238 -49.49 61.61 -67.46
C ALA G 238 -50.91 61.05 -67.38
N ASN G 239 -51.25 60.52 -66.21
CA ASN G 239 -52.60 60.06 -65.90
C ASN G 239 -53.28 61.10 -65.01
N ARG G 240 -53.88 62.10 -65.64
CA ARG G 240 -54.55 63.17 -64.90
C ARG G 240 -56.02 62.85 -64.61
N ASN G 241 -56.41 61.59 -64.70
CA ASN G 241 -57.79 61.22 -64.43
C ASN G 241 -58.08 61.29 -62.94
N GLU G 242 -59.34 61.59 -62.61
CA GLU G 242 -59.77 61.62 -61.22
C GLU G 242 -59.78 60.22 -60.62
N ASP G 243 -60.16 59.22 -61.41
CA ASP G 243 -60.11 57.82 -61.05
C ASP G 243 -59.05 57.15 -61.92
N PRO G 244 -57.76 57.27 -61.56
CA PRO G 244 -56.71 56.85 -62.50
C PRO G 244 -56.73 55.37 -62.82
N ASP G 245 -57.15 54.54 -61.86
CA ASP G 245 -57.17 53.10 -62.11
C ASP G 245 -58.23 52.69 -63.12
N THR G 246 -59.34 53.43 -63.20
CA THR G 246 -60.50 53.05 -64.01
C THR G 246 -60.66 53.88 -65.27
N THR G 247 -59.75 54.80 -65.55
CA THR G 247 -59.76 55.57 -66.79
C THR G 247 -58.43 55.39 -67.49
N PHE G 248 -58.47 55.12 -68.79
CA PHE G 248 -57.26 54.73 -69.51
C PHE G 248 -56.85 55.72 -70.58
N THR G 249 -57.45 56.91 -70.63
CA THR G 249 -56.83 57.98 -71.40
C THR G 249 -55.61 58.51 -70.67
N ARG G 250 -54.62 58.96 -71.43
CA ARG G 250 -53.39 59.50 -70.89
C ARG G 250 -53.06 60.75 -71.68
N ASP G 251 -52.72 61.82 -70.98
CA ASP G 251 -52.54 63.13 -71.58
C ASP G 251 -51.08 63.46 -71.77
N ILE G 252 -50.82 64.18 -72.84
CA ILE G 252 -49.52 64.79 -73.06
C ILE G 252 -49.57 66.17 -72.41
N VAL G 253 -48.70 66.39 -71.41
CA VAL G 253 -48.61 67.65 -70.70
C VAL G 253 -47.34 68.36 -71.13
N LEU G 254 -47.46 69.66 -71.40
CA LEU G 254 -46.31 70.50 -71.73
C LEU G 254 -45.99 71.38 -70.54
N LEU G 255 -44.79 71.23 -70.00
CA LEU G 255 -44.31 72.06 -68.89
C LEU G 255 -43.33 73.08 -69.46
N ASP G 256 -43.68 74.36 -69.36
CA ASP G 256 -42.74 75.42 -69.73
C ASP G 256 -41.67 75.50 -68.64
N LEU G 257 -40.46 75.02 -68.96
CA LEU G 257 -39.45 74.83 -67.93
C LEU G 257 -39.09 76.13 -67.22
N GLU G 258 -39.26 77.28 -67.88
CA GLU G 258 -38.98 78.55 -67.23
C GLU G 258 -40.15 78.99 -66.36
N SER G 259 -41.32 79.21 -66.99
CA SER G 259 -42.48 79.68 -66.25
C SER G 259 -43.08 78.62 -65.32
N LYS G 260 -42.75 77.34 -65.52
CA LYS G 260 -43.27 76.22 -64.75
C LYS G 260 -44.77 76.04 -64.92
N ALA G 261 -45.33 76.58 -65.99
CA ALA G 261 -46.74 76.42 -66.29
C ALA G 261 -46.97 75.19 -67.18
N GLU G 262 -47.98 74.41 -66.85
CA GLU G 262 -48.28 73.16 -67.55
C GLU G 262 -49.48 73.33 -68.47
N THR G 263 -49.39 72.76 -69.67
CA THR G 263 -50.45 72.78 -70.67
C THR G 263 -50.83 71.35 -71.03
N ASN G 264 -52.14 71.05 -71.02
CA ASN G 264 -52.65 69.77 -71.49
C ASN G 264 -53.01 69.92 -72.96
N LEU G 265 -52.25 69.29 -73.84
CA LEU G 265 -52.53 69.43 -75.26
C LEU G 265 -53.40 68.31 -75.82
N THR G 266 -53.82 67.35 -75.01
CA THR G 266 -54.70 66.29 -75.50
C THR G 266 -56.07 66.27 -74.83
N ASN G 267 -56.15 66.64 -73.56
CA ASN G 267 -57.40 66.74 -72.81
C ASN G 267 -58.28 65.51 -73.03
N GLY G 268 -57.68 64.34 -72.90
CA GLY G 268 -58.44 63.11 -72.83
C GLY G 268 -58.91 62.54 -74.15
N CYS G 269 -58.18 62.78 -75.23
CA CYS G 269 -58.60 62.32 -76.55
C CYS G 269 -57.97 61.00 -76.95
N GLY G 270 -57.42 60.25 -76.01
CA GLY G 270 -56.72 59.01 -76.33
C GLY G 270 -55.61 58.76 -75.33
N THR G 271 -54.70 57.85 -75.69
CA THR G 271 -53.51 57.57 -74.90
C THR G 271 -52.27 57.60 -75.80
N PHE G 272 -51.12 57.96 -75.23
CA PHE G 272 -49.95 58.25 -76.05
C PHE G 272 -48.66 57.79 -75.38
N ALA G 273 -47.65 57.56 -76.21
CA ALA G 273 -46.34 57.13 -75.75
C ALA G 273 -45.31 57.64 -76.75
N SER G 274 -44.03 57.38 -76.45
CA SER G 274 -42.92 57.56 -77.39
C SER G 274 -42.92 58.95 -78.01
N LEU G 275 -42.93 59.97 -77.16
CA LEU G 275 -42.87 61.34 -77.65
C LEU G 275 -41.54 61.59 -78.36
N ALA G 276 -41.56 62.54 -79.29
CA ALA G 276 -40.39 62.93 -80.08
C ALA G 276 -40.67 64.29 -80.69
N TRP G 277 -39.83 65.27 -80.37
CA TRP G 277 -39.99 66.60 -80.93
C TRP G 277 -39.38 66.66 -82.32
N SER G 278 -40.01 67.43 -83.22
CA SER G 278 -39.39 67.71 -84.52
C SER G 278 -38.12 68.54 -84.32
N PRO G 279 -37.14 68.39 -85.22
CA PRO G 279 -35.88 69.15 -85.03
C PRO G 279 -36.08 70.66 -84.87
N ASP G 280 -37.14 71.23 -85.42
CA ASP G 280 -37.34 72.67 -85.30
C ASP G 280 -38.24 73.05 -84.12
N GLY G 281 -38.61 72.10 -83.27
CA GLY G 281 -39.39 72.39 -82.08
C GLY G 281 -40.83 72.80 -82.29
N THR G 282 -41.35 72.74 -83.52
CA THR G 282 -42.73 73.17 -83.77
C THR G 282 -43.73 72.02 -83.82
N LYS G 283 -43.28 70.78 -84.04
CA LYS G 283 -44.15 69.62 -84.03
C LYS G 283 -43.69 68.62 -82.98
N LEU G 284 -44.65 67.85 -82.46
CA LEU G 284 -44.40 66.79 -81.49
C LEU G 284 -45.07 65.51 -81.96
N ALA G 285 -44.27 64.48 -82.23
CA ALA G 285 -44.81 63.19 -82.64
C ALA G 285 -44.96 62.28 -81.43
N ALA G 286 -45.88 61.31 -81.56
CA ALA G 286 -46.21 60.36 -80.51
C ALA G 286 -46.90 59.16 -81.14
N ILE G 287 -46.76 58.01 -80.50
CA ILE G 287 -47.56 56.84 -80.84
C ILE G 287 -48.80 56.83 -79.95
N GLY G 288 -49.97 56.67 -80.56
CA GLY G 288 -51.18 56.83 -79.78
C GLY G 288 -52.37 56.29 -80.51
N HIS G 289 -53.52 56.41 -79.84
CA HIS G 289 -54.79 55.91 -80.34
C HIS G 289 -55.86 56.38 -79.36
N ASP G 290 -57.12 56.17 -79.73
CA ASP G 290 -58.22 56.68 -78.94
C ASP G 290 -58.96 55.62 -78.14
N LEU G 291 -58.52 54.36 -78.19
CA LEU G 291 -59.12 53.25 -77.45
C LEU G 291 -60.46 52.83 -78.00
N ALA G 292 -60.76 53.11 -79.27
CA ALA G 292 -62.04 52.69 -79.83
C ALA G 292 -62.23 51.18 -79.71
N TYR G 293 -61.16 50.40 -79.79
CA TYR G 293 -61.25 48.97 -79.66
C TYR G 293 -60.50 48.47 -78.42
N LEU G 294 -60.45 49.29 -77.37
CA LEU G 294 -59.83 48.96 -76.08
C LEU G 294 -58.39 48.52 -76.34
N GLY G 295 -57.94 47.38 -75.83
CA GLY G 295 -56.58 46.89 -75.99
C GLY G 295 -56.23 46.38 -77.37
N ALA G 296 -57.22 46.15 -78.22
CA ALA G 296 -56.96 45.79 -79.60
C ALA G 296 -56.78 47.00 -80.50
N THR G 297 -56.92 48.22 -79.97
CA THR G 297 -56.82 49.41 -80.80
C THR G 297 -55.44 49.49 -81.43
N LEU G 298 -55.41 49.77 -82.74
CA LEU G 298 -54.15 49.94 -83.46
C LEU G 298 -53.42 51.18 -82.97
N HIS G 299 -52.10 51.09 -82.90
CA HIS G 299 -51.28 52.24 -82.52
C HIS G 299 -50.91 53.04 -83.76
N ARG G 300 -51.09 54.35 -83.70
CA ARG G 300 -50.95 55.21 -84.85
C ARG G 300 -49.93 56.31 -84.59
N LEU G 301 -49.48 56.94 -85.67
CA LEU G 301 -48.55 58.05 -85.57
C LEU G 301 -49.33 59.35 -85.49
N TYR G 302 -49.18 60.06 -84.37
CA TYR G 302 -49.77 61.38 -84.19
C TYR G 302 -48.68 62.43 -84.35
N VAL G 303 -49.07 63.60 -84.88
CA VAL G 303 -48.18 64.74 -84.88
C VAL G 303 -48.97 65.96 -84.41
N PHE G 304 -48.52 66.57 -83.32
CA PHE G 304 -49.17 67.75 -82.79
C PHE G 304 -48.38 68.99 -83.17
N GLU G 305 -49.09 70.11 -83.30
CA GLU G 305 -48.48 71.41 -83.54
C GLU G 305 -48.81 72.26 -82.32
N PRO G 306 -48.07 72.08 -81.21
CA PRO G 306 -48.50 72.69 -79.93
C PRO G 306 -48.83 74.17 -80.00
N GLU G 307 -47.96 74.99 -80.61
CA GLU G 307 -48.22 76.43 -80.71
C GLU G 307 -49.55 76.72 -81.38
N ARG G 308 -49.98 75.85 -82.29
CA ARG G 308 -51.21 76.03 -83.04
C ARG G 308 -52.36 75.19 -82.49
N GLY G 309 -52.16 74.46 -81.40
CA GLY G 309 -53.24 73.69 -80.81
C GLY G 309 -53.80 72.60 -81.68
N THR G 310 -53.08 72.20 -82.71
CA THR G 310 -53.56 71.33 -83.77
C THR G 310 -52.96 69.93 -83.63
N LYS G 311 -53.68 68.92 -84.12
CA LYS G 311 -53.11 67.58 -84.25
C LYS G 311 -53.61 66.93 -85.53
N ARG G 312 -52.85 65.92 -85.98
CA ARG G 312 -53.20 65.15 -87.17
C ARG G 312 -52.69 63.74 -86.97
N VAL G 313 -53.52 62.75 -87.29
CA VAL G 313 -53.15 61.34 -87.16
C VAL G 313 -52.60 60.88 -88.50
N LEU G 314 -51.26 60.87 -88.62
CA LEU G 314 -50.61 60.68 -89.91
C LEU G 314 -50.88 59.30 -90.51
N THR G 315 -51.25 58.30 -89.70
CA THR G 315 -51.55 56.98 -90.25
C THR G 315 -52.99 56.57 -90.00
N ALA G 316 -53.87 57.55 -89.81
CA ALA G 316 -55.29 57.28 -89.58
C ALA G 316 -55.86 56.32 -90.61
N ASP G 317 -55.41 56.43 -91.86
CA ASP G 317 -55.95 55.61 -92.94
C ASP G 317 -55.05 54.43 -93.30
N TRP G 318 -54.01 54.19 -92.54
CA TRP G 318 -53.14 53.05 -92.75
C TRP G 318 -53.56 51.98 -91.76
N ASP G 319 -54.09 50.86 -92.27
CA ASP G 319 -54.53 49.76 -91.41
C ASP G 319 -53.35 48.86 -91.02
N VAL G 320 -52.39 49.48 -90.34
CA VAL G 320 -51.23 48.77 -89.81
C VAL G 320 -50.96 49.29 -88.40
N HIS G 321 -50.58 48.36 -87.52
CA HIS G 321 -50.19 48.63 -86.13
C HIS G 321 -48.73 49.09 -86.08
N LEU G 322 -48.52 50.33 -85.67
CA LEU G 322 -47.17 50.83 -85.43
C LEU G 322 -46.62 50.22 -84.14
N GLY G 323 -45.34 49.92 -84.15
CA GLY G 323 -44.72 49.31 -83.00
C GLY G 323 -44.40 47.86 -83.27
N ASP G 324 -44.02 47.17 -82.20
CA ASP G 324 -43.42 45.85 -82.26
C ASP G 324 -44.31 44.93 -81.42
N ALA G 325 -45.10 44.09 -82.08
CA ALA G 325 -45.96 43.13 -81.40
C ALA G 325 -45.38 41.73 -81.46
N MET G 326 -44.14 41.61 -81.96
CA MET G 326 -43.51 40.31 -82.16
C MET G 326 -43.44 39.50 -80.87
N VAL G 327 -43.69 38.19 -81.00
CA VAL G 327 -43.58 37.26 -79.88
C VAL G 327 -42.24 36.54 -79.97
N GLY G 328 -41.48 36.54 -78.87
CA GLY G 328 -40.22 35.82 -78.79
C GLY G 328 -39.73 35.72 -77.35
N ASP G 329 -38.70 34.89 -77.16
CA ASP G 329 -38.06 34.70 -75.86
C ASP G 329 -36.62 35.20 -75.82
N THR G 330 -36.23 36.03 -76.77
CA THR G 330 -34.94 36.67 -76.77
C THR G 330 -35.17 38.12 -77.13
N HIS G 331 -34.36 39.01 -76.57
CA HIS G 331 -34.51 40.46 -76.70
C HIS G 331 -35.84 40.97 -76.16
N ALA G 332 -36.52 40.22 -75.29
CA ALA G 332 -37.83 40.65 -74.82
C ALA G 332 -37.78 42.02 -74.16
N ASP G 333 -36.73 42.33 -73.41
CA ASP G 333 -36.69 43.57 -72.65
C ASP G 333 -35.84 44.66 -73.32
N ALA G 334 -35.57 44.56 -74.63
CA ALA G 334 -34.75 45.54 -75.34
C ALA G 334 -35.56 46.78 -75.70
N LYS G 335 -34.97 47.96 -75.46
CA LYS G 335 -35.63 49.24 -75.66
C LYS G 335 -35.83 49.51 -77.15
N GLY G 336 -37.06 49.39 -77.62
CA GLY G 336 -37.39 49.68 -79.01
C GLY G 336 -37.21 51.14 -79.34
N PRO G 337 -37.14 51.44 -80.64
CA PRO G 337 -36.76 52.79 -81.06
C PRO G 337 -37.82 53.86 -80.84
N GLY G 338 -39.05 53.60 -81.29
CA GLY G 338 -40.04 54.65 -81.33
C GLY G 338 -39.85 55.52 -82.55
N PRO G 339 -40.68 56.55 -82.70
CA PRO G 339 -40.66 57.35 -83.93
C PRO G 339 -39.50 58.34 -83.95
N ILE G 340 -38.85 58.43 -85.11
CA ILE G 340 -37.64 59.23 -85.30
C ILE G 340 -37.85 60.19 -86.47
N TRP G 341 -37.84 61.48 -86.19
CA TRP G 341 -37.91 62.49 -87.25
C TRP G 341 -36.73 62.35 -88.21
N ALA G 342 -37.01 62.55 -89.50
CA ALA G 342 -35.91 62.71 -90.45
C ALA G 342 -35.17 63.98 -90.12
N SER G 343 -33.86 64.00 -90.46
CA SER G 343 -33.00 65.14 -90.14
C SER G 343 -33.64 66.46 -90.57
N ASP G 344 -34.27 66.47 -91.75
CA ASP G 344 -34.90 67.69 -92.27
C ASP G 344 -36.28 67.96 -91.70
N GLY G 345 -36.84 67.07 -90.89
CA GLY G 345 -38.20 67.25 -90.42
C GLY G 345 -39.29 66.88 -91.41
N SER G 346 -38.94 66.22 -92.52
CA SER G 346 -39.94 65.90 -93.53
C SER G 346 -40.93 64.84 -93.07
N GLY G 347 -40.57 64.02 -92.09
CA GLY G 347 -41.46 62.97 -91.63
C GLY G 347 -40.77 62.12 -90.60
N LEU G 348 -41.36 60.97 -90.31
CA LEU G 348 -40.90 60.12 -89.21
C LEU G 348 -40.67 58.69 -89.69
N TYR G 349 -39.56 58.10 -89.21
CA TYR G 349 -39.33 56.67 -89.37
C TYR G 349 -40.03 55.93 -88.25
N VAL G 350 -40.89 54.97 -88.59
CA VAL G 350 -41.64 54.21 -87.61
C VAL G 350 -41.51 52.73 -87.95
N THR G 351 -41.43 51.90 -86.92
CA THR G 351 -41.51 50.47 -87.11
C THR G 351 -42.97 50.05 -87.07
N ALA G 352 -43.25 48.88 -87.63
CA ALA G 352 -44.61 48.43 -87.75
C ALA G 352 -44.63 46.91 -87.81
N SER G 353 -45.73 46.34 -87.34
CA SER G 353 -45.89 44.89 -87.26
C SER G 353 -46.96 44.49 -88.28
N GLU G 354 -46.56 43.71 -89.27
CA GLU G 354 -47.50 43.19 -90.26
C GLU G 354 -46.98 41.84 -90.72
N ARG G 355 -47.88 40.85 -90.75
CA ARG G 355 -47.60 39.56 -91.37
C ARG G 355 -46.28 38.95 -90.88
N GLY G 356 -46.06 39.01 -89.55
CA GLY G 356 -44.92 38.34 -88.96
C GLY G 356 -43.61 39.10 -89.05
N ARG G 357 -43.64 40.36 -89.47
CA ARG G 357 -42.45 41.17 -89.70
C ARG G 357 -42.55 42.45 -88.89
N VAL G 358 -41.42 42.90 -88.36
CA VAL G 358 -41.33 44.24 -87.81
C VAL G 358 -40.30 44.97 -88.66
N ASN G 359 -40.78 45.90 -89.48
CA ASN G 359 -39.99 46.54 -90.51
C ASN G 359 -40.09 48.03 -90.34
N LEU G 360 -39.29 48.76 -91.11
CA LEU G 360 -39.19 50.19 -90.95
C LEU G 360 -39.85 50.88 -92.14
N TYR G 361 -40.55 51.96 -91.84
CA TYR G 361 -41.32 52.71 -92.82
C TYR G 361 -41.10 54.18 -92.53
N PHE G 362 -41.31 55.01 -93.54
CA PHE G 362 -41.21 56.46 -93.40
C PHE G 362 -42.58 57.06 -93.67
N VAL G 363 -43.11 57.80 -92.69
CA VAL G 363 -44.38 58.49 -92.85
C VAL G 363 -44.06 59.95 -93.13
N SER G 364 -44.32 60.40 -94.35
CA SER G 364 -44.10 61.78 -94.69
C SER G 364 -45.27 62.67 -94.26
N LEU G 365 -44.94 63.81 -93.66
CA LEU G 365 -45.96 64.82 -93.38
C LEU G 365 -46.65 65.32 -94.63
N ALA G 366 -46.04 65.14 -95.80
CA ALA G 366 -46.59 65.58 -97.08
C ALA G 366 -47.42 64.50 -97.76
N GLY G 367 -47.66 63.36 -97.10
CA GLY G 367 -48.53 62.34 -97.63
C GLY G 367 -48.00 60.91 -97.61
N PRO G 368 -47.02 60.60 -98.44
CA PRO G 368 -46.70 59.20 -98.70
C PRO G 368 -46.15 58.47 -97.48
N ILE G 369 -46.32 57.15 -97.51
CA ILE G 369 -45.84 56.23 -96.50
C ILE G 369 -45.13 55.14 -97.26
N VAL G 370 -43.84 54.97 -97.00
CA VAL G 370 -43.00 54.12 -97.84
C VAL G 370 -42.19 53.19 -96.96
N PRO G 371 -41.96 51.94 -97.39
CA PRO G 371 -41.09 51.05 -96.63
C PRO G 371 -39.64 51.51 -96.72
N VAL G 372 -38.86 51.17 -95.69
CA VAL G 372 -37.47 51.60 -95.60
C VAL G 372 -36.56 50.40 -95.41
N ILE G 373 -36.77 49.66 -94.33
CA ILE G 373 -36.01 48.45 -94.02
C ILE G 373 -37.01 47.30 -94.03
N GLU G 374 -36.90 46.42 -95.02
CA GLU G 374 -37.96 45.44 -95.28
C GLU G 374 -37.37 44.04 -95.41
N GLY G 375 -38.17 43.05 -95.05
CA GLY G 375 -37.75 41.67 -95.12
C GLY G 375 -38.38 40.84 -94.02
N ASN G 376 -38.20 39.52 -94.15
CA ASN G 376 -38.76 38.54 -93.23
C ASN G 376 -37.93 38.49 -91.94
N PHE G 377 -37.98 39.60 -91.19
CA PHE G 377 -37.17 39.66 -89.96
C PHE G 377 -37.83 40.58 -88.94
N HIS G 378 -37.16 40.71 -87.80
CA HIS G 378 -37.64 41.41 -86.62
C HIS G 378 -36.68 42.56 -86.36
N LEU G 379 -37.10 43.78 -86.69
CA LEU G 379 -36.34 44.98 -86.39
C LEU G 379 -36.66 45.39 -84.95
N TYR G 380 -35.80 45.00 -84.01
CA TYR G 380 -36.03 45.27 -82.60
C TYR G 380 -35.12 46.35 -82.02
N GLY G 381 -34.25 46.96 -82.83
CA GLY G 381 -33.44 48.08 -82.38
C GLY G 381 -33.07 48.96 -83.55
N LEU G 382 -32.92 50.26 -83.28
CA LEU G 382 -32.68 51.18 -84.39
C LEU G 382 -32.05 52.47 -83.91
N ALA G 383 -31.04 52.92 -84.66
CA ALA G 383 -30.50 54.26 -84.57
C ALA G 383 -30.37 54.80 -85.98
N ILE G 384 -30.68 56.09 -86.17
CA ILE G 384 -30.58 56.73 -87.47
C ILE G 384 -29.45 57.77 -87.43
N HIS G 385 -28.59 57.71 -88.43
CA HIS G 385 -27.41 58.55 -88.49
C HIS G 385 -27.80 60.03 -88.38
N PRO G 386 -26.98 60.85 -87.71
CA PRO G 386 -27.39 62.25 -87.45
C PRO G 386 -27.54 63.12 -88.69
N SER G 387 -26.76 62.87 -89.75
CA SER G 387 -26.71 63.76 -90.90
C SER G 387 -26.89 62.98 -92.21
N GLU G 388 -26.39 61.75 -92.25
CA GLU G 388 -26.40 60.94 -93.44
C GLU G 388 -27.67 60.10 -93.53
N GLN G 389 -27.77 59.35 -94.62
CA GLN G 389 -28.89 58.43 -94.86
C GLN G 389 -28.51 57.01 -94.50
N GLN G 390 -27.95 56.85 -93.32
CA GLN G 390 -27.55 55.56 -92.81
C GLN G 390 -28.27 55.32 -91.49
N ALA G 391 -28.40 54.04 -91.13
CA ALA G 391 -29.03 53.67 -89.88
C ALA G 391 -28.31 52.44 -89.35
N ILE G 392 -28.36 52.26 -88.03
CA ILE G 392 -27.95 51.03 -87.38
C ILE G 392 -29.21 50.32 -86.88
N ALA G 393 -29.35 49.06 -87.25
CA ALA G 393 -30.56 48.30 -86.93
C ALA G 393 -30.17 46.99 -86.26
N ALA G 394 -30.81 46.70 -85.13
CA ALA G 394 -30.73 45.39 -84.50
C ALA G 394 -31.82 44.51 -85.09
N ILE G 395 -31.42 43.39 -85.69
CA ILE G 395 -32.29 42.55 -86.51
C ILE G 395 -32.13 41.10 -86.10
N SER G 396 -33.25 40.42 -85.89
CA SER G 396 -33.27 38.99 -85.62
C SER G 396 -34.24 38.30 -86.59
N SER G 397 -34.03 37.01 -86.76
CA SER G 397 -34.82 36.20 -87.67
C SER G 397 -34.85 34.79 -87.11
N PRO G 398 -35.72 33.93 -87.62
CA PRO G 398 -35.75 32.54 -87.11
C PRO G 398 -34.38 31.90 -87.06
N THR G 399 -33.50 32.20 -88.01
CA THR G 399 -32.21 31.51 -88.08
C THR G 399 -31.04 32.39 -87.65
N SER G 400 -31.30 33.59 -87.15
CA SER G 400 -30.28 34.52 -86.69
C SER G 400 -30.70 35.09 -85.34
N VAL G 401 -29.94 34.78 -84.30
CA VAL G 401 -30.28 35.23 -82.94
C VAL G 401 -30.50 36.73 -82.90
N GLY G 402 -29.55 37.48 -83.45
CA GLY G 402 -29.69 38.93 -83.53
C GLY G 402 -28.36 39.66 -83.62
N ASP G 403 -28.30 40.69 -84.46
CA ASP G 403 -27.06 41.41 -84.69
C ASP G 403 -27.37 42.81 -85.23
N LEU G 404 -26.38 43.68 -85.14
CA LEU G 404 -26.47 45.05 -85.64
C LEU G 404 -26.03 45.11 -87.10
N TYR G 405 -26.66 46.00 -87.85
CA TYR G 405 -26.47 46.12 -89.28
C TYR G 405 -26.48 47.59 -89.65
N ALA G 406 -25.52 48.00 -90.49
CA ALA G 406 -25.60 49.31 -91.13
C ALA G 406 -26.55 49.23 -92.31
N VAL G 407 -27.42 50.24 -92.45
CA VAL G 407 -28.45 50.22 -93.49
C VAL G 407 -28.47 51.56 -94.20
N SER G 408 -28.45 51.52 -95.54
CA SER G 408 -28.59 52.72 -96.35
C SER G 408 -30.06 53.09 -96.44
N LEU G 409 -30.40 54.26 -95.91
CA LEU G 409 -31.81 54.66 -95.92
C LEU G 409 -32.32 54.94 -97.33
N ALA G 410 -31.42 55.20 -98.28
CA ALA G 410 -31.85 55.30 -99.67
C ALA G 410 -32.23 53.93 -100.23
N ASP G 411 -31.30 52.98 -100.23
CA ASP G 411 -31.47 51.71 -100.94
C ASP G 411 -31.87 50.55 -100.05
N GLY G 412 -31.89 50.73 -98.73
CA GLY G 412 -32.17 49.61 -97.85
C GLY G 412 -31.13 48.52 -97.85
N THR G 413 -29.89 48.84 -98.23
CA THR G 413 -28.82 47.85 -98.23
C THR G 413 -28.25 47.71 -96.82
N LYS G 414 -28.05 46.46 -96.38
CA LYS G 414 -27.63 46.14 -95.02
C LYS G 414 -26.19 45.61 -95.02
N THR G 415 -25.37 46.15 -94.10
CA THR G 415 -24.01 45.67 -93.85
C THR G 415 -23.94 45.15 -92.42
N ARG G 416 -23.55 43.88 -92.26
CA ARG G 416 -23.43 43.29 -90.94
C ARG G 416 -22.35 43.99 -90.12
N LEU G 417 -22.70 44.40 -88.90
CA LEU G 417 -21.76 45.07 -88.02
C LEU G 417 -21.27 44.19 -86.89
N THR G 418 -22.10 43.28 -86.38
CA THR G 418 -21.76 42.45 -85.25
C THR G 418 -21.99 40.98 -85.61
N ARG G 419 -21.34 40.12 -84.85
CA ARG G 419 -21.51 38.68 -84.93
C ARG G 419 -21.45 38.18 -83.49
N ALA G 420 -22.41 38.64 -82.68
CA ALA G 420 -22.41 38.46 -81.23
C ALA G 420 -22.76 37.05 -80.78
N ASN G 421 -23.26 36.19 -81.68
CA ASN G 421 -23.44 34.78 -81.35
C ASN G 421 -22.68 33.91 -82.36
N GLU G 422 -21.39 34.21 -82.56
CA GLU G 422 -20.62 33.61 -83.65
C GLU G 422 -20.38 32.12 -83.40
N ALA G 423 -19.88 31.77 -82.22
CA ALA G 423 -19.59 30.37 -81.94
C ALA G 423 -20.86 29.53 -81.97
N LEU G 424 -21.97 30.07 -81.44
CA LEU G 424 -23.22 29.33 -81.40
C LEU G 424 -23.74 29.08 -82.81
N GLU G 425 -23.85 30.14 -83.61
CA GLU G 425 -24.33 30.01 -84.99
C GLU G 425 -23.34 29.30 -85.91
N ASN G 426 -22.09 29.11 -85.46
CA ASN G 426 -21.18 28.24 -86.19
C ASN G 426 -21.43 26.78 -85.86
N GLU G 427 -21.81 26.47 -84.63
CA GLU G 427 -21.78 25.11 -84.12
C GLU G 427 -23.09 24.35 -84.26
N VAL G 428 -24.22 25.01 -84.04
CA VAL G 428 -25.50 24.30 -83.99
C VAL G 428 -26.39 24.74 -85.15
N VAL G 429 -27.24 23.82 -85.58
CA VAL G 429 -28.12 24.04 -86.72
C VAL G 429 -29.42 24.68 -86.25
N PHE G 430 -29.86 25.72 -86.94
CA PHE G 430 -31.12 26.41 -86.66
C PHE G 430 -32.19 25.92 -87.62
N ALA G 431 -33.38 25.58 -87.10
CA ALA G 431 -34.51 25.28 -87.98
C ALA G 431 -35.14 26.59 -88.45
N ASP G 432 -35.43 26.66 -89.74
CA ASP G 432 -36.13 27.84 -90.23
C ASP G 432 -37.64 27.68 -90.02
N ALA G 433 -38.36 28.80 -90.14
CA ALA G 433 -39.80 28.84 -89.94
C ALA G 433 -40.49 29.10 -91.27
N GLU G 434 -41.17 28.08 -91.79
CA GLU G 434 -41.71 28.11 -93.13
C GLU G 434 -43.12 28.67 -93.10
N PRO G 435 -43.39 29.82 -93.71
CA PRO G 435 -44.73 30.43 -93.60
C PRO G 435 -45.71 29.87 -94.60
N PHE G 436 -46.97 29.82 -94.18
CA PHE G 436 -48.05 29.40 -95.07
C PHE G 436 -49.31 30.15 -94.71
N THR G 437 -50.31 30.04 -95.58
CA THR G 437 -51.63 30.57 -95.32
C THR G 437 -52.64 29.44 -95.41
N TYR G 438 -53.78 29.63 -94.75
CA TYR G 438 -54.82 28.62 -94.69
C TYR G 438 -56.12 29.29 -94.31
N ARG G 439 -57.23 28.74 -94.80
CA ARG G 439 -58.53 29.29 -94.50
C ARG G 439 -59.09 28.67 -93.22
N SER G 440 -59.72 29.50 -92.41
CA SER G 440 -60.42 29.03 -91.22
C SER G 440 -61.82 28.54 -91.60
N ALA G 441 -62.56 28.06 -90.60
CA ALA G 441 -63.84 27.40 -90.85
C ALA G 441 -64.81 28.32 -91.55
N ASP G 442 -64.75 29.62 -91.27
CA ASP G 442 -65.66 30.61 -91.85
C ASP G 442 -65.09 31.30 -93.09
N GLY G 443 -63.92 30.88 -93.59
CA GLY G 443 -63.34 31.44 -94.79
C GLY G 443 -62.22 32.46 -94.57
N LEU G 444 -61.94 32.84 -93.32
CA LEU G 444 -60.92 33.83 -93.06
C LEU G 444 -59.53 33.25 -93.31
N GLU G 445 -58.71 33.97 -94.06
CA GLU G 445 -57.33 33.55 -94.26
C GLU G 445 -56.53 33.82 -92.99
N ILE G 446 -55.75 32.82 -92.57
CA ILE G 446 -54.92 32.89 -91.36
C ILE G 446 -53.50 32.51 -91.76
N GLN G 447 -52.52 33.27 -91.28
CA GLN G 447 -51.11 32.97 -91.53
C GLN G 447 -50.52 32.15 -90.38
N GLY G 448 -49.66 31.18 -90.73
CA GLY G 448 -48.97 30.36 -89.75
C GLY G 448 -47.55 30.08 -90.20
N TRP G 449 -46.85 29.28 -89.38
CA TRP G 449 -45.47 28.88 -89.63
C TRP G 449 -45.27 27.45 -89.14
N ILE G 450 -44.40 26.73 -89.84
CA ILE G 450 -44.01 25.37 -89.47
C ILE G 450 -42.50 25.29 -89.43
N MET G 451 -41.96 24.53 -88.48
CA MET G 451 -40.55 24.23 -88.37
C MET G 451 -40.39 22.72 -88.40
N LYS G 452 -39.47 22.20 -89.32
CA LYS G 452 -39.29 20.76 -89.23
C LYS G 452 -38.10 20.44 -88.34
N PRO G 453 -38.10 19.30 -87.67
CA PRO G 453 -36.90 18.90 -86.91
C PRO G 453 -35.76 18.54 -87.86
N PRO G 454 -34.59 19.21 -87.72
CA PRO G 454 -33.47 18.95 -88.61
C PRO G 454 -33.10 17.48 -88.80
N GLU G 455 -32.91 16.74 -87.72
CA GLU G 455 -32.32 15.40 -87.77
C GLU G 455 -33.34 14.35 -88.21
N LEU G 456 -33.89 14.52 -89.42
CA LEU G 456 -34.87 13.56 -89.93
C LEU G 456 -34.38 12.86 -91.19
N GLU G 460 -39.39 9.21 -90.50
CA GLU G 460 -39.59 10.20 -91.53
C GLU G 460 -40.77 11.11 -91.17
N LYS G 461 -41.51 10.74 -90.12
CA LYS G 461 -42.64 11.52 -89.61
C LYS G 461 -42.38 11.89 -88.16
N ALA G 462 -42.74 13.13 -87.80
CA ALA G 462 -42.45 13.68 -86.49
C ALA G 462 -43.73 14.15 -85.80
N PRO G 463 -43.83 13.99 -84.48
CA PRO G 463 -45.00 14.54 -83.77
C PRO G 463 -45.03 16.06 -83.87
N LEU G 464 -46.24 16.60 -83.87
CA LEU G 464 -46.47 18.03 -84.00
C LEU G 464 -46.74 18.62 -82.61
N VAL G 465 -46.08 19.74 -82.30
CA VAL G 465 -46.43 20.56 -81.16
C VAL G 465 -46.95 21.89 -81.68
N VAL G 466 -48.15 22.25 -81.26
CA VAL G 466 -48.72 23.56 -81.57
C VAL G 466 -48.40 24.53 -80.44
N GLU G 467 -47.79 25.66 -80.80
CA GLU G 467 -47.49 26.72 -79.86
C GLU G 467 -48.49 27.83 -80.07
N ILE G 468 -49.08 28.31 -78.98
CA ILE G 468 -50.11 29.33 -79.03
C ILE G 468 -49.60 30.54 -78.24
N HIS G 469 -49.56 31.70 -78.89
CA HIS G 469 -49.03 32.89 -78.26
C HIS G 469 -50.08 33.59 -77.42
N GLY G 470 -49.62 34.25 -76.36
CA GLY G 470 -50.47 35.01 -75.47
C GLY G 470 -50.79 36.37 -76.04
N GLY G 471 -51.18 37.26 -75.16
CA GLY G 471 -51.68 38.53 -75.61
C GLY G 471 -53.14 38.71 -75.26
N PRO G 472 -54.05 38.34 -76.18
CA PRO G 472 -53.88 37.72 -77.51
C PRO G 472 -53.36 38.64 -78.58
N HIS G 473 -53.48 39.96 -78.39
CA HIS G 473 -53.10 40.93 -79.41
C HIS G 473 -51.58 41.08 -79.51
N ALA G 474 -50.91 39.98 -79.84
CA ALA G 474 -49.49 39.97 -80.17
C ALA G 474 -49.34 39.24 -81.51
N MET G 475 -48.10 38.90 -81.90
CA MET G 475 -47.86 38.41 -83.25
C MET G 475 -46.66 37.48 -83.28
N TYR G 476 -46.90 36.18 -83.46
CA TYR G 476 -45.83 35.28 -83.86
C TYR G 476 -45.22 35.76 -85.17
N GLY G 477 -44.00 35.33 -85.47
CA GLY G 477 -43.40 35.78 -86.72
C GLY G 477 -41.90 35.53 -86.82
N PHE G 478 -41.25 36.37 -87.64
CA PHE G 478 -39.86 36.17 -88.07
C PHE G 478 -38.88 36.73 -87.04
N THR G 479 -38.65 35.97 -85.98
CA THR G 479 -37.68 36.35 -84.96
C THR G 479 -37.09 35.07 -84.38
N PHE G 480 -35.94 35.21 -83.71
CA PHE G 480 -35.31 34.03 -83.12
C PHE G 480 -36.09 33.61 -81.88
N PHE G 481 -36.27 32.30 -81.72
CA PHE G 481 -37.14 31.81 -80.65
C PHE G 481 -36.51 30.52 -80.12
N HIS G 482 -35.68 30.65 -79.07
CA HIS G 482 -34.90 29.53 -78.57
C HIS G 482 -35.78 28.36 -78.16
N GLU G 483 -36.93 28.64 -77.55
CA GLU G 483 -37.84 27.55 -77.16
C GLU G 483 -38.29 26.75 -78.38
N LEU G 484 -38.64 27.44 -79.47
CA LEU G 484 -39.08 26.76 -80.68
C LEU G 484 -37.94 25.94 -81.29
N GLN G 485 -36.73 26.50 -81.30
CA GLN G 485 -35.57 25.72 -81.76
C GLN G 485 -35.34 24.50 -80.88
N LEU G 486 -35.42 24.66 -79.56
CA LEU G 486 -35.28 23.52 -78.66
C LEU G 486 -36.29 22.43 -78.96
N LEU G 487 -37.54 22.81 -79.20
CA LEU G 487 -38.56 21.82 -79.55
C LEU G 487 -38.18 21.08 -80.83
N ALA G 488 -37.76 21.82 -81.86
CA ALA G 488 -37.37 21.21 -83.13
C ALA G 488 -36.23 20.21 -82.93
N SER G 489 -35.16 20.63 -82.25
CA SER G 489 -34.01 19.76 -81.99
C SER G 489 -34.41 18.46 -81.31
N SER G 490 -35.45 18.51 -80.48
CA SER G 490 -35.97 17.33 -79.80
C SER G 490 -36.87 16.48 -80.69
N GLY G 491 -37.08 16.87 -81.94
CA GLY G 491 -37.78 16.03 -82.89
C GLY G 491 -39.26 16.31 -83.09
N TYR G 492 -39.72 17.51 -82.75
CA TYR G 492 -41.12 17.89 -82.96
C TYR G 492 -41.21 18.86 -84.12
N ALA G 493 -42.07 18.55 -85.08
CA ALA G 493 -42.54 19.63 -85.95
C ALA G 493 -43.25 20.65 -85.07
N VAL G 494 -43.07 21.93 -85.38
CA VAL G 494 -43.57 22.99 -84.53
C VAL G 494 -44.46 23.89 -85.36
N LEU G 495 -45.74 23.97 -84.99
CA LEU G 495 -46.68 24.87 -85.64
C LEU G 495 -46.94 26.06 -84.72
N PHE G 496 -46.86 27.26 -85.29
CA PHE G 496 -47.30 28.43 -84.55
C PHE G 496 -48.02 29.38 -85.50
N THR G 497 -49.19 29.85 -85.09
CA THR G 497 -50.05 30.61 -85.99
C THR G 497 -50.50 31.91 -85.34
N ASN G 498 -51.00 32.81 -86.19
CA ASN G 498 -51.58 34.05 -85.71
C ASN G 498 -53.11 34.02 -85.90
N PRO G 499 -53.84 33.39 -84.98
CA PRO G 499 -55.30 33.35 -85.11
C PRO G 499 -55.90 34.74 -84.93
N ARG G 500 -57.15 34.86 -85.31
CA ARG G 500 -57.79 36.16 -85.24
C ARG G 500 -57.76 36.65 -83.80
N GLY G 501 -57.59 37.96 -83.64
CA GLY G 501 -57.18 38.55 -82.39
C GLY G 501 -55.70 38.89 -82.33
N SER G 502 -54.89 38.21 -83.13
CA SER G 502 -53.48 38.57 -83.27
C SER G 502 -53.33 39.96 -83.86
N HIS G 503 -52.26 40.62 -83.47
CA HIS G 503 -51.83 41.80 -84.19
C HIS G 503 -51.13 41.37 -85.48
N GLY G 504 -51.02 42.32 -86.40
CA GLY G 504 -50.29 42.15 -87.63
C GLY G 504 -51.12 42.10 -88.90
N TYR G 505 -52.46 42.10 -88.78
CA TYR G 505 -53.33 41.90 -89.95
C TYR G 505 -54.46 42.93 -89.99
N GLY G 506 -54.34 44.03 -89.29
CA GLY G 506 -55.29 45.13 -89.40
C GLY G 506 -56.26 45.15 -88.24
N GLN G 507 -56.99 46.27 -88.16
CA GLN G 507 -57.82 46.55 -87.00
C GLN G 507 -58.91 45.51 -86.83
N SER G 508 -59.53 45.09 -87.93
CA SER G 508 -60.59 44.10 -87.83
C SER G 508 -60.05 42.75 -87.35
N PHE G 509 -58.89 42.31 -87.85
CA PHE G 509 -58.39 40.99 -87.45
C PHE G 509 -58.01 40.95 -85.97
N VAL G 510 -57.39 42.03 -85.45
CA VAL G 510 -56.93 42.03 -84.07
C VAL G 510 -58.11 42.17 -83.10
N ASN G 511 -59.16 42.88 -83.51
CA ASN G 511 -60.28 43.11 -82.63
C ASN G 511 -61.23 41.95 -82.60
N ALA G 512 -61.07 40.96 -83.48
CA ALA G 512 -62.12 39.96 -83.70
C ALA G 512 -62.34 39.06 -82.48
N VAL G 513 -61.27 38.74 -81.74
CA VAL G 513 -61.37 37.79 -80.64
C VAL G 513 -62.18 38.37 -79.48
N ARG G 514 -62.26 39.69 -79.36
CA ARG G 514 -62.93 40.26 -78.20
C ARG G 514 -64.41 39.88 -78.19
N GLY G 515 -64.87 39.42 -77.04
CA GLY G 515 -66.23 38.96 -76.87
C GLY G 515 -66.47 37.56 -77.39
N ASP G 516 -65.47 36.92 -77.99
CA ASP G 516 -65.65 35.61 -78.60
C ASP G 516 -64.55 34.65 -78.14
N TYR G 517 -64.12 34.78 -76.88
CA TYR G 517 -63.04 33.94 -76.38
C TYR G 517 -63.38 32.46 -76.49
N GLY G 518 -62.50 31.70 -77.13
CA GLY G 518 -62.74 30.30 -77.38
C GLY G 518 -63.66 30.02 -78.55
N GLY G 519 -64.10 31.05 -79.28
CA GLY G 519 -64.95 30.89 -80.45
C GLY G 519 -64.16 30.68 -81.73
N MET G 520 -64.13 31.71 -82.57
CA MET G 520 -63.42 31.59 -83.84
C MET G 520 -61.89 31.60 -83.67
N ASP G 521 -61.38 32.10 -82.54
CA ASP G 521 -59.93 31.97 -82.29
C ASP G 521 -59.54 30.50 -82.18
N TYR G 522 -60.32 29.72 -81.43
CA TYR G 522 -60.07 28.28 -81.33
C TYR G 522 -60.24 27.60 -82.69
N GLU G 523 -61.21 28.06 -83.47
CA GLU G 523 -61.41 27.50 -84.81
C GLU G 523 -60.19 27.76 -85.70
N ASP G 524 -59.67 28.98 -85.67
CA ASP G 524 -58.46 29.29 -86.43
C ASP G 524 -57.33 28.33 -86.08
N ILE G 525 -57.06 28.13 -84.79
CA ILE G 525 -55.98 27.25 -84.35
C ILE G 525 -56.20 25.83 -84.87
N MET G 526 -57.42 25.31 -84.71
CA MET G 526 -57.72 23.96 -85.17
C MET G 526 -57.65 23.85 -86.69
N ALA G 527 -58.13 24.86 -87.42
CA ALA G 527 -57.94 24.83 -88.88
C ALA G 527 -56.45 24.90 -89.23
N GLY G 528 -55.67 25.62 -88.42
CA GLY G 528 -54.23 25.63 -88.63
C GLY G 528 -53.59 24.28 -88.42
N VAL G 529 -54.01 23.57 -87.38
CA VAL G 529 -53.46 22.22 -87.18
C VAL G 529 -53.75 21.37 -88.40
N ASP G 530 -55.01 21.36 -88.83
CA ASP G 530 -55.40 20.50 -89.95
C ASP G 530 -54.68 20.90 -91.23
N ALA G 531 -54.63 22.20 -91.52
CA ALA G 531 -53.93 22.66 -92.73
C ALA G 531 -52.46 22.24 -92.71
N ALA G 532 -51.81 22.29 -91.54
CA ALA G 532 -50.41 21.90 -91.45
C ALA G 532 -50.23 20.41 -91.69
N ILE G 533 -51.14 19.59 -91.16
CA ILE G 533 -51.10 18.15 -91.40
C ILE G 533 -51.23 17.86 -92.89
N SER G 534 -52.07 18.63 -93.57
CA SER G 534 -52.31 18.41 -95.00
C SER G 534 -51.15 18.90 -95.85
N LYS G 535 -50.56 20.04 -95.49
CA LYS G 535 -49.55 20.67 -96.34
C LYS G 535 -48.14 20.14 -96.12
N PHE G 536 -47.87 19.47 -95.00
CA PHE G 536 -46.50 19.13 -94.63
C PHE G 536 -46.40 17.64 -94.33
N ASP G 537 -45.70 16.91 -95.20
CA ASP G 537 -45.65 15.46 -95.12
C ASP G 537 -44.85 14.95 -93.92
N PHE G 538 -44.00 15.79 -93.31
CA PHE G 538 -43.17 15.30 -92.22
C PHE G 538 -43.89 15.23 -90.87
N ILE G 539 -45.10 15.80 -90.76
CA ILE G 539 -45.86 15.75 -89.52
C ILE G 539 -46.51 14.38 -89.37
N ASP G 540 -46.43 13.82 -88.17
CA ASP G 540 -47.12 12.59 -87.83
C ASP G 540 -48.50 12.98 -87.27
N LYS G 541 -49.55 12.81 -88.08
CA LYS G 541 -50.88 13.28 -87.71
C LYS G 541 -51.52 12.49 -86.57
N GLU G 542 -50.87 11.44 -86.08
CA GLU G 542 -51.40 10.62 -85.00
C GLU G 542 -50.79 10.96 -83.64
N ARG G 543 -49.84 11.90 -83.58
CA ARG G 543 -49.19 12.28 -82.33
C ARG G 543 -49.12 13.80 -82.29
N LEU G 544 -50.14 14.42 -81.72
CA LEU G 544 -50.27 15.87 -81.68
C LEU G 544 -50.22 16.34 -80.23
N GLY G 545 -49.40 17.37 -79.98
CA GLY G 545 -49.33 18.00 -78.67
C GLY G 545 -49.50 19.50 -78.81
N VAL G 546 -49.76 20.14 -77.67
CA VAL G 546 -50.15 21.56 -77.69
C VAL G 546 -49.65 22.24 -76.43
N THR G 547 -49.37 23.54 -76.55
CA THR G 547 -48.84 24.32 -75.44
C THR G 547 -48.99 25.82 -75.70
N GLY G 548 -49.04 26.57 -74.61
CA GLY G 548 -49.09 28.02 -74.68
C GLY G 548 -49.15 28.57 -73.28
N GLY G 549 -48.90 29.86 -73.18
CA GLY G 549 -48.97 30.56 -71.92
C GLY G 549 -49.89 31.77 -71.98
N SER G 550 -50.45 32.12 -70.82
CA SER G 550 -51.30 33.30 -70.67
C SER G 550 -52.54 33.12 -71.53
N TYR G 551 -52.87 34.05 -72.44
CA TYR G 551 -53.93 33.79 -73.41
C TYR G 551 -53.73 32.45 -74.10
N GLY G 552 -52.49 32.13 -74.49
CA GLY G 552 -52.14 30.82 -75.00
C GLY G 552 -52.37 29.70 -74.01
N GLY G 553 -52.32 29.98 -72.72
CA GLY G 553 -52.62 28.96 -71.74
C GLY G 553 -54.11 28.77 -71.49
N PHE G 554 -54.87 29.87 -71.46
CA PHE G 554 -56.32 29.75 -71.55
C PHE G 554 -56.69 28.90 -72.76
N MET G 555 -56.05 29.17 -73.90
CA MET G 555 -56.46 28.49 -75.14
C MET G 555 -56.06 27.03 -75.14
N THR G 556 -54.91 26.70 -74.51
CA THR G 556 -54.54 25.30 -74.32
C THR G 556 -55.56 24.59 -73.44
N ASN G 557 -55.97 25.25 -72.36
CA ASN G 557 -56.98 24.70 -71.47
C ASN G 557 -58.30 24.51 -72.19
N TRP G 558 -58.70 25.52 -72.97
CA TRP G 558 -59.91 25.44 -73.77
C TRP G 558 -59.86 24.28 -74.75
N ILE G 559 -58.71 24.09 -75.40
CA ILE G 559 -58.57 23.08 -76.43
C ILE G 559 -58.81 21.68 -75.86
N VAL G 560 -58.17 21.37 -74.73
CA VAL G 560 -58.33 20.03 -74.17
C VAL G 560 -59.73 19.81 -73.59
N GLY G 561 -60.48 20.88 -73.30
CA GLY G 561 -61.87 20.72 -72.91
C GLY G 561 -62.85 20.64 -74.07
N HIS G 562 -62.38 20.83 -75.30
CA HIS G 562 -63.25 20.79 -76.46
C HIS G 562 -62.81 19.78 -77.53
N THR G 563 -61.67 19.12 -77.34
CA THR G 563 -61.26 18.09 -78.28
C THR G 563 -60.33 17.12 -77.56
N ASP G 564 -60.30 15.88 -78.04
CA ASP G 564 -59.42 14.85 -77.49
C ASP G 564 -58.33 14.42 -78.46
N ARG G 565 -58.10 15.18 -79.53
CA ARG G 565 -57.15 14.69 -80.53
C ARG G 565 -55.70 15.01 -80.20
N PHE G 566 -55.41 15.65 -79.08
CA PHE G 566 -54.03 15.79 -78.61
C PHE G 566 -53.72 14.73 -77.59
N LYS G 567 -52.52 14.16 -77.71
CA LYS G 567 -52.04 13.12 -76.79
C LYS G 567 -51.28 13.70 -75.60
N ALA G 568 -51.04 15.01 -75.60
CA ALA G 568 -50.28 15.67 -74.54
C ALA G 568 -50.46 17.17 -74.64
N ALA G 569 -50.73 17.83 -73.52
CA ALA G 569 -50.80 19.28 -73.48
C ALA G 569 -49.97 19.79 -72.32
N VAL G 570 -49.51 21.03 -72.44
CA VAL G 570 -48.71 21.69 -71.41
C VAL G 570 -49.25 23.11 -71.33
N THR G 571 -49.89 23.43 -70.22
CA THR G 571 -50.44 24.77 -70.08
C THR G 571 -49.54 25.56 -69.14
N GLN G 572 -49.34 26.83 -69.46
CA GLN G 572 -48.40 27.65 -68.72
C GLN G 572 -49.05 28.96 -68.32
N ARG G 573 -48.75 29.41 -67.10
CA ARG G 573 -49.20 30.71 -66.58
C ARG G 573 -50.60 31.03 -67.10
N SER G 574 -51.49 30.07 -66.94
CA SER G 574 -52.71 30.02 -67.71
C SER G 574 -53.90 30.63 -66.96
N ILE G 575 -55.04 30.59 -67.62
CA ILE G 575 -56.30 31.04 -67.05
C ILE G 575 -57.27 29.89 -67.17
N SER G 576 -57.95 29.56 -66.07
CA SER G 576 -59.01 28.55 -66.11
C SER G 576 -60.38 29.05 -65.68
N ASN G 577 -60.49 30.17 -64.96
CA ASN G 577 -61.77 30.59 -64.37
C ASN G 577 -61.87 32.11 -64.44
N TRP G 578 -62.65 32.63 -65.40
CA TRP G 578 -62.64 34.07 -65.63
C TRP G 578 -63.26 34.82 -64.48
N LEU G 579 -64.04 34.14 -63.64
CA LEU G 579 -64.68 34.80 -62.51
C LEU G 579 -63.66 35.22 -61.47
N SER G 580 -62.85 34.27 -60.98
CA SER G 580 -61.80 34.65 -60.03
C SER G 580 -60.73 35.52 -60.68
N PHE G 581 -60.48 35.32 -61.98
CA PHE G 581 -59.46 36.11 -62.67
C PHE G 581 -59.73 37.60 -62.53
N SER G 582 -61.00 37.99 -62.63
CA SER G 582 -61.35 39.41 -62.57
C SER G 582 -60.96 40.02 -61.23
N GLY G 583 -61.20 39.29 -60.15
CA GLY G 583 -60.94 39.83 -58.84
C GLY G 583 -59.53 39.63 -58.32
N VAL G 584 -58.73 38.77 -58.95
CA VAL G 584 -57.42 38.40 -58.42
C VAL G 584 -56.27 38.92 -59.29
N SER G 585 -56.40 38.85 -60.62
CA SER G 585 -55.31 39.31 -61.47
C SER G 585 -55.06 40.80 -61.31
N ASP G 586 -53.80 41.20 -61.54
CA ASP G 586 -53.45 42.60 -61.31
C ASP G 586 -54.19 43.53 -62.26
N ILE G 587 -54.63 43.02 -63.41
CA ILE G 587 -55.43 43.78 -64.36
C ILE G 587 -56.83 43.19 -64.52
N GLY G 588 -57.20 42.24 -63.67
CA GLY G 588 -58.46 41.54 -63.87
C GLY G 588 -59.66 42.47 -63.93
N TYR G 589 -59.63 43.54 -63.12
CA TYR G 589 -60.77 44.45 -62.96
C TYR G 589 -61.09 45.26 -64.21
N PHE G 590 -60.26 45.21 -65.25
CA PHE G 590 -60.67 45.71 -66.55
C PHE G 590 -60.43 44.75 -67.69
N PHE G 591 -59.58 43.75 -67.53
CA PHE G 591 -59.21 42.91 -68.68
C PHE G 591 -60.37 42.04 -69.10
N THR G 592 -61.02 41.38 -68.14
CA THR G 592 -62.09 40.45 -68.47
C THR G 592 -63.21 41.17 -69.20
N LYS G 593 -63.62 42.32 -68.67
CA LYS G 593 -64.57 43.17 -69.38
C LYS G 593 -64.08 43.54 -70.78
N TRP G 594 -62.82 43.98 -70.89
CA TRP G 594 -62.26 44.44 -72.15
C TRP G 594 -62.22 43.33 -73.19
N GLU G 595 -61.97 42.09 -72.76
CA GLU G 595 -61.61 41.01 -73.67
C GLU G 595 -62.68 39.93 -73.72
N VAL G 596 -63.07 39.40 -72.57
CA VAL G 596 -64.10 38.37 -72.58
C VAL G 596 -65.47 38.98 -72.88
N GLY G 597 -65.72 40.21 -72.41
CA GLY G 597 -66.93 40.92 -72.80
C GLY G 597 -67.72 41.56 -71.68
N CYS G 598 -67.46 41.13 -70.45
CA CYS G 598 -68.35 41.52 -69.36
C CYS G 598 -67.69 41.19 -68.03
N ASP G 599 -68.20 41.85 -66.99
CA ASP G 599 -67.80 41.63 -65.62
C ASP G 599 -68.69 40.60 -64.94
N VAL G 600 -68.18 40.05 -63.84
CA VAL G 600 -68.85 38.99 -63.10
C VAL G 600 -70.26 39.38 -62.70
N TRP G 601 -70.47 40.66 -62.37
CA TRP G 601 -71.74 41.15 -61.88
C TRP G 601 -72.66 41.62 -62.99
N GLU G 602 -72.25 41.48 -64.24
CA GLU G 602 -73.06 41.76 -65.42
C GLU G 602 -73.61 40.49 -66.06
N ASP G 603 -72.80 39.44 -66.10
CA ASP G 603 -73.13 38.22 -66.82
C ASP G 603 -72.20 37.11 -66.36
N ALA G 604 -72.40 36.61 -65.15
CA ALA G 604 -71.50 35.58 -64.63
C ALA G 604 -71.50 34.33 -65.50
N GLU G 605 -72.66 33.99 -66.09
CA GLU G 605 -72.78 32.71 -66.79
C GLU G 605 -71.99 32.72 -68.10
N ARG G 606 -71.83 33.90 -68.70
CA ARG G 606 -70.95 34.01 -69.89
C ARG G 606 -69.49 33.83 -69.51
N LEU G 607 -69.04 34.45 -68.42
CA LEU G 607 -67.66 34.22 -68.00
C LEU G 607 -67.41 32.74 -67.73
N TRP G 608 -68.40 32.02 -67.17
CA TRP G 608 -68.22 30.61 -66.83
C TRP G 608 -68.24 29.75 -68.08
N HIS G 609 -69.11 30.10 -69.04
CA HIS G 609 -69.14 29.38 -70.32
C HIS G 609 -67.81 29.49 -71.06
N HIS G 610 -67.16 30.64 -70.96
CA HIS G 610 -65.86 30.86 -71.58
C HIS G 610 -64.71 30.48 -70.64
N SER G 611 -64.99 29.74 -69.58
CA SER G 611 -63.97 29.34 -68.61
C SER G 611 -63.58 27.90 -68.85
N PRO G 612 -62.31 27.60 -69.14
CA PRO G 612 -61.94 26.21 -69.43
C PRO G 612 -62.30 25.25 -68.31
N LEU G 613 -62.34 25.74 -67.07
CA LEU G 613 -62.65 24.87 -65.95
C LEU G 613 -64.05 24.27 -66.07
N LYS G 614 -64.96 24.93 -66.80
CA LYS G 614 -66.32 24.39 -66.96
C LYS G 614 -66.30 23.07 -67.72
N TYR G 615 -65.29 22.83 -68.56
CA TYR G 615 -65.25 21.66 -69.43
C TYR G 615 -64.32 20.59 -68.91
N VAL G 616 -63.94 20.66 -67.63
CA VAL G 616 -62.95 19.76 -67.05
C VAL G 616 -63.37 18.30 -67.21
N LYS G 617 -64.67 18.01 -67.13
CA LYS G 617 -65.16 16.64 -67.29
C LYS G 617 -64.78 16.07 -68.65
N HIS G 618 -64.62 16.93 -69.66
CA HIS G 618 -64.27 16.48 -71.00
C HIS G 618 -62.78 16.26 -71.20
N MET G 619 -61.92 16.65 -70.25
CA MET G 619 -60.47 16.62 -70.47
C MET G 619 -59.91 15.22 -70.21
N ARG G 620 -59.35 14.61 -71.26
CA ARG G 620 -58.67 13.32 -71.17
C ARG G 620 -57.24 13.36 -71.69
N THR G 621 -56.79 14.49 -72.16
CA THR G 621 -55.38 14.66 -72.52
C THR G 621 -54.53 14.82 -71.26
N PRO G 622 -53.42 14.10 -71.14
CA PRO G 622 -52.47 14.41 -70.05
C PRO G 622 -52.07 15.87 -70.10
N LEU G 623 -52.35 16.59 -69.02
CA LEU G 623 -52.15 18.04 -68.97
C LEU G 623 -51.12 18.36 -67.90
N LEU G 624 -50.00 18.96 -68.33
CA LEU G 624 -49.03 19.50 -67.39
C LEU G 624 -49.32 20.98 -67.16
N ILE G 625 -49.38 21.37 -65.90
CA ILE G 625 -49.71 22.74 -65.52
C ILE G 625 -48.47 23.42 -64.97
N LEU G 626 -48.04 24.49 -65.63
CA LEU G 626 -46.84 25.23 -65.24
C LEU G 626 -47.23 26.62 -64.80
N HIS G 627 -46.78 27.02 -63.61
CA HIS G 627 -47.21 28.29 -63.05
C HIS G 627 -46.19 28.74 -62.02
N SER G 628 -46.09 30.06 -61.87
CA SER G 628 -45.15 30.67 -60.93
C SER G 628 -45.90 31.29 -59.77
N GLU G 629 -45.30 31.18 -58.58
CA GLU G 629 -45.97 31.60 -57.36
C GLU G 629 -46.28 33.09 -57.37
N ARG G 630 -45.38 33.90 -57.93
CA ARG G 630 -45.52 35.34 -57.91
C ARG G 630 -45.95 35.88 -59.27
N ASP G 631 -46.54 35.04 -60.12
CA ASP G 631 -47.29 35.54 -61.27
C ASP G 631 -48.56 36.23 -60.74
N TYR G 632 -48.62 37.54 -60.87
CA TYR G 632 -49.83 38.27 -60.50
C TYR G 632 -50.61 38.75 -61.72
N ARG G 633 -50.06 38.55 -62.93
CA ARG G 633 -50.86 38.73 -64.13
C ARG G 633 -51.90 37.62 -64.25
N CYS G 634 -51.43 36.37 -64.24
CA CYS G 634 -52.27 35.19 -64.13
C CYS G 634 -52.00 34.54 -62.78
N PRO G 635 -52.86 34.75 -61.79
CA PRO G 635 -52.60 34.21 -60.45
C PRO G 635 -52.60 32.70 -60.49
N ILE G 636 -51.78 32.11 -59.61
CA ILE G 636 -51.66 30.66 -59.53
C ILE G 636 -52.96 30.01 -59.06
N GLU G 637 -53.86 30.76 -58.45
CA GLU G 637 -55.16 30.17 -58.13
C GLU G 637 -55.83 29.60 -59.38
N GLN G 638 -55.55 30.19 -60.54
CA GLN G 638 -56.07 29.67 -61.80
C GLN G 638 -55.55 28.27 -62.08
N ALA G 639 -54.28 28.01 -61.78
CA ALA G 639 -53.69 26.70 -62.04
C ALA G 639 -54.16 25.68 -61.02
N GLU G 640 -54.25 26.08 -59.76
CA GLU G 640 -54.71 25.15 -58.73
C GLU G 640 -56.13 24.67 -59.01
N GLN G 641 -57.02 25.58 -59.41
CA GLN G 641 -58.40 25.17 -59.67
C GLN G 641 -58.46 24.06 -60.70
N LEU G 642 -57.75 24.24 -61.81
CA LEU G 642 -57.78 23.23 -62.86
C LEU G 642 -57.16 21.94 -62.38
N PHE G 643 -56.01 22.04 -61.71
CA PHE G 643 -55.34 20.85 -61.20
C PHE G 643 -56.22 20.11 -60.18
N VAL G 644 -56.86 20.84 -59.27
CA VAL G 644 -57.69 20.17 -58.25
C VAL G 644 -58.83 19.40 -58.90
N ALA G 645 -59.52 20.04 -59.87
CA ALA G 645 -60.67 19.40 -60.50
C ALA G 645 -60.24 18.20 -61.32
N LEU G 646 -59.13 18.32 -62.06
CA LEU G 646 -58.60 17.19 -62.81
C LEU G 646 -58.31 16.01 -61.88
N LYS G 647 -57.71 16.30 -60.71
CA LYS G 647 -57.36 15.25 -59.76
C LYS G 647 -58.61 14.66 -59.10
N GLN G 648 -59.60 15.50 -58.81
CA GLN G 648 -60.86 14.98 -58.29
C GLN G 648 -61.44 13.94 -59.23
N LEU G 649 -61.38 14.19 -60.53
CA LEU G 649 -61.92 13.32 -61.56
C LEU G 649 -60.92 12.27 -62.02
N GLY G 650 -59.82 12.07 -61.28
CA GLY G 650 -58.85 11.05 -61.62
C GLY G 650 -58.19 11.20 -62.96
N ARG G 651 -58.01 12.43 -63.44
CA ARG G 651 -57.38 12.67 -64.73
C ARG G 651 -55.88 12.90 -64.58
N GLU G 652 -55.13 12.55 -65.62
CA GLU G 652 -53.66 12.57 -65.57
C GLU G 652 -53.19 14.02 -65.61
N THR G 653 -52.61 14.48 -64.50
CA THR G 653 -52.22 15.88 -64.44
C THR G 653 -51.15 16.07 -63.37
N LYS G 654 -50.33 17.10 -63.57
CA LYS G 654 -49.27 17.47 -62.66
C LYS G 654 -49.17 18.98 -62.61
N LEU G 655 -48.83 19.51 -61.43
CA LEU G 655 -48.74 20.95 -61.19
C LEU G 655 -47.32 21.27 -60.76
N VAL G 656 -46.62 22.08 -61.55
CA VAL G 656 -45.23 22.44 -61.27
C VAL G 656 -45.20 23.92 -60.95
N ARG G 657 -44.85 24.26 -59.71
CA ARG G 657 -44.94 25.62 -59.20
C ARG G 657 -43.54 26.21 -59.11
N PHE G 658 -43.30 27.30 -59.84
CA PHE G 658 -41.96 27.89 -59.91
C PHE G 658 -41.79 28.98 -58.86
N PRO G 659 -40.81 28.87 -57.96
CA PRO G 659 -40.72 29.82 -56.85
C PRO G 659 -40.21 31.18 -57.30
N ASP G 660 -40.75 32.23 -56.67
CA ASP G 660 -40.29 33.60 -56.80
C ASP G 660 -40.40 34.18 -58.21
N ALA G 661 -40.84 33.38 -59.17
CA ALA G 661 -40.92 33.86 -60.54
C ALA G 661 -42.25 34.58 -60.78
N ASN G 662 -42.26 35.42 -61.80
CA ASN G 662 -43.49 36.10 -62.18
C ASN G 662 -43.87 35.71 -63.61
N HIS G 663 -44.82 36.47 -64.17
CA HIS G 663 -45.38 36.14 -65.48
C HIS G 663 -44.32 36.10 -66.58
N ASP G 664 -43.26 36.89 -66.44
CA ASP G 664 -42.24 37.02 -67.49
C ASP G 664 -41.14 35.98 -67.40
N LEU G 665 -41.32 34.94 -66.58
CA LEU G 665 -40.25 34.00 -66.26
C LEU G 665 -39.52 33.50 -67.50
N SER G 666 -40.29 33.00 -68.48
CA SER G 666 -39.70 32.38 -69.67
C SER G 666 -38.87 33.36 -70.50
N ARG G 667 -39.03 34.66 -70.28
CA ARG G 667 -38.31 35.68 -71.04
C ARG G 667 -37.19 36.32 -70.23
N THR G 668 -37.47 36.74 -69.00
CA THR G 668 -36.52 37.49 -68.20
C THR G 668 -36.35 36.91 -66.81
N GLY G 669 -36.79 35.68 -66.59
CA GLY G 669 -36.77 35.10 -65.26
C GLY G 669 -35.44 34.45 -64.96
N ASN G 670 -35.38 33.83 -63.77
CA ASN G 670 -34.17 33.19 -63.27
C ASN G 670 -33.70 32.17 -64.28
N PRO G 671 -32.44 32.26 -64.78
CA PRO G 671 -32.02 31.32 -65.83
C PRO G 671 -32.12 29.86 -65.43
N ALA G 672 -31.87 29.50 -64.18
CA ALA G 672 -31.99 28.09 -63.81
C ALA G 672 -33.44 27.63 -63.84
N LEU G 673 -34.37 28.47 -63.40
CA LEU G 673 -35.77 28.12 -63.55
C LEU G 673 -36.18 28.15 -65.01
N ARG G 674 -35.53 28.98 -65.83
CA ARG G 674 -35.84 29.01 -67.26
C ARG G 674 -35.48 27.68 -67.91
N LEU G 675 -34.35 27.09 -67.53
CA LEU G 675 -33.99 25.75 -67.97
C LEU G 675 -34.96 24.71 -67.45
N GLU G 676 -35.37 24.83 -66.19
CA GLU G 676 -36.28 23.85 -65.61
C GLU G 676 -37.63 23.85 -66.34
N ARG G 677 -38.15 25.03 -66.69
CA ARG G 677 -39.44 25.09 -67.39
C ARG G 677 -39.34 24.46 -68.76
N LEU G 678 -38.23 24.70 -69.48
CA LEU G 678 -38.08 24.05 -70.78
C LEU G 678 -37.97 22.54 -70.64
N ARG G 679 -37.26 22.08 -69.61
CA ARG G 679 -37.11 20.63 -69.43
C ARG G 679 -38.45 19.97 -69.14
N HIS G 680 -39.29 20.61 -68.33
CA HIS G 680 -40.58 20.01 -68.07
C HIS G 680 -41.43 19.95 -69.35
N ILE G 681 -41.34 20.99 -70.18
CA ILE G 681 -42.11 21.02 -71.42
C ILE G 681 -41.69 19.90 -72.37
N VAL G 682 -40.38 19.75 -72.61
CA VAL G 682 -39.95 18.64 -73.46
C VAL G 682 -40.21 17.30 -72.79
N ASP G 683 -39.96 17.20 -71.48
CA ASP G 683 -40.13 15.91 -70.81
C ASP G 683 -41.58 15.44 -70.89
N TRP G 684 -42.53 16.38 -70.81
CA TRP G 684 -43.93 15.98 -70.89
C TRP G 684 -44.26 15.50 -72.29
N PHE G 685 -43.77 16.20 -73.32
CA PHE G 685 -44.01 15.78 -74.68
C PHE G 685 -43.27 14.49 -75.00
N ASP G 686 -42.07 14.31 -74.44
CA ASP G 686 -41.35 13.05 -74.62
C ASP G 686 -42.12 11.88 -74.00
N ARG G 687 -42.77 12.10 -72.85
CA ARG G 687 -43.47 11.01 -72.18
C ARG G 687 -44.74 10.58 -72.93
N TYR G 688 -45.39 11.49 -73.64
CA TYR G 688 -46.72 11.22 -74.18
C TYR G 688 -46.87 11.42 -75.68
N LEU G 689 -45.93 12.07 -76.35
CA LEU G 689 -45.99 12.19 -77.80
C LEU G 689 -44.89 11.38 -78.49
N LYS G 690 -44.28 10.43 -77.78
CA LYS G 690 -43.21 9.61 -78.35
C LYS G 690 -43.30 8.18 -77.82
N LEU H 32 28.75 -82.60 26.09
CA LEU H 32 29.36 -81.27 26.09
C LEU H 32 30.69 -81.31 26.81
N TYR H 33 31.48 -80.27 26.63
CA TYR H 33 32.77 -80.15 27.29
C TYR H 33 32.88 -78.77 27.95
N PHE H 34 33.86 -78.63 28.83
CA PHE H 34 33.97 -77.42 29.64
C PHE H 34 34.22 -76.19 28.78
N GLN H 35 33.62 -75.08 29.18
CA GLN H 35 33.76 -73.79 28.53
C GLN H 35 34.24 -72.78 29.56
N GLY H 36 34.81 -71.68 29.06
CA GLY H 36 35.20 -70.60 29.96
C GLY H 36 34.02 -70.08 30.77
N THR H 37 32.89 -69.84 30.12
CA THR H 37 31.73 -69.28 30.80
C THR H 37 31.17 -70.21 31.87
N ASP H 38 31.53 -71.50 31.85
CA ASP H 38 31.09 -72.39 32.90
C ASP H 38 31.54 -71.95 34.29
N LEU H 39 32.54 -71.08 34.41
CA LEU H 39 32.85 -70.56 35.74
C LEU H 39 31.71 -69.70 36.29
N LEU H 40 30.93 -69.07 35.41
CA LEU H 40 29.75 -68.35 35.90
C LEU H 40 28.73 -69.29 36.56
N ARG H 41 28.74 -70.57 36.20
CA ARG H 41 27.83 -71.55 36.78
C ARG H 41 28.35 -72.19 38.06
N LEU H 42 29.65 -72.13 38.32
CA LEU H 42 30.19 -72.87 39.45
C LEU H 42 29.57 -72.36 40.75
N ARG H 43 29.18 -73.29 41.62
CA ARG H 43 28.69 -72.96 42.95
C ARG H 43 29.60 -73.65 43.96
N SER H 44 30.03 -72.91 44.96
CA SER H 44 30.97 -73.43 45.96
C SER H 44 30.24 -73.50 47.30
N VAL H 45 29.95 -74.72 47.76
CA VAL H 45 29.41 -74.92 49.10
C VAL H 45 30.56 -75.13 50.07
N ARG H 46 30.46 -74.50 51.24
CA ARG H 46 31.61 -74.47 52.14
C ARG H 46 31.14 -74.12 53.54
N ASP H 47 32.07 -74.27 54.49
CA ASP H 47 31.99 -73.77 55.86
C ASP H 47 30.77 -74.26 56.63
N PRO H 48 30.56 -75.58 56.74
CA PRO H 48 29.41 -76.06 57.52
C PRO H 48 29.66 -75.94 59.02
N HIS H 49 28.57 -75.73 59.77
CA HIS H 49 28.58 -75.70 61.23
C HIS H 49 27.33 -76.38 61.76
N TYR H 50 27.50 -77.29 62.72
CA TYR H 50 26.38 -78.01 63.30
C TYR H 50 25.59 -77.14 64.25
N ALA H 51 24.27 -77.32 64.24
CA ALA H 51 23.49 -76.83 65.38
C ALA H 51 23.94 -77.56 66.64
N PRO H 52 23.88 -76.91 67.80
CA PRO H 52 24.36 -77.56 69.04
C PRO H 52 23.79 -78.96 69.29
N ASP H 53 22.59 -79.27 68.79
CA ASP H 53 21.92 -80.55 68.99
C ASP H 53 22.23 -81.58 67.91
N GLY H 54 23.00 -81.21 66.89
CA GLY H 54 23.45 -82.16 65.89
C GLY H 54 22.44 -82.54 64.83
N THR H 55 21.20 -82.08 64.91
CA THR H 55 20.17 -82.52 63.97
C THR H 55 20.14 -81.70 62.70
N ARG H 56 21.03 -80.73 62.54
CA ARG H 56 21.05 -79.94 61.31
C ARG H 56 22.32 -79.09 61.29
N ALA H 57 22.63 -78.57 60.11
CA ALA H 57 23.86 -77.80 59.96
C ALA H 57 23.62 -76.68 58.97
N VAL H 58 24.25 -75.52 59.26
CA VAL H 58 24.24 -74.37 58.37
C VAL H 58 25.53 -74.35 57.55
N PHE H 59 25.46 -73.85 56.33
CA PHE H 59 26.66 -73.66 55.53
C PHE H 59 26.43 -72.54 54.54
N VAL H 60 27.46 -72.26 53.73
CA VAL H 60 27.47 -71.14 52.81
C VAL H 60 27.55 -71.69 51.38
N GLU H 61 26.80 -71.06 50.47
CA GLU H 61 26.95 -71.30 49.04
C GLU H 61 27.33 -70.01 48.33
N LYS H 62 28.55 -69.97 47.76
CA LYS H 62 29.03 -68.83 46.98
C LYS H 62 28.76 -69.09 45.50
N SER H 63 28.38 -68.04 44.78
CA SER H 63 28.00 -68.19 43.38
C SER H 63 28.23 -66.88 42.64
N ILE H 64 27.98 -66.92 41.33
CA ILE H 64 28.02 -65.74 40.48
C ILE H 64 26.63 -65.60 39.84
N ASP H 65 26.03 -64.42 39.98
CA ASP H 65 24.65 -64.25 39.53
C ASP H 65 24.62 -63.74 38.09
N GLU H 66 23.39 -63.48 37.61
CA GLU H 66 23.16 -63.09 36.22
C GLU H 66 23.87 -61.80 35.85
N GLU H 67 24.15 -60.93 36.81
CA GLU H 67 24.93 -59.73 36.56
C GLU H 67 26.43 -59.97 36.59
N LYS H 68 26.87 -61.23 36.67
CA LYS H 68 28.29 -61.55 36.82
C LYS H 68 28.88 -60.93 38.08
N GLN H 69 28.11 -60.98 39.18
CA GLN H 69 28.56 -60.50 40.48
C GLN H 69 28.54 -61.66 41.49
N TYR H 70 29.53 -61.69 42.38
CA TYR H 70 29.56 -62.72 43.41
C TYR H 70 28.43 -62.57 44.40
N ARG H 71 27.81 -63.70 44.74
CA ARG H 71 26.87 -63.78 45.84
C ARG H 71 27.26 -64.96 46.71
N SER H 72 26.99 -64.85 48.01
CA SER H 72 27.04 -66.01 48.88
C SER H 72 25.84 -65.96 49.82
N HIS H 73 25.26 -67.13 50.08
CA HIS H 73 24.04 -67.25 50.87
C HIS H 73 24.14 -68.41 51.85
N LEU H 74 23.38 -68.31 52.94
CA LEU H 74 23.33 -69.40 53.92
C LEU H 74 22.34 -70.48 53.49
N TRP H 75 22.67 -71.73 53.77
CA TRP H 75 21.78 -72.85 53.54
C TRP H 75 21.74 -73.72 54.79
N ILE H 76 20.71 -74.57 54.84
CA ILE H 76 20.53 -75.47 55.97
C ILE H 76 20.39 -76.89 55.43
N TRP H 77 21.20 -77.80 55.97
CA TRP H 77 20.95 -79.24 55.83
C TRP H 77 20.24 -79.69 57.10
N ALA H 78 19.08 -80.33 56.94
CA ALA H 78 18.33 -80.85 58.07
C ALA H 78 18.51 -82.37 58.12
N ALA H 79 18.58 -82.92 59.33
CA ALA H 79 18.79 -84.37 59.47
C ALA H 79 17.84 -85.20 58.62
N ASP H 80 16.66 -84.65 58.26
CA ASP H 80 15.77 -85.32 57.32
C ASP H 80 16.32 -85.41 55.90
N GLY H 81 17.40 -84.69 55.58
CA GLY H 81 18.00 -84.73 54.26
C GLY H 81 17.66 -83.56 53.37
N SER H 82 16.74 -82.67 53.80
CA SER H 82 16.41 -81.51 52.99
C SER H 82 17.56 -80.51 53.02
N VAL H 83 17.84 -79.91 51.87
CA VAL H 83 18.81 -78.83 51.77
C VAL H 83 18.08 -77.63 51.20
N ARG H 84 18.06 -76.53 51.96
CA ARG H 84 17.20 -75.40 51.62
C ARG H 84 17.95 -74.09 51.83
N GLN H 85 17.74 -73.16 50.90
CA GLN H 85 18.33 -71.85 51.01
C GLN H 85 17.65 -71.07 52.14
N TRP H 86 18.43 -70.24 52.84
CA TRP H 86 17.89 -69.41 53.91
C TRP H 86 18.15 -67.91 53.74
N THR H 87 19.09 -67.51 52.89
CA THR H 87 19.24 -66.10 52.52
C THR H 87 19.28 -66.00 51.01
N PHE H 88 18.96 -64.82 50.50
CA PHE H 88 18.58 -64.70 49.10
C PHE H 88 19.04 -63.44 48.40
N GLY H 89 19.48 -62.42 49.12
CA GLY H 89 19.65 -61.12 48.50
C GLY H 89 20.94 -60.92 47.72
N ARG H 90 20.97 -59.79 47.03
CA ARG H 90 22.11 -59.36 46.24
C ARG H 90 23.25 -58.91 47.14
N TRP H 91 23.88 -59.85 47.82
CA TRP H 91 24.96 -59.51 48.74
C TRP H 91 25.73 -60.77 49.06
N ARG H 92 26.53 -60.73 50.12
CA ARG H 92 27.37 -61.87 50.51
C ARG H 92 27.15 -62.14 51.99
N ASP H 93 26.73 -63.37 52.31
CA ASP H 93 26.62 -63.85 53.68
C ASP H 93 27.72 -64.88 53.92
N MET H 94 28.37 -64.80 55.09
CA MET H 94 29.57 -65.57 55.40
C MET H 94 29.54 -66.04 56.84
N LYS H 95 30.42 -67.00 57.12
CA LYS H 95 30.75 -67.48 58.47
C LYS H 95 29.53 -67.62 59.40
N PRO H 96 28.58 -68.49 59.07
CA PRO H 96 27.44 -68.72 59.96
C PRO H 96 27.81 -69.66 61.09
N ARG H 97 27.37 -69.31 62.30
CA ARG H 97 27.56 -70.16 63.46
C ARG H 97 26.28 -70.14 64.30
N PHE H 98 25.77 -71.32 64.64
CA PHE H 98 24.72 -71.43 65.63
C PHE H 98 25.21 -70.93 66.99
N SER H 99 24.34 -70.25 67.72
CA SER H 99 24.64 -69.94 69.11
C SER H 99 24.65 -71.22 69.95
N PRO H 100 25.39 -71.21 71.06
CA PRO H 100 25.42 -72.42 71.91
C PRO H 100 24.05 -72.87 72.37
N ARG H 101 23.14 -71.94 72.68
CA ARG H 101 21.79 -72.28 73.08
C ARG H 101 20.93 -72.73 71.91
N GLY H 102 21.36 -72.47 70.68
CA GLY H 102 20.77 -73.05 69.49
C GLY H 102 19.73 -72.19 68.79
N GLU H 103 19.21 -71.14 69.44
CA GLU H 103 18.08 -70.41 68.86
C GLU H 103 18.48 -69.45 67.73
N ILE H 104 19.77 -69.16 67.55
CA ILE H 104 20.23 -68.05 66.71
C ILE H 104 21.41 -68.48 65.85
N ILE H 105 21.37 -68.11 64.58
CA ILE H 105 22.50 -68.29 63.67
C ILE H 105 23.16 -66.95 63.46
N ALA H 106 24.35 -66.78 64.06
CA ALA H 106 25.17 -65.61 63.81
C ALA H 106 25.84 -65.76 62.45
N PHE H 107 25.94 -64.66 61.72
CA PHE H 107 26.71 -64.67 60.48
C PHE H 107 27.20 -63.27 60.18
N LEU H 108 28.14 -63.20 59.23
CA LEU H 108 28.64 -61.94 58.71
C LEU H 108 28.01 -61.66 57.35
N SER H 109 27.63 -60.40 57.13
CA SER H 109 27.04 -60.01 55.86
C SER H 109 27.54 -58.61 55.48
N ASP H 110 27.68 -58.38 54.18
CA ASP H 110 28.03 -57.03 53.73
C ASP H 110 26.82 -56.28 53.18
N ARG H 111 25.60 -56.73 53.49
CA ARG H 111 24.40 -56.16 52.85
C ARG H 111 24.22 -54.69 53.23
N SER H 112 24.71 -54.29 54.40
CA SER H 112 24.60 -52.90 54.82
C SER H 112 25.62 -51.98 54.15
N GLY H 113 26.60 -52.53 53.43
CA GLY H 113 27.66 -51.70 52.88
C GLY H 113 29.04 -52.11 53.38
N ARG H 114 29.16 -52.34 54.69
CA ARG H 114 30.32 -52.95 55.30
C ARG H 114 29.95 -54.32 55.85
N THR H 115 30.95 -55.18 55.98
CA THR H 115 30.74 -56.47 56.61
C THR H 115 30.39 -56.26 58.08
N GLN H 116 29.23 -56.78 58.49
CA GLN H 116 28.81 -56.68 59.88
C GLN H 116 28.29 -58.03 60.34
N LEU H 117 28.14 -58.17 61.65
CA LEU H 117 27.54 -59.34 62.25
C LEU H 117 26.02 -59.17 62.24
N TRP H 118 25.31 -60.11 61.62
CA TRP H 118 23.85 -60.17 61.67
C TRP H 118 23.41 -61.39 62.48
N LEU H 119 22.14 -61.41 62.88
CA LEU H 119 21.59 -62.53 63.64
C LEU H 119 20.33 -63.03 62.96
N LEU H 120 20.32 -64.29 62.58
CA LEU H 120 19.18 -64.91 61.93
C LEU H 120 18.53 -65.87 62.88
N PRO H 121 17.21 -65.74 63.15
CA PRO H 121 16.54 -66.69 64.05
C PRO H 121 16.64 -68.09 63.48
N ALA H 122 16.92 -69.05 64.35
CA ALA H 122 17.03 -70.43 63.91
C ALA H 122 15.69 -71.07 63.57
N ASN H 123 14.57 -70.46 63.96
CA ASN H 123 13.29 -71.13 63.81
C ASN H 123 12.22 -70.22 63.21
N GLY H 124 12.61 -69.15 62.50
CA GLY H 124 11.62 -68.34 61.83
C GLY H 124 11.81 -66.84 62.00
N GLY H 125 11.71 -66.12 60.90
CA GLY H 125 11.92 -64.69 60.92
C GLY H 125 13.21 -64.32 60.19
N GLU H 126 13.25 -63.10 59.68
CA GLU H 126 14.39 -62.64 58.91
C GLU H 126 15.53 -62.19 59.83
N ALA H 127 16.73 -62.05 59.24
CA ALA H 127 17.87 -61.65 60.04
C ALA H 127 17.80 -60.17 60.41
N ARG H 128 18.47 -59.82 61.51
CA ARG H 128 18.58 -58.44 61.92
C ARG H 128 20.05 -58.10 62.16
N GLN H 129 20.39 -56.84 61.99
CA GLN H 129 21.76 -56.36 62.04
C GLN H 129 22.18 -56.10 63.49
N LEU H 130 23.32 -56.64 63.88
CA LEU H 130 23.79 -56.51 65.26
C LEU H 130 24.85 -55.44 65.45
N THR H 131 25.83 -55.33 64.54
CA THR H 131 26.90 -54.34 64.67
C THR H 131 26.77 -53.28 63.58
N PHE H 132 27.24 -52.08 63.92
CA PHE H 132 27.22 -50.96 62.97
C PHE H 132 28.57 -50.24 62.95
N PHE H 133 29.67 -50.98 63.13
CA PHE H 133 31.01 -50.39 63.18
C PHE H 133 31.34 -49.62 61.91
N LYS H 134 31.90 -48.41 62.08
CA LYS H 134 32.37 -47.62 60.94
C LYS H 134 33.27 -48.44 60.03
N ASN H 135 34.18 -49.22 60.61
CA ASN H 135 35.12 -50.04 59.85
C ASN H 135 34.71 -51.51 59.76
N GLY H 136 33.49 -51.84 60.17
CA GLY H 136 32.98 -53.18 59.94
C GLY H 136 33.56 -54.20 60.90
N VAL H 137 33.31 -55.47 60.55
CA VAL H 137 33.71 -56.60 61.39
C VAL H 137 34.57 -57.53 60.55
N ARG H 138 35.71 -57.93 61.09
CA ARG H 138 36.53 -58.91 60.39
C ARG H 138 36.16 -60.35 60.76
N ASP H 139 35.73 -60.59 62.00
CA ASP H 139 35.59 -61.94 62.50
C ASP H 139 34.82 -61.89 63.82
N TYR H 140 34.31 -63.04 64.24
CA TYR H 140 33.56 -63.08 65.48
C TYR H 140 33.58 -64.50 66.04
N VAL H 141 33.36 -64.60 67.35
CA VAL H 141 33.05 -65.86 68.00
C VAL H 141 31.84 -65.65 68.90
N TRP H 142 31.10 -66.74 69.12
CA TRP H 142 30.05 -66.76 70.12
C TRP H 142 30.63 -66.88 71.53
N SER H 143 29.99 -66.20 72.47
CA SER H 143 30.33 -66.47 73.86
C SER H 143 29.73 -67.81 74.29
N PRO H 144 30.40 -68.51 75.21
CA PRO H 144 29.96 -69.88 75.55
C PRO H 144 28.52 -70.00 76.02
N ASP H 145 27.92 -68.93 76.50
CA ASP H 145 26.53 -69.02 76.94
C ASP H 145 25.54 -68.44 75.94
N GLY H 146 26.02 -67.80 74.87
CA GLY H 146 25.15 -67.21 73.88
C GLY H 146 24.62 -65.84 74.23
N THR H 147 24.93 -65.30 75.42
CA THR H 147 24.41 -63.97 75.76
C THR H 147 25.14 -62.87 75.00
N PHE H 148 26.30 -63.15 74.41
CA PHE H 148 27.01 -62.10 73.69
C PHE H 148 27.96 -62.72 72.68
N LEU H 149 28.59 -61.86 71.89
CA LEU H 149 29.58 -62.27 70.92
C LEU H 149 30.82 -61.39 71.06
N ILE H 150 31.94 -61.89 70.57
CA ILE H 150 33.16 -61.09 70.48
C ILE H 150 33.50 -60.89 69.01
N THR H 151 33.51 -59.63 68.58
CA THR H 151 33.81 -59.27 67.20
C THR H 151 35.13 -58.51 67.13
N LEU H 152 35.79 -58.62 66.00
CA LEU H 152 37.04 -57.93 65.72
C LEU H 152 36.75 -56.78 64.77
N THR H 153 37.03 -55.56 65.21
CA THR H 153 36.97 -54.38 64.35
C THR H 153 38.32 -53.67 64.42
N THR H 154 38.46 -52.59 63.64
CA THR H 154 39.68 -51.77 63.64
C THR H 154 39.30 -50.31 63.78
N LEU H 155 40.23 -49.52 64.32
CA LEU H 155 39.96 -48.12 64.63
C LEU H 155 41.18 -47.28 64.34
N GLY H 156 40.96 -46.13 63.71
CA GLY H 156 41.98 -45.11 63.68
C GLY H 156 42.09 -44.43 65.04
N ASP H 157 43.17 -43.66 65.19
CA ASP H 157 43.44 -43.01 66.47
C ASP H 157 42.46 -41.90 66.78
N ASP H 158 41.78 -41.37 65.77
CA ASP H 158 40.68 -40.43 65.96
C ASP H 158 39.34 -41.14 65.96
N GLU H 159 39.33 -42.46 66.10
CA GLU H 159 38.10 -43.22 66.01
C GLU H 159 37.91 -44.05 67.27
N THR H 160 36.67 -44.44 67.50
CA THR H 160 36.29 -45.21 68.67
C THR H 160 35.23 -46.22 68.28
N ILE H 161 35.03 -47.21 69.15
CA ILE H 161 34.02 -48.23 68.90
C ILE H 161 32.60 -47.69 68.87
N GLU H 162 32.41 -46.43 69.26
CA GLU H 162 31.12 -45.75 69.17
C GLU H 162 30.86 -45.14 67.79
N ASP H 163 31.88 -45.12 66.92
CA ASP H 163 31.71 -44.60 65.56
C ASP H 163 31.03 -45.64 64.69
N ARG H 164 30.11 -45.18 63.85
CA ARG H 164 29.21 -46.09 63.14
C ARG H 164 29.38 -45.94 61.63
N GLU H 165 28.91 -46.94 60.89
CA GLU H 165 29.05 -46.91 59.45
C GLU H 165 28.17 -45.80 58.86
N GLU H 166 28.70 -45.16 57.81
CA GLU H 166 28.09 -44.03 57.11
C GLU H 166 28.39 -44.17 55.62
N PRO H 167 27.47 -43.71 54.75
CA PRO H 167 27.58 -43.85 53.28
C PRO H 167 28.72 -43.05 52.63
N ALA H 175 42.45 -28.68 44.99
CA ALA H 175 42.69 -27.52 45.84
C ALA H 175 42.74 -27.91 47.31
N ASP H 176 42.19 -29.09 47.61
CA ASP H 176 42.15 -29.62 48.98
C ASP H 176 42.99 -30.89 49.13
N LEU H 177 43.78 -31.26 48.12
CA LEU H 177 44.46 -32.54 48.12
C LEU H 177 45.65 -32.52 49.07
N LYS H 178 45.94 -33.69 49.66
CA LYS H 178 47.00 -33.85 50.62
C LYS H 178 47.84 -35.06 50.22
N PRO H 179 49.17 -34.96 50.24
CA PRO H 179 49.99 -36.13 49.94
C PRO H 179 49.93 -37.16 51.08
N ARG H 180 50.27 -38.39 50.72
CA ARG H 180 50.37 -39.49 51.67
C ARG H 180 51.80 -39.57 52.21
N VAL H 181 51.95 -39.60 53.53
CA VAL H 181 53.25 -39.59 54.17
C VAL H 181 53.56 -40.99 54.68
N VAL H 182 54.51 -41.68 54.05
CA VAL H 182 54.83 -43.06 54.40
C VAL H 182 56.05 -43.11 55.30
N GLU H 183 55.92 -43.81 56.43
CA GLU H 183 56.98 -43.88 57.42
C GLU H 183 57.30 -45.30 57.88
N ARG H 184 56.80 -46.33 57.20
CA ARG H 184 57.03 -47.70 57.62
C ARG H 184 57.20 -48.59 56.40
N LEU H 185 57.75 -49.79 56.63
CA LEU H 185 57.95 -50.74 55.53
C LEU H 185 56.62 -51.33 55.04
N TYR H 186 55.73 -51.72 55.95
CA TYR H 186 54.48 -52.38 55.56
C TYR H 186 53.40 -51.32 55.45
N TYR H 187 53.33 -50.68 54.28
CA TYR H 187 52.43 -49.56 54.07
C TYR H 187 51.37 -49.85 53.01
N LYS H 188 51.37 -51.03 52.41
CA LYS H 188 50.33 -51.37 51.46
C LYS H 188 50.11 -52.87 51.47
N SER H 189 49.01 -53.29 50.87
CA SER H 189 48.72 -54.71 50.74
C SER H 189 48.05 -54.93 49.40
N ASP H 190 48.34 -56.07 48.80
CA ASP H 190 47.57 -56.49 47.63
C ASP H 190 46.06 -56.51 47.93
N ALA H 191 45.68 -56.85 49.16
CA ALA H 191 44.26 -57.00 49.45
C ALA H 191 43.54 -55.66 49.53
N SER H 192 44.19 -54.61 50.07
CA SER H 192 43.52 -53.34 50.36
C SER H 192 44.09 -52.10 49.69
N GLY H 193 45.26 -52.18 49.05
CA GLY H 193 45.91 -50.94 48.63
C GLY H 193 46.70 -50.33 49.78
N PHE H 194 46.79 -49.00 49.78
CA PHE H 194 47.51 -48.32 50.85
C PHE H 194 46.83 -48.55 52.19
N LEU H 195 47.64 -48.75 53.22
CA LEU H 195 47.11 -48.99 54.55
C LEU H 195 47.15 -47.71 55.36
N ASP H 196 46.14 -47.52 56.20
CA ASP H 196 46.11 -46.40 57.12
C ASP H 196 46.62 -46.76 58.50
N GLY H 197 46.94 -48.02 58.73
CA GLY H 197 47.48 -48.41 60.02
C GLY H 197 46.48 -48.41 61.15
N LYS H 198 45.22 -48.71 60.88
CA LYS H 198 44.26 -48.82 61.96
C LYS H 198 44.63 -49.99 62.87
N ARG H 199 44.43 -49.81 64.16
CA ARG H 199 44.73 -50.85 65.13
C ARG H 199 43.49 -51.72 65.41
N ALA H 200 43.74 -52.93 65.88
CA ALA H 200 42.72 -53.96 66.00
C ALA H 200 42.15 -53.97 67.40
N VAL H 201 40.84 -54.17 67.51
CA VAL H 201 40.14 -54.17 68.79
C VAL H 201 39.11 -55.29 68.81
N LEU H 202 39.19 -56.16 69.79
CA LEU H 202 38.13 -57.12 70.05
C LEU H 202 37.09 -56.49 70.99
N THR H 203 35.81 -56.61 70.62
CA THR H 203 34.73 -55.94 71.34
C THR H 203 33.60 -56.93 71.64
N ARG H 204 33.15 -56.92 72.88
CA ARG H 204 31.95 -57.67 73.25
C ARG H 204 30.71 -56.96 72.71
N ILE H 205 29.75 -57.74 72.19
CA ILE H 205 28.45 -57.24 71.75
C ILE H 205 27.38 -58.09 72.40
N ASP H 206 26.48 -57.45 73.15
CA ASP H 206 25.35 -58.16 73.76
C ASP H 206 24.30 -58.47 72.70
N VAL H 207 23.78 -59.69 72.73
CA VAL H 207 22.85 -60.11 71.68
C VAL H 207 21.55 -59.31 71.74
N LEU H 208 20.94 -59.22 72.94
CA LEU H 208 19.71 -58.43 73.06
C LEU H 208 20.01 -56.94 72.98
N SER H 209 21.05 -56.49 73.67
CA SER H 209 21.34 -55.06 73.74
C SER H 209 21.97 -54.54 72.44
N GLY H 210 22.97 -55.24 71.92
CA GLY H 210 23.81 -54.65 70.90
C GLY H 210 24.88 -53.71 71.43
N LYS H 211 24.91 -53.47 72.74
CA LYS H 211 25.89 -52.57 73.33
C LYS H 211 27.28 -53.15 73.20
N SER H 212 28.24 -52.26 72.90
CA SER H 212 29.62 -52.64 72.59
C SER H 212 30.54 -52.18 73.70
N GLU H 213 31.32 -53.10 74.26
CA GLU H 213 32.39 -52.78 75.20
C GLU H 213 33.71 -53.26 74.63
N ALA H 214 34.70 -52.38 74.58
CA ALA H 214 36.03 -52.80 74.17
C ALA H 214 36.58 -53.83 75.13
N LEU H 215 37.11 -54.93 74.59
CA LEU H 215 37.73 -55.94 75.43
C LEU H 215 39.25 -55.86 75.44
N THR H 216 39.84 -55.38 74.36
CA THR H 216 41.29 -55.27 74.28
C THR H 216 41.66 -53.81 74.09
N GLY H 217 42.95 -53.53 74.26
CA GLY H 217 43.50 -52.28 73.78
C GLY H 217 43.51 -52.25 72.26
N ARG H 218 43.98 -51.13 71.72
CA ARG H 218 44.19 -51.00 70.29
C ARG H 218 45.48 -51.73 69.93
N GLU H 219 45.33 -52.99 69.54
CA GLU H 219 46.46 -53.84 69.17
C GLU H 219 46.95 -53.47 67.77
N GLU H 220 48.28 -53.59 67.60
CA GLU H 220 48.87 -53.42 66.27
C GLU H 220 48.27 -54.41 65.28
N GLU H 221 48.00 -55.63 65.72
CA GLU H 221 47.41 -56.65 64.84
C GLU H 221 46.88 -57.78 65.68
N ILE H 222 45.70 -58.28 65.32
CA ILE H 222 45.06 -59.39 66.01
C ILE H 222 44.74 -60.46 64.99
N GLY H 223 45.16 -61.70 65.27
CA GLY H 223 44.83 -62.81 64.41
C GLY H 223 43.69 -63.66 64.93
N SER H 224 43.93 -64.95 65.02
CA SER H 224 42.96 -65.90 65.56
C SER H 224 42.69 -65.60 67.02
N PHE H 225 41.43 -65.77 67.43
CA PHE H 225 41.04 -65.57 68.82
C PHE H 225 39.95 -66.58 69.19
N ALA H 226 39.92 -66.95 70.48
CA ALA H 226 38.95 -67.94 70.95
C ALA H 226 38.75 -67.78 72.44
N ILE H 227 37.50 -67.97 72.88
CA ILE H 227 37.12 -67.80 74.27
C ILE H 227 37.06 -69.17 74.94
N SER H 228 37.50 -69.24 76.20
CA SER H 228 37.51 -70.48 76.94
C SER H 228 36.08 -71.00 77.17
N PRO H 229 35.90 -72.32 77.24
CA PRO H 229 34.54 -72.84 77.41
C PRO H 229 33.82 -72.30 78.64
N ASN H 230 34.54 -71.93 79.70
CA ASN H 230 33.93 -71.32 80.87
C ASN H 230 33.79 -69.81 80.75
N GLY H 231 34.17 -69.24 79.61
CA GLY H 231 33.95 -67.82 79.34
C GLY H 231 34.91 -66.89 80.04
N ARG H 232 35.83 -67.41 80.85
CA ARG H 232 36.62 -66.55 81.72
C ARG H 232 37.79 -65.89 80.98
N THR H 233 38.41 -66.61 80.03
CA THR H 233 39.62 -66.14 79.37
C THR H 233 39.41 -65.96 77.87
N LEU H 234 39.93 -64.87 77.32
CA LEU H 234 39.94 -64.65 75.88
C LEU H 234 41.37 -64.74 75.38
N ALA H 235 41.63 -65.73 74.50
CA ALA H 235 42.94 -65.94 73.88
C ALA H 235 42.94 -65.39 72.46
N PHE H 236 44.02 -64.69 72.10
CA PHE H 236 44.12 -64.12 70.76
C PHE H 236 45.59 -63.95 70.38
N VAL H 237 45.85 -64.05 69.07
CA VAL H 237 47.19 -63.92 68.50
C VAL H 237 47.42 -62.45 68.14
N ALA H 238 48.56 -61.90 68.58
CA ALA H 238 48.88 -60.49 68.38
C ALA H 238 50.35 -60.30 68.01
N ASN H 239 50.65 -59.15 67.38
CA ASN H 239 52.01 -58.78 67.01
C ASN H 239 52.52 -57.74 68.02
N ARG H 240 53.11 -58.23 69.12
CA ARG H 240 53.57 -57.34 70.17
C ARG H 240 54.99 -56.84 69.95
N ASN H 241 55.57 -57.08 68.77
CA ASN H 241 56.96 -56.71 68.52
C ASN H 241 57.13 -55.20 68.46
N GLU H 242 58.31 -54.74 68.90
CA GLU H 242 58.63 -53.31 68.84
C GLU H 242 58.75 -52.83 67.41
N ASP H 243 59.21 -53.70 66.49
CA ASP H 243 59.26 -53.42 65.06
C ASP H 243 58.33 -54.40 64.37
N PRO H 244 57.03 -54.10 64.31
CA PRO H 244 56.06 -55.11 63.87
C PRO H 244 56.23 -55.56 62.43
N ASP H 245 56.66 -54.67 61.54
CA ASP H 245 56.79 -55.05 60.14
C ASP H 245 57.97 -55.99 59.91
N THR H 246 59.02 -55.89 60.73
CA THR H 246 60.24 -56.64 60.48
C THR H 246 60.40 -57.85 61.38
N THR H 247 59.51 -58.07 62.34
CA THR H 247 59.58 -59.23 63.22
C THR H 247 58.32 -60.06 63.04
N PHE H 248 58.50 -61.36 62.75
CA PHE H 248 57.42 -62.21 62.29
C PHE H 248 57.00 -63.26 63.30
N THR H 249 57.48 -63.18 64.54
CA THR H 249 56.89 -64.01 65.57
C THR H 249 55.55 -63.38 65.98
N ARG H 250 54.63 -64.23 66.40
CA ARG H 250 53.29 -63.78 66.78
C ARG H 250 52.93 -64.49 68.07
N ASP H 251 52.40 -63.73 69.03
CA ASP H 251 52.23 -64.20 70.39
C ASP H 251 50.77 -64.52 70.71
N ILE H 252 50.57 -65.64 71.39
CA ILE H 252 49.27 -65.95 71.97
C ILE H 252 49.15 -65.19 73.29
N VAL H 253 48.21 -64.27 73.36
CA VAL H 253 47.94 -63.49 74.56
C VAL H 253 46.66 -64.03 75.18
N LEU H 254 46.71 -64.31 76.49
CA LEU H 254 45.52 -64.68 77.26
C LEU H 254 45.01 -63.45 78.00
N LEU H 255 43.73 -63.12 77.81
CA LEU H 255 43.09 -61.99 78.47
C LEU H 255 42.07 -62.49 79.47
N ASP H 256 42.19 -62.02 80.71
CA ASP H 256 41.20 -62.32 81.75
C ASP H 256 40.06 -61.32 81.61
N LEU H 257 38.89 -61.81 81.17
CA LEU H 257 37.76 -60.92 80.93
C LEU H 257 37.37 -60.14 82.18
N GLU H 258 37.33 -60.81 83.33
CA GLU H 258 37.08 -60.13 84.60
C GLU H 258 38.27 -59.25 84.96
N SER H 259 39.40 -59.89 85.30
CA SER H 259 40.56 -59.17 85.84
C SER H 259 41.08 -58.08 84.91
N LYS H 260 40.79 -58.16 83.61
CA LYS H 260 41.36 -57.31 82.56
C LYS H 260 42.85 -57.60 82.36
N ALA H 261 43.42 -58.56 83.06
CA ALA H 261 44.84 -58.85 82.98
C ALA H 261 45.18 -59.69 81.75
N GLU H 262 46.34 -59.40 81.15
CA GLU H 262 46.82 -60.10 79.98
C GLU H 262 48.13 -60.79 80.31
N THR H 263 48.26 -62.05 79.89
CA THR H 263 49.48 -62.83 80.09
C THR H 263 49.93 -63.35 78.73
N ASN H 264 51.22 -63.22 78.43
CA ASN H 264 51.77 -63.67 77.15
C ASN H 264 52.15 -65.14 77.26
N LEU H 265 51.48 -65.98 76.48
CA LEU H 265 51.67 -67.42 76.60
C LEU H 265 52.94 -67.89 75.90
N THR H 266 53.40 -67.18 74.88
CA THR H 266 54.43 -67.70 73.98
C THR H 266 55.73 -66.92 73.99
N ASN H 267 55.71 -65.65 74.36
CA ASN H 267 56.89 -64.78 74.42
C ASN H 267 57.87 -65.07 73.29
N GLY H 268 57.36 -64.98 72.07
CA GLY H 268 58.21 -65.00 70.90
C GLY H 268 58.77 -66.34 70.52
N CYS H 269 58.14 -67.44 70.89
CA CYS H 269 58.67 -68.75 70.52
C CYS H 269 58.26 -69.20 69.11
N GLY H 270 57.56 -68.35 68.36
CA GLY H 270 57.14 -68.72 67.02
C GLY H 270 55.93 -67.89 66.61
N THR H 271 55.08 -68.50 65.79
CA THR H 271 53.89 -67.84 65.29
C THR H 271 52.75 -68.87 65.25
N PHE H 272 51.52 -68.42 65.55
CA PHE H 272 50.42 -69.35 65.78
C PHE H 272 49.11 -68.82 65.20
N ALA H 273 48.24 -69.77 64.82
CA ALA H 273 46.92 -69.49 64.28
C ALA H 273 45.95 -70.56 64.76
N SER H 274 44.68 -70.35 64.44
CA SER H 274 43.61 -71.34 64.62
C SER H 274 43.53 -71.86 66.05
N LEU H 275 43.35 -70.94 66.99
CA LEU H 275 43.24 -71.30 68.40
C LEU H 275 41.99 -72.15 68.65
N ALA H 276 42.06 -72.99 69.67
CA ALA H 276 40.95 -73.89 69.99
C ALA H 276 41.15 -74.42 71.42
N TRP H 277 40.29 -73.98 72.34
CA TRP H 277 40.30 -74.51 73.70
C TRP H 277 39.77 -75.94 73.70
N SER H 278 40.34 -76.78 74.57
CA SER H 278 39.76 -78.10 74.80
C SER H 278 38.43 -77.96 75.57
N PRO H 279 37.52 -78.92 75.42
CA PRO H 279 36.19 -78.80 76.07
C PRO H 279 36.25 -78.53 77.56
N ASP H 280 37.28 -79.00 78.26
CA ASP H 280 37.41 -78.75 79.69
C ASP H 280 38.21 -77.49 80.01
N GLY H 281 38.62 -76.71 79.02
CA GLY H 281 39.28 -75.45 79.28
C GLY H 281 40.68 -75.54 79.85
N THR H 282 41.23 -76.74 80.05
CA THR H 282 42.56 -76.87 80.63
C THR H 282 43.69 -76.77 79.60
N LYS H 283 43.37 -76.93 78.31
CA LYS H 283 44.36 -76.93 77.24
C LYS H 283 43.91 -76.02 76.11
N LEU H 284 44.88 -75.37 75.47
CA LEU H 284 44.63 -74.53 74.31
C LEU H 284 45.47 -75.04 73.14
N ALA H 285 44.80 -75.49 72.07
CA ALA H 285 45.49 -75.96 70.89
C ALA H 285 45.67 -74.82 69.88
N ALA H 286 46.66 -74.99 68.98
CA ALA H 286 46.97 -73.99 67.96
C ALA H 286 47.79 -74.62 66.85
N ILE H 287 47.64 -74.09 65.63
CA ILE H 287 48.52 -74.41 64.51
C ILE H 287 49.63 -73.38 64.49
N GLY H 288 50.86 -73.85 64.42
CA GLY H 288 51.98 -72.94 64.54
C GLY H 288 53.29 -73.61 64.18
N HIS H 289 54.36 -72.87 64.45
CA HIS H 289 55.73 -73.27 64.12
C HIS H 289 56.72 -72.21 64.61
N ASP H 290 58.03 -72.45 64.44
CA ASP H 290 59.05 -71.58 65.00
C ASP H 290 59.89 -70.87 63.95
N LEU H 291 59.42 -70.79 62.70
CA LEU H 291 60.08 -70.03 61.64
C LEU H 291 61.50 -70.53 61.37
N ALA H 292 61.77 -71.82 61.60
CA ALA H 292 63.12 -72.32 61.40
C ALA H 292 63.50 -72.29 59.93
N TYR H 293 62.54 -72.52 59.03
CA TYR H 293 62.76 -72.44 57.59
C TYR H 293 61.92 -71.34 56.95
N LEU H 294 61.66 -70.27 57.71
CA LEU H 294 60.89 -69.09 57.32
C LEU H 294 59.57 -69.54 56.67
N GLY H 295 59.25 -69.08 55.47
CA GLY H 295 57.96 -69.34 54.86
C GLY H 295 57.72 -70.77 54.47
N ALA H 296 58.76 -71.60 54.50
CA ALA H 296 58.64 -73.02 54.18
C ALA H 296 58.49 -73.90 55.42
N THR H 297 58.43 -73.30 56.60
CA THR H 297 58.34 -74.08 57.83
C THR H 297 57.02 -74.86 57.88
N LEU H 298 57.10 -76.15 58.20
CA LEU H 298 55.90 -76.96 58.34
C LEU H 298 55.04 -76.43 59.48
N HIS H 299 53.73 -76.37 59.23
CA HIS H 299 52.78 -75.99 60.26
C HIS H 299 52.47 -77.20 61.13
N ARG H 300 52.49 -77.00 62.44
CA ARG H 300 52.37 -78.12 63.37
C ARG H 300 51.31 -77.83 64.42
N LEU H 301 50.86 -78.90 65.07
CA LEU H 301 49.86 -78.81 66.10
C LEU H 301 50.55 -78.58 67.44
N TYR H 302 50.27 -77.44 68.05
CA TYR H 302 50.71 -77.14 69.41
C TYR H 302 49.52 -77.33 70.36
N VAL H 303 49.81 -77.73 71.60
CA VAL H 303 48.83 -77.66 72.68
C VAL H 303 49.52 -77.07 73.90
N PHE H 304 48.92 -76.02 74.46
CA PHE H 304 49.43 -75.34 75.64
C PHE H 304 48.60 -75.75 76.84
N GLU H 305 49.27 -75.89 77.98
CA GLU H 305 48.64 -76.05 79.29
C GLU H 305 48.83 -74.72 80.05
N PRO H 306 47.95 -73.74 79.85
CA PRO H 306 48.18 -72.41 80.44
C PRO H 306 48.29 -72.38 81.96
N GLU H 307 47.54 -73.22 82.68
CA GLU H 307 47.70 -73.26 84.13
C GLU H 307 49.11 -73.68 84.51
N ARG H 308 49.62 -74.75 83.88
CA ARG H 308 50.93 -75.31 84.17
C ARG H 308 52.05 -74.66 83.35
N GLY H 309 51.73 -73.71 82.47
CA GLY H 309 52.73 -72.92 81.76
C GLY H 309 53.54 -73.67 80.73
N THR H 310 53.14 -74.87 80.32
CA THR H 310 53.91 -75.74 79.44
C THR H 310 53.32 -75.74 78.02
N LYS H 311 53.98 -76.49 77.13
CA LYS H 311 53.47 -76.70 75.78
C LYS H 311 54.09 -77.96 75.19
N ARG H 312 53.35 -78.59 74.29
CA ARG H 312 53.84 -79.73 73.52
C ARG H 312 53.61 -79.45 72.05
N VAL H 313 54.55 -79.87 71.20
CA VAL H 313 54.36 -79.85 69.75
C VAL H 313 53.95 -81.26 69.37
N LEU H 314 52.64 -81.48 69.27
CA LEU H 314 52.10 -82.82 69.15
C LEU H 314 52.49 -83.51 67.85
N THR H 315 52.91 -82.76 66.83
CA THR H 315 53.29 -83.36 65.55
C THR H 315 54.75 -83.10 65.22
N ALA H 316 55.54 -82.77 66.24
CA ALA H 316 56.94 -82.43 66.06
C ALA H 316 57.67 -83.46 65.22
N ASP H 317 57.37 -84.73 65.40
CA ASP H 317 58.04 -85.79 64.66
C ASP H 317 57.17 -86.36 63.54
N TRP H 318 56.19 -85.60 63.10
CA TRP H 318 55.37 -85.99 61.96
C TRP H 318 55.77 -85.06 60.82
N ASP H 319 56.39 -85.63 59.78
CA ASP H 319 56.93 -84.84 58.66
C ASP H 319 55.83 -84.52 57.66
N VAL H 320 54.84 -83.77 58.14
CA VAL H 320 53.65 -83.46 57.35
C VAL H 320 53.20 -82.06 57.72
N HIS H 321 52.81 -81.29 56.71
CA HIS H 321 52.28 -79.94 56.89
C HIS H 321 50.79 -80.01 57.25
N LEU H 322 50.43 -79.46 58.41
CA LEU H 322 49.03 -79.33 58.76
C LEU H 322 48.43 -78.15 58.01
N GLY H 323 47.15 -78.23 57.71
CA GLY H 323 46.52 -77.18 56.94
C GLY H 323 46.36 -77.55 55.48
N ASP H 324 45.94 -76.56 54.70
CA ASP H 324 45.46 -76.77 53.33
C ASP H 324 46.37 -75.98 52.40
N ALA H 325 47.25 -76.67 51.69
CA ALA H 325 48.18 -76.05 50.76
C ALA H 325 47.73 -76.23 49.32
N MET H 326 46.51 -76.72 49.14
CA MET H 326 46.03 -77.07 47.81
C MET H 326 45.93 -75.85 46.92
N VAL H 327 46.37 -76.01 45.68
CA VAL H 327 46.23 -75.02 44.64
C VAL H 327 44.97 -75.33 43.82
N GLY H 328 44.07 -74.35 43.74
CA GLY H 328 42.92 -74.46 42.86
C GLY H 328 42.39 -73.07 42.55
N ASP H 329 41.31 -73.03 41.78
CA ASP H 329 40.66 -71.76 41.43
C ASP H 329 39.20 -71.75 41.81
N THR H 330 38.78 -72.74 42.58
CA THR H 330 37.46 -72.77 43.19
C THR H 330 37.67 -72.99 44.68
N HIS H 331 36.74 -72.47 45.48
CA HIS H 331 36.77 -72.54 46.94
C HIS H 331 37.94 -71.79 47.56
N ALA H 332 38.58 -70.89 46.82
CA ALA H 332 39.82 -70.27 47.29
C ALA H 332 39.60 -69.49 48.59
N ASP H 333 38.47 -68.81 48.73
CA ASP H 333 38.24 -68.02 49.93
C ASP H 333 37.40 -68.75 50.98
N ALA H 334 37.24 -70.06 50.86
CA ALA H 334 36.37 -70.80 51.78
C ALA H 334 37.10 -71.06 53.10
N LYS H 335 36.42 -70.76 54.21
CA LYS H 335 37.00 -70.85 55.55
C LYS H 335 37.25 -72.30 55.92
N GLY H 336 38.52 -72.67 56.05
CA GLY H 336 38.88 -73.98 56.54
C GLY H 336 38.63 -74.13 58.03
N PRO H 337 38.67 -75.36 58.54
CA PRO H 337 38.16 -75.63 59.90
C PRO H 337 39.08 -75.24 61.04
N GLY H 338 40.39 -75.50 60.94
CA GLY H 338 41.24 -75.45 62.11
C GLY H 338 41.09 -76.71 62.95
N PRO H 339 42.00 -76.92 63.90
CA PRO H 339 41.93 -78.13 64.71
C PRO H 339 40.67 -78.19 65.56
N ILE H 340 40.13 -79.39 65.71
CA ILE H 340 38.89 -79.60 66.46
C ILE H 340 39.12 -80.67 67.51
N TRP H 341 38.96 -80.30 68.78
CA TRP H 341 39.08 -81.25 69.88
C TRP H 341 38.01 -82.32 69.79
N ALA H 342 38.41 -83.57 70.04
CA ALA H 342 37.41 -84.62 70.19
C ALA H 342 36.56 -84.35 71.43
N SER H 343 35.27 -84.73 71.35
CA SER H 343 34.36 -84.56 72.48
C SER H 343 35.01 -84.83 73.82
N ASP H 344 35.70 -85.97 73.94
CA ASP H 344 36.31 -86.39 75.20
C ASP H 344 37.64 -85.71 75.48
N GLY H 345 38.14 -84.87 74.58
CA GLY H 345 39.44 -84.23 74.80
C GLY H 345 40.63 -85.14 74.60
N SER H 346 40.43 -86.29 73.95
CA SER H 346 41.52 -87.25 73.77
C SER H 346 42.53 -86.77 72.73
N GLY H 347 42.10 -85.95 71.78
CA GLY H 347 43.01 -85.35 70.82
C GLY H 347 42.26 -84.43 69.90
N LEU H 348 42.93 -84.04 68.80
CA LEU H 348 42.39 -83.07 67.86
C LEU H 348 42.34 -83.64 66.44
N TYR H 349 41.27 -83.32 65.72
CA TYR H 349 41.17 -83.62 64.30
C TYR H 349 41.83 -82.47 63.54
N VAL H 350 42.82 -82.79 62.71
CA VAL H 350 43.57 -81.79 61.97
C VAL H 350 43.57 -82.19 60.50
N THR H 351 43.37 -81.21 59.62
CA THR H 351 43.61 -81.42 58.20
C THR H 351 45.10 -81.37 57.91
N ALA H 352 45.50 -82.07 56.86
CA ALA H 352 46.91 -82.16 56.51
C ALA H 352 47.05 -82.29 55.00
N SER H 353 48.16 -81.75 54.48
CA SER H 353 48.45 -81.69 53.05
C SER H 353 49.61 -82.64 52.77
N GLU H 354 49.35 -83.71 52.04
CA GLU H 354 50.43 -84.60 51.63
C GLU H 354 50.10 -85.23 50.29
N ARG H 355 51.09 -85.25 49.40
CA ARG H 355 51.01 -85.95 48.12
C ARG H 355 49.74 -85.62 47.34
N GLY H 356 49.41 -84.34 47.27
CA GLY H 356 48.27 -83.90 46.48
C GLY H 356 46.92 -84.06 47.13
N ARG H 357 46.89 -84.45 48.40
CA ARG H 357 45.65 -84.69 49.14
C ARG H 357 45.58 -83.76 50.33
N VAL H 358 44.37 -83.31 50.63
CA VAL H 358 44.07 -82.66 51.90
C VAL H 358 43.05 -83.56 52.60
N ASN H 359 43.49 -84.23 53.66
CA ASN H 359 42.72 -85.27 54.32
C ASN H 359 42.63 -84.92 55.80
N LEU H 360 41.83 -85.69 56.53
CA LEU H 360 41.60 -85.43 57.94
C LEU H 360 42.29 -86.51 58.76
N TYR H 361 42.96 -86.08 59.82
CA TYR H 361 43.72 -86.95 60.69
C TYR H 361 43.28 -86.67 62.12
N PHE H 362 43.49 -87.66 62.98
CA PHE H 362 43.30 -87.48 64.42
C PHE H 362 44.64 -87.63 65.13
N VAL H 363 45.05 -86.59 65.86
CA VAL H 363 46.28 -86.61 66.65
C VAL H 363 45.89 -86.81 68.10
N SER H 364 46.12 -88.02 68.62
CA SER H 364 45.81 -88.32 70.01
C SER H 364 46.90 -87.80 70.94
N LEU H 365 46.47 -87.18 72.04
CA LEU H 365 47.41 -86.84 73.10
C LEU H 365 48.16 -88.07 73.62
N ALA H 366 47.62 -89.26 73.41
CA ALA H 366 48.19 -90.51 73.92
C ALA H 366 49.18 -91.15 72.96
N GLY H 367 49.55 -90.46 71.87
CA GLY H 367 50.55 -90.97 70.96
C GLY H 367 50.11 -91.07 69.51
N PRO H 368 49.17 -91.97 69.22
CA PRO H 368 48.89 -92.31 67.82
C PRO H 368 48.39 -91.12 67.02
N ILE H 369 48.69 -91.17 65.72
CA ILE H 369 48.18 -90.24 64.73
C ILE H 369 47.57 -91.12 63.66
N VAL H 370 46.27 -90.95 63.42
CA VAL H 370 45.50 -91.92 62.62
C VAL H 370 44.77 -91.19 61.50
N PRO H 371 44.68 -91.79 60.31
CA PRO H 371 43.82 -91.22 59.27
C PRO H 371 42.36 -91.39 59.62
N VAL H 372 41.57 -90.38 59.25
CA VAL H 372 40.13 -90.35 59.51
C VAL H 372 39.37 -90.27 58.20
N ILE H 373 39.52 -89.16 57.48
CA ILE H 373 38.93 -89.03 56.15
C ILE H 373 40.05 -89.01 55.12
N GLU H 374 40.38 -90.17 54.58
CA GLU H 374 41.43 -90.36 53.60
C GLU H 374 40.83 -90.51 52.21
N GLY H 375 41.59 -90.09 51.20
CA GLY H 375 41.19 -90.25 49.82
C GLY H 375 41.85 -89.22 48.92
N ASN H 376 41.75 -89.47 47.61
CA ASN H 376 42.37 -88.64 46.59
C ASN H 376 41.44 -87.46 46.27
N PHE H 377 41.37 -86.54 47.22
CA PHE H 377 40.43 -85.45 47.14
C PHE H 377 40.91 -84.32 48.05
N HIS H 378 40.16 -83.23 48.03
CA HIS H 378 40.49 -82.00 48.73
C HIS H 378 39.39 -81.76 49.76
N LEU H 379 39.69 -82.06 51.03
CA LEU H 379 38.83 -81.66 52.14
C LEU H 379 39.04 -80.17 52.41
N TYR H 380 38.08 -79.33 52.02
CA TYR H 380 38.24 -77.89 52.18
C TYR H 380 37.28 -77.29 53.19
N GLY H 381 36.50 -78.11 53.88
CA GLY H 381 35.64 -77.61 54.94
C GLY H 381 35.16 -78.77 55.76
N LEU H 382 34.86 -78.51 57.03
CA LEU H 382 34.60 -79.62 57.93
C LEU H 382 33.87 -79.15 59.18
N ALA H 383 32.89 -79.93 59.62
CA ALA H 383 32.27 -79.73 60.92
C ALA H 383 32.08 -81.09 61.57
N ILE H 384 32.33 -81.16 62.89
CA ILE H 384 32.26 -82.42 63.61
C ILE H 384 31.05 -82.42 64.55
N HIS H 385 30.34 -83.56 64.58
CA HIS H 385 29.08 -83.65 65.31
C HIS H 385 29.31 -83.37 66.80
N PRO H 386 28.38 -82.68 67.46
CA PRO H 386 28.58 -82.33 68.89
C PRO H 386 28.78 -83.52 69.81
N SER H 387 28.15 -84.65 69.53
CA SER H 387 28.19 -85.80 70.42
C SER H 387 28.62 -87.08 69.71
N GLU H 388 28.19 -87.27 68.46
CA GLU H 388 28.39 -88.54 67.80
C GLU H 388 29.72 -88.58 67.05
N GLN H 389 30.01 -89.73 66.47
CA GLN H 389 31.17 -89.93 65.61
C GLN H 389 30.76 -89.68 64.16
N GLN H 390 30.40 -88.43 63.89
CA GLN H 390 29.89 -88.05 62.59
C GLN H 390 30.39 -86.65 62.25
N ALA H 391 30.44 -86.35 60.95
CA ALA H 391 31.01 -85.10 60.49
C ALA H 391 30.37 -84.70 59.17
N ILE H 392 30.45 -83.40 58.87
CA ILE H 392 30.10 -82.86 57.56
C ILE H 392 31.39 -82.37 56.91
N ALA H 393 31.68 -82.87 55.72
CA ALA H 393 32.94 -82.60 55.02
C ALA H 393 32.66 -82.01 53.65
N ALA H 394 33.25 -80.87 53.34
CA ALA H 394 33.18 -80.33 51.99
C ALA H 394 34.36 -80.84 51.19
N ILE H 395 34.09 -81.59 50.13
CA ILE H 395 35.12 -82.35 49.43
C ILE H 395 35.07 -82.03 47.94
N SER H 396 36.22 -81.64 47.38
CA SER H 396 36.43 -81.42 45.96
C SER H 396 37.42 -82.44 45.40
N SER H 397 37.34 -82.68 44.10
CA SER H 397 38.26 -83.58 43.42
C SER H 397 38.34 -83.15 41.97
N PRO H 398 39.31 -83.66 41.21
CA PRO H 398 39.44 -83.23 39.81
C PRO H 398 38.15 -83.37 39.01
N THR H 399 37.28 -84.32 39.38
CA THR H 399 36.07 -84.58 38.64
C THR H 399 34.81 -84.22 39.42
N SER H 400 34.95 -83.53 40.55
CA SER H 400 33.80 -83.13 41.38
C SER H 400 34.07 -81.72 41.90
N VAL H 401 33.26 -80.76 41.46
CA VAL H 401 33.46 -79.35 41.82
C VAL H 401 33.57 -79.20 43.34
N GLY H 402 32.55 -79.64 44.05
CA GLY H 402 32.55 -79.59 45.50
C GLY H 402 31.16 -79.85 46.04
N ASP H 403 31.07 -80.65 47.11
CA ASP H 403 29.80 -81.00 47.70
C ASP H 403 30.01 -81.45 49.14
N LEU H 404 28.94 -81.38 49.93
CA LEU H 404 28.99 -81.78 51.32
C LEU H 404 28.71 -83.26 51.45
N TYR H 405 29.31 -83.86 52.47
CA TYR H 405 29.20 -85.30 52.73
C TYR H 405 29.07 -85.51 54.21
N ALA H 406 28.19 -86.43 54.60
CA ALA H 406 28.17 -86.94 55.96
C ALA H 406 29.14 -88.10 56.04
N VAL H 407 30.06 -88.05 57.01
CA VAL H 407 31.10 -89.06 57.12
C VAL H 407 31.08 -89.61 58.54
N SER H 408 31.12 -90.94 58.66
CA SER H 408 31.25 -91.59 59.95
C SER H 408 32.71 -91.55 60.36
N LEU H 409 32.99 -90.94 61.51
CA LEU H 409 34.38 -90.84 61.96
C LEU H 409 34.97 -92.23 62.22
N ALA H 410 34.16 -93.16 62.71
CA ALA H 410 34.71 -94.43 63.18
C ALA H 410 35.28 -95.27 62.05
N ASP H 411 34.81 -95.05 60.82
CA ASP H 411 35.17 -95.87 59.66
C ASP H 411 35.64 -95.05 58.47
N GLY H 412 34.95 -93.96 58.16
CA GLY H 412 35.25 -93.18 56.98
C GLY H 412 34.23 -93.30 55.86
N THR H 413 33.14 -94.03 56.08
CA THR H 413 32.08 -94.08 55.07
C THR H 413 31.49 -92.69 54.89
N LYS H 414 31.20 -92.32 53.64
CA LYS H 414 30.62 -91.03 53.28
C LYS H 414 29.26 -91.23 52.64
N THR H 415 28.37 -90.26 52.85
CA THR H 415 27.10 -90.19 52.15
C THR H 415 26.94 -88.77 51.63
N ARG H 416 26.72 -88.63 50.33
CA ARG H 416 26.59 -87.30 49.75
C ARG H 416 25.36 -86.59 50.28
N LEU H 417 25.52 -85.31 50.65
CA LEU H 417 24.44 -84.49 51.15
C LEU H 417 23.97 -83.41 50.18
N THR H 418 24.87 -82.89 49.35
CA THR H 418 24.50 -81.85 48.40
C THR H 418 24.89 -82.28 46.99
N ARG H 419 24.25 -81.64 46.03
CA ARG H 419 24.61 -81.74 44.63
C ARG H 419 24.50 -80.33 44.09
N ALA H 420 25.44 -79.47 44.50
CA ALA H 420 25.36 -78.05 44.17
C ALA H 420 25.70 -77.76 42.72
N ASN H 421 26.35 -78.68 42.02
CA ASN H 421 26.68 -78.49 40.61
C ASN H 421 26.11 -79.62 39.77
N GLU H 422 24.86 -79.98 40.05
CA GLU H 422 24.25 -81.16 39.43
C GLU H 422 24.10 -80.96 37.92
N ALA H 423 23.52 -79.84 37.51
CA ALA H 423 23.28 -79.62 36.10
C ALA H 423 24.58 -79.63 35.31
N LEU H 424 25.62 -78.97 35.83
CA LEU H 424 26.91 -78.98 35.18
C LEU H 424 27.54 -80.36 35.20
N GLU H 425 27.51 -81.03 36.35
CA GLU H 425 28.12 -82.36 36.43
C GLU H 425 27.34 -83.40 35.62
N ASN H 426 26.10 -83.10 35.23
CA ASN H 426 25.36 -83.97 34.34
C ASN H 426 25.60 -83.66 32.87
N GLU H 427 25.94 -82.41 32.54
CA GLU H 427 26.08 -82.01 31.13
C GLU H 427 27.47 -82.19 30.55
N VAL H 428 28.53 -81.89 31.31
CA VAL H 428 29.86 -81.80 30.71
C VAL H 428 30.76 -82.90 31.25
N VAL H 429 31.68 -83.35 30.40
CA VAL H 429 32.63 -84.40 30.75
C VAL H 429 33.84 -83.76 31.42
N PHE H 430 34.19 -84.27 32.60
CA PHE H 430 35.40 -83.85 33.30
C PHE H 430 36.57 -84.75 32.91
N ALA H 431 37.72 -84.15 32.63
CA ALA H 431 38.96 -84.92 32.55
C ALA H 431 39.47 -85.19 33.96
N ASP H 432 39.79 -86.44 34.27
CA ASP H 432 40.40 -86.67 35.57
C ASP H 432 41.90 -86.38 35.50
N ALA H 433 42.51 -86.25 36.68
CA ALA H 433 43.92 -85.93 36.83
C ALA H 433 44.65 -87.19 37.27
N GLU H 434 45.45 -87.77 36.39
CA GLU H 434 46.10 -89.05 36.66
C GLU H 434 47.48 -88.81 37.26
N PRO H 435 47.74 -89.28 38.48
CA PRO H 435 49.05 -89.04 39.11
C PRO H 435 50.12 -89.99 38.59
N PHE H 436 51.37 -89.52 38.69
CA PHE H 436 52.53 -90.33 38.34
C PHE H 436 53.72 -89.74 39.06
N THR H 437 54.80 -90.52 39.12
CA THR H 437 56.03 -90.03 39.71
C THR H 437 57.18 -90.20 38.73
N TYR H 438 58.28 -89.51 39.02
CA TYR H 438 59.43 -89.49 38.14
C TYR H 438 60.61 -88.93 38.91
N ARG H 439 61.81 -89.31 38.47
CA ARG H 439 63.01 -88.80 39.08
C ARG H 439 63.49 -87.55 38.36
N SER H 440 63.95 -86.57 39.14
CA SER H 440 64.59 -85.37 38.59
C SER H 440 66.04 -85.70 38.23
N ALA H 441 66.81 -84.69 37.82
CA ALA H 441 68.15 -84.94 37.30
C ALA H 441 69.10 -85.41 38.38
N ASP H 442 68.88 -85.00 39.64
CA ASP H 442 69.71 -85.40 40.76
C ASP H 442 69.21 -86.66 41.46
N GLY H 443 68.21 -87.34 40.89
CA GLY H 443 67.62 -88.54 41.47
C GLY H 443 66.36 -88.32 42.31
N LEU H 444 66.07 -87.09 42.73
CA LEU H 444 64.95 -86.90 43.65
C LEU H 444 63.62 -87.24 42.97
N GLU H 445 62.76 -87.90 43.72
CA GLU H 445 61.45 -88.31 43.22
C GLU H 445 60.49 -87.12 43.24
N ILE H 446 59.85 -86.87 42.10
CA ILE H 446 58.88 -85.78 41.96
C ILE H 446 57.52 -86.38 41.62
N GLN H 447 56.45 -85.78 42.16
CA GLN H 447 55.08 -86.18 41.82
C GLN H 447 54.43 -85.15 40.91
N GLY H 448 53.74 -85.63 39.87
CA GLY H 448 53.00 -84.77 38.97
C GLY H 448 51.70 -85.42 38.54
N TRP H 449 50.94 -84.68 37.74
CA TRP H 449 49.64 -85.11 37.26
C TRP H 449 49.49 -84.81 35.77
N ILE H 450 48.76 -85.69 35.08
CA ILE H 450 48.47 -85.50 33.66
C ILE H 450 46.96 -85.54 33.45
N MET H 451 46.50 -84.71 32.51
CA MET H 451 45.11 -84.67 32.09
C MET H 451 45.05 -84.81 30.58
N LYS H 452 44.14 -85.66 30.11
CA LYS H 452 44.02 -85.90 28.68
C LYS H 452 42.80 -85.20 28.12
N PRO H 453 42.88 -84.62 26.93
CA PRO H 453 41.68 -84.03 26.32
C PRO H 453 40.60 -85.08 26.13
N PRO H 454 39.32 -84.74 26.29
CA PRO H 454 38.28 -85.74 26.38
C PRO H 454 37.93 -86.37 25.04
N GLU H 455 37.98 -85.59 23.95
CA GLU H 455 37.51 -85.97 22.63
C GLU H 455 38.68 -86.34 21.73
N LEU H 456 39.56 -87.22 22.19
CA LEU H 456 40.69 -87.69 21.39
C LEU H 456 40.38 -89.05 20.72
N GLU H 458 41.60 -91.57 18.00
CA GLU H 458 42.10 -92.83 18.55
C GLU H 458 43.61 -92.76 18.70
N GLY H 459 44.32 -92.64 17.59
CA GLY H 459 45.76 -92.52 17.63
C GLY H 459 46.23 -91.09 17.65
N GLU H 460 45.33 -90.17 18.00
CA GLU H 460 45.63 -88.74 17.96
C GLU H 460 46.51 -88.32 19.13
N LYS H 461 47.46 -87.44 18.85
CA LYS H 461 48.33 -86.84 19.85
C LYS H 461 47.89 -85.41 20.08
N ALA H 462 48.13 -84.91 21.30
CA ALA H 462 47.69 -83.57 21.63
C ALA H 462 48.84 -82.73 22.17
N PRO H 463 48.89 -81.45 21.80
CA PRO H 463 49.92 -80.58 22.37
C PRO H 463 49.75 -80.50 23.88
N LEU H 464 50.87 -80.21 24.56
CA LEU H 464 50.94 -80.26 26.02
C LEU H 464 51.16 -78.87 26.58
N VAL H 465 50.33 -78.49 27.54
CA VAL H 465 50.54 -77.28 28.33
C VAL H 465 50.99 -77.69 29.73
N VAL H 466 52.12 -77.17 30.15
CA VAL H 466 52.62 -77.38 31.51
C VAL H 466 52.12 -76.22 32.36
N GLU H 467 51.39 -76.54 33.42
CA GLU H 467 50.98 -75.53 34.40
C GLU H 467 51.92 -75.60 35.59
N ILE H 468 52.28 -74.43 36.10
CA ILE H 468 53.23 -74.30 37.20
C ILE H 468 52.53 -73.54 38.32
N HIS H 469 52.49 -74.13 39.50
CA HIS H 469 51.79 -73.43 40.56
C HIS H 469 52.70 -72.40 41.21
N GLY H 470 52.08 -71.42 41.86
CA GLY H 470 52.76 -70.37 42.56
C GLY H 470 53.09 -70.78 43.98
N GLY H 471 53.43 -69.77 44.79
CA GLY H 471 53.84 -70.01 46.15
C GLY H 471 55.23 -69.49 46.47
N PRO H 472 56.26 -70.32 46.31
CA PRO H 472 56.26 -71.70 45.81
C PRO H 472 55.78 -72.77 46.81
N HIS H 473 55.68 -72.47 48.11
CA HIS H 473 55.31 -73.50 49.10
C HIS H 473 53.79 -73.72 49.10
N ALA H 474 53.32 -74.36 48.03
CA ALA H 474 51.91 -74.71 47.85
C ALA H 474 51.89 -76.08 47.16
N MET H 475 50.70 -76.59 46.85
CA MET H 475 50.63 -77.99 46.44
C MET H 475 49.50 -78.19 45.43
N TYR H 476 49.87 -78.44 44.16
CA TYR H 476 48.91 -79.01 43.22
C TYR H 476 48.41 -80.35 43.75
N GLY H 477 47.26 -80.80 43.24
CA GLY H 477 46.76 -82.09 43.69
C GLY H 477 45.33 -82.33 43.29
N PHE H 478 44.64 -83.12 44.11
CA PHE H 478 43.32 -83.67 43.80
C PHE H 478 42.24 -82.65 44.17
N THR H 479 42.06 -81.65 43.32
CA THR H 479 40.96 -80.72 43.53
C THR H 479 40.44 -80.26 42.17
N PHE H 480 39.20 -79.79 42.17
CA PHE H 480 38.62 -79.30 40.93
C PHE H 480 39.30 -78.01 40.51
N PHE H 481 39.61 -77.91 39.22
CA PHE H 481 40.42 -76.82 38.71
C PHE H 481 39.84 -76.42 37.36
N HIS H 482 38.96 -75.41 37.36
CA HIS H 482 38.25 -75.07 36.14
C HIS H 482 39.19 -74.72 34.99
N GLU H 483 40.23 -73.93 35.26
CA GLU H 483 41.19 -73.60 34.21
C GLU H 483 41.78 -74.85 33.58
N LEU H 484 42.13 -75.85 34.40
CA LEU H 484 42.74 -77.06 33.85
C LEU H 484 41.74 -77.84 33.01
N GLN H 485 40.48 -77.92 33.48
CA GLN H 485 39.40 -78.46 32.65
C GLN H 485 39.28 -77.69 31.34
N LEU H 486 39.34 -76.36 31.42
CA LEU H 486 39.24 -75.58 30.19
C LEU H 486 40.37 -75.90 29.21
N LEU H 487 41.60 -76.08 29.72
CA LEU H 487 42.70 -76.42 28.83
C LEU H 487 42.53 -77.81 28.25
N ALA H 488 42.10 -78.77 29.08
CA ALA H 488 41.76 -80.11 28.60
C ALA H 488 40.68 -80.04 27.51
N SER H 489 39.55 -79.43 27.84
CA SER H 489 38.45 -79.32 26.89
C SER H 489 38.85 -78.57 25.63
N SER H 490 39.91 -77.78 25.68
CA SER H 490 40.36 -77.05 24.50
C SER H 490 41.32 -77.84 23.63
N GLY H 491 41.59 -79.10 23.97
CA GLY H 491 42.43 -79.95 23.15
C GLY H 491 43.86 -80.11 23.61
N TYR H 492 44.20 -79.67 24.81
CA TYR H 492 45.55 -79.72 25.35
C TYR H 492 45.63 -80.78 26.43
N ALA H 493 46.64 -81.66 26.31
CA ALA H 493 47.09 -82.39 27.48
C ALA H 493 47.70 -81.40 28.48
N VAL H 494 47.40 -81.59 29.75
CA VAL H 494 47.81 -80.66 30.79
C VAL H 494 48.70 -81.40 31.79
N LEU H 495 49.91 -80.89 32.00
CA LEU H 495 50.81 -81.43 33.00
C LEU H 495 50.94 -80.43 34.14
N PHE H 496 50.82 -80.90 35.38
CA PHE H 496 51.10 -80.03 36.52
C PHE H 496 51.75 -80.84 37.63
N THR H 497 52.81 -80.29 38.20
CA THR H 497 53.65 -81.03 39.12
C THR H 497 53.92 -80.22 40.38
N ASN H 498 54.49 -80.92 41.37
CA ASN H 498 54.99 -80.31 42.59
C ASN H 498 56.51 -80.42 42.62
N PRO H 499 57.23 -79.46 42.05
CA PRO H 499 58.69 -79.48 42.16
C PRO H 499 59.14 -79.17 43.58
N ARG H 500 60.39 -79.52 43.86
CA ARG H 500 60.92 -79.22 45.19
C ARG H 500 60.72 -77.75 45.48
N GLY H 501 60.40 -77.46 46.74
CA GLY H 501 59.78 -76.21 47.12
C GLY H 501 58.28 -76.29 47.31
N SER H 502 57.63 -77.27 46.71
CA SER H 502 56.20 -77.49 46.94
C SER H 502 55.95 -78.01 48.35
N HIS H 503 54.75 -77.73 48.86
CA HIS H 503 54.31 -78.43 50.05
C HIS H 503 53.75 -79.79 49.65
N GLY H 504 53.70 -80.70 50.64
CA GLY H 504 53.07 -81.99 50.52
C GLY H 504 54.01 -83.17 50.64
N TYR H 505 55.31 -82.92 50.85
CA TYR H 505 56.29 -83.99 50.76
C TYR H 505 57.37 -83.89 51.84
N GLY H 506 57.19 -83.06 52.85
CA GLY H 506 58.09 -82.99 53.99
C GLY H 506 58.79 -81.67 54.09
N GLN H 507 59.47 -81.49 55.23
CA GLN H 507 60.17 -80.24 55.50
C GLN H 507 61.35 -80.03 54.56
N SER H 508 62.04 -81.11 54.20
CA SER H 508 63.19 -80.95 53.31
C SER H 508 62.75 -80.59 51.91
N PHE H 509 61.68 -81.24 51.43
CA PHE H 509 61.25 -81.01 50.06
C PHE H 509 60.74 -79.58 49.87
N VAL H 510 60.00 -79.05 50.84
CA VAL H 510 59.45 -77.71 50.70
C VAL H 510 60.54 -76.65 50.88
N ASN H 511 61.50 -76.87 51.77
CA ASN H 511 62.55 -75.88 52.00
C ASN H 511 63.55 -75.82 50.86
N ALA H 512 63.63 -76.87 50.03
CA ALA H 512 64.76 -77.05 49.13
C ALA H 512 64.91 -75.91 48.13
N VAL H 513 63.80 -75.28 47.74
CA VAL H 513 63.88 -74.27 46.68
C VAL H 513 64.53 -73.00 47.19
N ARG H 514 64.47 -72.74 48.50
CA ARG H 514 65.03 -71.51 49.03
C ARG H 514 66.52 -71.43 48.76
N GLY H 515 66.98 -70.25 48.32
CA GLY H 515 68.36 -70.08 47.94
C GLY H 515 68.68 -70.60 46.56
N ASP H 516 67.76 -71.30 45.91
CA ASP H 516 68.08 -71.99 44.65
C ASP H 516 66.99 -71.74 43.60
N TYR H 517 66.61 -70.47 43.42
CA TYR H 517 65.49 -70.14 42.52
C TYR H 517 65.87 -70.35 41.06
N GLY H 518 65.10 -71.18 40.35
CA GLY H 518 65.49 -71.56 39.00
C GLY H 518 66.65 -72.53 38.93
N GLY H 519 67.06 -73.12 40.05
CA GLY H 519 68.02 -74.22 40.03
C GLY H 519 67.32 -75.55 39.87
N MET H 520 67.31 -76.36 40.95
CA MET H 520 66.70 -77.69 40.88
C MET H 520 65.18 -77.62 40.66
N ASP H 521 64.52 -76.54 41.11
CA ASP H 521 63.09 -76.40 40.81
C ASP H 521 62.87 -76.42 39.30
N TYR H 522 63.67 -75.66 38.55
CA TYR H 522 63.55 -75.67 37.10
C TYR H 522 63.81 -77.07 36.55
N GLU H 523 64.84 -77.77 37.06
CA GLU H 523 65.14 -79.11 36.57
C GLU H 523 64.02 -80.09 36.90
N ASP H 524 63.39 -79.98 38.07
CA ASP H 524 62.24 -80.85 38.38
C ASP H 524 61.13 -80.66 37.35
N ILE H 525 60.82 -79.42 37.02
CA ILE H 525 59.75 -79.17 36.06
C ILE H 525 60.13 -79.68 34.67
N MET H 526 61.39 -79.48 34.28
CA MET H 526 61.85 -79.94 32.97
C MET H 526 61.87 -81.47 32.93
N ALA H 527 62.39 -82.10 33.99
CA ALA H 527 62.30 -83.56 34.09
C ALA H 527 60.86 -84.02 33.99
N GLY H 528 59.92 -83.24 34.56
CA GLY H 528 58.51 -83.61 34.48
C GLY H 528 57.99 -83.62 33.06
N VAL H 529 58.31 -82.58 32.29
CA VAL H 529 57.94 -82.56 30.88
C VAL H 529 58.48 -83.79 30.17
N ASP H 530 59.77 -84.09 30.36
CA ASP H 530 60.35 -85.25 29.69
C ASP H 530 59.67 -86.54 30.12
N ALA H 531 59.45 -86.72 31.43
CA ALA H 531 58.82 -87.94 31.91
C ALA H 531 57.41 -88.09 31.35
N ALA H 532 56.64 -87.00 31.35
CA ALA H 532 55.29 -87.05 30.80
C ALA H 532 55.30 -87.45 29.33
N ILE H 533 56.23 -86.87 28.56
CA ILE H 533 56.30 -87.16 27.12
C ILE H 533 56.58 -88.64 26.90
N SER H 534 57.32 -89.27 27.80
CA SER H 534 57.71 -90.67 27.66
C SER H 534 56.71 -91.65 28.28
N LYS H 535 55.85 -91.20 29.20
CA LYS H 535 54.91 -92.11 29.83
C LYS H 535 53.51 -92.05 29.24
N PHE H 536 53.18 -90.99 28.52
CA PHE H 536 51.82 -90.77 28.04
C PHE H 536 51.87 -90.56 26.53
N ASP H 537 51.30 -91.52 25.79
CA ASP H 537 51.40 -91.56 24.35
C ASP H 537 50.57 -90.47 23.69
N PHE H 538 49.61 -89.89 24.41
CA PHE H 538 48.72 -88.90 23.80
C PHE H 538 49.34 -87.51 23.71
N ILE H 539 50.53 -87.31 24.27
CA ILE H 539 51.20 -86.01 24.21
C ILE H 539 51.97 -85.90 22.91
N ASP H 540 51.73 -84.83 22.16
CA ASP H 540 52.60 -84.47 21.03
C ASP H 540 53.86 -83.82 21.59
N LYS H 541 55.00 -84.53 21.48
CA LYS H 541 56.27 -84.01 21.98
C LYS H 541 56.77 -82.80 21.20
N GLU H 542 56.15 -82.50 20.05
CA GLU H 542 56.61 -81.43 19.18
C GLU H 542 55.96 -80.09 19.49
N ARG H 543 54.90 -80.07 20.29
CA ARG H 543 54.14 -78.84 20.55
C ARG H 543 53.89 -78.76 22.05
N LEU H 544 54.82 -78.10 22.75
CA LEU H 544 54.77 -77.89 24.19
C LEU H 544 54.54 -76.43 24.49
N GLY H 545 53.68 -76.16 25.47
CA GLY H 545 53.53 -74.84 26.03
C GLY H 545 53.68 -74.89 27.54
N VAL H 546 53.86 -73.72 28.14
CA VAL H 546 54.06 -73.59 29.57
C VAL H 546 53.38 -72.31 30.05
N THR H 547 52.90 -72.34 31.28
CA THR H 547 52.20 -71.21 31.87
C THR H 547 52.22 -71.32 33.39
N GLY H 548 52.17 -70.16 34.04
CA GLY H 548 52.06 -70.13 35.49
C GLY H 548 51.98 -68.69 35.94
N GLY H 549 51.54 -68.52 37.18
CA GLY H 549 51.42 -67.21 37.79
C GLY H 549 52.21 -67.12 39.08
N SER H 550 52.64 -65.90 39.41
CA SER H 550 53.40 -65.60 40.63
C SER H 550 54.78 -66.28 40.61
N TYR H 551 55.09 -67.14 41.59
CA TYR H 551 56.28 -67.96 41.47
C TYR H 551 56.27 -68.75 40.17
N GLY H 552 55.07 -69.15 39.71
CA GLY H 552 54.93 -69.88 38.46
C GLY H 552 55.14 -69.02 37.25
N GLY H 553 54.91 -67.71 37.40
CA GLY H 553 55.27 -66.76 36.36
C GLY H 553 56.76 -66.43 36.37
N PHE H 554 57.34 -66.30 37.55
CA PHE H 554 58.80 -66.29 37.61
C PHE H 554 59.38 -67.50 36.88
N MET H 555 58.80 -68.69 37.12
CA MET H 555 59.37 -69.88 36.54
C MET H 555 59.10 -69.97 35.04
N THR H 556 57.93 -69.49 34.61
CA THR H 556 57.66 -69.41 33.18
C THR H 556 58.66 -68.48 32.48
N ASN H 557 58.98 -67.36 33.12
CA ASN H 557 59.97 -66.43 32.57
C ASN H 557 61.36 -67.03 32.60
N TRP H 558 61.70 -67.74 33.67
CA TRP H 558 62.98 -68.40 33.77
C TRP H 558 63.14 -69.43 32.65
N ILE H 559 62.09 -70.21 32.41
CA ILE H 559 62.10 -71.29 31.44
C ILE H 559 62.42 -70.76 30.04
N VAL H 560 61.64 -69.78 29.56
CA VAL H 560 61.82 -69.32 28.18
C VAL H 560 63.19 -68.68 27.98
N GLY H 561 63.86 -68.27 29.05
CA GLY H 561 65.20 -67.75 28.99
C GLY H 561 66.31 -68.77 29.16
N HIS H 562 65.95 -70.04 29.41
CA HIS H 562 66.93 -71.10 29.59
C HIS H 562 66.72 -72.28 28.65
N THR H 563 65.55 -72.39 28.02
CA THR H 563 65.30 -73.42 27.04
C THR H 563 64.51 -72.80 25.90
N ASP H 564 64.66 -73.38 24.72
CA ASP H 564 63.84 -72.99 23.57
C ASP H 564 62.83 -74.07 23.22
N ARG H 565 62.51 -74.95 24.17
CA ARG H 565 61.74 -76.15 23.85
C ARG H 565 60.26 -75.85 23.67
N PHE H 566 59.74 -74.80 24.30
CA PHE H 566 58.32 -74.50 24.23
C PHE H 566 58.01 -73.61 23.02
N LYS H 567 56.91 -73.91 22.34
CA LYS H 567 56.47 -73.11 21.21
C LYS H 567 55.66 -71.90 21.63
N ALA H 568 55.32 -71.79 22.91
CA ALA H 568 54.37 -70.78 23.38
C ALA H 568 54.43 -70.74 24.89
N ALA H 569 54.38 -69.54 25.46
CA ALA H 569 54.41 -69.38 26.91
C ALA H 569 53.48 -68.24 27.31
N VAL H 570 52.85 -68.38 28.47
CA VAL H 570 51.98 -67.35 29.03
C VAL H 570 52.38 -67.14 30.48
N THR H 571 52.80 -65.93 30.81
CA THR H 571 53.24 -65.64 32.17
C THR H 571 52.24 -64.70 32.82
N GLN H 572 51.93 -64.96 34.09
CA GLN H 572 50.85 -64.25 34.77
C GLN H 572 51.36 -63.67 36.07
N ARG H 573 50.91 -62.47 36.42
CA ARG H 573 51.19 -61.86 37.73
C ARG H 573 52.61 -62.21 38.20
N SER H 574 53.58 -61.92 37.35
CA SER H 574 54.85 -62.62 37.40
C SER H 574 55.96 -61.73 37.93
N ILE H 575 57.16 -62.31 37.98
CA ILE H 575 58.35 -61.66 38.50
C ILE H 575 59.44 -61.76 37.45
N SER H 576 60.11 -60.64 37.15
CA SER H 576 61.26 -60.66 36.26
C SER H 576 62.52 -60.03 36.83
N ASN H 577 62.43 -59.22 37.88
CA ASN H 577 63.59 -58.50 38.38
C ASN H 577 63.56 -58.50 39.91
N TRP H 578 64.38 -59.35 40.53
CA TRP H 578 64.34 -59.46 41.99
C TRP H 578 64.80 -58.20 42.68
N LEU H 579 65.64 -57.38 42.03
CA LEU H 579 66.11 -56.15 42.64
C LEU H 579 64.99 -55.15 42.83
N SER H 580 64.17 -54.91 41.80
CA SER H 580 63.05 -53.99 41.98
C SER H 580 61.94 -54.64 42.79
N PHE H 581 61.80 -55.97 42.67
CA PHE H 581 60.78 -56.68 43.42
C PHE H 581 60.85 -56.38 44.91
N SER H 582 62.06 -56.29 45.46
CA SER H 582 62.21 -56.11 46.91
C SER H 582 61.68 -54.77 47.35
N GLY H 583 61.96 -53.72 46.59
CA GLY H 583 61.52 -52.41 46.98
C GLY H 583 60.09 -52.04 46.64
N VAL H 584 59.38 -52.83 45.81
CA VAL H 584 58.07 -52.45 45.30
C VAL H 584 56.97 -53.39 45.74
N SER H 585 57.22 -54.71 45.75
CA SER H 585 56.23 -55.66 46.24
C SER H 585 55.86 -55.37 47.68
N ASP H 586 54.58 -55.59 48.02
CA ASP H 586 54.10 -55.33 49.38
C ASP H 586 54.84 -56.14 50.42
N ILE H 587 55.43 -57.28 50.05
CA ILE H 587 56.21 -58.11 50.95
C ILE H 587 57.65 -58.28 50.47
N GLY H 588 58.07 -57.49 49.48
CA GLY H 588 59.41 -57.62 48.95
C GLY H 588 60.50 -57.42 49.99
N TYR H 589 60.23 -56.60 51.01
CA TYR H 589 61.27 -56.28 51.98
C TYR H 589 61.62 -57.47 52.89
N PHE H 590 60.90 -58.59 52.80
CA PHE H 590 61.38 -59.80 53.45
C PHE H 590 61.35 -60.98 52.50
N PHE H 591 60.40 -61.01 51.55
CA PHE H 591 60.26 -62.20 50.71
C PHE H 591 61.56 -62.51 49.97
N THR H 592 62.14 -61.53 49.29
CA THR H 592 63.35 -61.76 48.51
C THR H 592 64.44 -62.38 49.37
N LYS H 593 64.74 -61.79 50.52
CA LYS H 593 65.71 -62.37 51.44
C LYS H 593 65.32 -63.79 51.84
N TRP H 594 64.04 -63.99 52.20
CA TRP H 594 63.59 -65.28 52.71
C TRP H 594 63.68 -66.38 51.66
N GLU H 595 63.46 -66.04 50.39
CA GLU H 595 63.29 -67.05 49.36
C GLU H 595 64.46 -67.08 48.40
N VAL H 596 64.82 -65.93 47.83
CA VAL H 596 65.93 -65.93 46.87
C VAL H 596 67.27 -66.02 47.59
N GLY H 597 67.39 -65.38 48.76
CA GLY H 597 68.59 -65.59 49.56
C GLY H 597 69.22 -64.37 50.20
N CYS H 598 68.95 -63.19 49.68
CA CYS H 598 69.69 -62.00 50.09
C CYS H 598 68.89 -60.76 49.74
N ASP H 599 69.26 -59.66 50.37
CA ASP H 599 68.71 -58.37 49.99
C ASP H 599 69.59 -57.70 48.95
N VAL H 600 69.07 -56.60 48.41
CA VAL H 600 69.74 -55.92 47.29
C VAL H 600 71.09 -55.39 47.72
N TRP H 601 71.22 -54.95 48.97
CA TRP H 601 72.45 -54.38 49.50
C TRP H 601 73.44 -55.44 50.00
N GLU H 602 73.06 -56.71 50.02
CA GLU H 602 73.92 -57.82 50.42
C GLU H 602 74.60 -58.48 49.22
N ASP H 603 73.84 -58.73 48.17
CA ASP H 603 74.38 -59.47 47.04
C ASP H 603 73.50 -59.19 45.83
N ALA H 604 73.67 -58.01 45.25
CA ALA H 604 72.90 -57.64 44.08
C ALA H 604 73.14 -58.61 42.93
N GLU H 605 74.40 -59.02 42.71
CA GLU H 605 74.69 -59.85 41.54
C GLU H 605 74.00 -61.20 41.63
N ARG H 606 73.80 -61.71 42.84
CA ARG H 606 73.03 -62.93 43.00
C ARG H 606 71.56 -62.70 42.64
N LEU H 607 70.96 -61.62 43.13
CA LEU H 607 69.57 -61.33 42.79
C LEU H 607 69.37 -61.21 41.28
N TRP H 608 70.30 -60.53 40.61
CA TRP H 608 70.26 -60.38 39.15
C TRP H 608 70.41 -61.71 38.44
N HIS H 609 71.39 -62.52 38.86
CA HIS H 609 71.58 -63.83 38.23
C HIS H 609 70.31 -64.69 38.30
N HIS H 610 69.53 -64.56 39.36
CA HIS H 610 68.27 -65.29 39.52
C HIS H 610 67.08 -64.52 38.94
N SER H 611 67.29 -63.37 38.31
CA SER H 611 66.23 -62.58 37.70
C SER H 611 66.00 -63.05 36.26
N PRO H 612 64.79 -63.44 35.88
CA PRO H 612 64.57 -63.85 34.48
C PRO H 612 64.89 -62.76 33.47
N LEU H 613 64.79 -61.48 33.85
CA LEU H 613 65.14 -60.42 32.92
C LEU H 613 66.58 -60.56 32.41
N LYS H 614 67.48 -61.13 33.23
CA LYS H 614 68.87 -61.27 32.83
C LYS H 614 69.02 -62.07 31.55
N TYR H 615 68.10 -62.98 31.26
CA TYR H 615 68.25 -63.97 30.19
C TYR H 615 67.43 -63.66 28.96
N VAL H 616 66.93 -62.42 28.86
CA VAL H 616 66.00 -62.00 27.82
C VAL H 616 66.57 -62.21 26.41
N LYS H 617 67.89 -62.03 26.23
CA LYS H 617 68.50 -62.24 24.92
C LYS H 617 68.32 -63.66 24.42
N HIS H 618 68.11 -64.61 25.33
CA HIS H 618 67.89 -66.01 24.99
C HIS H 618 66.44 -66.33 24.64
N MET H 619 65.50 -65.44 24.97
CA MET H 619 64.09 -65.81 24.86
C MET H 619 63.67 -65.79 23.39
N ARG H 620 63.25 -66.97 22.90
CA ARG H 620 62.74 -67.12 21.54
C ARG H 620 61.34 -67.75 21.54
N THR H 621 60.71 -67.80 22.64
CA THR H 621 59.36 -68.34 22.69
C THR H 621 58.37 -67.20 22.77
N PRO H 622 57.36 -67.15 21.87
CA PRO H 622 56.30 -66.14 22.00
C PRO H 622 55.73 -66.11 23.41
N LEU H 623 55.89 -64.98 24.11
CA LEU H 623 55.56 -64.88 25.52
C LEU H 623 54.41 -63.90 25.67
N LEU H 624 53.24 -64.39 26.09
CA LEU H 624 52.15 -63.50 26.51
C LEU H 624 52.35 -63.15 27.98
N ILE H 625 52.29 -61.85 28.29
CA ILE H 625 52.49 -61.36 29.64
C ILE H 625 51.15 -60.83 30.16
N LEU H 626 50.58 -61.52 31.16
CA LEU H 626 49.32 -61.12 31.79
C LEU H 626 49.61 -60.57 33.19
N HIS H 627 48.96 -59.45 33.52
CA HIS H 627 49.23 -58.75 34.76
C HIS H 627 48.14 -57.74 35.04
N SER H 628 47.89 -57.50 36.32
CA SER H 628 46.84 -56.59 36.78
C SER H 628 47.44 -55.32 37.37
N GLU H 629 46.77 -54.19 37.08
CA GLU H 629 47.27 -52.88 37.48
C GLU H 629 47.45 -52.75 38.98
N ARG H 630 46.58 -53.38 39.76
CA ARG H 630 46.58 -53.19 41.20
C ARG H 630 47.11 -54.42 41.93
N ASP H 631 47.85 -55.27 41.22
CA ASP H 631 48.60 -56.32 41.91
C ASP H 631 49.75 -55.66 42.65
N TYR H 632 49.68 -55.65 43.98
CA TYR H 632 50.78 -55.13 44.79
C TYR H 632 51.62 -56.24 45.43
N ARG H 633 51.27 -57.51 45.19
CA ARG H 633 52.14 -58.63 45.53
C ARG H 633 53.25 -58.75 44.49
N CYS H 634 52.85 -58.84 43.23
CA CYS H 634 53.78 -58.80 42.11
C CYS H 634 53.48 -57.54 41.31
N PRO H 635 54.20 -56.44 41.55
CA PRO H 635 53.90 -55.17 40.88
C PRO H 635 53.99 -55.30 39.38
N ILE H 636 53.18 -54.51 38.68
CA ILE H 636 53.15 -54.56 37.23
C ILE H 636 54.47 -54.10 36.61
N GLU H 637 55.28 -53.31 37.33
CA GLU H 637 56.62 -52.99 36.84
C GLU H 637 57.42 -54.24 36.49
N GLN H 638 57.14 -55.37 37.18
CA GLN H 638 57.83 -56.62 36.84
C GLN H 638 57.47 -57.06 35.42
N ALA H 639 56.19 -56.98 35.06
CA ALA H 639 55.77 -57.35 33.71
C ALA H 639 56.23 -56.32 32.69
N GLU H 640 56.27 -55.05 33.08
CA GLU H 640 56.65 -54.01 32.13
C GLU H 640 58.11 -54.14 31.73
N GLN H 641 58.99 -54.44 32.68
CA GLN H 641 60.41 -54.55 32.37
C GLN H 641 60.68 -55.65 31.36
N LEU H 642 60.02 -56.79 31.53
CA LEU H 642 60.26 -57.92 30.62
C LEU H 642 59.68 -57.61 29.25
N PHE H 643 58.49 -57.04 29.21
CA PHE H 643 57.90 -56.63 27.94
C PHE H 643 58.80 -55.65 27.21
N VAL H 644 59.29 -54.63 27.92
CA VAL H 644 60.05 -53.58 27.24
C VAL H 644 61.32 -54.15 26.63
N ALA H 645 61.99 -55.06 27.37
CA ALA H 645 63.23 -55.63 26.86
C ALA H 645 62.98 -56.57 25.70
N LEU H 646 61.88 -57.35 25.76
CA LEU H 646 61.54 -58.27 24.67
C LEU H 646 61.25 -57.48 23.41
N LYS H 647 60.58 -56.34 23.55
CA LYS H 647 60.26 -55.51 22.41
C LYS H 647 61.52 -54.85 21.83
N GLN H 648 62.42 -54.39 22.70
CA GLN H 648 63.68 -53.82 22.23
C GLN H 648 64.44 -54.80 21.35
N LEU H 649 64.50 -56.07 21.79
CA LEU H 649 65.21 -57.14 21.09
C LEU H 649 64.37 -57.78 19.97
N GLY H 650 63.22 -57.20 19.66
CA GLY H 650 62.40 -57.67 18.55
C GLY H 650 61.80 -59.04 18.77
N ARG H 651 61.56 -59.42 20.03
CA ARG H 651 60.98 -60.72 20.32
C ARG H 651 59.44 -60.66 20.36
N GLU H 652 58.82 -61.82 20.16
CA GLU H 652 57.38 -61.87 20.03
C GLU H 652 56.75 -61.79 21.42
N THR H 653 55.95 -60.74 21.66
CA THR H 653 55.40 -60.61 22.99
C THR H 653 54.25 -59.62 22.99
N LYS H 654 53.32 -59.83 23.92
CA LYS H 654 52.19 -58.95 24.15
C LYS H 654 52.03 -58.77 25.66
N LEU H 655 51.54 -57.60 26.04
CA LEU H 655 51.32 -57.26 27.43
C LEU H 655 49.84 -56.94 27.60
N VAL H 656 49.14 -57.72 28.44
CA VAL H 656 47.71 -57.54 28.66
C VAL H 656 47.53 -57.09 30.10
N ARG H 657 46.99 -55.88 30.27
CA ARG H 657 46.89 -55.26 31.59
C ARG H 657 45.43 -55.25 32.02
N PHE H 658 45.16 -55.84 33.19
CA PHE H 658 43.81 -56.00 33.67
C PHE H 658 43.46 -54.87 34.62
N PRO H 659 42.43 -54.07 34.32
CA PRO H 659 42.14 -52.90 35.16
C PRO H 659 41.59 -53.31 36.52
N ASP H 660 42.02 -52.59 37.55
CA ASP H 660 41.42 -52.68 38.88
C ASP H 660 41.65 -54.01 39.60
N ALA H 661 42.13 -55.04 38.91
CA ALA H 661 42.24 -56.34 39.56
C ALA H 661 43.54 -56.44 40.37
N ASN H 662 43.59 -57.41 41.28
CA ASN H 662 44.77 -57.61 42.10
C ASN H 662 45.32 -59.02 41.86
N HIS H 663 46.33 -59.37 42.64
CA HIS H 663 47.00 -60.66 42.52
C HIS H 663 46.01 -61.84 42.52
N ASP H 664 44.88 -61.71 43.19
CA ASP H 664 43.93 -62.81 43.33
C ASP H 664 42.90 -62.88 42.23
N LEU H 665 43.11 -62.15 41.13
CA LEU H 665 42.09 -62.04 40.07
C LEU H 665 41.57 -63.40 39.64
N SER H 666 42.47 -64.36 39.38
CA SER H 666 42.08 -65.64 38.81
C SER H 666 41.19 -66.46 39.74
N ARG H 667 41.17 -66.14 41.02
CA ARG H 667 40.37 -66.88 41.98
C ARG H 667 39.12 -66.11 42.39
N THR H 668 39.28 -64.85 42.77
CA THR H 668 38.19 -64.10 43.39
C THR H 668 37.92 -62.78 42.69
N GLY H 669 38.50 -62.55 41.51
CA GLY H 669 38.36 -61.28 40.84
C GLY H 669 37.07 -61.17 40.03
N ASN H 670 36.93 -60.01 39.39
CA ASN H 670 35.82 -59.63 38.51
C ASN H 670 35.55 -60.79 37.56
N PRO H 671 34.35 -61.39 37.61
CA PRO H 671 34.10 -62.55 36.75
C PRO H 671 34.32 -62.29 35.28
N ALA H 672 33.96 -61.10 34.77
CA ALA H 672 34.18 -60.81 33.37
C ALA H 672 35.67 -60.75 33.04
N LEU H 673 36.48 -60.25 33.98
CA LEU H 673 37.91 -60.24 33.77
C LEU H 673 38.51 -61.64 33.88
N ARG H 674 37.95 -62.47 34.76
CA ARG H 674 38.40 -63.86 34.82
C ARG H 674 38.18 -64.56 33.48
N LEU H 675 37.03 -64.33 32.86
CA LEU H 675 36.79 -64.89 31.53
C LEU H 675 37.77 -64.33 30.51
N GLU H 676 38.06 -63.04 30.59
CA GLU H 676 39.00 -62.44 29.66
C GLU H 676 40.40 -63.01 29.84
N ARG H 677 40.79 -63.29 31.08
CA ARG H 677 42.10 -63.88 31.31
C ARG H 677 42.18 -65.29 30.74
N LEU H 678 41.15 -66.10 30.96
CA LEU H 678 41.16 -67.45 30.41
C LEU H 678 41.19 -67.41 28.88
N ARG H 679 40.38 -66.54 28.27
CA ARG H 679 40.33 -66.47 26.81
C ARG H 679 41.70 -66.11 26.24
N HIS H 680 42.40 -65.17 26.86
CA HIS H 680 43.72 -64.80 26.37
C HIS H 680 44.70 -65.96 26.49
N ILE H 681 44.64 -66.72 27.59
CA ILE H 681 45.52 -67.88 27.74
C ILE H 681 45.28 -68.87 26.61
N VAL H 682 44.04 -69.34 26.48
CA VAL H 682 43.74 -70.34 25.46
C VAL H 682 44.13 -69.83 24.08
N ASP H 683 43.74 -68.59 23.76
CA ASP H 683 44.01 -68.03 22.43
C ASP H 683 45.49 -68.02 22.12
N TRP H 684 46.33 -67.62 23.09
CA TRP H 684 47.76 -67.65 22.87
C TRP H 684 48.23 -69.05 22.52
N PHE H 685 47.75 -70.04 23.28
CA PHE H 685 48.13 -71.43 22.99
C PHE H 685 47.56 -71.89 21.65
N ASP H 686 46.31 -71.51 21.34
CA ASP H 686 45.74 -71.87 20.05
C ASP H 686 46.51 -71.25 18.90
N ARG H 687 47.14 -70.10 19.13
CA ARG H 687 47.85 -69.43 18.05
C ARG H 687 49.16 -70.16 17.73
N TYR H 688 49.84 -70.70 18.73
CA TYR H 688 51.17 -71.23 18.54
C TYR H 688 51.29 -72.74 18.71
N LEU H 689 50.33 -73.39 19.39
CA LEU H 689 50.41 -74.84 19.56
C LEU H 689 49.51 -75.61 18.62
N LYS H 690 48.54 -74.98 17.98
CA LYS H 690 47.72 -75.68 17.00
C LYS H 690 48.33 -75.54 15.61
#